data_6O8W
#
_entry.id   6O8W
#
_cell.length_a   1.00
_cell.length_b   1.00
_cell.length_c   1.00
_cell.angle_alpha   90.00
_cell.angle_beta   90.00
_cell.angle_gamma   90.00
#
_symmetry.space_group_name_H-M   'P 1'
#
loop_
_entity.id
_entity.type
_entity.pdbx_description
1 polymer '16S rRNA'
2 polymer '30S ribosomal protein S3'
3 polymer '30S ribosomal protein S4'
4 polymer '30S ribosomal protein S5'
5 polymer '30S ribosomal protein S6'
6 polymer '30S ribosomal protein S7'
7 polymer '30S ribosomal protein S8'
8 polymer '30S ribosomal protein S9'
9 polymer '30S ribosomal protein S10'
10 polymer '30S ribosomal protein S11'
11 polymer '30S ribosomal protein S12'
12 polymer '30S ribosomal protein S13'
13 polymer '30S ribosomal protein S14 type Z'
14 polymer '30S ribosomal protein S15'
15 polymer '30S ribosomal protein S16'
16 polymer '30S ribosomal protein S17'
17 polymer '30S ribosomal protein S18'
18 polymer '30S ribosomal protein S19'
19 polymer '30S ribosomal protein S20'
20 polymer tRNA
21 polymer mRNA
22 polymer '50S subunit'
23 polymer '5S rRNA'
24 polymer '50S ribosomal protein L2'
25 polymer '50S ribosomal protein L3'
26 polymer '50S ribosomal protein L4'
27 polymer '50S ribosomal protein L5'
28 polymer '50S ribosomal protein L6'
29 polymer '50S ribosomal protein L13'
30 polymer '50S ribosomal protein L14'
31 polymer '50S ribosomal protein L15'
32 polymer '50S ribosomal protein L16'
33 polymer '50S ribosomal protein L17'
34 polymer '50S ribosomal protein L18'
35 polymer '50S ribosomal protein L19'
36 polymer '50S ribosomal protein L20'
37 polymer '50S ribosomal protein L21'
38 polymer '50S ribosomal protein L22'
39 polymer '50S ribosomal protein L23'
40 polymer '50S ribosomal protein L24'
41 polymer '50S ribosomal protein L25'
42 polymer '50S ribosomal protein L27'
43 polymer '50S ribosomal protein L28'
44 polymer '50S ribosomal protein L29'
45 polymer '50S ribosomal protein L30'
46 polymer '50S ribosomal protein L31 type B'
47 polymer '50S ribosomal protein L32'
48 polymer '50S ribosomal protein L33'
49 polymer '50S ribosomal protein L34'
50 polymer '50S ribosomal protein L35'
51 polymer '50S ribosomal protein L36'
52 non-polymer 'ZINC ION'
#
loop_
_entity_poly.entity_id
_entity_poly.type
_entity_poly.pdbx_seq_one_letter_code
_entity_poly.pdbx_strand_id
1 'polyribonucleotide'
;UGAGAGUUUGAUCCUGGCUCAGGACGAACGCUGGCGGCGUGCCUAAUACAUGCAAGUCGAACGCUUCUUGGAAAGAGGAG
UGGCGGACGGGUGAGUAACACGUGGGUAACCUACCCAUCAGAGGGGGAUAACACUUGGAAACAGGUGCUAAUACCGCAUA
ACAGUUUAUGCCGCAUGGCAUAAGAGUGAAAGGCGCUUUCGGGUGUCGCUGAUGGAUGGACCCGCGGUGCAUUAGCUAGU
UGGUGAGGUAACGGCUCACCAAGGCCACGAUGCAUAGCCGACCUGAGAGGGUGAUCGGCCACACUGGGACUGAGACACGG
CCCAGACUCCUACGGGAGGCAGCAGUAGGGAAUCUUCGGCAAUGGACGAAAGUCUGACCGAGCAACGCCGCGUGAGUGAA
GAAGGUUUUCGGAUCGUAAAACUCUGUUGUUAGAGAAGAACAAGGACGUUAGUAACUGAACGUCCCCUGACGGUAUCUAA
CCAGAAAGCCACGGCUAACUACGUGCCAGCAGCCGCGGUAAUACGUAGGUGGCAAGCGUUGUCCGGAUUUAUUGGGCGUA
AAGCGAGCGCAGGCGGUUUCUUAAGUCUGAUGUGAAAGCCCCCGGCUCAACCGGGGAGGGUCAUUGGAAACUGGGAGACU
UGAGUGCAGAAGAGGAGAGUGGAAUUCCAUGUGUAGCGGUGAAAUGCGUAGAUAUAUGGAGGAACACCAGUGGCGAAGGC
GGCUCUCUGGUCUGUAACUGACGCUGAGGCUCGAAAGCGUGGGGAGCAAACAGGAUUAGAUACCCUGGUAGUCCACGCCG
UAAACGAUGAGUGCUAAGUGUUGGAGGGUUUCCGCCCUUCAGUGCUGCAGCAAACGCAUUAAGCACUCCGCCUGGGGAGU
ACGACCGCAAGGUUGAAACUCAAAGGAAUUGACGGGGGCCCGCACAAGCGGUGGAGCAUGUGGUUUAAUUCGAAGCAACG
CGAAGAACCUUACCAGGUCUUGACAUCCUUUGACCACUCUAGAGAUAGAGCUUUCCCUUCGGGGACAAAGUGACAGGUGG
UGCAUGGUUGUCGUCAGCUCGUGUCGUGAGAUGUUGGGUUAAGUCCCGCAACGAGCGCAACCCUUAUUGUUAGUUGCCAU
CAUUUAGUUGGGCACUCUAGCGAGACUGCCGGUGACAAACCGGAGGAAGGUGGGGAUGACGUCAAAUCAUCAUGCCCCUU
AUGACCUGGGCUACACACGUGCUACAAUGGGAAGUACAACGAGUCGCUAGACCGCGAGGUCAUGCAAAUCUCUUAAAGCU
UCUCUCAGUUCGGAUUGCAGGCUGCAACUCGCCUGCAUGAAGCCGGAAUCGCUAGUAAUCGCGGAUCAGCACGCCGCGGU
GAAUACGUUCCCGGGCCUUGUACACACCGCCCGUCACACCACGAGAGUUUGUAACACCCGAAGUCGGUGAGGUAACCUUU
UUGGAGCCAGCCGCCUAAGGUGGGAUAGAUGAUUGGGGUGAAGUCGUAACAAGGUAGCCGUAUCGGAAGGUGCGGCUGGA
UCA
;
a
2 'polypeptide(L)'
;GQKVHPIGMRVGIIRDWDAKWYAEKEYAEFLHEDLRIRKFIATKLADAAVSTIEIERAANRVNISIHTAKPGMVIGKGGS
EVENLRKELNKLTGKRVHINIVEIKKPDLDAKLVGEGIARQLENRVAFRRAQKQAIQRAMRAGAKGIKTQVSGRLNGADI
ARSEGYSEGTVPLHTLRADIDYAWEEADTTYGKLGVKVWIYRGE
;
c
3 'polypeptide(L)'
;SRYTGPSWKVSRRLGISLSGTGKELARRPYKPGQHGPNSRGKVSEYGMQLTEKQKLRHMYGMNERQFRTLFIKASKIKEG
KHGVNFMVLLEQRLDNVVYRLGLATTRRQARQLVNHGHITVDGKRVDIPSYHVEVGQVIGVREKSQNISTIKEAVEATVG
RPAFVSFDTEKLEGSFTRLPERDELYPEIDEALVVEYYNQK
;
d
4 'polypeptide(L)'
;YIDPKHLELEDRVVAINRVTKVVKGGRRLRFAALVVVGDKNGHVGFGTGKAQEVPEAIRKAIEDAKKNLVEVPMVGSTIP
HEVIGVFGGGRILMKPAVEGSGVAAGGPVRAVLELAGVADITSKSLGSNTPINVVRATVEGLKQLKRAEEVAALRGKSVE
EII
;
e
5 'polypeptide(L)'
;QDTKYEIMYIIRPNIDEEAKTALVERFDTILKDNGAEVIESKDWEKRRLAYEMNGFREGIYHIVNVTSPSTAGAINEFDR
LAKINDDIIRHMIVKVE
;
f
6 'polypeptide(L)'
;PRKGPVAKRDVLPDPIYNSKLVTRLINRVMVDGKRGIAANIIYNSFDIIKESTGNDPLEVFEQAMKNVMPVLEVKARRVG
GSNYQVPVEVRPERRTTLGLRWVVNYARLRGEHTMEERLAKEIMDAANNTGASVKKREDTHKMADANRAFAHYR
;
g
7 'polypeptide(L)'
;VMTDPIADFLTRIRNANMVKHETLEVPASKIKRDIAEILKREGFIRDVEYIEDDKQGVIRVFLKYGKNEERVITNLKRIS
KPGLRAYVKADEVPKVLNGLGIAIISTSEGVITDKEARAKNIGGEVIAYVW
;
h
8 'polypeptide(L)'
;QVQYSGTGRRKNAVARVRLVPGTGKITVNKKDVEEYIPHADLREVINQPFGVTETKGAYDVIVNVNGGGYAGQSGAIRHG
IARALLQVDPDFRSALKRAGLLTRDARMVERKKPGLKKARKASQFSKR
;
i
9 'polypeptide(L)'
;QKIRIRLKAYEHRILDQSADKIVETAKRTGADVSGPIPLPTERSLYTVIRATHKYKDSREQFEMRTHKRLIDIVNPTPKT
VDALMKLDLPSGVNIEIKL
;
j
10 'polypeptide(L)'
;KKNIESGVAHIHSTFNNTIVMITDTHGNALAWSSAGSLGFKGSKKSTPFAAQMAAEAATKVAMEHGLKTVDVTVKGPGSG
REAAIRSLQATGLEVTAIRDVTPVPHNGCRPPKRRRV
;
k
11 'polypeptide(L)'
;PTINQLVRKPRKSKVEKSDSPALNKGYNSFKKTQTNVNSPQKRGVCTRVGTMTPKKPNSALRKYARVRLSNLIEVTAYIP
GIGHNLQEHSVVLLRGGRVKDLPGVRYHIVRGALDTAGVNDRKQSRSKYGTKRPKA
;
l
12 'polypeptide(L)'
;ARIAGVDIPRDKRVVVSLTYIYGIGNTTAKKVLANVGVSEDVRVRDLTNEQTDAIRAEIDKLKVEGDLRREVNLNIKRLM
EIGSYRGIRHRRGLPTRGQNTKNNARTRKGPT
;
m
13 'polypeptide(L)' AKKSMIAKNKRPAKHSTQAYTRCERCGRPHSVYRKFHLCRICFRELAYKGQIPGVKKASW n
14 'polypeptide(L)'
;AISQERKNEIIKEYARHEGDTGSPEVQIAVLTEDINQLNEHARTHKKDHHSYRGLMKKIGHRRNLLAYLRKTDIQRYREL
IQRLGLRR
;
o
15 'polypeptide(L)'
;AVKIRLKRMGSKKSPFYRIVVADSRSPRDGRFIETVGTYNPLKDPAEVVLKEDLVLDWLSKGAQPSDTVRNILSKEGVMK
KHHEAKNVK
;
p
16 'polypeptide(L)'
;ERNQRKVYQGRVVSDKMDKTITVVVETKKNHPIYGKRMKYSKKYKAHDENNTAKVGDIVKIMETRPLSATKRFRLLEVVE
EAV
;
q
17 'polypeptide(L)' KVDYIAANHIEYIDYKDTELLKRFISERGKILPRRVTGTGAKNQRKLTIAIKRARIMGLLPFVSDE r
18 'polypeptide(L)' SLKKGPFVDDHLMKKVEAQQGAEKKKVIKTWSRRSTIFPSFVGFTIAVYDGRKHVPVYIQEDMVGHKLGEFAPTRTYR s
19 'polypeptide(L)'
;NIESAIKRVRTSANANAKNSSQTNAMRTAIKKFEEAVAAGADNVDALYNEAVKAVDMAATKGLIHKNKANRDKIRLSKLA
K
;
t
20 'polyribonucleotide' GCCCGGAUAGCUCAGUCGGUAGAGCAGGGGAUUGAAAAUCCCCGUGUCCUUGGUUCGAUUCCGAGUCCGGGCACCA u
21 'polyribonucleotide' UUUUC v
22 'polyribonucleotide'
;UUAAGUGAAUAAGGGCGCACGGUGGAUGCCUUGGCACUAGGAGCCGAUGAAGGACGGGACUAACACCGAUAUGCUUUGGG
GAGCUGUAAGUAAGCUAUGAUCCAGAGAUUUCCGAAUGGGGGAACCCAAUAUCUUUUAUAGGAUAUUACUUUUCAGUGAA
UACAUAGCUGAUUAGAGGUAGACGCAGAGAACUGAAACAUCUUAGUACCUGCAGGAAGAGAAAGAAAAUUCGAUUCCCUG
AGUAGCGGCGAGCGAAACGGGAAGAGCCCAAACCAACAAGCUUGCUUGUUGGGGUUGUAGGACUCCGAUAUGGUAGUCUG
UUAGUAUAGUUGAAGGAUUUGGAAAAUUCCGCUAAAGAGGGUGAAAGCCCCGUAGACGAAAUGCUGACAACACCUAGGAG
GAUCCUGAGUACGGCGGAACACGAGAAAUUCCGUCGGAAUCCGCGGGGACCAUCCCGCAAGGCUAAAUACUCCCUAGUGA
CCGAUAGUGAACCAGUACCGUGAGGGAAAGGUGAAAAGCACCCCGGAAGGGGAGUGAAAUAGAUCCUGAAACCGUGUGCC
UACAACAAGUCAAAGCUCGUUAAUGAGUGAUGGCGUGCCUUUUGUAGAAUGAACCGGCGAGUUACGAUUGCAUGCGAGGU
UAAGUCGAAGAGACGGAGCCGCAGCGAAAGCGAGUCUGAAUAGGGCGAAUGAGUAUGUAGUCGUAGACCCGAAACCAUGU
GAUCUACCCAUGUCCAGGUUGAAGGUGCGGUAAAACGCACUGGAGGACCGAACCCACGUACGUUGAAAAGUGCGGGGAUG
AGGUGUGGGUAGCGGAGAAAUUCCAAACGAACUUGGAGAUAGCUGGUUCUCUCCGAAAUAGCUUUAGGGCUAGCCUCGGA
AUUGAGAAUGAUGGAGGUAGAGCACUGUUUGGACUAGGGGCCCAUCGGGUUACCGAAUUCAGAUAAACUCCGAAUGCCAU
UCAUUUAUAUCCGGGAGUCAGACUGCGAGUGAUAAGAUCCGUAGUCGAAAGGGAAACAGCCCAGACCACCAGCUAAGGUC
CCAAAAUAUAUGUUAAGUGGAAAAGGAUGUGGGGUUGCACAGACAACUAGGAUGUUGGCUUAGAAGCAGCCACCAUUUAA
AGAGUGCGUAAUAGCUCACUAGUCGAGUGACCCUGCGCCGAAAAUGUACCGGGGCUAAACAUAUUACCGAAGCUGUGGAC
UACACCAUUAGGUGUAGUGGUAGGAGAGCGUUCUAAGGGCGUUGAAGGUCGAUCGUGAGGACGGCUGGAGCGCUUAGAAG
UGAGAAUGCCGGUAUGAGUAGCGAAAGACAGGUGAGAAUCCUGUCCACCGUAUGACUAAGGUUUCCUGGGGAAGGCUCGU
CCGCCCAGGGUUAGUCGGGACCUAAGCCGAGGCCGAUAGGCGUAGGCGAUGGACAACAGGUUGAUAUUCCUGUACCAGUU
GUUUUUGUUUGAGCAAUGGAGGGACGCAGUAGGCUAAGGAAUGCAUGCGAUUGGAAGUGCAUGUCCAAGCAAUGAGUCUU
GAGUAGAGUUAAAUGCUUUACUCUUUAAGGACAAGUUGUGACGGGGAGCGAAAUAGUAGCGAAGUUCCUGACGUCACACU
GCCAAGAAAAGCUUCUAGUGAGAAAACAACUGCCCGUACCGUAAACCGACACAGGUAGUCGAGGAGAGUAUCCUAAGGUG
AGCGAGCGAACUCUCGUUAAGGAACUCGGCAAAAUGACCCCGUAACUUCGGGAGAAGGGGUGCUGACUUCGGUCAGCCGC
AGUGAAUAGGCCCAAGCGACUGUUUAUCAAAAACACAGGUCUCUGCAAAAUCGUAAGAUGAAGUAUAGGGGCUGACGCCU
GCCCGGUGCUGGAAGGUUAAGAGGAUGGGUUAGCUUCGGCGAAGCUCAGAAUUGAAGCCCCAGUAAACGGCGGCCGUAAC
UAUAACGGUCCUAAGGUAGCGAAAUUCCUUGUCGGGUAAGUUCCGACCCGCACGAAAGGCGUAACGAUUUGGGCACUGUC
UCAACGAGAGACUCGGUGAAAUUUUAGUACCUGUGAAGAUGCAGGUUACCCGCGACAGGACGGAAAGACCCCAUGGAGCU
UUACUGUAGUUUGAUAUUGAGUGUUUGUACCACAUGUACAGGAUAGGUAGGAGCCGAUGAGACCGGAACGCUAGUUUCGG
AGGAGGCGCUGGUGGGAUACUACCCUUGUGUUAUGAACCCUCUAACCCGCACCACUAAUCGUGGUGGGAGACAGUGUCAG
AUGGGCAGUUUGACUGGGGCGGUCGCCUCCUAAAAGGUAACGGAGGCGCCCAAAGGUUCCCUCAGAAUGGUUGGAAAUCA
UUCGAAGAGUGUAAAGGCAGAAGGGAGCUUGACUGCGAGACCUACAAGUCGAGCAGGGACGAAAGUCGGGCUUAGUGAUC
CGGUGGUUCCGCAUGGAAGGGCCAUCGCUCAACGGAUAAAAGCUACCCUGGGGAUAACAGGCUUAUCUCCCCCAAGAGUC
CACAUCGACGGGGAGGUUUGGCACCUCGAUGUCGGCUCGUCGCAUCCUGGGGCUGUAGUCGGUCCCAAGGGUUGGGCUGU
UCGCCCAUUAAAGCGGCACGCGAGCUGGGUUCAGAACGUCGUGAGACAGUUCGGUCCCUAUCCGUCGCGGGCGUUGGAAA
UUUGAGAGGAGCUGUCCUUAGUACGAGAGGACCGGGAUGGACUUACCGCUGGUGUACCAGUUGUUCUGCCAAGGGCAUUG
CUGGGUAGCUAUGUAGGGAAGGGAUAAACGCUGAAAGCAUCUAAGUGUGAAGCCCACCUCAAGAUGAGAUUUCCCAUUUC
UUUAAGAAAGUAAGACCCCUGAGAGAUGAUCAGGUAGAUAGGUUGGAAGUGGAAGGCUAGUGAUAGUUGGAGCGGACCAA
UACUAAUCGGUCGAGGACUUAAC
;
A
23 'polyribonucleotide'
;UGUGGUGGCGAUAGCGAGAAGGAUACACCUGUUCCCAUGCCGAACACAGAAGUUAAGCUUCUUAGCGCCGAUUGUAGUGA
AGGGUUUCCCUUUGUGAGAGUAGGACGUCGCCACGC
;
B
24 'polypeptide(L)'
;AIKKYKPTTNGRRNMTSSDFAEITTSTPEKSLLQPLKNNAGRNNNGRITVRHQGGGHKRQYRVIDFKRNKDNVAAVVKTI
EYDPNRSANIALVHYEDGVKAYILAPKGLEVGMRLVSGPEADIKVGNALPLENIPVGTVIHNIEMKPGKGGQLIRSAGTS
AQVLGKEGKYVLIRLNSGEVRMILATCRATIGSVGNEQHELINIGKAGRSRWMRKRPTVRGSVMNPNDHPHGGGEGKTPI
GRKAPVSPWGQPAIGYKTRNKKAKSDKLIVRRRTK
;
C
25 'polypeptide(L)'
;TKGILGKKVGMTQIFTESGELIPVTVVEATPNVVLQVKTVETDGYEAIQVGYQDKREVLSNKPAKGHVAKANTAPKRFIK
EFKNVELGEYEVGKEIKVDVFQAGDVVDVTGTTKGKGFQGAIKRHGQSRGPMSHGSRYHRRPGSMGPVAPNRVFKNKRLA
GRMGGDRVTIQNLEVVKVDVERNVILIKGNIPGAKKSLITIKSAVKA
;
D
26 'polypeptide(L)'
;PNVALFKQDGTQNGEITLNEEIFGIEPNESVVYDAIIMQRASLRQGTHAVKNRSAVRGGGRKPWRQKGTGRARQGSIRSP
QWRGGGVVFGPTPRSYSYKLPKKVRRLAMKSVLSDKVAENNLVAVEGLSFDAPKTKEFKQVLANLSIDTKVLVVLENGND
FAALSARNLPNVSVVTSDNVSVLDVVSANKVLATQTALTQIEEVLA
;
E
27 'polypeptide(L)'
;NRLKEKYIKEVTPSLVEKFNYSSVMQTPKVDKIVINMGVGDAVSNAKNLDKAVEELALITGQKPLITKAKKSIAGFRLRE
GMPIGAKVTLRGERMYEFLDKLVTVSLPRVRDFHGVSKKAFDGRGNYTLGIKEQLIFPEVDYDLVDKVRGMDIVIVTTAN
TDEESRELLAQLGMPFQ
;
F
28 'polypeptide(L)'
;SRIGNKVVVLPAGVEIKQDGNNITVKGPKGELTREFSSDIKMNIEGNEVTFTRPNDSKEMKTIHGTTRANFNNMVVGVSE
GFQKALELIGVGYRAQVQGNKLTLNVGYSHPVEMTAPEGVTFEVPANTQVIVKGINKEVVGELAANIRGVRPPEPYKGKG
IRYVGEFVRRKEGKTG
;
G
29 'polypeptide(L)'
;MRTTYMAKAGEVERKWYVVDATDVPLGRLSAVVASVLRGKNKPTFTPHVDTGDFVIVINADKVKLTGKKATDKIYYRHSM
YPGGLKSVTAGELRDKNSRRLIETSVKGMLPKNTLGRKQFTKLNVYGGAEHPHAAQQPEVLDITN
;
K
30 'polypeptide(L)'
;MIQQESRLRVADNSGAREILTIKVLGGSGRKTANIGDVIVATVKQATPGGVVKKGEVVKAVIVRTKSGARRADGSYIKFD
ENAAVIIRDDKSPRGTRIFGPVARELRENNFMKIVSLAPEVL
;
L
31 'polypeptide(L)'
;MKLHELKPAEGSRQVRNRVGRGTSSGNGKTAGRGQKGQKARSGGGVRLGFEGGQTPLFRRLPKRGFTNINRKDYAVVNLD
TLNRFEDGTEVTPVVLKEAGIVKNEKAGIKVLADGELTKKLTVKAAKFSKSAQEAIEAAGGSIEVI
;
M
32 'polypeptide(L)'
;MLVPKRVKHRREFRGKMRGEAKGGKEVAFGEWGLQATESHWITNRQIEAARIAMTRYMKRGGKVWIKIFPHKSYTSKAIG
VRMGKGKGAPEGWVSPVKRGKIMFEIAGVPEEVAREALRLASHKLPVKTKIVKREEMGGES
;
N
33 'polypeptide(L)'
;RKLGRTSSQRKAMLRDITTDLIINERIVTTEARAKEVRSTVEKMITLGKRGDLHARRQAATFVRNEVASVREEDESIVVE
SALQKLFNDLGPRFAERQGGYTRILKTEPRRGDAAPMVVIEFV
;
O
34 'polypeptide(L)'
;ITKPDKNKTRQKRHRRVRNKISGTAECPRLNIFRSNKNIYAQVIDDVAGVTLASASALDKEISGGTKTETAAAVGKLVAE
RAAEKGIKKVVFDRGGYLYHGRVQALAEAARENGLEF
;
P
35 'polypeptide(L)'
;NPLIQELTQEQLRTDIPAFRPGDTVRVHAKVVEGTRERIQLFEGVVIKRRGAGISETYTVRKVSNGVGVERTFPLHTPRV
AQIEVVRYGKVRRAKLYYLRALHGKAARIKEIRR
;
Q
36 'polypeptide(L)'
;ARVKGGTVTRKRRKKVLKLAKGYYGSKHTLFKSAKEQVMNSYYYAFRDRRQKKRDFRKLWIARINAAARMNGLSYSKLMH
GLKLAEIDINRKMLADLAVNDAAAFTALAEQAKDALSK
;
R
37 'polypeptide(L)'
;MYAIIKTGGKQVKVEVGQAIYVEKLNVEAGEKVVFDEVILVGGESTKVGAPTVAGATVEGTVEKHGKQKKVVTFQYKPKK
HSHRKQGHRQPYTKVMIEAINA
;
S
38 'polypeptide(L)'
;QITSAKATAKTVRTSPRKARLVIDLIRGKSVADAISILKFTPNKSAGIIEKVLMSAVANAENNFDLDVESLVVSEAFVNE
GPTMKRFRPRAKGSASPINKRTSHITVVVTEK
;
T
39 'polypeptide(L)'
;ELLDVIKRPVITEKSMLAMDEKKYTFEVDTRANKTLVKQAVESAFDVKVANVNILNVRPKFKRMGKYAGYTKKRRKAIVT
LTEDSKEIQ
;
U
40 'polypeptide(L)'
;MFVKKGDKVKVITGKDKNKEGVVLAAFPKQDKVIVEGVNVVKKHQKPNQAAPQGGILEVEAPIHVSNVMVIDPSNGEATK
VAFKEVDGKKVRVSKKTGEVL
;
V
41 'polypeptide(L)'
;VQLEVKERAIRPRSLRNQLRHEGKVPAIVYGYQIESTPIYFEEKDLSKILREHGANTVIKMTVDGKNINTLMSKAQLDTF
TGQMLHVEFLSVNM
;
W
42 'polypeptide(L)' STSNGRDSESKRLGAKSADGQTVTGGSILYRQRGTKIYPGVNVGIGGDDTLFAKVDGVVRFERKGRDKKQVSVYPV X
43 'polypeptide(L)' AKVCYFTGRKTSSGNNRSHAMNSTKRTVKPNLQKVRVLIDGKPKKVWVSARALK Y
44 'polypeptide(L)' KVKEIRELTTAEMLDKEKQLKEELFNLRFQLATGQLENTARIKEVRQSIARIKTVLREQAN Z
45 'polypeptide(L)' AELKITLKRSVIGRPQNQRATVKALGLGKVNSTVTKPANEAIKGMVNTISHLVDVEEV 0
46 'polypeptide(L)' MKQDIHPNYQPVVFMDSTTGFKFLSGSTKGSSETVEWEDGNTYPLLRVEVTSDSHPFYT 1
47 'polypeptide(L)' AVPARRTSKAKKAKRRTHYKLTIKGLNACSNCGEMKKSHHVCPACGHYDGKDVMSK 2
48 'polypeptide(L)' MRVNITLECTSCKERNYLTNKNKRNNPDRLEKQKYCPRERKVTLHRETK 3
49 'polypeptide(L)' MKRTYQPNKRKRQKVHGFRKRMSTKNGRRVLASRRRKGRKVISA 4
50 'polypeptide(L)' PKQKTHRGLAKRVKRTGGGGLKRGRAFTSHRFHGKTKKQRRQLRKASMVAKGDYKRIRQQLARM 5
51 'polypeptide(L)' MKVRPSVKPMCEHCKVIRRKGRVMVICPANPKHKQRQG 6
#
loop_
_chem_comp.id
_chem_comp.type
_chem_comp.name
_chem_comp.formula
A RNA linking ADENOSINE-5'-MONOPHOSPHATE 'C10 H14 N5 O7 P'
C RNA linking CYTIDINE-5'-MONOPHOSPHATE 'C9 H14 N3 O8 P'
G RNA linking GUANOSINE-5'-MONOPHOSPHATE 'C10 H14 N5 O8 P'
U RNA linking URIDINE-5'-MONOPHOSPHATE 'C9 H13 N2 O9 P'
ZN non-polymer 'ZINC ION' 'Zn 2'
#
# COMPACT_ATOMS: atom_id res chain seq x y z
N GLY B 1 33.97 -55.04 47.72
CA GLY B 1 34.10 -56.31 48.40
C GLY B 1 35.32 -56.29 49.29
N GLN B 2 35.10 -56.50 50.58
CA GLN B 2 36.18 -56.28 51.53
C GLN B 2 36.24 -57.30 52.66
N LYS B 3 35.54 -58.43 52.54
CA LYS B 3 35.54 -59.43 53.60
C LYS B 3 36.17 -60.73 53.13
N VAL B 4 36.67 -61.51 54.08
CA VAL B 4 37.52 -62.66 53.84
C VAL B 4 36.85 -63.90 54.41
N HIS B 5 36.96 -65.04 53.69
CA HIS B 5 36.73 -66.39 54.19
C HIS B 5 37.34 -66.60 55.56
N PRO B 6 36.54 -66.91 56.57
CA PRO B 6 37.12 -67.40 57.82
C PRO B 6 37.75 -68.77 57.68
N ILE B 7 37.29 -69.58 56.73
CA ILE B 7 37.98 -70.85 56.48
C ILE B 7 39.35 -70.60 55.86
N GLY B 8 39.51 -69.50 55.13
CA GLY B 8 40.83 -69.11 54.70
C GLY B 8 41.64 -68.50 55.82
N MET B 9 40.98 -67.84 56.77
CA MET B 9 41.70 -67.26 57.89
C MET B 9 42.16 -68.30 58.88
N ARG B 10 41.44 -69.41 59.00
CA ARG B 10 41.71 -70.38 60.04
C ARG B 10 42.34 -71.66 59.52
N VAL B 11 42.65 -71.76 58.23
CA VAL B 11 43.34 -72.95 57.73
C VAL B 11 44.79 -72.93 58.18
N GLY B 12 45.28 -74.06 58.64
CA GLY B 12 46.63 -74.13 59.13
C GLY B 12 46.87 -73.47 60.47
N ILE B 13 45.81 -73.02 61.15
CA ILE B 13 45.95 -72.47 62.48
C ILE B 13 45.16 -73.34 63.45
N ILE B 14 43.85 -73.42 63.24
CA ILE B 14 43.01 -74.22 64.12
C ILE B 14 42.15 -75.19 63.32
N ARG B 15 42.45 -75.37 62.04
CA ARG B 15 41.91 -76.50 61.31
C ARG B 15 42.87 -76.91 60.22
N ASP B 16 42.55 -78.02 59.58
CA ASP B 16 43.48 -78.74 58.72
C ASP B 16 43.03 -78.69 57.27
N TRP B 17 43.99 -78.96 56.39
CA TRP B 17 43.71 -79.14 54.97
C TRP B 17 42.98 -80.45 54.78
N ASP B 18 42.33 -80.59 53.63
CA ASP B 18 41.61 -81.83 53.37
C ASP B 18 42.54 -82.93 52.89
N ALA B 19 43.16 -82.73 51.73
CA ALA B 19 43.96 -83.78 51.09
C ALA B 19 45.27 -83.91 51.84
N LYS B 20 45.25 -84.69 52.92
CA LYS B 20 46.42 -84.82 53.80
C LYS B 20 47.53 -85.59 53.10
N TRP B 21 48.45 -84.87 52.50
CA TRP B 21 49.43 -85.43 51.58
C TRP B 21 50.83 -84.96 51.91
N TYR B 22 51.78 -85.59 51.23
CA TYR B 22 52.99 -84.91 50.79
C TYR B 22 53.21 -85.40 49.37
N ALA B 23 53.57 -84.51 48.47
CA ALA B 23 53.71 -84.90 47.07
C ALA B 23 54.85 -84.11 46.45
N GLU B 24 56.03 -84.71 46.45
CA GLU B 24 57.17 -84.18 45.72
C GLU B 24 57.14 -84.77 44.31
N LYS B 25 57.15 -83.90 43.31
CA LYS B 25 57.38 -84.16 41.89
C LYS B 25 56.21 -84.88 41.22
N GLU B 26 55.22 -85.34 42.00
CA GLU B 26 53.94 -85.79 41.47
C GLU B 26 52.86 -85.12 42.29
N TYR B 27 52.55 -83.88 41.92
CA TYR B 27 51.60 -83.07 42.67
C TYR B 27 50.38 -82.71 41.85
N ALA B 28 50.58 -82.25 40.62
CA ALA B 28 49.46 -81.82 39.80
C ALA B 28 48.60 -82.99 39.37
N GLU B 29 49.20 -84.16 39.20
CA GLU B 29 48.45 -85.38 38.87
C GLU B 29 47.44 -85.70 39.95
N PHE B 30 47.91 -85.78 41.19
CA PHE B 30 47.02 -85.99 42.32
C PHE B 30 46.09 -84.81 42.54
N LEU B 31 46.50 -83.61 42.12
CA LEU B 31 45.65 -82.45 42.33
C LEU B 31 44.41 -82.50 41.45
N HIS B 32 44.60 -82.70 40.14
CA HIS B 32 43.42 -82.77 39.29
C HIS B 32 42.71 -84.11 39.41
N GLU B 33 43.44 -85.16 39.81
CA GLU B 33 42.83 -86.42 40.22
C GLU B 33 41.84 -86.20 41.35
N ASP B 34 42.29 -85.56 42.42
CA ASP B 34 41.44 -85.35 43.58
C ASP B 34 40.34 -84.35 43.29
N LEU B 35 40.59 -83.41 42.38
CA LEU B 35 39.53 -82.48 42.01
C LEU B 35 38.44 -83.19 41.21
N ARG B 36 38.82 -84.16 40.38
CA ARG B 36 37.79 -84.91 39.66
C ARG B 36 37.07 -85.89 40.58
N ILE B 37 37.76 -86.44 41.59
CA ILE B 37 37.09 -87.25 42.60
C ILE B 37 36.09 -86.39 43.37
N ARG B 38 36.45 -85.14 43.61
CA ARG B 38 35.54 -84.19 44.21
C ARG B 38 34.36 -83.89 43.29
N LYS B 39 34.59 -83.91 41.96
CA LYS B 39 33.51 -83.53 41.05
C LYS B 39 32.46 -84.62 40.86
N PHE B 40 32.81 -85.88 41.08
CA PHE B 40 31.89 -86.97 40.78
C PHE B 40 30.74 -87.07 41.78
N ILE B 41 30.84 -86.39 42.93
CA ILE B 41 30.00 -86.68 44.08
C ILE B 41 28.58 -86.10 43.97
N ALA B 42 28.25 -85.52 42.81
CA ALA B 42 26.96 -84.85 42.64
C ALA B 42 25.79 -85.83 42.67
N THR B 43 26.05 -87.12 42.50
CA THR B 43 25.01 -88.12 42.69
C THR B 43 24.62 -88.24 44.16
N LYS B 44 25.60 -88.21 45.05
CA LYS B 44 25.32 -88.27 46.48
C LYS B 44 24.63 -86.99 46.96
N LEU B 45 25.25 -85.84 46.68
CA LEU B 45 24.85 -84.53 47.19
C LEU B 45 23.46 -84.10 46.74
N ALA B 46 22.88 -84.78 45.75
CA ALA B 46 21.51 -84.53 45.34
C ALA B 46 20.52 -84.76 46.48
N ASP B 47 20.60 -85.93 47.14
CA ASP B 47 19.63 -86.24 48.18
C ASP B 47 20.23 -86.90 49.42
N ALA B 48 21.54 -87.06 49.52
CA ALA B 48 22.12 -87.78 50.64
C ALA B 48 22.80 -86.89 51.68
N ALA B 49 22.88 -85.57 51.43
CA ALA B 49 23.30 -84.57 52.41
C ALA B 49 24.72 -84.78 52.92
N VAL B 50 25.65 -85.06 52.01
CA VAL B 50 27.05 -85.11 52.38
C VAL B 50 27.57 -83.70 52.62
N SER B 51 28.56 -83.60 53.50
CA SER B 51 29.08 -82.29 53.90
C SER B 51 30.52 -82.07 53.46
N THR B 52 31.44 -82.92 53.93
CA THR B 52 32.87 -82.79 53.62
C THR B 52 33.41 -84.15 53.21
N ILE B 53 34.52 -84.14 52.49
CA ILE B 53 35.21 -85.37 52.09
C ILE B 53 36.66 -85.23 52.53
N GLU B 54 37.01 -85.86 53.65
CA GLU B 54 38.38 -85.88 54.13
C GLU B 54 39.16 -86.95 53.38
N ILE B 55 40.28 -86.54 52.80
CA ILE B 55 40.97 -87.32 51.78
C ILE B 55 42.39 -87.63 52.26
N GLU B 56 42.69 -88.91 52.43
CA GLU B 56 43.99 -89.33 52.94
C GLU B 56 44.78 -90.06 51.87
N ARG B 57 46.03 -90.37 52.22
CA ARG B 57 46.98 -91.00 51.32
C ARG B 57 47.69 -92.14 52.06
N ALA B 58 47.36 -93.38 51.68
CA ALA B 58 48.09 -94.55 52.12
C ALA B 58 49.32 -94.76 51.23
N ALA B 59 49.88 -95.97 51.26
CA ALA B 59 50.97 -96.35 50.35
C ALA B 59 50.57 -96.16 48.91
N ASN B 60 49.58 -96.94 48.46
CA ASN B 60 48.93 -96.68 47.18
C ASN B 60 47.43 -96.89 47.26
N ARG B 61 46.88 -97.05 48.46
CA ARG B 61 45.43 -97.19 48.62
C ARG B 61 44.82 -95.80 48.63
N VAL B 62 43.84 -95.58 47.76
CA VAL B 62 43.11 -94.32 47.77
C VAL B 62 42.19 -94.31 48.98
N ASN B 63 42.25 -93.24 49.76
CA ASN B 63 41.49 -93.12 51.00
C ASN B 63 40.75 -91.81 50.98
N ILE B 64 39.41 -91.87 50.97
CA ILE B 64 38.56 -90.73 51.27
C ILE B 64 37.64 -91.13 52.42
N SER B 65 36.90 -90.15 52.91
CA SER B 65 35.94 -90.39 53.98
C SER B 65 34.90 -89.27 53.93
N ILE B 66 33.67 -89.63 53.62
CA ILE B 66 32.58 -88.67 53.47
C ILE B 66 31.86 -88.52 54.80
N HIS B 67 31.14 -87.41 54.95
CA HIS B 67 30.38 -87.11 56.14
C HIS B 67 28.99 -86.66 55.74
N THR B 68 27.98 -87.46 56.09
CA THR B 68 26.60 -87.10 55.85
C THR B 68 25.79 -87.32 57.10
N ALA B 69 24.56 -86.80 57.08
CA ALA B 69 23.64 -86.94 58.20
C ALA B 69 22.70 -88.12 58.04
N LYS B 70 22.87 -88.93 57.00
CA LYS B 70 22.08 -90.13 56.81
C LYS B 70 23.02 -91.32 56.60
N PRO B 71 23.26 -92.13 57.63
CA PRO B 71 24.16 -93.27 57.45
C PRO B 71 23.54 -94.38 56.63
N GLY B 72 22.24 -94.64 56.81
CA GLY B 72 21.60 -95.73 56.10
C GLY B 72 21.36 -95.42 54.64
N MET B 73 21.19 -94.15 54.31
CA MET B 73 20.84 -93.79 52.94
C MET B 73 22.06 -93.74 52.02
N VAL B 74 23.27 -93.90 52.54
CA VAL B 74 24.44 -93.92 51.68
C VAL B 74 24.93 -95.37 51.59
N ILE B 75 24.66 -96.18 52.63
CA ILE B 75 25.06 -97.58 52.55
C ILE B 75 24.08 -98.39 51.74
N GLY B 76 22.87 -97.88 51.52
CA GLY B 76 21.95 -98.53 50.61
C GLY B 76 21.27 -99.72 51.22
N LYS B 77 21.42 -100.87 50.58
CA LYS B 77 20.60 -102.04 50.85
C LYS B 77 21.26 -103.00 51.84
N GLY B 78 22.44 -103.50 51.50
CA GLY B 78 23.19 -104.30 52.44
C GLY B 78 24.66 -103.92 52.37
N GLY B 79 24.94 -102.93 51.53
CA GLY B 79 26.30 -102.60 51.15
C GLY B 79 26.43 -102.79 49.67
N SER B 80 25.30 -102.71 48.97
CA SER B 80 25.24 -102.93 47.54
C SER B 80 25.43 -101.65 46.73
N GLU B 81 25.01 -100.51 47.27
CA GLU B 81 25.17 -99.25 46.54
C GLU B 81 26.58 -98.68 46.72
N VAL B 82 27.19 -98.91 47.89
CA VAL B 82 28.57 -98.53 48.12
C VAL B 82 29.51 -99.28 47.17
N GLU B 83 29.17 -100.54 46.88
CA GLU B 83 29.90 -101.29 45.87
C GLU B 83 29.74 -100.69 44.48
N ASN B 84 28.56 -100.14 44.20
CA ASN B 84 28.34 -99.46 42.93
C ASN B 84 29.18 -98.19 42.85
N LEU B 85 29.35 -97.52 43.98
CA LEU B 85 30.20 -96.34 44.04
C LEU B 85 31.67 -96.72 43.81
N ARG B 86 32.12 -97.83 44.40
CA ARG B 86 33.47 -98.30 44.15
C ARG B 86 33.69 -98.68 42.69
N LYS B 87 32.68 -99.32 42.08
CA LYS B 87 32.80 -99.75 40.68
C LYS B 87 32.85 -98.57 39.73
N GLU B 88 31.99 -97.57 39.93
CA GLU B 88 32.07 -96.40 39.06
C GLU B 88 33.26 -95.51 39.40
N LEU B 89 33.83 -95.68 40.60
CA LEU B 89 34.92 -94.83 41.05
C LEU B 89 36.28 -95.33 40.61
N ASN B 90 36.47 -96.65 40.60
CA ASN B 90 37.77 -97.22 40.24
C ASN B 90 38.03 -97.09 38.74
N LYS B 91 36.98 -96.94 37.94
CA LYS B 91 37.16 -96.58 36.54
C LYS B 91 37.78 -95.20 36.41
N LEU B 92 37.40 -94.28 37.30
CA LEU B 92 37.90 -92.92 37.19
C LEU B 92 39.34 -92.81 37.65
N THR B 93 39.68 -93.44 38.75
CA THR B 93 41.02 -93.32 39.31
C THR B 93 41.99 -94.31 38.67
N GLY B 94 41.67 -95.59 38.77
CA GLY B 94 42.59 -96.61 38.33
C GLY B 94 43.71 -96.83 39.32
N LYS B 95 43.34 -97.20 40.54
CA LYS B 95 44.27 -97.37 41.65
C LYS B 95 43.50 -98.16 42.71
N ARG B 96 44.23 -98.66 43.71
CA ARG B 96 43.60 -99.28 44.86
C ARG B 96 42.75 -98.25 45.59
N VAL B 97 41.44 -98.39 45.51
CA VAL B 97 40.51 -97.37 46.00
C VAL B 97 39.71 -97.94 47.16
N HIS B 98 39.60 -97.15 48.23
CA HIS B 98 38.79 -97.53 49.38
C HIS B 98 38.10 -96.29 49.92
N ILE B 99 36.82 -96.44 50.23
CA ILE B 99 36.04 -95.32 50.75
C ILE B 99 35.58 -95.65 52.16
N ASN B 100 35.54 -94.62 52.99
CA ASN B 100 35.07 -94.72 54.36
C ASN B 100 33.80 -93.89 54.50
N ILE B 101 32.92 -94.32 55.38
CA ILE B 101 31.69 -93.59 55.67
C ILE B 101 31.74 -93.25 57.16
N VAL B 102 32.06 -92.00 57.46
CA VAL B 102 32.10 -91.51 58.83
C VAL B 102 30.86 -90.66 59.03
N GLU B 103 29.97 -91.12 59.90
CA GLU B 103 28.69 -90.46 60.11
C GLU B 103 28.90 -89.20 60.95
N ILE B 104 28.70 -88.05 60.33
CA ILE B 104 28.73 -86.78 61.05
C ILE B 104 27.42 -86.61 61.80
N LYS B 105 27.50 -86.09 63.01
CA LYS B 105 26.34 -85.87 63.85
C LYS B 105 26.01 -84.38 63.89
N LYS B 106 24.86 -84.08 64.49
CA LYS B 106 24.32 -82.74 64.72
C LYS B 106 24.27 -81.93 63.43
N PRO B 107 23.29 -82.18 62.55
CA PRO B 107 23.17 -81.38 61.33
C PRO B 107 22.51 -80.03 61.55
N ASP B 108 22.11 -79.73 62.78
CA ASP B 108 21.35 -78.53 63.11
C ASP B 108 22.26 -77.37 63.50
N LEU B 109 23.57 -77.47 63.21
CA LEU B 109 24.50 -76.41 63.55
C LEU B 109 25.54 -76.20 62.45
N ASP B 110 25.43 -76.89 61.32
CA ASP B 110 26.39 -76.73 60.23
C ASP B 110 26.06 -75.49 59.40
N ALA B 111 26.68 -75.40 58.22
CA ALA B 111 26.39 -74.32 57.30
C ALA B 111 25.92 -74.81 55.94
N LYS B 112 26.54 -75.87 55.41
CA LYS B 112 26.22 -76.31 54.06
C LYS B 112 24.87 -77.00 54.01
N LEU B 113 24.55 -77.78 55.04
CA LEU B 113 23.31 -78.54 55.04
C LEU B 113 22.11 -77.61 55.20
N VAL B 114 22.14 -76.75 56.23
CA VAL B 114 21.02 -75.87 56.51
C VAL B 114 20.85 -74.84 55.39
N GLY B 115 21.97 -74.32 54.89
CA GLY B 115 21.92 -73.36 53.82
C GLY B 115 21.45 -73.96 52.51
N GLU B 116 21.85 -75.20 52.23
CA GLU B 116 21.39 -75.83 51.00
C GLU B 116 19.92 -76.25 51.12
N GLY B 117 19.48 -76.59 52.32
CA GLY B 117 18.06 -76.85 52.52
C GLY B 117 17.20 -75.63 52.27
N ILE B 118 17.60 -74.48 52.82
CA ILE B 118 16.81 -73.29 52.56
C ILE B 118 17.01 -72.77 51.14
N ALA B 119 18.13 -73.13 50.49
CA ALA B 119 18.28 -72.85 49.06
C ALA B 119 17.33 -73.71 48.23
N ARG B 120 17.03 -74.91 48.71
CA ARG B 120 15.99 -75.72 48.07
C ARG B 120 14.62 -75.10 48.29
N GLN B 121 14.34 -74.59 49.50
CA GLN B 121 13.01 -74.03 49.74
C GLN B 121 12.81 -72.68 49.07
N LEU B 122 13.88 -71.99 48.67
CA LEU B 122 13.67 -70.73 47.96
C LEU B 122 13.13 -70.94 46.55
N GLU B 123 13.21 -72.16 46.03
CA GLU B 123 12.71 -72.42 44.69
C GLU B 123 11.21 -72.65 44.67
N ASN B 124 10.63 -73.00 45.82
CA ASN B 124 9.28 -73.55 45.90
C ASN B 124 8.25 -72.51 46.30
N ARG B 125 8.52 -71.23 46.03
CA ARG B 125 7.66 -70.08 46.37
C ARG B 125 7.36 -70.06 47.88
N VAL B 126 8.42 -69.80 48.62
CA VAL B 126 8.35 -69.71 50.07
C VAL B 126 8.75 -68.30 50.47
N ALA B 127 8.04 -67.74 51.45
CA ALA B 127 8.45 -66.47 52.06
C ALA B 127 9.83 -66.60 52.68
N PHE B 128 10.79 -65.89 52.11
CA PHE B 128 12.19 -66.01 52.51
C PHE B 128 12.42 -65.48 53.92
N ARG B 129 11.63 -64.49 54.33
CA ARG B 129 11.76 -63.91 55.66
C ARG B 129 11.52 -64.95 56.74
N ARG B 130 10.37 -65.61 56.68
CA ARG B 130 10.10 -66.66 57.65
C ARG B 130 10.96 -67.89 57.42
N ALA B 131 11.51 -68.06 56.21
CA ALA B 131 12.47 -69.13 55.99
C ALA B 131 13.76 -68.87 56.77
N GLN B 132 14.24 -67.63 56.72
CA GLN B 132 15.38 -67.25 57.54
C GLN B 132 15.07 -67.37 59.02
N LYS B 133 13.86 -66.96 59.43
CA LYS B 133 13.51 -67.02 60.84
C LYS B 133 13.40 -68.46 61.34
N GLN B 134 12.79 -69.34 60.55
CA GLN B 134 12.67 -70.74 60.97
C GLN B 134 14.02 -71.43 60.96
N ALA B 135 14.92 -71.04 60.05
CA ALA B 135 16.25 -71.63 60.04
C ALA B 135 17.06 -71.19 61.26
N ILE B 136 17.00 -69.91 61.61
CA ILE B 136 17.80 -69.47 62.74
C ILE B 136 17.19 -69.93 64.06
N GLN B 137 15.87 -70.13 64.10
CA GLN B 137 15.27 -70.62 65.33
C GLN B 137 15.54 -72.11 65.51
N ARG B 138 15.59 -72.88 64.42
CA ARG B 138 15.95 -74.28 64.59
C ARG B 138 17.44 -74.45 64.85
N ALA B 139 18.26 -73.51 64.36
CA ALA B 139 19.70 -73.64 64.60
C ALA B 139 20.06 -73.23 66.03
N MET B 140 19.39 -72.21 66.57
CA MET B 140 19.71 -71.75 67.91
C MET B 140 19.29 -72.77 68.96
N ARG B 141 18.12 -73.39 68.78
CA ARG B 141 17.58 -74.28 69.79
C ARG B 141 18.27 -75.62 69.87
N ALA B 142 19.21 -75.90 68.98
CA ALA B 142 20.08 -77.06 69.12
C ALA B 142 21.38 -76.73 69.84
N GLY B 143 21.48 -75.54 70.43
CA GLY B 143 22.69 -75.15 71.11
C GLY B 143 23.61 -74.39 70.17
N ALA B 144 23.74 -73.10 70.38
CA ALA B 144 24.52 -72.24 69.51
C ALA B 144 24.96 -71.02 70.31
N LYS B 145 25.68 -70.12 69.65
CA LYS B 145 25.94 -68.80 70.20
C LYS B 145 25.77 -67.69 69.18
N GLY B 146 25.25 -67.98 67.98
CA GLY B 146 25.04 -66.92 67.01
C GLY B 146 24.89 -67.42 65.60
N ILE B 147 23.97 -66.82 64.85
CA ILE B 147 23.72 -67.17 63.46
C ILE B 147 23.61 -65.88 62.67
N LYS B 148 24.27 -65.83 61.51
CA LYS B 148 24.08 -64.75 60.55
C LYS B 148 23.70 -65.35 59.21
N THR B 149 22.72 -64.74 58.55
CA THR B 149 22.17 -65.25 57.30
C THR B 149 21.84 -64.07 56.40
N GLN B 150 22.15 -64.20 55.10
CA GLN B 150 21.94 -63.11 54.17
C GLN B 150 21.69 -63.67 52.78
N VAL B 151 20.73 -63.07 52.07
CA VAL B 151 20.30 -63.52 50.74
C VAL B 151 20.43 -62.36 49.75
N SER B 152 20.88 -62.67 48.53
CA SER B 152 21.10 -61.67 47.50
C SER B 152 20.61 -62.19 46.16
N GLY B 153 20.01 -61.31 45.37
CA GLY B 153 19.58 -61.66 44.04
C GLY B 153 18.35 -60.86 43.66
N ARG B 154 17.64 -61.37 42.65
CA ARG B 154 16.41 -60.74 42.20
C ARG B 154 15.28 -61.31 43.04
N LEU B 155 15.10 -60.71 44.23
CA LEU B 155 14.16 -61.24 45.21
C LEU B 155 12.72 -60.95 44.81
N ASN B 156 11.86 -61.92 45.13
CA ASN B 156 10.40 -61.83 45.04
C ASN B 156 9.91 -61.64 43.60
N GLY B 157 10.76 -62.00 42.61
CA GLY B 157 10.43 -61.89 41.20
C GLY B 157 10.09 -60.48 40.75
N ALA B 158 11.05 -59.58 40.82
CA ALA B 158 10.73 -58.16 40.86
C ALA B 158 11.85 -57.35 40.21
N ASP B 159 11.91 -56.08 40.57
CA ASP B 159 12.82 -55.06 40.06
C ASP B 159 14.21 -55.19 40.66
N ILE B 160 14.95 -54.06 40.65
CA ILE B 160 16.33 -53.89 41.10
C ILE B 160 16.66 -54.64 42.40
N ALA B 161 17.85 -55.24 42.43
CA ALA B 161 18.14 -56.31 43.36
C ALA B 161 18.31 -55.79 44.78
N ARG B 162 18.31 -56.72 45.72
CA ARG B 162 18.56 -56.43 47.11
C ARG B 162 19.60 -57.40 47.65
N SER B 163 20.00 -57.13 48.89
CA SER B 163 20.91 -57.99 49.62
C SER B 163 20.67 -57.74 51.10
N GLU B 164 20.05 -58.70 51.77
CA GLU B 164 19.68 -58.50 53.16
C GLU B 164 19.57 -59.86 53.83
N GLY B 165 19.31 -59.82 55.14
CA GLY B 165 19.04 -61.02 55.89
C GLY B 165 18.88 -60.67 57.35
N TYR B 166 18.36 -61.63 58.11
CA TYR B 166 18.14 -61.46 59.54
C TYR B 166 19.09 -62.35 60.32
N SER B 167 19.47 -61.88 61.52
CA SER B 167 20.52 -62.54 62.26
C SER B 167 20.26 -62.41 63.77
N GLU B 168 20.52 -63.49 64.50
CA GLU B 168 20.34 -63.51 65.94
C GLU B 168 21.52 -64.21 66.60
N GLY B 169 21.72 -63.89 67.88
CA GLY B 169 22.82 -64.46 68.63
C GLY B 169 24.13 -63.73 68.35
N THR B 170 24.88 -63.45 69.41
CA THR B 170 26.11 -62.65 69.29
C THR B 170 27.25 -63.52 68.77
N VAL B 171 27.53 -63.42 67.47
CA VAL B 171 28.60 -64.17 66.83
C VAL B 171 29.83 -63.28 66.68
N PRO B 172 30.99 -63.69 67.18
CA PRO B 172 32.22 -62.96 66.86
C PRO B 172 32.80 -63.48 65.56
N LEU B 173 33.34 -62.58 64.80
CA LEU B 173 33.92 -62.93 63.52
C LEU B 173 35.34 -62.43 63.38
N HIS B 174 35.65 -61.26 63.95
CA HIS B 174 36.92 -60.61 63.74
C HIS B 174 38.01 -61.16 64.65
N THR B 175 37.67 -62.12 65.52
CA THR B 175 38.64 -62.80 66.36
C THR B 175 39.19 -64.01 65.62
N LEU B 176 39.87 -64.89 66.33
CA LEU B 176 40.45 -66.08 65.70
C LEU B 176 39.88 -67.39 66.21
N ARG B 177 39.74 -67.54 67.54
CA ARG B 177 39.31 -68.79 68.15
C ARG B 177 37.82 -68.96 67.86
N ALA B 178 37.52 -69.47 66.67
CA ALA B 178 36.19 -69.35 66.11
C ALA B 178 35.51 -70.69 65.91
N ASP B 179 36.11 -71.60 65.15
CA ASP B 179 35.53 -72.91 64.76
C ASP B 179 34.17 -72.72 64.10
N ILE B 180 34.07 -71.75 63.23
CA ILE B 180 32.82 -71.38 62.61
C ILE B 180 32.76 -71.94 61.19
N ASP B 181 31.57 -71.96 60.61
CA ASP B 181 31.35 -72.55 59.30
C ASP B 181 30.71 -71.52 58.38
N TYR B 182 31.21 -71.47 57.16
CA TYR B 182 30.68 -70.59 56.12
C TYR B 182 30.31 -71.44 54.91
N ALA B 183 29.23 -71.07 54.23
CA ALA B 183 28.81 -71.83 53.07
C ALA B 183 28.00 -70.92 52.16
N TRP B 184 28.25 -71.06 50.85
CA TRP B 184 27.58 -70.26 49.83
C TRP B 184 26.82 -71.19 48.90
N GLU B 185 25.56 -70.84 48.62
CA GLU B 185 24.69 -71.68 47.81
C GLU B 185 23.94 -70.83 46.80
N GLU B 186 23.72 -71.41 45.61
CA GLU B 186 22.95 -70.78 44.55
C GLU B 186 21.57 -71.42 44.44
N ALA B 187 20.61 -70.62 43.98
CA ALA B 187 19.26 -71.07 43.74
C ALA B 187 18.57 -70.12 42.78
N ASP B 188 18.11 -70.64 41.64
CA ASP B 188 17.28 -69.88 40.72
C ASP B 188 15.87 -70.43 40.73
N THR B 189 14.89 -69.53 40.74
CA THR B 189 13.51 -69.93 40.43
C THR B 189 13.29 -69.82 38.93
N THR B 190 13.26 -68.60 38.43
CA THR B 190 13.27 -68.37 36.99
C THR B 190 14.05 -67.13 36.59
N TYR B 191 14.39 -66.26 37.52
CA TYR B 191 14.95 -64.95 37.20
C TYR B 191 16.42 -64.96 37.59
N GLY B 192 17.27 -65.36 36.64
CA GLY B 192 18.69 -65.23 36.84
C GLY B 192 19.25 -66.22 37.83
N LYS B 193 19.56 -65.74 39.03
CA LYS B 193 20.26 -66.51 40.05
C LYS B 193 20.19 -65.78 41.37
N LEU B 194 19.92 -66.52 42.44
CA LEU B 194 19.93 -65.96 43.79
C LEU B 194 20.89 -66.75 44.66
N GLY B 195 21.47 -66.07 45.64
CA GLY B 195 22.45 -66.69 46.50
C GLY B 195 22.15 -66.44 47.97
N VAL B 196 22.65 -67.36 48.80
CA VAL B 196 22.52 -67.25 50.25
C VAL B 196 23.88 -67.42 50.89
N LYS B 197 24.02 -66.86 52.09
CA LYS B 197 25.21 -67.03 52.91
C LYS B 197 24.76 -67.36 54.32
N VAL B 198 25.61 -68.04 55.08
CA VAL B 198 25.21 -68.62 56.35
C VAL B 198 26.42 -68.68 57.28
N TRP B 199 26.16 -68.42 58.56
CA TRP B 199 27.21 -68.28 59.57
C TRP B 199 26.75 -68.94 60.86
N ILE B 200 27.67 -69.54 61.59
CA ILE B 200 27.40 -70.10 62.90
C ILE B 200 28.53 -69.70 63.85
N TYR B 201 28.41 -70.13 65.10
CA TYR B 201 29.49 -70.09 66.07
C TYR B 201 29.18 -71.14 67.13
N ARG B 202 30.18 -71.91 67.52
CA ARG B 202 29.94 -73.02 68.42
C ARG B 202 31.04 -73.17 69.46
N GLY B 203 31.65 -72.07 69.86
CA GLY B 203 32.66 -72.09 70.89
C GLY B 203 34.06 -71.98 70.34
N GLU B 204 35.02 -72.43 71.14
CA GLU B 204 36.41 -72.43 70.73
C GLU B 204 37.18 -73.59 71.34
N SER C 1 -38.31 -68.52 51.98
CA SER C 1 -37.51 -69.40 52.80
C SER C 1 -38.22 -69.34 54.16
N ARG C 2 -38.81 -70.47 54.53
CA ARG C 2 -39.51 -70.63 55.81
C ARG C 2 -38.82 -71.64 56.69
N TYR C 3 -38.64 -72.88 56.21
CA TYR C 3 -37.80 -73.87 56.89
C TYR C 3 -37.32 -74.90 55.86
N THR C 4 -36.00 -75.13 55.83
CA THR C 4 -35.39 -76.10 54.92
C THR C 4 -34.43 -77.05 55.64
N GLY C 5 -33.79 -76.56 56.70
CA GLY C 5 -32.62 -77.18 57.28
C GLY C 5 -32.83 -78.57 57.86
N PRO C 6 -31.88 -79.47 57.59
CA PRO C 6 -32.00 -80.85 58.07
C PRO C 6 -31.56 -81.08 59.51
N SER C 7 -31.39 -80.02 60.30
CA SER C 7 -30.98 -80.06 61.71
C SER C 7 -29.62 -80.74 61.90
N TRP C 8 -28.79 -80.71 60.87
CA TRP C 8 -27.41 -81.18 60.94
C TRP C 8 -26.45 -80.00 60.84
N LYS C 9 -26.56 -79.23 59.77
CA LYS C 9 -25.57 -78.22 59.42
C LYS C 9 -25.75 -76.95 60.24
N VAL C 10 -26.98 -76.67 60.68
CA VAL C 10 -27.22 -75.51 61.53
C VAL C 10 -26.71 -75.78 62.95
N SER C 11 -26.92 -76.98 63.47
CA SER C 11 -26.33 -77.36 64.75
C SER C 11 -24.82 -77.50 64.64
N ARG C 12 -24.32 -77.81 63.45
CA ARG C 12 -22.88 -77.84 63.23
C ARG C 12 -22.27 -76.44 63.29
N ARG C 13 -22.90 -75.49 62.59
CA ARG C 13 -22.31 -74.18 62.38
C ARG C 13 -22.41 -73.27 63.59
N LEU C 14 -23.58 -73.20 64.23
CA LEU C 14 -23.74 -72.35 65.41
C LEU C 14 -23.00 -72.95 66.60
N GLY C 15 -23.30 -74.20 66.93
CA GLY C 15 -22.49 -74.94 67.89
C GLY C 15 -23.24 -75.61 69.02
N ILE C 16 -24.23 -74.95 69.57
CA ILE C 16 -25.03 -75.54 70.64
C ILE C 16 -26.04 -76.49 70.01
N SER C 17 -26.36 -77.59 70.72
CA SER C 17 -26.96 -78.79 70.14
C SER C 17 -28.34 -78.59 69.54
N LEU C 18 -29.01 -77.48 69.86
CA LEU C 18 -30.34 -77.10 69.33
C LEU C 18 -31.41 -78.17 69.60
N SER C 19 -31.84 -78.27 70.87
CA SER C 19 -31.41 -77.50 72.02
C SER C 19 -31.37 -78.40 73.25
N GLY C 20 -31.71 -79.67 73.05
CA GLY C 20 -31.85 -80.57 74.18
C GLY C 20 -30.89 -81.73 74.14
N THR C 21 -29.64 -81.46 73.75
CA THR C 21 -28.55 -82.43 73.57
C THR C 21 -28.94 -83.56 72.62
N GLY C 22 -29.85 -83.30 71.70
CA GLY C 22 -30.17 -84.29 70.70
C GLY C 22 -29.18 -84.12 69.57
N LYS C 23 -28.11 -84.89 69.62
CA LYS C 23 -26.97 -84.61 68.77
C LYS C 23 -26.85 -85.64 67.66
N GLU C 24 -25.75 -85.52 66.93
CA GLU C 24 -25.45 -86.26 65.72
C GLU C 24 -23.95 -86.52 65.66
N LEU C 25 -23.33 -86.65 66.83
CA LEU C 25 -21.93 -86.36 67.07
C LEU C 25 -21.00 -87.38 66.45
N ALA C 26 -20.66 -87.16 65.19
CA ALA C 26 -19.47 -87.71 64.57
C ALA C 26 -18.78 -86.69 63.71
N ARG C 27 -19.44 -85.56 63.40
CA ARG C 27 -18.95 -84.56 62.49
C ARG C 27 -19.27 -83.14 62.97
N ARG C 28 -19.63 -82.99 64.26
CA ARG C 28 -20.19 -81.72 64.72
C ARG C 28 -19.16 -80.58 64.84
N PRO C 29 -18.07 -80.70 65.63
CA PRO C 29 -17.37 -79.47 66.04
C PRO C 29 -16.57 -78.75 64.94
N TYR C 30 -16.44 -79.32 63.75
CA TYR C 30 -15.73 -78.64 62.67
C TYR C 30 -16.73 -78.20 61.60
N LYS C 31 -16.66 -76.92 61.25
CA LYS C 31 -17.66 -76.25 60.43
C LYS C 31 -17.58 -76.69 58.97
N PRO C 32 -18.64 -76.41 58.13
CA PRO C 32 -18.59 -76.86 56.73
C PRO C 32 -17.63 -76.08 55.85
N GLY C 33 -17.67 -76.35 54.55
CA GLY C 33 -16.85 -75.66 53.58
C GLY C 33 -15.65 -76.48 53.17
N GLN C 34 -14.94 -75.98 52.14
CA GLN C 34 -13.75 -76.66 51.64
C GLN C 34 -12.60 -76.63 52.64
N HIS C 35 -12.64 -75.76 53.63
CA HIS C 35 -11.73 -75.86 54.77
C HIS C 35 -12.57 -76.29 55.98
N GLY C 36 -12.63 -77.60 56.18
CA GLY C 36 -13.24 -78.15 57.36
C GLY C 36 -12.40 -77.92 58.60
N PRO C 37 -11.23 -78.58 58.68
CA PRO C 37 -10.37 -78.38 59.87
C PRO C 37 -9.42 -77.20 59.74
N ASN C 38 -9.03 -76.86 58.51
CA ASN C 38 -7.99 -75.85 58.29
C ASN C 38 -8.59 -74.47 58.47
N SER C 39 -8.72 -74.07 59.74
CA SER C 39 -9.45 -72.85 60.10
C SER C 39 -8.54 -71.63 59.96
N ARG C 40 -8.99 -70.50 60.49
CA ARG C 40 -8.36 -69.21 60.23
C ARG C 40 -8.49 -68.35 61.48
N GLY C 41 -8.31 -67.03 61.31
CA GLY C 41 -8.24 -66.10 62.42
C GLY C 41 -9.55 -65.95 63.19
N LYS C 42 -9.49 -65.08 64.20
CA LYS C 42 -10.58 -65.01 65.16
C LYS C 42 -11.78 -64.25 64.58
N VAL C 43 -12.89 -64.35 65.29
CA VAL C 43 -14.18 -63.87 64.83
C VAL C 43 -14.39 -62.46 65.36
N SER C 44 -14.78 -61.56 64.47
CA SER C 44 -15.21 -60.23 64.87
C SER C 44 -16.48 -60.32 65.71
N GLU C 45 -16.70 -59.33 66.56
CA GLU C 45 -17.94 -59.33 67.35
C GLU C 45 -19.17 -59.07 66.49
N TYR C 46 -18.96 -58.55 65.27
CA TYR C 46 -19.95 -58.67 64.21
C TYR C 46 -20.40 -60.12 64.03
N GLY C 47 -19.44 -61.02 63.77
CA GLY C 47 -19.80 -62.42 63.57
C GLY C 47 -20.28 -63.09 64.83
N MET C 48 -19.83 -62.62 65.99
CA MET C 48 -20.25 -63.19 67.26
C MET C 48 -21.73 -62.92 67.52
N GLN C 49 -22.13 -61.65 67.44
CA GLN C 49 -23.54 -61.32 67.59
C GLN C 49 -24.37 -61.80 66.42
N LEU C 50 -23.74 -61.96 65.24
CA LEU C 50 -24.40 -62.55 64.08
C LEU C 50 -24.85 -63.96 64.37
N THR C 51 -23.92 -64.85 64.71
CA THR C 51 -24.27 -66.23 65.02
C THR C 51 -25.08 -66.32 66.32
N GLU C 52 -24.97 -65.34 67.22
CA GLU C 52 -25.77 -65.36 68.44
C GLU C 52 -27.25 -65.11 68.14
N LYS C 53 -27.54 -64.07 67.35
CA LYS C 53 -28.92 -63.80 66.98
C LYS C 53 -29.45 -64.91 66.07
N GLN C 54 -28.61 -65.47 65.20
CA GLN C 54 -29.05 -66.60 64.39
C GLN C 54 -29.27 -67.85 65.23
N LYS C 55 -28.62 -67.95 66.39
CA LYS C 55 -28.89 -69.05 67.30
C LYS C 55 -30.25 -68.90 67.95
N LEU C 56 -30.58 -67.69 68.41
CA LEU C 56 -31.93 -67.53 68.96
C LEU C 56 -33.02 -67.53 67.90
N ARG C 57 -32.73 -67.12 66.66
CA ARG C 57 -33.74 -67.18 65.60
C ARG C 57 -34.01 -68.62 65.20
N HIS C 58 -32.98 -69.46 65.20
CA HIS C 58 -33.18 -70.87 64.91
C HIS C 58 -33.59 -71.68 66.14
N MET C 59 -34.06 -71.03 67.20
CA MET C 59 -34.80 -71.74 68.24
C MET C 59 -36.20 -72.10 67.76
N TYR C 60 -36.66 -71.48 66.69
CA TYR C 60 -37.99 -71.68 66.14
C TYR C 60 -37.98 -72.01 64.66
N GLY C 61 -37.14 -71.34 63.87
CA GLY C 61 -37.36 -71.24 62.44
C GLY C 61 -38.17 -70.03 62.03
N MET C 62 -38.42 -69.10 62.95
CA MET C 62 -39.31 -67.97 62.73
C MET C 62 -38.61 -66.86 61.95
N ASN C 63 -39.24 -65.69 61.90
CA ASN C 63 -38.85 -64.60 61.02
C ASN C 63 -38.15 -63.49 61.80
N GLU C 64 -37.21 -62.83 61.10
CA GLU C 64 -36.40 -61.80 61.72
C GLU C 64 -37.24 -60.57 62.06
N ARG C 65 -38.14 -60.18 61.15
CA ARG C 65 -39.01 -59.04 61.40
C ARG C 65 -40.04 -59.35 62.47
N GLN C 66 -40.47 -60.60 62.57
CA GLN C 66 -41.37 -60.97 63.64
C GLN C 66 -40.64 -61.00 64.97
N PHE C 67 -39.37 -61.41 64.95
CA PHE C 67 -38.53 -61.35 66.14
C PHE C 67 -38.35 -59.90 66.58
N ARG C 68 -38.25 -58.99 65.61
CA ARG C 68 -38.18 -57.55 65.88
C ARG C 68 -39.43 -57.06 66.58
N THR C 69 -40.59 -57.28 65.96
CA THR C 69 -41.83 -56.74 66.51
C THR C 69 -42.19 -57.38 67.85
N LEU C 70 -41.81 -58.64 68.04
CA LEU C 70 -42.01 -59.27 69.34
C LEU C 70 -41.07 -58.68 70.38
N PHE C 71 -39.86 -58.29 69.94
CA PHE C 71 -38.93 -57.63 70.83
C PHE C 71 -39.44 -56.26 71.22
N ILE C 72 -40.19 -55.61 70.34
CA ILE C 72 -40.73 -54.30 70.65
C ILE C 72 -41.96 -54.41 71.54
N LYS C 73 -42.66 -55.56 71.48
CA LYS C 73 -43.73 -55.80 72.45
C LYS C 73 -43.19 -55.97 73.86
N ALA C 74 -41.94 -56.41 73.99
CA ALA C 74 -41.37 -56.68 75.30
C ALA C 74 -41.03 -55.41 76.07
N SER C 75 -41.11 -54.24 75.45
CA SER C 75 -40.80 -52.99 76.13
C SER C 75 -42.02 -52.32 76.76
N LYS C 76 -43.23 -52.84 76.52
CA LYS C 76 -44.43 -52.24 77.08
C LYS C 76 -44.60 -52.55 78.56
N ILE C 77 -43.90 -53.57 79.06
CA ILE C 77 -44.18 -54.14 80.38
C ILE C 77 -43.83 -53.16 81.49
N LYS C 78 -42.64 -52.54 81.40
CA LYS C 78 -42.08 -51.60 82.38
C LYS C 78 -41.88 -52.22 83.77
N GLU C 79 -41.55 -53.51 83.82
CA GLU C 79 -40.95 -54.12 85.00
C GLU C 79 -39.88 -55.11 84.56
N GLY C 80 -38.83 -55.21 85.35
CA GLY C 80 -37.79 -56.19 85.09
C GLY C 80 -36.93 -55.82 83.90
N LYS C 81 -36.03 -56.76 83.58
CA LYS C 81 -35.14 -56.56 82.45
C LYS C 81 -35.88 -56.77 81.14
N HIS C 82 -35.51 -55.96 80.14
CA HIS C 82 -36.16 -56.06 78.83
C HIS C 82 -35.74 -57.33 78.10
N GLY C 83 -34.53 -57.82 78.34
CA GLY C 83 -34.13 -59.08 77.75
C GLY C 83 -34.79 -60.26 78.42
N VAL C 84 -35.02 -60.16 79.73
CA VAL C 84 -35.63 -61.26 80.46
C VAL C 84 -37.11 -61.38 80.14
N ASN C 85 -37.82 -60.25 80.07
CA ASN C 85 -39.23 -60.29 79.74
C ASN C 85 -39.46 -60.66 78.28
N PHE C 86 -38.52 -60.31 77.40
CA PHE C 86 -38.56 -60.85 76.04
C PHE C 86 -38.32 -62.34 76.04
N MET C 87 -37.40 -62.81 76.88
CA MET C 87 -37.08 -64.23 76.93
C MET C 87 -38.26 -65.04 77.47
N VAL C 88 -39.03 -64.45 78.38
CA VAL C 88 -40.26 -65.08 78.84
C VAL C 88 -41.32 -65.07 77.75
N LEU C 89 -41.55 -63.91 77.15
CA LEU C 89 -42.51 -63.77 76.06
C LEU C 89 -42.03 -64.44 74.77
N LEU C 90 -40.76 -64.87 74.72
CA LEU C 90 -40.31 -65.77 73.68
C LEU C 90 -40.96 -67.14 73.80
N GLU C 91 -41.42 -67.51 75.00
CA GLU C 91 -41.83 -68.87 75.31
C GLU C 91 -43.33 -69.03 75.54
N GLN C 92 -44.15 -68.22 74.88
CA GLN C 92 -45.59 -68.40 74.96
C GLN C 92 -46.23 -68.54 73.58
N ARG C 93 -45.44 -68.88 72.57
CA ARG C 93 -45.97 -69.39 71.31
C ARG C 93 -46.72 -70.69 71.58
N LEU C 94 -47.77 -70.93 70.78
CA LEU C 94 -48.51 -72.19 70.82
C LEU C 94 -47.60 -73.38 70.56
N ASP C 95 -46.61 -73.23 69.69
CA ASP C 95 -45.62 -74.30 69.47
C ASP C 95 -44.78 -74.57 70.71
N ASN C 96 -44.48 -73.53 71.50
CA ASN C 96 -43.76 -73.73 72.74
C ASN C 96 -44.59 -74.49 73.76
N VAL C 97 -45.91 -74.33 73.70
CA VAL C 97 -46.76 -75.15 74.54
C VAL C 97 -46.77 -76.59 74.05
N VAL C 98 -46.62 -76.79 72.73
CA VAL C 98 -46.60 -78.14 72.17
C VAL C 98 -45.36 -78.90 72.62
N TYR C 99 -44.19 -78.27 72.49
CA TYR C 99 -42.94 -78.96 72.80
C TYR C 99 -42.79 -79.20 74.30
N ARG C 100 -43.08 -78.20 75.12
CA ARG C 100 -42.83 -78.31 76.55
C ARG C 100 -43.93 -79.04 77.30
N LEU C 101 -45.01 -79.44 76.64
CA LEU C 101 -46.02 -80.26 77.29
C LEU C 101 -45.63 -81.73 77.23
N GLY C 102 -45.10 -82.17 76.09
CA GLY C 102 -44.71 -83.55 75.90
C GLY C 102 -45.50 -84.20 74.80
N LEU C 103 -46.15 -83.40 73.96
CA LEU C 103 -46.97 -83.93 72.88
C LEU C 103 -46.18 -84.25 71.63
N ALA C 104 -44.90 -83.84 71.57
CA ALA C 104 -44.08 -84.08 70.39
C ALA C 104 -42.64 -84.20 70.85
N THR C 105 -41.73 -84.27 69.88
CA THR C 105 -40.31 -84.39 70.17
C THR C 105 -39.48 -83.22 69.66
N THR C 106 -39.99 -82.43 68.73
CA THR C 106 -39.22 -81.31 68.20
C THR C 106 -40.18 -80.27 67.67
N ARG C 107 -39.63 -79.11 67.31
CA ARG C 107 -40.43 -77.97 66.87
C ARG C 107 -40.95 -78.14 65.45
N ARG C 108 -40.21 -78.86 64.60
CA ARG C 108 -40.72 -79.13 63.27
C ARG C 108 -41.85 -80.15 63.31
N GLN C 109 -41.77 -81.12 64.23
CA GLN C 109 -42.90 -82.00 64.49
C GLN C 109 -44.05 -81.23 65.13
N ALA C 110 -43.73 -80.26 65.98
CA ALA C 110 -44.74 -79.39 66.57
C ALA C 110 -45.49 -78.59 65.51
N ARG C 111 -44.76 -78.02 64.55
CA ARG C 111 -45.39 -77.19 63.54
C ARG C 111 -46.10 -78.02 62.49
N GLN C 112 -45.58 -79.20 62.15
CA GLN C 112 -46.26 -80.07 61.21
C GLN C 112 -47.53 -80.65 61.82
N LEU C 113 -47.53 -80.88 63.13
CA LEU C 113 -48.72 -81.29 63.84
C LEU C 113 -49.75 -80.16 63.85
N VAL C 114 -49.35 -78.97 64.31
CA VAL C 114 -50.30 -77.89 64.52
C VAL C 114 -50.70 -77.22 63.21
N ASN C 115 -50.01 -77.53 62.11
CA ASN C 115 -50.39 -77.00 60.80
C ASN C 115 -51.76 -77.51 60.39
N HIS C 116 -51.96 -78.81 60.48
CA HIS C 116 -53.13 -79.47 59.91
C HIS C 116 -54.25 -79.61 60.92
N GLY C 117 -54.35 -78.69 61.88
CA GLY C 117 -55.47 -78.63 62.81
C GLY C 117 -55.56 -79.78 63.79
N HIS C 118 -54.44 -80.43 64.08
CA HIS C 118 -54.47 -81.64 64.88
C HIS C 118 -54.67 -81.40 66.36
N ILE C 119 -54.57 -80.17 66.85
CA ILE C 119 -54.85 -79.87 68.24
C ILE C 119 -55.81 -78.70 68.32
N THR C 120 -56.46 -78.57 69.47
CA THR C 120 -57.32 -77.44 69.79
C THR C 120 -56.88 -76.88 71.13
N VAL C 121 -57.63 -75.90 71.63
CA VAL C 121 -57.45 -75.37 72.97
C VAL C 121 -58.80 -74.98 73.54
N ASP C 122 -59.09 -75.51 74.74
CA ASP C 122 -60.26 -75.14 75.55
C ASP C 122 -61.58 -75.40 74.81
N GLY C 123 -61.60 -76.41 73.95
CA GLY C 123 -62.79 -76.71 73.17
C GLY C 123 -63.00 -75.82 71.97
N LYS C 124 -61.96 -75.13 71.49
CA LYS C 124 -62.04 -74.29 70.30
C LYS C 124 -60.78 -74.49 69.48
N ARG C 125 -60.95 -74.55 68.16
CA ARG C 125 -59.84 -74.84 67.27
C ARG C 125 -58.96 -73.61 67.09
N VAL C 126 -57.65 -73.82 67.07
CA VAL C 126 -56.68 -72.81 66.67
C VAL C 126 -55.82 -73.36 65.54
N ASP C 127 -55.79 -72.63 64.42
CA ASP C 127 -55.13 -73.06 63.20
C ASP C 127 -53.66 -72.68 63.19
N ILE C 128 -53.34 -71.49 63.69
CA ILE C 128 -52.03 -70.90 63.52
C ILE C 128 -51.04 -71.49 64.52
N PRO C 129 -49.77 -71.66 64.13
CA PRO C 129 -48.77 -72.15 65.09
C PRO C 129 -48.33 -71.13 66.10
N SER C 130 -48.55 -69.84 65.85
CA SER C 130 -47.99 -68.79 66.67
C SER C 130 -49.06 -68.04 67.45
N TYR C 131 -50.03 -68.76 67.98
CA TYR C 131 -51.00 -68.13 68.86
C TYR C 131 -50.34 -67.79 70.20
N HIS C 132 -50.80 -66.69 70.80
CA HIS C 132 -50.30 -66.23 72.09
C HIS C 132 -51.05 -66.94 73.20
N VAL C 133 -50.44 -67.98 73.78
CA VAL C 133 -51.05 -68.75 74.84
C VAL C 133 -50.74 -68.10 76.17
N GLU C 134 -51.78 -67.67 76.88
CA GLU C 134 -51.61 -67.15 78.22
C GLU C 134 -51.67 -68.31 79.21
N VAL C 135 -51.67 -67.98 80.50
CA VAL C 135 -51.71 -68.98 81.56
C VAL C 135 -53.15 -69.17 81.99
N GLY C 136 -53.73 -70.32 81.65
CA GLY C 136 -55.12 -70.57 81.93
C GLY C 136 -55.80 -71.32 80.80
N GLN C 137 -55.33 -71.11 79.57
CA GLN C 137 -55.86 -71.84 78.41
C GLN C 137 -55.41 -73.29 78.53
N VAL C 138 -56.34 -74.15 78.93
CA VAL C 138 -56.06 -75.58 79.03
C VAL C 138 -55.97 -76.14 77.62
N ILE C 139 -54.74 -76.34 77.16
CA ILE C 139 -54.49 -76.76 75.79
C ILE C 139 -55.01 -78.17 75.56
N GLY C 140 -55.57 -78.40 74.38
CA GLY C 140 -56.17 -79.68 74.05
C GLY C 140 -55.48 -80.36 72.88
N VAL C 141 -56.02 -81.52 72.50
CA VAL C 141 -55.39 -82.39 71.51
C VAL C 141 -56.37 -82.85 70.43
N ARG C 142 -57.56 -82.23 70.36
CA ARG C 142 -58.58 -82.47 69.33
C ARG C 142 -59.01 -83.94 69.33
N GLU C 143 -59.81 -84.34 70.30
CA GLU C 143 -60.04 -85.76 70.60
C GLU C 143 -60.94 -86.51 69.61
N LYS C 144 -61.12 -86.00 68.39
CA LYS C 144 -61.78 -86.77 67.35
C LYS C 144 -61.01 -88.04 67.02
N SER C 145 -59.78 -87.90 66.51
CA SER C 145 -59.01 -89.01 65.98
C SER C 145 -57.63 -89.08 66.63
N GLN C 146 -57.59 -89.00 67.95
CA GLN C 146 -56.33 -89.00 68.69
C GLN C 146 -55.72 -90.38 68.86
N ASN C 147 -56.31 -91.42 68.26
CA ASN C 147 -55.71 -92.75 68.21
C ASN C 147 -54.65 -92.89 67.12
N ILE C 148 -54.33 -91.80 66.42
CA ILE C 148 -53.19 -91.80 65.51
C ILE C 148 -51.93 -92.07 66.32
N SER C 149 -51.12 -93.02 65.84
CA SER C 149 -50.09 -93.62 66.67
C SER C 149 -48.94 -92.66 66.96
N THR C 150 -48.66 -91.71 66.05
CA THR C 150 -47.47 -90.87 66.19
C THR C 150 -47.61 -89.85 67.32
N ILE C 151 -48.85 -89.51 67.71
CA ILE C 151 -49.07 -88.69 68.90
C ILE C 151 -48.54 -89.41 70.13
N LYS C 152 -49.01 -90.64 70.37
CA LYS C 152 -48.53 -91.38 71.52
C LYS C 152 -47.14 -91.96 71.30
N GLU C 153 -46.71 -92.15 70.05
CA GLU C 153 -45.31 -92.49 69.76
C GLU C 153 -44.38 -91.40 70.24
N ALA C 154 -44.77 -90.14 70.05
CA ALA C 154 -44.01 -89.05 70.62
C ALA C 154 -44.25 -88.90 72.12
N VAL C 155 -45.42 -89.31 72.62
CA VAL C 155 -45.66 -89.24 74.05
C VAL C 155 -44.89 -90.32 74.79
N GLU C 156 -45.03 -91.58 74.36
CA GLU C 156 -44.41 -92.70 75.07
C GLU C 156 -42.90 -92.73 74.91
N ALA C 157 -42.34 -92.10 73.88
CA ALA C 157 -40.90 -91.85 73.81
C ALA C 157 -40.60 -90.65 74.70
N THR C 158 -40.43 -90.94 75.99
CA THR C 158 -40.32 -89.89 77.01
C THR C 158 -38.87 -89.42 77.12
N VAL C 159 -38.43 -88.73 76.06
CA VAL C 159 -37.03 -88.33 75.98
C VAL C 159 -36.78 -87.02 76.72
N GLY C 160 -37.42 -85.94 76.27
CA GLY C 160 -37.24 -84.64 76.91
C GLY C 160 -38.53 -84.03 77.41
N ARG C 161 -38.68 -83.96 78.73
CA ARG C 161 -39.90 -83.49 79.35
C ARG C 161 -39.58 -82.57 80.53
N PRO C 162 -39.74 -81.26 80.36
CA PRO C 162 -39.45 -80.33 81.45
C PRO C 162 -40.49 -80.43 82.56
N ALA C 163 -40.15 -79.80 83.69
CA ALA C 163 -40.93 -79.95 84.91
C ALA C 163 -41.48 -78.62 85.39
N PHE C 164 -42.06 -77.84 84.49
CA PHE C 164 -42.70 -76.58 84.85
C PHE C 164 -44.14 -76.52 84.36
N VAL C 165 -44.62 -77.58 83.71
CA VAL C 165 -45.99 -77.66 83.23
C VAL C 165 -46.64 -78.88 83.89
N SER C 166 -47.90 -78.73 84.30
CA SER C 166 -48.67 -79.83 84.90
C SER C 166 -49.46 -80.53 83.80
N PHE C 167 -49.23 -81.83 83.63
CA PHE C 167 -49.74 -82.53 82.46
C PHE C 167 -49.86 -84.03 82.72
N ASP C 168 -50.95 -84.62 82.21
CA ASP C 168 -51.20 -86.05 82.30
C ASP C 168 -51.44 -86.62 80.92
N THR C 169 -50.71 -87.68 80.56
CA THR C 169 -50.87 -88.32 79.26
C THR C 169 -52.05 -89.28 79.23
N GLU C 170 -52.73 -89.47 80.37
CA GLU C 170 -53.92 -90.31 80.40
C GLU C 170 -55.05 -89.69 79.60
N LYS C 171 -55.41 -88.46 79.93
CA LYS C 171 -56.43 -87.72 79.19
C LYS C 171 -55.87 -87.04 77.95
N LEU C 172 -54.54 -86.99 77.80
CA LEU C 172 -53.83 -86.08 76.90
C LEU C 172 -54.27 -84.64 77.11
N GLU C 173 -54.45 -84.26 78.38
CA GLU C 173 -54.98 -82.96 78.74
C GLU C 173 -54.11 -82.33 79.81
N GLY C 174 -54.01 -81.00 79.78
CA GLY C 174 -53.26 -80.27 80.78
C GLY C 174 -53.22 -78.81 80.46
N SER C 175 -52.68 -78.02 81.39
CA SER C 175 -52.59 -76.58 81.21
C SER C 175 -51.19 -76.08 81.56
N PHE C 176 -50.81 -74.97 80.93
CA PHE C 176 -49.55 -74.30 81.22
C PHE C 176 -49.63 -73.73 82.63
N THR C 177 -48.75 -74.18 83.51
CA THR C 177 -48.99 -74.08 84.95
C THR C 177 -48.87 -72.66 85.49
N ARG C 178 -47.65 -72.12 85.47
CA ARG C 178 -47.39 -70.79 86.02
C ARG C 178 -46.29 -70.13 85.18
N LEU C 179 -45.74 -69.05 85.71
CA LEU C 179 -44.73 -68.30 84.97
C LEU C 179 -43.40 -69.05 84.94
N PRO C 180 -42.72 -69.11 83.81
CA PRO C 180 -41.34 -69.57 83.78
C PRO C 180 -40.41 -68.45 84.22
N GLU C 181 -39.11 -68.73 84.19
CA GLU C 181 -38.10 -67.72 84.47
C GLU C 181 -36.82 -68.06 83.72
N ARG C 182 -35.77 -67.28 83.98
CA ARG C 182 -34.50 -67.50 83.30
C ARG C 182 -33.78 -68.73 83.84
N ASP C 183 -33.72 -68.88 85.17
CA ASP C 183 -32.95 -69.93 85.81
C ASP C 183 -33.57 -71.32 85.65
N GLU C 184 -34.72 -71.44 84.98
CA GLU C 184 -35.43 -72.69 84.81
C GLU C 184 -35.64 -73.06 83.35
N LEU C 185 -35.97 -72.08 82.51
CA LEU C 185 -36.32 -72.36 81.12
C LEU C 185 -35.13 -72.03 80.24
N TYR C 186 -34.33 -73.05 79.98
CA TYR C 186 -33.21 -73.14 79.06
C TYR C 186 -32.15 -72.04 79.22
N PRO C 187 -31.28 -72.13 80.23
CA PRO C 187 -29.92 -71.64 80.05
C PRO C 187 -29.28 -72.37 78.87
N GLU C 188 -28.35 -71.72 78.15
CA GLU C 188 -27.36 -70.74 78.63
C GLU C 188 -27.26 -69.47 77.80
N ILE C 189 -28.23 -69.28 76.92
CA ILE C 189 -27.97 -68.59 75.65
C ILE C 189 -27.73 -67.09 75.85
N ASP C 190 -28.72 -66.35 76.33
CA ASP C 190 -28.54 -64.90 76.35
C ASP C 190 -29.23 -64.23 77.53
N GLU C 191 -28.63 -63.10 77.92
CA GLU C 191 -29.31 -62.04 78.64
C GLU C 191 -29.12 -60.67 78.01
N ALA C 192 -28.04 -60.44 77.26
CA ALA C 192 -27.71 -59.12 76.77
C ALA C 192 -27.25 -59.07 75.32
N LEU C 193 -26.89 -60.19 74.70
CA LEU C 193 -26.48 -60.17 73.30
C LEU C 193 -27.65 -59.99 72.34
N VAL C 194 -28.88 -59.97 72.85
CA VAL C 194 -30.00 -59.46 72.08
C VAL C 194 -30.15 -57.96 72.27
N VAL C 195 -30.05 -57.49 73.53
CA VAL C 195 -30.37 -56.10 73.85
C VAL C 195 -29.27 -55.15 73.39
N GLU C 196 -28.13 -55.67 72.94
CA GLU C 196 -27.09 -54.83 72.39
C GLU C 196 -27.06 -54.85 70.87
N TYR C 197 -27.44 -55.97 70.26
CA TYR C 197 -27.48 -56.05 68.81
C TYR C 197 -28.57 -55.15 68.25
N TYR C 198 -29.69 -55.02 68.96
CA TYR C 198 -30.89 -54.38 68.43
C TYR C 198 -30.94 -52.90 68.72
N ASN C 199 -29.81 -52.24 68.85
CA ASN C 199 -29.81 -50.78 68.83
C ASN C 199 -29.26 -50.22 67.52
N GLN C 200 -28.18 -50.79 67.00
CA GLN C 200 -27.60 -50.40 65.73
C GLN C 200 -27.34 -51.61 64.85
N LYS C 201 -28.38 -52.43 64.73
CA LYS C 201 -28.61 -53.43 63.68
C LYS C 201 -27.88 -53.30 62.36
N TYR D 1 -3.40 -46.63 93.41
CA TYR D 1 -2.18 -47.10 94.04
C TYR D 1 -1.75 -48.43 93.41
N ILE D 2 -0.83 -49.13 94.08
CA ILE D 2 -0.40 -50.43 93.58
C ILE D 2 -1.49 -51.43 93.93
N ASP D 3 -2.45 -51.58 93.03
CA ASP D 3 -3.32 -52.73 93.10
C ASP D 3 -2.53 -53.95 92.66
N PRO D 4 -2.48 -55.00 93.45
CA PRO D 4 -1.54 -56.09 93.18
C PRO D 4 -1.94 -56.94 91.98
N LYS D 5 -0.98 -57.71 91.50
CA LYS D 5 -1.23 -58.68 90.44
C LYS D 5 -1.68 -60.02 91.03
N HIS D 6 -2.67 -59.98 91.91
CA HIS D 6 -3.12 -61.14 92.65
C HIS D 6 -4.62 -61.22 92.64
N LEU D 7 -5.20 -60.92 91.48
CA LEU D 7 -6.62 -61.01 91.24
C LEU D 7 -6.82 -61.70 89.89
N GLU D 8 -7.98 -62.33 89.71
CA GLU D 8 -8.24 -63.01 88.45
C GLU D 8 -8.71 -61.99 87.42
N LEU D 9 -7.94 -61.86 86.34
CA LEU D 9 -8.10 -60.77 85.38
C LEU D 9 -8.39 -61.32 84.00
N GLU D 10 -8.85 -60.43 83.12
CA GLU D 10 -9.18 -60.80 81.75
C GLU D 10 -8.67 -59.69 80.83
N ASP D 11 -8.31 -60.06 79.60
CA ASP D 11 -7.67 -59.15 78.66
C ASP D 11 -8.57 -58.89 77.46
N ARG D 12 -8.24 -57.82 76.75
CA ARG D 12 -8.69 -57.61 75.38
C ARG D 12 -7.74 -56.62 74.73
N VAL D 13 -7.22 -56.98 73.57
CA VAL D 13 -6.26 -56.16 72.85
C VAL D 13 -7.06 -55.28 71.89
N VAL D 14 -6.91 -53.96 72.02
CA VAL D 14 -7.72 -53.04 71.23
C VAL D 14 -7.17 -52.91 69.83
N ALA D 15 -5.95 -52.40 69.70
CA ALA D 15 -5.42 -52.09 68.37
C ALA D 15 -3.90 -52.12 68.38
N ILE D 16 -3.33 -52.33 67.20
CA ILE D 16 -1.89 -52.32 66.99
C ILE D 16 -1.57 -51.42 65.81
N ASN D 17 -0.40 -50.77 65.88
CA ASN D 17 0.15 -50.03 64.75
C ASN D 17 1.39 -50.75 64.25
N ARG D 18 1.82 -50.38 63.06
CA ARG D 18 3.17 -50.66 62.62
C ARG D 18 3.86 -49.34 62.33
N VAL D 19 4.98 -49.12 63.00
CA VAL D 19 5.54 -47.79 63.19
C VAL D 19 6.97 -47.80 62.72
N THR D 20 7.35 -46.84 61.89
CA THR D 20 8.67 -46.79 61.31
C THR D 20 9.57 -45.76 62.00
N LYS D 21 10.85 -45.83 61.62
CA LYS D 21 11.90 -44.89 61.99
C LYS D 21 13.01 -45.12 60.99
N VAL D 22 13.31 -44.12 60.18
CA VAL D 22 14.21 -44.33 59.06
C VAL D 22 15.65 -44.42 59.55
N VAL D 23 16.33 -45.48 59.14
CA VAL D 23 17.76 -45.62 59.32
C VAL D 23 18.38 -45.42 57.94
N LYS D 24 19.66 -45.02 57.92
CA LYS D 24 20.41 -44.88 56.68
C LYS D 24 20.48 -46.21 55.92
N GLY D 25 19.86 -46.25 54.76
CA GLY D 25 19.65 -47.50 54.07
C GLY D 25 18.20 -47.95 54.15
N GLY D 26 17.93 -48.95 54.98
CA GLY D 26 16.61 -49.54 55.06
C GLY D 26 15.62 -48.75 55.91
N ARG D 27 14.64 -49.47 56.45
CA ARG D 27 13.61 -48.89 57.29
C ARG D 27 13.33 -49.83 58.45
N ARG D 28 13.30 -49.28 59.66
CA ARG D 28 12.86 -50.03 60.83
C ARG D 28 11.35 -50.18 60.80
N LEU D 29 10.87 -51.33 61.29
CA LEU D 29 9.44 -51.50 61.52
C LEU D 29 9.25 -52.19 62.87
N ARG D 30 8.49 -51.56 63.75
CA ARG D 30 8.18 -52.08 65.06
C ARG D 30 6.68 -51.92 65.29
N PHE D 31 6.13 -52.75 66.17
CA PHE D 31 4.71 -52.71 66.45
C PHE D 31 4.49 -52.18 67.86
N ALA D 32 3.36 -51.52 68.07
CA ALA D 32 2.90 -51.20 69.41
C ALA D 32 1.60 -51.93 69.65
N ALA D 33 1.10 -51.85 70.88
CA ALA D 33 -0.17 -52.49 71.20
C ALA D 33 -0.81 -51.75 72.36
N LEU D 34 -2.13 -51.67 72.31
CA LEU D 34 -2.91 -50.94 73.32
C LEU D 34 -3.85 -51.94 73.98
N VAL D 35 -3.50 -52.40 75.17
CA VAL D 35 -4.15 -53.54 75.79
C VAL D 35 -4.75 -53.10 77.12
N VAL D 36 -6.01 -53.47 77.34
CA VAL D 36 -6.66 -53.28 78.63
C VAL D 36 -6.74 -54.62 79.34
N VAL D 37 -6.69 -54.56 80.67
CA VAL D 37 -6.75 -55.74 81.52
C VAL D 37 -7.76 -55.46 82.62
N GLY D 38 -8.69 -56.38 82.84
CA GLY D 38 -9.73 -56.14 83.84
C GLY D 38 -10.18 -57.40 84.54
N ASP D 39 -10.76 -57.19 85.73
CA ASP D 39 -11.23 -58.26 86.59
C ASP D 39 -12.69 -58.62 86.37
N LYS D 40 -13.40 -57.84 85.55
CA LYS D 40 -14.86 -57.74 85.42
C LYS D 40 -15.60 -57.84 86.75
N ASN D 41 -15.07 -57.14 87.75
CA ASN D 41 -15.74 -56.95 89.02
C ASN D 41 -15.65 -55.51 89.51
N GLY D 42 -14.89 -54.65 88.85
CA GLY D 42 -14.70 -53.31 89.33
C GLY D 42 -13.26 -52.87 89.50
N HIS D 43 -12.32 -53.44 88.75
CA HIS D 43 -10.96 -52.94 88.72
C HIS D 43 -10.42 -53.11 87.31
N VAL D 44 -10.12 -51.99 86.65
CA VAL D 44 -9.72 -52.01 85.25
C VAL D 44 -8.52 -51.11 85.07
N GLY D 45 -7.69 -51.45 84.08
CA GLY D 45 -6.52 -50.65 83.76
C GLY D 45 -6.12 -50.85 82.32
N PHE D 46 -5.07 -50.11 81.91
CA PHE D 46 -4.60 -50.17 80.54
C PHE D 46 -3.11 -49.88 80.52
N GLY D 47 -2.50 -50.05 79.35
CA GLY D 47 -1.08 -49.83 79.19
C GLY D 47 -0.68 -50.15 77.77
N THR D 48 0.62 -50.01 77.50
CA THR D 48 1.13 -50.20 76.16
C THR D 48 2.60 -50.59 76.19
N GLY D 49 3.13 -50.90 75.02
CA GLY D 49 4.53 -51.21 74.88
C GLY D 49 4.82 -51.52 73.43
N LYS D 50 6.10 -51.48 73.08
CA LYS D 50 6.52 -51.75 71.72
C LYS D 50 7.56 -52.85 71.68
N ALA D 51 7.59 -53.56 70.56
CA ALA D 51 8.52 -54.66 70.35
C ALA D 51 8.65 -54.88 68.86
N GLN D 52 9.24 -56.01 68.47
CA GLN D 52 9.44 -56.32 67.06
C GLN D 52 8.43 -57.32 66.52
N GLU D 53 7.58 -57.88 67.36
CA GLU D 53 6.55 -58.79 66.87
C GLU D 53 5.33 -58.73 67.80
N VAL D 54 4.27 -59.38 67.33
CA VAL D 54 2.95 -59.25 67.97
C VAL D 54 2.89 -59.89 69.36
N PRO D 55 3.30 -61.18 69.56
CA PRO D 55 3.12 -61.73 70.91
C PRO D 55 4.06 -61.11 71.92
N GLU D 56 5.27 -60.75 71.50
CA GLU D 56 6.21 -60.05 72.39
C GLU D 56 5.67 -58.67 72.76
N ALA D 57 5.06 -57.99 71.79
CA ALA D 57 4.49 -56.68 72.05
C ALA D 57 3.33 -56.76 73.03
N ILE D 58 2.43 -57.73 72.85
CA ILE D 58 1.29 -57.79 73.75
C ILE D 58 1.69 -58.34 75.11
N ARG D 59 2.77 -59.12 75.17
CA ARG D 59 3.32 -59.54 76.45
C ARG D 59 3.84 -58.34 77.22
N LYS D 60 4.58 -57.46 76.53
CA LYS D 60 5.09 -56.27 77.19
C LYS D 60 3.96 -55.32 77.57
N ALA D 61 2.87 -55.32 76.81
CA ALA D 61 1.74 -54.46 77.13
C ALA D 61 1.01 -54.96 78.36
N ILE D 62 0.81 -56.28 78.48
CA ILE D 62 0.17 -56.83 79.67
C ILE D 62 1.09 -56.67 80.88
N GLU D 63 2.41 -56.76 80.66
CA GLU D 63 3.39 -56.44 81.69
C GLU D 63 3.24 -55.00 82.18
N ASP D 64 3.01 -54.06 81.25
CA ASP D 64 2.82 -52.67 81.65
C ASP D 64 1.49 -52.49 82.35
N ALA D 65 0.45 -53.20 81.89
CA ALA D 65 -0.92 -52.81 82.20
C ALA D 65 -1.28 -53.02 83.66
N LYS D 66 -0.75 -54.05 84.29
CA LYS D 66 -1.15 -54.38 85.65
C LYS D 66 -0.49 -53.51 86.70
N LYS D 67 0.30 -52.52 86.31
CA LYS D 67 0.78 -51.54 87.28
C LYS D 67 -0.30 -50.55 87.69
N ASN D 68 -1.36 -50.40 86.90
CA ASN D 68 -2.30 -49.31 87.08
C ASN D 68 -3.72 -49.84 86.98
N LEU D 69 -4.50 -49.65 88.04
CA LEU D 69 -5.88 -50.13 88.09
C LEU D 69 -6.73 -49.10 88.83
N VAL D 70 -8.01 -49.00 88.45
CA VAL D 70 -8.89 -47.93 88.90
C VAL D 70 -10.11 -48.56 89.61
N GLU D 71 -10.69 -47.81 90.57
CA GLU D 71 -11.74 -48.36 91.44
C GLU D 71 -13.09 -48.49 90.76
N VAL D 72 -13.51 -47.51 89.94
CA VAL D 72 -14.81 -47.47 89.24
C VAL D 72 -15.97 -47.64 90.21
N PRO D 73 -16.33 -46.62 91.00
CA PRO D 73 -17.34 -46.82 92.04
C PRO D 73 -18.76 -47.00 91.52
N MET D 74 -19.26 -48.24 91.57
CA MET D 74 -20.52 -48.63 90.98
C MET D 74 -21.67 -48.46 91.96
N VAL D 75 -22.89 -48.46 91.41
CA VAL D 75 -24.10 -48.68 92.20
C VAL D 75 -25.15 -49.40 91.35
N GLY D 76 -25.44 -50.65 91.71
CA GLY D 76 -26.39 -51.44 90.96
C GLY D 76 -25.96 -51.76 89.55
N SER D 77 -24.64 -51.93 89.34
CA SER D 77 -24.01 -52.10 88.02
C SER D 77 -24.34 -50.93 87.08
N THR D 78 -24.36 -49.72 87.64
CA THR D 78 -24.62 -48.49 86.91
C THR D 78 -23.91 -47.38 87.66
N ILE D 79 -23.57 -46.30 86.95
CA ILE D 79 -22.92 -45.10 87.49
C ILE D 79 -23.81 -44.46 88.55
N PRO D 80 -23.27 -43.70 89.50
CA PRO D 80 -24.15 -42.86 90.33
C PRO D 80 -24.80 -41.72 89.58
N HIS D 81 -24.06 -41.01 88.73
CA HIS D 81 -24.66 -39.87 88.02
C HIS D 81 -23.95 -39.70 86.68
N GLU D 82 -24.10 -38.54 86.08
CA GLU D 82 -23.54 -38.25 84.77
C GLU D 82 -22.19 -37.57 84.90
N VAL D 83 -21.19 -38.08 84.16
CA VAL D 83 -19.80 -37.64 84.23
C VAL D 83 -19.26 -37.49 82.81
N ILE D 84 -18.57 -36.39 82.55
CA ILE D 84 -17.92 -36.14 81.26
C ILE D 84 -16.43 -36.01 81.49
N GLY D 85 -15.63 -36.67 80.66
CA GLY D 85 -14.19 -36.62 80.77
C GLY D 85 -13.53 -36.22 79.46
N VAL D 86 -12.48 -35.41 79.58
CA VAL D 86 -11.78 -34.85 78.42
C VAL D 86 -10.28 -35.00 78.65
N PHE D 87 -9.58 -35.58 77.66
CA PHE D 87 -8.12 -35.62 77.67
C PHE D 87 -7.62 -35.40 76.25
N GLY D 88 -7.37 -34.14 75.91
CA GLY D 88 -6.79 -33.76 74.64
C GLY D 88 -7.60 -34.13 73.40
N GLY D 89 -8.76 -33.53 73.25
CA GLY D 89 -9.64 -33.83 72.13
C GLY D 89 -10.58 -34.99 72.35
N GLY D 90 -10.34 -35.81 73.36
CA GLY D 90 -11.23 -36.91 73.67
C GLY D 90 -12.39 -36.52 74.57
N ARG D 91 -13.42 -35.91 74.03
CA ARG D 91 -14.64 -35.69 74.80
C ARG D 91 -15.44 -36.97 74.87
N ILE D 92 -15.79 -37.40 76.07
CA ILE D 92 -16.56 -38.62 76.26
C ILE D 92 -17.70 -38.34 77.21
N LEU D 93 -18.91 -38.61 76.76
CA LEU D 93 -20.13 -38.49 77.56
C LEU D 93 -20.49 -39.85 78.15
N MET D 94 -20.83 -39.87 79.43
CA MET D 94 -21.20 -41.10 80.11
C MET D 94 -22.35 -40.81 81.06
N LYS D 95 -23.33 -41.71 81.08
CA LYS D 95 -24.61 -41.39 81.61
C LYS D 95 -25.32 -42.66 82.08
N PRO D 96 -25.95 -42.65 83.25
CA PRO D 96 -26.55 -43.88 83.80
C PRO D 96 -27.77 -44.30 83.01
N ALA D 97 -27.86 -45.59 82.71
CA ALA D 97 -28.94 -46.11 81.89
C ALA D 97 -29.97 -46.85 82.72
N VAL D 98 -30.99 -47.34 82.04
CA VAL D 98 -32.08 -48.06 82.68
C VAL D 98 -31.66 -49.51 82.88
N GLU D 99 -32.01 -50.07 84.03
CA GLU D 99 -31.48 -51.35 84.48
C GLU D 99 -31.99 -52.49 83.61
N GLY D 100 -31.08 -53.13 82.89
CA GLY D 100 -31.40 -54.19 81.97
C GLY D 100 -31.34 -53.82 80.50
N SER D 101 -30.77 -52.69 80.15
CA SER D 101 -30.76 -52.24 78.77
C SER D 101 -29.43 -52.46 78.05
N GLY D 102 -28.32 -52.57 78.77
CA GLY D 102 -27.04 -52.84 78.16
C GLY D 102 -26.15 -51.62 78.10
N VAL D 103 -25.03 -51.79 77.39
CA VAL D 103 -24.09 -50.70 77.14
C VAL D 103 -24.30 -50.19 75.71
N ALA D 104 -24.52 -48.88 75.60
CA ALA D 104 -24.67 -48.23 74.30
C ALA D 104 -23.48 -47.31 74.10
N ALA D 105 -22.38 -47.91 73.63
CA ALA D 105 -21.12 -47.22 73.52
C ALA D 105 -20.31 -47.86 72.40
N GLY D 106 -19.28 -47.15 71.97
CA GLY D 106 -18.64 -47.43 70.69
C GLY D 106 -17.67 -48.60 70.64
N GLY D 107 -16.54 -48.39 69.99
CA GLY D 107 -15.54 -49.43 69.87
C GLY D 107 -14.65 -49.61 71.08
N PRO D 108 -13.80 -48.63 71.38
CA PRO D 108 -12.84 -48.81 72.48
C PRO D 108 -13.45 -48.63 73.84
N VAL D 109 -14.44 -47.73 73.95
CA VAL D 109 -15.02 -47.43 75.25
C VAL D 109 -15.89 -48.58 75.73
N ARG D 110 -16.43 -49.39 74.81
CA ARG D 110 -17.05 -50.63 75.21
C ARG D 110 -16.01 -51.62 75.74
N ALA D 111 -14.83 -51.66 75.12
CA ALA D 111 -13.79 -52.59 75.55
C ALA D 111 -13.24 -52.21 76.93
N VAL D 112 -13.43 -50.99 77.36
CA VAL D 112 -13.18 -50.65 78.76
C VAL D 112 -14.35 -51.07 79.62
N LEU D 113 -15.54 -50.53 79.32
CA LEU D 113 -16.62 -50.58 80.30
C LEU D 113 -17.24 -51.96 80.45
N GLU D 114 -17.26 -52.76 79.38
CA GLU D 114 -17.66 -54.15 79.52
C GLU D 114 -16.66 -54.91 80.36
N LEU D 115 -15.38 -54.60 80.20
CA LEU D 115 -14.35 -55.32 80.92
C LEU D 115 -14.26 -54.85 82.36
N ALA D 116 -14.78 -53.66 82.65
CA ALA D 116 -14.80 -53.17 84.03
C ALA D 116 -16.05 -53.57 84.77
N GLY D 117 -16.93 -54.37 84.17
CA GLY D 117 -18.11 -54.84 84.87
C GLY D 117 -19.19 -53.79 85.01
N VAL D 118 -19.64 -53.25 83.89
CA VAL D 118 -20.74 -52.31 83.83
C VAL D 118 -21.85 -52.94 83.02
N ALA D 119 -23.03 -53.06 83.62
CA ALA D 119 -24.12 -53.70 82.90
C ALA D 119 -24.87 -52.71 82.02
N ASP D 120 -25.13 -51.51 82.53
CA ASP D 120 -26.11 -50.62 81.92
C ASP D 120 -25.58 -49.19 81.96
N ILE D 121 -25.38 -48.61 80.77
CA ILE D 121 -24.71 -47.32 80.64
C ILE D 121 -25.00 -46.82 79.24
N THR D 122 -24.96 -45.49 79.06
CA THR D 122 -25.01 -44.91 77.73
C THR D 122 -23.79 -44.03 77.52
N SER D 123 -23.37 -43.93 76.26
CA SER D 123 -22.25 -43.08 75.90
C SER D 123 -22.36 -42.63 74.46
N LYS D 124 -21.43 -41.74 74.09
CA LYS D 124 -21.40 -41.15 72.75
C LYS D 124 -20.02 -40.58 72.52
N SER D 125 -19.31 -41.10 71.53
CA SER D 125 -17.99 -40.55 71.18
C SER D 125 -18.15 -39.17 70.58
N LEU D 126 -17.18 -38.31 70.84
CA LEU D 126 -17.33 -36.90 70.47
C LEU D 126 -15.94 -36.28 70.40
N GLY D 127 -15.54 -35.83 69.21
CA GLY D 127 -14.23 -35.24 69.07
C GLY D 127 -13.21 -36.18 68.48
N SER D 128 -12.17 -36.49 69.22
CA SER D 128 -11.09 -37.31 68.70
C SER D 128 -11.49 -38.77 68.65
N ASN D 129 -10.90 -39.49 67.69
CA ASN D 129 -11.24 -40.90 67.50
C ASN D 129 -10.00 -41.77 67.32
N THR D 130 -8.83 -41.27 67.66
CA THR D 130 -7.71 -42.21 67.73
C THR D 130 -7.86 -43.04 69.00
N PRO D 131 -7.51 -44.33 68.95
CA PRO D 131 -7.85 -45.21 70.08
C PRO D 131 -7.07 -44.96 71.34
N ILE D 132 -6.00 -44.18 71.31
CA ILE D 132 -5.23 -43.91 72.52
C ILE D 132 -6.00 -42.96 73.42
N ASN D 133 -6.32 -41.79 72.88
CA ASN D 133 -6.91 -40.72 73.69
C ASN D 133 -8.33 -41.07 74.13
N VAL D 134 -9.00 -41.97 73.39
CA VAL D 134 -10.29 -42.48 73.81
C VAL D 134 -10.16 -43.24 75.12
N VAL D 135 -9.21 -44.17 75.19
CA VAL D 135 -9.00 -44.96 76.40
C VAL D 135 -8.54 -44.08 77.55
N ARG D 136 -7.65 -43.12 77.27
CA ARG D 136 -7.13 -42.29 78.34
C ARG D 136 -8.19 -41.36 78.89
N ALA D 137 -9.03 -40.81 78.01
CA ALA D 137 -10.10 -39.94 78.49
C ALA D 137 -11.20 -40.74 79.17
N THR D 138 -11.39 -42.00 78.75
CA THR D 138 -12.32 -42.89 79.42
C THR D 138 -11.91 -43.10 80.87
N VAL D 139 -10.66 -43.51 81.08
CA VAL D 139 -10.16 -43.79 82.42
C VAL D 139 -10.10 -42.51 83.23
N GLU D 140 -9.88 -41.37 82.57
CA GLU D 140 -9.94 -40.10 83.26
C GLU D 140 -11.37 -39.77 83.70
N GLY D 141 -12.36 -40.13 82.90
CA GLY D 141 -13.74 -39.86 83.28
C GLY D 141 -14.22 -40.76 84.39
N LEU D 142 -13.84 -42.04 84.34
CA LEU D 142 -14.20 -42.99 85.39
C LEU D 142 -13.54 -42.62 86.72
N LYS D 143 -12.40 -41.94 86.67
CA LYS D 143 -11.75 -41.43 87.86
C LYS D 143 -12.58 -40.35 88.56
N GLN D 144 -13.45 -39.69 87.81
CA GLN D 144 -14.10 -38.45 88.23
C GLN D 144 -15.44 -38.69 88.92
N LEU D 145 -15.56 -39.79 89.65
CA LEU D 145 -16.86 -40.32 90.04
C LEU D 145 -16.95 -40.51 91.55
N LYS D 146 -18.11 -40.17 92.13
CA LYS D 146 -18.33 -40.18 93.56
C LYS D 146 -19.28 -41.30 93.99
N ARG D 147 -19.65 -41.29 95.27
CA ARG D 147 -20.54 -42.29 95.84
C ARG D 147 -21.23 -41.63 97.04
N ALA D 148 -22.43 -42.14 97.39
CA ALA D 148 -23.29 -41.47 98.36
C ALA D 148 -22.68 -41.42 99.75
N GLU D 149 -22.15 -42.56 100.22
CA GLU D 149 -21.50 -42.60 101.53
C GLU D 149 -20.26 -41.73 101.54
N GLU D 150 -19.57 -41.64 100.40
CA GLU D 150 -18.42 -40.78 100.29
C GLU D 150 -18.80 -39.32 100.45
N VAL D 151 -19.85 -38.89 99.75
CA VAL D 151 -20.21 -37.47 99.73
C VAL D 151 -20.81 -37.04 101.06
N ALA D 152 -21.73 -37.85 101.60
CA ALA D 152 -22.28 -37.58 102.92
C ALA D 152 -21.21 -37.67 104.00
N ALA D 153 -20.17 -38.48 103.78
CA ALA D 153 -19.04 -38.48 104.68
C ALA D 153 -18.21 -37.21 104.54
N LEU D 154 -18.13 -36.64 103.35
CA LEU D 154 -17.34 -35.43 103.17
C LEU D 154 -18.03 -34.22 103.76
N ARG D 155 -19.34 -34.13 103.59
CA ARG D 155 -20.04 -33.05 104.24
C ARG D 155 -20.34 -33.44 105.69
N GLY D 156 -20.71 -32.44 106.47
CA GLY D 156 -20.97 -32.68 107.88
C GLY D 156 -22.29 -33.38 108.17
N LYS D 157 -23.08 -33.64 107.15
CA LYS D 157 -24.39 -34.27 107.29
C LYS D 157 -24.25 -35.77 107.12
N SER D 158 -25.38 -36.46 106.96
CA SER D 158 -25.41 -37.89 106.73
C SER D 158 -26.20 -38.19 105.47
N VAL D 159 -26.13 -39.45 105.05
CA VAL D 159 -26.82 -39.93 103.85
C VAL D 159 -28.27 -40.19 104.25
N GLU D 160 -29.13 -40.47 103.25
CA GLU D 160 -30.54 -40.86 103.33
C GLU D 160 -31.45 -39.71 103.71
N GLU D 161 -30.89 -38.56 104.03
CA GLU D 161 -31.58 -37.29 103.83
C GLU D 161 -31.21 -36.67 102.49
N ILE D 162 -30.11 -37.13 101.91
CA ILE D 162 -29.76 -36.89 100.51
C ILE D 162 -29.37 -38.24 99.93
N ILE D 163 -30.08 -38.67 98.89
CA ILE D 163 -29.83 -39.99 98.32
C ILE D 163 -29.30 -39.87 96.89
N GLN E 1 0.46 36.62 84.99
CA GLN E 1 1.78 36.96 85.50
C GLN E 1 2.66 37.45 84.38
N ASP E 2 3.97 37.28 84.53
CA ASP E 2 4.96 37.61 83.51
C ASP E 2 5.89 36.42 83.32
N THR E 3 6.93 36.61 82.51
CA THR E 3 7.96 35.61 82.29
C THR E 3 9.34 36.27 82.35
N LYS E 4 10.27 35.65 83.05
CA LYS E 4 11.60 36.20 83.25
C LYS E 4 12.52 35.82 82.10
N TYR E 5 13.40 36.73 81.71
CA TYR E 5 14.19 36.62 80.49
C TYR E 5 15.65 36.97 80.73
N GLU E 6 16.56 36.16 80.21
CA GLU E 6 17.90 36.60 79.88
C GLU E 6 17.88 37.02 78.43
N ILE E 7 18.47 38.17 78.13
CA ILE E 7 18.69 38.59 76.75
C ILE E 7 20.17 38.97 76.67
N MET E 8 21.00 38.07 76.17
CA MET E 8 22.44 38.25 76.14
C MET E 8 22.89 38.37 74.70
N TYR E 9 23.52 39.49 74.37
CA TYR E 9 24.00 39.72 73.01
C TYR E 9 25.48 40.02 72.99
N ILE E 10 26.05 39.86 71.80
CA ILE E 10 27.49 39.95 71.58
C ILE E 10 27.76 41.25 70.83
N ILE E 11 28.66 42.06 71.36
CA ILE E 11 28.97 43.35 70.76
C ILE E 11 30.38 43.27 70.16
N ARG E 12 30.60 44.03 69.07
CA ARG E 12 31.91 44.08 68.42
C ARG E 12 33.00 44.58 69.37
N PRO E 13 34.25 44.19 69.15
CA PRO E 13 35.35 44.78 69.93
C PRO E 13 35.77 46.17 69.47
N ASN E 14 35.75 46.42 68.16
CA ASN E 14 36.38 47.62 67.61
C ASN E 14 35.49 48.85 67.66
N ILE E 15 34.36 48.82 68.36
CA ILE E 15 33.56 50.03 68.50
C ILE E 15 34.12 50.86 69.64
N ASP E 16 33.67 52.10 69.75
CA ASP E 16 34.07 52.99 70.84
C ASP E 16 33.07 52.88 71.98
N GLU E 17 33.53 53.26 73.17
CA GLU E 17 32.76 52.96 74.37
C GLU E 17 31.53 53.86 74.52
N GLU E 18 31.57 55.05 73.90
CA GLU E 18 30.38 55.89 73.89
C GLU E 18 29.27 55.26 73.06
N ALA E 19 29.65 54.62 71.95
CA ALA E 19 28.69 53.86 71.15
C ALA E 19 28.10 52.70 71.94
N LYS E 20 28.88 52.12 72.87
CA LYS E 20 28.35 51.06 73.73
C LYS E 20 27.21 51.58 74.60
N THR E 21 27.40 52.74 75.22
CA THR E 21 26.35 53.30 76.07
C THR E 21 25.14 53.73 75.26
N ALA E 22 25.37 54.28 74.05
CA ALA E 22 24.26 54.66 73.19
C ALA E 22 23.47 53.45 72.73
N LEU E 23 24.16 52.35 72.44
CA LEU E 23 23.50 51.12 72.01
C LEU E 23 22.66 50.53 73.13
N VAL E 24 23.25 50.48 74.34
CA VAL E 24 22.55 49.95 75.51
C VAL E 24 21.30 50.77 75.81
N GLU E 25 21.42 52.10 75.75
CA GLU E 25 20.24 52.93 76.01
C GLU E 25 19.20 52.82 74.91
N ARG E 26 19.62 52.62 73.66
CA ARG E 26 18.66 52.46 72.57
C ARG E 26 17.83 51.20 72.74
N PHE E 27 18.48 50.07 73.06
CA PHE E 27 17.71 48.86 73.23
C PHE E 27 16.93 48.84 74.54
N ASP E 28 17.40 49.55 75.55
CA ASP E 28 16.58 49.69 76.74
C ASP E 28 15.35 50.55 76.48
N THR E 29 15.46 51.56 75.60
CA THR E 29 14.28 52.33 75.23
C THR E 29 13.30 51.49 74.39
N ILE E 30 13.81 50.65 73.48
CA ILE E 30 12.85 49.89 72.70
C ILE E 30 12.25 48.76 73.53
N LEU E 31 12.88 48.37 74.63
CA LEU E 31 12.16 47.54 75.60
C LEU E 31 11.10 48.35 76.33
N LYS E 32 11.47 49.49 76.91
CA LYS E 32 10.58 50.20 77.82
C LYS E 32 9.37 50.81 77.14
N ASP E 33 9.36 50.90 75.81
CA ASP E 33 8.20 51.46 75.13
C ASP E 33 7.05 50.48 75.11
N ASN E 34 7.34 49.20 74.89
CA ASN E 34 6.34 48.22 74.50
C ASN E 34 5.77 47.46 75.67
N GLY E 35 5.77 48.03 76.86
CA GLY E 35 5.25 47.35 78.03
C GLY E 35 6.17 46.25 78.51
N ALA E 36 7.33 46.63 79.01
CA ALA E 36 8.32 45.67 79.50
C ALA E 36 8.96 46.23 80.76
N GLU E 37 8.63 45.63 81.90
CA GLU E 37 9.25 46.03 83.17
C GLU E 37 10.69 45.57 83.16
N VAL E 38 11.62 46.50 82.90
CA VAL E 38 13.02 46.16 83.09
C VAL E 38 13.29 46.07 84.59
N ILE E 39 14.22 45.20 84.97
CA ILE E 39 14.58 44.98 86.36
C ILE E 39 16.06 45.19 86.60
N GLU E 40 16.90 44.61 85.74
CA GLU E 40 18.30 44.49 86.07
C GLU E 40 19.10 44.30 84.79
N SER E 41 20.30 44.86 84.76
CA SER E 41 21.16 44.75 83.60
C SER E 41 22.61 44.89 84.04
N LYS E 42 23.46 43.96 83.60
CA LYS E 42 24.88 44.01 83.87
C LYS E 42 25.65 43.75 82.59
N ASP E 43 26.94 44.08 82.61
CA ASP E 43 27.84 43.67 81.55
C ASP E 43 28.60 42.44 82.03
N TRP E 44 28.69 41.43 81.18
CA TRP E 44 29.16 40.13 81.63
C TRP E 44 30.68 40.02 81.67
N GLU E 45 31.33 40.11 80.52
CA GLU E 45 32.77 40.01 80.42
C GLU E 45 33.27 40.78 79.20
N LYS E 46 34.56 40.60 78.92
CA LYS E 46 35.23 40.95 77.67
C LYS E 46 35.91 39.65 77.25
N ARG E 47 35.22 38.85 76.46
CA ARG E 47 35.59 37.46 76.25
C ARG E 47 35.91 37.23 74.77
N ARG E 48 36.77 36.27 74.49
CA ARG E 48 36.97 35.84 73.12
C ARG E 48 35.98 34.74 72.79
N LEU E 49 36.06 34.23 71.56
CA LEU E 49 35.08 33.31 71.01
C LEU E 49 35.73 31.96 70.77
N ALA E 50 34.99 30.87 71.04
CA ALA E 50 35.53 29.53 70.88
C ALA E 50 35.67 29.12 69.41
N TYR E 51 35.20 29.93 68.47
CA TYR E 51 35.34 29.78 67.03
C TYR E 51 34.94 31.10 66.39
N GLU E 52 35.49 31.37 65.21
CA GLU E 52 35.25 32.65 64.57
C GLU E 52 33.85 32.70 63.97
N MET E 53 33.25 33.88 64.01
CA MET E 53 31.81 34.02 63.80
C MET E 53 31.49 34.72 62.49
N ASN E 54 31.94 35.96 62.31
CA ASN E 54 31.74 36.67 61.06
C ASN E 54 33.09 36.97 60.41
N GLY E 55 33.95 37.68 61.12
CA GLY E 55 35.36 37.74 60.85
C GLY E 55 36.06 37.92 62.18
N PHE E 56 35.29 37.83 63.25
CA PHE E 56 35.70 38.25 64.58
C PHE E 56 35.95 37.06 65.48
N ARG E 57 36.86 37.25 66.44
CA ARG E 57 37.16 36.23 67.43
C ARG E 57 37.12 36.77 68.86
N GLU E 58 36.57 37.96 69.07
CA GLU E 58 36.33 38.50 70.39
C GLU E 58 34.92 39.08 70.44
N GLY E 59 34.52 39.55 71.61
CA GLY E 59 33.20 40.13 71.76
C GLY E 59 33.00 40.64 73.16
N ILE E 60 32.07 41.58 73.28
CA ILE E 60 31.73 42.20 74.55
C ILE E 60 30.37 41.69 74.95
N TYR E 61 30.27 41.14 76.15
CA TYR E 61 29.06 40.46 76.58
C TYR E 61 28.28 41.31 77.57
N HIS E 62 27.03 41.58 77.23
CA HIS E 62 26.10 42.28 78.12
C HIS E 62 24.90 41.38 78.34
N ILE E 63 24.19 41.61 79.43
CA ILE E 63 22.98 40.87 79.77
C ILE E 63 21.94 41.84 80.31
N VAL E 64 20.73 41.78 79.77
CA VAL E 64 19.60 42.54 80.29
C VAL E 64 18.50 41.58 80.69
N ASN E 65 17.73 41.96 81.70
CA ASN E 65 16.77 41.07 82.33
C ASN E 65 15.45 41.80 82.46
N VAL E 66 14.37 41.15 82.02
CA VAL E 66 13.11 41.86 81.84
C VAL E 66 11.98 40.85 82.02
N THR E 67 10.84 41.34 82.52
CA THR E 67 9.61 40.58 82.58
C THR E 67 8.52 41.37 81.86
N SER E 68 7.55 40.64 81.31
CA SER E 68 6.50 41.24 80.50
C SER E 68 5.36 40.24 80.39
N PRO E 69 4.13 40.70 80.16
CA PRO E 69 3.07 39.76 79.82
C PRO E 69 3.27 39.19 78.44
N SER E 70 2.85 37.93 78.28
CA SER E 70 3.12 37.19 77.06
C SER E 70 2.35 37.73 75.86
N THR E 71 1.22 38.38 76.09
CA THR E 71 0.47 38.99 75.00
C THR E 71 1.17 40.22 74.45
N ALA E 72 2.00 40.88 75.24
CA ALA E 72 2.64 42.11 74.77
C ALA E 72 3.76 41.78 73.79
N GLY E 73 3.94 42.69 72.83
CA GLY E 73 4.97 42.51 71.82
C GLY E 73 6.27 43.18 72.19
N ALA E 74 6.67 43.07 73.46
CA ALA E 74 7.87 43.71 73.95
C ALA E 74 9.15 42.99 73.56
N ILE E 75 9.03 41.87 72.86
CA ILE E 75 10.16 41.04 72.51
C ILE E 75 10.42 41.07 71.01
N ASN E 76 9.35 41.12 70.22
CA ASN E 76 9.48 41.08 68.77
C ASN E 76 10.08 42.37 68.24
N GLU E 77 9.89 43.48 68.96
CA GLU E 77 10.55 44.71 68.59
C GLU E 77 12.04 44.67 68.92
N PHE E 78 12.46 43.76 69.81
CA PHE E 78 13.88 43.50 69.97
C PHE E 78 14.38 42.58 68.87
N ASP E 79 13.58 41.57 68.52
CA ASP E 79 14.02 40.54 67.58
C ASP E 79 14.17 41.12 66.18
N ARG E 80 13.30 42.05 65.82
CA ARG E 80 13.40 42.67 64.51
C ARG E 80 14.62 43.57 64.41
N LEU E 81 14.99 44.24 65.49
CA LEU E 81 16.01 45.26 65.41
C LEU E 81 17.41 44.77 65.73
N ALA E 82 17.53 43.69 66.50
CA ALA E 82 18.87 43.23 66.87
C ALA E 82 19.60 42.62 65.69
N LYS E 83 18.93 41.75 64.94
CA LYS E 83 19.57 41.00 63.89
C LYS E 83 19.69 41.75 62.58
N ILE E 84 19.35 43.03 62.56
CA ILE E 84 19.57 43.86 61.39
C ILE E 84 20.64 44.92 61.65
N ASN E 85 21.40 44.78 62.73
CA ASN E 85 22.43 45.74 63.07
C ASN E 85 23.75 45.41 62.39
N ASP E 86 24.80 46.07 62.86
CA ASP E 86 26.18 45.83 62.48
C ASP E 86 27.04 45.38 63.62
N ASP E 87 26.69 45.73 64.85
CA ASP E 87 27.52 45.51 66.00
C ASP E 87 27.04 44.37 66.90
N ILE E 88 25.76 44.04 66.85
CA ILE E 88 25.24 42.91 67.60
C ILE E 88 25.35 41.68 66.71
N ILE E 89 26.21 40.74 67.11
CA ILE E 89 26.41 39.53 66.33
C ILE E 89 25.25 38.56 66.54
N ARG E 90 25.06 38.08 67.76
CA ARG E 90 23.96 37.19 68.06
C ARG E 90 23.32 37.63 69.35
N HIS E 91 22.17 37.03 69.66
CA HIS E 91 21.40 37.37 70.86
C HIS E 91 20.44 36.23 71.16
N MET E 92 20.31 35.86 72.42
CA MET E 92 19.50 34.70 72.78
C MET E 92 18.57 35.06 73.92
N ILE E 93 17.33 34.58 73.82
CA ILE E 93 16.26 34.92 74.76
C ILE E 93 15.72 33.64 75.35
N VAL E 94 15.85 33.47 76.66
CA VAL E 94 15.48 32.24 77.36
C VAL E 94 14.44 32.60 78.42
N LYS E 95 13.55 31.66 78.75
CA LYS E 95 12.75 31.77 79.96
C LYS E 95 13.61 31.41 81.17
N VAL E 96 13.52 32.21 82.23
CA VAL E 96 14.38 32.09 83.39
C VAL E 96 13.57 31.62 84.57
N GLU E 97 13.72 30.35 84.93
CA GLU E 97 13.21 29.83 86.20
C GLU E 97 14.24 28.88 86.81
N PRO F 1 54.50 -31.60 64.76
CA PRO F 1 53.61 -31.41 63.62
C PRO F 1 52.36 -30.64 64.01
N ARG F 2 51.37 -31.36 64.53
CA ARG F 2 50.14 -30.75 64.99
C ARG F 2 49.89 -30.95 66.48
N LYS F 3 50.27 -32.09 67.05
CA LYS F 3 50.02 -32.31 68.47
C LYS F 3 50.94 -31.46 69.35
N GLY F 4 52.19 -31.29 68.95
CA GLY F 4 53.09 -30.45 69.70
C GLY F 4 54.53 -30.54 69.23
N PRO F 5 55.48 -30.49 70.18
CA PRO F 5 56.89 -30.63 69.81
C PRO F 5 57.32 -32.07 69.59
N VAL F 6 58.61 -32.31 69.39
CA VAL F 6 59.08 -33.61 68.94
C VAL F 6 60.46 -33.85 69.53
N ALA F 7 61.06 -35.02 69.26
CA ALA F 7 62.40 -35.37 69.73
C ALA F 7 63.46 -34.66 68.89
N LYS F 8 64.75 -34.97 69.12
CA LYS F 8 65.81 -34.18 68.50
C LYS F 8 66.87 -34.95 67.71
N ARG F 9 66.85 -36.29 67.74
CA ARG F 9 67.78 -37.16 66.98
C ARG F 9 69.24 -36.88 67.33
N ASP F 10 69.59 -37.27 68.56
CA ASP F 10 70.92 -37.04 69.11
C ASP F 10 72.02 -37.70 68.27
N VAL F 11 73.19 -37.06 68.25
CA VAL F 11 74.29 -37.43 67.39
C VAL F 11 75.51 -37.75 68.27
N LEU F 12 76.53 -38.33 67.64
CA LEU F 12 77.75 -38.71 68.33
C LEU F 12 78.97 -38.07 67.67
N PRO F 13 79.98 -37.66 68.44
CA PRO F 13 81.10 -36.92 67.85
C PRO F 13 82.07 -37.79 67.05
N ASP F 14 83.16 -37.17 66.56
CA ASP F 14 84.02 -37.76 65.54
C ASP F 14 84.86 -38.92 66.08
N PRO F 15 85.45 -39.73 65.18
CA PRO F 15 86.49 -40.67 65.63
C PRO F 15 87.79 -40.00 66.02
N ILE F 16 88.03 -38.76 65.62
CA ILE F 16 89.31 -38.12 65.90
C ILE F 16 89.11 -36.82 66.67
N TYR F 17 88.43 -35.86 66.06
CA TYR F 17 88.37 -34.52 66.65
C TYR F 17 87.36 -34.41 67.77
N ASN F 18 86.39 -35.34 67.85
CA ASN F 18 85.37 -35.40 68.89
C ASN F 18 84.54 -34.11 68.96
N SER F 19 83.82 -33.84 67.87
CA SER F 19 83.05 -32.61 67.74
C SER F 19 81.75 -32.93 67.01
N LYS F 20 80.62 -32.57 67.63
CA LYS F 20 79.33 -32.78 66.98
C LYS F 20 79.12 -31.80 65.84
N LEU F 21 79.75 -30.63 65.91
CA LEU F 21 79.62 -29.64 64.84
C LEU F 21 80.30 -30.13 63.58
N VAL F 22 81.47 -30.75 63.73
CA VAL F 22 82.14 -31.35 62.59
C VAL F 22 81.41 -32.62 62.16
N THR F 23 80.76 -33.30 63.10
CA THR F 23 79.91 -34.42 62.75
C THR F 23 78.74 -33.96 61.89
N ARG F 24 78.17 -32.81 62.24
CA ARG F 24 77.11 -32.23 61.43
C ARG F 24 77.64 -31.76 60.08
N LEU F 25 78.91 -31.33 60.05
CA LEU F 25 79.53 -30.99 58.78
C LEU F 25 79.74 -32.22 57.91
N ILE F 26 79.99 -33.37 58.54
CA ILE F 26 80.09 -34.62 57.79
C ILE F 26 78.73 -34.99 57.22
N ASN F 27 77.72 -35.05 58.07
CA ASN F 27 76.40 -35.50 57.63
C ASN F 27 75.66 -34.47 56.78
N ARG F 28 76.19 -33.26 56.61
CA ARG F 28 75.62 -32.40 55.58
C ARG F 28 76.22 -32.68 54.22
N VAL F 29 77.53 -32.93 54.16
CA VAL F 29 78.19 -33.07 52.87
C VAL F 29 77.91 -34.43 52.23
N MET F 30 77.55 -35.44 53.03
CA MET F 30 77.42 -36.82 52.54
C MET F 30 76.28 -36.96 51.52
N VAL F 31 76.65 -37.26 50.29
CA VAL F 31 75.72 -37.44 49.18
C VAL F 31 75.39 -38.91 49.07
N ASP F 32 74.10 -39.24 49.04
CA ASP F 32 73.54 -40.55 48.72
C ASP F 32 73.95 -41.64 49.72
N GLY F 33 74.35 -41.26 50.93
CA GLY F 33 74.77 -42.26 51.90
C GLY F 33 76.12 -42.88 51.62
N LYS F 34 77.10 -42.06 51.26
CA LYS F 34 78.49 -42.51 51.11
C LYS F 34 79.33 -41.70 52.10
N ARG F 35 79.59 -42.27 53.27
CA ARG F 35 80.27 -41.54 54.33
C ARG F 35 81.78 -41.64 54.24
N GLY F 36 82.31 -42.58 53.45
CA GLY F 36 83.75 -42.70 53.32
C GLY F 36 84.38 -41.51 52.61
N ILE F 37 83.76 -41.06 51.52
CA ILE F 37 84.31 -39.97 50.73
C ILE F 37 84.24 -38.65 51.49
N ALA F 38 83.12 -38.42 52.18
CA ALA F 38 82.97 -37.18 52.94
C ALA F 38 83.95 -37.12 54.11
N ALA F 39 84.18 -38.26 54.77
CA ALA F 39 85.16 -38.31 55.85
C ALA F 39 86.58 -38.08 55.33
N ASN F 40 86.91 -38.69 54.18
CA ASN F 40 88.22 -38.51 53.59
C ASN F 40 88.47 -37.05 53.24
N ILE F 41 87.49 -36.39 52.62
CA ILE F 41 87.72 -35.01 52.19
C ILE F 41 87.69 -34.06 53.37
N ILE F 42 86.96 -34.39 54.45
CA ILE F 42 86.95 -33.47 55.58
C ILE F 42 88.22 -33.58 56.40
N TYR F 43 88.74 -34.79 56.62
CA TYR F 43 90.01 -34.92 57.33
C TYR F 43 91.18 -34.39 56.51
N ASN F 44 91.16 -34.62 55.19
CA ASN F 44 92.22 -34.05 54.36
C ASN F 44 92.10 -32.53 54.24
N SER F 45 90.88 -31.99 54.32
CA SER F 45 90.73 -30.55 54.33
C SER F 45 91.27 -29.95 55.63
N PHE F 46 91.07 -30.64 56.76
CA PHE F 46 91.70 -30.18 57.99
C PHE F 46 93.21 -30.31 57.95
N ASP F 47 93.73 -31.29 57.20
CA ASP F 47 95.16 -31.40 57.01
C ASP F 47 95.72 -30.23 56.20
N ILE F 48 94.97 -29.81 55.18
CA ILE F 48 95.38 -28.64 54.40
C ILE F 48 95.31 -27.37 55.24
N ILE F 49 94.31 -27.29 56.13
CA ILE F 49 94.24 -26.19 57.09
C ILE F 49 95.46 -26.17 57.99
N LYS F 50 95.87 -27.35 58.47
CA LYS F 50 96.98 -27.42 59.43
C LYS F 50 98.32 -27.10 58.78
N GLU F 51 98.45 -27.32 57.47
CA GLU F 51 99.70 -27.02 56.78
C GLU F 51 99.92 -25.52 56.69
N SER F 52 99.04 -24.82 55.99
CA SER F 52 99.24 -23.40 55.68
C SER F 52 98.37 -22.57 56.61
N THR F 53 99.02 -21.88 57.56
CA THR F 53 98.43 -20.86 58.43
C THR F 53 97.26 -21.39 59.25
N GLY F 54 97.49 -22.52 59.92
CA GLY F 54 96.45 -23.10 60.75
C GLY F 54 97.01 -24.01 61.81
N ASN F 55 96.57 -23.82 63.05
CA ASN F 55 97.11 -24.55 64.17
C ASN F 55 96.06 -25.44 64.83
N ASP F 56 94.96 -24.85 65.29
CA ASP F 56 93.82 -25.60 65.82
C ASP F 56 92.68 -25.48 64.82
N PRO F 57 92.50 -26.46 63.94
CA PRO F 57 91.51 -26.29 62.86
C PRO F 57 90.07 -26.37 63.33
N LEU F 58 89.82 -27.02 64.47
CA LEU F 58 88.52 -26.95 65.11
C LEU F 58 88.21 -25.52 65.52
N GLU F 59 89.24 -24.78 65.94
CA GLU F 59 89.02 -23.42 66.40
C GLU F 59 88.90 -22.44 65.23
N VAL F 60 89.56 -22.70 64.10
CA VAL F 60 89.31 -21.84 62.94
C VAL F 60 87.95 -22.18 62.35
N PHE F 61 87.48 -23.42 62.50
CA PHE F 61 86.10 -23.78 62.21
C PHE F 61 85.14 -22.99 63.10
N GLU F 62 85.49 -22.83 64.37
CA GLU F 62 84.61 -22.12 65.28
C GLU F 62 84.59 -20.62 65.00
N GLN F 63 85.72 -20.05 64.55
CA GLN F 63 85.72 -18.64 64.14
C GLN F 63 84.87 -18.42 62.90
N ALA F 64 85.04 -19.30 61.91
CA ALA F 64 84.21 -19.27 60.71
C ALA F 64 82.73 -19.40 61.04
N MET F 65 82.39 -20.32 61.94
CA MET F 65 81.00 -20.48 62.35
C MET F 65 80.58 -19.54 63.46
N LYS F 66 81.45 -18.60 63.86
CA LYS F 66 80.97 -17.39 64.47
C LYS F 66 80.48 -16.42 63.41
N ASN F 67 81.30 -16.16 62.40
CA ASN F 67 81.07 -14.99 61.56
C ASN F 67 80.25 -15.27 60.31
N VAL F 68 79.71 -16.47 60.14
CA VAL F 68 78.75 -16.76 59.08
C VAL F 68 77.41 -16.96 59.75
N MET F 69 77.45 -17.35 61.00
CA MET F 69 76.25 -17.78 61.71
C MET F 69 75.43 -16.56 62.14
N PRO F 70 74.12 -16.53 61.87
CA PRO F 70 73.34 -15.29 62.03
C PRO F 70 73.04 -14.90 63.46
N VAL F 71 72.18 -13.89 63.62
CA VAL F 71 71.43 -13.71 64.86
C VAL F 71 69.94 -13.48 64.61
N LEU F 72 69.52 -13.05 63.42
CA LEU F 72 68.12 -12.83 63.11
C LEU F 72 67.82 -13.40 61.73
N GLU F 73 66.57 -13.28 61.33
CA GLU F 73 66.06 -13.95 60.13
C GLU F 73 64.77 -13.27 59.73
N VAL F 74 64.38 -13.44 58.47
CA VAL F 74 63.09 -13.00 57.99
C VAL F 74 62.20 -14.22 57.84
N LYS F 75 60.89 -13.98 57.74
CA LYS F 75 59.95 -15.08 57.52
C LYS F 75 58.73 -14.53 56.80
N ALA F 76 58.46 -15.08 55.63
CA ALA F 76 57.42 -14.57 54.73
C ALA F 76 56.06 -15.10 55.18
N ARG F 77 55.33 -14.31 55.95
CA ARG F 77 54.07 -14.73 56.54
C ARG F 77 52.89 -14.05 55.84
N ARG F 78 51.69 -14.42 56.30
CA ARG F 78 50.44 -13.87 55.82
C ARG F 78 49.44 -13.90 56.97
N VAL F 79 48.57 -12.89 57.00
CA VAL F 79 47.66 -12.72 58.14
C VAL F 79 46.21 -12.75 57.68
N GLY F 80 45.85 -11.88 56.75
CA GLY F 80 44.45 -11.75 56.37
C GLY F 80 44.16 -11.56 54.91
N GLY F 81 45.09 -11.96 54.04
CA GLY F 81 44.85 -11.85 52.61
C GLY F 81 45.97 -11.23 51.80
N SER F 82 47.15 -11.10 52.39
CA SER F 82 48.29 -10.60 51.63
C SER F 82 49.56 -11.19 52.21
N ASN F 83 50.59 -11.27 51.37
CA ASN F 83 51.84 -11.92 51.70
C ASN F 83 52.82 -10.89 52.22
N TYR F 84 53.21 -11.02 53.49
CA TYR F 84 54.05 -10.08 54.21
C TYR F 84 55.31 -10.79 54.69
N GLN F 85 56.10 -10.11 55.52
CA GLN F 85 57.30 -10.69 56.09
C GLN F 85 57.60 -10.02 57.42
N VAL F 86 58.49 -10.63 58.20
CA VAL F 86 58.74 -10.16 59.56
C VAL F 86 60.17 -10.51 60.00
N PRO F 87 60.89 -9.57 60.64
CA PRO F 87 62.15 -9.91 61.28
C PRO F 87 61.88 -10.86 62.45
N VAL F 88 62.53 -12.01 62.44
CA VAL F 88 62.20 -13.07 63.37
C VAL F 88 63.46 -13.51 64.10
N GLU F 89 63.26 -14.05 65.31
CA GLU F 89 64.33 -14.67 66.09
C GLU F 89 64.80 -15.96 65.44
N VAL F 90 65.79 -16.58 66.06
CA VAL F 90 66.25 -17.89 65.62
C VAL F 90 66.77 -18.66 66.83
N ARG F 91 66.41 -19.95 66.90
CA ARG F 91 66.96 -20.86 67.87
C ARG F 91 68.46 -21.05 67.61
N PRO F 92 69.23 -21.42 68.64
CA PRO F 92 70.66 -21.70 68.39
C PRO F 92 70.92 -22.89 67.50
N GLU F 93 69.97 -23.82 67.41
CA GLU F 93 70.13 -24.97 66.54
C GLU F 93 70.01 -24.58 65.07
N ARG F 94 68.92 -23.91 64.72
CA ARG F 94 68.72 -23.42 63.37
C ARG F 94 69.74 -22.35 62.99
N ARG F 95 70.32 -21.66 63.97
CA ARG F 95 71.37 -20.69 63.69
C ARG F 95 72.61 -21.37 63.12
N THR F 96 73.09 -22.42 63.79
CA THR F 96 74.18 -23.23 63.26
C THR F 96 73.79 -23.92 61.97
N THR F 97 72.53 -24.34 61.86
CA THR F 97 72.08 -25.04 60.66
C THR F 97 72.12 -24.13 59.44
N LEU F 98 71.64 -22.90 59.58
CA LEU F 98 71.67 -21.96 58.47
C LEU F 98 73.08 -21.50 58.17
N GLY F 99 73.95 -21.43 59.19
CA GLY F 99 75.35 -21.13 58.92
C GLY F 99 76.00 -22.21 58.07
N LEU F 100 75.82 -23.48 58.46
CA LEU F 100 76.34 -24.58 57.68
C LEU F 100 75.70 -24.64 56.30
N ARG F 101 74.43 -24.28 56.21
CA ARG F 101 73.71 -24.29 54.94
C ARG F 101 74.31 -23.28 53.98
N TRP F 102 74.55 -22.07 54.46
CA TRP F 102 75.13 -21.02 53.61
C TRP F 102 76.57 -21.34 53.23
N VAL F 103 77.34 -21.93 54.16
CA VAL F 103 78.73 -22.29 53.87
C VAL F 103 78.77 -23.34 52.78
N VAL F 104 78.02 -24.44 52.95
CA VAL F 104 78.03 -25.52 51.98
C VAL F 104 77.37 -25.07 50.66
N ASN F 105 76.52 -24.04 50.70
CA ASN F 105 76.09 -23.36 49.48
C ASN F 105 77.27 -22.75 48.74
N TYR F 106 78.03 -21.88 49.42
CA TYR F 106 79.16 -21.30 48.70
C TYR F 106 80.37 -22.23 48.66
N ALA F 107 80.35 -23.36 49.37
CA ALA F 107 81.40 -24.36 49.20
C ALA F 107 81.24 -25.22 47.95
N ARG F 108 80.37 -24.81 47.03
CA ARG F 108 80.04 -25.62 45.87
C ARG F 108 80.71 -25.11 44.60
N LEU F 109 80.87 -23.80 44.46
CA LEU F 109 81.20 -23.19 43.18
C LEU F 109 82.30 -22.14 43.33
N ARG F 110 83.36 -22.47 44.07
CA ARG F 110 84.48 -21.54 44.19
C ARG F 110 85.21 -21.40 42.87
N GLY F 111 85.53 -22.52 42.23
CA GLY F 111 86.21 -22.48 40.96
C GLY F 111 87.46 -23.33 40.95
N GLU F 112 87.82 -23.86 42.11
CA GLU F 112 88.95 -24.74 42.25
C GLU F 112 88.54 -26.18 41.97
N HIS F 113 89.40 -26.92 41.29
CA HIS F 113 89.14 -28.33 41.06
C HIS F 113 89.53 -29.19 42.25
N THR F 114 90.05 -28.59 43.31
CA THR F 114 90.24 -29.30 44.55
C THR F 114 88.90 -29.37 45.26
N MET F 115 88.52 -30.57 45.69
CA MET F 115 87.26 -30.77 46.38
C MET F 115 87.30 -30.33 47.83
N GLU F 116 88.42 -29.80 48.31
CA GLU F 116 88.53 -29.47 49.73
C GLU F 116 89.27 -28.17 50.04
N GLU F 117 90.10 -27.63 49.16
CA GLU F 117 90.62 -26.30 49.42
C GLU F 117 89.57 -25.24 49.20
N ARG F 118 88.53 -25.54 48.44
CA ARG F 118 87.33 -24.73 48.49
C ARG F 118 86.74 -24.74 49.90
N LEU F 119 86.70 -25.91 50.54
CA LEU F 119 86.23 -26.00 51.92
C LEU F 119 87.20 -25.35 52.89
N ALA F 120 88.49 -25.64 52.71
CA ALA F 120 89.51 -25.16 53.63
C ALA F 120 89.61 -23.65 53.59
N LYS F 121 89.82 -23.08 52.40
CA LYS F 121 89.84 -21.64 52.25
C LYS F 121 88.48 -21.01 52.48
N GLU F 122 87.40 -21.78 52.41
CA GLU F 122 86.10 -21.26 52.77
C GLU F 122 86.03 -20.95 54.26
N ILE F 123 86.38 -21.91 55.11
CA ILE F 123 86.30 -21.60 56.54
C ILE F 123 87.50 -20.76 57.00
N MET F 124 88.61 -20.76 56.26
CA MET F 124 89.69 -19.82 56.56
C MET F 124 89.26 -18.39 56.31
N ASP F 125 88.73 -18.11 55.11
CA ASP F 125 88.33 -16.77 54.75
C ASP F 125 87.05 -16.35 55.46
N ALA F 126 86.25 -17.31 55.94
CA ALA F 126 85.15 -16.97 56.81
C ALA F 126 85.64 -16.65 58.22
N ALA F 127 86.72 -17.30 58.66
CA ALA F 127 87.37 -16.85 59.87
C ALA F 127 88.11 -15.54 59.64
N ASN F 128 88.56 -15.30 58.40
CA ASN F 128 89.01 -13.98 58.00
C ASN F 128 87.86 -13.08 57.57
N ASN F 129 86.63 -13.57 57.68
CA ASN F 129 85.39 -12.83 57.49
C ASN F 129 85.20 -12.34 56.07
N THR F 130 85.89 -12.97 55.12
CA THR F 130 85.82 -12.62 53.72
C THR F 130 85.16 -13.77 52.95
N GLY F 131 84.97 -13.54 51.65
CA GLY F 131 84.10 -14.38 50.86
C GLY F 131 82.66 -13.91 50.97
N ALA F 132 81.80 -14.54 50.17
CA ALA F 132 80.43 -14.07 50.06
C ALA F 132 79.55 -14.50 51.23
N SER F 133 79.96 -15.52 51.99
CA SER F 133 79.07 -16.10 52.99
C SER F 133 78.95 -15.23 54.24
N VAL F 134 80.06 -14.63 54.69
CA VAL F 134 79.98 -13.64 55.76
C VAL F 134 79.21 -12.42 55.28
N LYS F 135 79.42 -12.04 54.03
CA LYS F 135 78.63 -10.96 53.44
C LYS F 135 77.20 -11.38 53.21
N LYS F 136 76.94 -12.68 53.04
CA LYS F 136 75.57 -13.17 53.00
C LYS F 136 74.89 -12.98 54.35
N ARG F 137 75.60 -13.27 55.44
CA ARG F 137 75.08 -12.99 56.78
C ARG F 137 74.84 -11.51 56.98
N GLU F 138 75.75 -10.68 56.46
CA GLU F 138 75.58 -9.24 56.62
C GLU F 138 74.42 -8.71 55.79
N ASP F 139 74.15 -9.33 54.64
CA ASP F 139 72.98 -8.95 53.87
C ASP F 139 71.70 -9.44 54.52
N THR F 140 71.77 -10.57 55.23
CA THR F 140 70.64 -11.05 56.01
C THR F 140 70.32 -10.09 57.15
N HIS F 141 71.36 -9.61 57.83
CA HIS F 141 71.16 -8.54 58.82
C HIS F 141 70.71 -7.25 58.16
N LYS F 142 71.10 -7.01 56.92
CA LYS F 142 70.69 -5.82 56.20
C LYS F 142 69.22 -5.85 55.85
N MET F 143 68.76 -6.98 55.30
CA MET F 143 67.35 -7.10 54.97
C MET F 143 66.49 -7.29 56.21
N ALA F 144 67.08 -7.71 57.32
CA ALA F 144 66.41 -7.59 58.60
C ALA F 144 66.40 -6.12 59.02
N ASP F 145 65.36 -5.76 59.78
CA ASP F 145 65.12 -4.45 60.40
C ASP F 145 64.85 -3.32 59.40
N ALA F 146 64.98 -3.57 58.10
CA ALA F 146 64.37 -2.70 57.11
C ALA F 146 62.90 -3.04 56.96
N ASN F 147 62.57 -4.31 57.18
CA ASN F 147 61.20 -4.79 57.29
C ASN F 147 60.70 -4.77 58.72
N ARG F 148 61.41 -4.09 59.63
CA ARG F 148 60.90 -3.88 60.99
C ARG F 148 59.65 -3.01 60.98
N ALA F 149 59.56 -2.10 60.01
CA ALA F 149 58.48 -1.12 59.96
C ALA F 149 57.12 -1.78 59.78
N PHE F 150 56.91 -2.49 58.67
CA PHE F 150 55.61 -3.07 58.39
C PHE F 150 55.39 -4.43 59.05
N ALA F 151 56.18 -4.73 60.08
CA ALA F 151 56.02 -5.97 60.82
C ALA F 151 56.08 -5.81 62.33
N HIS F 152 56.24 -4.59 62.86
CA HIS F 152 56.26 -4.45 64.31
C HIS F 152 54.86 -4.43 64.89
N TYR F 153 53.86 -4.12 64.09
CA TYR F 153 52.46 -4.10 64.53
C TYR F 153 51.74 -5.42 64.24
N ARG F 154 52.47 -6.46 63.87
CA ARG F 154 51.89 -7.79 63.73
C ARG F 154 52.76 -8.80 64.46
N VAL G 1 -16.80 -2.19 83.89
CA VAL G 1 -17.81 -2.05 84.93
C VAL G 1 -18.46 -3.39 85.21
N MET G 2 -18.50 -3.77 86.49
CA MET G 2 -19.23 -4.97 86.90
C MET G 2 -20.72 -4.74 86.68
N THR G 3 -21.33 -5.60 85.88
CA THR G 3 -22.76 -5.53 85.69
C THR G 3 -23.48 -6.72 86.31
N ASP G 4 -22.76 -7.61 86.98
CA ASP G 4 -23.36 -8.70 87.71
C ASP G 4 -22.43 -9.17 88.83
N PRO G 5 -22.68 -8.74 90.07
CA PRO G 5 -21.75 -9.09 91.16
C PRO G 5 -21.91 -10.50 91.72
N ILE G 6 -23.02 -11.19 91.43
CA ILE G 6 -23.20 -12.54 91.94
C ILE G 6 -22.18 -13.49 91.32
N ALA G 7 -21.97 -13.38 90.01
CA ALA G 7 -20.97 -14.20 89.33
C ALA G 7 -19.56 -13.87 89.81
N ASP G 8 -19.29 -12.61 90.17
CA ASP G 8 -17.99 -12.29 90.75
C ASP G 8 -17.80 -12.93 92.12
N PHE G 9 -18.88 -12.99 92.91
CA PHE G 9 -18.81 -13.69 94.19
C PHE G 9 -18.53 -15.18 94.00
N LEU G 10 -19.23 -15.80 93.05
CA LEU G 10 -19.04 -17.22 92.78
C LEU G 10 -17.65 -17.51 92.22
N THR G 11 -17.12 -16.62 91.38
CA THR G 11 -15.77 -16.83 90.88
C THR G 11 -14.70 -16.51 91.90
N ARG G 12 -14.97 -15.63 92.88
CA ARG G 12 -14.01 -15.49 93.96
C ARG G 12 -14.00 -16.73 94.84
N ILE G 13 -15.15 -17.39 94.99
CA ILE G 13 -15.20 -18.69 95.67
C ILE G 13 -14.34 -19.71 94.94
N ARG G 14 -14.51 -19.83 93.63
CA ARG G 14 -13.71 -20.82 92.90
C ARG G 14 -12.25 -20.44 92.82
N ASN G 15 -11.92 -19.14 92.77
CA ASN G 15 -10.53 -18.74 92.71
C ASN G 15 -9.83 -18.97 94.05
N ALA G 16 -10.53 -18.77 95.15
CA ALA G 16 -9.91 -19.08 96.44
C ALA G 16 -9.88 -20.58 96.69
N ASN G 17 -10.84 -21.32 96.12
CA ASN G 17 -10.89 -22.76 96.37
C ASN G 17 -9.90 -23.53 95.52
N MET G 18 -9.65 -23.07 94.30
CA MET G 18 -8.83 -23.81 93.35
C MET G 18 -7.37 -23.84 93.78
N VAL G 19 -6.95 -22.87 94.58
CA VAL G 19 -5.65 -22.88 95.22
C VAL G 19 -5.76 -23.23 96.70
N LYS G 20 -6.98 -23.46 97.20
CA LYS G 20 -7.26 -24.13 98.47
C LYS G 20 -6.77 -23.34 99.69
N HIS G 21 -7.32 -22.15 99.89
CA HIS G 21 -7.20 -21.50 101.18
C HIS G 21 -8.53 -20.88 101.55
N GLU G 22 -8.81 -20.81 102.85
CA GLU G 22 -10.17 -20.64 103.37
C GLU G 22 -10.45 -19.25 103.91
N THR G 23 -9.83 -18.22 103.36
CA THR G 23 -10.14 -16.85 103.74
C THR G 23 -10.62 -16.11 102.49
N LEU G 24 -11.71 -15.35 102.63
CA LEU G 24 -12.34 -14.73 101.48
C LEU G 24 -13.22 -13.58 101.94
N GLU G 25 -13.09 -12.41 101.31
CA GLU G 25 -13.85 -11.22 101.67
C GLU G 25 -14.40 -10.58 100.40
N VAL G 26 -15.73 -10.50 100.32
CA VAL G 26 -16.41 -9.89 99.18
C VAL G 26 -17.38 -8.86 99.72
N PRO G 27 -17.53 -7.69 99.09
CA PRO G 27 -18.66 -6.81 99.43
C PRO G 27 -19.98 -7.47 99.11
N ALA G 28 -20.94 -7.29 100.01
CA ALA G 28 -22.14 -8.13 99.98
C ALA G 28 -23.40 -7.29 100.11
N SER G 29 -24.50 -7.90 99.66
CA SER G 29 -25.84 -7.34 99.72
C SER G 29 -26.78 -8.32 100.39
N LYS G 30 -28.08 -8.07 100.26
CA LYS G 30 -29.07 -8.97 100.84
C LYS G 30 -29.02 -10.36 100.22
N ILE G 31 -28.85 -10.44 98.91
CA ILE G 31 -28.96 -11.75 98.26
C ILE G 31 -27.66 -12.54 98.36
N LYS G 32 -26.51 -11.86 98.43
CA LYS G 32 -25.27 -12.56 98.76
C LYS G 32 -25.33 -13.13 100.17
N ARG G 33 -26.00 -12.41 101.07
CA ARG G 33 -26.25 -12.95 102.40
C ARG G 33 -27.14 -14.18 102.34
N ASP G 34 -28.10 -14.19 101.41
CA ASP G 34 -29.00 -15.34 101.28
C ASP G 34 -28.26 -16.57 100.79
N ILE G 35 -27.41 -16.41 99.77
CA ILE G 35 -26.68 -17.58 99.29
C ILE G 35 -25.57 -17.97 100.25
N ALA G 36 -25.08 -17.04 101.07
CA ALA G 36 -24.15 -17.41 102.13
C ALA G 36 -24.81 -18.30 103.16
N GLU G 37 -26.05 -17.97 103.54
CA GLU G 37 -26.75 -18.82 104.49
C GLU G 37 -27.15 -20.15 103.88
N ILE G 38 -27.47 -20.18 102.59
CA ILE G 38 -27.75 -21.46 101.92
C ILE G 38 -26.52 -22.34 101.90
N LEU G 39 -25.36 -21.78 101.53
CA LEU G 39 -24.13 -22.58 101.54
C LEU G 39 -23.65 -22.95 102.94
N LYS G 40 -24.08 -22.23 103.97
CA LYS G 40 -23.76 -22.70 105.32
C LYS G 40 -24.73 -23.78 105.77
N ARG G 41 -25.94 -23.81 105.21
CA ARG G 41 -26.90 -24.86 105.55
C ARG G 41 -26.40 -26.23 105.12
N GLU G 42 -26.06 -26.38 103.84
CA GLU G 42 -25.89 -27.70 103.27
C GLU G 42 -24.48 -28.22 103.40
N GLY G 43 -23.70 -27.72 104.35
CA GLY G 43 -22.39 -28.26 104.63
C GLY G 43 -21.34 -27.94 103.57
N PHE G 44 -21.08 -26.67 103.36
CA PHE G 44 -20.02 -26.28 102.43
C PHE G 44 -19.11 -25.18 102.94
N ILE G 45 -19.54 -24.37 103.90
CA ILE G 45 -18.76 -23.26 104.42
C ILE G 45 -18.62 -23.49 105.92
N ARG G 46 -17.40 -23.34 106.44
CA ARG G 46 -17.23 -23.59 107.86
C ARG G 46 -17.81 -22.46 108.71
N ASP G 47 -17.65 -21.21 108.26
CA ASP G 47 -18.21 -20.11 109.03
C ASP G 47 -18.43 -18.90 108.13
N VAL G 48 -19.49 -18.15 108.44
CA VAL G 48 -19.69 -16.83 107.85
C VAL G 48 -19.88 -15.83 108.98
N GLU G 49 -19.46 -14.60 108.72
CA GLU G 49 -19.50 -13.54 109.72
C GLU G 49 -19.45 -12.20 108.99
N TYR G 50 -19.95 -11.16 109.66
CA TYR G 50 -20.29 -9.92 108.98
C TYR G 50 -19.61 -8.73 109.65
N ILE G 51 -18.99 -7.88 108.85
CA ILE G 51 -18.25 -6.69 109.32
C ILE G 51 -18.69 -5.51 108.47
N GLU G 52 -19.29 -4.50 109.11
CA GLU G 52 -19.82 -3.33 108.42
C GLU G 52 -19.26 -2.06 109.05
N ASP G 53 -18.79 -1.13 108.21
CA ASP G 53 -18.37 0.17 108.73
C ASP G 53 -19.20 1.33 108.20
N ASP G 54 -19.16 1.64 106.89
CA ASP G 54 -20.10 2.62 106.33
C ASP G 54 -20.47 2.32 104.88
N LYS G 55 -20.25 1.11 104.40
CA LYS G 55 -20.22 0.83 102.98
C LYS G 55 -20.82 -0.54 102.74
N GLN G 56 -20.51 -1.10 101.57
CA GLN G 56 -20.92 -2.45 101.24
C GLN G 56 -20.33 -3.47 102.20
N GLY G 57 -21.17 -4.41 102.61
CA GLY G 57 -20.84 -5.64 103.32
C GLY G 57 -20.07 -5.40 104.61
N VAL G 58 -19.09 -6.26 104.88
CA VAL G 58 -18.71 -7.36 104.00
C VAL G 58 -18.95 -8.69 104.68
N ILE G 59 -19.15 -9.74 103.89
CA ILE G 59 -19.35 -11.09 104.42
C ILE G 59 -18.10 -11.90 104.15
N ARG G 60 -17.52 -12.44 105.22
CA ARG G 60 -16.26 -13.16 105.17
C ARG G 60 -16.52 -14.66 105.09
N VAL G 61 -15.91 -15.31 104.10
CA VAL G 61 -16.19 -16.71 103.79
C VAL G 61 -15.06 -17.56 104.32
N PHE G 62 -15.40 -18.60 105.07
CA PHE G 62 -14.43 -19.55 105.62
C PHE G 62 -14.70 -20.93 105.04
N LEU G 63 -13.85 -21.35 104.10
CA LEU G 63 -14.13 -22.53 103.29
C LEU G 63 -14.01 -23.81 104.11
N LYS G 64 -14.48 -24.91 103.55
CA LYS G 64 -14.55 -26.19 104.26
C LYS G 64 -13.70 -27.23 103.55
N TYR G 65 -12.94 -28.00 104.32
CA TYR G 65 -12.02 -28.98 103.77
C TYR G 65 -12.07 -30.25 104.58
N GLY G 66 -11.48 -31.32 104.03
CA GLY G 66 -11.61 -32.65 104.57
C GLY G 66 -10.38 -33.10 105.34
N LYS G 67 -10.31 -34.42 105.55
CA LYS G 67 -9.23 -34.99 106.37
C LYS G 67 -7.91 -34.98 105.63
N ASN G 68 -7.90 -35.50 104.41
CA ASN G 68 -6.68 -35.62 103.61
C ASN G 68 -6.55 -34.47 102.62
N GLU G 69 -6.93 -33.27 103.05
CA GLU G 69 -6.72 -31.98 102.41
C GLU G 69 -7.53 -31.79 101.14
N GLU G 70 -8.47 -32.69 100.83
CA GLU G 70 -9.22 -32.57 99.59
C GLU G 70 -10.34 -31.55 99.76
N ARG G 71 -11.10 -31.36 98.68
CA ARG G 71 -12.12 -30.33 98.63
C ARG G 71 -13.51 -30.95 98.59
N VAL G 72 -14.40 -30.40 99.41
CA VAL G 72 -15.77 -30.87 99.42
C VAL G 72 -16.63 -30.22 98.34
N ILE G 73 -16.27 -29.01 97.90
CA ILE G 73 -16.95 -28.38 96.78
C ILE G 73 -15.98 -28.47 95.61
N THR G 74 -16.52 -28.68 94.42
CA THR G 74 -15.64 -28.91 93.29
C THR G 74 -15.87 -28.01 92.08
N ASN G 75 -17.06 -27.41 91.92
CA ASN G 75 -17.29 -26.36 90.93
C ASN G 75 -18.47 -25.52 91.37
N LEU G 76 -18.71 -24.46 90.60
CA LEU G 76 -19.73 -23.47 90.91
C LEU G 76 -20.00 -22.60 89.67
N LYS G 77 -21.23 -22.57 89.17
CA LYS G 77 -21.54 -21.69 88.03
C LYS G 77 -23.00 -21.31 88.03
N ARG G 78 -23.29 -20.15 87.44
CA ARG G 78 -24.64 -19.59 87.40
C ARG G 78 -25.46 -20.17 86.24
N ILE G 79 -26.74 -19.81 86.23
CA ILE G 79 -27.67 -20.23 85.18
C ILE G 79 -28.32 -19.04 84.49
N SER G 80 -29.07 -18.24 85.25
CA SER G 80 -29.77 -17.09 84.68
C SER G 80 -28.86 -15.88 84.81
N LYS G 81 -27.89 -15.81 83.92
CA LYS G 81 -27.03 -14.66 83.82
C LYS G 81 -27.83 -13.47 83.28
N PRO G 82 -27.41 -12.25 83.59
CA PRO G 82 -28.01 -11.08 82.94
C PRO G 82 -27.77 -11.13 81.45
N GLY G 83 -28.79 -10.73 80.69
CA GLY G 83 -28.75 -10.95 79.26
C GLY G 83 -29.70 -12.06 78.85
N LEU G 84 -29.74 -13.13 79.65
CA LEU G 84 -30.72 -14.21 79.45
C LEU G 84 -31.17 -14.69 80.82
N ARG G 85 -32.25 -14.12 81.31
CA ARG G 85 -32.86 -14.65 82.51
C ARG G 85 -33.59 -15.94 82.12
N ALA G 86 -33.57 -16.93 83.01
CA ALA G 86 -34.12 -18.24 82.71
C ALA G 86 -34.95 -18.75 83.87
N TYR G 87 -36.20 -19.12 83.60
CA TYR G 87 -37.19 -19.40 84.63
C TYR G 87 -37.63 -20.85 84.61
N VAL G 88 -37.94 -21.39 85.78
CA VAL G 88 -38.17 -22.82 85.96
C VAL G 88 -39.47 -23.03 86.74
N LYS G 89 -40.37 -23.86 86.17
CA LYS G 89 -41.64 -24.20 86.79
C LYS G 89 -41.50 -25.38 87.74
N ALA G 90 -42.60 -25.73 88.41
CA ALA G 90 -42.57 -26.69 89.49
C ALA G 90 -42.38 -28.13 89.01
N ASP G 91 -42.70 -28.44 87.75
CA ASP G 91 -42.31 -29.71 87.16
C ASP G 91 -41.21 -29.53 86.14
N GLU G 92 -40.38 -28.51 86.37
CA GLU G 92 -39.17 -28.27 85.60
C GLU G 92 -37.93 -28.25 86.49
N VAL G 93 -38.09 -28.52 87.78
CA VAL G 93 -37.04 -28.25 88.77
C VAL G 93 -35.88 -29.21 88.55
N PRO G 94 -34.67 -28.71 88.37
CA PRO G 94 -33.54 -29.58 88.07
C PRO G 94 -33.04 -30.31 89.31
N LYS G 95 -32.21 -31.31 89.04
CA LYS G 95 -31.75 -32.26 90.05
C LYS G 95 -30.31 -32.62 89.65
N VAL G 96 -29.35 -31.88 90.18
CA VAL G 96 -27.99 -31.88 89.64
C VAL G 96 -27.19 -33.01 90.28
N LEU G 97 -26.45 -33.74 89.43
CA LEU G 97 -25.71 -34.95 89.80
C LEU G 97 -26.60 -36.00 90.45
N ASN G 98 -27.83 -36.14 89.93
CA ASN G 98 -28.91 -36.91 90.54
C ASN G 98 -29.12 -36.51 91.99
N GLY G 99 -29.22 -35.20 92.22
CA GLY G 99 -29.47 -34.70 93.55
C GLY G 99 -28.31 -34.78 94.49
N LEU G 100 -27.10 -35.02 93.98
CA LEU G 100 -25.93 -35.09 94.85
C LEU G 100 -25.30 -33.72 95.05
N GLY G 101 -25.52 -32.80 94.12
CA GLY G 101 -25.38 -31.38 94.37
C GLY G 101 -26.73 -30.75 94.68
N ILE G 102 -26.75 -29.42 94.66
CA ILE G 102 -27.99 -28.68 94.84
C ILE G 102 -28.08 -27.60 93.79
N ALA G 103 -29.27 -27.00 93.70
CA ALA G 103 -29.51 -25.87 92.82
C ALA G 103 -30.39 -24.86 93.54
N ILE G 104 -30.25 -23.60 93.14
CA ILE G 104 -30.87 -22.47 93.82
C ILE G 104 -32.03 -21.98 92.97
N ILE G 105 -33.18 -21.77 93.61
CA ILE G 105 -34.37 -21.24 92.95
C ILE G 105 -34.87 -20.07 93.79
N SER G 106 -35.08 -18.92 93.15
CA SER G 106 -35.68 -17.79 93.83
C SER G 106 -37.20 -17.83 93.61
N THR G 107 -37.93 -18.32 94.60
CA THR G 107 -39.38 -18.37 94.51
C THR G 107 -39.98 -17.09 95.05
N SER G 108 -41.30 -17.05 95.16
CA SER G 108 -42.03 -15.87 95.57
C SER G 108 -41.94 -15.59 97.06
N GLU G 109 -41.14 -16.35 97.79
CA GLU G 109 -41.02 -16.16 99.23
C GLU G 109 -39.59 -16.28 99.75
N GLY G 110 -38.60 -16.43 98.89
CA GLY G 110 -37.22 -16.35 99.31
C GLY G 110 -36.33 -17.24 98.48
N VAL G 111 -35.06 -17.28 98.89
CA VAL G 111 -34.08 -18.17 98.29
C VAL G 111 -34.15 -19.52 99.01
N ILE G 112 -34.46 -20.57 98.26
CA ILE G 112 -34.62 -21.90 98.81
C ILE G 112 -33.78 -22.87 97.98
N THR G 113 -33.58 -24.06 98.53
CA THR G 113 -33.00 -25.13 97.75
C THR G 113 -34.04 -25.72 96.81
N ASP G 114 -33.58 -26.58 95.90
CA ASP G 114 -34.51 -27.19 94.96
C ASP G 114 -35.17 -28.44 95.49
N LYS G 115 -34.81 -28.91 96.68
CA LYS G 115 -35.67 -29.88 97.33
C LYS G 115 -36.84 -29.18 97.98
N GLU G 116 -36.63 -27.92 98.39
CA GLU G 116 -37.70 -27.13 99.00
C GLU G 116 -38.77 -26.79 97.99
N ALA G 117 -38.38 -26.62 96.72
CA ALA G 117 -39.35 -26.28 95.69
C ALA G 117 -40.25 -27.45 95.36
N ARG G 118 -39.69 -28.64 95.23
CA ARG G 118 -40.52 -29.81 95.07
C ARG G 118 -41.16 -30.24 96.38
N ALA G 119 -40.77 -29.64 97.50
CA ALA G 119 -41.47 -29.78 98.76
C ALA G 119 -42.62 -28.79 98.91
N LYS G 120 -42.84 -27.91 97.95
CA LYS G 120 -43.95 -26.96 97.98
C LYS G 120 -44.64 -26.77 96.65
N ASN G 121 -44.15 -27.41 95.57
CA ASN G 121 -44.68 -27.27 94.20
C ASN G 121 -44.69 -25.81 93.75
N ILE G 122 -43.61 -25.08 94.07
CA ILE G 122 -43.49 -23.66 93.75
C ILE G 122 -42.18 -23.45 93.01
N GLY G 123 -42.25 -22.89 91.81
CA GLY G 123 -41.09 -22.66 90.98
C GLY G 123 -40.58 -21.23 91.04
N GLY G 124 -39.58 -20.95 90.19
CA GLY G 124 -39.00 -19.62 90.15
C GLY G 124 -37.84 -19.55 89.18
N GLU G 125 -36.91 -18.65 89.47
CA GLU G 125 -35.75 -18.42 88.63
C GLU G 125 -34.52 -19.09 89.24
N VAL G 126 -33.74 -19.76 88.41
CA VAL G 126 -32.59 -20.50 88.91
C VAL G 126 -31.33 -19.64 88.84
N ILE G 127 -30.71 -19.42 89.99
CA ILE G 127 -29.46 -18.66 90.03
C ILE G 127 -28.30 -19.50 89.51
N ALA G 128 -27.99 -20.58 90.22
CA ALA G 128 -26.70 -21.25 90.05
C ALA G 128 -26.78 -22.71 90.48
N TYR G 129 -25.83 -23.50 89.99
CA TYR G 129 -25.56 -24.82 90.51
C TYR G 129 -24.33 -24.77 91.41
N VAL G 130 -24.16 -25.83 92.20
CA VAL G 130 -22.92 -26.11 92.92
C VAL G 130 -22.91 -27.61 93.22
N TRP G 131 -21.72 -28.21 93.16
CA TRP G 131 -21.55 -29.61 93.48
C TRP G 131 -20.13 -29.97 93.92
N GLN H 1 96.03 -71.22 79.67
CA GLN H 1 95.40 -69.98 80.11
C GLN H 1 93.89 -70.10 80.03
N VAL H 2 93.20 -69.02 80.40
CA VAL H 2 91.74 -68.96 80.39
C VAL H 2 91.30 -68.02 79.28
N GLN H 3 90.50 -68.53 78.35
CA GLN H 3 90.04 -67.72 77.23
C GLN H 3 88.83 -66.90 77.64
N TYR H 4 88.66 -65.76 76.98
CA TYR H 4 87.59 -64.81 77.28
C TYR H 4 86.74 -64.68 76.01
N SER H 5 85.68 -65.48 75.93
CA SER H 5 84.85 -65.48 74.74
C SER H 5 83.98 -64.23 74.70
N GLY H 6 83.41 -63.98 73.52
CA GLY H 6 82.51 -62.86 73.34
C GLY H 6 81.72 -63.00 72.07
N THR H 7 80.40 -62.84 72.17
CA THR H 7 79.52 -62.93 71.01
C THR H 7 79.20 -61.53 70.51
N GLY H 8 78.91 -61.43 69.21
CA GLY H 8 78.66 -60.13 68.61
C GLY H 8 77.65 -60.15 67.49
N ARG H 9 76.61 -59.33 67.60
CA ARG H 9 75.51 -59.31 66.63
C ARG H 9 75.06 -57.88 66.40
N ARG H 10 75.06 -57.44 65.14
CA ARG H 10 74.42 -56.21 64.70
C ARG H 10 74.27 -56.25 63.19
N LYS H 11 73.07 -55.92 62.70
CA LYS H 11 72.79 -55.64 61.29
C LYS H 11 73.09 -56.86 60.42
N ASN H 12 72.40 -57.95 60.74
CA ASN H 12 72.45 -59.22 60.00
C ASN H 12 73.87 -59.76 59.92
N ALA H 13 74.57 -59.76 61.05
CA ALA H 13 75.94 -60.25 61.13
C ALA H 13 76.10 -61.07 62.40
N VAL H 14 77.23 -61.73 62.52
CA VAL H 14 77.51 -62.58 63.68
C VAL H 14 79.01 -62.57 63.95
N ALA H 15 79.38 -62.32 65.20
CA ALA H 15 80.78 -62.21 65.56
C ALA H 15 81.08 -63.06 66.78
N ARG H 16 82.02 -63.99 66.64
CA ARG H 16 82.58 -64.76 67.75
C ARG H 16 83.97 -64.21 68.05
N VAL H 17 84.16 -63.71 69.27
CA VAL H 17 85.40 -63.08 69.68
C VAL H 17 86.05 -63.97 70.74
N ARG H 18 87.37 -64.16 70.65
CA ARG H 18 88.15 -64.80 71.69
C ARG H 18 89.20 -63.82 72.19
N LEU H 19 89.18 -63.53 73.49
CA LEU H 19 90.00 -62.48 74.05
C LEU H 19 91.04 -63.08 75.00
N VAL H 20 92.18 -62.40 75.10
CA VAL H 20 93.35 -62.91 75.82
C VAL H 20 94.19 -61.74 76.30
N PRO H 21 94.72 -61.86 77.52
CA PRO H 21 95.68 -60.84 77.98
C PRO H 21 96.97 -60.83 77.16
N GLY H 22 97.50 -59.63 76.98
CA GLY H 22 98.65 -59.44 76.10
C GLY H 22 99.16 -58.01 76.01
N THR H 23 99.41 -57.55 74.78
CA THR H 23 100.03 -56.25 74.55
C THR H 23 99.12 -55.24 73.84
N GLY H 24 97.95 -55.66 73.40
CA GLY H 24 97.03 -54.79 72.69
C GLY H 24 97.16 -55.03 71.21
N LYS H 25 96.30 -55.91 70.68
CA LYS H 25 96.40 -56.39 69.31
C LYS H 25 95.01 -56.75 68.82
N ILE H 26 94.90 -56.95 67.52
CA ILE H 26 93.62 -57.27 66.90
C ILE H 26 93.87 -58.14 65.68
N THR H 27 93.28 -59.34 65.67
CA THR H 27 93.37 -60.28 64.57
C THR H 27 91.95 -60.71 64.19
N VAL H 28 91.48 -60.25 63.04
CA VAL H 28 90.15 -60.61 62.55
C VAL H 28 90.30 -61.46 61.29
N ASN H 29 89.75 -62.67 61.35
CA ASN H 29 89.89 -63.70 60.32
C ASN H 29 91.36 -63.92 59.96
N LYS H 30 92.16 -64.11 61.02
CA LYS H 30 93.62 -64.25 60.98
C LYS H 30 94.32 -63.03 60.39
N LYS H 31 93.68 -61.85 60.42
CA LYS H 31 94.27 -60.67 59.81
C LYS H 31 94.03 -59.46 60.69
N ASP H 32 94.90 -58.46 60.51
CA ASP H 32 94.88 -57.27 61.35
C ASP H 32 93.71 -56.36 60.95
N VAL H 33 93.46 -55.35 61.78
CA VAL H 33 92.37 -54.39 61.58
C VAL H 33 92.56 -53.62 60.27
N GLU H 34 93.78 -53.42 59.84
CA GLU H 34 94.02 -52.70 58.59
C GLU H 34 94.29 -53.64 57.43
N GLU H 35 94.25 -54.94 57.68
CA GLU H 35 94.45 -55.94 56.64
C GLU H 35 93.13 -56.44 56.09
N TYR H 36 92.30 -57.01 56.97
CA TYR H 36 90.99 -57.52 56.57
C TYR H 36 90.00 -56.39 56.35
N ILE H 37 90.12 -55.32 57.11
CA ILE H 37 89.19 -54.21 57.05
C ILE H 37 89.94 -53.04 56.43
N PRO H 38 89.34 -52.29 55.50
CA PRO H 38 90.04 -51.16 54.87
C PRO H 38 90.21 -49.96 55.79
N HIS H 39 90.50 -48.84 55.15
CA HIS H 39 90.94 -47.54 55.68
C HIS H 39 90.25 -47.03 56.95
N ALA H 40 89.05 -47.54 57.26
CA ALA H 40 88.15 -46.99 58.27
C ALA H 40 88.82 -46.85 59.64
N ASP H 41 88.50 -45.75 60.31
CA ASP H 41 89.24 -45.26 61.46
C ASP H 41 88.53 -45.56 62.77
N LEU H 42 87.95 -46.76 62.90
CA LEU H 42 87.07 -47.06 64.03
C LEU H 42 87.85 -47.39 65.30
N ARG H 43 88.78 -46.52 65.68
CA ARG H 43 89.59 -46.75 66.86
C ARG H 43 88.78 -46.45 68.12
N GLU H 44 88.09 -45.31 68.14
CA GLU H 44 87.19 -45.04 69.25
C GLU H 44 85.99 -45.98 69.22
N VAL H 45 85.56 -46.40 68.04
CA VAL H 45 84.38 -47.27 67.94
C VAL H 45 84.67 -48.65 68.49
N ILE H 46 85.79 -49.25 68.08
CA ILE H 46 86.05 -50.62 68.53
C ILE H 46 86.64 -50.63 69.92
N ASN H 47 87.54 -49.70 70.24
CA ASN H 47 88.20 -49.70 71.54
C ASN H 47 87.54 -48.75 72.54
N GLN H 48 86.33 -48.30 72.26
CA GLN H 48 85.60 -47.49 73.24
C GLN H 48 85.09 -48.28 74.44
N PRO H 49 84.79 -49.59 74.35
CA PRO H 49 84.74 -50.39 75.58
C PRO H 49 86.01 -50.39 76.40
N PHE H 50 87.17 -50.13 75.80
CA PHE H 50 88.36 -49.83 76.58
C PHE H 50 88.46 -48.36 76.96
N GLY H 51 87.37 -47.61 76.83
CA GLY H 51 87.39 -46.23 77.26
C GLY H 51 87.43 -46.09 78.77
N VAL H 52 86.65 -46.91 79.47
CA VAL H 52 86.60 -46.80 80.92
C VAL H 52 86.97 -48.14 81.54
N THR H 53 86.81 -49.22 80.79
CA THR H 53 87.13 -50.55 81.29
C THR H 53 88.53 -50.90 80.86
N GLU H 54 89.46 -50.86 81.83
CA GLU H 54 90.89 -51.13 81.64
C GLU H 54 91.46 -50.22 80.55
N THR H 55 91.45 -48.94 80.88
CA THR H 55 91.80 -47.92 79.91
C THR H 55 93.31 -47.89 79.68
N LYS H 56 93.73 -48.03 78.43
CA LYS H 56 92.88 -48.33 77.27
C LYS H 56 93.18 -49.75 76.82
N GLY H 57 93.75 -50.53 77.73
CA GLY H 57 94.10 -51.90 77.46
C GLY H 57 95.09 -52.43 78.48
N ALA H 58 95.94 -53.37 78.04
CA ALA H 58 96.04 -53.77 76.65
C ALA H 58 95.94 -55.29 76.49
N TYR H 59 94.84 -55.75 75.88
CA TYR H 59 94.61 -57.16 75.64
C TYR H 59 94.57 -57.44 74.15
N ASP H 60 94.73 -58.72 73.80
CA ASP H 60 94.86 -59.12 72.40
C ASP H 60 93.61 -59.84 71.94
N VAL H 61 93.34 -59.79 70.63
CA VAL H 61 92.03 -60.11 70.06
C VAL H 61 92.18 -61.16 68.97
N ILE H 62 91.37 -62.22 69.06
CA ILE H 62 91.14 -63.16 67.98
C ILE H 62 89.64 -63.26 67.75
N VAL H 63 89.20 -63.07 66.51
CA VAL H 63 87.77 -62.96 66.23
C VAL H 63 87.48 -63.49 64.82
N ASN H 64 86.38 -64.23 64.70
CA ASN H 64 85.93 -64.83 63.45
C ASN H 64 84.49 -64.40 63.20
N VAL H 65 84.30 -63.56 62.19
CA VAL H 65 83.05 -62.82 62.00
C VAL H 65 82.70 -62.79 60.52
N ASN H 66 81.45 -63.08 60.19
CA ASN H 66 80.99 -63.00 58.80
C ASN H 66 79.53 -62.57 58.74
N GLY H 67 79.15 -62.05 57.58
CA GLY H 67 77.79 -61.62 57.36
C GLY H 67 77.67 -60.11 57.27
N GLY H 68 76.75 -59.66 56.42
CA GLY H 68 76.51 -58.24 56.26
C GLY H 68 77.61 -57.55 55.46
N GLY H 69 77.67 -56.22 55.62
CA GLY H 69 78.69 -55.40 55.03
C GLY H 69 79.81 -55.10 56.02
N TYR H 70 80.69 -54.18 55.61
CA TYR H 70 81.94 -54.01 56.33
C TYR H 70 81.74 -53.28 57.66
N ALA H 71 80.95 -52.22 57.67
CA ALA H 71 80.83 -51.44 58.89
C ALA H 71 79.88 -52.11 59.88
N GLY H 72 78.89 -52.85 59.35
CA GLY H 72 77.94 -53.50 60.22
C GLY H 72 78.55 -54.61 61.05
N GLN H 73 79.44 -55.40 60.44
CA GLN H 73 80.14 -56.42 61.19
C GLN H 73 81.20 -55.82 62.10
N SER H 74 81.69 -54.62 61.79
CA SER H 74 82.59 -53.94 62.71
C SER H 74 81.84 -53.45 63.93
N GLY H 75 80.55 -53.13 63.76
CA GLY H 75 79.72 -52.80 64.89
C GLY H 75 79.43 -53.97 65.79
N ALA H 76 79.60 -55.19 65.29
CA ALA H 76 79.41 -56.38 66.12
C ALA H 76 80.56 -56.62 67.08
N ILE H 77 81.72 -56.00 66.83
CA ILE H 77 82.89 -56.23 67.66
C ILE H 77 82.73 -55.58 69.03
N ARG H 78 81.92 -54.52 69.12
CA ARG H 78 81.65 -53.87 70.40
C ARG H 78 80.98 -54.83 71.37
N HIS H 79 80.10 -55.70 70.88
CA HIS H 79 79.38 -56.62 71.75
C HIS H 79 80.31 -57.64 72.35
N GLY H 80 81.20 -58.21 71.54
CA GLY H 80 82.14 -59.19 72.05
C GLY H 80 83.12 -58.61 73.05
N ILE H 81 83.62 -57.41 72.76
CA ILE H 81 84.62 -56.78 73.62
C ILE H 81 83.99 -56.35 74.95
N ALA H 82 82.91 -55.59 74.90
CA ALA H 82 82.29 -55.10 76.13
C ALA H 82 81.63 -56.23 76.90
N ARG H 83 81.09 -57.23 76.21
CA ARG H 83 80.53 -58.38 76.90
C ARG H 83 81.61 -59.21 77.57
N ALA H 84 82.78 -59.34 76.93
CA ALA H 84 83.87 -60.08 77.55
C ALA H 84 84.48 -59.31 78.71
N LEU H 85 84.54 -57.97 78.60
CA LEU H 85 85.00 -57.16 79.71
C LEU H 85 84.04 -57.22 80.89
N LEU H 86 82.76 -57.39 80.60
CA LEU H 86 81.80 -57.70 81.66
C LEU H 86 82.10 -59.07 82.27
N GLN H 87 82.47 -60.04 81.41
CA GLN H 87 82.76 -61.38 81.89
C GLN H 87 84.02 -61.42 82.76
N VAL H 88 84.97 -60.53 82.53
CA VAL H 88 86.18 -60.50 83.33
C VAL H 88 85.89 -59.89 84.70
N ASP H 89 85.43 -58.63 84.70
CA ASP H 89 85.14 -57.93 85.94
C ASP H 89 83.70 -57.44 85.89
N PRO H 90 82.86 -57.83 86.84
CA PRO H 90 81.50 -57.28 86.87
C PRO H 90 81.45 -55.82 87.27
N ASP H 91 82.50 -55.31 87.93
CA ASP H 91 82.45 -53.99 88.53
C ASP H 91 82.62 -52.84 87.54
N PHE H 92 82.84 -53.15 86.26
CA PHE H 92 82.87 -52.13 85.23
C PHE H 92 81.54 -51.95 84.52
N ARG H 93 80.48 -52.63 84.99
CA ARG H 93 79.22 -52.62 84.26
C ARG H 93 78.52 -51.27 84.37
N SER H 94 78.61 -50.64 85.54
CA SER H 94 77.92 -49.37 85.75
C SER H 94 78.55 -48.26 84.91
N ALA H 95 79.88 -48.22 84.83
CA ALA H 95 80.54 -47.17 84.07
C ALA H 95 80.33 -47.33 82.58
N LEU H 96 80.13 -48.56 82.12
CA LEU H 96 79.74 -48.76 80.73
C LEU H 96 78.29 -48.32 80.51
N LYS H 97 77.38 -48.82 81.33
CA LYS H 97 75.96 -48.60 81.13
C LYS H 97 75.52 -47.15 81.36
N ARG H 98 76.29 -46.35 82.08
CA ARG H 98 75.95 -44.92 82.14
C ARG H 98 76.26 -44.23 80.82
N ALA H 99 77.26 -44.72 80.08
CA ALA H 99 77.44 -44.38 78.69
C ALA H 99 76.75 -45.38 77.77
N GLY H 100 76.23 -46.47 78.32
CA GLY H 100 75.51 -47.44 77.50
C GLY H 100 76.48 -48.30 76.73
N LEU H 101 76.30 -48.30 75.41
CA LEU H 101 77.20 -48.94 74.44
C LEU H 101 77.34 -50.43 74.66
N LEU H 102 76.30 -51.05 75.19
CA LEU H 102 76.26 -52.49 75.48
C LEU H 102 75.04 -53.16 74.88
N THR H 103 73.89 -52.49 74.87
CA THR H 103 72.66 -53.09 74.37
C THR H 103 72.69 -53.21 72.86
N ARG H 104 72.04 -54.24 72.35
CA ARG H 104 71.98 -54.43 70.91
C ARG H 104 71.07 -53.40 70.28
N ASP H 105 71.52 -52.80 69.18
CA ASP H 105 70.61 -52.11 68.29
C ASP H 105 69.66 -53.14 67.72
N ALA H 106 68.39 -53.05 68.11
CA ALA H 106 67.36 -54.00 67.74
C ALA H 106 66.78 -53.75 66.37
N ARG H 107 67.46 -52.95 65.55
CA ARG H 107 66.87 -52.40 64.34
C ARG H 107 67.60 -52.87 63.11
N MET H 108 66.84 -53.25 62.10
CA MET H 108 67.40 -53.72 60.83
C MET H 108 66.45 -53.30 59.72
N VAL H 109 66.58 -53.93 58.55
CA VAL H 109 65.98 -53.42 57.32
C VAL H 109 64.48 -53.67 57.30
N GLU H 110 63.73 -52.68 56.83
CA GLU H 110 62.28 -52.70 56.84
C GLU H 110 61.71 -53.68 55.82
N ARG H 111 60.66 -54.39 56.23
CA ARG H 111 59.84 -55.18 55.34
C ARG H 111 59.17 -54.30 54.29
N LYS H 112 59.06 -54.81 53.06
CA LYS H 112 58.37 -54.07 52.01
C LYS H 112 56.86 -54.14 52.18
N LYS H 113 56.16 -53.51 51.24
CA LYS H 113 54.72 -53.52 51.16
C LYS H 113 54.44 -53.65 49.67
N PRO H 114 53.55 -54.53 49.26
CA PRO H 114 53.13 -54.54 47.85
C PRO H 114 52.30 -53.30 47.54
N GLY H 115 52.31 -52.93 46.28
CA GLY H 115 51.69 -51.69 45.85
C GLY H 115 52.62 -50.50 45.90
N LEU H 116 53.39 -50.38 46.97
CA LEU H 116 54.34 -49.28 47.03
C LEU H 116 55.59 -49.66 46.24
N LYS H 117 56.37 -48.63 45.88
CA LYS H 117 57.61 -48.86 45.15
C LYS H 117 58.73 -49.33 46.07
N LYS H 118 58.74 -48.86 47.30
CA LYS H 118 59.73 -49.29 48.28
C LYS H 118 58.99 -49.58 49.58
N ALA H 119 59.74 -49.68 50.67
CA ALA H 119 59.15 -49.95 51.98
C ALA H 119 58.25 -48.82 52.45
N ARG H 120 58.51 -47.58 52.04
CA ARG H 120 57.58 -46.50 52.32
C ARG H 120 57.48 -45.49 51.18
N LYS H 121 58.18 -45.70 50.06
CA LYS H 121 58.12 -44.75 48.96
C LYS H 121 56.88 -45.01 48.10
N ALA H 122 56.07 -43.98 47.93
CA ALA H 122 54.90 -44.05 47.07
C ALA H 122 55.21 -43.48 45.69
N SER H 123 54.46 -43.93 44.70
CA SER H 123 54.69 -43.53 43.32
C SER H 123 54.35 -42.05 43.11
N GLN H 124 54.94 -41.47 42.08
CA GLN H 124 54.55 -40.14 41.67
C GLN H 124 53.15 -40.19 41.09
N PHE H 125 52.25 -39.42 41.66
CA PHE H 125 50.83 -39.52 41.37
C PHE H 125 50.34 -38.18 40.88
N SER H 126 49.94 -38.13 39.61
CA SER H 126 49.30 -36.92 39.10
C SER H 126 47.95 -36.74 39.77
N LYS H 127 47.56 -35.47 39.93
CA LYS H 127 46.29 -35.14 40.58
C LYS H 127 45.11 -35.65 39.77
N ARG H 128 45.27 -35.71 38.46
CA ARG H 128 44.26 -36.24 37.57
C ARG H 128 44.97 -36.63 36.28
N GLN I 1 75.93 -95.10 60.10
CA GLN I 1 75.95 -96.56 60.12
C GLN I 1 74.78 -97.21 59.41
N LYS I 2 74.86 -97.24 58.08
CA LYS I 2 74.02 -98.01 57.13
C LYS I 2 72.52 -97.92 57.39
N ILE I 3 72.06 -96.85 58.04
CA ILE I 3 70.64 -96.51 58.13
C ILE I 3 70.52 -95.01 58.42
N ARG I 4 69.68 -94.33 57.63
CA ARG I 4 69.39 -92.92 57.84
C ARG I 4 68.05 -92.63 57.18
N ILE I 5 67.24 -91.79 57.82
CA ILE I 5 65.84 -91.64 57.46
C ILE I 5 65.47 -90.16 57.48
N ARG I 6 64.63 -89.76 56.53
CA ARG I 6 64.22 -88.38 56.37
C ARG I 6 62.71 -88.32 56.34
N LEU I 7 62.17 -87.27 56.95
CA LEU I 7 60.72 -87.07 57.09
C LEU I 7 60.42 -85.64 56.65
N LYS I 8 59.93 -85.46 55.42
CA LYS I 8 59.65 -84.13 54.90
C LYS I 8 58.15 -83.98 54.79
N ALA I 9 57.57 -83.12 55.61
CA ALA I 9 56.13 -82.95 55.61
C ALA I 9 55.79 -81.52 56.04
N TYR I 10 54.54 -81.30 56.42
CA TYR I 10 54.00 -79.96 56.64
C TYR I 10 53.73 -79.66 58.11
N GLU I 11 52.96 -80.50 58.79
CA GLU I 11 52.54 -80.24 60.17
C GLU I 11 53.59 -80.80 61.11
N HIS I 12 54.29 -79.90 61.80
CA HIS I 12 55.49 -80.26 62.54
C HIS I 12 55.20 -81.10 63.77
N ARG I 13 53.98 -81.09 64.31
CA ARG I 13 53.72 -81.96 65.43
C ARG I 13 53.44 -83.40 64.99
N ILE I 14 52.81 -83.58 63.83
CA ILE I 14 52.74 -84.91 63.22
C ILE I 14 54.14 -85.42 62.90
N LEU I 15 54.98 -84.53 62.33
CA LEU I 15 56.38 -84.82 62.06
C LEU I 15 57.13 -85.33 63.29
N ASP I 16 57.16 -84.53 64.36
CA ASP I 16 58.02 -84.96 65.46
C ASP I 16 57.39 -86.05 66.31
N GLN I 17 56.06 -86.23 66.33
CA GLN I 17 55.57 -87.38 67.08
C GLN I 17 55.77 -88.68 66.29
N SER I 18 55.74 -88.65 64.96
CA SER I 18 56.09 -89.85 64.22
C SER I 18 57.58 -90.14 64.32
N ALA I 19 58.39 -89.09 64.39
CA ALA I 19 59.81 -89.25 64.68
C ALA I 19 60.01 -89.87 66.05
N ASP I 20 59.18 -89.48 67.03
CA ASP I 20 59.29 -90.06 68.37
C ASP I 20 58.89 -91.53 68.37
N LYS I 21 57.91 -91.91 67.56
CA LYS I 21 57.52 -93.33 67.46
C LYS I 21 58.64 -94.16 66.84
N ILE I 22 59.28 -93.65 65.79
CA ILE I 22 60.32 -94.48 65.18
C ILE I 22 61.61 -94.47 66.01
N VAL I 23 61.89 -93.39 66.75
CA VAL I 23 62.99 -93.41 67.72
C VAL I 23 62.67 -94.34 68.89
N GLU I 24 61.39 -94.42 69.28
CA GLU I 24 60.95 -95.37 70.28
C GLU I 24 61.23 -96.80 69.85
N THR I 25 60.81 -97.14 68.63
CA THR I 25 61.11 -98.48 68.09
C THR I 25 62.61 -98.70 67.95
N ALA I 26 63.37 -97.66 67.64
CA ALA I 26 64.82 -97.79 67.48
C ALA I 26 65.50 -98.11 68.81
N LYS I 27 65.28 -97.29 69.83
CA LYS I 27 65.92 -97.53 71.11
C LYS I 27 65.27 -98.66 71.89
N ARG I 28 64.13 -99.18 71.43
CA ARG I 28 63.58 -100.38 72.02
C ARG I 28 64.20 -101.63 71.40
N THR I 29 64.33 -101.66 70.08
CA THR I 29 64.68 -102.86 69.35
C THR I 29 66.12 -102.85 68.84
N GLY I 30 66.93 -101.91 69.28
CA GLY I 30 68.35 -101.93 68.99
C GLY I 30 69.10 -101.11 70.01
N ALA I 31 70.13 -100.41 69.54
CA ALA I 31 70.95 -99.62 70.44
C ALA I 31 71.66 -98.53 69.64
N ASP I 32 72.18 -97.54 70.39
CA ASP I 32 73.03 -96.46 69.89
C ASP I 32 72.33 -95.62 68.81
N VAL I 33 71.29 -94.91 69.24
CA VAL I 33 70.56 -94.03 68.34
C VAL I 33 71.03 -92.59 68.60
N SER I 34 71.03 -91.77 67.55
CA SER I 34 71.29 -90.35 67.66
C SER I 34 69.97 -89.62 67.93
N GLY I 35 69.98 -88.30 67.80
CA GLY I 35 68.81 -87.52 68.09
C GLY I 35 67.94 -87.24 66.87
N PRO I 36 66.80 -86.59 67.11
CA PRO I 36 65.98 -86.09 66.00
C PRO I 36 66.47 -84.76 65.44
N ILE I 37 67.37 -84.80 64.47
CA ILE I 37 68.00 -83.58 63.93
C ILE I 37 66.97 -82.81 63.09
N PRO I 38 66.76 -81.53 63.34
CA PRO I 38 65.92 -80.72 62.46
C PRO I 38 66.72 -80.16 61.30
N LEU I 39 65.99 -79.60 60.34
CA LEU I 39 66.50 -79.16 59.06
C LEU I 39 65.92 -77.78 58.70
N PRO I 40 66.60 -76.99 57.81
CA PRO I 40 66.36 -75.54 57.80
C PRO I 40 65.02 -75.00 57.28
N THR I 41 64.03 -75.86 57.02
CA THR I 41 62.63 -75.47 56.77
C THR I 41 62.51 -74.53 55.57
N GLU I 42 62.75 -75.09 54.40
CA GLU I 42 62.66 -74.34 53.15
C GLU I 42 61.25 -73.80 52.94
N ARG I 43 61.16 -72.62 52.31
CA ARG I 43 59.91 -71.90 52.18
C ARG I 43 59.84 -71.21 50.83
N SER I 44 58.71 -71.40 50.14
CA SER I 44 58.45 -70.74 48.87
C SER I 44 57.56 -69.54 49.10
N LEU I 45 57.19 -68.87 47.99
CA LEU I 45 56.24 -67.78 48.02
C LEU I 45 55.38 -67.80 46.77
N TYR I 46 54.18 -67.24 46.89
CA TYR I 46 53.26 -67.07 45.77
C TYR I 46 52.64 -65.69 45.91
N THR I 47 52.09 -65.16 44.82
CA THR I 47 51.51 -63.81 44.87
C THR I 47 50.41 -63.69 43.83
N VAL I 48 49.19 -63.41 44.28
CA VAL I 48 48.01 -63.27 43.41
C VAL I 48 47.31 -61.98 43.79
N ILE I 49 46.89 -61.21 42.77
CA ILE I 49 46.15 -59.97 43.00
C ILE I 49 44.79 -60.25 43.63
N ARG I 50 44.29 -59.27 44.36
CA ARG I 50 42.96 -59.35 44.98
C ARG I 50 41.92 -58.67 44.10
N ALA I 51 41.71 -59.19 42.90
CA ALA I 51 40.66 -58.74 41.99
C ALA I 51 40.55 -59.74 40.86
N THR I 52 39.71 -59.41 39.89
CA THR I 52 39.52 -60.21 38.69
C THR I 52 39.97 -59.51 37.43
N HIS I 53 39.61 -58.23 37.28
CA HIS I 53 39.77 -57.50 36.04
C HIS I 53 40.70 -56.31 36.11
N LYS I 54 40.85 -55.68 37.27
CA LYS I 54 41.59 -54.43 37.38
C LYS I 54 42.24 -54.39 38.76
N TYR I 55 42.57 -53.18 39.21
CA TYR I 55 42.76 -52.84 40.62
C TYR I 55 44.03 -53.50 41.17
N LYS I 56 45.15 -53.27 40.48
CA LYS I 56 46.39 -53.97 40.74
C LYS I 56 47.03 -53.59 42.08
N ASP I 57 46.57 -52.52 42.71
CA ASP I 57 47.15 -52.01 43.93
C ASP I 57 46.76 -52.80 45.18
N SER I 58 46.22 -54.02 45.06
CA SER I 58 45.94 -54.83 46.23
C SER I 58 46.13 -56.30 45.87
N ARG I 59 47.07 -56.95 46.56
CA ARG I 59 47.35 -58.33 46.24
C ARG I 59 47.23 -59.21 47.47
N GLU I 60 47.64 -60.46 47.32
CA GLU I 60 47.63 -61.40 48.43
C GLU I 60 48.71 -62.43 48.18
N GLN I 61 49.50 -62.73 49.19
CA GLN I 61 50.63 -63.64 49.06
C GLN I 61 50.48 -64.86 49.95
N PHE I 62 50.81 -66.01 49.39
CA PHE I 62 50.71 -67.31 50.03
C PHE I 62 52.09 -67.95 50.10
N GLU I 63 52.17 -69.07 50.81
CA GLU I 63 53.47 -69.66 51.14
C GLU I 63 53.34 -71.15 51.35
N MET I 64 54.50 -71.81 51.46
CA MET I 64 54.63 -73.26 51.64
C MET I 64 55.79 -73.50 52.60
N ARG I 65 55.50 -73.62 53.88
CA ARG I 65 56.52 -73.98 54.86
C ARG I 65 56.60 -75.51 54.91
N THR I 66 57.67 -76.06 54.35
CA THR I 66 57.92 -77.49 54.38
C THR I 66 59.02 -77.77 55.40
N HIS I 67 58.62 -78.26 56.56
CA HIS I 67 59.58 -78.73 57.55
C HIS I 67 60.21 -80.03 57.06
N LYS I 68 61.42 -80.31 57.55
CA LYS I 68 62.12 -81.54 57.22
C LYS I 68 62.69 -82.12 58.51
N ARG I 69 62.75 -83.44 58.61
CA ARG I 69 63.30 -84.10 59.78
C ARG I 69 64.39 -85.08 59.38
N LEU I 70 65.35 -85.29 60.28
CA LEU I 70 66.52 -86.10 59.99
C LEU I 70 66.89 -86.91 61.23
N ILE I 71 67.07 -88.22 61.04
CA ILE I 71 67.37 -89.15 62.13
C ILE I 71 68.38 -90.17 61.63
N ASP I 72 69.44 -90.40 62.40
CA ASP I 72 70.44 -91.43 62.11
C ASP I 72 70.51 -92.41 63.27
N ILE I 73 70.69 -93.69 62.95
CA ILE I 73 70.82 -94.76 63.93
C ILE I 73 72.19 -95.40 63.73
N VAL I 74 72.92 -95.60 64.82
CA VAL I 74 74.29 -96.10 64.79
C VAL I 74 74.30 -97.55 65.26
N ASN I 75 74.92 -98.42 64.47
CA ASN I 75 75.12 -99.85 64.70
C ASN I 75 73.86 -100.62 65.09
N PRO I 76 72.91 -100.82 64.18
CA PRO I 76 71.70 -101.57 64.53
C PRO I 76 71.84 -103.06 64.28
N THR I 77 70.75 -103.78 64.49
CA THR I 77 70.57 -105.19 64.20
C THR I 77 69.60 -105.33 63.04
N PRO I 78 69.60 -106.45 62.32
CA PRO I 78 68.57 -106.64 61.28
C PRO I 78 67.15 -106.85 61.81
N LYS I 79 66.98 -107.09 63.11
CA LYS I 79 65.64 -107.22 63.68
C LYS I 79 64.93 -105.87 63.71
N THR I 80 65.64 -104.83 64.14
CA THR I 80 65.04 -103.50 64.10
C THR I 80 64.89 -102.99 62.68
N VAL I 81 65.66 -103.54 61.71
CA VAL I 81 65.40 -103.25 60.31
C VAL I 81 64.05 -103.81 59.90
N ASP I 82 63.71 -105.01 60.37
CA ASP I 82 62.40 -105.60 60.13
C ASP I 82 61.30 -104.78 60.80
N ALA I 83 61.59 -104.18 61.96
CA ALA I 83 60.61 -103.31 62.58
C ALA I 83 60.42 -102.03 61.79
N LEU I 84 61.52 -101.44 61.31
CA LEU I 84 61.47 -100.10 60.70
C LEU I 84 60.94 -100.10 59.28
N MET I 85 61.26 -101.12 58.48
CA MET I 85 60.77 -101.09 57.10
C MET I 85 59.30 -101.52 56.99
N LYS I 86 58.71 -102.06 58.06
CA LYS I 86 57.34 -102.54 58.03
C LYS I 86 56.37 -101.65 58.79
N LEU I 87 56.84 -100.91 59.80
CA LEU I 87 56.00 -99.91 60.46
C LEU I 87 55.78 -98.75 59.51
N ASP I 88 54.51 -98.36 59.33
CA ASP I 88 54.21 -97.44 58.24
C ASP I 88 53.44 -96.19 58.65
N LEU I 89 52.48 -96.32 59.56
CA LEU I 89 51.57 -95.23 59.88
C LEU I 89 52.24 -94.21 60.81
N PRO I 90 51.85 -92.91 60.75
CA PRO I 90 50.85 -92.18 59.95
C PRO I 90 51.13 -91.98 58.45
N SER I 91 50.43 -91.02 57.87
CA SER I 91 50.22 -90.98 56.43
C SER I 91 50.71 -89.70 55.76
N GLY I 92 50.56 -88.54 56.40
CA GLY I 92 50.91 -87.30 55.76
C GLY I 92 52.38 -86.95 55.75
N VAL I 93 53.24 -87.88 56.15
CA VAL I 93 54.68 -87.68 56.25
C VAL I 93 55.35 -88.63 55.27
N ASN I 94 56.52 -88.25 54.76
CA ASN I 94 57.24 -89.11 53.83
C ASN I 94 57.81 -90.32 54.54
N ILE I 95 57.63 -91.48 53.91
CA ILE I 95 57.99 -92.77 54.49
C ILE I 95 59.02 -93.43 53.57
N GLU I 96 60.30 -93.21 53.87
CA GLU I 96 61.37 -93.67 52.97
C GLU I 96 62.66 -93.83 53.77
N ILE I 97 63.16 -95.05 53.88
CA ILE I 97 64.40 -95.33 54.60
C ILE I 97 65.53 -95.36 53.59
N LYS I 98 66.74 -95.01 54.04
CA LYS I 98 67.89 -94.86 53.15
C LYS I 98 69.16 -95.27 53.87
N LEU I 99 70.22 -95.45 53.09
CA LEU I 99 71.57 -95.74 53.61
C LEU I 99 72.36 -94.46 53.85
N LYS J 1 64.52 24.71 46.30
CA LYS J 1 64.77 26.13 46.28
C LYS J 1 64.32 26.73 47.61
N LYS J 2 64.98 27.83 48.01
CA LYS J 2 64.52 28.79 49.03
C LYS J 2 64.59 28.26 50.46
N ASN J 3 64.82 26.95 50.64
CA ASN J 3 64.89 26.28 51.94
C ASN J 3 63.64 26.56 52.77
N ILE J 4 62.54 25.96 52.31
CA ILE J 4 61.24 26.11 52.96
C ILE J 4 61.29 25.57 54.38
N GLU J 5 61.98 24.44 54.57
CA GLU J 5 62.42 23.84 55.85
C GLU J 5 61.30 23.30 56.71
N SER J 6 60.03 23.47 56.34
CA SER J 6 58.91 22.97 57.11
C SER J 6 57.69 22.94 56.21
N GLY J 7 56.66 22.24 56.66
CA GLY J 7 55.45 22.13 55.88
C GLY J 7 54.59 20.99 56.38
N VAL J 8 53.53 20.71 55.63
CA VAL J 8 52.59 19.65 55.96
C VAL J 8 52.37 18.79 54.73
N ALA J 9 52.43 17.47 54.91
CA ALA J 9 52.13 16.51 53.87
C ALA J 9 50.70 16.01 54.00
N HIS J 10 50.23 15.29 52.99
CA HIS J 10 48.85 14.84 52.91
C HIS J 10 48.81 13.37 52.54
N ILE J 11 47.95 12.61 53.20
CA ILE J 11 47.77 11.18 52.94
C ILE J 11 46.29 10.89 52.75
N HIS J 12 45.96 10.18 51.68
CA HIS J 12 44.59 9.91 51.31
C HIS J 12 44.53 8.49 50.76
N SER J 13 43.81 7.60 51.43
CA SER J 13 43.92 6.17 51.14
C SER J 13 42.56 5.51 51.02
N THR J 14 42.14 5.19 49.82
CA THR J 14 40.86 4.53 49.62
C THR J 14 41.01 3.03 49.86
N PHE J 15 40.01 2.27 49.44
CA PHE J 15 40.11 0.82 49.40
C PHE J 15 40.74 0.32 48.11
N ASN J 16 41.09 1.22 47.20
CA ASN J 16 41.69 0.80 45.94
C ASN J 16 42.77 1.75 45.44
N ASN J 17 43.19 2.73 46.23
CA ASN J 17 44.26 3.65 45.88
C ASN J 17 44.71 4.37 47.15
N THR J 18 45.97 4.81 47.14
CA THR J 18 46.46 5.74 48.14
C THR J 18 47.42 6.73 47.50
N ILE J 19 47.33 7.99 47.91
CA ILE J 19 47.95 9.12 47.22
C ILE J 19 48.55 10.06 48.27
N VAL J 20 49.79 10.51 48.03
CA VAL J 20 50.49 11.40 48.95
C VAL J 20 50.87 12.69 48.22
N MET J 21 50.72 13.82 48.91
CA MET J 21 51.12 15.12 48.38
C MET J 21 51.69 15.95 49.52
N ILE J 22 52.77 16.69 49.25
CA ILE J 22 53.51 17.41 50.27
C ILE J 22 53.47 18.90 49.95
N THR J 23 53.07 19.70 50.92
CA THR J 23 52.82 21.13 50.72
C THR J 23 53.80 21.98 51.53
N ASP J 24 53.60 23.29 51.45
CA ASP J 24 54.32 24.25 52.27
C ASP J 24 53.68 24.36 53.64
N THR J 25 54.00 25.42 54.38
CA THR J 25 53.33 25.65 55.65
C THR J 25 51.87 26.06 55.49
N HIS J 26 51.44 26.46 54.30
CA HIS J 26 50.03 26.73 54.10
C HIS J 26 49.23 25.53 53.53
N GLY J 27 49.56 24.97 52.34
CA GLY J 27 50.70 25.17 51.47
C GLY J 27 50.43 24.94 50.00
N ASN J 28 51.23 25.58 49.16
CA ASN J 28 51.24 25.24 47.75
C ASN J 28 51.82 23.86 47.54
N ALA J 29 51.44 23.22 46.44
CA ALA J 29 51.90 21.86 46.20
C ALA J 29 53.35 21.86 45.74
N LEU J 30 54.16 21.05 46.40
CA LEU J 30 55.58 20.90 46.05
C LEU J 30 55.81 19.70 45.13
N ALA J 31 55.50 18.49 45.61
CA ALA J 31 55.58 17.28 44.81
C ALA J 31 54.69 16.23 45.44
N TRP J 32 54.13 15.37 44.60
CA TRP J 32 53.14 14.40 45.00
C TRP J 32 53.44 13.06 44.37
N SER J 33 52.91 11.99 44.96
CA SER J 33 53.01 10.68 44.38
C SER J 33 51.78 9.84 44.74
N SER J 34 51.60 8.77 43.97
CA SER J 34 50.46 7.91 44.15
C SER J 34 50.94 6.48 43.99
N ALA J 35 50.12 5.54 44.47
CA ALA J 35 50.41 4.14 44.22
C ALA J 35 50.33 3.81 42.75
N GLY J 36 49.38 4.42 42.04
CA GLY J 36 49.32 4.23 40.60
C GLY J 36 50.39 5.01 39.86
N SER J 37 50.90 6.08 40.48
CA SER J 37 51.85 6.95 39.78
C SER J 37 53.20 6.28 39.59
N LEU J 38 53.53 5.30 40.44
CA LEU J 38 54.78 4.56 40.33
C LEU J 38 54.66 3.36 39.41
N GLY J 39 53.63 3.32 38.57
CA GLY J 39 53.50 2.26 37.59
C GLY J 39 52.80 1.02 38.10
N PHE J 40 51.78 1.19 38.95
CA PHE J 40 50.99 0.08 39.42
C PHE J 40 49.59 0.13 38.80
N LYS J 41 48.77 -0.85 39.17
CA LYS J 41 47.48 -1.05 38.52
C LYS J 41 46.45 -1.55 39.51
N GLY J 42 45.26 -0.94 39.45
CA GLY J 42 44.02 -1.57 39.89
C GLY J 42 43.94 -2.05 41.32
N SER J 43 44.03 -3.36 41.49
CA SER J 43 43.89 -3.98 42.80
C SER J 43 45.09 -3.69 43.68
N LYS J 44 46.30 -3.68 43.09
CA LYS J 44 47.52 -3.70 43.88
C LYS J 44 47.85 -2.36 44.51
N LYS J 45 47.05 -1.33 44.28
CA LYS J 45 47.21 -0.06 44.97
C LYS J 45 46.71 -0.11 46.41
N SER J 46 46.13 -1.22 46.85
CA SER J 46 45.62 -1.35 48.20
C SER J 46 46.65 -1.85 49.20
N THR J 47 47.86 -2.15 48.75
CA THR J 47 48.84 -2.73 49.63
C THR J 47 49.57 -1.64 50.42
N PRO J 48 50.01 -1.96 51.64
CA PRO J 48 50.87 -1.02 52.38
C PRO J 48 52.26 -0.85 51.76
N PHE J 49 52.71 -1.80 50.95
CA PHE J 49 54.05 -1.75 50.35
C PHE J 49 54.13 -0.65 49.29
N ALA J 50 53.11 -0.56 48.43
CA ALA J 50 53.06 0.48 47.42
C ALA J 50 52.93 1.85 48.07
N ALA J 51 52.24 1.92 49.21
CA ALA J 51 52.18 3.17 49.98
C ALA J 51 53.56 3.58 50.46
N GLN J 52 54.37 2.60 50.87
CA GLN J 52 55.74 2.88 51.30
C GLN J 52 56.56 3.46 50.17
N MET J 53 56.57 2.78 49.02
CA MET J 53 57.45 3.22 47.95
C MET J 53 56.97 4.52 47.32
N ALA J 54 55.66 4.78 47.30
CA ALA J 54 55.16 6.04 46.77
C ALA J 54 55.45 7.20 47.71
N ALA J 55 55.31 6.98 49.03
CA ALA J 55 55.62 8.03 49.98
C ALA J 55 57.11 8.37 49.96
N GLU J 56 57.96 7.36 49.79
CA GLU J 56 59.39 7.62 49.75
C GLU J 56 59.79 8.32 48.45
N ALA J 57 59.15 7.95 47.33
CA ALA J 57 59.41 8.65 46.08
C ALA J 57 58.91 10.09 46.12
N ALA J 58 57.90 10.38 46.94
CA ALA J 58 57.53 11.78 47.14
C ALA J 58 58.56 12.51 47.97
N THR J 59 59.09 11.87 49.03
CA THR J 59 60.07 12.54 49.88
C THR J 59 61.37 12.84 49.17
N LYS J 60 61.74 12.00 48.19
CA LYS J 60 62.99 12.21 47.44
C LYS J 60 62.98 13.54 46.71
N VAL J 61 61.88 13.88 46.06
CA VAL J 61 61.78 15.19 45.43
C VAL J 61 61.47 16.26 46.47
N ALA J 62 60.86 15.89 47.59
CA ALA J 62 60.49 16.89 48.59
C ALA J 62 61.70 17.48 49.28
N MET J 63 62.70 16.67 49.60
CA MET J 63 63.88 17.19 50.27
C MET J 63 64.99 17.60 49.31
N GLU J 64 64.72 17.59 48.00
CA GLU J 64 65.58 18.29 47.05
C GLU J 64 65.14 19.72 46.83
N HIS J 65 64.35 20.27 47.75
CA HIS J 65 63.98 21.68 47.71
C HIS J 65 64.05 22.33 49.08
N GLY J 66 64.57 21.62 50.08
CA GLY J 66 64.85 22.21 51.37
C GLY J 66 63.73 21.93 52.34
N LEU J 67 63.89 20.87 53.12
CA LEU J 67 62.80 20.34 53.93
C LEU J 67 63.33 19.38 54.96
N LYS J 68 63.02 19.62 56.23
CA LYS J 68 63.47 18.75 57.32
C LYS J 68 62.33 18.16 58.12
N THR J 69 61.38 18.99 58.54
CA THR J 69 60.26 18.57 59.36
C THR J 69 58.98 18.66 58.56
N VAL J 70 57.98 17.88 58.98
CA VAL J 70 56.70 17.85 58.29
C VAL J 70 55.64 17.37 59.27
N ASP J 71 54.42 17.87 59.09
CA ASP J 71 53.25 17.31 59.74
C ASP J 71 52.42 16.55 58.72
N VAL J 72 51.57 15.66 59.22
CA VAL J 72 50.94 14.64 58.40
C VAL J 72 49.44 14.84 58.47
N THR J 73 48.83 15.17 57.33
CA THR J 73 47.38 15.15 57.18
C THR J 73 46.98 13.80 56.61
N VAL J 74 46.03 13.14 57.26
CA VAL J 74 45.52 11.85 56.81
C VAL J 74 44.02 11.97 56.57
N LYS J 75 43.61 11.87 55.32
CA LYS J 75 42.25 11.56 54.96
C LYS J 75 42.23 10.14 54.44
N GLY J 76 41.06 9.68 54.01
CA GLY J 76 40.99 8.40 53.34
C GLY J 76 41.19 7.22 54.27
N PRO J 77 40.14 6.84 55.01
CA PRO J 77 40.20 5.57 55.76
C PRO J 77 40.44 4.36 54.86
N GLY J 78 41.58 3.74 55.02
CA GLY J 78 42.02 2.66 54.14
C GLY J 78 42.92 1.72 54.90
N SER J 79 43.93 1.18 54.21
CA SER J 79 44.78 0.15 54.77
C SER J 79 46.22 0.61 54.94
N GLY J 80 46.89 1.04 53.86
CA GLY J 80 48.30 1.37 53.90
C GLY J 80 48.67 2.72 54.45
N ARG J 81 47.71 3.41 55.09
CA ARG J 81 47.92 4.76 55.55
C ARG J 81 48.85 4.85 56.75
N GLU J 82 49.17 3.73 57.39
CA GLU J 82 50.17 3.72 58.43
C GLU J 82 51.57 3.47 57.87
N ALA J 83 51.67 2.59 56.87
CA ALA J 83 52.93 2.31 56.22
C ALA J 83 53.42 3.53 55.44
N ALA J 84 52.50 4.35 54.95
CA ALA J 84 52.88 5.63 54.37
C ALA J 84 53.60 6.51 55.38
N ILE J 85 53.05 6.62 56.59
CA ILE J 85 53.65 7.44 57.64
C ILE J 85 55.00 6.87 58.06
N ARG J 86 55.07 5.55 58.17
CA ARG J 86 56.25 4.94 58.78
C ARG J 86 57.40 4.83 57.79
N SER J 87 57.11 4.70 56.48
CA SER J 87 58.15 4.85 55.49
C SER J 87 58.46 6.31 55.19
N LEU J 88 57.53 7.21 55.51
CA LEU J 88 57.81 8.63 55.48
C LEU J 88 58.82 8.99 56.56
N GLN J 89 58.78 8.27 57.67
CA GLN J 89 59.79 8.41 58.70
C GLN J 89 61.12 7.82 58.26
N ALA J 90 61.11 6.92 57.27
CA ALA J 90 62.28 6.08 57.01
C ALA J 90 63.37 6.83 56.28
N THR J 91 63.05 7.52 55.20
CA THR J 91 64.07 8.09 54.32
C THR J 91 64.34 9.55 54.61
N GLY J 92 64.33 9.95 55.87
CA GLY J 92 64.93 11.21 56.26
C GLY J 92 64.03 12.39 56.48
N LEU J 93 62.92 12.20 57.21
CA LEU J 93 62.10 13.33 57.65
C LEU J 93 61.98 13.30 59.17
N GLU J 94 61.36 14.35 59.71
CA GLU J 94 61.31 14.62 61.13
C GLU J 94 59.89 14.92 61.56
N VAL J 95 58.97 13.99 61.26
CA VAL J 95 57.55 14.07 61.57
C VAL J 95 57.33 14.35 63.05
N THR J 96 56.70 15.49 63.36
CA THR J 96 56.58 15.97 64.72
C THR J 96 55.15 16.04 65.23
N ALA J 97 54.16 16.01 64.36
CA ALA J 97 52.76 15.97 64.79
C ALA J 97 51.91 15.38 63.69
N ILE J 98 50.98 14.51 64.07
CA ILE J 98 50.09 13.84 63.12
C ILE J 98 48.65 14.23 63.47
N ARG J 99 47.94 14.76 62.48
CA ARG J 99 46.50 15.00 62.59
C ARG J 99 45.79 14.13 61.57
N ASP J 100 45.00 13.19 62.05
CA ASP J 100 44.16 12.33 61.21
C ASP J 100 42.77 12.97 61.17
N VAL J 101 42.52 13.77 60.14
CA VAL J 101 41.23 14.41 59.93
C VAL J 101 40.56 13.75 58.73
N THR J 102 39.56 12.94 59.01
CA THR J 102 38.60 12.51 58.00
C THR J 102 37.24 12.90 58.53
N PRO J 103 36.55 13.84 57.90
CA PRO J 103 35.46 14.53 58.56
C PRO J 103 34.18 13.71 58.56
N VAL J 104 33.53 13.66 59.72
CA VAL J 104 32.21 13.03 59.83
C VAL J 104 31.19 14.12 59.56
N PRO J 105 30.11 13.82 58.84
CA PRO J 105 29.00 14.75 58.77
C PRO J 105 28.13 14.64 60.02
N HIS J 106 27.03 15.37 60.02
CA HIS J 106 26.09 15.18 61.12
C HIS J 106 24.74 14.73 60.57
N ASN J 107 24.78 13.73 59.69
CA ASN J 107 23.62 13.13 59.04
C ASN J 107 22.86 14.17 58.22
N GLY J 108 23.53 14.62 57.15
CA GLY J 108 22.95 15.57 56.24
C GLY J 108 22.53 14.97 54.91
N CYS J 109 23.33 14.05 54.40
CA CYS J 109 23.06 13.44 53.10
C CYS J 109 22.86 11.94 53.25
N ARG J 110 22.52 11.30 52.14
CA ARG J 110 22.35 9.86 52.17
C ARG J 110 23.47 9.18 51.43
N PRO J 111 23.93 8.03 51.93
CA PRO J 111 24.81 7.17 51.13
C PRO J 111 24.04 6.53 50.00
N PRO J 112 24.72 6.00 48.99
CA PRO J 112 24.01 5.33 47.90
C PRO J 112 23.34 4.02 48.25
N LYS J 113 22.79 3.35 47.23
CA LYS J 113 22.20 2.02 47.34
C LYS J 113 23.15 1.04 48.00
N ARG J 114 22.73 0.50 49.14
CA ARG J 114 23.60 -0.34 49.94
C ARG J 114 23.73 -1.70 49.27
N ARG J 115 24.94 -2.01 48.83
CA ARG J 115 25.19 -2.92 47.71
C ARG J 115 24.74 -4.34 48.01
N ARG J 116 24.44 -5.07 46.93
CA ARG J 116 24.00 -6.46 46.98
C ARG J 116 24.96 -7.29 46.15
N VAL J 117 26.01 -7.77 46.79
CA VAL J 117 26.99 -8.65 46.16
C VAL J 117 27.07 -9.96 46.90
N PRO K 1 -21.73 -16.66 69.23
CA PRO K 1 -21.78 -15.23 69.51
C PRO K 1 -22.70 -14.93 70.66
N THR K 2 -22.74 -13.68 71.12
CA THR K 2 -23.69 -13.29 72.14
C THR K 2 -25.10 -13.32 71.58
N ILE K 3 -26.07 -13.43 72.48
CA ILE K 3 -27.36 -13.95 72.08
C ILE K 3 -28.22 -12.97 71.30
N ASN K 4 -28.13 -11.66 71.58
CA ASN K 4 -28.91 -10.76 70.73
C ASN K 4 -28.25 -10.61 69.37
N GLN K 5 -26.94 -10.83 69.31
CA GLN K 5 -26.28 -10.94 68.02
C GLN K 5 -26.67 -12.22 67.33
N LEU K 6 -27.07 -13.23 68.08
CA LEU K 6 -27.73 -14.39 67.48
C LEU K 6 -29.20 -14.14 67.19
N VAL K 7 -29.81 -13.14 67.83
CA VAL K 7 -31.18 -12.81 67.47
C VAL K 7 -31.22 -12.12 66.12
N ARG K 8 -30.41 -11.08 65.95
CA ARG K 8 -30.47 -10.30 64.73
C ARG K 8 -29.55 -10.84 63.63
N LYS K 9 -29.23 -12.13 63.67
CA LYS K 9 -28.82 -12.86 62.49
C LYS K 9 -29.52 -14.21 62.51
N PRO K 10 -29.79 -14.81 61.35
CA PRO K 10 -30.61 -16.01 61.34
C PRO K 10 -29.88 -17.35 61.38
N ARG K 11 -28.55 -17.36 61.25
CA ARG K 11 -27.73 -18.59 61.21
C ARG K 11 -28.16 -19.50 60.06
N LYS K 12 -27.86 -19.05 58.84
CA LYS K 12 -28.18 -19.77 57.62
C LYS K 12 -27.53 -21.15 57.58
N SER K 13 -28.13 -22.02 56.78
CA SER K 13 -27.67 -23.38 56.62
C SER K 13 -26.64 -23.45 55.49
N LYS K 14 -26.37 -24.66 55.03
CA LYS K 14 -25.19 -25.00 54.25
C LYS K 14 -25.56 -25.57 52.90
N VAL K 15 -26.58 -24.97 52.25
CA VAL K 15 -27.47 -25.57 51.24
C VAL K 15 -26.76 -26.44 50.20
N GLU K 16 -27.24 -27.67 50.04
CA GLU K 16 -26.48 -28.73 49.43
C GLU K 16 -26.75 -28.82 47.93
N LYS K 17 -25.74 -29.28 47.20
CA LYS K 17 -25.86 -29.56 45.78
C LYS K 17 -26.37 -30.98 45.60
N SER K 18 -26.36 -31.45 44.36
CA SER K 18 -26.50 -32.87 44.08
C SER K 18 -25.82 -33.13 42.76
N ASP K 19 -25.07 -34.22 42.69
CA ASP K 19 -24.29 -34.54 41.52
C ASP K 19 -25.08 -35.28 40.45
N SER K 20 -26.41 -35.16 40.48
CA SER K 20 -27.29 -35.59 39.39
C SER K 20 -28.02 -34.35 38.87
N PRO K 21 -27.37 -33.55 38.03
CA PRO K 21 -28.02 -32.31 37.58
C PRO K 21 -29.01 -32.54 36.46
N ALA K 22 -28.84 -33.60 35.69
CA ALA K 22 -29.68 -33.82 34.52
C ALA K 22 -31.04 -34.42 34.86
N LEU K 23 -31.22 -34.93 36.07
CA LEU K 23 -32.50 -35.51 36.45
C LEU K 23 -33.44 -34.51 37.09
N ASN K 24 -33.29 -33.23 36.74
CA ASN K 24 -34.19 -32.18 37.17
C ASN K 24 -34.40 -31.30 35.95
N LYS K 25 -35.49 -31.54 35.24
CA LYS K 25 -35.62 -31.24 33.82
C LYS K 25 -36.53 -30.03 33.61
N GLY K 26 -35.91 -28.88 33.32
CA GLY K 26 -36.55 -27.64 32.92
C GLY K 26 -36.85 -27.60 31.44
N TYR K 27 -38.01 -28.13 31.03
CA TYR K 27 -38.35 -28.52 29.67
C TYR K 27 -38.25 -27.38 28.65
N ASN K 28 -38.44 -27.77 27.39
CA ASN K 28 -38.57 -26.87 26.26
C ASN K 28 -40.01 -26.71 25.77
N SER K 29 -40.81 -27.77 25.74
CA SER K 29 -42.14 -27.73 25.15
C SER K 29 -43.20 -27.53 26.23
N PHE K 30 -44.17 -26.66 25.98
CA PHE K 30 -44.26 -25.81 24.78
C PHE K 30 -43.55 -24.51 25.06
N LYS K 31 -43.77 -24.01 26.27
CA LYS K 31 -43.41 -22.66 26.67
C LYS K 31 -42.17 -22.63 27.57
N LYS K 32 -41.25 -23.58 27.38
CA LYS K 32 -39.92 -23.63 28.01
C LYS K 32 -40.03 -23.71 29.54
N THR K 33 -40.60 -24.81 30.00
CA THR K 33 -41.11 -24.89 31.37
C THR K 33 -39.99 -25.27 32.34
N GLN K 34 -40.39 -25.67 33.55
CA GLN K 34 -39.54 -25.88 34.72
C GLN K 34 -39.51 -27.35 35.10
N THR K 35 -38.91 -27.64 36.26
CA THR K 35 -38.72 -29.00 36.73
C THR K 35 -39.55 -29.31 37.97
N ASN K 36 -40.22 -30.46 37.93
CA ASN K 36 -41.01 -31.03 39.01
C ASN K 36 -40.82 -32.54 39.01
N VAL K 37 -39.71 -33.00 38.45
CA VAL K 37 -39.62 -34.28 37.75
C VAL K 37 -38.49 -35.13 38.37
N ASN K 38 -38.46 -35.19 39.69
CA ASN K 38 -37.42 -35.92 40.43
C ASN K 38 -37.52 -37.39 40.08
N SER K 39 -36.79 -37.78 39.07
CA SER K 39 -36.93 -39.06 38.41
C SER K 39 -35.91 -40.03 38.94
N PRO K 40 -36.16 -41.31 38.78
CA PRO K 40 -35.06 -42.27 38.91
C PRO K 40 -34.22 -42.31 37.64
N GLN K 41 -34.85 -41.97 36.52
CA GLN K 41 -34.31 -42.33 35.22
C GLN K 41 -35.03 -41.54 34.14
N LYS K 42 -34.29 -41.16 33.10
CA LYS K 42 -34.84 -40.43 31.97
C LYS K 42 -34.36 -41.08 30.68
N ARG K 43 -35.25 -41.14 29.69
CA ARG K 43 -34.91 -41.75 28.42
C ARG K 43 -34.49 -40.70 27.40
N GLY K 44 -33.59 -41.08 26.52
CA GLY K 44 -33.03 -40.13 25.58
C GLY K 44 -32.55 -40.82 24.33
N VAL K 45 -31.77 -40.07 23.54
CA VAL K 45 -31.31 -40.54 22.24
C VAL K 45 -29.79 -40.46 22.17
N CYS K 46 -29.23 -40.77 21.00
CA CYS K 46 -27.80 -40.73 20.77
C CYS K 46 -27.42 -39.49 19.96
N THR K 47 -26.15 -39.10 20.09
CA THR K 47 -25.63 -37.99 19.30
C THR K 47 -24.28 -38.31 18.67
N ARG K 48 -23.45 -39.11 19.35
CA ARG K 48 -22.25 -39.68 18.75
C ARG K 48 -21.86 -40.89 19.59
N VAL K 49 -20.75 -41.52 19.21
CA VAL K 49 -20.27 -42.71 19.90
C VAL K 49 -18.76 -42.65 19.86
N GLY K 50 -18.12 -43.48 20.68
CA GLY K 50 -16.67 -43.55 20.70
C GLY K 50 -16.17 -44.39 21.85
N THR K 51 -15.07 -43.94 22.44
CA THR K 51 -14.51 -44.58 23.62
C THR K 51 -13.76 -43.53 24.41
N MET K 52 -13.23 -43.94 25.55
CA MET K 52 -12.45 -43.02 26.36
C MET K 52 -11.39 -43.78 27.16
N THR K 53 -10.23 -43.15 27.29
CA THR K 53 -9.14 -43.60 28.13
C THR K 53 -9.02 -42.71 29.37
N PRO K 54 -8.80 -43.29 30.54
CA PRO K 54 -8.85 -42.51 31.78
C PRO K 54 -7.59 -41.71 32.07
N LYS K 55 -7.54 -41.17 33.28
CA LYS K 55 -6.43 -40.35 33.76
C LYS K 55 -5.20 -41.22 34.02
N LYS K 56 -4.16 -40.59 34.57
CA LYS K 56 -3.11 -41.34 35.23
C LYS K 56 -3.69 -42.07 36.44
N PRO K 57 -3.20 -43.28 36.75
CA PRO K 57 -2.34 -44.11 35.91
C PRO K 57 -3.09 -45.32 35.37
N ASN K 58 -4.42 -45.29 35.42
CA ASN K 58 -5.22 -46.35 34.84
C ASN K 58 -5.16 -46.27 33.32
N SER K 59 -5.07 -47.44 32.67
CA SER K 59 -4.87 -47.45 31.22
C SER K 59 -5.68 -48.58 30.61
N ALA K 60 -6.79 -48.22 29.97
CA ALA K 60 -7.54 -49.06 29.05
C ALA K 60 -8.36 -48.15 28.15
N LEU K 61 -9.33 -48.71 27.45
CA LEU K 61 -10.21 -47.95 26.57
C LEU K 61 -11.65 -48.25 26.95
N ARG K 62 -12.24 -47.40 27.81
CA ARG K 62 -13.63 -47.56 28.21
C ARG K 62 -14.52 -46.91 27.17
N LYS K 63 -15.72 -47.46 27.02
CA LYS K 63 -16.68 -46.93 26.07
C LYS K 63 -17.80 -46.20 26.81
N TYR K 64 -18.58 -45.43 26.07
CA TYR K 64 -19.53 -44.54 26.72
C TYR K 64 -20.75 -44.38 25.81
N ALA K 65 -21.64 -43.47 26.21
CA ALA K 65 -22.82 -43.14 25.41
C ALA K 65 -23.22 -41.71 25.75
N ARG K 66 -22.97 -40.76 24.85
CA ARG K 66 -23.35 -39.37 25.07
C ARG K 66 -24.80 -39.20 24.63
N VAL K 67 -25.63 -38.70 25.54
CA VAL K 67 -27.07 -38.76 25.41
C VAL K 67 -27.65 -37.36 25.47
N ARG K 68 -28.57 -37.07 24.55
CA ARG K 68 -29.42 -35.90 24.66
C ARG K 68 -30.81 -36.35 25.09
N LEU K 69 -31.30 -35.79 26.19
CA LEU K 69 -32.65 -36.06 26.65
C LEU K 69 -33.63 -35.18 25.88
N SER K 70 -34.85 -35.06 26.41
CA SER K 70 -35.84 -34.21 25.76
C SER K 70 -35.67 -32.72 26.09
N ASN K 71 -34.77 -32.36 27.01
CA ASN K 71 -34.58 -30.98 27.42
C ASN K 71 -33.45 -30.29 26.69
N LEU K 72 -32.98 -30.87 25.58
CA LEU K 72 -31.98 -30.30 24.67
C LEU K 72 -30.61 -30.08 25.34
N ILE K 73 -30.32 -30.76 26.44
CA ILE K 73 -28.98 -30.73 27.01
C ILE K 73 -28.37 -32.12 26.85
N GLU K 74 -27.03 -32.15 26.77
CA GLU K 74 -26.32 -33.37 26.43
C GLU K 74 -25.33 -33.72 27.53
N VAL K 75 -25.39 -34.96 27.99
CA VAL K 75 -24.49 -35.50 28.99
C VAL K 75 -23.83 -36.74 28.39
N THR K 76 -22.58 -36.99 28.76
CA THR K 76 -21.94 -38.27 28.45
C THR K 76 -22.25 -39.26 29.56
N ALA K 77 -22.58 -40.50 29.17
CA ALA K 77 -22.95 -41.55 30.10
C ALA K 77 -22.19 -42.83 29.77
N TYR K 78 -22.07 -43.71 30.75
CA TYR K 78 -21.22 -44.88 30.65
C TYR K 78 -22.04 -46.10 30.22
N ILE K 79 -21.35 -47.10 29.69
CA ILE K 79 -21.99 -48.32 29.21
C ILE K 79 -21.64 -49.47 30.16
N PRO K 80 -22.62 -50.15 30.75
CA PRO K 80 -22.33 -51.40 31.46
C PRO K 80 -22.57 -52.62 30.58
N GLY K 81 -22.03 -53.77 30.99
CA GLY K 81 -22.25 -55.00 30.27
C GLY K 81 -21.17 -55.30 29.25
N ILE K 82 -21.10 -56.57 28.85
CA ILE K 82 -20.21 -57.01 27.79
C ILE K 82 -21.07 -57.29 26.56
N GLY K 83 -20.87 -56.48 25.53
CA GLY K 83 -21.71 -56.47 24.34
C GLY K 83 -22.68 -55.31 24.38
N HIS K 84 -22.32 -54.20 23.74
CA HIS K 84 -23.18 -53.02 23.77
C HIS K 84 -24.31 -53.22 22.76
N ASN K 85 -25.52 -53.44 23.27
CA ASN K 85 -26.65 -53.75 22.42
C ASN K 85 -27.18 -52.53 21.70
N LEU K 86 -26.79 -51.35 22.12
CA LEU K 86 -27.24 -50.12 21.51
C LEU K 86 -26.29 -49.71 20.38
N GLN K 87 -26.77 -48.82 19.52
CA GLN K 87 -26.00 -48.34 18.38
C GLN K 87 -26.26 -46.86 18.19
N GLU K 88 -25.75 -46.34 17.07
CA GLU K 88 -25.83 -44.93 16.74
C GLU K 88 -27.27 -44.53 16.42
N HIS K 89 -27.67 -43.36 16.94
CA HIS K 89 -29.02 -42.78 16.81
C HIS K 89 -30.10 -43.74 17.34
N SER K 90 -30.03 -44.01 18.64
CA SER K 90 -30.92 -45.00 19.24
C SER K 90 -31.45 -44.50 20.57
N VAL K 91 -32.62 -45.02 20.95
CA VAL K 91 -33.28 -44.64 22.20
C VAL K 91 -32.58 -45.32 23.36
N VAL K 92 -32.27 -44.53 24.40
CA VAL K 92 -31.45 -44.98 25.52
C VAL K 92 -32.02 -44.45 26.82
N LEU K 93 -32.18 -45.33 27.81
CA LEU K 93 -32.52 -44.94 29.17
C LEU K 93 -31.24 -44.80 29.98
N LEU K 94 -31.31 -44.00 31.05
CA LEU K 94 -30.16 -43.66 31.86
C LEU K 94 -30.35 -44.12 33.30
N ARG K 95 -29.24 -44.40 33.98
CA ARG K 95 -29.25 -44.57 35.42
C ARG K 95 -28.13 -43.72 36.01
N GLY K 96 -28.35 -43.24 37.22
CA GLY K 96 -27.46 -42.26 37.82
C GLY K 96 -26.36 -42.88 38.65
N GLY K 97 -25.15 -42.38 38.48
CA GLY K 97 -24.04 -42.79 39.29
C GLY K 97 -22.74 -42.12 38.90
N ARG K 98 -22.02 -41.60 39.89
CA ARG K 98 -20.75 -40.93 39.64
C ARG K 98 -19.70 -41.96 39.25
N VAL K 99 -18.81 -41.59 38.33
CA VAL K 99 -17.72 -42.45 37.93
C VAL K 99 -16.43 -41.66 37.93
N LYS K 100 -15.37 -42.25 38.50
CA LYS K 100 -14.09 -41.57 38.71
C LYS K 100 -13.05 -41.92 37.66
N ASP K 101 -13.47 -42.17 36.43
CA ASP K 101 -12.53 -42.47 35.37
C ASP K 101 -11.99 -41.22 34.69
N LEU K 102 -12.86 -40.28 34.36
CA LEU K 102 -12.51 -39.08 33.60
C LEU K 102 -13.36 -37.92 34.08
N PRO K 103 -12.94 -36.69 33.81
CA PRO K 103 -13.88 -35.57 33.93
C PRO K 103 -14.97 -35.67 32.88
N GLY K 104 -16.19 -35.30 33.29
CA GLY K 104 -17.26 -35.13 32.35
C GLY K 104 -18.44 -36.05 32.52
N VAL K 105 -18.19 -37.33 32.78
CA VAL K 105 -19.23 -38.34 32.73
C VAL K 105 -19.71 -38.66 34.14
N ARG K 106 -21.03 -38.68 34.31
CA ARG K 106 -21.59 -38.99 35.62
C ARG K 106 -22.87 -39.81 35.53
N TYR K 107 -23.08 -40.56 34.46
CA TYR K 107 -24.24 -41.45 34.38
C TYR K 107 -23.84 -42.75 33.70
N HIS K 108 -24.75 -43.72 33.78
CA HIS K 108 -24.56 -44.99 33.11
C HIS K 108 -25.90 -45.46 32.58
N ILE K 109 -25.88 -45.92 31.33
CA ILE K 109 -27.10 -46.27 30.61
C ILE K 109 -27.63 -47.60 31.12
N VAL K 110 -28.87 -47.92 30.77
CA VAL K 110 -29.49 -49.12 31.30
C VAL K 110 -29.05 -50.33 30.48
N ARG K 111 -29.16 -51.52 31.08
CA ARG K 111 -29.06 -52.79 30.37
C ARG K 111 -30.20 -53.68 30.84
N GLY K 112 -31.07 -54.07 29.90
CA GLY K 112 -32.09 -55.05 30.20
C GLY K 112 -33.32 -54.53 30.90
N ALA K 113 -33.80 -53.35 30.52
CA ALA K 113 -35.14 -52.91 30.89
C ALA K 113 -35.91 -52.28 29.75
N LEU K 114 -35.25 -51.85 28.69
CA LEU K 114 -35.82 -51.16 27.53
C LEU K 114 -35.16 -51.66 26.26
N ASP K 115 -35.09 -50.79 25.25
CA ASP K 115 -34.50 -51.00 23.93
C ASP K 115 -33.19 -51.80 23.88
N THR K 116 -32.35 -51.68 24.89
CA THR K 116 -31.14 -52.49 24.96
C THR K 116 -31.42 -53.87 25.53
N ALA K 117 -30.58 -54.82 25.14
CA ALA K 117 -30.62 -56.13 25.77
C ALA K 117 -29.68 -56.12 26.97
N GLY K 118 -29.36 -57.30 27.50
CA GLY K 118 -28.47 -57.34 28.63
C GLY K 118 -27.32 -58.31 28.47
N VAL K 119 -27.14 -59.18 29.46
CA VAL K 119 -25.96 -60.02 29.54
C VAL K 119 -26.27 -61.38 28.91
N ASN K 120 -25.24 -62.03 28.38
CA ASN K 120 -25.31 -63.42 27.94
C ASN K 120 -24.10 -64.23 28.40
N ASP K 121 -23.35 -63.73 29.38
CA ASP K 121 -22.32 -64.50 30.05
C ASP K 121 -22.68 -64.78 31.50
N ARG K 122 -23.10 -63.75 32.23
CA ARG K 122 -23.29 -63.85 33.67
C ARG K 122 -24.56 -64.64 33.96
N LYS K 123 -24.41 -65.74 34.68
CA LYS K 123 -25.52 -66.55 35.15
C LYS K 123 -25.65 -66.52 36.67
N GLN K 124 -25.08 -65.50 37.30
CA GLN K 124 -24.93 -65.47 38.75
C GLN K 124 -25.38 -64.12 39.29
N SER K 125 -25.38 -63.11 38.42
CA SER K 125 -25.76 -61.74 38.79
C SER K 125 -26.91 -61.27 37.92
N ARG K 126 -27.91 -62.13 37.70
CA ARG K 126 -28.82 -61.97 36.58
C ARG K 126 -29.80 -60.83 36.75
N SER K 127 -30.00 -60.34 37.98
CA SER K 127 -30.80 -59.13 38.17
C SER K 127 -30.05 -57.92 37.64
N LYS K 128 -28.77 -57.84 37.92
CA LYS K 128 -27.94 -56.84 37.26
C LYS K 128 -27.77 -57.22 35.80
N TYR K 129 -27.51 -56.20 34.99
CA TYR K 129 -27.48 -56.28 33.52
C TYR K 129 -28.79 -56.79 32.94
N GLY K 130 -29.90 -56.62 33.69
CA GLY K 130 -31.27 -56.88 33.27
C GLY K 130 -31.63 -58.12 32.47
N THR K 131 -30.97 -59.25 32.74
CA THR K 131 -31.26 -60.51 32.05
C THR K 131 -31.45 -61.58 33.10
N LYS K 132 -32.65 -61.70 33.63
CA LYS K 132 -32.87 -62.76 34.61
C LYS K 132 -33.21 -64.09 33.95
N ARG K 133 -33.76 -65.00 34.76
CA ARG K 133 -33.54 -66.45 34.83
C ARG K 133 -33.42 -67.17 33.49
N PRO K 134 -32.21 -67.62 33.16
CA PRO K 134 -32.04 -68.59 32.07
C PRO K 134 -32.08 -70.01 32.60
N LYS K 135 -32.71 -70.90 31.82
CA LYS K 135 -32.70 -72.31 32.16
C LYS K 135 -31.37 -72.98 31.86
N ALA K 136 -30.54 -72.36 31.00
CA ALA K 136 -29.29 -72.90 30.47
C ALA K 136 -29.46 -74.30 29.87
N ALA L 1 102.03 -32.92 7.37
CA ALA L 1 100.81 -32.17 7.60
C ALA L 1 99.61 -33.11 7.71
N ARG L 2 99.26 -33.55 8.92
CA ARG L 2 99.95 -33.17 10.16
C ARG L 2 101.02 -34.18 10.50
N ILE L 3 100.59 -35.40 10.79
CA ILE L 3 101.49 -36.52 11.01
C ILE L 3 101.07 -37.66 10.09
N ALA L 4 99.78 -37.68 9.75
CA ALA L 4 99.15 -38.70 8.93
C ALA L 4 97.76 -38.19 8.58
N GLY L 5 97.41 -38.20 7.31
CA GLY L 5 96.17 -37.60 6.88
C GLY L 5 96.22 -36.10 7.08
N VAL L 6 95.50 -35.61 8.09
CA VAL L 6 95.43 -34.18 8.40
C VAL L 6 94.87 -34.05 9.82
N ASP L 7 95.08 -32.89 10.43
CA ASP L 7 94.31 -32.38 11.57
C ASP L 7 94.49 -33.24 12.83
N ILE L 8 95.74 -33.27 13.32
CA ILE L 8 96.07 -33.87 14.60
C ILE L 8 96.62 -32.76 15.51
N PRO L 9 96.12 -32.60 16.72
CA PRO L 9 96.62 -31.55 17.59
C PRO L 9 97.76 -32.02 18.48
N ARG L 10 98.36 -31.05 19.16
CA ARG L 10 99.17 -31.33 20.33
C ARG L 10 98.29 -31.21 21.57
N ASP L 11 98.94 -31.15 22.73
CA ASP L 11 98.39 -30.84 24.05
C ASP L 11 97.44 -31.91 24.60
N LYS L 12 97.12 -32.93 23.82
CA LYS L 12 96.59 -34.19 24.33
C LYS L 12 97.64 -35.26 24.10
N ARG L 13 97.51 -36.37 24.83
CA ARG L 13 98.48 -37.44 24.69
C ARG L 13 98.17 -38.24 23.42
N VAL L 14 98.93 -39.31 23.21
CA VAL L 14 98.98 -39.95 21.90
C VAL L 14 97.67 -40.67 21.59
N VAL L 15 97.19 -41.50 22.52
CA VAL L 15 95.96 -42.27 22.25
C VAL L 15 94.73 -41.36 22.22
N VAL L 16 94.82 -40.17 22.80
CA VAL L 16 93.76 -39.20 22.63
C VAL L 16 93.90 -38.51 21.28
N SER L 17 95.12 -38.12 20.91
CA SER L 17 95.32 -37.39 19.67
C SER L 17 95.28 -38.28 18.44
N LEU L 18 95.55 -39.59 18.57
CA LEU L 18 95.36 -40.48 17.44
C LEU L 18 93.90 -40.83 17.21
N THR L 19 93.03 -40.54 18.17
CA THR L 19 91.61 -40.87 18.05
C THR L 19 90.89 -39.92 17.11
N TYR L 20 91.47 -38.76 16.82
CA TYR L 20 90.77 -37.65 16.19
C TYR L 20 90.64 -37.77 14.69
N ILE L 21 90.70 -38.98 14.14
CA ILE L 21 90.56 -39.19 12.71
C ILE L 21 89.45 -40.22 12.46
N TYR L 22 88.81 -40.08 11.30
CA TYR L 22 87.58 -40.81 10.99
C TYR L 22 87.86 -42.28 10.75
N GLY L 23 87.85 -43.07 11.81
CA GLY L 23 88.08 -44.49 11.67
C GLY L 23 88.83 -45.10 12.83
N ILE L 24 89.35 -44.27 13.73
CA ILE L 24 90.18 -44.74 14.82
C ILE L 24 89.45 -44.50 16.14
N GLY L 25 89.12 -45.58 16.83
CA GLY L 25 88.58 -45.50 18.16
C GLY L 25 89.67 -45.63 19.20
N ASN L 26 89.69 -46.73 19.92
CA ASN L 26 90.70 -46.88 20.96
C ASN L 26 91.54 -48.15 20.81
N THR L 27 90.91 -49.28 20.50
CA THR L 27 91.66 -50.54 20.40
C THR L 27 92.51 -50.56 19.14
N THR L 28 92.04 -49.93 18.07
CA THR L 28 92.89 -49.74 16.89
C THR L 28 94.05 -48.80 17.20
N ALA L 29 93.81 -47.81 18.08
CA ALA L 29 94.90 -46.96 18.53
C ALA L 29 95.89 -47.73 19.39
N LYS L 30 95.40 -48.73 20.13
CA LYS L 30 96.33 -49.56 20.88
C LYS L 30 97.07 -50.53 19.98
N LYS L 31 96.48 -50.90 18.83
CA LYS L 31 97.25 -51.60 17.80
C LYS L 31 98.37 -50.73 17.26
N VAL L 32 98.08 -49.44 17.05
CA VAL L 32 99.10 -48.52 16.56
C VAL L 32 100.19 -48.29 17.61
N LEU L 33 99.82 -48.27 18.89
CA LEU L 33 100.82 -48.32 19.95
C LEU L 33 101.62 -49.62 19.90
N ALA L 34 100.96 -50.72 19.56
CA ALA L 34 101.60 -52.02 19.65
C ALA L 34 102.64 -52.21 18.56
N ASN L 35 102.33 -51.79 17.34
CA ASN L 35 103.24 -52.06 16.23
C ASN L 35 104.49 -51.18 16.27
N VAL L 36 104.39 -50.00 16.87
CA VAL L 36 105.56 -49.15 17.07
C VAL L 36 106.24 -49.55 18.36
N GLY L 37 105.53 -49.41 19.48
CA GLY L 37 106.05 -49.80 20.78
C GLY L 37 106.21 -48.65 21.75
N VAL L 38 105.57 -47.52 21.45
CA VAL L 38 105.71 -46.32 22.28
C VAL L 38 104.46 -46.14 23.13
N SER L 39 104.65 -45.56 24.31
CA SER L 39 103.58 -45.32 25.26
C SER L 39 102.98 -43.94 25.01
N GLU L 40 102.20 -43.44 25.98
CA GLU L 40 101.54 -42.15 25.81
C GLU L 40 102.52 -41.00 26.08
N ASP L 41 102.96 -40.90 27.32
CA ASP L 41 104.14 -40.13 27.73
C ASP L 41 104.03 -38.63 27.40
N VAL L 42 103.18 -37.89 28.14
CA VAL L 42 102.30 -38.33 29.23
C VAL L 42 100.91 -37.79 28.92
N ARG L 43 100.85 -36.47 28.75
CA ARG L 43 99.62 -35.76 28.42
C ARG L 43 99.79 -34.82 27.24
N VAL L 44 101.01 -34.66 26.72
CA VAL L 44 101.28 -33.71 25.64
C VAL L 44 102.08 -34.44 24.56
N ARG L 45 101.81 -34.08 23.30
CA ARG L 45 102.34 -34.81 22.17
C ARG L 45 103.74 -34.29 21.84
N ASP L 46 104.76 -35.07 22.15
CA ASP L 46 106.16 -34.71 21.97
C ASP L 46 106.92 -35.83 21.26
N LEU L 47 106.38 -36.29 20.14
CA LEU L 47 106.98 -37.38 19.37
C LEU L 47 108.28 -36.94 18.70
N THR L 48 108.92 -37.87 18.01
CA THR L 48 110.08 -37.58 17.19
C THR L 48 109.70 -37.75 15.72
N ASN L 49 110.70 -37.56 14.85
CA ASN L 49 110.46 -37.64 13.41
C ASN L 49 110.26 -39.09 12.96
N GLU L 50 111.01 -40.01 13.55
CA GLU L 50 110.92 -41.42 13.18
C GLU L 50 109.56 -42.00 13.56
N GLN L 51 109.05 -41.61 14.72
CA GLN L 51 107.82 -42.18 15.25
C GLN L 51 106.61 -41.72 14.43
N THR L 52 106.61 -40.46 14.01
CA THR L 52 105.55 -39.96 13.14
C THR L 52 105.61 -40.63 11.78
N ASP L 53 106.80 -40.91 11.28
CA ASP L 53 106.92 -41.62 10.00
C ASP L 53 106.50 -43.07 10.14
N ALA L 54 106.74 -43.67 11.31
CA ALA L 54 106.32 -45.05 11.56
C ALA L 54 104.80 -45.17 11.61
N ILE L 55 104.15 -44.26 12.32
CA ILE L 55 102.69 -44.34 12.38
C ILE L 55 102.08 -43.88 11.06
N ARG L 56 102.77 -43.02 10.30
CA ARG L 56 102.31 -42.65 8.97
C ARG L 56 102.40 -43.83 8.03
N ALA L 57 103.39 -44.69 8.21
CA ALA L 57 103.46 -45.92 7.42
C ALA L 57 102.41 -46.93 7.87
N GLU L 58 102.22 -47.10 9.18
CA GLU L 58 101.39 -48.20 9.67
C GLU L 58 99.90 -47.93 9.52
N ILE L 59 99.46 -46.71 9.83
CA ILE L 59 98.04 -46.38 9.72
C ILE L 59 97.62 -46.27 8.25
N ASP L 60 98.59 -46.13 7.34
CA ASP L 60 98.33 -46.01 5.91
C ASP L 60 97.68 -47.26 5.34
N LYS L 61 97.89 -48.42 5.97
CA LYS L 61 97.23 -49.65 5.57
C LYS L 61 95.86 -49.83 6.22
N LEU L 62 95.23 -48.75 6.66
CA LEU L 62 93.89 -48.79 7.23
C LEU L 62 92.99 -47.83 6.48
N LYS L 63 91.67 -48.02 6.66
CA LYS L 63 90.67 -47.37 5.83
C LYS L 63 90.37 -45.92 6.22
N VAL L 64 91.20 -45.29 7.04
CA VAL L 64 90.86 -43.96 7.55
C VAL L 64 91.15 -42.95 6.45
N GLU L 65 90.15 -42.71 5.61
CA GLU L 65 90.22 -41.76 4.51
C GLU L 65 88.85 -41.12 4.34
N GLY L 66 88.78 -40.14 3.44
CA GLY L 66 87.48 -39.67 2.97
C GLY L 66 86.78 -40.67 2.08
N ASP L 67 87.51 -41.65 1.54
CA ASP L 67 86.91 -42.75 0.81
C ASP L 67 86.04 -43.61 1.71
N LEU L 68 86.39 -43.69 2.99
CA LEU L 68 85.56 -44.39 3.96
C LEU L 68 84.21 -43.70 4.12
N ARG L 69 84.19 -42.36 4.08
CA ARG L 69 82.93 -41.64 4.02
C ARG L 69 82.21 -41.96 2.72
N ARG L 70 82.96 -42.04 1.61
CA ARG L 70 82.34 -42.44 0.36
C ARG L 70 81.97 -43.92 0.38
N GLU L 71 82.67 -44.72 1.18
CA GLU L 71 82.27 -46.12 1.36
C GLU L 71 80.94 -46.22 2.08
N VAL L 72 80.75 -45.44 3.14
CA VAL L 72 79.45 -45.35 3.82
C VAL L 72 78.39 -44.85 2.86
N ASN L 73 78.77 -43.88 2.01
CA ASN L 73 77.84 -43.31 1.03
C ASN L 73 77.39 -44.36 0.03
N LEU L 74 78.30 -45.18 -0.48
CA LEU L 74 77.92 -46.19 -1.45
C LEU L 74 77.18 -47.35 -0.79
N ASN L 75 77.47 -47.64 0.49
CA ASN L 75 76.73 -48.68 1.19
C ASN L 75 75.27 -48.30 1.37
N ILE L 76 75.02 -47.11 1.90
CA ILE L 76 73.64 -46.67 2.05
C ILE L 76 73.01 -46.36 0.70
N LYS L 77 73.82 -46.06 -0.32
CA LYS L 77 73.34 -45.89 -1.68
C LYS L 77 72.80 -47.20 -2.23
N ARG L 78 73.49 -48.29 -1.96
CA ARG L 78 72.96 -49.60 -2.32
C ARG L 78 71.71 -49.92 -1.53
N LEU L 79 71.72 -49.64 -0.22
CA LEU L 79 70.62 -50.02 0.65
C LEU L 79 69.33 -49.28 0.30
N MET L 80 69.43 -48.00 -0.07
CA MET L 80 68.22 -47.25 -0.40
C MET L 80 67.71 -47.53 -1.80
N GLU L 81 68.40 -48.35 -2.59
CA GLU L 81 68.10 -48.45 -4.01
C GLU L 81 67.92 -49.87 -4.51
N ILE L 82 67.83 -50.87 -3.65
CA ILE L 82 67.55 -52.20 -4.15
C ILE L 82 66.05 -52.30 -4.42
N GLY L 83 65.25 -52.28 -3.36
CA GLY L 83 63.82 -52.12 -3.49
C GLY L 83 63.30 -50.71 -3.22
N SER L 84 63.46 -50.16 -2.00
CA SER L 84 63.79 -50.91 -0.79
C SER L 84 62.91 -50.51 0.41
N TYR L 85 62.30 -51.50 1.07
CA TYR L 85 61.51 -51.21 2.28
C TYR L 85 62.40 -50.72 3.41
N ARG L 86 63.61 -51.28 3.53
CA ARG L 86 64.58 -50.68 4.43
C ARG L 86 65.09 -49.37 3.90
N GLY L 87 65.00 -49.14 2.58
CA GLY L 87 65.35 -47.84 2.04
C GLY L 87 64.25 -46.81 2.28
N ILE L 88 62.99 -47.27 2.26
CA ILE L 88 61.87 -46.41 2.63
C ILE L 88 61.97 -46.03 4.10
N ARG L 89 62.29 -47.00 4.95
CA ARG L 89 62.53 -46.72 6.35
C ARG L 89 63.81 -45.92 6.55
N HIS L 90 64.72 -46.00 5.59
CA HIS L 90 65.99 -45.29 5.69
C HIS L 90 65.81 -43.80 5.37
N ARG L 91 65.02 -43.50 4.34
CA ARG L 91 64.94 -42.14 3.81
C ARG L 91 63.79 -41.32 4.40
N ARG L 92 62.81 -41.95 5.03
CA ARG L 92 61.73 -41.19 5.67
C ARG L 92 62.07 -40.71 7.06
N GLY L 93 63.30 -40.88 7.50
CA GLY L 93 63.64 -40.46 8.85
C GLY L 93 63.23 -41.43 9.94
N LEU L 94 62.66 -42.58 9.60
CA LEU L 94 62.50 -43.62 10.59
C LEU L 94 63.86 -44.25 10.90
N PRO L 95 64.02 -44.79 12.10
CA PRO L 95 65.19 -45.62 12.37
C PRO L 95 65.09 -46.93 11.60
N THR L 96 66.20 -47.32 10.99
CA THR L 96 66.20 -48.44 10.05
C THR L 96 66.11 -49.78 10.74
N ARG L 97 66.39 -49.82 12.05
CA ARG L 97 66.50 -51.08 12.77
C ARG L 97 65.16 -51.76 12.91
N GLY L 98 64.10 -51.00 13.13
CA GLY L 98 62.80 -51.58 13.42
C GLY L 98 62.43 -51.30 14.86
N GLN L 99 61.61 -50.28 15.08
CA GLN L 99 61.35 -49.76 16.41
C GLN L 99 59.90 -49.36 16.65
N ASN L 100 59.12 -49.09 15.59
CA ASN L 100 57.70 -48.73 15.64
C ASN L 100 57.46 -47.48 16.49
N THR L 101 57.97 -46.37 15.97
CA THR L 101 58.25 -45.18 16.76
C THR L 101 57.01 -44.40 17.17
N LYS L 102 57.07 -43.82 18.38
CA LYS L 102 56.24 -42.70 18.77
C LYS L 102 57.05 -41.50 19.25
N ASN L 103 58.36 -41.65 19.48
CA ASN L 103 59.16 -40.50 19.88
C ASN L 103 60.53 -40.47 19.23
N ASN L 104 60.83 -41.41 18.34
CA ASN L 104 62.15 -41.45 17.69
C ASN L 104 62.13 -40.67 16.38
N ALA L 105 61.63 -39.44 16.46
CA ALA L 105 62.05 -38.37 15.58
C ALA L 105 62.89 -37.36 16.32
N ARG L 106 63.02 -37.51 17.64
CA ARG L 106 63.85 -36.62 18.44
C ARG L 106 65.32 -36.93 18.30
N THR L 107 65.67 -38.08 17.70
CA THR L 107 67.07 -38.38 17.44
C THR L 107 67.65 -37.42 16.41
N ARG L 108 66.92 -37.16 15.34
CA ARG L 108 67.52 -36.57 14.16
C ARG L 108 66.86 -35.28 13.69
N LYS L 109 65.53 -35.15 13.79
CA LYS L 109 64.88 -34.03 13.13
C LYS L 109 64.24 -33.01 14.07
N GLY L 110 64.01 -33.32 15.34
CA GLY L 110 63.44 -32.36 16.25
C GLY L 110 61.97 -32.08 15.99
N PRO L 111 61.09 -33.05 16.34
CA PRO L 111 59.69 -33.02 15.86
C PRO L 111 58.76 -32.05 16.57
N THR L 112 59.28 -31.09 17.32
CA THR L 112 58.41 -30.10 17.94
C THR L 112 58.00 -29.04 16.93
N ALA M 1 34.92 -68.62 21.53
CA ALA M 1 35.48 -69.77 20.83
C ALA M 1 36.34 -70.62 21.76
N LYS M 2 35.91 -70.71 23.02
CA LYS M 2 36.74 -71.36 24.03
C LYS M 2 36.70 -72.88 23.94
N LYS M 3 35.56 -73.47 23.57
CA LYS M 3 35.42 -74.91 23.69
C LYS M 3 36.15 -75.67 22.60
N SER M 4 36.35 -75.06 21.43
CA SER M 4 37.34 -75.62 20.51
C SER M 4 38.75 -75.38 21.03
N MET M 5 39.00 -74.21 21.60
CA MET M 5 40.33 -73.88 22.08
C MET M 5 40.67 -74.52 23.42
N ILE M 6 39.68 -75.11 24.12
CA ILE M 6 40.02 -76.07 25.16
C ILE M 6 40.65 -77.30 24.53
N ALA M 7 40.06 -77.80 23.44
CA ALA M 7 40.58 -78.98 22.76
C ALA M 7 41.85 -78.69 21.98
N LYS M 8 42.19 -77.41 21.79
CA LYS M 8 43.41 -77.06 21.06
C LYS M 8 44.65 -77.53 21.79
N ASN M 9 44.65 -77.48 23.13
CA ASN M 9 45.76 -78.03 23.89
C ASN M 9 45.73 -79.55 23.96
N LYS M 10 44.55 -80.16 23.79
CA LYS M 10 44.41 -81.58 23.99
C LYS M 10 44.91 -82.41 22.82
N ARG M 11 45.26 -81.76 21.72
CA ARG M 11 45.90 -82.41 20.59
C ARG M 11 47.40 -82.20 20.67
N PRO M 12 48.20 -82.95 19.92
CA PRO M 12 49.61 -82.54 19.74
C PRO M 12 49.70 -81.38 18.78
N ALA M 13 50.68 -80.52 19.01
CA ALA M 13 50.84 -79.33 18.20
C ALA M 13 51.49 -79.67 16.87
N LYS M 14 51.54 -78.67 15.98
CA LYS M 14 52.25 -78.83 14.71
C LYS M 14 53.74 -78.99 14.93
N HIS M 15 54.33 -78.14 15.74
CA HIS M 15 55.71 -78.32 16.16
C HIS M 15 55.83 -77.85 17.60
N SER M 16 57.07 -77.64 18.04
CA SER M 16 57.35 -77.55 19.47
C SER M 16 56.88 -76.25 20.08
N THR M 17 56.94 -75.16 19.32
CA THR M 17 56.81 -73.85 19.95
C THR M 17 55.36 -73.37 19.97
N GLN M 18 54.42 -74.23 20.34
CA GLN M 18 53.04 -73.81 20.48
C GLN M 18 52.37 -74.42 21.70
N ALA M 19 53.06 -75.29 22.42
CA ALA M 19 52.47 -75.96 23.57
C ALA M 19 52.40 -74.93 24.68
N TYR M 20 51.31 -74.16 24.69
CA TYR M 20 51.10 -73.16 25.70
C TYR M 20 50.38 -73.79 26.89
N THR M 21 50.46 -73.13 28.03
CA THR M 21 49.93 -73.66 29.27
C THR M 21 48.76 -72.80 29.70
N ARG M 22 47.69 -73.46 30.17
CA ARG M 22 46.55 -72.75 30.72
C ARG M 22 46.05 -73.48 31.95
N CYS M 23 44.97 -72.95 32.52
CA CYS M 23 44.33 -73.62 33.64
C CYS M 23 43.59 -74.86 33.16
N GLU M 24 43.14 -75.67 34.12
CA GLU M 24 42.46 -76.91 33.76
C GLU M 24 40.95 -76.78 33.94
N ARG M 25 40.51 -76.34 35.12
CA ARG M 25 39.08 -76.26 35.38
C ARG M 25 38.45 -75.03 34.70
N CYS M 26 39.19 -73.94 34.59
CA CYS M 26 38.85 -72.91 33.62
C CYS M 26 39.90 -72.96 32.52
N GLY M 27 39.84 -72.03 31.59
CA GLY M 27 40.76 -72.10 30.46
C GLY M 27 41.54 -70.85 30.18
N ARG M 28 41.96 -70.12 31.21
CA ARG M 28 42.65 -68.86 31.00
C ARG M 28 44.07 -69.11 30.51
N PRO M 29 44.45 -68.60 29.35
CA PRO M 29 45.83 -68.77 28.91
C PRO M 29 46.83 -67.91 29.67
N HIS M 30 46.38 -66.85 30.30
CA HIS M 30 47.25 -65.97 31.08
C HIS M 30 47.32 -66.40 32.53
N SER M 31 48.46 -66.06 33.16
CA SER M 31 48.65 -66.00 34.62
C SER M 31 48.35 -67.33 35.30
N VAL M 32 48.73 -68.40 34.63
CA VAL M 32 48.58 -69.76 35.14
C VAL M 32 49.94 -70.22 35.64
N TYR M 33 49.97 -70.67 36.90
CA TYR M 33 51.18 -71.29 37.40
C TYR M 33 51.39 -72.64 36.71
N ARG M 34 52.64 -72.92 36.37
CA ARG M 34 52.96 -74.17 35.70
C ARG M 34 53.09 -75.33 36.69
N LYS M 35 53.20 -75.04 37.97
CA LYS M 35 53.28 -76.09 38.97
C LYS M 35 51.95 -76.74 39.24
N PHE M 36 50.88 -75.95 39.32
CA PHE M 36 49.61 -76.45 39.79
C PHE M 36 48.61 -76.62 38.67
N HIS M 37 48.91 -76.07 37.49
CA HIS M 37 48.03 -76.05 36.32
C HIS M 37 46.69 -75.40 36.64
N LEU M 38 46.76 -74.32 37.42
CA LEU M 38 45.60 -73.51 37.75
C LEU M 38 45.92 -72.06 37.47
N CYS M 39 44.88 -71.29 37.17
CA CYS M 39 45.07 -69.90 36.77
C CYS M 39 45.29 -69.00 37.98
N ARG M 40 45.14 -67.69 37.75
CA ARG M 40 45.29 -66.67 38.78
C ARG M 40 44.31 -66.88 39.92
N ILE M 41 43.02 -66.92 39.62
CA ILE M 41 42.01 -66.79 40.66
C ILE M 41 41.36 -68.11 41.05
N CYS M 42 41.38 -69.11 40.17
CA CYS M 42 40.89 -70.42 40.57
C CYS M 42 41.81 -71.03 41.61
N PHE M 43 43.12 -70.79 41.49
CA PHE M 43 44.05 -71.02 42.59
C PHE M 43 43.63 -70.27 43.84
N ARG M 44 43.21 -69.01 43.68
CA ARG M 44 42.87 -68.22 44.84
C ARG M 44 41.59 -68.73 45.49
N GLU M 45 40.61 -69.12 44.67
CA GLU M 45 39.35 -69.62 45.22
C GLU M 45 39.53 -70.97 45.90
N LEU M 46 40.26 -71.89 45.26
CA LEU M 46 40.49 -73.17 45.91
C LEU M 46 41.44 -73.06 47.09
N ALA M 47 42.24 -71.98 47.14
CA ALA M 47 43.11 -71.77 48.29
C ALA M 47 42.31 -71.41 49.54
N TYR M 48 41.21 -70.68 49.39
CA TYR M 48 40.40 -70.35 50.56
C TYR M 48 39.61 -71.56 51.05
N LYS M 49 39.33 -72.51 50.16
CA LYS M 49 38.49 -73.65 50.53
C LYS M 49 39.20 -74.63 51.45
N GLY M 50 40.52 -74.53 51.57
CA GLY M 50 41.26 -75.46 52.39
C GLY M 50 41.30 -76.83 51.76
N GLN M 51 41.30 -76.86 50.43
CA GLN M 51 41.29 -78.10 49.68
C GLN M 51 42.62 -78.42 49.02
N ILE M 52 43.36 -77.42 48.56
CA ILE M 52 44.75 -77.59 48.17
C ILE M 52 45.53 -77.92 49.45
N PRO M 53 46.34 -78.96 49.46
CA PRO M 53 47.20 -79.18 50.63
C PRO M 53 48.36 -78.21 50.66
N GLY M 54 48.91 -77.99 51.85
CA GLY M 54 50.04 -77.11 51.91
C GLY M 54 49.69 -75.68 52.27
N VAL M 55 49.43 -74.88 51.23
CA VAL M 55 49.31 -73.42 51.21
C VAL M 55 48.53 -72.79 52.36
N LYS M 56 49.14 -71.81 53.02
CA LYS M 56 48.48 -70.92 53.97
C LYS M 56 48.60 -69.49 53.46
N LYS M 57 48.02 -68.56 54.19
CA LYS M 57 48.28 -67.15 53.93
C LYS M 57 49.59 -66.75 54.58
N ALA M 58 50.31 -65.85 53.94
CA ALA M 58 51.68 -65.49 54.32
C ALA M 58 51.70 -64.10 54.93
N SER M 59 52.36 -63.95 56.07
CA SER M 59 52.46 -62.68 56.77
C SER M 59 53.69 -62.68 57.64
N TRP M 60 54.51 -61.64 57.52
CA TRP M 60 55.73 -61.51 58.32
C TRP M 60 56.23 -60.06 58.40
N ALA N 1 -6.27 26.44 77.79
CA ALA N 1 -7.35 27.34 77.41
C ALA N 1 -7.46 28.51 78.39
N ILE N 2 -8.41 28.42 79.31
CA ILE N 2 -8.73 29.53 80.21
C ILE N 2 -7.66 29.70 81.27
N SER N 3 -7.74 30.80 82.00
CA SER N 3 -6.94 31.05 83.20
C SER N 3 -7.75 30.66 84.43
N GLN N 4 -7.06 30.58 85.57
CA GLN N 4 -7.77 30.32 86.82
C GLN N 4 -8.58 31.51 87.29
N GLU N 5 -8.29 32.70 86.76
CA GLU N 5 -8.99 33.91 87.17
C GLU N 5 -10.44 33.86 86.72
N ARG N 6 -10.68 33.55 85.45
CA ARG N 6 -12.05 33.34 85.02
C ARG N 6 -12.61 32.03 85.55
N LYS N 7 -11.75 31.05 85.81
CA LYS N 7 -12.22 29.81 86.42
C LYS N 7 -12.68 30.05 87.85
N ASN N 8 -12.02 30.96 88.57
CA ASN N 8 -12.57 31.37 89.85
C ASN N 8 -13.78 32.26 89.68
N GLU N 9 -13.87 32.97 88.57
CA GLU N 9 -14.93 33.95 88.40
C GLU N 9 -16.27 33.29 88.11
N ILE N 10 -16.31 32.38 87.15
CA ILE N 10 -17.60 31.88 86.64
C ILE N 10 -18.17 30.74 87.47
N ILE N 11 -17.39 30.14 88.36
CA ILE N 11 -17.98 29.12 89.21
C ILE N 11 -18.84 29.74 90.27
N LYS N 12 -18.60 31.01 90.59
CA LYS N 12 -19.26 31.60 91.74
C LYS N 12 -20.64 32.12 91.38
N GLU N 13 -20.80 32.67 90.17
CA GLU N 13 -22.11 33.19 89.79
C GLU N 13 -23.09 32.09 89.45
N TYR N 14 -22.61 30.90 89.09
CA TYR N 14 -23.51 29.83 88.67
C TYR N 14 -23.60 28.73 89.70
N ALA N 15 -22.90 28.85 90.82
CA ALA N 15 -23.07 27.90 91.90
C ALA N 15 -24.47 28.04 92.50
N ARG N 16 -25.02 26.92 92.95
CA ARG N 16 -26.35 26.98 93.56
C ARG N 16 -26.25 27.50 94.99
N HIS N 17 -25.20 27.14 95.71
CA HIS N 17 -24.89 27.74 97.00
C HIS N 17 -23.37 27.76 97.13
N GLU N 18 -22.87 27.92 98.35
CA GLU N 18 -21.43 27.97 98.57
C GLU N 18 -20.76 26.64 98.25
N GLY N 19 -19.70 26.69 97.45
CA GLY N 19 -18.88 25.53 97.17
C GLY N 19 -19.57 24.48 96.33
N ASP N 20 -19.83 24.79 95.08
CA ASP N 20 -20.53 23.88 94.18
C ASP N 20 -19.66 23.49 93.00
N THR N 21 -18.43 23.10 93.27
CA THR N 21 -17.50 22.71 92.22
C THR N 21 -17.88 21.39 91.55
N GLY N 22 -18.86 20.65 92.09
CA GLY N 22 -19.52 19.59 91.36
C GLY N 22 -20.65 20.24 90.59
N SER N 23 -21.91 19.86 90.90
CA SER N 23 -23.10 20.65 90.59
C SER N 23 -23.26 20.97 89.11
N PRO N 24 -23.75 20.04 88.28
CA PRO N 24 -23.48 20.04 86.83
C PRO N 24 -23.85 21.27 86.02
N GLU N 25 -24.51 22.25 86.66
CA GLU N 25 -24.67 23.57 86.06
C GLU N 25 -23.32 24.23 85.84
N VAL N 26 -22.51 24.27 86.92
CA VAL N 26 -21.20 24.91 86.90
C VAL N 26 -20.27 24.21 85.92
N GLN N 27 -20.36 22.88 85.86
CA GLN N 27 -19.47 22.12 85.00
C GLN N 27 -19.79 22.35 83.53
N ILE N 28 -21.08 22.44 83.17
CA ILE N 28 -21.36 22.68 81.76
C ILE N 28 -21.08 24.13 81.39
N ALA N 29 -21.11 25.05 82.37
CA ALA N 29 -20.70 26.43 82.07
C ALA N 29 -19.21 26.54 81.77
N VAL N 30 -18.38 25.91 82.62
CA VAL N 30 -16.93 25.92 82.41
C VAL N 30 -16.58 25.23 81.09
N LEU N 31 -17.25 24.12 80.79
CA LEU N 31 -17.05 23.45 79.53
C LEU N 31 -17.46 24.31 78.35
N THR N 32 -18.50 25.13 78.50
CA THR N 32 -18.94 26.01 77.41
C THR N 32 -17.88 27.04 77.09
N GLU N 33 -17.33 27.71 78.09
CA GLU N 33 -16.33 28.73 77.77
C GLU N 33 -15.00 28.12 77.34
N ASP N 34 -14.67 26.92 77.84
CA ASP N 34 -13.50 26.19 77.34
C ASP N 34 -13.63 25.85 75.85
N ILE N 35 -14.79 25.34 75.45
CA ILE N 35 -14.92 24.96 74.05
C ILE N 35 -15.03 26.20 73.17
N ASN N 36 -15.47 27.34 73.71
CA ASN N 36 -15.41 28.55 72.89
C ASN N 36 -13.98 29.02 72.66
N GLN N 37 -13.14 29.00 73.70
CA GLN N 37 -11.76 29.43 73.49
C GLN N 37 -10.99 28.43 72.62
N LEU N 38 -11.23 27.14 72.79
CA LEU N 38 -10.58 26.16 71.93
C LEU N 38 -11.13 26.19 70.52
N ASN N 39 -12.36 26.64 70.34
CA ASN N 39 -12.88 26.80 69.00
C ASN N 39 -12.21 27.99 68.31
N GLU N 40 -11.91 29.03 69.07
CA GLU N 40 -11.05 30.09 68.54
C GLU N 40 -9.65 29.57 68.20
N HIS N 41 -9.13 28.66 69.03
CA HIS N 41 -7.85 28.01 68.74
C HIS N 41 -7.91 27.22 67.44
N ALA N 42 -9.01 26.53 67.21
CA ALA N 42 -9.17 25.77 65.98
C ALA N 42 -9.33 26.69 64.78
N ARG N 43 -9.96 27.84 64.97
CA ARG N 43 -10.04 28.83 63.89
C ARG N 43 -8.69 29.45 63.61
N THR N 44 -7.83 29.54 64.61
CA THR N 44 -6.51 30.13 64.41
C THR N 44 -5.56 29.13 63.74
N HIS N 45 -5.43 27.96 64.33
CA HIS N 45 -4.47 26.94 63.91
C HIS N 45 -5.31 25.84 63.29
N LYS N 46 -5.61 25.98 62.00
CA LYS N 46 -6.64 25.15 61.38
C LYS N 46 -6.18 23.74 61.02
N LYS N 47 -4.93 23.39 61.30
CA LYS N 47 -4.43 22.08 60.93
C LYS N 47 -3.82 21.32 62.12
N ASP N 48 -4.06 21.78 63.34
CA ASP N 48 -3.88 20.94 64.51
C ASP N 48 -4.94 19.85 64.50
N HIS N 49 -4.61 18.72 65.13
CA HIS N 49 -5.62 17.71 65.38
C HIS N 49 -5.57 17.32 66.85
N HIS N 50 -4.40 17.49 67.45
CA HIS N 50 -4.20 16.97 68.79
C HIS N 50 -4.79 17.86 69.89
N SER N 51 -5.40 18.98 69.53
CA SER N 51 -6.27 19.69 70.46
C SER N 51 -7.73 19.65 70.04
N TYR N 52 -7.99 19.43 68.74
CA TYR N 52 -9.35 19.26 68.26
C TYR N 52 -9.98 17.99 68.81
N ARG N 53 -9.15 16.98 69.08
CA ARG N 53 -9.61 15.80 69.79
C ARG N 53 -10.08 16.17 71.19
N GLY N 54 -9.41 17.12 71.83
CA GLY N 54 -9.85 17.60 73.12
C GLY N 54 -11.15 18.36 73.06
N LEU N 55 -11.37 19.12 71.98
CA LEU N 55 -12.69 19.69 71.73
C LEU N 55 -13.77 18.63 71.65
N MET N 56 -13.51 17.56 70.89
CA MET N 56 -14.52 16.53 70.72
C MET N 56 -14.84 15.83 72.02
N LYS N 57 -13.81 15.61 72.86
CA LYS N 57 -14.07 14.96 74.13
C LYS N 57 -14.83 15.87 75.10
N LYS N 58 -14.53 17.17 75.10
CA LYS N 58 -15.26 18.07 75.98
C LYS N 58 -16.71 18.24 75.54
N ILE N 59 -16.96 18.31 74.23
CA ILE N 59 -18.33 18.42 73.74
C ILE N 59 -19.11 17.16 74.03
N GLY N 60 -18.47 16.00 73.92
CA GLY N 60 -19.14 14.76 74.29
C GLY N 60 -19.49 14.70 75.77
N HIS N 61 -18.58 15.16 76.63
CA HIS N 61 -18.82 15.12 78.06
C HIS N 61 -19.92 16.08 78.48
N ARG N 62 -19.94 17.29 77.90
CA ARG N 62 -20.98 18.25 78.21
C ARG N 62 -22.33 17.80 77.64
N ARG N 63 -22.32 17.15 76.47
CA ARG N 63 -23.51 16.53 75.93
C ARG N 63 -24.08 15.50 76.87
N ASN N 64 -23.23 14.66 77.45
CA ASN N 64 -23.73 13.61 78.31
C ASN N 64 -24.22 14.15 79.63
N LEU N 65 -23.59 15.20 80.16
CA LEU N 65 -24.09 15.80 81.38
C LEU N 65 -25.42 16.53 81.15
N LEU N 66 -25.57 17.16 79.98
CA LEU N 66 -26.81 17.84 79.67
C LEU N 66 -27.94 16.85 79.49
N ALA N 67 -27.65 15.73 78.83
CA ALA N 67 -28.66 14.70 78.64
C ALA N 67 -28.99 14.00 79.94
N TYR N 68 -28.06 13.95 80.89
CA TYR N 68 -28.42 13.52 82.23
C TYR N 68 -29.36 14.51 82.90
N LEU N 69 -29.03 15.80 82.80
CA LEU N 69 -29.77 16.83 83.51
C LEU N 69 -31.19 16.94 83.00
N ARG N 70 -31.41 16.59 81.73
CA ARG N 70 -32.76 16.59 81.18
C ARG N 70 -33.64 15.55 81.86
N LYS N 71 -33.07 14.41 82.24
CA LYS N 71 -33.89 13.30 82.72
C LYS N 71 -34.34 13.48 84.16
N THR N 72 -33.87 14.50 84.87
CA THR N 72 -34.21 14.68 86.27
C THR N 72 -35.03 15.93 86.54
N ASP N 73 -34.56 17.10 86.11
CA ASP N 73 -35.15 18.38 86.50
C ASP N 73 -35.23 19.27 85.26
N ILE N 74 -36.40 19.29 84.62
CA ILE N 74 -36.53 20.00 83.35
C ILE N 74 -36.55 21.51 83.53
N GLN N 75 -36.84 21.98 84.74
CA GLN N 75 -36.90 23.42 84.97
C GLN N 75 -35.50 24.03 84.96
N ARG N 76 -34.56 23.38 85.64
CA ARG N 76 -33.16 23.82 85.59
C ARG N 76 -32.58 23.67 84.19
N TYR N 77 -33.08 22.69 83.43
CA TYR N 77 -32.63 22.50 82.05
C TYR N 77 -32.98 23.71 81.19
N ARG N 78 -34.23 24.16 81.28
CA ARG N 78 -34.66 25.35 80.55
C ARG N 78 -33.95 26.59 81.08
N GLU N 79 -33.74 26.63 82.40
CA GLU N 79 -32.99 27.70 83.04
C GLU N 79 -31.60 27.84 82.46
N LEU N 80 -30.87 26.73 82.34
CA LEU N 80 -29.51 26.79 81.84
C LEU N 80 -29.45 27.06 80.35
N ILE N 81 -30.36 26.48 79.55
CA ILE N 81 -30.27 26.72 78.12
C ILE N 81 -30.69 28.15 77.78
N GLN N 82 -31.52 28.78 78.61
CA GLN N 82 -31.67 30.22 78.47
C GLN N 82 -30.45 30.96 78.99
N ARG N 83 -29.79 30.40 79.99
CA ARG N 83 -28.74 31.11 80.72
C ARG N 83 -27.39 31.04 80.01
N LEU N 84 -27.16 30.03 79.17
CA LEU N 84 -25.89 29.87 78.49
C LEU N 84 -25.97 29.97 76.97
N GLY N 85 -27.16 29.91 76.37
CA GLY N 85 -27.23 30.06 74.94
C GLY N 85 -26.75 28.89 74.11
N LEU N 86 -27.53 27.82 74.07
CA LEU N 86 -27.13 26.60 73.38
C LEU N 86 -28.39 25.95 72.82
N ARG N 87 -28.29 24.66 72.48
CA ARG N 87 -29.41 23.81 72.06
C ARG N 87 -30.05 24.33 70.76
N ARG N 88 -29.33 24.08 69.68
CA ARG N 88 -29.96 24.13 68.37
C ARG N 88 -29.70 22.84 67.59
N ALA O 1 -83.05 -28.38 60.06
CA ALA O 1 -83.15 -29.64 59.34
C ALA O 1 -82.16 -30.66 59.89
N VAL O 2 -82.09 -30.75 61.22
CA VAL O 2 -81.21 -31.73 61.83
C VAL O 2 -81.81 -33.12 61.68
N LYS O 3 -80.93 -34.13 61.70
CA LYS O 3 -81.32 -35.46 61.26
C LYS O 3 -80.30 -36.49 61.74
N ILE O 4 -80.77 -37.54 62.41
CA ILE O 4 -79.90 -38.62 62.88
C ILE O 4 -79.97 -39.75 61.86
N ARG O 5 -78.87 -40.49 61.74
CA ARG O 5 -78.70 -41.32 60.55
C ARG O 5 -77.66 -42.40 60.83
N LEU O 6 -77.14 -43.02 59.78
CA LEU O 6 -76.19 -44.12 59.87
C LEU O 6 -74.85 -43.78 59.20
N LYS O 7 -73.91 -44.72 59.32
CA LYS O 7 -72.52 -44.51 58.89
C LYS O 7 -71.86 -45.88 58.75
N ARG O 8 -71.15 -46.10 57.65
CA ARG O 8 -70.52 -47.37 57.34
C ARG O 8 -69.05 -47.36 57.72
N MET O 9 -68.52 -48.55 58.05
CA MET O 9 -67.09 -48.75 58.34
C MET O 9 -66.60 -50.08 57.76
N GLY O 10 -66.97 -50.36 56.51
CA GLY O 10 -66.75 -51.68 55.96
C GLY O 10 -65.31 -51.98 55.61
N SER O 11 -65.06 -53.23 55.22
CA SER O 11 -63.74 -53.59 54.72
C SER O 11 -63.75 -54.05 53.26
N LYS O 12 -64.22 -55.26 52.97
CA LYS O 12 -64.35 -55.71 51.59
C LYS O 12 -65.61 -56.53 51.40
N LYS O 13 -65.87 -57.39 52.36
CA LYS O 13 -66.95 -58.36 52.45
C LYS O 13 -67.74 -58.21 53.73
N SER O 14 -67.06 -57.96 54.84
CA SER O 14 -67.68 -57.85 56.15
C SER O 14 -67.71 -56.39 56.54
N PRO O 15 -68.88 -55.77 56.60
CA PRO O 15 -68.96 -54.38 57.02
C PRO O 15 -69.18 -54.26 58.52
N PHE O 16 -68.96 -53.06 59.02
CA PHE O 16 -69.44 -52.65 60.32
C PHE O 16 -70.14 -51.33 60.15
N TYR O 17 -71.27 -51.14 60.82
CA TYR O 17 -72.05 -49.93 60.67
C TYR O 17 -72.15 -49.20 62.00
N ARG O 18 -72.38 -47.88 61.91
CA ARG O 18 -72.55 -47.03 63.07
C ARG O 18 -73.68 -46.05 62.83
N ILE O 19 -74.53 -45.86 63.84
CA ILE O 19 -75.44 -44.74 63.83
C ILE O 19 -74.63 -43.46 64.04
N VAL O 20 -75.05 -42.36 63.41
CA VAL O 20 -74.42 -41.06 63.59
C VAL O 20 -75.50 -39.98 63.53
N VAL O 21 -75.32 -38.93 64.32
CA VAL O 21 -76.32 -37.87 64.50
C VAL O 21 -75.73 -36.54 64.04
N ALA O 22 -76.45 -35.82 63.19
CA ALA O 22 -75.87 -34.70 62.46
C ALA O 22 -76.96 -33.72 62.04
N ASP O 23 -76.59 -32.81 61.15
CA ASP O 23 -77.51 -31.95 60.41
C ASP O 23 -77.50 -32.36 58.94
N SER O 24 -78.68 -32.34 58.32
CA SER O 24 -78.87 -32.99 57.01
C SER O 24 -78.17 -32.28 55.87
N ARG O 25 -77.63 -31.08 56.07
CA ARG O 25 -76.86 -30.44 55.02
C ARG O 25 -75.55 -31.18 54.76
N SER O 26 -75.03 -31.84 55.80
CA SER O 26 -73.73 -32.46 55.74
C SER O 26 -73.78 -33.75 54.94
N PRO O 27 -72.64 -34.24 54.47
CA PRO O 27 -72.57 -35.61 53.94
C PRO O 27 -72.70 -36.62 55.07
N ARG O 28 -72.84 -37.89 54.67
CA ARG O 28 -73.25 -38.93 55.62
C ARG O 28 -72.14 -39.25 56.61
N ASP O 29 -71.00 -39.73 56.13
CA ASP O 29 -69.85 -39.97 56.98
C ASP O 29 -68.97 -38.74 57.12
N GLY O 30 -69.43 -37.59 56.64
CA GLY O 30 -68.72 -36.35 56.80
C GLY O 30 -68.92 -35.76 58.18
N ARG O 31 -69.08 -34.44 58.25
CA ARG O 31 -69.16 -33.80 59.55
C ARG O 31 -70.49 -34.09 60.23
N PHE O 32 -70.56 -33.72 61.49
CA PHE O 32 -71.72 -33.95 62.33
C PHE O 32 -71.68 -32.94 63.46
N ILE O 33 -72.47 -33.19 64.50
CA ILE O 33 -72.46 -32.38 65.70
C ILE O 33 -72.00 -33.17 66.92
N GLU O 34 -72.49 -34.40 67.06
CA GLU O 34 -72.11 -35.28 68.17
C GLU O 34 -72.38 -36.73 67.75
N THR O 35 -72.37 -37.65 68.72
CA THR O 35 -72.36 -39.07 68.45
C THR O 35 -73.52 -39.79 69.14
N VAL O 36 -74.10 -40.77 68.44
CA VAL O 36 -75.11 -41.69 68.94
C VAL O 36 -74.87 -43.05 68.32
N GLY O 37 -74.53 -44.05 69.13
CA GLY O 37 -74.77 -45.47 68.84
C GLY O 37 -74.11 -46.16 67.66
N THR O 38 -74.22 -47.50 67.63
CA THR O 38 -73.78 -48.32 66.51
C THR O 38 -74.55 -49.63 66.54
N TYR O 39 -74.20 -50.53 65.62
CA TYR O 39 -74.86 -51.83 65.48
C TYR O 39 -74.01 -52.74 64.62
N ASN O 40 -74.05 -54.04 64.92
CA ASN O 40 -73.30 -55.01 64.14
C ASN O 40 -74.07 -55.42 62.90
N PRO O 41 -73.48 -55.35 61.70
CA PRO O 41 -74.15 -55.88 60.52
C PRO O 41 -74.05 -57.38 60.37
N LEU O 42 -73.28 -58.06 61.21
CA LEU O 42 -73.16 -59.50 61.09
C LEU O 42 -73.56 -60.18 62.40
N LYS O 43 -73.63 -61.51 62.34
CA LYS O 43 -73.93 -62.41 63.45
C LYS O 43 -75.29 -62.09 64.08
N ASP O 44 -76.35 -62.26 63.29
CA ASP O 44 -77.71 -62.12 63.84
C ASP O 44 -77.99 -63.25 64.82
N PRO O 45 -78.52 -62.96 66.02
CA PRO O 45 -78.92 -61.66 66.60
C PRO O 45 -77.75 -60.76 67.00
N ALA O 46 -77.63 -59.65 66.28
CA ALA O 46 -76.42 -58.84 66.33
C ALA O 46 -76.43 -57.89 67.51
N GLU O 47 -75.39 -57.06 67.56
CA GLU O 47 -75.06 -56.30 68.76
C GLU O 47 -75.73 -54.94 68.69
N VAL O 48 -76.86 -54.82 69.36
CA VAL O 48 -77.60 -53.56 69.45
C VAL O 48 -76.87 -52.73 70.48
N VAL O 49 -75.99 -51.85 70.01
CA VAL O 49 -75.10 -51.09 70.87
C VAL O 49 -75.56 -49.64 70.78
N LEU O 50 -76.47 -49.25 71.66
CA LEU O 50 -77.09 -47.94 71.56
C LEU O 50 -76.82 -47.10 72.79
N LYS O 51 -76.71 -45.79 72.55
CA LYS O 51 -76.58 -44.84 73.65
C LYS O 51 -77.88 -44.71 74.41
N GLU O 52 -78.99 -44.63 73.69
CA GLU O 52 -80.38 -44.37 74.12
C GLU O 52 -80.50 -43.26 75.17
N ASP O 53 -79.67 -42.24 75.07
CA ASP O 53 -79.70 -41.09 75.95
C ASP O 53 -79.92 -39.79 75.21
N LEU O 54 -79.44 -39.69 73.98
CA LEU O 54 -79.46 -38.48 73.19
C LEU O 54 -80.56 -38.48 72.13
N VAL O 55 -81.28 -39.58 71.96
CA VAL O 55 -82.34 -39.61 70.95
C VAL O 55 -83.52 -38.75 71.39
N LEU O 56 -83.95 -38.92 72.65
CA LEU O 56 -85.07 -38.11 73.12
C LEU O 56 -84.64 -36.68 73.44
N ASP O 57 -83.38 -36.49 73.88
CA ASP O 57 -82.83 -35.15 74.01
C ASP O 57 -82.72 -34.46 72.66
N TRP O 58 -82.47 -35.23 71.60
CA TRP O 58 -82.24 -34.67 70.29
C TRP O 58 -83.55 -34.38 69.58
N LEU O 59 -84.57 -35.21 69.80
CA LEU O 59 -85.89 -34.98 69.24
C LEU O 59 -86.69 -33.97 70.06
N SER O 60 -86.25 -33.69 71.29
CA SER O 60 -86.76 -32.50 71.98
C SER O 60 -86.41 -31.23 71.21
N LYS O 61 -85.21 -31.20 70.62
CA LYS O 61 -84.90 -30.15 69.66
C LYS O 61 -85.74 -30.30 68.41
N GLY O 62 -86.03 -31.53 68.02
CA GLY O 62 -86.85 -31.78 66.86
C GLY O 62 -86.03 -32.18 65.65
N ALA O 63 -85.99 -33.47 65.36
CA ALA O 63 -85.29 -33.99 64.20
C ALA O 63 -86.15 -35.07 63.58
N GLN O 64 -85.59 -35.77 62.60
CA GLN O 64 -86.29 -36.84 61.89
C GLN O 64 -85.40 -38.07 61.84
N PRO O 65 -85.56 -39.00 62.78
CA PRO O 65 -84.84 -40.27 62.70
C PRO O 65 -85.30 -41.08 61.50
N SER O 66 -84.33 -41.70 60.83
CA SER O 66 -84.56 -42.30 59.52
C SER O 66 -85.25 -43.64 59.64
N ASP O 67 -85.30 -44.36 58.53
CA ASP O 67 -86.09 -45.59 58.42
C ASP O 67 -85.50 -46.70 59.28
N THR O 68 -84.18 -46.82 59.29
CA THR O 68 -83.55 -47.89 60.05
C THR O 68 -83.58 -47.58 61.55
N VAL O 69 -83.44 -46.30 61.91
CA VAL O 69 -83.42 -45.89 63.31
C VAL O 69 -84.78 -46.18 63.95
N ARG O 70 -85.87 -45.94 63.20
CA ARG O 70 -87.20 -46.17 63.76
C ARG O 70 -87.45 -47.63 64.04
N ASN O 71 -87.06 -48.52 63.13
CA ASN O 71 -87.28 -49.95 63.35
C ASN O 71 -86.36 -50.50 64.43
N ILE O 72 -85.07 -50.19 64.37
CA ILE O 72 -84.17 -50.81 65.33
C ILE O 72 -84.18 -50.11 66.68
N LEU O 73 -84.83 -48.95 66.81
CA LEU O 73 -85.09 -48.38 68.12
C LEU O 73 -86.53 -48.54 68.55
N SER O 74 -87.40 -49.05 67.69
CA SER O 74 -88.64 -49.64 68.14
C SER O 74 -88.42 -51.05 68.65
N LYS O 75 -87.32 -51.69 68.24
CA LYS O 75 -86.91 -52.91 68.90
C LYS O 75 -86.50 -52.65 70.35
N GLU O 76 -85.94 -51.47 70.63
CA GLU O 76 -85.79 -51.00 72.00
C GLU O 76 -86.93 -50.08 72.42
N GLY O 77 -87.91 -49.87 71.54
CA GLY O 77 -89.09 -49.09 71.87
C GLY O 77 -88.84 -47.61 72.07
N VAL O 78 -87.74 -47.07 71.55
CA VAL O 78 -87.44 -45.65 71.73
C VAL O 78 -88.41 -44.79 70.95
N MET O 79 -88.76 -45.19 69.73
CA MET O 79 -89.82 -44.50 69.00
C MET O 79 -91.17 -44.74 69.66
N LYS O 80 -91.39 -45.94 70.20
CA LYS O 80 -92.53 -46.17 71.08
C LYS O 80 -92.43 -45.29 72.32
N LYS O 81 -91.23 -45.18 72.91
CA LYS O 81 -91.03 -44.20 73.98
C LYS O 81 -91.07 -42.76 73.48
N HIS O 82 -90.81 -42.52 72.19
CA HIS O 82 -90.95 -41.16 71.66
C HIS O 82 -92.40 -40.72 71.65
N HIS O 83 -93.30 -41.49 71.01
CA HIS O 83 -94.70 -41.10 71.06
C HIS O 83 -95.40 -41.54 72.34
N GLU O 84 -94.67 -42.16 73.26
CA GLU O 84 -95.17 -42.52 74.58
C GLU O 84 -94.79 -41.52 75.65
N ALA O 85 -93.67 -40.82 75.50
CA ALA O 85 -93.24 -39.79 76.43
C ALA O 85 -93.18 -38.42 75.78
N LYS O 86 -93.75 -38.27 74.60
CA LYS O 86 -93.88 -36.97 73.96
C LYS O 86 -95.29 -36.66 73.51
N ASN O 87 -96.02 -37.66 72.99
CA ASN O 87 -97.45 -37.45 72.78
C ASN O 87 -98.24 -37.57 74.08
N VAL O 88 -97.64 -38.13 75.12
CA VAL O 88 -98.17 -38.06 76.46
C VAL O 88 -97.43 -37.03 77.31
N LYS O 89 -96.11 -36.93 77.12
CA LYS O 89 -95.16 -35.95 77.71
C LYS O 89 -95.40 -35.48 79.14
N GLU P 1 -75.44 -8.10 77.14
CA GLU P 1 -74.25 -7.49 77.73
C GLU P 1 -73.58 -8.41 78.74
N ARG P 2 -72.39 -8.90 78.36
CA ARG P 2 -71.58 -9.69 79.28
C ARG P 2 -70.08 -9.47 79.09
N ASN P 3 -69.67 -8.54 78.22
CA ASN P 3 -68.26 -8.43 77.86
C ASN P 3 -67.98 -7.03 77.35
N GLN P 4 -66.98 -6.38 77.93
CA GLN P 4 -66.47 -5.13 77.37
C GLN P 4 -65.30 -5.42 76.43
N ARG P 5 -64.56 -4.37 76.08
CA ARG P 5 -63.39 -4.50 75.24
C ARG P 5 -62.13 -4.51 76.08
N LYS P 6 -61.09 -5.13 75.52
CA LYS P 6 -59.81 -5.27 76.18
C LYS P 6 -59.09 -3.92 76.10
N VAL P 7 -59.12 -3.16 77.20
CA VAL P 7 -58.55 -1.82 77.18
C VAL P 7 -57.03 -1.88 77.18
N TYR P 8 -56.42 -1.03 76.38
CA TYR P 8 -54.98 -1.06 76.11
C TYR P 8 -54.43 0.32 76.47
N GLN P 9 -53.80 0.42 77.64
CA GLN P 9 -53.41 1.71 78.23
C GLN P 9 -52.16 2.25 77.54
N GLY P 10 -52.34 2.69 76.31
CA GLY P 10 -51.25 3.24 75.55
C GLY P 10 -51.10 4.73 75.76
N ARG P 11 -50.04 5.28 75.18
CA ARG P 11 -49.78 6.70 75.25
C ARG P 11 -50.07 7.37 73.92
N VAL P 12 -50.33 8.68 73.99
CA VAL P 12 -50.69 9.46 72.81
C VAL P 12 -49.42 9.89 72.11
N VAL P 13 -49.39 9.72 70.79
CA VAL P 13 -48.24 10.11 69.97
C VAL P 13 -48.60 11.23 69.00
N SER P 14 -49.59 11.01 68.15
CA SER P 14 -50.02 12.03 67.19
C SER P 14 -51.44 12.46 67.49
N ASP P 15 -51.70 13.75 67.29
CA ASP P 15 -53.05 14.28 67.45
C ASP P 15 -53.40 15.31 66.38
N LYS P 16 -52.73 15.27 65.24
CA LYS P 16 -52.91 16.28 64.19
C LYS P 16 -54.26 16.18 63.48
N MET P 17 -54.97 15.08 63.63
CA MET P 17 -56.21 14.89 62.90
C MET P 17 -57.41 15.33 63.74
N ASP P 18 -58.45 15.78 63.04
CA ASP P 18 -59.66 16.23 63.69
C ASP P 18 -60.43 15.04 64.24
N LYS P 19 -60.84 15.14 65.51
CA LYS P 19 -61.51 14.10 66.29
C LYS P 19 -60.72 12.81 66.39
N THR P 20 -59.41 12.84 66.11
CA THR P 20 -58.64 11.61 65.95
C THR P 20 -57.23 11.82 66.46
N ILE P 21 -56.80 10.92 67.35
CA ILE P 21 -55.45 10.93 67.91
C ILE P 21 -54.80 9.59 67.60
N THR P 22 -53.60 9.37 68.11
CA THR P 22 -52.88 8.12 67.89
C THR P 22 -52.35 7.58 69.21
N VAL P 23 -52.84 6.40 69.59
CA VAL P 23 -52.52 5.77 70.87
C VAL P 23 -51.60 4.58 70.59
N VAL P 24 -50.46 4.54 71.28
CA VAL P 24 -49.46 3.50 71.08
C VAL P 24 -49.32 2.70 72.36
N VAL P 25 -49.72 1.44 72.32
CA VAL P 25 -49.54 0.50 73.43
C VAL P 25 -48.15 -0.08 73.25
N GLU P 26 -47.62 -0.74 74.29
CA GLU P 26 -46.33 -1.42 74.16
C GLU P 26 -46.30 -2.67 75.02
N THR P 27 -45.83 -3.78 74.44
CA THR P 27 -45.66 -5.03 75.17
C THR P 27 -44.36 -5.69 74.71
N LYS P 28 -43.91 -6.68 75.49
CA LYS P 28 -42.64 -7.36 75.24
C LYS P 28 -42.81 -8.86 75.41
N LYS P 29 -42.37 -9.63 74.41
CA LYS P 29 -42.46 -11.08 74.49
C LYS P 29 -41.19 -11.73 73.97
N ASN P 30 -41.17 -13.06 74.03
CA ASN P 30 -40.00 -13.88 73.79
C ASN P 30 -39.65 -13.94 72.31
N HIS P 31 -38.64 -14.73 72.01
CA HIS P 31 -38.16 -15.12 70.71
C HIS P 31 -38.56 -16.57 70.46
N PRO P 32 -38.97 -16.93 69.25
CA PRO P 32 -39.44 -18.30 69.00
C PRO P 32 -38.37 -19.36 69.01
N ILE P 33 -37.10 -18.97 69.02
CA ILE P 33 -35.98 -19.91 69.04
C ILE P 33 -35.07 -19.67 70.24
N TYR P 34 -34.64 -18.43 70.42
CA TYR P 34 -33.80 -18.06 71.55
C TYR P 34 -34.71 -17.61 72.70
N GLY P 35 -34.15 -16.93 73.69
CA GLY P 35 -34.89 -16.75 74.92
C GLY P 35 -35.24 -15.36 75.37
N LYS P 36 -34.49 -14.33 74.97
CA LYS P 36 -34.65 -13.08 75.70
C LYS P 36 -35.89 -12.32 75.23
N ARG P 37 -36.23 -11.28 75.99
CA ARG P 37 -37.45 -10.54 75.80
C ARG P 37 -37.20 -9.41 74.81
N MET P 38 -37.99 -9.38 73.75
CA MET P 38 -37.87 -8.37 72.70
C MET P 38 -38.54 -7.08 73.16
N LYS P 39 -38.77 -6.16 72.23
CA LYS P 39 -39.70 -5.05 72.45
C LYS P 39 -40.34 -4.69 71.13
N TYR P 40 -41.66 -4.51 71.15
CA TYR P 40 -42.41 -4.23 69.93
C TYR P 40 -43.72 -3.55 70.30
N SER P 41 -44.37 -3.01 69.28
CA SER P 41 -45.58 -2.23 69.49
C SER P 41 -46.36 -2.18 68.19
N LYS P 42 -47.62 -1.78 68.31
CA LYS P 42 -48.41 -1.37 67.16
C LYS P 42 -48.83 0.08 67.35
N LYS P 43 -49.69 0.55 66.46
CA LYS P 43 -50.29 1.86 66.58
C LYS P 43 -51.80 1.74 66.42
N TYR P 44 -52.54 2.43 67.28
CA TYR P 44 -53.99 2.33 67.35
C TYR P 44 -54.60 3.69 67.04
N LYS P 45 -55.33 3.76 65.94
CA LYS P 45 -56.01 5.00 65.56
C LYS P 45 -57.22 5.19 66.47
N ALA P 46 -57.22 6.26 67.26
CA ALA P 46 -58.26 6.49 68.25
C ALA P 46 -59.11 7.70 67.88
N HIS P 47 -60.43 7.55 68.04
CA HIS P 47 -61.39 8.61 67.78
C HIS P 47 -61.68 9.37 69.07
N ASP P 48 -61.49 10.67 69.05
CA ASP P 48 -61.83 11.52 70.17
C ASP P 48 -62.99 12.42 69.77
N GLU P 49 -63.55 13.13 70.76
CA GLU P 49 -64.62 14.08 70.48
C GLU P 49 -64.06 15.37 69.92
N ASN P 50 -63.07 15.95 70.59
CA ASN P 50 -62.51 17.24 70.19
C ASN P 50 -61.00 17.32 70.43
N ASN P 51 -60.31 16.16 70.39
CA ASN P 51 -58.86 16.03 70.54
C ASN P 51 -58.36 16.61 71.87
N THR P 52 -58.79 15.95 72.95
CA THR P 52 -58.44 16.39 74.30
C THR P 52 -56.96 16.17 74.58
N ALA P 53 -56.52 14.92 74.49
CA ALA P 53 -55.20 14.54 74.98
C ALA P 53 -54.09 15.08 74.08
N LYS P 54 -53.06 15.63 74.72
CA LYS P 54 -51.91 16.19 74.03
C LYS P 54 -50.88 15.10 73.73
N VAL P 55 -49.76 15.52 73.16
CA VAL P 55 -48.71 14.59 72.76
C VAL P 55 -47.98 14.09 74.00
N GLY P 56 -48.01 12.78 74.21
CA GLY P 56 -47.41 12.16 75.37
C GLY P 56 -48.39 11.83 76.48
N ASP P 57 -49.67 12.12 76.28
CA ASP P 57 -50.67 11.87 77.30
C ASP P 57 -50.92 10.37 77.43
N ILE P 58 -51.38 9.96 78.60
CA ILE P 58 -51.70 8.57 78.88
C ILE P 58 -53.21 8.41 78.97
N VAL P 59 -53.75 7.45 78.24
CA VAL P 59 -55.20 7.25 78.16
C VAL P 59 -55.47 5.78 77.84
N LYS P 60 -56.44 5.20 78.53
CA LYS P 60 -56.90 3.86 78.15
C LYS P 60 -57.97 3.99 77.09
N ILE P 61 -58.04 2.98 76.21
CA ILE P 61 -58.84 3.06 75.00
C ILE P 61 -59.76 1.83 74.92
N MET P 62 -60.87 1.99 74.20
CA MET P 62 -61.87 0.94 74.14
C MET P 62 -62.54 0.94 72.78
N GLU P 63 -62.66 -0.24 72.19
CA GLU P 63 -63.12 -0.40 70.82
C GLU P 63 -64.64 -0.32 70.74
N THR P 64 -65.16 0.22 69.64
CA THR P 64 -66.61 0.22 69.49
C THR P 64 -67.09 -0.53 68.25
N ARG P 65 -66.74 -0.06 67.06
CA ARG P 65 -67.33 -0.47 65.79
C ARG P 65 -66.57 0.22 64.67
N PRO P 66 -66.56 -0.30 63.44
CA PRO P 66 -65.81 0.36 62.37
C PRO P 66 -66.39 1.70 61.97
N LEU P 67 -65.70 2.77 62.34
CA LEU P 67 -66.18 4.13 62.16
C LEU P 67 -65.69 4.76 60.87
N SER P 68 -64.56 4.29 60.35
CA SER P 68 -63.85 4.95 59.27
C SER P 68 -63.19 3.85 58.46
N ALA P 69 -62.15 4.20 57.72
CA ALA P 69 -61.32 3.20 57.06
C ALA P 69 -60.49 2.50 58.15
N THR P 70 -61.16 1.61 58.87
CA THR P 70 -60.64 0.77 59.95
C THR P 70 -59.87 1.55 61.00
N LYS P 71 -60.56 2.49 61.64
CA LYS P 71 -60.16 2.94 62.97
C LYS P 71 -61.23 2.46 63.94
N ARG P 72 -60.78 1.90 65.05
CA ARG P 72 -61.71 1.16 65.88
C ARG P 72 -61.41 1.42 67.35
N PHE P 73 -61.20 2.69 67.71
CA PHE P 73 -60.83 2.99 69.08
C PHE P 73 -61.46 4.31 69.55
N ARG P 74 -61.71 4.36 70.86
CA ARG P 74 -62.35 5.49 71.51
C ARG P 74 -61.53 5.90 72.72
N LEU P 75 -61.69 7.15 73.14
CA LEU P 75 -61.08 7.61 74.38
C LEU P 75 -61.92 7.16 75.57
N LEU P 76 -61.25 6.89 76.68
CA LEU P 76 -61.96 6.67 77.95
C LEU P 76 -61.57 7.67 79.03
N GLU P 77 -60.29 7.78 79.36
CA GLU P 77 -59.87 8.49 80.57
C GLU P 77 -58.50 9.08 80.37
N VAL P 78 -58.41 10.41 80.38
CA VAL P 78 -57.10 11.06 80.36
C VAL P 78 -56.45 10.81 81.72
N VAL P 79 -55.45 9.93 81.74
CA VAL P 79 -54.89 9.48 83.00
C VAL P 79 -53.90 10.48 83.55
N GLU P 80 -52.92 10.88 82.75
CA GLU P 80 -51.89 11.78 83.24
C GLU P 80 -51.32 12.57 82.07
N GLU P 81 -51.07 13.86 82.30
CA GLU P 81 -50.78 14.82 81.25
C GLU P 81 -49.30 15.18 81.21
N ALA P 82 -48.77 15.36 80.02
CA ALA P 82 -47.42 15.88 79.81
C ALA P 82 -47.41 17.39 79.95
N VAL P 83 -46.23 17.93 80.22
CA VAL P 83 -46.06 19.36 80.43
C VAL P 83 -44.67 19.82 80.03
N LYS Q 1 24.81 3.45 92.57
CA LYS Q 1 25.52 3.91 93.77
C LYS Q 1 26.64 4.84 93.36
N VAL Q 2 26.89 4.90 92.05
CA VAL Q 2 27.93 5.77 91.51
C VAL Q 2 27.55 7.23 91.72
N ASP Q 3 28.50 8.01 92.20
CA ASP Q 3 28.20 9.32 92.76
C ASP Q 3 27.87 10.31 91.66
N TYR Q 4 26.60 10.71 91.61
CA TYR Q 4 26.15 11.81 90.78
C TYR Q 4 26.71 13.14 91.31
N ILE Q 5 26.66 14.15 90.44
CA ILE Q 5 27.22 15.45 90.83
C ILE Q 5 26.30 16.26 91.71
N ALA Q 6 25.06 15.80 91.92
CA ALA Q 6 24.05 16.59 92.60
C ALA Q 6 24.11 16.44 94.11
N ALA Q 7 25.27 16.10 94.65
CA ALA Q 7 25.48 16.14 96.09
C ALA Q 7 25.33 17.54 96.63
N ASN Q 8 25.84 18.53 95.90
CA ASN Q 8 25.49 19.90 96.21
C ASN Q 8 24.05 20.17 95.81
N HIS Q 9 23.41 21.07 96.54
CA HIS Q 9 21.97 21.26 96.38
C HIS Q 9 21.65 22.33 95.35
N ILE Q 10 22.27 22.20 94.17
CA ILE Q 10 22.06 23.16 93.10
C ILE Q 10 20.89 22.69 92.25
N GLU Q 11 19.91 23.57 92.09
CA GLU Q 11 18.69 23.22 91.37
C GLU Q 11 18.77 23.62 89.90
N TYR Q 12 18.93 24.92 89.65
CA TYR Q 12 19.09 25.41 88.29
C TYR Q 12 20.56 25.37 87.92
N ILE Q 13 20.86 24.80 86.75
CA ILE Q 13 22.22 24.51 86.35
C ILE Q 13 23.05 25.72 85.95
N ASP Q 14 22.46 26.92 86.00
CA ASP Q 14 23.12 28.23 85.93
C ASP Q 14 23.64 28.57 84.53
N TYR Q 15 23.58 27.61 83.60
CA TYR Q 15 23.64 27.79 82.14
C TYR Q 15 25.01 28.21 81.61
N LYS Q 16 25.91 28.65 82.49
CA LYS Q 16 27.21 29.14 82.05
C LYS Q 16 28.38 28.68 82.89
N ASP Q 17 28.15 27.95 83.98
CA ASP Q 17 29.22 27.55 84.89
C ASP Q 17 30.11 26.52 84.22
N THR Q 18 31.22 26.99 83.66
CA THR Q 18 32.13 26.11 82.96
C THR Q 18 32.84 25.15 83.91
N GLU Q 19 32.94 25.51 85.19
CA GLU Q 19 33.44 24.56 86.18
C GLU Q 19 32.48 23.39 86.34
N LEU Q 20 31.18 23.68 86.29
CA LEU Q 20 30.13 22.68 86.41
C LEU Q 20 29.83 21.99 85.08
N LEU Q 21 30.63 22.24 84.04
CA LEU Q 21 30.22 21.83 82.71
C LEU Q 21 31.27 21.02 81.97
N LYS Q 22 32.55 21.25 82.21
CA LYS Q 22 33.60 20.56 81.48
C LYS Q 22 33.74 19.10 81.89
N ARG Q 23 33.13 18.68 83.00
CA ARG Q 23 33.23 17.30 83.47
C ARG Q 23 32.58 16.32 82.50
N PHE Q 24 31.60 16.78 81.73
CA PHE Q 24 30.72 15.90 80.97
C PHE Q 24 31.07 15.87 79.50
N ILE Q 25 32.13 16.55 79.10
CA ILE Q 25 32.54 16.58 77.70
C ILE Q 25 33.82 15.78 77.55
N SER Q 26 34.09 15.39 76.32
CA SER Q 26 35.36 14.73 76.06
C SER Q 26 36.46 15.76 75.92
N GLU Q 27 37.70 15.26 75.92
CA GLU Q 27 38.83 16.12 75.56
C GLU Q 27 38.74 16.57 74.11
N ARG Q 28 38.15 15.73 73.26
CA ARG Q 28 37.94 16.15 71.88
C ARG Q 28 36.72 17.05 71.76
N GLY Q 29 35.70 16.85 72.58
CA GLY Q 29 34.60 17.79 72.63
C GLY Q 29 33.19 17.23 72.59
N LYS Q 30 33.04 15.91 72.64
CA LYS Q 30 31.73 15.28 72.53
C LYS Q 30 31.01 15.36 73.87
N ILE Q 31 29.95 14.56 74.04
CA ILE Q 31 29.25 14.45 75.31
C ILE Q 31 29.59 13.10 75.93
N LEU Q 32 29.92 13.11 77.20
CA LEU Q 32 30.12 11.85 77.87
C LEU Q 32 28.77 11.24 78.27
N PRO Q 33 28.61 9.92 78.12
CA PRO Q 33 27.32 9.30 78.42
C PRO Q 33 26.98 9.29 79.91
N ARG Q 34 25.75 8.87 80.18
CA ARG Q 34 25.22 8.91 81.55
C ARG Q 34 25.77 7.76 82.38
N ARG Q 35 26.03 6.61 81.77
CA ARG Q 35 26.69 5.53 82.49
C ARG Q 35 28.13 5.85 82.81
N VAL Q 36 28.77 6.67 81.97
CA VAL Q 36 30.15 7.05 82.23
C VAL Q 36 30.23 7.98 83.43
N THR Q 37 29.42 9.03 83.43
CA THR Q 37 29.46 9.98 84.52
C THR Q 37 28.64 9.53 85.73
N GLY Q 38 27.67 8.66 85.53
CA GLY Q 38 26.91 8.12 86.64
C GLY Q 38 25.99 9.11 87.31
N THR Q 39 24.94 9.54 86.62
CA THR Q 39 24.01 10.49 87.18
C THR Q 39 22.58 10.01 86.92
N GLY Q 40 21.62 10.72 87.50
CA GLY Q 40 20.23 10.45 87.22
C GLY Q 40 19.84 10.86 85.82
N ALA Q 41 18.64 10.42 85.42
CA ALA Q 41 18.23 10.57 84.02
C ALA Q 41 17.94 12.02 83.66
N LYS Q 42 17.30 12.75 84.56
CA LYS Q 42 16.87 14.10 84.24
C LYS Q 42 18.03 15.08 84.20
N ASN Q 43 19.09 14.81 84.98
CA ASN Q 43 20.22 15.73 84.98
C ASN Q 43 21.07 15.55 83.73
N GLN Q 44 21.14 14.32 83.21
CA GLN Q 44 21.68 14.07 81.88
C GLN Q 44 21.00 14.95 80.84
N ARG Q 45 19.67 15.01 80.88
CA ARG Q 45 18.91 15.77 79.90
C ARG Q 45 19.09 17.26 80.08
N LYS Q 46 19.14 17.72 81.33
CA LYS Q 46 19.36 19.12 81.62
C LYS Q 46 20.72 19.59 81.15
N LEU Q 47 21.76 18.78 81.39
CA LEU Q 47 23.10 19.14 80.91
C LEU Q 47 23.19 19.07 79.40
N THR Q 48 22.45 18.16 78.77
CA THR Q 48 22.43 18.07 77.32
C THR Q 48 21.86 19.34 76.70
N ILE Q 49 20.69 19.79 77.18
CA ILE Q 49 20.08 20.99 76.62
C ILE Q 49 20.89 22.22 76.99
N ALA Q 50 21.52 22.21 78.18
CA ALA Q 50 22.35 23.33 78.61
C ALA Q 50 23.54 23.54 77.69
N ILE Q 51 24.25 22.46 77.36
CA ILE Q 51 25.39 22.67 76.48
C ILE Q 51 24.98 22.77 75.02
N LYS Q 52 23.78 22.32 74.65
CA LYS Q 52 23.31 22.63 73.31
C LYS Q 52 22.97 24.11 73.15
N ARG Q 53 22.53 24.76 74.24
CA ARG Q 53 22.47 26.21 74.21
C ARG Q 53 23.87 26.82 74.24
N ALA Q 54 24.78 26.20 74.97
CA ALA Q 54 26.10 26.78 75.12
C ALA Q 54 26.99 26.61 73.89
N ARG Q 55 26.64 25.71 72.98
CA ARG Q 55 27.46 25.56 71.78
C ARG Q 55 27.20 26.63 70.73
N ILE Q 56 26.11 27.38 70.83
CA ILE Q 56 25.79 28.33 69.76
C ILE Q 56 26.47 29.67 70.00
N MET Q 57 26.47 30.15 71.24
CA MET Q 57 27.03 31.45 71.59
C MET Q 57 28.55 31.47 71.70
N GLY Q 58 29.24 30.45 71.22
CA GLY Q 58 30.68 30.47 71.28
C GLY Q 58 31.25 30.26 72.67
N LEU Q 59 30.44 29.77 73.60
CA LEU Q 59 30.96 29.47 74.92
C LEU Q 59 31.65 28.12 74.99
N LEU Q 60 31.66 27.37 73.89
CA LEU Q 60 32.20 26.03 73.83
C LEU Q 60 32.35 25.67 72.35
N PRO Q 61 33.38 24.94 71.95
CA PRO Q 61 33.56 24.64 70.53
C PRO Q 61 32.71 23.46 70.08
N PHE Q 62 32.37 23.46 68.80
CA PHE Q 62 31.77 22.27 68.22
C PHE Q 62 32.81 21.18 68.01
N VAL Q 63 33.80 21.45 67.16
CA VAL Q 63 34.79 20.46 66.74
C VAL Q 63 36.16 20.99 67.08
N SER Q 64 36.98 20.16 67.73
CA SER Q 64 38.35 20.53 68.11
C SER Q 64 39.32 19.63 67.36
N ASP Q 65 39.64 20.03 66.13
CA ASP Q 65 40.75 19.44 65.38
C ASP Q 65 41.87 20.44 65.20
N GLU Q 66 41.59 21.59 64.60
CA GLU Q 66 42.57 22.64 64.41
C GLU Q 66 42.75 23.44 65.70
N SER R 1 72.47 -65.93 11.19
CA SER R 1 73.00 -66.37 12.47
C SER R 1 72.95 -67.90 12.56
N LEU R 2 72.90 -68.52 11.39
CA LEU R 2 72.77 -69.96 11.25
C LEU R 2 73.91 -70.46 10.37
N LYS R 3 75.15 -70.19 10.80
CA LYS R 3 76.35 -70.59 10.07
C LYS R 3 76.50 -72.10 9.89
N LYS R 4 75.63 -72.90 10.49
CA LYS R 4 75.37 -74.24 10.01
C LYS R 4 74.35 -74.24 8.87
N GLY R 5 74.58 -73.41 7.84
CA GLY R 5 73.77 -73.45 6.63
C GLY R 5 72.60 -72.50 6.61
N PRO R 6 72.53 -71.66 5.58
CA PRO R 6 71.35 -70.79 5.40
C PRO R 6 70.14 -71.58 4.90
N PHE R 7 68.96 -71.05 5.20
CA PHE R 7 67.70 -71.79 5.11
C PHE R 7 66.88 -71.35 3.91
N VAL R 8 66.25 -72.33 3.26
CA VAL R 8 65.35 -72.11 2.13
C VAL R 8 64.05 -72.86 2.42
N ASP R 9 62.91 -72.26 2.08
CA ASP R 9 61.66 -72.99 2.10
C ASP R 9 61.67 -74.11 1.05
N ASP R 10 61.12 -75.26 1.44
CA ASP R 10 61.43 -76.50 0.72
C ASP R 10 60.55 -76.69 -0.51
N HIS R 11 59.28 -76.29 -0.44
CA HIS R 11 58.44 -76.35 -1.63
C HIS R 11 58.82 -75.26 -2.63
N LEU R 12 59.26 -74.10 -2.15
CA LEU R 12 59.88 -73.14 -3.04
C LEU R 12 61.17 -73.70 -3.61
N MET R 13 61.92 -74.45 -2.78
CA MET R 13 63.09 -75.14 -3.30
C MET R 13 62.68 -76.24 -4.28
N LYS R 14 61.52 -76.87 -4.06
CA LYS R 14 60.99 -77.84 -5.01
C LYS R 14 60.69 -77.20 -6.36
N LYS R 15 60.07 -76.02 -6.35
CA LYS R 15 59.77 -75.35 -7.60
C LYS R 15 61.00 -74.78 -8.28
N VAL R 16 61.99 -74.33 -7.51
CA VAL R 16 63.20 -73.84 -8.17
C VAL R 16 64.01 -75.00 -8.73
N GLU R 17 63.94 -76.18 -8.10
CA GLU R 17 64.52 -77.37 -8.70
C GLU R 17 63.77 -77.78 -9.96
N ALA R 18 62.45 -77.57 -9.97
CA ALA R 18 61.66 -77.89 -11.15
C ALA R 18 61.92 -76.91 -12.29
N GLN R 19 62.34 -75.69 -11.98
CA GLN R 19 62.41 -74.64 -12.99
C GLN R 19 63.80 -74.11 -13.30
N GLN R 20 64.86 -74.62 -12.66
CA GLN R 20 66.21 -74.22 -13.06
C GLN R 20 66.58 -74.79 -14.41
N GLY R 21 66.60 -76.13 -14.51
CA GLY R 21 66.90 -76.77 -15.78
C GLY R 21 65.81 -76.57 -16.81
N ALA R 22 64.56 -76.45 -16.36
CA ALA R 22 63.46 -76.08 -17.23
C ALA R 22 63.40 -74.56 -17.34
N GLU R 23 62.33 -74.03 -17.91
CA GLU R 23 62.19 -72.60 -18.09
C GLU R 23 61.60 -72.03 -16.79
N LYS R 24 61.16 -70.78 -16.78
CA LYS R 24 60.81 -70.11 -15.53
C LYS R 24 59.36 -69.65 -15.51
N LYS R 25 58.78 -69.70 -14.32
CA LYS R 25 57.41 -69.25 -14.06
C LYS R 25 57.44 -68.10 -13.08
N LYS R 26 56.79 -67.00 -13.45
CA LYS R 26 56.71 -65.81 -12.63
C LYS R 26 55.71 -65.94 -11.49
N VAL R 27 54.84 -66.95 -11.55
CA VAL R 27 53.78 -67.11 -10.56
C VAL R 27 54.24 -68.05 -9.45
N ILE R 28 54.48 -67.47 -8.27
CA ILE R 28 54.88 -68.23 -7.08
C ILE R 28 53.99 -67.74 -5.96
N LYS R 29 52.87 -68.43 -5.73
CA LYS R 29 51.79 -67.95 -4.88
C LYS R 29 51.92 -68.59 -3.50
N THR R 30 52.78 -68.00 -2.67
CA THR R 30 53.07 -68.48 -1.33
C THR R 30 53.65 -67.30 -0.54
N TRP R 31 54.27 -67.58 0.61
CA TRP R 31 54.85 -66.49 1.40
C TRP R 31 56.34 -66.30 1.16
N SER R 32 57.14 -67.38 1.25
CA SER R 32 58.61 -67.36 1.16
C SER R 32 59.26 -66.38 2.14
N ARG R 33 58.62 -66.15 3.28
CA ARG R 33 59.15 -65.34 4.36
C ARG R 33 60.24 -66.05 5.14
N ARG R 34 60.47 -67.32 4.85
CA ARG R 34 61.50 -68.13 5.49
C ARG R 34 62.43 -68.67 4.41
N SER R 35 62.91 -67.80 3.53
CA SER R 35 63.78 -68.23 2.44
C SER R 35 64.71 -67.08 2.07
N THR R 36 66.00 -67.27 2.29
CA THR R 36 66.97 -66.26 1.95
C THR R 36 67.31 -66.34 0.46
N ILE R 37 68.20 -65.44 0.02
CA ILE R 37 68.73 -65.45 -1.33
C ILE R 37 70.25 -65.63 -1.23
N PHE R 38 70.79 -66.43 -2.14
CA PHE R 38 72.22 -66.59 -2.36
C PHE R 38 72.36 -66.90 -3.84
N PRO R 39 73.49 -66.48 -4.52
CA PRO R 39 73.43 -66.14 -5.96
C PRO R 39 72.94 -67.17 -6.98
N SER R 40 72.52 -68.36 -6.54
CA SER R 40 71.94 -69.37 -7.42
C SER R 40 70.43 -69.20 -7.62
N PHE R 41 69.90 -67.99 -7.47
CA PHE R 41 68.47 -67.75 -7.55
C PHE R 41 68.06 -66.74 -8.61
N VAL R 42 69.00 -66.09 -9.28
CA VAL R 42 68.71 -64.89 -10.07
C VAL R 42 68.01 -65.27 -11.36
N GLY R 43 66.85 -64.66 -11.59
CA GLY R 43 66.11 -64.85 -12.83
C GLY R 43 64.67 -65.24 -12.63
N PHE R 44 64.32 -65.62 -11.41
CA PHE R 44 62.97 -66.00 -11.09
C PHE R 44 62.18 -64.78 -10.64
N THR R 45 60.87 -64.82 -10.85
CA THR R 45 59.95 -63.78 -10.45
C THR R 45 58.94 -64.37 -9.49
N ILE R 46 58.70 -63.69 -8.37
CA ILE R 46 57.98 -64.24 -7.23
C ILE R 46 56.81 -63.32 -6.91
N ALA R 47 55.60 -63.89 -6.82
CA ALA R 47 54.40 -63.15 -6.46
C ALA R 47 54.08 -63.40 -4.99
N VAL R 48 54.75 -62.65 -4.12
CA VAL R 48 54.76 -62.91 -2.69
C VAL R 48 53.38 -62.62 -2.12
N TYR R 49 52.63 -63.67 -1.79
CA TYR R 49 51.33 -63.52 -1.17
C TYR R 49 51.53 -63.11 0.27
N ASP R 50 51.41 -61.81 0.57
CA ASP R 50 51.67 -61.28 1.90
C ASP R 50 50.49 -61.45 2.85
N GLY R 51 49.59 -62.39 2.55
CA GLY R 51 48.38 -62.57 3.32
C GLY R 51 47.27 -61.64 2.94
N ARG R 52 47.51 -60.71 2.03
CA ARG R 52 46.49 -59.79 1.56
C ARG R 52 46.24 -59.94 0.07
N LYS R 53 47.26 -59.74 -0.76
CA LYS R 53 47.32 -60.17 -2.16
C LYS R 53 48.74 -60.63 -2.42
N HIS R 54 49.10 -60.81 -3.69
CA HIS R 54 50.43 -61.26 -4.04
C HIS R 54 51.13 -60.25 -4.93
N VAL R 55 52.43 -60.09 -4.70
CA VAL R 55 53.23 -58.99 -5.23
C VAL R 55 54.27 -59.56 -6.17
N PRO R 56 54.07 -59.50 -7.49
CA PRO R 56 55.07 -60.04 -8.42
C PRO R 56 56.30 -59.15 -8.50
N VAL R 57 57.47 -59.74 -8.25
CA VAL R 57 58.74 -59.04 -8.39
C VAL R 57 59.82 -60.07 -8.71
N TYR R 58 60.80 -59.67 -9.51
CA TYR R 58 61.87 -60.54 -9.98
C TYR R 58 63.03 -60.50 -8.99
N ILE R 59 64.18 -61.03 -9.39
CA ILE R 59 65.36 -61.13 -8.55
C ILE R 59 66.53 -60.44 -9.25
N GLN R 60 67.23 -59.58 -8.51
CA GLN R 60 68.50 -59.00 -8.95
C GLN R 60 69.66 -59.72 -8.31
N GLU R 61 70.84 -59.56 -8.91
CA GLU R 61 72.01 -60.25 -8.40
C GLU R 61 72.62 -59.57 -7.18
N ASP R 62 72.26 -58.31 -6.93
CA ASP R 62 72.55 -57.68 -5.64
C ASP R 62 71.34 -57.69 -4.73
N MET R 63 70.24 -58.31 -5.14
CA MET R 63 69.14 -58.64 -4.25
C MET R 63 69.41 -60.02 -3.64
N VAL R 64 70.57 -60.13 -3.00
CA VAL R 64 71.17 -61.43 -2.73
C VAL R 64 71.64 -61.50 -1.28
N GLY R 65 71.60 -60.37 -0.60
CA GLY R 65 72.12 -60.34 0.75
C GLY R 65 71.08 -60.62 1.81
N HIS R 66 69.91 -61.14 1.42
CA HIS R 66 68.75 -61.08 2.29
C HIS R 66 67.67 -62.03 1.81
N LYS R 67 66.51 -61.96 2.47
CA LYS R 67 65.41 -62.93 2.35
C LYS R 67 64.41 -62.48 1.29
N LEU R 68 63.21 -63.05 1.31
CA LEU R 68 62.15 -62.73 0.35
C LEU R 68 60.91 -62.15 0.99
N GLY R 69 61.08 -61.16 1.86
CA GLY R 69 59.94 -60.53 2.48
C GLY R 69 60.02 -59.01 2.55
N GLU R 70 61.01 -58.42 1.89
CA GLU R 70 61.13 -56.97 1.88
C GLU R 70 60.07 -56.33 0.99
N PHE R 71 59.69 -57.01 -0.07
CA PHE R 71 59.09 -56.35 -1.22
C PHE R 71 57.58 -56.46 -1.22
N ALA R 72 57.00 -56.99 -0.15
CA ALA R 72 55.57 -56.92 0.09
C ALA R 72 55.37 -56.42 1.52
N PRO R 73 55.45 -55.10 1.74
CA PRO R 73 55.23 -54.57 3.09
C PRO R 73 53.77 -54.65 3.48
N THR R 74 53.53 -54.81 4.79
CA THR R 74 52.18 -54.93 5.30
C THR R 74 51.75 -53.74 6.14
N ARG R 75 52.45 -52.61 5.99
CA ARG R 75 52.13 -51.40 6.75
C ARG R 75 51.20 -50.48 5.97
N THR R 76 51.66 -49.99 4.81
CA THR R 76 50.93 -49.15 3.87
C THR R 76 50.45 -47.85 4.55
N TYR R 77 51.42 -47.01 4.89
CA TYR R 77 51.12 -45.73 5.56
C TYR R 77 51.00 -44.63 4.51
N ARG R 78 49.82 -44.59 3.87
CA ARG R 78 49.30 -43.36 3.29
C ARG R 78 47.78 -43.45 3.12
N ASN S 1 -75.45 -29.95 29.34
CA ASN S 1 -76.38 -28.90 28.98
C ASN S 1 -77.73 -29.06 29.68
N ILE S 2 -78.79 -28.63 29.00
CA ILE S 2 -80.11 -28.52 29.61
C ILE S 2 -80.75 -29.89 29.76
N GLU S 3 -81.44 -30.10 30.88
CA GLU S 3 -82.34 -31.24 31.02
C GLU S 3 -83.78 -30.83 31.30
N SER S 4 -84.04 -30.12 32.39
CA SER S 4 -85.42 -29.81 32.75
C SER S 4 -85.58 -28.45 33.41
N ALA S 5 -84.55 -27.60 33.40
CA ALA S 5 -84.65 -26.28 34.00
C ALA S 5 -84.97 -25.20 32.97
N ILE S 6 -85.38 -25.60 31.77
CA ILE S 6 -85.78 -24.60 30.80
C ILE S 6 -87.14 -24.03 31.17
N LYS S 7 -87.97 -24.82 31.86
CA LYS S 7 -89.16 -24.30 32.51
C LYS S 7 -88.81 -23.30 33.60
N ARG S 8 -87.71 -23.54 34.32
CA ARG S 8 -87.21 -22.57 35.29
C ARG S 8 -86.77 -21.29 34.61
N VAL S 9 -86.21 -21.41 33.40
CA VAL S 9 -85.79 -20.24 32.62
C VAL S 9 -87.00 -19.40 32.22
N ARG S 10 -88.04 -20.05 31.72
CA ARG S 10 -89.23 -19.33 31.29
C ARG S 10 -89.99 -18.72 32.48
N THR S 11 -89.99 -19.43 33.61
CA THR S 11 -90.55 -18.90 34.86
C THR S 11 -89.83 -17.64 35.29
N SER S 12 -88.49 -17.68 35.27
CA SER S 12 -87.69 -16.52 35.62
C SER S 12 -87.89 -15.38 34.63
N ALA S 13 -88.17 -15.70 33.36
CA ALA S 13 -88.43 -14.66 32.37
C ALA S 13 -89.73 -13.94 32.66
N ASN S 14 -90.78 -14.70 32.99
CA ASN S 14 -92.06 -14.09 33.36
C ASN S 14 -91.92 -13.28 34.64
N ALA S 15 -91.09 -13.76 35.58
CA ALA S 15 -90.86 -13.03 36.82
C ALA S 15 -90.07 -11.76 36.56
N ASN S 16 -89.14 -11.78 35.60
CA ASN S 16 -88.47 -10.56 35.15
C ASN S 16 -89.47 -9.54 34.66
N ALA S 17 -90.40 -9.98 33.78
CA ALA S 17 -91.39 -9.08 33.19
C ALA S 17 -92.27 -8.45 34.25
N LYS S 18 -92.91 -9.27 35.08
CA LYS S 18 -93.86 -8.72 36.04
C LYS S 18 -93.18 -8.02 37.21
N ASN S 19 -91.99 -8.47 37.65
CA ASN S 19 -91.27 -7.76 38.71
C ASN S 19 -90.72 -6.44 38.22
N SER S 20 -90.30 -6.37 36.96
CA SER S 20 -89.90 -5.10 36.36
C SER S 20 -91.06 -4.12 36.34
N SER S 21 -92.25 -4.60 35.95
CA SER S 21 -93.42 -3.73 35.94
C SER S 21 -93.77 -3.25 37.35
N GLN S 22 -93.72 -4.15 38.33
CA GLN S 22 -94.12 -3.79 39.69
C GLN S 22 -93.10 -2.86 40.35
N THR S 23 -91.81 -3.10 40.12
CA THR S 23 -90.79 -2.23 40.70
C THR S 23 -90.79 -0.85 40.05
N ASN S 24 -91.03 -0.78 38.74
CA ASN S 24 -91.14 0.53 38.09
C ASN S 24 -92.38 1.27 38.59
N ALA S 25 -93.47 0.54 38.83
CA ALA S 25 -94.66 1.14 39.41
C ALA S 25 -94.37 1.71 40.79
N MET S 26 -93.64 0.97 41.61
CA MET S 26 -93.28 1.44 42.95
C MET S 26 -92.40 2.69 42.88
N ARG S 27 -91.37 2.66 42.02
CA ARG S 27 -90.43 3.77 41.93
C ARG S 27 -91.11 5.04 41.42
N THR S 28 -91.97 4.91 40.41
CA THR S 28 -92.68 6.08 39.90
C THR S 28 -93.70 6.58 40.90
N ALA S 29 -94.29 5.69 41.71
CA ALA S 29 -95.15 6.13 42.80
C ALA S 29 -94.37 6.95 43.83
N ILE S 30 -93.17 6.49 44.17
CA ILE S 30 -92.36 7.18 45.17
C ILE S 30 -91.90 8.54 44.65
N LYS S 31 -91.51 8.62 43.36
CA LYS S 31 -91.09 9.91 42.84
C LYS S 31 -92.27 10.85 42.63
N LYS S 32 -93.44 10.29 42.27
CA LYS S 32 -94.66 11.08 42.18
C LYS S 32 -95.02 11.68 43.53
N PHE S 33 -94.79 10.94 44.60
CA PHE S 33 -94.92 11.50 45.94
C PHE S 33 -93.87 12.57 46.22
N GLU S 34 -92.60 12.28 45.90
CA GLU S 34 -91.52 13.15 46.31
C GLU S 34 -91.47 14.45 45.53
N GLU S 35 -92.12 14.51 44.36
CA GLU S 35 -92.26 15.78 43.67
C GLU S 35 -93.09 16.77 44.46
N ALA S 36 -94.15 16.28 45.12
CA ALA S 36 -95.13 17.15 45.75
C ALA S 36 -94.60 17.75 47.04
N VAL S 37 -93.70 17.04 47.73
CA VAL S 37 -93.27 17.46 49.06
C VAL S 37 -92.35 18.66 48.97
N ALA S 38 -91.47 18.68 47.97
CA ALA S 38 -90.68 19.88 47.73
C ALA S 38 -91.47 20.96 47.00
N ALA S 39 -92.64 20.62 46.47
CA ALA S 39 -93.48 21.63 45.82
C ALA S 39 -94.19 22.50 46.86
N GLY S 40 -94.90 21.87 47.80
CA GLY S 40 -95.54 22.57 48.89
C GLY S 40 -97.00 22.91 48.68
N ALA S 41 -97.58 22.51 47.57
CA ALA S 41 -98.96 22.86 47.24
C ALA S 41 -99.88 21.76 47.78
N ASP S 42 -101.13 21.75 47.29
CA ASP S 42 -102.14 20.76 47.62
C ASP S 42 -101.71 19.37 47.10
N ASN S 43 -102.56 18.37 47.39
CA ASN S 43 -102.31 16.95 47.14
C ASN S 43 -101.01 16.51 47.83
N VAL S 44 -101.08 16.53 49.15
CA VAL S 44 -99.94 16.18 49.99
C VAL S 44 -100.22 14.96 50.86
N ASP S 45 -101.48 14.54 50.98
CA ASP S 45 -101.88 13.43 51.84
C ASP S 45 -102.33 12.22 51.05
N ALA S 46 -103.03 12.46 49.94
CA ALA S 46 -103.51 11.39 49.06
C ALA S 46 -102.34 10.60 48.51
N LEU S 47 -101.44 11.28 47.79
CA LEU S 47 -100.23 10.63 47.30
C LEU S 47 -99.26 10.21 48.39
N TYR S 48 -99.36 10.81 49.59
CA TYR S 48 -98.58 10.33 50.74
C TYR S 48 -98.97 8.90 51.09
N ASN S 49 -100.25 8.70 51.41
CA ASN S 49 -100.68 7.36 51.76
C ASN S 49 -100.69 6.43 50.57
N GLU S 50 -100.73 6.96 49.34
CA GLU S 50 -100.53 6.13 48.16
C GLU S 50 -99.09 5.63 48.05
N ALA S 51 -98.12 6.48 48.42
CA ALA S 51 -96.73 6.04 48.45
C ALA S 51 -96.51 4.99 49.52
N VAL S 52 -97.15 5.18 50.69
CA VAL S 52 -97.01 4.21 51.76
C VAL S 52 -97.68 2.88 51.38
N LYS S 53 -98.86 2.95 50.75
CA LYS S 53 -99.51 1.77 50.18
C LYS S 53 -98.63 1.08 49.15
N ALA S 54 -97.99 1.85 48.27
CA ALA S 54 -97.17 1.27 47.22
C ALA S 54 -95.97 0.53 47.80
N VAL S 55 -95.30 1.16 48.78
CA VAL S 55 -94.16 0.54 49.46
C VAL S 55 -94.58 -0.73 50.17
N ASP S 56 -95.72 -0.68 50.88
CA ASP S 56 -96.11 -1.83 51.69
C ASP S 56 -96.65 -2.97 50.83
N MET S 57 -97.39 -2.65 49.76
CA MET S 57 -97.92 -3.70 48.89
C MET S 57 -96.84 -4.27 47.97
N ALA S 58 -95.81 -3.51 47.66
CA ALA S 58 -94.65 -4.10 47.00
C ALA S 58 -93.73 -4.80 47.98
N ALA S 59 -93.91 -4.58 49.28
CA ALA S 59 -93.18 -5.37 50.27
C ALA S 59 -93.82 -6.72 50.49
N THR S 60 -95.14 -6.73 50.66
CA THR S 60 -95.85 -7.96 51.00
C THR S 60 -96.51 -8.61 49.80
N LYS S 61 -97.30 -7.84 49.03
CA LYS S 61 -97.81 -8.33 47.76
C LYS S 61 -96.67 -8.62 46.80
N GLY S 62 -95.70 -7.71 46.74
CA GLY S 62 -94.41 -7.98 46.16
C GLY S 62 -93.46 -8.51 47.22
N LEU S 63 -92.20 -8.14 47.10
CA LEU S 63 -91.16 -8.68 47.97
C LEU S 63 -89.91 -7.81 47.91
N ILE S 64 -89.39 -7.46 49.08
CA ILE S 64 -87.95 -7.20 49.17
C ILE S 64 -87.41 -8.15 50.23
N HIS S 65 -87.56 -7.82 51.52
CA HIS S 65 -88.00 -8.79 52.50
C HIS S 65 -89.02 -8.16 53.47
N LYS S 66 -88.56 -7.22 54.29
CA LYS S 66 -89.36 -6.31 55.10
C LYS S 66 -88.76 -4.91 55.22
N ASN S 67 -87.45 -4.75 55.08
CA ASN S 67 -86.74 -3.67 55.76
C ASN S 67 -86.40 -2.49 54.88
N LYS S 68 -86.21 -2.69 53.57
CA LYS S 68 -86.15 -1.53 52.70
C LYS S 68 -87.48 -0.79 52.69
N ALA S 69 -88.58 -1.55 52.80
CA ALA S 69 -89.86 -0.94 53.09
C ALA S 69 -89.84 -0.23 54.44
N ASN S 70 -89.21 -0.84 55.45
CA ASN S 70 -89.16 -0.25 56.77
C ASN S 70 -88.25 0.96 56.80
N ARG S 71 -87.09 0.89 56.14
CA ARG S 71 -86.22 2.06 56.07
C ARG S 71 -86.83 3.19 55.26
N ASP S 72 -87.61 2.85 54.23
CA ASP S 72 -88.26 3.90 53.45
C ASP S 72 -89.39 4.56 54.24
N LYS S 73 -90.17 3.79 54.98
CA LYS S 73 -91.20 4.41 55.82
C LYS S 73 -90.57 5.22 56.94
N ILE S 74 -89.40 4.82 57.45
CA ILE S 74 -88.71 5.62 58.45
C ILE S 74 -88.21 6.94 57.85
N ARG S 75 -87.50 6.86 56.72
CA ARG S 75 -86.98 8.09 56.10
C ARG S 75 -88.07 8.93 55.45
N LEU S 76 -89.28 8.38 55.32
CA LEU S 76 -90.42 9.05 54.74
C LEU S 76 -91.21 9.80 55.81
N SER S 77 -91.62 9.07 56.87
CA SER S 77 -92.32 9.67 57.99
C SER S 77 -91.45 10.61 58.79
N LYS S 78 -90.13 10.45 58.72
CA LYS S 78 -89.22 11.44 59.29
C LYS S 78 -88.96 12.59 58.34
N LEU S 79 -89.66 12.66 57.22
CA LEU S 79 -89.51 13.74 56.27
C LEU S 79 -90.82 14.41 55.91
N ALA S 80 -91.91 13.64 55.81
CA ALA S 80 -93.18 14.18 55.32
C ALA S 80 -94.26 14.22 56.39
N LYS S 81 -94.64 13.09 56.96
CA LYS S 81 -95.57 13.05 58.09
C LYS S 81 -95.17 11.97 59.07
N ALA X 1 -9.96 36.63 45.97
CA ALA X 1 -9.34 35.40 45.50
C ALA X 1 -9.67 35.19 44.04
N ILE X 2 -10.36 34.10 43.72
CA ILE X 2 -10.71 33.74 42.35
C ILE X 2 -12.14 33.23 42.33
N LYS X 3 -12.98 33.83 41.49
CA LYS X 3 -14.30 33.29 41.24
C LYS X 3 -14.23 32.18 40.20
N LYS X 4 -15.16 31.24 40.29
CA LYS X 4 -15.33 30.21 39.29
C LYS X 4 -16.79 30.24 38.89
N TYR X 5 -17.09 30.75 37.71
CA TYR X 5 -18.47 30.87 37.29
C TYR X 5 -19.03 29.49 36.95
N LYS X 6 -20.29 29.26 37.32
CA LYS X 6 -20.91 27.99 37.00
C LYS X 6 -21.17 27.90 35.51
N PRO X 7 -20.94 26.76 34.91
CA PRO X 7 -21.04 26.68 33.45
C PRO X 7 -22.47 26.73 32.96
N THR X 8 -22.89 27.87 32.45
CA THR X 8 -24.24 28.02 31.96
C THR X 8 -24.30 27.99 30.44
N THR X 9 -23.41 28.71 29.78
CA THR X 9 -23.27 28.66 28.34
C THR X 9 -21.81 28.35 28.01
N ASN X 10 -21.55 27.93 26.78
CA ASN X 10 -20.26 27.33 26.45
C ASN X 10 -19.11 28.31 26.41
N GLY X 11 -19.37 29.61 26.51
CA GLY X 11 -18.29 30.58 26.62
C GLY X 11 -18.18 31.04 28.04
N ARG X 12 -18.63 30.21 28.94
CA ARG X 12 -18.62 30.52 30.36
C ARG X 12 -18.23 29.27 31.14
N ARG X 13 -17.94 28.16 30.44
CA ARG X 13 -17.50 26.91 31.05
C ARG X 13 -16.28 27.08 31.92
N ASN X 14 -15.27 27.76 31.42
CA ASN X 14 -13.97 27.80 32.06
C ASN X 14 -13.50 29.22 32.14
N MET X 15 -14.35 30.07 32.69
CA MET X 15 -14.03 31.43 33.08
C MET X 15 -13.50 31.44 34.50
N THR X 16 -12.61 32.39 34.76
CA THR X 16 -12.21 32.78 36.11
C THR X 16 -11.93 34.27 36.11
N SER X 17 -12.14 34.89 37.27
CA SER X 17 -11.76 36.29 37.46
C SER X 17 -11.63 36.52 38.94
N SER X 18 -11.13 37.70 39.29
CA SER X 18 -10.82 37.94 40.68
C SER X 18 -12.09 38.28 41.45
N ASP X 19 -11.93 38.54 42.74
CA ASP X 19 -13.02 39.00 43.57
C ASP X 19 -13.08 40.51 43.63
N PHE X 20 -11.94 41.15 43.40
CA PHE X 20 -11.70 42.55 43.75
C PHE X 20 -12.11 42.80 45.20
N ALA X 21 -11.53 42.00 46.09
CA ALA X 21 -11.82 42.11 47.51
C ALA X 21 -10.92 43.12 48.20
N GLU X 22 -9.71 43.33 47.69
CA GLU X 22 -8.79 44.27 48.31
C GLU X 22 -9.23 45.71 48.11
N ILE X 23 -9.96 45.95 47.03
CA ILE X 23 -10.25 47.31 46.56
C ILE X 23 -11.30 47.95 47.45
N THR X 24 -10.95 49.10 48.02
CA THR X 24 -11.88 49.74 48.95
C THR X 24 -12.92 50.56 48.22
N THR X 25 -12.51 51.47 47.35
CA THR X 25 -13.40 52.46 46.78
C THR X 25 -13.50 52.28 45.27
N SER X 26 -14.25 53.18 44.64
CA SER X 26 -14.43 53.13 43.18
C SER X 26 -14.36 54.52 42.56
N THR X 27 -13.84 55.49 43.27
CA THR X 27 -13.87 56.87 42.81
C THR X 27 -12.47 57.46 42.78
N PRO X 28 -11.88 57.64 41.61
CA PRO X 28 -10.62 58.39 41.54
C PRO X 28 -10.84 59.88 41.75
N GLU X 29 -9.74 60.59 41.97
CA GLU X 29 -9.78 62.03 42.15
C GLU X 29 -9.73 62.75 40.81
N LYS X 30 -10.11 64.02 40.83
CA LYS X 30 -9.90 64.83 39.64
C LYS X 30 -8.43 65.11 39.42
N SER X 31 -7.71 65.44 40.48
CA SER X 31 -6.42 66.11 40.37
C SER X 31 -5.33 65.23 39.80
N LEU X 32 -5.54 63.93 39.69
CA LEU X 32 -4.48 63.01 39.30
C LEU X 32 -4.77 62.31 37.99
N LEU X 33 -5.86 62.65 37.32
CA LEU X 33 -6.22 62.02 36.06
C LEU X 33 -5.70 62.86 34.91
N GLN X 34 -5.16 62.18 33.90
CA GLN X 34 -4.80 62.85 32.65
C GLN X 34 -5.24 61.98 31.49
N PRO X 35 -5.60 62.58 30.35
CA PRO X 35 -6.14 61.80 29.24
C PRO X 35 -5.16 60.85 28.58
N LEU X 36 -5.65 60.08 27.61
CA LEU X 36 -4.85 59.11 26.89
C LEU X 36 -5.47 58.88 25.52
N LYS X 37 -4.65 58.53 24.57
CA LYS X 37 -5.13 58.06 23.29
C LYS X 37 -4.92 56.56 23.21
N ASN X 38 -5.70 55.93 22.34
CA ASN X 38 -5.18 54.69 21.80
C ASN X 38 -4.19 54.98 20.71
N ASN X 39 -3.45 53.97 20.32
CA ASN X 39 -2.53 54.18 19.24
C ASN X 39 -2.74 53.15 18.14
N ALA X 40 -3.13 51.95 18.55
CA ALA X 40 -3.17 50.76 17.69
C ALA X 40 -1.85 50.56 16.97
N GLY X 41 -0.76 50.84 17.68
CA GLY X 41 0.59 50.73 17.18
C GLY X 41 0.89 51.48 15.90
N ARG X 42 0.62 52.78 15.83
CA ARG X 42 0.86 53.53 14.61
C ARG X 42 1.69 54.78 14.89
N ASN X 43 2.61 55.07 13.98
CA ASN X 43 3.71 56.00 14.21
C ASN X 43 3.29 57.46 14.08
N ASN X 44 4.30 58.31 13.98
CA ASN X 44 4.14 59.62 13.36
C ASN X 44 3.73 59.46 11.91
N ASN X 45 4.36 58.52 11.21
CA ASN X 45 4.03 58.28 9.82
C ASN X 45 2.69 57.59 9.67
N GLY X 46 2.20 56.96 10.73
CA GLY X 46 0.92 56.31 10.67
C GLY X 46 0.98 54.96 9.98
N ARG X 47 1.90 54.11 10.40
CA ARG X 47 1.93 52.73 9.92
C ARG X 47 2.04 51.79 11.10
N ILE X 48 1.68 50.54 10.87
CA ILE X 48 1.69 49.56 11.95
C ILE X 48 3.13 49.17 12.22
N THR X 49 3.57 49.34 13.46
CA THR X 49 4.90 48.89 13.86
C THR X 49 4.84 47.65 14.73
N VAL X 50 4.23 47.73 15.89
CA VAL X 50 3.99 46.56 16.71
C VAL X 50 2.62 46.06 16.34
N ARG X 51 2.55 44.82 15.87
CA ARG X 51 1.27 44.29 15.43
C ARG X 51 0.34 44.05 16.61
N HIS X 52 -0.93 43.80 16.28
CA HIS X 52 -1.96 43.27 17.16
C HIS X 52 -2.25 44.21 18.33
N GLN X 53 -2.70 45.41 18.04
CA GLN X 53 -3.04 46.36 19.09
C GLN X 53 -4.33 47.07 18.75
N GLY X 54 -4.89 47.75 19.75
CA GLY X 54 -6.01 48.65 19.55
C GLY X 54 -7.35 48.00 19.85
N GLY X 55 -8.39 48.81 19.67
CA GLY X 55 -9.74 48.30 19.66
C GLY X 55 -10.29 47.79 20.98
N GLY X 56 -10.41 48.64 21.96
CA GLY X 56 -10.98 48.25 23.24
C GLY X 56 -11.63 49.43 23.91
N HIS X 57 -11.61 49.42 25.24
CA HIS X 57 -12.41 50.32 26.06
C HIS X 57 -11.70 51.67 26.15
N LYS X 58 -12.10 52.53 27.08
CA LYS X 58 -11.42 53.79 27.31
C LYS X 58 -10.64 53.78 28.61
N ARG X 59 -9.56 54.55 28.65
CA ARG X 59 -8.66 54.59 29.79
C ARG X 59 -8.17 56.01 30.00
N GLN X 60 -7.61 56.27 31.19
CA GLN X 60 -7.01 57.55 31.54
C GLN X 60 -5.73 57.33 32.34
N TYR X 61 -4.86 58.35 32.37
CA TYR X 61 -3.73 58.29 33.29
C TYR X 61 -4.19 58.38 34.72
N ARG X 62 -3.41 57.76 35.59
CA ARG X 62 -3.41 58.09 37.01
C ARG X 62 -1.94 58.33 37.34
N VAL X 63 -1.61 59.58 37.65
CA VAL X 63 -0.22 59.98 37.81
C VAL X 63 0.32 59.42 39.10
N ILE X 64 1.34 58.58 39.01
CA ILE X 64 1.84 57.82 40.13
C ILE X 64 3.30 58.15 40.37
N ASP X 65 3.67 58.33 41.64
CA ASP X 65 5.05 58.56 42.03
C ASP X 65 5.96 57.44 41.57
N PHE X 66 7.21 57.81 41.34
CA PHE X 66 8.29 56.85 41.27
C PHE X 66 9.52 57.36 41.99
N LYS X 67 9.48 58.57 42.51
CA LYS X 67 10.63 59.24 43.07
C LYS X 67 10.60 59.25 44.59
N ARG X 68 9.51 59.74 45.16
CA ARG X 68 9.30 59.92 46.60
C ARG X 68 10.41 60.76 47.21
N ASN X 69 10.41 62.02 46.80
CA ASN X 69 11.45 62.91 47.28
C ASN X 69 11.03 63.72 48.48
N LYS X 70 9.73 63.86 48.74
CA LYS X 70 9.29 64.56 49.94
C LYS X 70 9.59 63.66 51.13
N ASP X 71 10.72 63.92 51.76
CA ASP X 71 11.21 63.11 52.85
C ASP X 71 11.00 63.85 54.16
N ASN X 72 11.08 63.06 55.25
CA ASN X 72 10.88 63.53 56.63
C ASN X 72 9.49 64.10 56.86
N VAL X 73 8.49 63.62 56.10
CA VAL X 73 7.10 64.01 56.27
C VAL X 73 6.27 62.73 56.16
N ALA X 74 5.46 62.44 57.17
CA ALA X 74 4.68 61.22 57.20
C ALA X 74 3.54 61.29 56.18
N ALA X 75 2.87 60.14 55.98
CA ALA X 75 1.92 60.04 54.88
C ALA X 75 0.89 58.97 55.18
N VAL X 76 -0.39 59.32 55.13
CA VAL X 76 -1.48 58.39 55.42
C VAL X 76 -1.93 57.76 54.11
N VAL X 77 -2.32 56.49 54.16
CA VAL X 77 -2.81 55.77 52.99
C VAL X 77 -4.26 55.36 53.22
N LYS X 78 -5.14 55.71 52.28
CA LYS X 78 -6.58 55.58 52.49
C LYS X 78 -7.31 54.65 51.52
N THR X 79 -6.86 54.51 50.28
CA THR X 79 -7.61 53.71 49.32
C THR X 79 -6.71 52.69 48.65
N ILE X 80 -7.32 51.78 47.90
CA ILE X 80 -6.64 50.81 47.07
C ILE X 80 -7.48 50.63 45.82
N GLU X 81 -6.93 50.96 44.65
CA GLU X 81 -7.77 51.10 43.47
C GLU X 81 -7.26 50.31 42.28
N TYR X 82 -7.78 50.60 41.09
CA TYR X 82 -7.19 50.15 39.84
C TYR X 82 -6.10 51.04 39.29
N ASP X 83 -5.32 50.45 38.38
CA ASP X 83 -5.13 50.98 37.04
C ASP X 83 -5.64 49.99 36.02
N PRO X 84 -6.28 50.47 34.95
CA PRO X 84 -6.36 49.65 33.74
C PRO X 84 -5.06 49.55 33.02
N ASN X 85 -4.09 50.40 33.36
CA ASN X 85 -2.78 50.39 32.74
C ASN X 85 -1.90 49.32 33.36
N ARG X 86 -1.85 49.30 34.67
CA ARG X 86 -0.91 48.47 35.38
C ARG X 86 -1.62 47.25 35.91
N SER X 87 -0.87 46.19 36.13
CA SER X 87 -1.47 45.00 36.68
C SER X 87 -1.43 45.01 38.18
CA ALA X 88 -1.06 46.24 40.24
C ALA X 88 -1.95 47.30 40.86
N ASN X 89 -2.40 47.02 42.08
CA ASN X 89 -3.28 47.89 42.81
C ASN X 89 -2.51 49.06 43.43
N ILE X 90 -3.17 50.20 43.51
CA ILE X 90 -2.54 51.51 43.64
C ILE X 90 -3.27 52.26 44.73
N ALA X 91 -2.55 53.06 45.52
CA ALA X 91 -3.09 53.66 46.73
C ALA X 91 -2.96 55.18 46.72
N LEU X 92 -4.01 55.87 47.19
CA LEU X 92 -3.90 57.29 47.48
C LEU X 92 -3.05 57.54 48.71
N VAL X 93 -2.50 58.74 48.76
CA VAL X 93 -1.61 59.15 49.85
C VAL X 93 -1.91 60.59 50.21
N HIS X 94 -2.18 60.84 51.48
CA HIS X 94 -2.33 62.18 52.00
C HIS X 94 -1.07 62.56 52.77
N TYR X 95 -0.24 63.40 52.18
CA TYR X 95 0.84 64.02 52.94
C TYR X 95 0.25 64.96 53.97
N GLU X 96 0.96 65.11 55.08
CA GLU X 96 0.48 66.03 56.10
C GLU X 96 0.66 67.49 55.71
N ASP X 97 1.47 67.76 54.70
CA ASP X 97 1.52 69.09 54.11
C ASP X 97 0.24 69.44 53.38
N GLY X 98 -0.52 68.44 52.95
CA GLY X 98 -1.73 68.68 52.18
C GLY X 98 -1.49 68.47 50.70
N VAL X 99 -0.72 67.46 50.36
CA VAL X 99 -0.37 67.15 48.98
C VAL X 99 -0.78 65.72 48.71
N LYS X 100 -1.40 65.49 47.57
CA LYS X 100 -1.90 64.18 47.18
C LYS X 100 -1.16 63.69 45.95
N ALA X 101 -0.93 62.38 45.90
CA ALA X 101 -0.50 61.64 44.71
C ALA X 101 -0.62 60.16 45.05
N TYR X 102 -0.57 59.33 44.02
CA TYR X 102 -0.71 57.89 44.24
C TYR X 102 0.63 57.24 44.55
N ILE X 103 0.56 55.99 45.02
CA ILE X 103 1.72 55.16 45.30
C ILE X 103 1.38 53.73 44.94
N LEU X 104 2.31 53.05 44.27
CA LEU X 104 2.21 51.61 44.04
C LEU X 104 2.09 50.86 45.36
N ALA X 105 1.05 50.06 45.49
CA ALA X 105 0.73 49.43 46.77
C ALA X 105 1.26 48.02 46.80
N PRO X 106 2.17 47.70 47.67
CA PRO X 106 2.64 46.31 47.79
C PRO X 106 1.74 45.49 48.69
N LYS X 107 2.15 44.25 48.96
CA LYS X 107 1.42 43.40 49.89
C LYS X 107 1.48 43.95 51.30
N GLY X 108 0.44 43.68 52.08
CA GLY X 108 0.47 44.01 53.49
C GLY X 108 0.12 45.43 53.86
N LEU X 109 -0.14 46.31 52.89
CA LEU X 109 -0.62 47.64 53.23
C LEU X 109 -2.06 47.61 53.70
N GLU X 110 -2.30 48.24 54.83
CA GLU X 110 -3.64 48.43 55.37
C GLU X 110 -3.92 49.93 55.39
N VAL X 111 -5.20 50.27 55.37
CA VAL X 111 -5.60 51.66 55.47
C VAL X 111 -5.27 52.14 56.89
N GLY X 112 -4.57 53.26 56.97
CA GLY X 112 -4.18 53.81 58.25
C GLY X 112 -2.71 53.69 58.55
N MET X 113 -1.93 53.04 57.69
CA MET X 113 -0.50 53.00 57.93
C MET X 113 0.16 54.31 57.53
N ARG X 114 1.38 54.51 57.99
CA ARG X 114 2.13 55.71 57.66
C ARG X 114 3.47 55.34 57.06
N LEU X 115 3.77 55.90 55.90
CA LEU X 115 4.95 55.52 55.13
C LEU X 115 5.92 56.69 55.11
N VAL X 116 7.14 56.44 55.57
CA VAL X 116 8.18 57.45 55.70
C VAL X 116 9.27 57.16 54.68
N SER X 117 9.86 58.20 54.10
CA SER X 117 10.68 58.02 52.91
C SER X 117 12.03 58.71 52.96
N GLY X 118 12.56 58.99 54.15
CA GLY X 118 13.82 59.69 54.24
C GLY X 118 15.00 58.78 53.96
N PRO X 119 16.21 59.34 54.13
CA PRO X 119 17.42 58.52 53.99
C PRO X 119 17.73 57.69 55.21
N GLU X 120 16.98 57.86 56.30
CA GLU X 120 17.19 57.07 57.50
C GLU X 120 15.89 56.62 58.10
N ALA X 121 14.86 56.44 57.28
CA ALA X 121 13.57 55.98 57.77
C ALA X 121 13.65 54.52 58.20
N ASP X 122 12.65 54.09 58.96
CA ASP X 122 12.67 52.73 59.46
C ASP X 122 12.32 51.74 58.35
N ILE X 123 12.55 50.46 58.63
CA ILE X 123 12.47 49.45 57.61
C ILE X 123 11.20 48.62 57.84
N LYS X 124 10.14 49.00 57.15
CA LYS X 124 8.92 48.21 57.13
C LYS X 124 8.42 48.18 55.69
N VAL X 125 7.18 47.72 55.52
CA VAL X 125 6.60 47.61 54.19
C VAL X 125 6.10 48.98 53.76
N GLY X 126 6.65 49.49 52.66
CA GLY X 126 6.17 50.71 52.04
C GLY X 126 7.11 51.88 52.12
N ASN X 127 8.19 51.78 52.89
CA ASN X 127 9.10 52.89 53.03
C ASN X 127 9.97 53.02 51.79
N ALA X 128 10.70 54.13 51.68
CA ALA X 128 11.51 54.43 50.51
C ALA X 128 12.88 54.94 50.93
N LEU X 129 13.90 54.11 50.77
CA LEU X 129 15.25 54.35 51.22
C LEU X 129 16.22 54.37 50.03
N PRO X 130 17.31 55.11 50.13
CA PRO X 130 18.40 54.91 49.18
C PRO X 130 19.14 53.63 49.50
N LEU X 131 19.66 52.98 48.46
CA LEU X 131 20.17 51.60 48.52
C LEU X 131 21.38 51.42 49.42
N GLU X 132 22.06 52.48 49.82
CA GLU X 132 23.11 52.37 50.82
C GLU X 132 22.55 51.89 52.14
N ASN X 133 21.47 52.50 52.58
CA ASN X 133 21.02 52.31 53.95
C ASN X 133 20.23 51.02 54.14
N ILE X 134 19.94 50.31 53.07
CA ILE X 134 19.16 49.08 53.16
C ILE X 134 20.10 47.94 53.52
N PRO X 135 19.84 47.23 54.62
CA PRO X 135 20.73 46.14 55.03
C PRO X 135 20.50 44.89 54.18
N VAL X 136 21.29 43.88 54.47
CA VAL X 136 21.43 42.72 53.59
C VAL X 136 20.24 41.80 53.75
N GLY X 137 19.61 41.46 52.62
CA GLY X 137 18.60 40.42 52.61
C GLY X 137 17.17 40.88 52.76
N THR X 138 16.77 41.91 52.03
CA THR X 138 15.40 42.39 52.04
C THR X 138 14.75 42.13 50.70
N VAL X 139 13.52 42.61 50.55
CA VAL X 139 12.72 42.44 49.35
C VAL X 139 12.28 43.83 48.90
N ILE X 140 12.50 44.15 47.63
CA ILE X 140 12.65 45.53 47.19
C ILE X 140 11.95 45.78 45.86
N HIS X 141 11.40 47.00 45.68
CA HIS X 141 10.87 47.41 44.39
C HIS X 141 11.18 48.86 44.08
N ASN X 142 10.70 49.26 42.89
CA ASN X 142 10.84 50.60 42.31
C ASN X 142 12.29 51.04 42.25
N ILE X 143 13.19 50.12 41.94
CA ILE X 143 14.62 50.40 41.97
C ILE X 143 14.95 51.41 40.88
N GLU X 144 15.53 52.54 41.27
CA GLU X 144 16.00 53.47 40.28
C GLU X 144 17.23 52.90 39.58
N MET X 145 17.25 53.01 38.26
CA MET X 145 18.48 52.72 37.53
C MET X 145 19.52 53.79 37.79
N LYS X 146 19.18 55.05 37.49
CA LYS X 146 20.07 56.19 37.53
C LYS X 146 19.47 57.28 38.40
N PRO X 147 20.26 57.87 39.29
CA PRO X 147 19.68 58.59 40.43
C PRO X 147 18.98 59.90 40.11
N GLY X 148 17.65 59.89 40.20
CA GLY X 148 16.87 61.08 39.92
C GLY X 148 15.74 60.87 38.95
N LYS X 149 15.72 59.72 38.26
CA LYS X 149 14.63 59.41 37.36
C LYS X 149 13.35 59.10 38.11
N GLY X 150 13.45 58.29 39.16
CA GLY X 150 12.34 57.47 39.59
C GLY X 150 12.53 56.04 39.14
N GLY X 151 11.67 55.17 39.65
CA GLY X 151 11.88 53.74 39.45
C GLY X 151 11.65 53.32 38.00
N GLN X 152 12.43 52.34 37.57
CA GLN X 152 12.19 51.66 36.31
C GLN X 152 12.29 50.16 36.42
N LEU X 153 12.99 49.62 37.40
CA LEU X 153 12.98 48.18 37.58
C LEU X 153 11.78 47.82 38.43
N ILE X 154 11.79 46.61 38.99
CA ILE X 154 10.63 45.75 39.16
C ILE X 154 9.38 46.39 39.72
N ARG X 155 8.33 46.45 38.92
CA ARG X 155 7.11 47.18 39.23
C ARG X 155 5.88 46.31 39.33
N SER X 156 5.70 45.36 38.41
CA SER X 156 4.39 44.74 38.20
C SER X 156 4.11 43.67 39.25
N ALA X 157 3.01 42.95 39.04
CA ALA X 157 2.31 42.27 40.11
C ALA X 157 3.04 41.01 40.59
N GLY X 158 3.11 40.86 41.91
CA GLY X 158 3.55 39.61 42.48
C GLY X 158 5.01 39.30 42.33
N THR X 159 5.82 40.30 42.06
CA THR X 159 7.24 40.14 41.78
C THR X 159 8.08 40.62 42.95
N SER X 160 9.39 40.42 42.88
CA SER X 160 10.28 40.72 44.01
C SER X 160 11.72 40.76 43.55
N ALA X 161 12.62 41.13 44.47
CA ALA X 161 14.06 41.11 44.29
C ALA X 161 14.72 40.82 45.63
N GLN X 162 16.05 40.75 45.66
CA GLN X 162 16.80 40.73 46.92
C GLN X 162 18.12 41.47 46.79
N VAL X 163 18.75 41.66 47.94
CA VAL X 163 20.07 42.27 48.04
C VAL X 163 21.06 41.17 48.37
N LEU X 164 21.96 40.89 47.43
CA LEU X 164 22.97 39.86 47.66
C LEU X 164 24.10 40.40 48.51
N GLY X 165 24.81 41.41 48.01
CA GLY X 165 25.92 41.94 48.77
C GLY X 165 26.36 43.33 48.35
N LYS X 166 26.63 44.17 49.33
CA LYS X 166 27.15 45.49 49.02
C LYS X 166 28.59 45.39 48.55
N GLU X 167 29.04 46.45 47.88
CA GLU X 167 30.47 46.69 47.74
C GLU X 167 30.67 48.13 48.20
N GLY X 168 31.85 48.69 47.98
CA GLY X 168 32.00 50.13 48.18
C GLY X 168 31.20 50.80 47.09
N LYS X 169 31.49 50.41 45.87
CA LYS X 169 30.64 50.59 44.71
C LYS X 169 30.80 49.33 43.89
N TYR X 170 29.72 48.75 43.36
CA TYR X 170 28.32 49.16 43.42
C TYR X 170 27.56 48.30 44.43
N VAL X 171 26.24 48.30 44.37
CA VAL X 171 25.41 47.38 45.17
C VAL X 171 24.93 46.25 44.27
N LEU X 172 25.12 45.01 44.71
CA LEU X 172 24.59 43.85 43.99
C LEU X 172 23.15 43.57 44.35
N ILE X 173 22.39 43.09 43.38
CA ILE X 173 20.96 42.85 43.49
C ILE X 173 20.59 41.64 42.64
N ARG X 174 19.88 40.69 43.23
CA ARG X 174 19.24 39.64 42.45
C ARG X 174 17.89 40.11 41.94
N LEU X 175 17.74 40.19 40.63
CA LEU X 175 16.47 40.59 40.05
C LEU X 175 15.53 39.39 40.00
N ASN X 176 14.41 39.51 39.29
CA ASN X 176 13.75 38.30 38.87
C ASN X 176 14.45 37.73 37.65
N SER X 177 13.98 36.55 37.24
CA SER X 177 14.55 35.75 36.17
C SER X 177 16.02 35.46 36.40
N GLY X 178 16.42 35.35 37.67
CA GLY X 178 17.68 34.76 38.05
C GLY X 178 18.88 35.70 38.12
N GLU X 179 18.85 36.83 37.44
CA GLU X 179 20.05 37.62 37.18
C GLU X 179 20.67 38.23 38.43
N VAL X 180 21.87 38.77 38.24
CA VAL X 180 22.61 39.51 39.25
C VAL X 180 23.15 40.76 38.56
N ARG X 181 22.94 41.92 39.17
CA ARG X 181 23.36 43.17 38.54
C ARG X 181 24.07 44.08 39.53
N MET X 182 25.10 44.77 39.04
CA MET X 182 25.70 45.90 39.71
C MET X 182 24.85 47.16 39.50
N ILE X 183 24.48 47.83 40.58
CA ILE X 183 23.63 49.02 40.55
C ILE X 183 24.21 50.04 41.52
N LEU X 184 24.30 51.32 41.08
CA LEU X 184 24.78 52.43 41.90
C LEU X 184 24.05 52.51 43.23
N ALA X 185 24.77 53.01 44.23
CA ALA X 185 24.30 52.98 45.60
C ALA X 185 23.52 54.22 46.00
N THR X 186 23.36 55.18 45.11
CA THR X 186 22.59 56.38 45.43
C THR X 186 21.18 56.32 44.86
N CYS X 187 20.67 55.12 44.59
CA CYS X 187 19.36 54.96 43.97
C CYS X 187 18.31 54.61 45.00
N ARG X 188 17.09 55.03 44.74
CA ARG X 188 15.94 54.80 45.62
C ARG X 188 15.34 53.42 45.41
N ALA X 189 14.53 53.00 46.36
CA ALA X 189 13.86 51.71 46.31
C ALA X 189 12.62 51.76 47.20
N THR X 190 11.91 50.64 47.28
CA THR X 190 10.92 50.41 48.34
C THR X 190 11.23 49.09 49.01
N ILE X 191 10.40 48.72 49.98
CA ILE X 191 10.61 47.51 50.75
C ILE X 191 9.31 46.71 50.76
N GLY X 192 9.34 45.55 50.14
CA GLY X 192 8.19 44.68 50.09
C GLY X 192 8.08 44.07 48.72
N SER X 193 6.93 43.47 48.46
CA SER X 193 6.64 42.90 47.16
C SER X 193 5.20 43.23 46.76
N VAL X 194 4.97 43.34 45.46
CA VAL X 194 3.79 43.97 44.86
C VAL X 194 2.56 43.10 45.15
N GLY X 195 1.37 43.58 44.83
CA GLY X 195 0.11 43.22 45.46
C GLY X 195 -0.51 41.96 44.92
N ASN X 196 -1.40 42.08 43.92
CA ASN X 196 -1.93 40.94 43.19
C ASN X 196 -0.88 39.89 42.86
N GLU X 197 -1.22 38.65 43.12
CA GLU X 197 -0.33 37.52 42.98
C GLU X 197 -0.77 36.60 41.86
N GLN X 198 -1.92 36.91 41.25
CA GLN X 198 -2.80 35.89 40.71
C GLN X 198 -3.11 36.10 39.24
N HIS X 199 -2.42 37.00 38.56
CA HIS X 199 -2.68 37.25 37.15
C HIS X 199 -2.29 36.09 36.25
N GLU X 200 -1.52 35.14 36.73
CA GLU X 200 -1.35 33.90 35.98
C GLU X 200 -2.36 32.85 36.39
N LEU X 201 -3.35 33.22 37.19
CA LEU X 201 -4.37 32.27 37.63
C LEU X 201 -5.75 32.66 37.13
N ILE X 202 -5.82 33.30 35.97
CA ILE X 202 -7.08 33.81 35.43
C ILE X 202 -7.25 33.28 34.01
N ASN X 203 -8.23 32.41 33.82
CA ASN X 203 -8.72 32.13 32.48
C ASN X 203 -9.39 33.37 31.92
N ILE X 204 -9.12 33.67 30.67
CA ILE X 204 -9.80 34.79 30.06
C ILE X 204 -11.09 34.34 29.42
N GLY X 205 -11.13 33.10 28.93
CA GLY X 205 -12.38 32.42 28.65
C GLY X 205 -12.99 32.64 27.28
N LYS X 206 -13.60 33.78 27.05
CA LYS X 206 -14.12 34.09 25.73
C LYS X 206 -12.99 34.48 24.80
N ALA X 207 -13.30 34.72 23.54
CA ALA X 207 -12.42 35.56 22.75
C ALA X 207 -12.65 37.03 23.07
N GLY X 208 -13.86 37.37 23.47
CA GLY X 208 -14.23 38.75 23.65
C GLY X 208 -13.61 39.39 24.85
N ARG X 209 -13.25 38.59 25.87
CA ARG X 209 -12.67 39.20 27.05
C ARG X 209 -11.23 39.62 26.80
N SER X 210 -10.46 38.79 26.10
CA SER X 210 -9.14 39.21 25.68
C SER X 210 -9.20 40.18 24.51
N ARG X 211 -10.35 40.31 23.89
CA ARG X 211 -10.59 41.35 22.91
C ARG X 211 -10.98 42.67 23.56
N TRP X 212 -11.49 42.62 24.80
CA TRP X 212 -11.74 43.84 25.55
C TRP X 212 -10.45 44.53 25.92
N MET X 213 -9.51 43.77 26.48
CA MET X 213 -8.13 44.20 26.53
C MET X 213 -7.66 44.37 25.09
N ARG X 214 -6.80 45.34 24.86
CA ARG X 214 -6.67 45.93 23.53
C ARG X 214 -5.87 45.05 22.55
N LYS X 215 -6.36 43.84 22.33
CA LYS X 215 -5.67 42.86 21.51
C LYS X 215 -6.38 42.66 20.18
N ARG X 216 -5.91 41.69 19.41
CA ARG X 216 -6.40 41.44 18.06
C ARG X 216 -5.89 40.08 17.64
N PRO X 217 -6.66 39.32 16.87
CA PRO X 217 -6.23 37.97 16.50
C PRO X 217 -4.99 37.91 15.63
N THR X 218 -4.16 36.90 15.91
CA THR X 218 -2.85 36.70 15.32
C THR X 218 -2.89 35.44 14.47
N VAL X 219 -2.77 35.61 13.16
CA VAL X 219 -2.83 34.48 12.25
C VAL X 219 -1.57 33.65 12.39
N ARG X 220 -1.70 32.32 12.28
CA ARG X 220 -0.56 31.42 12.15
C ARG X 220 0.30 31.85 10.97
N GLY X 221 1.59 31.56 11.06
CA GLY X 221 2.48 31.94 9.97
C GLY X 221 2.32 31.06 8.75
N SER X 222 2.11 29.77 8.94
CA SER X 222 2.17 28.85 7.83
C SER X 222 0.89 28.80 7.04
N VAL X 223 0.00 29.76 7.21
CA VAL X 223 -1.29 29.77 6.56
C VAL X 223 -1.26 30.84 5.48
N MET X 224 -0.38 31.83 5.67
CA MET X 224 -0.20 32.92 4.74
C MET X 224 0.21 32.41 3.35
N ASN X 225 -0.14 33.19 2.33
CA ASN X 225 0.43 32.98 1.01
C ASN X 225 1.92 33.28 1.05
N PRO X 226 2.73 32.70 0.16
CA PRO X 226 4.19 32.75 0.35
C PRO X 226 4.83 34.10 0.20
N ASN X 227 4.06 35.17 0.03
CA ASN X 227 4.61 36.47 -0.27
C ASN X 227 4.36 37.48 0.82
N ASP X 228 3.67 37.07 1.89
CA ASP X 228 3.61 37.84 3.10
C ASP X 228 4.39 37.22 4.23
N HIS X 229 4.88 36.00 4.05
CA HIS X 229 5.51 35.27 5.13
C HIS X 229 6.32 34.11 4.59
N PRO X 230 7.56 33.92 5.05
CA PRO X 230 8.41 32.91 4.42
C PRO X 230 8.08 31.48 4.79
N HIS X 231 7.19 31.23 5.75
CA HIS X 231 6.76 29.85 5.98
C HIS X 231 5.65 29.40 5.04
N GLY X 232 5.03 30.31 4.32
CA GLY X 232 3.73 30.09 3.75
C GLY X 232 3.71 29.20 2.53
N GLY X 233 2.56 29.20 1.86
CA GLY X 233 2.37 28.39 0.69
C GLY X 233 2.09 26.94 1.03
N GLY X 234 2.26 26.09 0.02
CA GLY X 234 2.19 24.66 0.23
C GLY X 234 0.79 24.11 0.19
N GLU X 235 0.59 23.06 -0.60
CA GLU X 235 -0.72 22.50 -0.83
C GLU X 235 -1.03 21.38 0.14
N GLY X 236 -2.14 21.51 0.85
CA GLY X 236 -2.38 20.75 2.06
C GLY X 236 -1.73 21.44 3.23
N LYS X 237 -1.73 20.75 4.36
CA LYS X 237 -0.89 21.20 5.46
C LYS X 237 0.54 20.76 5.18
N THR X 238 1.48 21.66 5.39
CA THR X 238 2.89 21.37 5.18
C THR X 238 3.66 21.57 6.48
N PRO X 239 4.71 20.80 6.70
CA PRO X 239 5.63 21.15 7.79
C PRO X 239 6.45 22.36 7.38
N ILE X 240 7.23 22.86 8.33
CA ILE X 240 8.14 23.95 8.00
C ILE X 240 9.23 23.38 7.12
N GLY X 241 9.16 23.68 5.83
CA GLY X 241 10.17 23.17 4.93
C GLY X 241 11.52 23.82 5.06
N ARG X 242 11.60 24.94 5.75
CA ARG X 242 12.84 25.66 5.92
C ARG X 242 13.50 25.25 7.22
N LYS X 243 14.81 25.07 7.17
CA LYS X 243 15.60 24.90 8.38
C LYS X 243 15.46 26.11 9.29
N ALA X 244 15.39 25.87 10.61
CA ALA X 244 15.33 26.90 11.65
C ALA X 244 14.19 27.90 11.50
N PRO X 245 13.00 27.58 12.05
CA PRO X 245 11.79 28.38 11.85
C PRO X 245 11.93 29.88 12.12
N VAL X 246 11.31 30.66 11.24
CA VAL X 246 11.66 32.06 11.01
C VAL X 246 10.47 32.94 11.38
N SER X 247 10.77 34.13 11.89
CA SER X 247 9.79 35.19 12.03
C SER X 247 9.56 35.81 10.65
N PRO X 248 8.51 36.64 10.43
CA PRO X 248 8.28 37.14 9.07
C PRO X 248 9.23 38.22 8.56
N TRP X 249 10.39 38.37 9.19
CA TRP X 249 11.33 39.42 8.76
C TRP X 249 12.73 38.87 8.57
N GLY X 250 12.89 37.55 8.51
CA GLY X 250 14.19 36.94 8.74
C GLY X 250 14.27 36.62 10.21
N GLN X 251 15.47 36.59 10.82
CA GLN X 251 15.69 36.39 12.26
C GLN X 251 15.04 35.13 12.82
N PRO X 252 15.70 33.98 12.74
CA PRO X 252 15.15 32.73 13.27
C PRO X 252 14.68 32.83 14.71
N ALA X 253 13.55 32.18 15.00
CA ALA X 253 12.79 32.50 16.19
C ALA X 253 13.34 31.79 17.42
N ILE X 254 13.77 30.54 17.26
CA ILE X 254 14.16 29.73 18.39
C ILE X 254 15.68 29.60 18.36
N GLY X 255 16.36 30.47 19.10
CA GLY X 255 17.79 30.36 19.22
C GLY X 255 18.62 31.63 19.26
N TYR X 256 18.25 32.71 18.58
CA TYR X 256 19.11 33.90 18.60
C TYR X 256 19.06 34.62 19.92
N LYS X 257 20.20 34.70 20.57
CA LYS X 257 20.41 35.77 21.54
C LYS X 257 20.57 37.07 20.77
N THR X 258 19.81 38.09 21.14
CA THR X 258 19.89 39.36 20.43
C THR X 258 20.29 40.52 21.34
N ARG X 259 20.95 40.25 22.46
CA ARG X 259 21.71 41.29 23.12
C ARG X 259 22.77 41.82 22.17
N ASN X 260 22.84 43.14 22.03
CA ASN X 260 23.89 43.75 21.23
C ASN X 260 25.25 43.49 21.86
N LYS X 261 26.17 42.97 21.05
CA LYS X 261 27.39 42.37 21.57
N LYS X 262 28.15 44.67 21.87
CA LYS X 262 29.02 45.71 22.39
C LYS X 262 28.25 46.64 23.31
N ALA X 263 27.44 46.04 24.18
CA ALA X 263 26.64 46.81 25.12
C ALA X 263 27.53 47.46 26.17
N LYS X 264 27.02 48.54 26.74
CA LYS X 264 27.76 49.33 27.72
C LYS X 264 27.54 48.87 29.14
N SER X 265 27.21 47.61 29.36
CA SER X 265 26.91 47.17 30.71
C SER X 265 27.46 45.79 31.04
N ASP X 266 28.29 45.20 30.17
CA ASP X 266 28.81 43.86 30.43
C ASP X 266 29.77 43.83 31.61
N LYS X 267 30.33 44.97 32.01
CA LYS X 267 31.05 45.00 33.28
C LYS X 267 30.13 44.76 34.46
N LEU X 268 28.85 45.09 34.31
CA LEU X 268 27.94 45.09 35.44
C LEU X 268 27.10 43.84 35.52
N ILE X 269 26.87 43.17 34.41
CA ILE X 269 25.97 42.03 34.39
C ILE X 269 26.74 40.76 34.74
N VAL X 270 26.23 40.03 35.73
CA VAL X 270 26.73 38.71 36.10
C VAL X 270 25.57 37.73 35.95
N ARG X 271 25.78 36.68 35.13
CA ARG X 271 24.92 35.49 35.08
C ARG X 271 23.49 35.81 34.64
N ARG X 272 23.33 36.08 33.35
CA ARG X 272 21.99 36.16 32.77
C ARG X 272 21.39 34.77 32.77
N ARG X 273 20.55 34.46 33.76
CA ARG X 273 20.27 33.05 33.98
C ARG X 273 19.14 32.51 33.13
N THR X 274 18.04 33.24 33.00
CA THR X 274 16.90 32.76 32.21
C THR X 274 16.43 33.86 31.26
N LYS X 275 17.05 33.92 30.09
CA LYS X 275 16.56 34.74 28.98
C LYS X 275 16.74 33.99 27.67
N THR Y 1 -75.77 -1.47 -49.45
CA THR Y 1 -77.07 -2.09 -49.26
C THR Y 1 -77.95 -1.22 -48.38
N LYS Y 2 -78.18 -1.68 -47.16
CA LYS Y 2 -79.03 -0.99 -46.22
C LYS Y 2 -78.34 0.29 -45.76
N GLY Y 3 -78.81 1.43 -46.24
CA GLY Y 3 -78.15 2.68 -45.88
C GLY Y 3 -79.10 3.81 -45.55
N ILE Y 4 -78.96 4.40 -44.36
CA ILE Y 4 -79.83 5.48 -43.91
C ILE Y 4 -78.98 6.53 -43.21
N LEU Y 5 -79.13 7.79 -43.61
CA LEU Y 5 -78.46 8.92 -42.98
C LEU Y 5 -79.20 9.37 -41.73
N GLY Y 6 -78.93 10.56 -41.22
CA GLY Y 6 -79.81 11.12 -40.20
C GLY Y 6 -79.05 12.00 -39.24
N LYS Y 7 -79.80 12.52 -38.27
CA LYS Y 7 -79.27 13.43 -37.27
C LYS Y 7 -78.60 12.66 -36.13
N LYS Y 8 -78.31 13.38 -35.04
CA LYS Y 8 -77.78 12.82 -33.81
C LYS Y 8 -78.35 13.63 -32.66
N VAL Y 9 -78.92 12.97 -31.68
CA VAL Y 9 -79.69 13.64 -30.64
C VAL Y 9 -78.96 13.63 -29.29
N GLY Y 10 -78.70 12.45 -28.73
CA GLY Y 10 -78.11 12.39 -27.42
C GLY Y 10 -77.78 10.98 -26.96
N MET Y 11 -77.70 10.82 -25.65
CA MET Y 11 -77.26 9.59 -25.01
C MET Y 11 -78.25 9.21 -23.93
N THR Y 12 -78.74 7.97 -23.95
CA THR Y 12 -79.63 7.51 -22.88
C THR Y 12 -79.23 6.15 -22.35
N GLN Y 13 -80.06 5.60 -21.47
CA GLN Y 13 -79.91 4.25 -20.96
C GLN Y 13 -81.21 3.49 -21.15
N ILE Y 14 -81.09 2.22 -21.53
CA ILE Y 14 -82.24 1.37 -21.81
C ILE Y 14 -82.01 0.03 -21.13
N PHE Y 15 -82.94 -0.36 -20.26
CA PHE Y 15 -82.93 -1.71 -19.72
C PHE Y 15 -83.28 -2.69 -20.81
N THR Y 16 -82.54 -3.79 -20.91
CA THR Y 16 -82.97 -4.83 -21.80
C THR Y 16 -83.99 -5.72 -21.12
N GLU Y 17 -84.49 -6.70 -21.87
CA GLU Y 17 -85.57 -7.55 -21.39
C GLU Y 17 -85.11 -8.66 -20.47
N SER Y 18 -83.85 -8.63 -20.05
CA SER Y 18 -83.39 -9.37 -18.89
C SER Y 18 -82.93 -8.43 -17.78
N GLY Y 19 -83.20 -7.13 -17.91
CA GLY Y 19 -82.85 -6.18 -16.88
C GLY Y 19 -81.38 -5.82 -16.81
N GLU Y 20 -80.86 -5.18 -17.85
CA GLU Y 20 -79.45 -4.78 -17.92
C GLU Y 20 -79.36 -3.37 -18.47
N LEU Y 21 -78.62 -2.49 -17.79
CA LEU Y 21 -78.41 -1.15 -18.31
C LEU Y 21 -77.44 -1.16 -19.48
N ILE Y 22 -77.79 -0.40 -20.50
CA ILE Y 22 -76.97 -0.28 -21.71
C ILE Y 22 -77.01 1.17 -22.20
N PRO Y 23 -75.86 1.79 -22.47
CA PRO Y 23 -75.87 3.15 -23.01
C PRO Y 23 -76.30 3.13 -24.47
N VAL Y 24 -77.04 4.14 -24.87
CA VAL Y 24 -77.74 4.14 -26.15
C VAL Y 24 -77.72 5.54 -26.75
N THR Y 25 -77.28 5.65 -28.00
CA THR Y 25 -77.38 6.89 -28.76
C THR Y 25 -78.76 6.98 -29.42
N VAL Y 26 -79.17 8.19 -29.76
CA VAL Y 26 -80.48 8.43 -30.36
C VAL Y 26 -80.29 9.06 -31.73
N VAL Y 27 -80.63 8.34 -32.78
CA VAL Y 27 -80.41 8.78 -34.15
C VAL Y 27 -81.76 8.87 -34.85
N GLU Y 28 -82.08 10.06 -35.40
CA GLU Y 28 -83.30 10.23 -36.17
C GLU Y 28 -83.15 9.87 -37.63
N ALA Y 29 -84.29 9.99 -38.33
CA ALA Y 29 -84.39 10.04 -39.78
C ALA Y 29 -85.74 10.65 -40.10
N THR Y 30 -86.09 10.65 -41.38
CA THR Y 30 -87.34 11.16 -41.96
C THR Y 30 -87.65 10.22 -43.13
N PRO Y 31 -88.70 10.42 -43.93
CA PRO Y 31 -88.69 9.83 -45.26
C PRO Y 31 -87.56 10.42 -46.12
N ASN Y 32 -87.11 9.61 -47.08
CA ASN Y 32 -85.74 9.72 -47.60
C ASN Y 32 -85.72 9.56 -49.11
N VAL Y 33 -85.59 10.66 -49.82
CA VAL Y 33 -85.85 10.64 -51.26
C VAL Y 33 -84.60 10.22 -52.00
N VAL Y 34 -84.72 9.20 -52.84
CA VAL Y 34 -83.70 8.84 -53.81
C VAL Y 34 -83.73 9.86 -54.94
N LEU Y 35 -82.58 10.44 -55.25
CA LEU Y 35 -82.53 11.52 -56.25
C LEU Y 35 -82.05 11.06 -57.61
N GLN Y 36 -80.99 10.25 -57.69
CA GLN Y 36 -80.57 9.75 -58.98
C GLN Y 36 -80.21 8.29 -58.91
N VAL Y 37 -80.14 7.67 -60.09
CA VAL Y 37 -79.68 6.31 -60.27
C VAL Y 37 -78.52 6.36 -61.25
N LYS Y 38 -77.35 5.90 -60.82
CA LYS Y 38 -76.14 5.97 -61.62
C LYS Y 38 -75.76 4.57 -62.09
N THR Y 39 -75.71 4.38 -63.41
CA THR Y 39 -75.45 3.07 -63.98
C THR Y 39 -74.11 3.06 -64.71
N VAL Y 40 -73.76 1.87 -65.21
CA VAL Y 40 -72.46 1.66 -65.83
C VAL Y 40 -72.39 2.37 -67.16
N GLU Y 41 -73.52 2.42 -67.87
CA GLU Y 41 -73.57 3.02 -69.20
C GLU Y 41 -73.47 4.54 -69.15
N THR Y 42 -73.73 5.14 -68.00
CA THR Y 42 -73.66 6.58 -67.86
C THR Y 42 -72.48 7.06 -67.02
N ASP Y 43 -72.17 6.37 -65.92
CA ASP Y 43 -71.10 6.81 -65.03
C ASP Y 43 -70.09 5.73 -64.70
N GLY Y 44 -70.27 4.50 -65.17
CA GLY Y 44 -69.38 3.44 -64.75
C GLY Y 44 -69.57 3.02 -63.32
N TYR Y 45 -70.71 3.32 -62.72
CA TYR Y 45 -70.96 2.94 -61.33
C TYR Y 45 -72.18 2.05 -61.25
N GLU Y 46 -72.49 1.70 -60.01
CA GLU Y 46 -73.84 1.41 -59.58
C GLU Y 46 -74.01 2.12 -58.25
N ALA Y 47 -74.74 3.23 -58.23
CA ALA Y 47 -74.88 4.00 -57.00
C ALA Y 47 -76.18 4.80 -57.03
N ILE Y 48 -76.53 5.35 -55.87
CA ILE Y 48 -77.83 5.95 -55.58
C ILE Y 48 -77.64 7.22 -54.77
N GLN Y 49 -78.18 8.35 -55.25
CA GLN Y 49 -78.10 9.60 -54.49
C GLN Y 49 -79.32 9.76 -53.59
N VAL Y 50 -79.08 10.08 -52.33
CA VAL Y 50 -80.10 10.12 -51.28
C VAL Y 50 -80.02 11.50 -50.63
N GLY Y 51 -81.11 11.98 -50.02
CA GLY Y 51 -81.04 13.29 -49.36
C GLY Y 51 -81.92 13.58 -48.15
N TYR Y 52 -81.37 14.11 -47.05
CA TYR Y 52 -82.14 14.18 -45.78
C TYR Y 52 -82.13 15.57 -45.16
N GLN Y 53 -83.10 16.43 -45.53
CA GLN Y 53 -83.84 17.35 -44.65
C GLN Y 53 -84.79 18.17 -45.49
N ASP Y 54 -85.45 19.15 -44.89
CA ASP Y 54 -86.26 20.09 -45.64
C ASP Y 54 -85.70 21.49 -45.43
N LYS Y 55 -85.14 22.07 -46.48
CA LYS Y 55 -84.82 23.48 -46.44
C LYS Y 55 -86.07 24.31 -46.64
N ARG Y 56 -85.98 25.57 -46.25
CA ARG Y 56 -86.90 26.56 -46.78
C ARG Y 56 -86.58 26.79 -48.25
N GLU Y 57 -87.56 27.31 -48.98
CA GLU Y 57 -87.30 27.55 -50.39
C GLU Y 57 -86.62 28.87 -50.66
N VAL Y 58 -86.36 29.67 -49.62
CA VAL Y 58 -85.51 30.83 -49.79
C VAL Y 58 -84.06 30.39 -49.96
N LEU Y 59 -83.70 29.29 -49.34
CA LEU Y 59 -82.31 28.94 -49.09
C LEU Y 59 -81.75 27.97 -50.11
N SER Y 60 -82.14 28.10 -51.37
CA SER Y 60 -81.58 27.24 -52.40
C SER Y 60 -81.53 28.00 -53.70
N ASN Y 61 -80.98 27.34 -54.71
CA ASN Y 61 -80.73 27.92 -56.01
C ASN Y 61 -81.65 27.27 -57.03
N LYS Y 62 -81.66 27.82 -58.22
CA LYS Y 62 -82.34 27.16 -59.32
C LYS Y 62 -81.77 25.78 -59.69
N PRO Y 63 -80.44 25.53 -59.74
CA PRO Y 63 -80.00 24.17 -60.07
C PRO Y 63 -80.34 23.12 -59.02
N ALA Y 64 -80.41 23.50 -57.75
CA ALA Y 64 -80.90 22.57 -56.73
C ALA Y 64 -82.34 22.19 -57.01
N LYS Y 65 -83.16 23.15 -57.41
CA LYS Y 65 -84.54 22.86 -57.74
C LYS Y 65 -84.64 22.03 -59.02
N GLY Y 66 -83.68 22.19 -59.93
CA GLY Y 66 -83.67 21.36 -61.11
C GLY Y 66 -83.26 19.94 -60.85
N HIS Y 67 -82.45 19.72 -59.81
CA HIS Y 67 -82.25 18.34 -59.33
C HIS Y 67 -83.50 17.78 -58.70
N VAL Y 68 -84.11 18.55 -57.80
CA VAL Y 68 -85.23 18.04 -57.00
C VAL Y 68 -86.45 17.75 -57.87
N ALA Y 69 -86.64 18.51 -58.94
CA ALA Y 69 -87.89 18.49 -59.72
C ALA Y 69 -88.16 17.16 -60.42
N LYS Y 70 -87.20 16.26 -60.56
CA LYS Y 70 -87.52 14.96 -61.09
C LYS Y 70 -88.06 14.01 -60.03
N ALA Y 71 -88.17 14.46 -58.77
CA ALA Y 71 -88.73 13.64 -57.72
C ALA Y 71 -89.88 14.31 -56.98
N ASN Y 72 -90.18 15.58 -57.31
CA ASN Y 72 -91.38 16.31 -56.85
C ASN Y 72 -91.40 16.50 -55.33
N THR Y 73 -90.27 16.93 -54.78
CA THR Y 73 -90.15 17.10 -53.34
C THR Y 73 -89.66 18.50 -52.98
N ALA Y 74 -89.27 18.69 -51.77
CA ALA Y 74 -88.69 19.96 -51.35
C ALA Y 74 -87.18 19.94 -51.57
N PRO Y 75 -86.53 21.09 -51.78
CA PRO Y 75 -85.07 21.08 -51.89
C PRO Y 75 -84.42 20.84 -50.54
N LYS Y 76 -83.34 20.07 -50.55
CA LYS Y 76 -82.82 19.46 -49.35
C LYS Y 76 -81.39 19.91 -49.07
N ARG Y 77 -80.93 19.66 -47.84
CA ARG Y 77 -79.57 20.03 -47.47
C ARG Y 77 -78.55 19.01 -47.95
N PHE Y 78 -78.58 17.83 -47.38
CA PHE Y 78 -77.46 16.91 -47.45
C PHE Y 78 -77.72 15.95 -48.59
N ILE Y 79 -76.69 15.64 -49.39
CA ILE Y 79 -76.80 14.75 -50.53
C ILE Y 79 -75.57 13.87 -50.53
N LYS Y 80 -75.74 12.56 -50.50
CA LYS Y 80 -74.62 11.62 -50.52
C LYS Y 80 -74.93 10.49 -51.47
N GLU Y 81 -74.10 9.46 -51.47
CA GLU Y 81 -74.31 8.29 -52.31
C GLU Y 81 -74.25 7.01 -51.49
N PHE Y 82 -74.43 5.89 -52.19
CA PHE Y 82 -74.21 4.56 -51.63
C PHE Y 82 -73.77 3.65 -52.75
N LYS Y 83 -72.63 2.98 -52.55
CA LYS Y 83 -72.08 2.07 -53.55
C LYS Y 83 -72.33 0.63 -53.15
N ASN Y 84 -72.24 -0.25 -54.16
CA ASN Y 84 -72.31 -1.70 -54.02
C ASN Y 84 -73.63 -2.13 -53.37
N VAL Y 85 -74.71 -1.82 -54.05
CA VAL Y 85 -76.02 -2.33 -53.71
C VAL Y 85 -76.64 -2.90 -54.99
N GLU Y 86 -77.14 -4.12 -54.90
CA GLU Y 86 -77.91 -4.71 -55.99
C GLU Y 86 -79.18 -3.92 -56.13
N LEU Y 87 -79.29 -3.16 -57.23
CA LEU Y 87 -80.28 -2.09 -57.33
C LEU Y 87 -81.70 -2.59 -57.34
N GLY Y 88 -82.14 -3.11 -58.49
CA GLY Y 88 -83.56 -3.28 -58.80
C GLY Y 88 -84.38 -2.12 -58.30
N GLU Y 89 -85.57 -2.41 -57.76
CA GLU Y 89 -86.05 -2.01 -56.43
C GLU Y 89 -85.83 -0.51 -56.09
N TYR Y 90 -85.56 0.34 -57.06
CA TYR Y 90 -85.25 1.74 -56.78
C TYR Y 90 -85.66 2.58 -57.98
N GLU Y 91 -86.50 3.56 -57.73
CA GLU Y 91 -86.94 4.48 -58.76
C GLU Y 91 -86.55 5.88 -58.33
N VAL Y 92 -86.60 6.79 -59.30
CA VAL Y 92 -86.35 8.19 -58.98
C VAL Y 92 -87.56 8.70 -58.22
N GLY Y 93 -87.41 8.81 -56.90
CA GLY Y 93 -88.46 9.38 -56.08
C GLY Y 93 -89.01 8.47 -55.01
N LYS Y 94 -88.35 7.34 -54.75
CA LYS Y 94 -88.80 6.48 -53.68
C LYS Y 94 -88.45 7.05 -52.32
N GLU Y 95 -88.88 6.35 -51.27
CA GLU Y 95 -88.57 6.75 -49.91
C GLU Y 95 -87.99 5.56 -49.18
N ILE Y 96 -86.90 5.78 -48.47
CA ILE Y 96 -86.25 4.73 -47.71
C ILE Y 96 -86.55 5.00 -46.24
N LYS Y 97 -87.54 4.32 -45.71
CA LYS Y 97 -87.94 4.56 -44.33
C LYS Y 97 -86.95 3.92 -43.37
N VAL Y 98 -87.18 4.17 -42.08
CA VAL Y 98 -86.30 3.71 -41.01
C VAL Y 98 -86.38 2.20 -40.81
N ASP Y 99 -87.34 1.54 -41.45
CA ASP Y 99 -87.67 0.14 -41.22
C ASP Y 99 -86.63 -0.84 -41.73
N VAL Y 100 -85.55 -0.38 -42.36
CA VAL Y 100 -84.64 -1.31 -43.02
C VAL Y 100 -83.70 -1.99 -42.04
N PHE Y 101 -83.63 -1.49 -40.81
CA PHE Y 101 -82.66 -2.00 -39.85
C PHE Y 101 -83.34 -2.63 -38.64
N GLN Y 102 -84.27 -3.55 -38.88
CA GLN Y 102 -85.11 -4.15 -37.82
C GLN Y 102 -84.29 -4.79 -36.72
N ALA Y 103 -83.56 -5.85 -37.05
CA ALA Y 103 -82.55 -6.40 -36.16
C ALA Y 103 -81.33 -6.80 -36.97
N GLY Y 104 -80.91 -5.93 -37.90
CA GLY Y 104 -79.72 -6.20 -38.69
C GLY Y 104 -78.48 -6.25 -37.83
N ASP Y 105 -78.37 -5.32 -36.89
CA ASP Y 105 -77.57 -5.43 -35.67
C ASP Y 105 -76.06 -5.52 -35.90
N VAL Y 106 -75.58 -5.43 -37.13
CA VAL Y 106 -74.15 -5.45 -37.42
C VAL Y 106 -73.95 -4.31 -38.41
N VAL Y 107 -73.51 -3.16 -37.91
CA VAL Y 107 -73.70 -1.89 -38.59
C VAL Y 107 -72.46 -1.01 -38.38
N ASP Y 108 -72.00 -0.38 -39.46
CA ASP Y 108 -70.93 0.62 -39.38
C ASP Y 108 -71.51 2.02 -39.26
N VAL Y 109 -70.95 2.82 -38.38
CA VAL Y 109 -71.45 4.17 -38.11
C VAL Y 109 -70.35 5.15 -38.42
N THR Y 110 -70.62 6.12 -39.30
CA THR Y 110 -69.65 7.16 -39.64
C THR Y 110 -70.19 8.53 -39.25
N GLY Y 111 -69.30 9.44 -38.92
CA GLY Y 111 -69.68 10.81 -38.63
C GLY Y 111 -68.57 11.77 -39.01
N THR Y 112 -68.49 12.93 -38.35
CA THR Y 112 -67.28 13.74 -38.35
C THR Y 112 -67.03 14.14 -36.91
N THR Y 113 -65.77 14.17 -36.50
CA THR Y 113 -65.41 14.37 -35.11
C THR Y 113 -65.67 15.81 -34.68
N LYS Y 114 -65.42 16.10 -33.42
CA LYS Y 114 -65.51 17.49 -32.99
C LYS Y 114 -64.30 18.29 -33.47
N GLY Y 115 -64.26 19.56 -33.09
CA GLY Y 115 -63.16 20.41 -33.48
C GLY Y 115 -62.57 21.13 -32.30
N LYS Y 116 -61.24 21.09 -32.15
CA LYS Y 116 -60.63 21.53 -30.91
C LYS Y 116 -59.54 22.58 -31.08
N GLY Y 117 -59.33 23.11 -32.29
CA GLY Y 117 -58.40 24.19 -32.48
C GLY Y 117 -56.95 23.73 -32.45
N PHE Y 118 -56.04 24.71 -32.43
CA PHE Y 118 -54.64 24.41 -32.13
C PHE Y 118 -54.49 23.84 -30.74
N GLN Y 119 -53.80 22.71 -30.66
CA GLN Y 119 -53.42 22.11 -29.39
C GLN Y 119 -51.99 21.63 -29.46
N GLY Y 120 -51.49 21.22 -28.30
CA GLY Y 120 -50.09 20.86 -28.17
C GLY Y 120 -49.81 19.52 -28.76
N ALA Y 121 -48.53 19.19 -28.82
CA ALA Y 121 -48.16 17.92 -29.43
C ALA Y 121 -48.44 16.73 -28.54
N ILE Y 122 -48.83 16.95 -27.29
CA ILE Y 122 -49.27 15.84 -26.46
C ILE Y 122 -50.66 15.39 -26.87
N LYS Y 123 -51.62 16.32 -26.86
CA LYS Y 123 -53.03 15.95 -26.92
C LYS Y 123 -53.44 15.32 -28.23
N ARG Y 124 -52.66 15.48 -29.29
CA ARG Y 124 -52.91 14.62 -30.43
C ARG Y 124 -52.36 13.24 -30.18
N HIS Y 125 -51.06 13.14 -30.02
CA HIS Y 125 -50.37 11.90 -30.29
C HIS Y 125 -50.02 11.12 -29.05
N GLY Y 126 -50.34 11.65 -27.87
CA GLY Y 126 -50.06 10.91 -26.66
C GLY Y 126 -48.61 10.81 -26.30
N GLN Y 127 -47.77 11.69 -26.85
CA GLN Y 127 -46.37 11.73 -26.46
C GLN Y 127 -46.25 12.28 -25.06
N SER Y 128 -45.38 11.69 -24.26
CA SER Y 128 -45.40 11.99 -22.84
C SER Y 128 -44.63 13.26 -22.53
N ARG Y 129 -44.76 13.69 -21.27
CA ARG Y 129 -44.10 14.89 -20.79
C ARG Y 129 -42.60 14.71 -20.68
N GLY Y 130 -41.96 15.75 -20.16
CA GLY Y 130 -40.66 15.62 -19.57
C GLY Y 130 -40.80 15.84 -18.08
N PRO Y 131 -39.71 15.79 -17.34
CA PRO Y 131 -39.80 15.92 -15.88
C PRO Y 131 -40.16 17.33 -15.45
N MET Y 132 -41.14 17.43 -14.58
CA MET Y 132 -41.66 18.72 -14.12
C MET Y 132 -40.84 19.33 -13.00
N SER Y 133 -39.87 18.62 -12.47
CA SER Y 133 -39.04 19.18 -11.42
C SER Y 133 -37.66 18.57 -11.55
N HIS Y 134 -36.88 18.64 -10.46
CA HIS Y 134 -35.44 18.41 -10.46
C HIS Y 134 -34.75 19.34 -11.47
N GLY Y 135 -35.20 20.58 -11.51
CA GLY Y 135 -34.47 21.64 -12.15
C GLY Y 135 -34.57 21.71 -13.65
N SER Y 136 -35.42 20.91 -14.28
CA SER Y 136 -35.43 20.89 -15.73
C SER Y 136 -36.22 22.06 -16.27
N ARG Y 137 -36.24 22.17 -17.59
CA ARG Y 137 -36.93 23.25 -18.30
C ARG Y 137 -37.66 22.68 -19.50
N TYR Y 138 -38.22 21.49 -19.37
CA TYR Y 138 -38.64 20.75 -20.55
C TYR Y 138 -40.01 20.16 -20.33
N HIS Y 139 -40.97 21.00 -19.97
CA HIS Y 139 -42.24 20.52 -19.47
C HIS Y 139 -43.09 19.85 -20.55
N ARG Y 140 -43.42 20.57 -21.62
CA ARG Y 140 -44.50 20.14 -22.51
C ARG Y 140 -44.12 20.32 -23.99
N ARG Y 141 -43.00 19.75 -24.41
CA ARG Y 141 -42.42 20.03 -25.71
C ARG Y 141 -42.31 18.80 -26.60
N PRO Y 142 -42.22 18.96 -27.94
CA PRO Y 142 -42.38 17.82 -28.83
C PRO Y 142 -41.15 17.00 -29.18
N GLY Y 143 -40.08 17.05 -28.42
CA GLY Y 143 -39.00 16.11 -28.64
C GLY Y 143 -37.85 16.69 -29.42
N SER Y 144 -37.12 15.79 -30.08
CA SER Y 144 -36.04 16.18 -30.96
C SER Y 144 -36.40 15.83 -32.37
N MET Y 145 -35.94 16.65 -33.29
CA MET Y 145 -36.41 16.57 -34.67
C MET Y 145 -35.75 15.47 -35.47
N GLY Y 146 -34.84 14.69 -34.89
CA GLY Y 146 -34.25 13.59 -35.60
C GLY Y 146 -32.75 13.51 -35.46
N PRO Y 147 -32.11 12.80 -36.35
CA PRO Y 147 -30.65 12.68 -36.29
C PRO Y 147 -29.96 13.87 -36.92
N VAL Y 148 -28.64 13.79 -37.04
CA VAL Y 148 -27.81 14.87 -37.54
C VAL Y 148 -27.41 14.64 -38.98
N ALA Y 149 -26.92 13.45 -39.28
CA ALA Y 149 -26.36 13.10 -40.59
C ALA Y 149 -27.18 13.42 -41.84
N PRO Y 150 -28.51 13.28 -41.89
CA PRO Y 150 -29.18 13.55 -43.17
C PRO Y 150 -29.38 15.01 -43.53
N ASN Y 151 -29.05 15.95 -42.64
CA ASN Y 151 -29.10 17.40 -42.90
C ASN Y 151 -30.47 17.89 -43.32
N ARG Y 152 -31.52 17.23 -42.86
CA ARG Y 152 -32.89 17.64 -43.11
C ARG Y 152 -33.74 17.12 -41.98
N VAL Y 153 -35.06 17.15 -42.16
CA VAL Y 153 -35.97 16.49 -41.25
C VAL Y 153 -36.77 15.50 -42.07
N PHE Y 154 -36.82 14.25 -41.60
CA PHE Y 154 -37.65 13.24 -42.25
C PHE Y 154 -39.11 13.65 -42.17
N LYS Y 155 -39.90 13.20 -43.14
CA LYS Y 155 -41.32 13.47 -43.08
C LYS Y 155 -41.99 12.64 -42.00
N ASN Y 156 -43.12 13.16 -41.53
CA ASN Y 156 -43.91 12.63 -40.42
C ASN Y 156 -43.07 12.55 -39.14
N LYS Y 157 -42.70 13.73 -38.66
CA LYS Y 157 -42.41 13.95 -37.25
C LYS Y 157 -43.52 14.88 -36.80
N ARG Y 158 -44.56 14.32 -36.20
CA ARG Y 158 -45.82 15.03 -36.06
C ARG Y 158 -45.77 16.06 -34.95
N LEU Y 159 -46.42 17.20 -35.19
CA LEU Y 159 -46.27 18.39 -34.36
C LEU Y 159 -47.65 19.00 -34.14
N ALA Y 160 -47.69 20.25 -33.69
CA ALA Y 160 -48.93 20.93 -33.35
C ALA Y 160 -49.69 21.33 -34.61
N GLY Y 161 -50.83 20.70 -34.87
CA GLY Y 161 -51.78 21.16 -35.86
C GLY Y 161 -53.16 20.58 -35.61
N ARG Y 162 -54.20 21.38 -35.98
CA ARG Y 162 -55.58 21.33 -35.49
C ARG Y 162 -56.17 19.95 -35.23
N MET Y 163 -56.88 19.85 -34.12
CA MET Y 163 -57.48 18.61 -33.65
C MET Y 163 -58.90 18.44 -34.18
N GLY Y 164 -59.13 17.35 -34.89
CA GLY Y 164 -60.47 16.90 -35.16
C GLY Y 164 -61.16 17.59 -36.32
N GLY Y 165 -62.05 16.88 -37.01
CA GLY Y 165 -62.69 17.43 -38.17
C GLY Y 165 -62.60 16.54 -39.40
N ASP Y 166 -62.32 15.27 -39.18
CA ASP Y 166 -62.26 14.27 -40.24
C ASP Y 166 -63.19 13.11 -39.90
N ARG Y 167 -63.51 12.30 -40.90
CA ARG Y 167 -64.61 11.36 -40.77
C ARG Y 167 -64.09 9.98 -40.38
N VAL Y 168 -64.77 9.35 -39.41
CA VAL Y 168 -64.28 8.15 -38.74
C VAL Y 168 -65.41 7.15 -38.64
N THR Y 169 -65.20 5.95 -39.16
CA THR Y 169 -66.16 4.87 -38.97
C THR Y 169 -65.92 4.19 -37.63
N ILE Y 170 -66.95 3.55 -37.11
CA ILE Y 170 -66.81 2.58 -36.02
C ILE Y 170 -67.54 1.32 -36.45
N GLN Y 171 -66.86 0.20 -36.40
CA GLN Y 171 -67.39 -1.02 -36.97
C GLN Y 171 -68.11 -1.87 -35.94
N ASN Y 172 -69.12 -2.61 -36.43
CA ASN Y 172 -69.80 -3.70 -35.73
C ASN Y 172 -70.49 -3.24 -34.45
N LEU Y 173 -71.52 -2.45 -34.63
CA LEU Y 173 -72.40 -2.10 -33.53
C LEU Y 173 -73.76 -2.77 -33.70
N GLU Y 174 -74.49 -2.90 -32.60
CA GLU Y 174 -75.83 -3.47 -32.61
C GLU Y 174 -76.90 -2.41 -32.67
N VAL Y 175 -78.12 -2.85 -32.97
CA VAL Y 175 -79.31 -2.01 -33.02
C VAL Y 175 -80.31 -2.56 -32.03
N VAL Y 176 -80.94 -1.68 -31.26
CA VAL Y 176 -81.84 -2.15 -30.21
C VAL Y 176 -83.31 -1.96 -30.59
N LYS Y 177 -83.75 -0.73 -30.77
CA LYS Y 177 -85.12 -0.44 -31.14
C LYS Y 177 -85.19 0.20 -32.51
N VAL Y 178 -86.36 0.11 -33.13
CA VAL Y 178 -86.73 0.90 -34.30
C VAL Y 178 -88.12 1.45 -34.03
N ASP Y 179 -88.24 2.76 -33.90
CA ASP Y 179 -89.51 3.41 -33.58
C ASP Y 179 -90.04 4.04 -34.86
N VAL Y 180 -90.93 3.31 -35.54
CA VAL Y 180 -91.36 3.68 -36.88
C VAL Y 180 -92.21 4.95 -36.84
N GLU Y 181 -92.98 5.11 -35.77
CA GLU Y 181 -93.81 6.30 -35.64
C GLU Y 181 -93.00 7.54 -35.33
N ARG Y 182 -91.79 7.38 -34.82
CA ARG Y 182 -90.97 8.52 -34.45
C ARG Y 182 -89.63 8.55 -35.17
N ASN Y 183 -89.35 7.55 -36.02
CA ASN Y 183 -88.24 7.55 -36.97
C ASN Y 183 -86.88 7.51 -36.27
N VAL Y 184 -86.78 6.72 -35.21
CA VAL Y 184 -85.59 6.72 -34.37
C VAL Y 184 -84.99 5.32 -34.34
N ILE Y 185 -83.70 5.22 -34.68
CA ILE Y 185 -82.90 4.02 -34.45
C ILE Y 185 -82.09 4.23 -33.18
N LEU Y 186 -82.03 3.21 -32.33
CA LEU Y 186 -81.25 3.22 -31.11
C LEU Y 186 -80.09 2.24 -31.23
N ILE Y 187 -78.90 2.70 -30.87
CA ILE Y 187 -77.64 1.98 -31.12
C ILE Y 187 -76.86 1.91 -29.81
N LYS Y 188 -76.29 0.73 -29.51
CA LYS Y 188 -75.33 0.60 -28.43
C LYS Y 188 -74.06 1.38 -28.72
N GLY Y 189 -73.56 2.09 -27.72
CA GLY Y 189 -72.20 2.59 -27.82
C GLY Y 189 -72.05 4.07 -28.08
N ASN Y 190 -71.04 4.42 -28.86
CA ASN Y 190 -70.66 5.81 -29.03
C ASN Y 190 -70.36 6.09 -30.49
N ILE Y 191 -70.72 7.29 -30.91
CA ILE Y 191 -70.68 7.67 -32.32
C ILE Y 191 -69.85 8.94 -32.44
N PRO Y 192 -68.89 9.00 -33.33
CA PRO Y 192 -68.18 10.26 -33.56
C PRO Y 192 -69.08 11.29 -34.21
N GLY Y 193 -69.40 12.33 -33.46
CA GLY Y 193 -70.18 13.41 -34.02
C GLY Y 193 -70.63 14.37 -32.94
N ALA Y 194 -70.61 15.65 -33.25
CA ALA Y 194 -71.29 16.58 -32.38
C ALA Y 194 -72.78 16.50 -32.63
N LYS Y 195 -73.55 17.16 -31.76
CA LYS Y 195 -75.00 17.17 -31.90
C LYS Y 195 -75.40 17.91 -33.17
N LYS Y 196 -76.51 17.46 -33.75
CA LYS Y 196 -77.15 17.92 -34.98
C LYS Y 196 -76.36 17.58 -36.24
N SER Y 197 -75.26 16.84 -36.13
CA SER Y 197 -74.44 16.59 -37.29
C SER Y 197 -75.00 15.43 -38.11
N LEU Y 198 -74.39 15.18 -39.26
CA LEU Y 198 -74.81 14.02 -40.02
C LEU Y 198 -74.20 12.75 -39.45
N ILE Y 199 -74.85 11.64 -39.74
CA ILE Y 199 -74.37 10.30 -39.46
C ILE Y 199 -74.82 9.43 -40.62
N THR Y 200 -73.91 8.66 -41.22
CA THR Y 200 -74.33 7.62 -42.16
C THR Y 200 -74.34 6.29 -41.44
N ILE Y 201 -75.36 5.48 -41.71
CA ILE Y 201 -75.56 4.19 -41.06
C ILE Y 201 -75.72 3.14 -42.15
N LYS Y 202 -74.79 2.20 -42.20
CA LYS Y 202 -74.80 1.19 -43.26
C LYS Y 202 -74.74 -0.21 -42.67
N SER Y 203 -75.11 -1.18 -43.48
CA SER Y 203 -74.88 -2.56 -43.10
C SER Y 203 -73.38 -2.83 -43.16
N ALA Y 204 -72.89 -3.64 -42.22
CA ALA Y 204 -71.46 -3.78 -42.07
C ALA Y 204 -70.86 -4.67 -43.15
N VAL Y 205 -69.54 -4.67 -43.21
CA VAL Y 205 -68.81 -5.28 -44.30
C VAL Y 205 -68.24 -6.63 -43.92
N LYS Y 206 -67.72 -6.75 -42.70
CA LYS Y 206 -66.88 -7.87 -42.32
C LYS Y 206 -67.66 -9.06 -41.78
N ALA Y 207 -68.95 -9.19 -42.14
CA ALA Y 207 -69.80 -10.36 -41.90
C ALA Y 207 -69.91 -10.81 -40.44
N PRO Z 1 34.58 88.15 -84.86
CA PRO Z 1 33.62 88.62 -85.85
C PRO Z 1 33.25 90.08 -85.59
N ASN Z 2 32.43 90.66 -86.47
CA ASN Z 2 32.22 92.10 -86.50
C ASN Z 2 30.74 92.44 -86.42
N VAL Z 3 30.44 93.58 -85.79
CA VAL Z 3 29.09 94.14 -85.68
C VAL Z 3 29.19 95.63 -85.97
N ALA Z 4 28.26 96.16 -86.76
CA ALA Z 4 28.23 97.59 -87.07
C ALA Z 4 27.84 98.41 -85.83
N LEU Z 5 27.95 99.72 -85.95
CA LEU Z 5 27.74 100.62 -84.82
C LEU Z 5 26.73 101.70 -85.16
N PHE Z 6 25.84 101.96 -84.20
CA PHE Z 6 24.74 102.89 -84.35
C PHE Z 6 24.84 103.90 -83.22
N LYS Z 7 24.40 105.15 -83.45
CA LYS Z 7 24.66 106.22 -82.47
C LYS Z 7 23.56 106.37 -81.43
N GLN Z 8 22.45 106.94 -81.82
CA GLN Z 8 21.14 106.92 -81.18
C GLN Z 8 20.09 106.62 -82.22
N ASP Z 9 20.25 107.20 -83.40
CA ASP Z 9 19.71 106.71 -84.66
C ASP Z 9 20.72 106.86 -85.77
N GLY Z 10 21.79 107.61 -85.55
CA GLY Z 10 22.90 107.75 -86.47
C GLY Z 10 23.51 106.40 -86.78
N THR Z 11 23.30 105.96 -88.00
CA THR Z 11 23.38 104.57 -88.34
C THR Z 11 24.69 104.32 -89.09
N GLN Z 12 25.30 103.15 -88.81
CA GLN Z 12 26.42 102.60 -89.59
C GLN Z 12 27.66 103.49 -89.54
N ASN Z 13 28.27 103.52 -88.35
CA ASN Z 13 29.70 103.79 -88.25
C ASN Z 13 30.49 102.52 -88.59
N GLY Z 14 31.76 102.49 -88.21
CA GLY Z 14 32.56 101.31 -88.38
C GLY Z 14 32.12 100.13 -87.53
N GLU Z 15 32.96 99.10 -87.54
CA GLU Z 15 32.64 97.85 -86.89
C GLU Z 15 33.64 97.57 -85.77
N ILE Z 16 33.32 96.59 -84.94
CA ILE Z 16 34.15 96.24 -83.79
C ILE Z 16 34.54 94.78 -83.94
N THR Z 17 35.83 94.49 -83.79
CA THR Z 17 36.30 93.12 -83.71
C THR Z 17 36.11 92.60 -82.29
N LEU Z 18 35.75 91.32 -82.18
CA LEU Z 18 35.55 90.65 -80.91
C LEU Z 18 36.44 89.42 -80.85
N ASN Z 19 36.57 88.84 -79.66
CA ASN Z 19 37.47 87.72 -79.48
C ASN Z 19 36.90 86.46 -80.11
N GLU Z 20 37.74 85.73 -80.83
CA GLU Z 20 37.39 84.42 -81.32
C GLU Z 20 37.70 83.31 -80.33
N GLU Z 21 37.99 83.66 -79.09
CA GLU Z 21 37.96 82.71 -77.99
C GLU Z 21 36.75 82.93 -77.12
N ILE Z 22 35.96 83.96 -77.39
CA ILE Z 22 34.69 84.19 -76.70
C ILE Z 22 33.52 84.17 -77.68
N PHE Z 23 33.66 84.83 -78.82
CA PHE Z 23 32.54 85.04 -79.71
C PHE Z 23 32.66 84.26 -81.01
N GLY Z 24 33.39 83.15 -81.02
CA GLY Z 24 33.45 82.34 -82.22
C GLY Z 24 33.57 80.85 -82.01
N ILE Z 25 33.09 80.29 -80.90
CA ILE Z 25 33.65 79.03 -80.42
C ILE Z 25 32.77 77.81 -80.55
N GLU Z 26 31.84 77.79 -81.53
CA GLU Z 26 31.09 76.60 -81.95
C GLU Z 26 30.35 75.90 -80.81
N PRO Z 27 29.21 76.46 -80.39
CA PRO Z 27 28.68 76.16 -79.04
C PRO Z 27 28.24 74.73 -78.84
N ASN Z 28 28.48 74.22 -77.64
CA ASN Z 28 27.89 72.96 -77.23
C ASN Z 28 26.43 73.16 -76.91
N GLU Z 29 25.72 72.05 -76.71
CA GLU Z 29 24.30 72.14 -76.40
C GLU Z 29 23.97 71.56 -75.04
N SER Z 30 24.47 70.36 -74.74
CA SER Z 30 24.16 69.69 -73.49
C SER Z 30 24.70 70.45 -72.29
N VAL Z 31 25.84 71.12 -72.46
CA VAL Z 31 26.40 71.96 -71.41
C VAL Z 31 25.44 73.10 -71.10
N VAL Z 32 24.93 73.73 -72.15
CA VAL Z 32 24.03 74.87 -71.99
C VAL Z 32 22.74 74.42 -71.33
N TYR Z 33 22.25 73.24 -71.72
CA TYR Z 33 21.08 72.64 -71.13
C TYR Z 33 21.25 72.44 -69.63
N ASP Z 34 22.36 71.84 -69.23
CA ASP Z 34 22.53 71.56 -67.81
C ASP Z 34 22.81 72.83 -67.03
N ALA Z 35 23.40 73.83 -67.67
CA ALA Z 35 23.61 75.11 -67.02
C ALA Z 35 22.29 75.83 -66.76
N ILE Z 36 21.36 75.76 -67.72
CA ILE Z 36 20.05 76.37 -67.54
C ILE Z 36 19.30 75.69 -66.41
N ILE Z 37 19.34 74.35 -66.35
CA ILE Z 37 18.60 73.65 -65.31
C ILE Z 37 19.21 73.91 -63.94
N MET Z 38 20.53 73.92 -63.83
CA MET Z 38 21.15 74.19 -62.53
C MET Z 38 20.90 75.62 -62.08
N GLN Z 39 20.84 76.56 -63.03
CA GLN Z 39 20.56 77.93 -62.63
C GLN Z 39 19.11 78.08 -62.18
N ARG Z 40 18.17 77.48 -62.91
CA ARG Z 40 16.78 77.71 -62.55
C ARG Z 40 16.36 76.90 -61.34
N ALA Z 41 16.99 75.75 -61.11
CA ALA Z 41 16.65 74.96 -59.94
C ALA Z 41 17.24 75.52 -58.67
N SER Z 42 18.18 76.45 -58.76
CA SER Z 42 18.79 77.03 -57.56
C SER Z 42 17.93 78.12 -56.95
N LEU Z 43 16.85 78.51 -57.59
CA LEU Z 43 16.05 79.63 -57.12
C LEU Z 43 15.11 79.28 -56.00
N ARG Z 44 14.97 78.02 -55.64
CA ARG Z 44 13.90 77.63 -54.72
C ARG Z 44 14.20 78.04 -53.30
N GLN Z 45 13.14 78.27 -52.55
CA GLN Z 45 13.17 78.10 -51.11
C GLN Z 45 12.64 76.70 -50.81
N GLY Z 46 13.33 75.98 -49.95
CA GLY Z 46 12.84 74.68 -49.60
C GLY Z 46 11.85 74.68 -48.47
N THR Z 47 11.30 75.83 -48.11
CA THR Z 47 10.53 75.93 -46.88
C THR Z 47 9.16 75.28 -46.99
N HIS Z 48 9.08 74.01 -46.58
CA HIS Z 48 7.81 73.29 -46.52
C HIS Z 48 7.96 72.09 -45.61
N ALA Z 49 6.96 71.83 -44.79
CA ALA Z 49 7.07 70.83 -43.74
C ALA Z 49 5.70 70.23 -43.42
N VAL Z 50 5.71 69.08 -42.77
CA VAL Z 50 4.52 68.28 -42.44
C VAL Z 50 4.75 67.57 -41.12
N LYS Z 51 3.79 67.67 -40.20
CA LYS Z 51 3.91 66.98 -38.92
C LYS Z 51 3.66 65.48 -39.08
N ASN Z 52 4.24 64.69 -38.14
CA ASN Z 52 4.05 63.24 -38.13
C ASN Z 52 3.62 62.74 -36.75
N ARG Z 53 3.70 61.43 -36.52
CA ARG Z 53 3.08 60.81 -35.35
C ARG Z 53 3.65 61.28 -34.02
N SER Z 54 4.84 61.82 -34.00
CA SER Z 54 5.41 62.34 -32.77
C SER Z 54 5.16 63.82 -32.58
N ALA Z 55 4.76 64.53 -33.64
CA ALA Z 55 4.51 65.96 -33.55
C ALA Z 55 3.05 66.34 -33.55
N VAL Z 56 2.17 65.45 -33.99
CA VAL Z 56 0.73 65.68 -33.95
C VAL Z 56 0.28 65.72 -32.51
N ARG Z 57 -0.30 66.84 -32.10
CA ARG Z 57 -0.58 67.04 -30.69
C ARG Z 57 -1.76 66.19 -30.27
N GLY Z 58 -1.49 64.96 -29.89
CA GLY Z 58 -2.53 64.02 -29.56
C GLY Z 58 -2.24 63.33 -28.25
N GLY Z 59 -2.63 62.06 -28.19
CA GLY Z 59 -2.49 61.29 -26.98
C GLY Z 59 -1.65 60.06 -27.18
N GLY Z 60 -1.20 59.48 -26.08
CA GLY Z 60 -0.26 58.38 -26.13
C GLY Z 60 -0.70 57.21 -25.30
N ARG Z 61 -1.99 56.96 -25.28
CA ARG Z 61 -2.53 55.74 -24.69
C ARG Z 61 -3.38 55.06 -25.74
N LYS Z 62 -3.35 53.73 -25.74
CA LYS Z 62 -4.29 52.92 -26.50
C LYS Z 62 -5.71 53.36 -26.17
N PRO Z 63 -6.58 53.48 -27.17
CA PRO Z 63 -7.95 53.90 -26.88
C PRO Z 63 -8.76 52.84 -26.18
N TRP Z 64 -8.43 51.56 -26.41
CA TRP Z 64 -9.31 50.45 -26.07
C TRP Z 64 -8.58 49.46 -25.19
N ARG Z 65 -9.18 48.30 -24.99
CA ARG Z 65 -8.42 47.15 -24.55
C ARG Z 65 -8.04 46.32 -25.77
N GLN Z 66 -7.15 45.36 -25.55
CA GLN Z 66 -6.64 44.58 -26.67
C GLN Z 66 -7.66 43.54 -27.13
N LYS Z 67 -8.34 42.91 -26.19
CA LYS Z 67 -9.35 41.90 -26.49
C LYS Z 67 -10.62 42.16 -25.70
N GLY Z 68 -11.67 41.45 -26.09
CA GLY Z 68 -12.94 41.60 -25.41
C GLY Z 68 -13.89 42.47 -26.21
N THR Z 69 -13.37 43.53 -26.81
CA THR Z 69 -14.19 44.40 -27.64
C THR Z 69 -14.56 43.73 -28.96
N GLY Z 70 -13.79 42.73 -29.39
CA GLY Z 70 -14.07 42.03 -30.63
C GLY Z 70 -13.89 42.93 -31.83
N ARG Z 71 -12.66 43.31 -32.10
CA ARG Z 71 -12.43 44.54 -32.83
C ARG Z 71 -10.98 44.57 -33.28
N ALA Z 72 -10.70 45.30 -34.36
CA ALA Z 72 -9.33 45.52 -34.80
C ALA Z 72 -8.57 46.33 -33.76
N ARG Z 73 -7.28 46.03 -33.64
CA ARG Z 73 -6.46 46.50 -32.53
C ARG Z 73 -5.80 47.83 -32.85
N GLN Z 74 -6.00 48.82 -31.97
CA GLN Z 74 -5.50 50.17 -32.17
C GLN Z 74 -4.70 50.61 -30.96
N GLY Z 75 -3.67 51.42 -31.21
CA GLY Z 75 -2.74 51.76 -30.16
C GLY Z 75 -2.62 53.23 -29.85
N SER Z 76 -3.14 54.08 -30.72
CA SER Z 76 -3.09 55.51 -30.51
C SER Z 76 -4.16 56.15 -31.37
N ILE Z 77 -4.63 57.31 -30.91
CA ILE Z 77 -5.69 58.01 -31.61
C ILE Z 77 -5.20 58.51 -32.97
N ARG Z 78 -3.96 58.98 -33.01
CA ARG Z 78 -3.42 59.72 -34.14
C ARG Z 78 -2.23 58.99 -34.71
N SER Z 79 -2.39 58.47 -35.91
CA SER Z 79 -1.53 57.52 -36.57
C SER Z 79 -2.15 57.39 -37.94
N PRO Z 80 -1.42 57.02 -39.00
CA PRO Z 80 -1.74 57.57 -40.33
C PRO Z 80 -3.04 57.09 -40.95
N GLN Z 81 -3.61 55.99 -40.46
CA GLN Z 81 -4.84 55.50 -41.05
C GLN Z 81 -6.05 56.29 -40.57
N TRP Z 82 -5.99 56.88 -39.39
CA TRP Z 82 -7.08 57.68 -38.85
C TRP Z 82 -7.20 58.99 -39.62
N ARG Z 83 -8.34 59.65 -39.47
CA ARG Z 83 -8.38 61.02 -39.93
C ARG Z 83 -7.71 61.88 -38.87
N GLY Z 84 -7.04 62.93 -39.32
CA GLY Z 84 -6.33 63.79 -38.41
C GLY Z 84 -5.12 63.14 -37.78
N GLY Z 85 -4.50 62.17 -38.45
CA GLY Z 85 -3.28 61.58 -37.96
C GLY Z 85 -2.06 62.24 -38.58
N GLY Z 86 -0.90 61.72 -38.21
CA GLY Z 86 0.32 62.13 -38.85
C GLY Z 86 0.42 61.56 -40.26
N VAL Z 87 1.36 62.09 -41.03
CA VAL Z 87 1.56 61.68 -42.40
C VAL Z 87 2.88 60.95 -42.49
N VAL Z 88 2.87 59.78 -43.11
CA VAL Z 88 4.11 59.05 -43.33
C VAL Z 88 4.78 59.59 -44.59
N PHE Z 89 6.06 59.92 -44.45
CA PHE Z 89 6.94 60.41 -45.52
C PHE Z 89 6.42 61.71 -46.13
N GLY Z 90 6.31 62.72 -45.29
CA GLY Z 90 5.93 64.03 -45.76
C GLY Z 90 7.13 64.77 -46.30
N PRO Z 91 6.86 65.89 -46.96
CA PRO Z 91 7.96 66.71 -47.47
C PRO Z 91 8.55 67.59 -46.37
N THR Z 92 9.88 67.67 -46.37
CA THR Z 92 10.70 68.31 -45.34
C THR Z 92 11.59 69.37 -45.97
N PRO Z 93 12.06 70.37 -45.21
CA PRO Z 93 12.86 71.44 -45.83
C PRO Z 93 14.23 70.96 -46.26
N ARG Z 94 14.60 71.30 -47.49
CA ARG Z 94 15.76 70.73 -48.16
C ARG Z 94 16.57 71.86 -48.80
N SER Z 95 17.46 71.48 -49.72
CA SER Z 95 18.46 72.38 -50.26
C SER Z 95 18.25 72.73 -51.72
N TYR Z 96 18.19 71.72 -52.60
CA TYR Z 96 17.95 71.77 -54.04
C TYR Z 96 19.07 72.39 -54.86
N SER Z 97 20.12 72.93 -54.26
CA SER Z 97 21.13 73.66 -55.01
C SER Z 97 22.40 72.84 -55.10
N TYR Z 98 23.12 73.01 -56.20
CA TYR Z 98 24.36 72.28 -56.42
C TYR Z 98 25.20 73.05 -57.41
N LYS Z 99 26.49 72.72 -57.47
CA LYS Z 99 27.41 73.46 -58.31
C LYS Z 99 28.21 72.52 -59.19
N LEU Z 100 28.73 73.08 -60.28
CA LEU Z 100 29.42 72.41 -61.37
C LEU Z 100 30.90 72.76 -61.36
N PRO Z 101 31.73 72.08 -62.16
CA PRO Z 101 33.10 72.54 -62.33
C PRO Z 101 33.20 73.89 -63.02
N LYS Z 102 34.35 74.55 -62.82
CA LYS Z 102 34.53 75.89 -63.35
C LYS Z 102 34.72 75.93 -64.84
N LYS Z 103 35.08 74.82 -65.47
CA LYS Z 103 35.33 74.88 -66.90
C LYS Z 103 34.02 74.95 -67.68
N VAL Z 104 33.00 74.22 -67.23
CA VAL Z 104 31.77 74.16 -68.00
C VAL Z 104 30.94 75.43 -67.85
N ARG Z 105 31.13 76.18 -66.76
CA ARG Z 105 30.40 77.45 -66.61
C ARG Z 105 30.86 78.47 -67.65
N ARG Z 106 32.17 78.63 -67.78
CA ARG Z 106 32.71 79.53 -68.78
C ARG Z 106 32.48 78.98 -70.18
N LEU Z 107 32.51 77.66 -70.34
CA LEU Z 107 32.15 77.08 -71.64
C LEU Z 107 30.71 77.42 -72.01
N ALA Z 108 29.82 77.43 -71.02
CA ALA Z 108 28.43 77.76 -71.28
C ALA Z 108 28.27 79.21 -71.69
N MET Z 109 28.91 80.13 -70.97
CA MET Z 109 28.80 81.55 -71.29
C MET Z 109 29.35 81.87 -72.67
N LYS Z 110 30.53 81.33 -72.99
CA LYS Z 110 31.12 81.55 -74.30
C LYS Z 110 30.25 80.95 -75.40
N SER Z 111 29.65 79.79 -75.13
CA SER Z 111 28.80 79.12 -76.11
C SER Z 111 27.56 79.93 -76.42
N VAL Z 112 26.90 80.46 -75.39
CA VAL Z 112 25.68 81.24 -75.60
C VAL Z 112 25.97 82.54 -76.32
N LEU Z 113 27.05 83.22 -75.94
CA LEU Z 113 27.33 84.51 -76.59
C LEU Z 113 27.80 84.34 -78.03
N SER Z 114 28.55 83.28 -78.33
CA SER Z 114 28.91 83.05 -79.72
C SER Z 114 27.70 82.64 -80.55
N ASP Z 115 26.73 81.98 -79.91
CA ASP Z 115 25.49 81.65 -80.60
C ASP Z 115 24.73 82.90 -80.99
N LYS Z 116 24.54 83.83 -80.03
CA LYS Z 116 23.79 85.03 -80.38
C LYS Z 116 24.56 85.99 -81.27
N VAL Z 117 25.89 85.88 -81.33
CA VAL Z 117 26.61 86.56 -82.40
C VAL Z 117 26.26 85.95 -83.75
N ALA Z 118 26.16 84.62 -83.79
CA ALA Z 118 26.01 83.91 -85.06
C ALA Z 118 24.67 84.15 -85.75
N GLU Z 119 23.70 84.76 -85.08
CA GLU Z 119 22.40 85.04 -85.69
C GLU Z 119 22.10 86.51 -85.78
N ASN Z 120 23.12 87.38 -85.67
CA ASN Z 120 23.02 88.82 -85.85
C ASN Z 120 22.06 89.45 -84.84
N ASN Z 121 22.18 89.03 -83.59
CA ASN Z 121 21.28 89.49 -82.55
C ASN Z 121 21.94 90.45 -81.56
N LEU Z 122 23.21 90.76 -81.74
CA LEU Z 122 23.83 91.86 -81.01
C LEU Z 122 23.75 93.12 -81.85
N VAL Z 123 23.14 94.14 -81.28
CA VAL Z 123 23.08 95.46 -81.89
C VAL Z 123 23.89 96.38 -81.00
N ALA Z 124 24.98 96.92 -81.51
CA ALA Z 124 25.99 97.59 -80.71
C ALA Z 124 25.88 99.09 -80.87
N VAL Z 125 25.90 99.78 -79.74
CA VAL Z 125 25.78 101.23 -79.68
C VAL Z 125 27.15 101.79 -79.31
N GLU Z 126 27.46 103.00 -79.78
CA GLU Z 126 28.63 103.68 -79.24
C GLU Z 126 28.40 104.07 -77.78
N GLY Z 127 27.44 104.93 -77.52
CA GLY Z 127 27.21 105.41 -76.17
C GLY Z 127 25.74 105.66 -75.93
N LEU Z 128 25.37 105.66 -74.66
CA LEU Z 128 23.98 105.85 -74.25
C LEU Z 128 23.95 106.67 -72.97
N SER Z 129 23.40 107.87 -73.05
CA SER Z 129 23.21 108.68 -71.85
C SER Z 129 22.04 109.62 -72.06
N PHE Z 130 21.38 109.93 -70.95
CA PHE Z 130 20.27 110.87 -70.91
C PHE Z 130 20.56 111.92 -69.87
N ASP Z 131 19.97 113.09 -70.06
CA ASP Z 131 20.13 114.15 -69.07
C ASP Z 131 19.25 113.93 -67.85
N ALA Z 132 18.21 113.11 -67.99
CA ALA Z 132 17.19 112.93 -66.99
C ALA Z 132 16.50 111.60 -67.29
N PRO Z 133 15.94 110.94 -66.29
CA PRO Z 133 15.31 109.63 -66.55
C PRO Z 133 13.99 109.74 -67.30
N LYS Z 134 14.05 109.72 -68.62
CA LYS Z 134 12.86 109.78 -69.45
C LYS Z 134 12.63 108.43 -70.12
N THR Z 135 11.53 107.77 -69.78
CA THR Z 135 11.25 106.47 -70.38
C THR Z 135 10.70 106.58 -71.79
N LYS Z 136 10.23 107.76 -72.17
CA LYS Z 136 9.68 107.92 -73.51
C LYS Z 136 10.81 107.95 -74.54
N GLU Z 137 11.92 108.60 -74.19
CA GLU Z 137 13.02 108.75 -75.13
C GLU Z 137 13.71 107.42 -75.38
N PHE Z 138 13.77 106.56 -74.36
CA PHE Z 138 14.36 105.25 -74.52
C PHE Z 138 13.51 104.40 -75.45
N LYS Z 139 12.19 104.58 -75.38
CA LYS Z 139 11.29 103.93 -76.32
C LYS Z 139 11.52 104.41 -77.73
N GLN Z 140 11.76 105.72 -77.88
CA GLN Z 140 12.11 106.25 -79.20
C GLN Z 140 13.45 105.71 -79.69
N VAL Z 141 14.39 105.47 -78.76
CA VAL Z 141 15.68 104.89 -79.13
C VAL Z 141 15.50 103.48 -79.66
N LEU Z 142 14.68 102.67 -78.99
CA LEU Z 142 14.42 101.33 -79.52
C LEU Z 142 13.60 101.38 -80.80
N ALA Z 143 12.84 102.44 -81.00
CA ALA Z 143 12.17 102.63 -82.28
C ALA Z 143 13.16 102.99 -83.38
N ASN Z 144 14.28 103.62 -83.02
CA ASN Z 144 15.28 103.99 -84.01
C ASN Z 144 16.01 102.78 -84.54
N LEU Z 145 16.33 101.84 -83.67
CA LEU Z 145 17.16 100.70 -84.01
C LEU Z 145 16.37 99.53 -84.57
N SER Z 146 15.04 99.66 -84.63
CA SER Z 146 14.11 98.65 -85.15
C SER Z 146 14.25 97.32 -84.39
N ILE Z 147 13.99 97.37 -83.10
CA ILE Z 147 13.92 96.19 -82.26
C ILE Z 147 12.53 96.16 -81.64
N ASP Z 148 11.88 95.00 -81.71
CA ASP Z 148 10.50 94.86 -81.23
C ASP Z 148 10.30 93.72 -80.26
N THR Z 149 11.09 92.67 -80.33
CA THR Z 149 10.87 91.48 -79.52
C THR Z 149 11.48 91.67 -78.13
N LYS Z 150 11.63 90.57 -77.41
CA LYS Z 150 12.24 90.62 -76.09
C LYS Z 150 13.72 90.96 -76.20
N VAL Z 151 14.19 91.87 -75.35
CA VAL Z 151 15.49 92.51 -75.55
C VAL Z 151 16.27 92.55 -74.24
N LEU Z 152 17.59 92.72 -74.36
CA LEU Z 152 18.47 92.96 -73.23
C LEU Z 152 19.28 94.22 -73.44
N VAL Z 153 19.50 94.93 -72.34
CA VAL Z 153 20.35 96.11 -72.34
C VAL Z 153 21.48 95.86 -71.36
N VAL Z 154 22.71 96.03 -71.82
CA VAL Z 154 23.91 95.82 -71.01
C VAL Z 154 24.65 97.15 -70.90
N LEU Z 155 25.01 97.53 -69.69
CA LEU Z 155 25.61 98.82 -69.43
C LEU Z 155 27.05 98.65 -68.93
N GLU Z 156 27.71 99.78 -68.67
CA GLU Z 156 29.09 99.75 -68.16
C GLU Z 156 29.10 99.57 -66.66
N ASN Z 157 28.63 100.59 -65.97
CA ASN Z 157 28.65 100.79 -64.54
C ASN Z 157 27.46 101.68 -64.26
N GLY Z 158 27.49 102.46 -63.19
CA GLY Z 158 26.31 103.23 -62.85
C GLY Z 158 25.95 104.37 -63.79
N ASN Z 159 25.54 104.02 -65.01
CA ASN Z 159 24.74 104.90 -65.85
C ASN Z 159 23.33 104.93 -65.28
N ASP Z 160 23.10 105.82 -64.32
CA ASP Z 160 21.79 105.87 -63.69
C ASP Z 160 20.73 106.36 -64.66
N PHE Z 161 21.09 107.24 -65.57
CA PHE Z 161 20.10 107.75 -66.51
C PHE Z 161 19.85 106.80 -67.66
N ALA Z 162 20.68 105.80 -67.86
CA ALA Z 162 20.35 104.75 -68.80
C ALA Z 162 19.72 103.55 -68.13
N ALA Z 163 19.74 103.50 -66.80
CA ALA Z 163 19.07 102.41 -66.11
C ALA Z 163 17.64 102.80 -65.74
N LEU Z 164 17.46 104.01 -65.21
CA LEU Z 164 16.16 104.46 -64.73
C LEU Z 164 15.16 104.67 -65.84
N SER Z 165 15.59 104.69 -67.10
CA SER Z 165 14.68 104.77 -68.23
C SER Z 165 14.44 103.40 -68.85
N ALA Z 166 14.41 102.35 -68.05
CA ALA Z 166 14.10 101.03 -68.57
C ALA Z 166 13.24 100.23 -67.58
N ARG Z 167 12.18 100.84 -67.09
CA ARG Z 167 11.17 100.11 -66.33
C ARG Z 167 9.92 100.09 -67.18
N ASN Z 168 10.15 99.74 -68.42
CA ASN Z 168 9.22 99.69 -69.54
C ASN Z 168 8.38 98.44 -69.42
N LEU Z 169 7.74 98.05 -70.51
CA LEU Z 169 7.24 96.70 -70.70
C LEU Z 169 8.37 95.72 -70.47
N PRO Z 170 8.09 94.51 -69.97
CA PRO Z 170 9.17 93.59 -69.63
C PRO Z 170 9.87 92.92 -70.82
N ASN Z 171 9.66 93.49 -72.01
CA ASN Z 171 10.58 93.28 -73.13
C ASN Z 171 11.99 93.68 -72.75
N VAL Z 172 12.13 94.73 -71.97
CA VAL Z 172 13.41 95.30 -71.61
C VAL Z 172 13.77 94.83 -70.22
N SER Z 173 15.00 94.37 -70.05
CA SER Z 173 15.56 94.15 -68.73
C SER Z 173 17.01 94.57 -68.70
N VAL Z 174 17.49 94.90 -67.51
CA VAL Z 174 18.70 95.69 -67.33
C VAL Z 174 19.75 94.86 -66.63
N VAL Z 175 20.93 94.75 -67.24
CA VAL Z 175 22.08 94.10 -66.63
C VAL Z 175 23.26 95.07 -66.79
N THR Z 176 24.20 95.04 -65.84
CA THR Z 176 25.50 95.68 -66.04
C THR Z 176 26.41 94.72 -66.80
N SER Z 177 27.70 94.99 -66.81
CA SER Z 177 28.64 94.02 -67.37
C SER Z 177 29.12 93.02 -66.34
N ASP Z 178 28.47 92.96 -65.19
CA ASP Z 178 28.89 92.13 -64.08
C ASP Z 178 27.96 90.95 -63.87
N ASN Z 179 26.66 91.22 -63.79
CA ASN Z 179 25.67 90.21 -63.44
C ASN Z 179 25.11 89.50 -64.66
N VAL Z 180 25.87 89.40 -65.74
CA VAL Z 180 25.37 88.75 -66.95
C VAL Z 180 25.39 87.25 -66.69
N SER Z 181 24.23 86.70 -66.34
CA SER Z 181 24.11 85.28 -66.03
C SER Z 181 23.77 84.50 -67.28
N VAL Z 182 23.38 83.24 -67.12
CA VAL Z 182 22.97 82.47 -68.28
C VAL Z 182 21.49 82.63 -68.56
N LEU Z 183 20.64 82.54 -67.54
CA LEU Z 183 19.22 82.71 -67.78
C LEU Z 183 18.83 84.13 -68.13
N ASP Z 184 19.67 85.12 -67.84
CA ASP Z 184 19.43 86.45 -68.35
C ASP Z 184 19.56 86.49 -69.85
N VAL Z 185 20.50 85.74 -70.41
CA VAL Z 185 20.79 85.90 -71.83
C VAL Z 185 19.87 85.02 -72.67
N VAL Z 186 19.69 83.77 -72.28
CA VAL Z 186 19.06 82.78 -73.16
C VAL Z 186 17.59 83.09 -73.34
N SER Z 187 16.95 83.69 -72.35
CA SER Z 187 15.53 83.97 -72.46
C SER Z 187 15.21 85.09 -73.45
N ALA Z 188 16.20 85.86 -73.90
CA ALA Z 188 15.96 86.99 -74.77
C ALA Z 188 16.25 86.65 -76.23
N ASN Z 189 15.82 87.54 -77.11
CA ASN Z 189 16.00 87.40 -78.55
C ASN Z 189 17.09 88.29 -79.13
N LYS Z 190 17.17 89.54 -78.72
CA LYS Z 190 18.22 90.42 -79.19
C LYS Z 190 18.80 91.15 -77.98
N VAL Z 191 20.09 91.47 -78.06
CA VAL Z 191 20.79 92.09 -76.94
C VAL Z 191 21.42 93.39 -77.41
N LEU Z 192 21.19 94.46 -76.67
CA LEU Z 192 21.89 95.72 -76.89
C LEU Z 192 23.09 95.82 -75.97
N ALA Z 193 24.09 96.58 -76.42
CA ALA Z 193 25.30 96.79 -75.64
C ALA Z 193 26.03 98.01 -76.16
N THR Z 194 26.78 98.66 -75.27
CA THR Z 194 27.67 99.73 -75.65
C THR Z 194 28.97 99.17 -76.18
N GLN Z 195 29.93 100.04 -76.48
CA GLN Z 195 31.26 99.55 -76.83
C GLN Z 195 31.98 99.03 -75.61
N THR Z 196 31.94 99.81 -74.54
CA THR Z 196 32.79 99.54 -73.39
C THR Z 196 32.24 98.43 -72.50
N ALA Z 197 30.94 98.17 -72.57
CA ALA Z 197 30.40 97.00 -71.88
C ALA Z 197 30.93 95.72 -72.51
N LEU Z 198 31.09 95.70 -73.83
CA LEU Z 198 31.66 94.54 -74.50
C LEU Z 198 33.11 94.33 -74.09
N THR Z 199 33.87 95.41 -73.94
CA THR Z 199 35.27 95.25 -73.54
C THR Z 199 35.39 94.84 -72.09
N GLN Z 200 34.47 95.29 -71.23
CA GLN Z 200 34.53 94.83 -69.84
C GLN Z 200 34.08 93.38 -69.71
N ILE Z 201 33.22 92.91 -70.62
CA ILE Z 201 32.97 91.48 -70.70
C ILE Z 201 34.23 90.76 -71.12
N GLU Z 202 34.94 91.29 -72.11
CA GLU Z 202 36.18 90.68 -72.56
C GLU Z 202 37.31 90.79 -71.54
N GLU Z 203 37.15 91.59 -70.49
CA GLU Z 203 38.12 91.52 -69.41
C GLU Z 203 37.78 90.41 -68.43
N VAL Z 204 36.50 90.21 -68.15
CA VAL Z 204 36.11 89.25 -67.12
C VAL Z 204 36.21 87.84 -67.64
N LEU Z 205 35.54 87.54 -68.76
CA LEU Z 205 35.48 86.18 -69.25
C LEU Z 205 36.83 85.72 -69.80
N ALA Z 206 37.54 86.61 -70.48
CA ALA Z 206 38.91 86.41 -70.98
C ALA Z 206 39.10 85.19 -71.87
N ASN AA 1 88.53 -43.02 -37.59
CA ASN AA 1 87.96 -43.94 -36.63
C ASN AA 1 87.68 -45.29 -37.21
N ARG AA 2 86.76 -46.01 -36.55
CA ARG AA 2 86.42 -47.36 -36.97
C ARG AA 2 85.67 -47.35 -38.29
N LEU AA 3 84.49 -46.74 -38.29
CA LEU AA 3 83.40 -47.28 -39.08
C LEU AA 3 83.38 -46.84 -40.54
N LYS AA 4 84.08 -45.75 -40.89
CA LYS AA 4 84.28 -45.43 -42.30
C LYS AA 4 84.96 -46.57 -43.02
N GLU AA 5 86.10 -46.98 -42.49
CA GLU AA 5 86.79 -48.18 -42.95
C GLU AA 5 85.93 -49.41 -42.76
N LYS AA 6 85.15 -49.47 -41.67
CA LYS AA 6 84.33 -50.64 -41.47
C LYS AA 6 83.11 -50.65 -42.38
N TYR AA 7 82.61 -49.46 -42.77
CA TYR AA 7 81.69 -49.38 -43.91
C TYR AA 7 82.31 -49.98 -45.17
N ILE AA 8 83.38 -49.35 -45.66
CA ILE AA 8 83.89 -49.68 -46.98
C ILE AA 8 84.62 -51.02 -47.00
N LYS AA 9 84.82 -51.66 -45.86
CA LYS AA 9 85.34 -53.01 -45.84
C LYS AA 9 84.30 -54.08 -45.59
N GLU AA 10 83.28 -53.85 -44.76
CA GLU AA 10 82.35 -54.94 -44.52
C GLU AA 10 80.90 -54.58 -44.76
N VAL AA 11 80.52 -53.33 -44.50
CA VAL AA 11 79.10 -52.99 -44.47
C VAL AA 11 78.59 -52.73 -45.88
N THR AA 12 79.41 -52.10 -46.71
CA THR AA 12 78.90 -51.58 -47.97
C THR AA 12 78.65 -52.63 -49.05
N PRO AA 13 79.61 -53.49 -49.48
CA PRO AA 13 79.34 -54.28 -50.69
C PRO AA 13 78.35 -55.41 -50.44
N SER AA 14 78.25 -55.88 -49.19
CA SER AA 14 77.21 -56.81 -48.80
C SER AA 14 75.83 -56.22 -49.06
N LEU AA 15 75.64 -54.97 -48.67
CA LEU AA 15 74.35 -54.33 -48.92
C LEU AA 15 74.20 -53.88 -50.35
N VAL AA 16 75.28 -53.81 -51.12
CA VAL AA 16 75.15 -53.64 -52.57
C VAL AA 16 74.53 -54.89 -53.18
N GLU AA 17 75.04 -56.05 -52.80
CA GLU AA 17 74.59 -57.29 -53.43
C GLU AA 17 73.39 -57.93 -52.75
N LYS AA 18 72.98 -57.47 -51.56
CA LYS AA 18 71.77 -57.99 -50.97
C LYS AA 18 70.54 -57.44 -51.65
N PHE AA 19 70.66 -56.30 -52.32
CA PHE AA 19 69.54 -55.68 -53.00
C PHE AA 19 69.90 -55.26 -54.42
N ASN AA 20 71.10 -55.61 -54.89
CA ASN AA 20 71.42 -55.78 -56.30
C ASN AA 20 71.33 -54.46 -57.08
N TYR AA 21 71.96 -53.43 -56.53
CA TYR AA 21 71.79 -52.11 -57.09
C TYR AA 21 72.58 -51.94 -58.38
N SER AA 22 72.36 -50.81 -59.05
CA SER AA 22 73.11 -50.47 -60.25
C SER AA 22 74.39 -49.73 -59.93
N SER AA 23 74.47 -49.05 -58.79
CA SER AA 23 75.69 -48.37 -58.37
C SER AA 23 75.65 -48.21 -56.86
N VAL AA 24 76.80 -47.82 -56.31
CA VAL AA 24 76.96 -47.62 -54.87
C VAL AA 24 76.37 -46.28 -54.44
N MET AA 25 75.96 -45.45 -55.39
CA MET AA 25 75.23 -44.23 -55.04
C MET AA 25 73.88 -44.55 -54.41
N GLN AA 26 73.25 -45.65 -54.83
CA GLN AA 26 72.01 -46.12 -54.24
C GLN AA 26 72.18 -46.80 -52.89
N THR AA 27 73.36 -46.76 -52.29
CA THR AA 27 73.50 -47.33 -50.97
C THR AA 27 72.87 -46.41 -49.93
N PRO AA 28 72.34 -46.98 -48.85
CA PRO AA 28 71.78 -46.14 -47.77
C PRO AA 28 72.81 -45.78 -46.71
N LYS AA 29 72.75 -44.52 -46.28
CA LYS AA 29 73.69 -43.99 -45.32
C LYS AA 29 72.94 -43.42 -44.12
N VAL AA 30 73.69 -42.85 -43.18
CA VAL AA 30 73.13 -42.25 -41.98
C VAL AA 30 73.70 -40.84 -41.86
N ASP AA 31 72.81 -39.85 -41.77
CA ASP AA 31 73.23 -38.44 -41.75
C ASP AA 31 73.35 -37.88 -40.33
N LYS AA 32 72.26 -37.82 -39.59
CA LYS AA 32 72.24 -37.07 -38.36
C LYS AA 32 71.99 -38.01 -37.18
N ILE AA 33 72.35 -37.53 -36.00
CA ILE AA 33 71.85 -38.09 -34.77
C ILE AA 33 71.21 -36.93 -34.01
N VAL AA 34 69.89 -36.88 -34.01
CA VAL AA 34 69.12 -35.81 -33.40
C VAL AA 34 68.94 -36.15 -31.93
N ILE AA 35 69.28 -35.21 -31.06
CA ILE AA 35 69.23 -35.42 -29.61
C ILE AA 35 68.38 -34.33 -28.98
N ASN AA 36 67.26 -34.72 -28.38
CA ASN AA 36 66.47 -33.80 -27.60
C ASN AA 36 66.96 -33.76 -26.16
N MET AA 37 66.38 -32.84 -25.39
CA MET AA 37 66.30 -32.92 -23.93
C MET AA 37 64.97 -32.30 -23.53
N GLY AA 38 63.95 -33.11 -23.37
CA GLY AA 38 62.70 -32.54 -22.92
C GLY AA 38 62.72 -32.32 -21.43
N VAL AA 39 62.96 -31.08 -21.01
CA VAL AA 39 62.92 -30.75 -19.60
C VAL AA 39 61.48 -30.63 -19.14
N GLY AA 40 60.75 -29.67 -19.71
CA GLY AA 40 59.36 -29.45 -19.35
C GLY AA 40 59.11 -28.92 -17.96
N ASP AA 41 60.17 -28.54 -17.24
CA ASP AA 41 60.04 -28.15 -15.85
C ASP AA 41 60.66 -26.78 -15.59
N ALA AA 42 60.95 -26.03 -16.65
CA ALA AA 42 61.31 -24.62 -16.48
C ALA AA 42 60.13 -23.80 -16.00
N VAL AA 43 58.91 -24.27 -16.28
CA VAL AA 43 57.71 -23.77 -15.62
C VAL AA 43 57.87 -23.89 -14.10
N SER AA 44 58.38 -25.03 -13.65
CA SER AA 44 58.65 -25.17 -12.22
C SER AA 44 59.90 -24.38 -11.83
N ASN AA 45 61.05 -24.76 -12.37
CA ASN AA 45 62.32 -24.15 -11.97
C ASN AA 45 63.17 -23.86 -13.19
N ALA AA 46 63.63 -22.62 -13.30
CA ALA AA 46 64.58 -22.25 -14.35
C ALA AA 46 65.96 -22.83 -14.12
N LYS AA 47 66.25 -23.32 -12.92
CA LYS AA 47 67.50 -23.99 -12.64
C LYS AA 47 67.54 -25.43 -13.15
N ASN AA 48 66.47 -25.89 -13.80
CA ASN AA 48 66.46 -27.21 -14.40
C ASN AA 48 67.28 -27.26 -15.67
N LEU AA 49 67.44 -26.12 -16.32
CA LEU AA 49 68.28 -26.00 -17.51
C LEU AA 49 69.76 -26.03 -17.20
N ASP AA 50 70.13 -26.07 -15.92
CA ASP AA 50 71.52 -26.23 -15.54
C ASP AA 50 72.04 -27.61 -15.92
N LYS AA 51 71.36 -28.64 -15.43
CA LYS AA 51 71.95 -29.97 -15.37
C LYS AA 51 72.01 -30.63 -16.76
N ALA AA 52 70.94 -30.50 -17.54
CA ALA AA 52 70.84 -31.22 -18.80
C ALA AA 52 71.87 -30.73 -19.80
N VAL AA 53 72.07 -29.41 -19.85
CA VAL AA 53 73.04 -28.83 -20.77
C VAL AA 53 74.45 -29.23 -20.38
N GLU AA 54 74.73 -29.28 -19.07
CA GLU AA 54 76.03 -29.74 -18.60
C GLU AA 54 76.24 -31.21 -18.92
N GLU AA 55 75.21 -32.04 -18.79
CA GLU AA 55 75.34 -33.45 -19.12
C GLU AA 55 75.53 -33.66 -20.60
N LEU AA 56 74.88 -32.85 -21.45
CA LEU AA 56 75.12 -32.98 -22.88
C LEU AA 56 76.51 -32.53 -23.25
N ALA AA 57 77.03 -31.51 -22.56
CA ALA AA 57 78.42 -31.12 -22.73
C ALA AA 57 79.36 -32.22 -22.28
N LEU AA 58 78.94 -33.03 -21.31
CA LEU AA 58 79.72 -34.21 -20.95
C LEU AA 58 79.62 -35.28 -22.02
N ILE AA 59 78.45 -35.43 -22.64
CA ILE AA 59 78.26 -36.48 -23.64
C ILE AA 59 78.92 -36.09 -24.95
N THR AA 60 78.46 -35.01 -25.56
CA THR AA 60 79.07 -34.50 -26.78
C THR AA 60 79.87 -33.25 -26.46
N GLY AA 61 80.86 -32.97 -27.28
CA GLY AA 61 81.61 -31.75 -27.07
C GLY AA 61 80.90 -30.56 -27.67
N GLN AA 62 79.72 -30.23 -27.15
CA GLN AA 62 78.94 -29.11 -27.64
C GLN AA 62 78.25 -28.43 -26.47
N LYS AA 63 77.61 -27.30 -26.76
CA LYS AA 63 76.54 -26.84 -25.91
C LYS AA 63 75.28 -26.75 -26.76
N PRO AA 64 74.18 -27.34 -26.31
CA PRO AA 64 72.97 -27.38 -27.12
C PRO AA 64 72.26 -26.04 -27.27
N LEU AA 65 71.14 -26.04 -27.97
CA LEU AA 65 70.28 -24.88 -27.99
C LEU AA 65 69.38 -24.86 -26.76
N ILE AA 66 68.54 -23.85 -26.71
CA ILE AA 66 67.45 -23.80 -25.75
C ILE AA 66 66.20 -23.51 -26.58
N THR AA 67 65.34 -24.52 -26.73
CA THR AA 67 64.18 -24.35 -27.58
C THR AA 67 63.14 -23.47 -26.89
N LYS AA 68 62.48 -22.64 -27.67
CA LYS AA 68 61.45 -21.76 -27.19
C LYS AA 68 60.10 -22.47 -27.30
N ALA AA 69 59.00 -21.74 -27.19
CA ALA AA 69 57.70 -22.38 -27.03
C ALA AA 69 56.99 -22.63 -28.35
N LYS AA 70 56.72 -21.56 -29.10
CA LYS AA 70 55.84 -21.41 -30.26
C LYS AA 70 54.36 -21.53 -29.90
N LYS AA 71 54.01 -21.68 -28.63
CA LYS AA 71 52.63 -21.67 -28.18
C LYS AA 71 52.56 -20.91 -26.86
N SER AA 72 51.38 -20.39 -26.55
CA SER AA 72 51.13 -19.75 -25.26
C SER AA 72 49.86 -20.37 -24.69
N ILE AA 73 50.01 -21.50 -24.02
CA ILE AA 73 48.88 -22.29 -23.53
C ILE AA 73 49.07 -22.56 -22.05
N ALA AA 74 48.06 -22.20 -21.25
CA ALA AA 74 48.11 -22.36 -19.82
C ALA AA 74 47.81 -23.78 -19.36
N GLY AA 75 47.46 -24.69 -20.28
CA GLY AA 75 47.26 -26.07 -19.90
C GLY AA 75 48.53 -26.75 -19.45
N PHE AA 76 49.68 -26.25 -19.91
CA PHE AA 76 50.97 -26.64 -19.39
C PHE AA 76 51.63 -25.48 -18.64
N ARG AA 77 50.90 -24.38 -18.44
CA ARG AA 77 51.41 -23.09 -17.98
C ARG AA 77 52.55 -22.58 -18.86
N LEU AA 78 52.22 -22.37 -20.13
CA LEU AA 78 53.19 -21.91 -21.11
C LEU AA 78 52.75 -20.59 -21.71
N ARG AA 79 53.68 -19.65 -21.81
CA ARG AA 79 53.59 -18.53 -22.73
C ARG AA 79 54.55 -18.80 -23.88
N GLU AA 80 54.48 -17.96 -24.90
CA GLU AA 80 55.42 -18.10 -26.01
C GLU AA 80 56.82 -17.71 -25.56
N GLY AA 81 57.81 -18.28 -26.21
CA GLY AA 81 59.20 -17.97 -25.92
C GLY AA 81 59.73 -18.54 -24.63
N MET AA 82 58.95 -19.34 -23.91
CA MET AA 82 59.45 -19.93 -22.68
C MET AA 82 60.46 -21.02 -23.00
N PRO AA 83 61.54 -21.14 -22.23
CA PRO AA 83 62.52 -22.20 -22.48
C PRO AA 83 61.97 -23.56 -22.12
N ILE AA 84 62.11 -24.52 -23.04
CA ILE AA 84 61.57 -25.85 -22.84
C ILE AA 84 62.66 -26.92 -22.95
N GLY AA 85 63.29 -27.04 -24.12
CA GLY AA 85 64.20 -28.13 -24.36
C GLY AA 85 65.45 -27.72 -25.10
N ALA AA 86 66.28 -28.72 -25.41
CA ALA AA 86 67.59 -28.53 -26.03
C ALA AA 86 67.71 -29.42 -27.26
N LYS AA 87 68.74 -29.15 -28.08
CA LYS AA 87 68.97 -29.88 -29.32
C LYS AA 87 70.45 -30.13 -29.53
N VAL AA 88 70.80 -31.34 -29.94
CA VAL AA 88 72.18 -31.67 -30.28
C VAL AA 88 72.18 -32.48 -31.57
N THR AA 89 72.92 -32.01 -32.58
CA THR AA 89 73.11 -32.74 -33.82
C THR AA 89 74.55 -33.21 -33.91
N LEU AA 90 74.74 -34.43 -34.37
CA LEU AA 90 76.07 -34.99 -34.60
C LEU AA 90 76.31 -35.13 -36.10
N ARG AA 91 77.49 -34.72 -36.54
CA ARG AA 91 77.96 -34.94 -37.89
C ARG AA 91 79.40 -35.46 -37.83
N GLY AA 92 79.92 -35.86 -38.98
CA GLY AA 92 81.35 -36.15 -39.08
C GLY AA 92 81.75 -37.41 -38.36
N GLU AA 93 82.82 -37.31 -37.57
CA GLU AA 93 83.34 -38.46 -36.84
C GLU AA 93 82.74 -38.60 -35.46
N ARG AA 94 82.02 -37.59 -34.97
CA ARG AA 94 81.27 -37.77 -33.73
C ARG AA 94 80.01 -38.58 -33.96
N MET AA 95 79.63 -38.79 -35.23
CA MET AA 95 78.68 -39.83 -35.57
C MET AA 95 79.17 -41.18 -35.08
N TYR AA 96 80.32 -41.60 -35.60
CA TYR AA 96 80.75 -42.98 -35.40
C TYR AA 96 81.26 -43.22 -33.99
N GLU AA 97 81.92 -42.22 -33.40
CA GLU AA 97 82.36 -42.35 -32.02
C GLU AA 97 81.19 -42.46 -31.06
N PHE AA 98 80.15 -41.65 -31.24
CA PHE AA 98 79.01 -41.77 -30.34
C PHE AA 98 78.24 -43.05 -30.59
N LEU AA 99 78.17 -43.50 -31.85
CA LEU AA 99 77.53 -44.79 -32.13
C LEU AA 99 78.28 -45.94 -31.48
N ASP AA 100 79.61 -45.88 -31.48
CA ASP AA 100 80.32 -46.97 -30.86
C ASP AA 100 80.30 -46.84 -29.35
N LYS AA 101 80.18 -45.62 -28.82
CA LYS AA 101 79.94 -45.46 -27.39
C LYS AA 101 78.57 -45.98 -26.98
N LEU AA 102 77.59 -45.87 -27.87
CA LEU AA 102 76.31 -46.54 -27.65
C LEU AA 102 76.50 -48.05 -27.59
N VAL AA 103 77.04 -48.61 -28.67
CA VAL AA 103 77.01 -50.07 -28.85
C VAL AA 103 77.96 -50.77 -27.88
N THR AA 104 79.23 -50.40 -27.91
CA THR AA 104 80.26 -51.20 -27.28
C THR AA 104 80.56 -50.82 -25.84
N VAL AA 105 80.00 -49.73 -25.32
CA VAL AA 105 80.31 -49.33 -23.95
C VAL AA 105 79.05 -49.16 -23.11
N SER AA 106 78.18 -48.24 -23.50
CA SER AA 106 77.17 -47.72 -22.59
C SER AA 106 76.01 -48.68 -22.40
N LEU AA 107 75.29 -48.97 -23.49
CA LEU AA 107 74.01 -49.69 -23.52
C LEU AA 107 73.86 -51.02 -22.78
N PRO AA 108 74.90 -51.82 -22.48
CA PRO AA 108 74.68 -52.93 -21.54
C PRO AA 108 74.42 -52.53 -20.10
N ARG AA 109 74.39 -51.24 -19.75
CA ARG AA 109 73.98 -50.83 -18.42
C ARG AA 109 72.47 -50.65 -18.30
N VAL AA 110 71.72 -51.13 -19.28
CA VAL AA 110 70.26 -51.22 -19.19
C VAL AA 110 69.93 -52.62 -18.68
N ARG AA 111 69.42 -52.69 -17.46
CA ARG AA 111 69.07 -53.96 -16.86
C ARG AA 111 67.82 -54.53 -17.52
N ASP AA 112 67.72 -55.86 -17.50
CA ASP AA 112 66.57 -56.61 -18.02
C ASP AA 112 66.34 -56.34 -19.51
N PHE AA 113 67.27 -56.86 -20.32
CA PHE AA 113 67.26 -56.67 -21.76
C PHE AA 113 66.03 -57.23 -22.43
N HIS AA 114 65.19 -56.33 -22.95
CA HIS AA 114 64.10 -56.68 -23.83
C HIS AA 114 64.28 -55.99 -25.17
N GLY AA 115 65.53 -55.77 -25.55
CA GLY AA 115 66.04 -55.27 -26.80
C GLY AA 115 65.56 -53.87 -27.13
N VAL AA 116 65.43 -53.61 -28.42
CA VAL AA 116 64.87 -52.38 -28.94
C VAL AA 116 63.63 -52.74 -29.74
N SER AA 117 62.53 -52.04 -29.48
CA SER AA 117 61.25 -52.35 -30.13
C SER AA 117 61.35 -52.06 -31.62
N LYS AA 118 61.08 -53.07 -32.43
CA LYS AA 118 61.37 -53.00 -33.85
C LYS AA 118 60.30 -52.27 -34.65
N LYS AA 119 59.29 -51.70 -34.00
CA LYS AA 119 58.30 -50.87 -34.69
C LYS AA 119 58.59 -49.39 -34.52
N ALA AA 120 59.80 -48.96 -34.87
CA ALA AA 120 60.29 -47.62 -34.55
C ALA AA 120 60.98 -47.01 -35.76
N PHE AA 121 60.34 -47.10 -36.91
CA PHE AA 121 61.02 -46.80 -38.17
C PHE AA 121 60.52 -45.53 -38.83
N ASP AA 122 59.61 -44.79 -38.19
CA ASP AA 122 58.94 -43.60 -38.72
C ASP AA 122 58.20 -43.90 -40.03
N GLY AA 123 57.80 -45.16 -40.23
CA GLY AA 123 57.29 -45.58 -41.51
C GLY AA 123 58.36 -45.79 -42.57
N ARG AA 124 59.16 -44.76 -42.85
CA ARG AA 124 59.98 -44.70 -44.05
C ARG AA 124 61.47 -44.80 -43.73
N GLY AA 125 61.81 -45.41 -42.61
CA GLY AA 125 63.19 -45.80 -42.39
C GLY AA 125 64.06 -44.81 -41.68
N ASN AA 126 63.65 -44.38 -40.49
CA ASN AA 126 64.47 -43.56 -39.61
C ASN AA 126 64.16 -43.94 -38.18
N TYR AA 127 65.19 -44.31 -37.40
CA TYR AA 127 64.90 -44.83 -36.07
C TYR AA 127 64.58 -43.70 -35.11
N THR AA 128 63.89 -44.05 -34.03
CA THR AA 128 63.62 -43.18 -32.91
C THR AA 128 63.91 -43.93 -31.62
N LEU AA 129 64.30 -43.19 -30.58
CA LEU AA 129 64.50 -43.76 -29.26
C LEU AA 129 63.99 -42.81 -28.19
N GLY AA 130 63.38 -43.38 -27.16
CA GLY AA 130 63.12 -42.68 -25.91
C GLY AA 130 63.81 -43.37 -24.75
N ILE AA 131 64.85 -42.75 -24.21
CA ILE AA 131 65.68 -43.36 -23.18
C ILE AA 131 65.27 -42.81 -21.83
N LYS AA 132 65.18 -43.68 -20.84
CA LYS AA 132 64.53 -43.38 -19.57
C LYS AA 132 65.48 -42.83 -18.52
N GLU AA 133 66.70 -43.32 -18.44
CA GLU AA 133 67.70 -42.76 -17.52
C GLU AA 133 68.90 -42.24 -18.29
N GLN AA 134 69.92 -41.84 -17.52
CA GLN AA 134 71.09 -41.17 -18.05
C GLN AA 134 72.40 -41.69 -17.46
N LEU AA 135 72.36 -42.64 -16.54
CA LEU AA 135 73.55 -43.19 -15.88
C LEU AA 135 74.22 -44.28 -16.70
N ILE AA 136 73.95 -44.32 -18.01
CA ILE AA 136 74.43 -45.39 -18.86
C ILE AA 136 75.88 -45.19 -19.28
N PHE AA 137 76.40 -44.05 -19.08
CA PHE AA 137 77.67 -43.70 -19.70
C PHE AA 137 78.81 -43.73 -18.68
N PRO AA 138 80.04 -43.97 -19.15
CA PRO AA 138 81.21 -43.74 -18.31
C PRO AA 138 81.64 -42.29 -18.23
N GLU AA 139 80.97 -41.42 -18.97
CA GLU AA 139 81.25 -39.98 -18.95
C GLU AA 139 80.45 -39.26 -17.89
N VAL AA 140 79.78 -39.99 -17.00
CA VAL AA 140 78.73 -39.48 -16.14
C VAL AA 140 79.10 -39.79 -14.68
N ASP AA 141 79.03 -38.77 -13.83
CA ASP AA 141 79.21 -38.98 -12.40
C ASP AA 141 77.85 -39.21 -11.72
N TYR AA 142 77.91 -39.78 -10.52
CA TYR AA 142 76.68 -40.14 -9.81
C TYR AA 142 75.99 -38.91 -9.24
N ASP AA 143 76.71 -38.15 -8.41
CA ASP AA 143 76.14 -37.03 -7.67
C ASP AA 143 75.73 -35.88 -8.57
N LEU AA 144 76.28 -35.82 -9.78
CA LEU AA 144 75.77 -34.87 -10.76
C LEU AA 144 74.37 -35.24 -11.20
N VAL AA 145 74.04 -36.52 -11.19
CA VAL AA 145 72.71 -36.98 -11.61
C VAL AA 145 71.81 -37.00 -10.40
N ASP AA 146 70.70 -36.26 -10.48
CA ASP AA 146 69.76 -36.15 -9.39
C ASP AA 146 68.30 -36.36 -9.82
N LYS AA 147 68.05 -36.72 -11.07
CA LYS AA 147 66.68 -36.96 -11.50
C LYS AA 147 66.54 -38.29 -12.24
N VAL AA 148 65.37 -38.47 -12.85
CA VAL AA 148 65.05 -39.65 -13.63
C VAL AA 148 64.97 -39.16 -15.07
N ARG AA 149 65.74 -38.13 -15.38
CA ARG AA 149 65.77 -37.57 -16.73
C ARG AA 149 66.35 -38.57 -17.71
N GLY AA 150 66.04 -38.35 -18.99
CA GLY AA 150 66.55 -39.22 -20.02
C GLY AA 150 66.77 -38.50 -21.33
N MET AA 151 66.85 -39.27 -22.41
CA MET AA 151 67.29 -38.77 -23.70
C MET AA 151 66.21 -39.04 -24.72
N ASP AA 152 66.41 -38.49 -25.92
CA ASP AA 152 65.58 -38.80 -27.08
C ASP AA 152 66.46 -38.76 -28.32
N ILE AA 153 66.66 -39.91 -28.94
CA ILE AA 153 67.53 -40.03 -30.10
C ILE AA 153 66.64 -40.36 -31.30
N VAL AA 154 66.80 -39.59 -32.37
CA VAL AA 154 66.17 -39.88 -33.66
C VAL AA 154 67.31 -40.09 -34.65
N ILE AA 155 67.63 -41.35 -34.93
CA ILE AA 155 68.66 -41.68 -35.90
C ILE AA 155 68.04 -41.52 -37.27
N VAL AA 156 68.61 -40.64 -38.07
CA VAL AA 156 68.03 -40.29 -39.37
C VAL AA 156 68.94 -40.82 -40.46
N THR AA 157 68.37 -41.60 -41.38
CA THR AA 157 69.10 -42.27 -42.43
C THR AA 157 68.76 -41.68 -43.78
N THR AA 158 69.28 -42.31 -44.84
CA THR AA 158 68.95 -41.94 -46.21
C THR AA 158 68.12 -42.99 -46.92
N ALA AA 159 67.66 -44.01 -46.19
CA ALA AA 159 67.04 -45.16 -46.80
C ALA AA 159 65.54 -44.94 -47.00
N ASN AA 160 65.00 -45.57 -48.04
CA ASN AA 160 63.57 -45.50 -48.30
C ASN AA 160 62.82 -46.54 -47.48
N THR AA 161 63.26 -47.79 -47.54
CA THR AA 161 62.55 -48.90 -46.93
C THR AA 161 62.85 -48.96 -45.43
N ASP AA 162 62.51 -50.08 -44.81
CA ASP AA 162 62.80 -50.30 -43.40
C ASP AA 162 63.85 -51.37 -43.16
N GLU AA 163 63.84 -52.45 -43.93
CA GLU AA 163 64.78 -53.52 -43.66
C GLU AA 163 66.19 -53.19 -44.11
N GLU AA 164 66.33 -52.23 -45.03
CA GLU AA 164 67.66 -51.69 -45.31
C GLU AA 164 68.25 -51.03 -44.08
N SER AA 165 67.43 -50.23 -43.39
CA SER AA 165 67.87 -49.62 -42.13
C SER AA 165 68.12 -50.69 -41.07
N ARG AA 166 67.31 -51.75 -41.08
CA ARG AA 166 67.50 -52.87 -40.15
C ARG AA 166 68.86 -53.52 -40.35
N GLU AA 167 69.20 -53.85 -41.60
CA GLU AA 167 70.44 -54.55 -41.87
C GLU AA 167 71.64 -53.65 -41.66
N LEU AA 168 71.50 -52.36 -41.97
CA LEU AA 168 72.52 -51.36 -41.62
C LEU AA 168 72.80 -51.35 -40.13
N LEU AA 169 71.78 -51.07 -39.32
CA LEU AA 169 72.05 -50.80 -37.92
C LEU AA 169 72.21 -52.08 -37.11
N ALA AA 170 71.77 -53.22 -37.64
CA ALA AA 170 72.20 -54.49 -37.08
C ALA AA 170 73.67 -54.72 -37.36
N GLN AA 171 74.12 -54.37 -38.58
CA GLN AA 171 75.55 -54.44 -38.87
C GLN AA 171 76.36 -53.40 -38.11
N LEU AA 172 75.71 -52.41 -37.50
CA LEU AA 172 76.40 -51.42 -36.70
C LEU AA 172 76.04 -51.50 -35.22
N GLY AA 173 75.54 -52.65 -34.76
CA GLY AA 173 75.21 -52.79 -33.36
C GLY AA 173 73.74 -53.02 -33.15
N MET AA 174 73.10 -52.15 -32.36
CA MET AA 174 71.67 -52.13 -32.09
C MET AA 174 71.14 -53.46 -31.56
N PRO AA 175 71.30 -53.74 -30.26
CA PRO AA 175 70.87 -55.03 -29.71
C PRO AA 175 69.35 -55.20 -29.71
N PHE AA 176 68.83 -55.70 -30.84
CA PHE AA 176 67.40 -55.85 -31.03
C PHE AA 176 66.86 -57.04 -30.26
N GLN AA 177 65.65 -57.46 -30.63
CA GLN AA 177 64.93 -58.51 -29.92
C GLN AA 177 64.95 -59.82 -30.68
N SER BA 1 -30.41 -40.92 -78.21
CA SER BA 1 -31.85 -41.09 -78.30
C SER BA 1 -32.20 -42.52 -78.64
N ARG BA 2 -31.74 -43.45 -77.80
CA ARG BA 2 -32.19 -44.84 -77.93
C ARG BA 2 -33.66 -44.94 -77.58
N ILE BA 3 -34.09 -44.17 -76.57
CA ILE BA 3 -35.50 -44.00 -76.29
C ILE BA 3 -36.15 -43.15 -77.37
N GLY BA 4 -35.37 -42.33 -78.05
CA GLY BA 4 -35.89 -41.59 -79.18
C GLY BA 4 -35.79 -42.35 -80.48
N ASN BA 5 -35.75 -43.68 -80.42
CA ASN BA 5 -35.86 -44.53 -81.61
C ASN BA 5 -36.73 -45.74 -81.29
N LYS BA 6 -37.91 -45.50 -80.72
CA LYS BA 6 -38.80 -46.58 -80.32
C LYS BA 6 -39.43 -47.27 -81.52
N VAL BA 7 -39.83 -48.51 -81.28
CA VAL BA 7 -40.76 -49.22 -82.14
C VAL BA 7 -42.14 -49.04 -81.54
N VAL BA 8 -42.95 -48.18 -82.13
CA VAL BA 8 -44.29 -47.89 -81.62
C VAL BA 8 -45.30 -48.49 -82.58
N VAL BA 9 -46.17 -49.35 -82.05
CA VAL BA 9 -47.24 -49.99 -82.82
C VAL BA 9 -48.57 -49.53 -82.24
N LEU BA 10 -49.40 -48.95 -83.09
CA LEU BA 10 -50.70 -48.47 -82.67
C LEU BA 10 -51.59 -49.67 -82.32
N PRO BA 11 -52.35 -49.61 -81.24
CA PRO BA 11 -53.26 -50.69 -80.91
C PRO BA 11 -54.56 -50.55 -81.69
N ALA BA 12 -55.37 -51.61 -81.61
CA ALA BA 12 -56.56 -51.72 -82.45
C ALA BA 12 -57.61 -50.71 -82.04
N GLY BA 13 -57.91 -49.79 -82.95
CA GLY BA 13 -58.93 -48.79 -82.75
C GLY BA 13 -58.43 -47.36 -82.56
N VAL BA 14 -57.21 -47.04 -82.99
CA VAL BA 14 -56.57 -45.79 -82.64
C VAL BA 14 -56.20 -45.04 -83.92
N GLU BA 15 -56.72 -43.82 -84.06
CA GLU BA 15 -56.41 -42.98 -85.21
C GLU BA 15 -55.49 -41.83 -84.80
N ILE BA 16 -55.24 -40.93 -85.75
CA ILE BA 16 -54.37 -39.78 -85.60
C ILE BA 16 -55.00 -38.61 -86.32
N LYS BA 17 -55.09 -37.46 -85.67
CA LYS BA 17 -55.42 -36.21 -86.34
C LYS BA 17 -54.27 -35.23 -86.15
N GLN BA 18 -53.77 -34.67 -87.25
CA GLN BA 18 -52.64 -33.75 -87.22
C GLN BA 18 -53.10 -32.40 -87.70
N ASP BA 19 -53.17 -31.44 -86.77
CA ASP BA 19 -53.53 -30.04 -87.09
C ASP BA 19 -52.55 -29.15 -86.33
N GLY BA 20 -51.43 -28.84 -86.97
CA GLY BA 20 -50.43 -27.99 -86.37
C GLY BA 20 -49.70 -28.65 -85.22
N ASN BA 21 -49.88 -28.12 -84.01
CA ASN BA 21 -49.20 -28.68 -82.85
C ASN BA 21 -49.98 -29.84 -82.24
N ASN BA 22 -51.30 -29.86 -82.39
CA ASN BA 22 -52.10 -30.89 -81.76
C ASN BA 22 -51.96 -32.21 -82.50
N ILE BA 23 -51.82 -33.28 -81.73
CA ILE BA 23 -51.94 -34.64 -82.23
C ILE BA 23 -52.88 -35.37 -81.29
N THR BA 24 -53.99 -35.87 -81.82
CA THR BA 24 -55.05 -36.44 -81.01
C THR BA 24 -54.99 -37.96 -81.10
N VAL BA 25 -55.12 -38.62 -79.97
CA VAL BA 25 -55.16 -40.08 -79.92
C VAL BA 25 -56.50 -40.49 -79.37
N LYS BA 26 -57.31 -41.14 -80.21
CA LYS BA 26 -58.68 -41.50 -79.86
C LYS BA 26 -58.87 -43.00 -80.07
N GLY BA 27 -59.50 -43.64 -79.09
CA GLY BA 27 -59.66 -45.07 -79.12
C GLY BA 27 -60.76 -45.55 -78.20
N PRO BA 28 -60.52 -46.64 -77.48
CA PRO BA 28 -61.60 -47.27 -76.70
C PRO BA 28 -61.97 -46.50 -75.45
N LYS BA 29 -61.11 -45.63 -74.95
CA LYS BA 29 -61.50 -44.96 -73.71
C LYS BA 29 -61.37 -43.44 -73.76
N GLY BA 30 -60.36 -42.90 -74.45
CA GLY BA 30 -60.02 -41.51 -74.31
C GLY BA 30 -59.68 -40.85 -75.62
N GLU BA 31 -59.68 -39.52 -75.58
CA GLU BA 31 -59.51 -38.66 -76.74
C GLU BA 31 -58.51 -37.54 -76.44
N LEU BA 32 -57.35 -37.91 -75.93
CA LEU BA 32 -56.41 -36.93 -75.40
C LEU BA 32 -55.73 -36.12 -76.47
N THR BA 33 -55.43 -34.86 -76.17
CA THR BA 33 -54.75 -33.92 -77.05
C THR BA 33 -53.61 -33.26 -76.30
N ARG BA 34 -52.44 -33.18 -76.93
CA ARG BA 34 -51.31 -32.42 -76.40
C ARG BA 34 -50.75 -31.58 -77.53
N GLU BA 35 -49.59 -30.96 -77.29
CA GLU BA 35 -48.88 -30.24 -78.33
C GLU BA 35 -47.41 -30.62 -78.32
N PHE BA 36 -46.79 -30.50 -79.48
CA PHE BA 36 -45.43 -30.99 -79.71
C PHE BA 36 -44.66 -29.96 -80.52
N SER BA 37 -43.35 -29.94 -80.33
CA SER BA 37 -42.52 -28.89 -80.92
C SER BA 37 -42.38 -29.07 -82.42
N SER BA 38 -41.91 -28.01 -83.08
CA SER BA 38 -41.85 -27.96 -84.54
C SER BA 38 -40.51 -28.41 -85.08
N ASP BA 39 -39.62 -28.95 -84.25
CA ASP BA 39 -38.44 -29.65 -84.71
C ASP BA 39 -38.70 -31.13 -84.87
N ILE BA 40 -39.94 -31.49 -85.18
CA ILE BA 40 -40.43 -32.85 -85.20
C ILE BA 40 -41.11 -33.08 -86.53
N LYS BA 41 -40.71 -34.14 -87.23
CA LYS BA 41 -41.40 -34.57 -88.43
C LYS BA 41 -42.22 -35.80 -88.09
N MET BA 42 -43.54 -35.68 -88.27
CA MET BA 42 -44.41 -36.82 -88.06
C MET BA 42 -44.30 -37.79 -89.23
N ASN BA 43 -45.11 -38.84 -89.18
CA ASN BA 43 -44.96 -39.93 -90.13
C ASN BA 43 -46.32 -40.44 -90.57
N ILE BA 44 -46.27 -41.61 -91.21
CA ILE BA 44 -47.25 -42.14 -92.13
C ILE BA 44 -47.53 -43.53 -91.55
N GLU BA 45 -48.10 -44.43 -92.36
CA GLU BA 45 -47.89 -45.87 -92.17
C GLU BA 45 -48.58 -46.45 -90.95
N GLY BA 46 -49.83 -46.89 -91.14
CA GLY BA 46 -50.54 -47.72 -90.17
C GLY BA 46 -49.77 -48.91 -89.61
N ASN BA 47 -50.38 -49.62 -88.68
CA ASN BA 47 -49.91 -49.64 -87.30
C ASN BA 47 -48.46 -50.05 -87.07
N GLU BA 48 -47.54 -49.15 -87.43
CA GLU BA 48 -46.18 -49.01 -86.89
C GLU BA 48 -45.78 -47.55 -86.98
N VAL BA 49 -45.35 -46.97 -85.86
CA VAL BA 49 -45.07 -45.54 -85.75
C VAL BA 49 -43.62 -45.34 -85.33
N THR BA 50 -42.90 -44.52 -86.09
CA THR BA 50 -41.61 -43.99 -85.70
C THR BA 50 -41.60 -42.48 -85.96
N PHE BA 51 -40.60 -41.80 -85.37
CA PHE BA 51 -40.47 -40.34 -85.34
C PHE BA 51 -39.06 -39.96 -85.78
N THR BA 52 -38.84 -39.79 -87.08
CA THR BA 52 -37.59 -39.22 -87.56
C THR BA 52 -37.75 -37.72 -87.71
N ARG BA 53 -36.73 -36.97 -87.32
CA ARG BA 53 -36.87 -35.54 -87.06
C ARG BA 53 -35.68 -34.80 -87.65
N PRO BA 54 -35.82 -33.46 -87.86
CA PRO BA 54 -34.63 -32.69 -88.25
C PRO BA 54 -33.71 -32.57 -87.06
N ASN BA 55 -32.69 -33.39 -87.08
CA ASN BA 55 -31.89 -33.60 -85.89
C ASN BA 55 -30.65 -32.72 -85.96
N ASP BA 56 -29.70 -33.00 -85.06
CA ASP BA 56 -28.49 -32.22 -84.82
C ASP BA 56 -28.84 -30.79 -84.41
N SER BA 57 -29.58 -30.69 -83.30
CA SER BA 57 -29.78 -29.44 -82.58
C SER BA 57 -28.64 -29.31 -81.57
N LYS BA 58 -28.75 -28.36 -80.64
CA LYS BA 58 -27.64 -28.10 -79.72
C LYS BA 58 -27.52 -29.17 -78.65
N GLU BA 59 -28.54 -29.29 -77.81
CA GLU BA 59 -28.55 -30.38 -76.83
C GLU BA 59 -28.98 -31.69 -77.47
N MET BA 60 -29.38 -31.65 -78.73
CA MET BA 60 -29.44 -32.72 -79.72
C MET BA 60 -30.57 -33.73 -79.52
N LYS BA 61 -30.97 -33.96 -78.29
CA LYS BA 61 -31.52 -35.28 -78.00
C LYS BA 61 -32.60 -35.30 -76.92
N THR BA 62 -33.03 -34.17 -76.39
CA THR BA 62 -34.02 -34.23 -75.32
C THR BA 62 -35.43 -34.41 -75.88
N ILE BA 63 -35.67 -33.82 -77.06
CA ILE BA 63 -37.02 -33.75 -77.62
C ILE BA 63 -37.49 -35.13 -78.04
N HIS BA 64 -36.60 -35.92 -78.66
CA HIS BA 64 -36.90 -37.30 -79.05
C HIS BA 64 -37.38 -38.12 -77.87
N GLY BA 65 -36.62 -38.11 -76.78
CA GLY BA 65 -36.94 -38.96 -75.65
C GLY BA 65 -38.22 -38.55 -74.94
N THR BA 66 -38.38 -37.24 -74.70
CA THR BA 66 -39.59 -36.79 -74.00
C THR BA 66 -40.83 -36.97 -74.86
N THR BA 67 -40.74 -36.71 -76.17
CA THR BA 67 -41.93 -36.85 -77.01
C THR BA 67 -42.32 -38.31 -77.21
N ARG BA 68 -41.35 -39.22 -77.33
CA ARG BA 68 -41.75 -40.61 -77.49
N ALA BA 69 -41.74 -40.72 -75.05
CA ALA BA 69 -42.34 -41.15 -73.78
C ALA BA 69 -43.75 -40.62 -73.65
N ASN BA 70 -44.00 -39.41 -74.18
CA ASN BA 70 -45.34 -38.86 -74.09
C ASN BA 70 -46.30 -39.56 -75.04
N PHE BA 71 -45.84 -39.99 -76.21
CA PHE BA 71 -46.70 -40.78 -77.08
C PHE BA 71 -46.97 -42.17 -76.53
N ASN BA 72 -46.03 -42.79 -75.82
CA ASN BA 72 -46.41 -44.04 -75.19
C ASN BA 72 -47.37 -43.81 -74.03
N ASN BA 73 -47.28 -42.65 -73.36
CA ASN BA 73 -48.31 -42.30 -72.38
C ASN BA 73 -49.68 -42.18 -73.04
N MET BA 74 -49.72 -41.52 -74.21
CA MET BA 74 -50.97 -41.39 -74.96
C MET BA 74 -51.54 -42.73 -75.36
N VAL BA 75 -50.69 -43.61 -75.90
CA VAL BA 75 -51.15 -44.89 -76.42
C VAL BA 75 -51.63 -45.79 -75.29
N VAL BA 76 -50.84 -45.91 -74.22
CA VAL BA 76 -51.22 -46.79 -73.14
C VAL BA 76 -52.42 -46.22 -72.37
N GLY BA 77 -52.54 -44.90 -72.29
CA GLY BA 77 -53.67 -44.32 -71.59
C GLY BA 77 -54.98 -44.40 -72.33
N VAL BA 78 -54.95 -44.19 -73.65
CA VAL BA 78 -56.18 -44.28 -74.44
C VAL BA 78 -56.63 -45.72 -74.58
N SER BA 79 -55.69 -46.62 -74.84
CA SER BA 79 -56.05 -48.02 -75.03
C SER BA 79 -56.38 -48.70 -73.70
N GLU BA 80 -55.53 -48.53 -72.69
CA GLU BA 80 -55.57 -49.41 -71.54
C GLU BA 80 -55.99 -48.71 -70.26
N GLY BA 81 -55.33 -47.61 -69.89
CA GLY BA 81 -55.62 -46.94 -68.65
C GLY BA 81 -54.66 -47.35 -67.53
N PHE BA 82 -54.56 -46.49 -66.52
CA PHE BA 82 -53.54 -46.65 -65.51
C PHE BA 82 -54.14 -46.88 -64.13
N GLN BA 83 -53.26 -47.17 -63.17
CA GLN BA 83 -53.61 -47.46 -61.79
C GLN BA 83 -52.49 -46.99 -60.86
N LYS BA 84 -52.86 -46.47 -59.70
CA LYS BA 84 -51.95 -46.40 -58.57
C LYS BA 84 -52.69 -46.83 -57.31
N ALA BA 85 -52.06 -47.70 -56.53
CA ALA BA 85 -52.70 -48.31 -55.36
C ALA BA 85 -52.02 -47.86 -54.08
N LEU BA 86 -52.81 -47.67 -53.04
CA LEU BA 86 -52.39 -47.13 -51.76
C LEU BA 86 -52.77 -48.14 -50.67
N GLU BA 87 -52.41 -47.83 -49.43
CA GLU BA 87 -52.87 -48.62 -48.30
C GLU BA 87 -53.18 -47.72 -47.11
N LEU BA 88 -53.49 -48.37 -45.99
CA LEU BA 88 -53.77 -47.71 -44.73
C LEU BA 88 -53.38 -48.67 -43.62
N ILE BA 89 -52.31 -48.35 -42.90
CA ILE BA 89 -51.93 -49.11 -41.72
C ILE BA 89 -52.08 -48.09 -40.60
N GLY BA 90 -51.78 -48.44 -39.36
CA GLY BA 90 -52.11 -47.51 -38.30
C GLY BA 90 -53.56 -47.63 -37.83
N VAL BA 91 -53.83 -48.69 -37.06
CA VAL BA 91 -55.13 -49.26 -36.71
C VAL BA 91 -56.24 -48.24 -36.45
N GLY BA 92 -57.34 -48.37 -37.16
CA GLY BA 92 -58.47 -47.49 -37.04
C GLY BA 92 -58.61 -46.46 -38.13
N TYR BA 93 -58.04 -46.68 -39.30
CA TYR BA 93 -58.10 -45.71 -40.38
C TYR BA 93 -59.01 -46.26 -41.47
N ARG BA 94 -59.92 -45.42 -41.95
CA ARG BA 94 -61.02 -45.87 -42.79
C ARG BA 94 -61.05 -45.09 -44.08
N ALA BA 95 -61.66 -45.69 -45.10
CA ALA BA 95 -61.83 -45.08 -46.41
C ALA BA 95 -63.18 -45.53 -46.94
N GLN BA 96 -64.11 -44.59 -47.06
CA GLN BA 96 -65.48 -44.90 -47.43
C GLN BA 96 -65.93 -43.98 -48.56
N VAL BA 97 -66.82 -44.51 -49.40
CA VAL BA 97 -67.12 -43.91 -50.70
C VAL BA 97 -68.57 -43.48 -50.74
N GLN BA 98 -68.80 -42.21 -51.10
CA GLN BA 98 -70.10 -41.71 -51.53
C GLN BA 98 -69.89 -41.04 -52.88
N GLY BA 99 -69.83 -41.85 -53.92
CA GLY BA 99 -69.63 -41.35 -55.27
C GLY BA 99 -68.26 -40.73 -55.48
N ASN BA 100 -68.24 -39.43 -55.75
CA ASN BA 100 -67.01 -38.70 -56.08
C ASN BA 100 -66.46 -37.95 -54.86
N LYS BA 101 -66.59 -38.54 -53.69
CA LYS BA 101 -65.94 -38.04 -52.48
C LYS BA 101 -65.35 -39.21 -51.71
N LEU BA 102 -64.24 -38.98 -51.04
CA LEU BA 102 -63.50 -40.02 -50.34
C LEU BA 102 -63.36 -39.60 -48.88
N THR BA 103 -64.18 -40.17 -48.01
CA THR BA 103 -64.11 -39.84 -46.59
C THR BA 103 -62.95 -40.59 -45.98
N LEU BA 104 -61.87 -39.88 -45.69
CA LEU BA 104 -60.70 -40.46 -45.05
C LEU BA 104 -60.69 -40.08 -43.58
N ASN BA 105 -60.60 -41.09 -42.73
CA ASN BA 105 -60.48 -40.92 -41.29
C ASN BA 105 -59.08 -41.40 -40.94
N VAL BA 106 -58.12 -40.50 -40.96
CA VAL BA 106 -56.72 -40.86 -40.86
C VAL BA 106 -56.20 -40.69 -39.44
N GLY BA 107 -57.09 -40.51 -38.48
CA GLY BA 107 -56.68 -40.39 -37.11
C GLY BA 107 -56.57 -38.98 -36.58
N TYR BA 108 -57.08 -37.99 -37.32
CA TYR BA 108 -57.17 -36.64 -36.80
C TYR BA 108 -58.40 -36.54 -35.91
N SER BA 109 -58.82 -35.32 -35.59
CA SER BA 109 -60.12 -35.11 -35.00
C SER BA 109 -61.18 -34.74 -36.05
N HIS BA 110 -60.87 -34.91 -37.33
CA HIS BA 110 -61.76 -34.54 -38.43
C HIS BA 110 -61.57 -35.44 -39.64
N PRO BA 111 -62.64 -35.76 -40.34
CA PRO BA 111 -62.49 -36.48 -41.61
C PRO BA 111 -61.99 -35.54 -42.69
N VAL BA 112 -61.42 -36.14 -43.73
CA VAL BA 112 -60.92 -35.42 -44.88
C VAL BA 112 -61.65 -35.98 -46.10
N GLU BA 113 -62.18 -35.10 -46.94
CA GLU BA 113 -62.85 -35.50 -48.16
C GLU BA 113 -62.15 -34.89 -49.35
N MET BA 114 -61.71 -35.74 -50.27
CA MET BA 114 -61.06 -35.31 -51.51
C MET BA 114 -62.02 -35.51 -52.67
N THR BA 115 -62.09 -34.51 -53.55
CA THR BA 115 -62.96 -34.55 -54.71
C THR BA 115 -62.23 -35.21 -55.88
N ALA BA 116 -62.77 -35.05 -57.08
CA ALA BA 116 -62.17 -35.65 -58.26
C ALA BA 116 -62.49 -34.80 -59.49
N PRO BA 117 -61.62 -34.80 -60.48
CA PRO BA 117 -62.01 -34.28 -61.80
C PRO BA 117 -62.82 -35.30 -62.58
N GLU BA 118 -63.03 -35.02 -63.87
CA GLU BA 118 -63.92 -35.84 -64.69
C GLU BA 118 -63.35 -37.24 -64.92
N GLY BA 119 -62.22 -37.33 -65.60
CA GLY BA 119 -61.73 -38.62 -66.05
C GLY BA 119 -60.98 -39.44 -65.01
N VAL BA 120 -61.41 -39.41 -63.76
CA VAL BA 120 -60.76 -40.15 -62.68
C VAL BA 120 -61.82 -40.89 -61.89
N THR BA 121 -61.67 -42.20 -61.76
CA THR BA 121 -62.53 -43.03 -60.94
C THR BA 121 -61.88 -43.24 -59.58
N PHE BA 122 -62.58 -44.00 -58.73
CA PHE BA 122 -62.00 -44.53 -57.50
C PHE BA 122 -62.58 -45.91 -57.24
N GLU BA 123 -61.80 -46.75 -56.55
CA GLU BA 123 -62.25 -48.07 -56.15
C GLU BA 123 -61.72 -48.33 -54.76
N VAL BA 124 -62.62 -48.61 -53.82
CA VAL BA 124 -62.26 -48.90 -52.44
C VAL BA 124 -62.90 -50.23 -52.06
N PRO BA 125 -62.13 -51.32 -52.07
CA PRO BA 125 -62.72 -52.61 -51.64
C PRO BA 125 -62.91 -52.74 -50.15
N ALA BA 126 -61.94 -52.36 -49.34
CA ALA BA 126 -61.95 -52.64 -47.90
C ALA BA 126 -61.82 -51.33 -47.13
N ASN BA 127 -61.52 -51.44 -45.84
CA ASN BA 127 -61.28 -50.26 -45.02
C ASN BA 127 -59.84 -49.78 -45.08
N THR BA 128 -59.02 -50.35 -45.95
CA THR BA 128 -57.61 -50.00 -46.03
C THR BA 128 -57.17 -49.54 -47.42
N GLN BA 129 -57.66 -50.15 -48.48
CA GLN BA 129 -57.03 -50.05 -49.79
C GLN BA 129 -57.83 -49.15 -50.71
N VAL BA 130 -57.16 -48.14 -51.25
CA VAL BA 130 -57.73 -47.23 -52.24
C VAL BA 130 -56.92 -47.38 -53.51
N ILE BA 131 -57.59 -47.64 -54.62
CA ILE BA 131 -56.93 -47.79 -55.91
C ILE BA 131 -57.49 -46.76 -56.86
N VAL BA 132 -56.64 -45.87 -57.35
CA VAL BA 132 -57.05 -44.79 -58.23
C VAL BA 132 -56.75 -45.19 -59.66
N LYS BA 133 -57.77 -45.19 -60.51
CA LYS BA 133 -57.63 -45.50 -61.92
C LYS BA 133 -57.88 -44.26 -62.76
N GLY BA 134 -57.46 -44.30 -64.01
CA GLY BA 134 -57.63 -43.15 -64.87
C GLY BA 134 -56.97 -43.36 -66.21
N ILE BA 135 -56.73 -42.24 -66.88
CA ILE BA 135 -56.29 -42.22 -68.27
C ILE BA 135 -54.88 -41.66 -68.41
N ASN BA 136 -54.58 -40.55 -67.76
CA ASN BA 136 -53.24 -39.98 -67.82
C ASN BA 136 -52.32 -40.64 -66.81
N LYS BA 137 -51.04 -40.28 -66.85
CA LYS BA 137 -50.15 -40.56 -65.73
C LYS BA 137 -50.04 -39.38 -64.79
N GLU BA 138 -50.03 -38.17 -65.34
CA GLU BA 138 -49.85 -36.96 -64.55
C GLU BA 138 -50.98 -36.78 -63.56
N VAL BA 139 -52.21 -36.97 -64.01
CA VAL BA 139 -53.37 -36.72 -63.17
C VAL BA 139 -53.48 -37.77 -62.08
N VAL BA 140 -53.21 -39.03 -62.44
CA VAL BA 140 -53.23 -40.12 -61.47
C VAL BA 140 -52.14 -39.92 -60.42
N GLY BA 141 -50.96 -39.48 -60.85
CA GLY BA 141 -49.89 -39.23 -59.91
C GLY BA 141 -50.18 -38.07 -58.98
N GLU BA 142 -50.80 -37.01 -59.51
CA GLU BA 142 -51.10 -35.86 -58.66
C GLU BA 142 -52.17 -36.20 -57.63
N LEU BA 143 -53.17 -36.97 -58.03
CA LEU BA 143 -54.20 -37.32 -57.06
C LEU BA 143 -53.68 -38.29 -56.02
N ALA BA 144 -52.81 -39.23 -56.42
CA ALA BA 144 -52.21 -40.12 -55.43
C ALA BA 144 -51.31 -39.35 -54.48
N ALA BA 145 -50.58 -38.35 -54.99
CA ALA BA 145 -49.73 -37.54 -54.15
C ALA BA 145 -50.53 -36.69 -53.18
N ASN BA 146 -51.69 -36.20 -53.63
CA ASN BA 146 -52.56 -35.45 -52.73
C ASN BA 146 -53.13 -36.33 -51.64
N ILE BA 147 -53.36 -37.61 -51.95
CA ILE BA 147 -53.88 -38.49 -50.91
C ILE BA 147 -52.80 -38.86 -49.90
N ARG BA 148 -51.56 -39.08 -50.37
CA ARG BA 148 -50.49 -39.46 -49.44
C ARG BA 148 -50.09 -38.32 -48.51
N GLY BA 149 -50.27 -37.07 -48.97
CA GLY BA 149 -49.82 -35.94 -48.21
C GLY BA 149 -50.63 -35.64 -46.98
N VAL BA 150 -51.80 -36.24 -46.85
CA VAL BA 150 -52.60 -36.09 -45.65
C VAL BA 150 -51.87 -36.71 -44.46
N ARG BA 151 -51.31 -37.91 -44.65
CA ARG BA 151 -50.44 -38.52 -43.65
C ARG BA 151 -49.46 -39.45 -44.34
N PRO BA 152 -48.29 -38.96 -44.68
CA PRO BA 152 -47.20 -39.85 -45.10
C PRO BA 152 -46.69 -40.68 -43.94
N PRO BA 153 -45.97 -41.79 -44.20
CA PRO BA 153 -45.62 -42.70 -43.11
C PRO BA 153 -44.60 -42.19 -42.11
N GLU BA 154 -44.33 -42.98 -41.08
CA GLU BA 154 -43.40 -42.62 -40.02
C GLU BA 154 -42.43 -43.77 -39.77
N PRO BA 155 -41.21 -43.47 -39.33
CA PRO BA 155 -40.18 -44.52 -39.23
C PRO BA 155 -40.17 -45.28 -37.92
N TYR BA 156 -41.25 -45.28 -37.14
CA TYR BA 156 -41.28 -46.06 -35.93
C TYR BA 156 -42.22 -47.24 -36.02
N LYS BA 157 -43.49 -47.01 -36.33
CA LYS BA 157 -44.45 -48.08 -36.51
C LYS BA 157 -44.97 -48.18 -37.93
N GLY BA 158 -44.72 -47.20 -38.76
CA GLY BA 158 -45.11 -47.28 -40.15
C GLY BA 158 -46.59 -47.06 -40.34
N LYS BA 159 -47.10 -45.98 -39.79
CA LYS BA 159 -48.49 -45.60 -39.99
C LYS BA 159 -48.64 -44.89 -41.33
N GLY BA 160 -49.77 -44.25 -41.56
CA GLY BA 160 -49.95 -43.44 -42.76
C GLY BA 160 -50.14 -44.22 -44.05
N ILE BA 161 -50.46 -43.50 -45.10
CA ILE BA 161 -50.72 -44.11 -46.40
C ILE BA 161 -49.39 -44.44 -47.06
N ARG BA 162 -49.31 -45.61 -47.71
CA ARG BA 162 -48.11 -46.04 -48.40
C ARG BA 162 -48.37 -46.21 -49.89
N TYR BA 163 -47.36 -46.72 -50.58
CA TYR BA 163 -47.56 -47.41 -51.84
C TYR BA 163 -48.02 -48.83 -51.55
N VAL BA 164 -47.94 -49.67 -52.57
CA VAL BA 164 -47.89 -51.10 -52.31
C VAL BA 164 -46.54 -51.47 -51.72
N GLY BA 165 -45.46 -50.82 -52.16
CA GLY BA 165 -44.12 -51.27 -51.82
C GLY BA 165 -43.08 -50.27 -51.33
N GLU BA 166 -43.44 -49.30 -50.48
CA GLU BA 166 -42.41 -48.39 -49.96
C GLU BA 166 -41.45 -49.08 -49.01
N PHE BA 167 -40.23 -48.58 -48.99
CA PHE BA 167 -39.18 -49.06 -48.10
C PHE BA 167 -39.07 -48.16 -46.88
N VAL BA 168 -40.15 -48.14 -46.09
CA VAL BA 168 -40.18 -47.25 -44.94
C VAL BA 168 -39.27 -47.85 -43.88
N ARG BA 169 -38.04 -47.37 -43.83
CA ARG BA 169 -37.07 -47.98 -42.93
C ARG BA 169 -37.31 -47.49 -41.52
N ARG BA 170 -37.04 -48.36 -40.56
CA ARG BA 170 -37.63 -48.25 -39.24
C ARG BA 170 -36.54 -48.12 -38.18
N LYS BA 171 -36.68 -47.10 -37.35
CA LYS BA 171 -35.74 -46.83 -36.27
C LYS BA 171 -36.22 -47.55 -35.01
N GLU BA 172 -35.66 -47.20 -33.87
CA GLU BA 172 -36.12 -47.74 -32.60
C GLU BA 172 -36.38 -46.62 -31.61
N GLY BA 173 -37.43 -46.78 -30.82
CA GLY BA 173 -37.73 -45.87 -29.73
C GLY BA 173 -37.63 -46.60 -28.40
N LYS BA 174 -36.90 -46.00 -27.48
CA LYS BA 174 -36.80 -46.57 -26.14
C LYS BA 174 -38.10 -46.33 -25.39
N THR BA 175 -38.28 -47.06 -24.29
CA THR BA 175 -39.50 -46.95 -23.50
C THR BA 175 -39.29 -46.01 -22.31
N GLY BA 176 -38.90 -44.78 -22.63
CA GLY BA 176 -38.62 -43.80 -21.60
C GLY BA 176 -37.99 -42.53 -22.16
N MET CA 1 -22.40 35.78 -87.85
CA MET CA 1 -23.77 35.91 -88.29
C MET CA 1 -23.91 35.83 -89.80
N ARG CA 2 -24.30 34.68 -90.32
CA ARG CA 2 -24.61 34.55 -91.74
C ARG CA 2 -25.66 33.46 -91.87
N THR CA 3 -25.77 32.86 -93.06
CA THR CA 3 -26.98 32.18 -93.52
C THR CA 3 -26.94 30.69 -93.20
N THR CA 4 -27.59 30.29 -92.12
CA THR CA 4 -28.07 28.93 -91.91
C THR CA 4 -29.52 29.02 -91.45
N TYR CA 5 -30.30 27.99 -91.75
CA TYR CA 5 -31.73 28.05 -91.42
C TYR CA 5 -31.96 27.86 -89.95
N MET CA 6 -32.76 28.75 -89.38
CA MET CA 6 -33.25 28.61 -88.02
C MET CA 6 -34.76 28.64 -88.15
N ALA CA 7 -35.36 27.45 -88.11
CA ALA CA 7 -36.79 27.31 -88.38
C ALA CA 7 -37.62 27.92 -87.27
N LYS CA 8 -38.79 28.41 -87.65
CA LYS CA 8 -39.69 29.06 -86.72
C LYS CA 8 -40.65 28.01 -86.16
N ALA CA 9 -41.65 28.45 -85.39
CA ALA CA 9 -42.53 27.50 -84.73
C ALA CA 9 -43.57 26.92 -85.68
N GLY CA 10 -44.08 27.73 -86.60
CA GLY CA 10 -45.13 27.28 -87.50
C GLY CA 10 -44.69 27.16 -88.94
N GLU CA 11 -43.49 26.65 -89.16
CA GLU CA 11 -43.01 26.43 -90.52
C GLU CA 11 -43.01 24.96 -90.92
N VAL CA 12 -42.78 24.06 -89.98
CA VAL CA 12 -42.58 22.64 -90.28
C VAL CA 12 -43.89 21.91 -90.02
N GLU CA 13 -44.39 21.23 -91.03
CA GLU CA 13 -45.59 20.43 -90.85
C GLU CA 13 -45.28 19.14 -90.12
N ARG CA 14 -46.24 18.69 -89.34
CA ARG CA 14 -46.14 17.48 -88.54
C ARG CA 14 -46.92 16.37 -89.22
N LYS CA 15 -46.62 15.13 -88.84
CA LYS CA 15 -47.34 14.00 -89.39
C LYS CA 15 -47.76 13.08 -88.26
N TRP CA 16 -48.36 11.95 -88.63
CA TRP CA 16 -48.85 10.96 -87.68
C TRP CA 16 -48.43 9.59 -88.16
N TYR CA 17 -47.75 8.85 -87.29
CA TYR CA 17 -47.18 7.56 -87.63
C TYR CA 17 -47.74 6.47 -86.73
N VAL CA 18 -47.79 5.25 -87.25
CA VAL CA 18 -48.32 4.10 -86.53
C VAL CA 18 -47.23 3.04 -86.47
N VAL CA 19 -46.98 2.50 -85.28
CA VAL CA 19 -45.91 1.54 -85.07
C VAL CA 19 -46.44 0.34 -84.30
N ASP CA 20 -46.27 -0.86 -84.86
CA ASP CA 20 -46.61 -2.08 -84.12
C ASP CA 20 -45.52 -2.44 -83.12
N ALA CA 21 -45.82 -3.42 -82.29
CA ALA CA 21 -44.84 -3.88 -81.33
C ALA CA 21 -44.91 -5.38 -81.14
N THR CA 22 -45.24 -6.12 -82.18
CA THR CA 22 -45.37 -7.57 -82.06
C THR CA 22 -43.98 -8.17 -82.09
N ASP CA 23 -43.51 -8.58 -80.90
CA ASP CA 23 -42.27 -9.35 -80.70
C ASP CA 23 -41.05 -8.60 -81.22
N VAL CA 24 -40.85 -7.41 -80.65
CA VAL CA 24 -39.66 -6.62 -80.83
C VAL CA 24 -39.26 -6.29 -79.40
N PRO CA 25 -37.98 -6.25 -79.03
CA PRO CA 25 -37.62 -5.89 -77.65
C PRO CA 25 -37.86 -4.41 -77.36
N LEU CA 26 -37.74 -4.05 -76.09
CA LEU CA 26 -38.06 -2.69 -75.65
C LEU CA 26 -37.06 -1.67 -76.16
N GLY CA 27 -35.78 -1.97 -76.10
CA GLY CA 27 -34.77 -0.96 -76.31
C GLY CA 27 -34.78 -0.39 -77.72
N ARG CA 28 -35.08 -1.23 -78.69
CA ARG CA 28 -34.97 -0.78 -80.07
C ARG CA 28 -36.23 -0.07 -80.54
N LEU CA 29 -37.40 -0.50 -80.05
CA LEU CA 29 -38.62 0.25 -80.25
C LEU CA 29 -38.50 1.65 -79.67
N SER CA 30 -38.07 1.72 -78.42
CA SER CA 30 -37.92 2.99 -77.74
C SER CA 30 -36.86 3.86 -78.40
N ALA CA 31 -35.81 3.26 -78.95
CA ALA CA 31 -34.77 4.06 -79.59
C ALA CA 31 -35.27 4.71 -80.87
N VAL CA 32 -35.94 3.93 -81.72
CA VAL CA 32 -36.44 4.51 -82.96
C VAL CA 32 -37.54 5.53 -82.68
N VAL CA 33 -38.41 5.23 -81.71
CA VAL CA 33 -39.49 6.14 -81.36
C VAL CA 33 -38.95 7.44 -80.78
N ALA CA 34 -37.94 7.36 -79.91
CA ALA CA 34 -37.42 8.58 -79.32
C ALA CA 34 -36.57 9.38 -80.30
N SER CA 35 -35.97 8.72 -81.28
CA SER CA 35 -35.29 9.51 -82.32
C SER CA 35 -36.27 10.12 -83.29
N VAL CA 36 -37.51 9.64 -83.34
CA VAL CA 36 -38.51 10.31 -84.16
C VAL CA 36 -38.90 11.65 -83.57
N LEU CA 37 -39.14 11.70 -82.26
CA LEU CA 37 -39.86 12.83 -81.69
C LEU CA 37 -39.04 14.10 -81.61
N ARG CA 38 -37.71 14.03 -81.64
CA ARG CA 38 -36.95 15.28 -81.61
C ARG CA 38 -36.96 15.99 -82.94
N GLY CA 39 -37.19 15.26 -84.02
CA GLY CA 39 -37.19 15.91 -85.31
C GLY CA 39 -36.09 15.39 -86.19
N LYS CA 40 -35.47 14.29 -85.77
CA LYS CA 40 -34.55 13.64 -86.68
C LYS CA 40 -35.34 12.94 -87.78
N ASN CA 41 -34.60 12.45 -88.78
CA ASN CA 41 -35.10 12.03 -90.09
C ASN CA 41 -35.79 13.16 -90.82
N LYS CA 42 -35.46 14.40 -90.50
CA LYS CA 42 -35.96 15.53 -91.22
C LYS CA 42 -34.75 16.46 -91.26
N PRO CA 43 -34.40 17.00 -92.43
CA PRO CA 43 -33.20 17.83 -92.52
C PRO CA 43 -33.34 19.24 -91.98
N THR CA 44 -34.40 19.54 -91.23
CA THR CA 44 -34.67 20.91 -90.86
C THR CA 44 -34.67 21.08 -89.35
N PHE CA 45 -33.61 20.62 -88.67
CA PHE CA 45 -33.48 20.85 -87.24
C PHE CA 45 -33.55 22.31 -86.85
N THR CA 46 -34.03 22.50 -85.63
CA THR CA 46 -33.46 23.43 -84.67
C THR CA 46 -33.24 22.61 -83.42
N PRO CA 47 -32.42 23.07 -82.53
CA PRO CA 47 -32.50 22.58 -81.15
C PRO CA 47 -33.39 23.45 -80.29
N HIS CA 48 -34.31 24.21 -80.90
CA HIS CA 48 -35.29 24.99 -80.17
C HIS CA 48 -36.71 24.48 -80.32
N VAL CA 49 -37.10 24.14 -81.53
CA VAL CA 49 -38.50 24.07 -81.91
C VAL CA 49 -38.88 22.62 -82.07
N ASP CA 50 -40.12 22.29 -81.69
CA ASP CA 50 -40.60 20.93 -81.89
C ASP CA 50 -40.80 20.67 -83.36
N THR CA 51 -39.78 20.14 -84.00
CA THR CA 51 -39.87 19.73 -85.38
C THR CA 51 -40.23 18.27 -85.50
N GLY CA 52 -40.55 17.62 -84.39
CA GLY CA 52 -40.82 16.20 -84.37
C GLY CA 52 -42.19 15.87 -84.90
N ASP CA 53 -42.59 14.62 -84.67
CA ASP CA 53 -43.83 14.12 -85.24
C ASP CA 53 -44.72 13.57 -84.16
N PHE CA 54 -45.76 12.84 -84.54
CA PHE CA 54 -46.62 12.19 -83.58
C PHE CA 54 -46.53 10.69 -83.80
N VAL CA 55 -46.49 9.93 -82.70
CA VAL CA 55 -46.27 8.49 -82.76
C VAL CA 55 -47.37 7.81 -81.97
N ILE CA 56 -48.03 6.84 -82.60
CA ILE CA 56 -49.05 6.03 -81.97
C ILE CA 56 -48.50 4.61 -81.88
N VAL CA 57 -48.75 3.94 -80.77
CA VAL CA 57 -48.20 2.61 -80.51
C VAL CA 57 -49.33 1.61 -80.35
N ILE CA 58 -49.28 0.53 -81.12
CA ILE CA 58 -50.26 -0.55 -81.10
C ILE CA 58 -49.61 -1.79 -80.50
N ASN CA 59 -50.39 -2.55 -79.73
CA ASN CA 59 -50.01 -3.87 -79.21
C ASN CA 59 -48.83 -3.78 -78.24
N ALA CA 60 -49.05 -3.10 -77.13
CA ALA CA 60 -48.06 -3.06 -76.07
C ALA CA 60 -48.07 -4.31 -75.19
N ASP CA 61 -48.81 -5.35 -75.56
CA ASP CA 61 -48.82 -6.59 -74.81
N LYS CA 62 -47.34 -7.36 -76.57
CA LYS CA 62 -46.63 -8.36 -77.34
C LYS CA 62 -45.18 -7.96 -77.55
N VAL CA 63 -44.64 -7.18 -76.63
CA VAL CA 63 -43.25 -6.75 -76.67
C VAL CA 63 -42.40 -7.82 -76.01
N LYS CA 64 -41.29 -8.19 -76.64
CA LYS CA 64 -40.41 -9.18 -76.03
C LYS CA 64 -39.65 -8.62 -74.85
N LEU CA 65 -39.15 -9.53 -74.04
CA LEU CA 65 -38.10 -9.27 -73.06
C LEU CA 65 -37.11 -10.41 -73.19
N THR CA 66 -35.94 -10.11 -73.73
CA THR CA 66 -35.09 -11.15 -74.32
C THR CA 66 -34.39 -11.96 -73.26
N GLY CA 67 -34.38 -13.27 -73.46
CA GLY CA 67 -33.86 -14.20 -72.47
C GLY CA 67 -34.73 -14.18 -71.24
N LYS CA 68 -34.13 -13.86 -70.11
CA LYS CA 68 -34.87 -13.52 -68.91
C LYS CA 68 -35.29 -12.06 -68.98
N LYS CA 69 -35.49 -11.44 -67.80
CA LYS CA 69 -36.05 -10.10 -67.50
C LYS CA 69 -37.56 -10.17 -67.49
N ALA CA 70 -38.15 -11.34 -67.62
CA ALA CA 70 -39.57 -11.46 -67.36
C ALA CA 70 -39.87 -11.26 -65.89
N THR CA 71 -38.97 -11.71 -65.02
CA THR CA 71 -39.11 -11.57 -63.58
C THR CA 71 -37.94 -10.82 -62.96
N ASP CA 72 -37.23 -10.03 -63.73
CA ASP CA 72 -35.95 -9.58 -63.19
C ASP CA 72 -35.76 -8.07 -63.17
N LYS CA 73 -36.15 -7.35 -64.23
CA LYS CA 73 -35.94 -5.92 -64.21
C LYS CA 73 -36.90 -5.22 -63.27
N ILE CA 74 -36.52 -5.15 -62.01
CA ILE CA 74 -37.36 -4.59 -60.97
C ILE CA 74 -37.32 -3.08 -61.10
N TYR CA 75 -38.48 -2.46 -61.27
CA TYR CA 75 -38.48 -1.01 -61.19
C TYR CA 75 -38.52 -0.59 -59.72
N TYR CA 76 -38.26 0.68 -59.47
CA TYR CA 76 -38.27 1.14 -58.10
C TYR CA 76 -38.88 2.53 -58.03
N ARG CA 77 -39.74 2.73 -57.05
CA ARG CA 77 -40.26 4.05 -56.74
C ARG CA 77 -40.08 4.31 -55.26
N HIS CA 78 -39.72 5.53 -54.93
CA HIS CA 78 -39.63 5.92 -53.54
C HIS CA 78 -40.54 7.11 -53.34
N SER CA 79 -41.13 7.20 -52.16
CA SER CA 79 -42.25 8.09 -51.95
C SER CA 79 -41.92 9.25 -51.03
N MET CA 80 -40.64 9.54 -50.82
CA MET CA 80 -40.15 10.68 -50.02
C MET CA 80 -40.54 10.56 -48.54
N TYR CA 81 -40.93 9.39 -48.10
CA TYR CA 81 -41.30 9.06 -46.73
C TYR CA 81 -40.36 7.96 -46.26
N PRO CA 82 -40.15 7.80 -44.94
CA PRO CA 82 -39.12 6.86 -44.49
C PRO CA 82 -39.49 5.42 -44.80
N GLY CA 83 -38.53 4.71 -45.39
CA GLY CA 83 -38.70 3.32 -45.75
C GLY CA 83 -39.65 3.07 -46.88
N GLY CA 84 -39.93 4.08 -47.69
CA GLY CA 84 -41.03 3.98 -48.61
C GLY CA 84 -40.71 3.41 -49.97
N LEU CA 85 -39.65 2.62 -50.10
CA LEU CA 85 -39.36 2.00 -51.40
C LEU CA 85 -40.43 1.01 -51.78
N LYS CA 86 -40.97 1.17 -52.97
CA LYS CA 86 -42.00 0.30 -53.47
C LYS CA 86 -41.52 -0.26 -54.79
N SER CA 87 -41.12 -1.52 -54.78
CA SER CA 87 -40.63 -2.22 -55.95
C SER CA 87 -41.73 -3.02 -56.59
N VAL CA 88 -42.94 -2.42 -56.59
CA VAL CA 88 -44.19 -3.15 -56.80
C VAL CA 88 -44.24 -3.81 -58.17
N THR CA 89 -43.51 -3.28 -59.14
CA THR CA 89 -43.54 -3.86 -60.45
C THR CA 89 -42.32 -4.74 -60.69
N ALA CA 90 -42.39 -5.44 -61.80
CA ALA CA 90 -41.44 -6.42 -62.29
C ALA CA 90 -41.64 -6.38 -63.79
N GLY CA 91 -41.43 -7.50 -64.47
CA GLY CA 91 -42.05 -7.65 -65.77
C GLY CA 91 -43.56 -7.92 -65.75
N GLU CA 92 -44.22 -7.73 -64.61
CA GLU CA 92 -45.66 -7.80 -64.51
C GLU CA 92 -46.37 -6.72 -65.30
N LEU CA 93 -45.68 -5.62 -65.62
CA LEU CA 93 -46.34 -4.54 -66.32
C LEU CA 93 -46.66 -4.88 -67.76
N ARG CA 94 -46.12 -5.98 -68.28
CA ARG CA 94 -46.62 -6.52 -69.54
C ARG CA 94 -48.10 -6.85 -69.45
N ASP CA 95 -48.54 -7.44 -68.33
CA ASP CA 95 -49.93 -7.84 -68.20
C ASP CA 95 -50.83 -6.64 -67.95
N LYS CA 96 -50.52 -5.85 -66.95
CA LYS CA 96 -51.35 -4.72 -66.52
C LYS CA 96 -50.55 -3.44 -66.68
N ASN CA 97 -51.21 -2.38 -67.16
CA ASN CA 97 -50.59 -1.08 -67.46
C ASN CA 97 -49.44 -1.23 -68.44
N SER CA 98 -49.69 -1.88 -69.57
CA SER CA 98 -48.62 -1.91 -70.55
C SER CA 98 -48.45 -0.59 -71.27
N ARG CA 99 -49.34 0.37 -71.02
CA ARG CA 99 -49.02 1.77 -71.24
C ARG CA 99 -47.81 2.19 -70.42
N ARG CA 100 -47.70 1.70 -69.18
CA ARG CA 100 -46.73 2.26 -68.24
C ARG CA 100 -45.31 1.76 -68.52
N LEU CA 101 -45.15 0.68 -69.29
CA LEU CA 101 -43.81 0.29 -69.70
C LEU CA 101 -43.19 1.33 -70.61
N ILE CA 102 -43.83 1.57 -71.75
CA ILE CA 102 -43.23 2.39 -72.77
C ILE CA 102 -43.21 3.84 -72.35
N GLU CA 103 -44.14 4.26 -71.50
CA GLU CA 103 -44.07 5.61 -70.97
C GLU CA 103 -42.99 5.82 -69.93
N THR CA 104 -42.28 4.78 -69.50
CA THR CA 104 -41.07 4.99 -68.72
C THR CA 104 -39.82 4.81 -69.57
N SER CA 105 -39.76 3.73 -70.33
CA SER CA 105 -38.59 3.43 -71.13
C SER CA 105 -38.54 4.23 -72.42
N VAL CA 106 -39.41 5.21 -72.61
CA VAL CA 106 -39.18 6.26 -73.57
C VAL CA 106 -38.86 7.58 -72.90
N LYS CA 107 -39.46 7.88 -71.74
CA LYS CA 107 -39.16 9.11 -71.03
C LYS CA 107 -37.71 9.14 -70.59
N GLY CA 108 -37.12 7.98 -70.30
CA GLY CA 108 -35.69 7.95 -70.05
C GLY CA 108 -34.86 8.32 -71.25
N MET CA 109 -35.34 8.03 -72.44
CA MET CA 109 -34.55 8.20 -73.64
C MET CA 109 -34.48 9.65 -74.11
N LEU CA 110 -35.26 10.52 -73.53
CA LEU CA 110 -35.41 11.89 -73.99
C LEU CA 110 -34.60 12.83 -73.11
N PRO CA 111 -34.31 14.05 -73.55
CA PRO CA 111 -33.74 15.05 -72.65
C PRO CA 111 -34.73 15.46 -71.57
N LYS CA 112 -34.22 16.18 -70.59
CA LYS CA 112 -35.06 16.59 -69.48
C LYS CA 112 -35.09 18.10 -69.37
N ASN CA 113 -35.22 18.74 -70.52
CA ASN CA 113 -35.50 20.16 -70.65
C ASN CA 113 -37.00 20.38 -70.50
N THR CA 114 -37.48 21.55 -70.92
CA THR CA 114 -38.91 21.67 -71.16
C THR CA 114 -39.30 21.04 -72.49
N LEU CA 115 -38.36 20.93 -73.43
CA LEU CA 115 -38.66 20.22 -74.66
C LEU CA 115 -38.74 18.72 -74.44
N GLY CA 116 -38.13 18.22 -73.37
CA GLY CA 116 -38.34 16.85 -72.99
C GLY CA 116 -39.64 16.58 -72.29
N ARG CA 117 -40.56 17.52 -72.35
CA ARG CA 117 -41.93 17.43 -71.90
C ARG CA 117 -42.92 17.71 -73.01
N LYS CA 118 -42.70 18.76 -73.79
CA LYS CA 118 -43.49 18.95 -74.99
C LYS CA 118 -43.20 17.92 -76.07
N GLN CA 119 -42.05 17.26 -76.03
CA GLN CA 119 -41.82 16.16 -76.95
C GLN CA 119 -42.24 14.84 -76.38
N PHE CA 120 -42.68 14.79 -75.14
CA PHE CA 120 -43.19 13.55 -74.59
C PHE CA 120 -44.70 13.42 -74.73
N THR CA 121 -45.42 14.53 -74.75
CA THR CA 121 -46.88 14.46 -74.84
C THR CA 121 -47.37 14.20 -76.24
N LYS CA 122 -46.51 13.82 -77.16
CA LYS CA 122 -46.93 13.42 -78.48
C LYS CA 122 -47.00 11.92 -78.63
N LEU CA 123 -46.54 11.16 -77.65
CA LEU CA 123 -46.81 9.73 -77.65
C LEU CA 123 -48.27 9.43 -77.35
N ASN CA 124 -48.73 8.31 -77.90
CA ASN CA 124 -49.98 7.69 -77.50
C ASN CA 124 -49.71 6.20 -77.51
N VAL CA 125 -49.91 5.54 -76.38
CA VAL CA 125 -49.57 4.14 -76.24
C VAL CA 125 -50.85 3.37 -75.95
N TYR CA 126 -51.17 2.40 -76.81
CA TYR CA 126 -52.35 1.57 -76.61
C TYR CA 126 -51.94 0.11 -76.62
N GLY CA 127 -52.37 -0.62 -75.59
CA GLY CA 127 -52.06 -2.03 -75.54
C GLY CA 127 -52.85 -2.86 -76.52
N GLY CA 128 -54.00 -2.36 -76.96
CA GLY CA 128 -54.85 -3.11 -77.87
C GLY CA 128 -54.44 -3.00 -79.32
N ALA CA 129 -55.41 -2.82 -80.21
CA ALA CA 129 -55.11 -2.64 -81.62
C ALA CA 129 -56.04 -1.63 -82.27
N GLU CA 130 -56.47 -0.62 -81.52
CA GLU CA 130 -57.46 0.34 -82.00
C GLU CA 130 -56.92 1.76 -81.99
N HIS CA 131 -57.20 2.50 -83.05
CA HIS CA 131 -57.03 3.93 -83.04
C HIS CA 131 -58.32 4.59 -82.62
N PRO CA 132 -58.35 5.30 -81.50
CA PRO CA 132 -59.36 6.35 -81.36
C PRO CA 132 -59.04 7.58 -82.16
N HIS CA 133 -57.84 7.65 -82.76
CA HIS CA 133 -57.35 8.84 -83.43
C HIS CA 133 -57.44 8.71 -84.95
N ALA CA 134 -58.46 8.04 -85.46
CA ALA CA 134 -58.57 7.85 -86.90
C ALA CA 134 -59.01 9.10 -87.64
N ALA CA 135 -59.33 10.18 -86.93
CA ALA CA 135 -59.72 11.43 -87.54
C ALA CA 135 -58.55 12.20 -88.12
N GLN CA 136 -57.33 11.72 -87.94
CA GLN CA 136 -56.14 12.48 -88.24
C GLN CA 136 -55.26 11.81 -89.28
N GLN CA 137 -55.69 10.70 -89.82
CA GLN CA 137 -55.13 9.98 -90.96
C GLN CA 137 -53.66 9.59 -90.79
N PRO CA 138 -53.33 8.68 -89.88
CA PRO CA 138 -51.93 8.37 -89.64
C PRO CA 138 -51.38 7.35 -90.63
N GLU CA 139 -50.06 7.40 -90.82
CA GLU CA 139 -49.35 6.54 -91.74
C GLU CA 139 -48.62 5.44 -90.96
N VAL CA 140 -47.98 4.54 -91.70
CA VAL CA 140 -47.35 3.36 -91.14
C VAL CA 140 -45.86 3.41 -91.43
N LEU CA 141 -45.04 3.13 -90.43
CA LEU CA 141 -43.61 2.95 -90.60
C LEU CA 141 -43.28 1.48 -90.80
N ASP CA 142 -42.06 1.22 -91.27
CA ASP CA 142 -41.53 -0.13 -91.33
C ASP CA 142 -40.20 -0.19 -90.60
N ILE CA 143 -40.13 -1.00 -89.56
CA ILE CA 143 -38.94 -1.12 -88.73
C ILE CA 143 -38.14 -2.33 -89.21
N THR CA 144 -37.00 -2.04 -89.85
CA THR CA 144 -35.93 -3.00 -90.01
C THR CA 144 -34.75 -2.47 -89.20
N ASN CA 145 -35.03 -2.07 -87.96
CA ASN CA 145 -34.06 -1.40 -87.12
C ASN CA 145 -33.91 -2.11 -85.78
N MET DA 1 -57.27 -0.50 -8.49
CA MET DA 1 -56.13 0.39 -8.66
C MET DA 1 -55.08 0.08 -7.61
N ILE DA 2 -54.51 -1.11 -7.68
CA ILE DA 2 -53.45 -1.54 -6.78
C ILE DA 2 -52.20 -1.84 -7.59
N GLN DA 3 -51.08 -1.26 -7.18
CA GLN DA 3 -49.85 -1.26 -7.96
C GLN DA 3 -48.68 -1.82 -7.18
N GLN DA 4 -47.48 -1.64 -7.72
CA GLN DA 4 -46.28 -1.90 -6.95
C GLN DA 4 -46.18 -0.92 -5.80
N GLU DA 5 -45.70 -1.43 -4.67
CA GLU DA 5 -45.41 -0.67 -3.45
C GLU DA 5 -46.67 0.00 -2.90
N SER DA 6 -47.70 -0.82 -2.70
CA SER DA 6 -48.95 -0.40 -2.09
C SER DA 6 -49.33 -1.40 -1.01
N ARG DA 7 -49.83 -0.89 0.10
CA ARG DA 7 -49.98 -1.70 1.30
C ARG DA 7 -51.40 -2.21 1.45
N LEU DA 8 -51.52 -3.52 1.56
CA LEU DA 8 -52.78 -4.22 1.71
C LEU DA 8 -53.00 -4.52 3.18
N ARG DA 9 -53.99 -5.36 3.47
CA ARG DA 9 -54.04 -6.00 4.77
C ARG DA 9 -54.29 -7.49 4.65
N VAL DA 10 -54.12 -8.17 5.76
CA VAL DA 10 -54.35 -9.61 5.83
C VAL DA 10 -55.65 -9.82 6.58
N ALA DA 11 -56.46 -10.75 6.09
CA ALA DA 11 -57.68 -11.09 6.81
C ALA DA 11 -57.70 -12.56 7.18
N ASP DA 12 -56.62 -13.08 7.76
CA ASP DA 12 -56.54 -14.51 8.04
C ASP DA 12 -56.13 -14.75 9.48
N ASN DA 13 -56.12 -16.04 9.84
CA ASN DA 13 -55.32 -16.55 10.94
C ASN DA 13 -54.00 -17.07 10.38
N SER DA 14 -53.15 -16.16 9.95
CA SER DA 14 -51.84 -16.58 9.48
C SER DA 14 -50.74 -15.63 9.92
N GLY DA 15 -50.99 -14.80 10.94
CA GLY DA 15 -49.93 -14.12 11.63
C GLY DA 15 -49.24 -13.01 10.88
N ALA DA 16 -49.89 -12.43 9.87
CA ALA DA 16 -49.38 -11.27 9.17
C ALA DA 16 -50.41 -10.16 9.26
N ARG DA 17 -49.96 -8.92 9.18
CA ARG DA 17 -50.90 -7.80 9.17
C ARG DA 17 -50.85 -7.02 7.86
N GLU DA 18 -49.70 -6.51 7.48
CA GLU DA 18 -49.60 -5.74 6.26
C GLU DA 18 -48.64 -6.40 5.29
N ILE DA 19 -48.67 -5.92 4.07
CA ILE DA 19 -48.04 -6.56 2.92
C ILE DA 19 -47.73 -5.48 1.88
N LEU DA 20 -46.52 -5.50 1.31
CA LEU DA 20 -46.30 -4.76 0.07
C LEU DA 20 -46.53 -5.65 -1.12
N THR DA 21 -46.92 -5.01 -2.23
CA THR DA 21 -46.95 -5.74 -3.47
C THR DA 21 -45.56 -5.81 -4.07
N ILE DA 22 -45.36 -6.78 -4.93
CA ILE DA 22 -44.17 -6.82 -5.74
C ILE DA 22 -44.61 -6.80 -7.19
N LYS DA 23 -45.40 -7.78 -7.61
CA LYS DA 23 -45.90 -7.75 -8.97
C LYS DA 23 -47.38 -8.10 -9.02
N VAL DA 24 -47.92 -7.95 -10.22
CA VAL DA 24 -49.34 -7.91 -10.54
C VAL DA 24 -49.61 -8.98 -11.60
N LEU DA 25 -49.16 -10.21 -11.33
CA LEU DA 25 -49.03 -11.36 -12.23
C LEU DA 25 -50.04 -11.53 -13.35
N GLY DA 26 -49.57 -11.89 -14.53
CA GLY DA 26 -50.44 -12.17 -15.66
C GLY DA 26 -50.46 -11.02 -16.63
N GLY DA 27 -49.65 -11.13 -17.67
CA GLY DA 27 -49.42 -10.04 -18.59
C GLY DA 27 -47.96 -9.66 -18.63
N SER DA 28 -47.65 -8.70 -19.50
CA SER DA 28 -46.28 -8.32 -19.77
C SER DA 28 -46.11 -6.83 -19.52
N GLY DA 29 -46.49 -6.38 -18.34
CA GLY DA 29 -46.47 -4.96 -18.07
C GLY DA 29 -47.80 -4.43 -17.58
N ARG DA 30 -48.57 -5.26 -16.88
CA ARG DA 30 -49.83 -4.81 -16.33
C ARG DA 30 -49.60 -3.79 -15.23
N LYS DA 31 -50.38 -2.70 -15.28
CA LYS DA 31 -50.25 -1.62 -14.32
C LYS DA 31 -50.93 -1.95 -13.00
N THR DA 32 -52.25 -2.17 -13.06
CA THR DA 32 -53.15 -2.11 -11.91
C THR DA 32 -53.77 -3.47 -11.64
N ALA DA 33 -54.63 -3.52 -10.62
CA ALA DA 33 -55.37 -4.74 -10.30
C ALA DA 33 -56.68 -4.37 -9.64
N ASN DA 34 -57.62 -5.31 -9.68
CA ASN DA 34 -58.93 -5.14 -9.06
C ASN DA 34 -59.22 -6.33 -8.15
N ILE DA 35 -60.46 -6.45 -7.70
CA ILE DA 35 -60.84 -7.56 -6.84
C ILE DA 35 -60.80 -8.87 -7.61
N GLY DA 36 -60.05 -9.84 -7.11
CA GLY DA 36 -60.01 -11.16 -7.71
C GLY DA 36 -58.80 -11.41 -8.58
N ASP DA 37 -57.63 -10.97 -8.12
CA ASP DA 37 -56.38 -11.10 -8.85
C ASP DA 37 -55.30 -11.62 -7.91
N VAL DA 38 -54.15 -11.99 -8.46
CA VAL DA 38 -53.12 -12.70 -7.71
C VAL DA 38 -51.86 -11.83 -7.65
N ILE DA 39 -51.28 -11.70 -6.47
CA ILE DA 39 -50.19 -10.78 -6.19
C ILE DA 39 -49.00 -11.54 -5.63
N VAL DA 40 -47.80 -11.24 -6.12
CA VAL DA 40 -46.56 -11.65 -5.45
C VAL DA 40 -46.22 -10.60 -4.40
N ALA DA 41 -45.87 -11.03 -3.20
CA ALA DA 41 -45.84 -10.06 -2.11
C ALA DA 41 -44.85 -10.48 -1.04
N THR DA 42 -44.60 -9.58 -0.08
CA THR DA 42 -43.79 -9.84 1.11
C THR DA 42 -44.60 -9.50 2.36
N VAL DA 43 -44.06 -9.87 3.50
CA VAL DA 43 -44.74 -9.76 4.78
C VAL DA 43 -43.97 -8.75 5.62
N LYS DA 44 -44.58 -7.60 5.90
CA LYS DA 44 -43.81 -6.55 6.53
C LYS DA 44 -44.18 -6.25 7.97
N GLN DA 45 -45.32 -6.70 8.44
CA GLN DA 45 -45.57 -6.73 9.88
C GLN DA 45 -46.17 -8.06 10.26
N ALA DA 46 -46.02 -8.42 11.52
CA ALA DA 46 -46.45 -9.73 11.96
C ALA DA 46 -46.78 -9.70 13.44
N THR DA 47 -47.90 -10.30 13.79
CA THR DA 47 -48.10 -10.71 15.16
C THR DA 47 -47.12 -11.82 15.48
N PRO DA 48 -46.60 -11.89 16.69
CA PRO DA 48 -45.62 -12.93 17.02
C PRO DA 48 -46.28 -14.29 17.09
N GLY DA 49 -45.49 -15.31 16.78
CA GLY DA 49 -46.03 -16.63 16.56
C GLY DA 49 -46.42 -16.80 15.11
N GLY DA 50 -47.35 -17.68 14.82
CA GLY DA 50 -47.89 -17.80 13.49
C GLY DA 50 -46.99 -18.55 12.54
N VAL DA 51 -47.59 -19.02 11.45
CA VAL DA 51 -46.87 -19.79 10.44
C VAL DA 51 -46.05 -18.87 9.56
N VAL DA 52 -46.61 -17.73 9.18
CA VAL DA 52 -46.03 -16.86 8.18
C VAL DA 52 -45.27 -15.73 8.85
N LYS DA 53 -43.98 -15.62 8.58
CA LYS DA 53 -43.11 -14.64 9.20
C LYS DA 53 -42.73 -13.57 8.20
N LYS DA 54 -41.86 -12.64 8.60
CA LYS DA 54 -41.41 -11.60 7.70
C LYS DA 54 -40.52 -12.17 6.61
N GLY DA 55 -40.24 -11.33 5.62
CA GLY DA 55 -39.21 -11.60 4.64
C GLY DA 55 -39.49 -12.75 3.72
N GLU DA 56 -40.75 -13.10 3.51
CA GLU DA 56 -41.10 -14.25 2.71
C GLU DA 56 -41.81 -13.81 1.44
N VAL DA 57 -41.37 -14.37 0.31
CA VAL DA 57 -42.11 -14.19 -0.93
C VAL DA 57 -43.41 -14.98 -0.84
N VAL DA 58 -44.53 -14.26 -0.83
CA VAL DA 58 -45.83 -14.83 -0.49
C VAL DA 58 -46.83 -14.42 -1.56
N LYS DA 59 -47.54 -15.39 -2.11
CA LYS DA 59 -48.63 -15.06 -3.01
C LYS DA 59 -49.91 -14.82 -2.23
N ALA DA 60 -50.79 -14.01 -2.81
CA ALA DA 60 -52.03 -13.63 -2.14
C ALA DA 60 -53.05 -13.24 -3.19
N VAL DA 61 -54.24 -12.88 -2.72
CA VAL DA 61 -55.39 -12.56 -3.57
C VAL DA 61 -56.17 -11.40 -2.98
N ILE DA 62 -56.53 -10.44 -3.83
CA ILE DA 62 -57.14 -9.20 -3.39
C ILE DA 62 -58.62 -9.41 -3.11
N VAL DA 63 -59.04 -9.01 -1.93
CA VAL DA 63 -60.44 -8.87 -1.56
C VAL DA 63 -60.66 -7.41 -1.19
N ARG DA 64 -61.78 -6.84 -1.64
CA ARG DA 64 -62.35 -5.57 -1.14
C ARG DA 64 -61.37 -4.38 -1.28
N THR DA 65 -61.19 -3.94 -2.53
CA THR DA 65 -60.51 -2.68 -2.74
C THR DA 65 -61.43 -1.50 -2.40
N LYS DA 66 -60.85 -0.30 -2.41
CA LYS DA 66 -61.61 0.92 -2.24
C LYS DA 66 -62.15 1.46 -3.54
N SER DA 67 -62.10 0.66 -4.60
CA SER DA 67 -62.76 1.02 -5.85
C SER DA 67 -63.20 -0.30 -6.45
N GLY DA 68 -64.44 -0.71 -6.18
CA GLY DA 68 -64.90 -2.02 -6.56
C GLY DA 68 -65.28 -2.15 -8.01
N ALA DA 69 -66.35 -2.86 -8.31
CA ALA DA 69 -66.61 -3.28 -9.67
C ALA DA 69 -68.00 -2.91 -10.14
N ARG DA 70 -68.08 -2.50 -11.39
CA ARG DA 70 -69.32 -2.54 -12.13
C ARG DA 70 -69.83 -3.97 -12.20
N ARG DA 71 -71.13 -4.14 -12.12
CA ARG DA 71 -71.76 -5.38 -12.51
C ARG DA 71 -72.68 -5.13 -13.71
N ALA DA 72 -73.07 -6.22 -14.36
CA ALA DA 72 -73.90 -6.10 -15.56
C ALA DA 72 -75.30 -5.60 -15.24
N ASP DA 73 -75.73 -5.69 -13.99
CA ASP DA 73 -76.95 -5.03 -13.56
C ASP DA 73 -76.84 -3.52 -13.70
N GLY DA 74 -75.82 -2.95 -13.10
CA GLY DA 74 -75.65 -1.51 -13.10
C GLY DA 74 -75.35 -0.97 -11.72
N SER DA 75 -75.02 -1.85 -10.79
CA SER DA 75 -74.74 -1.43 -9.44
C SER DA 75 -73.25 -1.55 -9.15
N TYR DA 76 -72.78 -0.75 -8.19
CA TYR DA 76 -71.37 -0.70 -7.85
C TYR DA 76 -71.20 -1.03 -6.37
N ILE DA 77 -69.98 -1.38 -5.98
CA ILE DA 77 -69.62 -1.55 -4.57
C ILE DA 77 -68.38 -0.72 -4.31
N LYS DA 78 -68.35 -0.02 -3.19
CA LYS DA 78 -67.15 0.67 -2.75
C LYS DA 78 -66.90 0.35 -1.30
N PHE DA 79 -65.83 -0.40 -1.03
CA PHE DA 79 -65.47 -0.74 0.33
C PHE DA 79 -64.71 0.43 0.96
N ASP DA 80 -64.08 0.20 2.11
CA ASP DA 80 -63.35 1.26 2.78
C ASP DA 80 -61.88 0.96 3.00
N GLU DA 81 -61.45 -0.28 2.92
CA GLU DA 81 -60.04 -0.58 3.15
C GLU DA 81 -59.48 -1.36 1.98
N ASN DA 82 -58.30 -1.93 2.16
CA ASN DA 82 -57.71 -2.85 1.19
C ASN DA 82 -57.22 -4.06 1.97
N ALA DA 83 -57.61 -5.26 1.53
CA ALA DA 83 -57.24 -6.46 2.27
C ALA DA 83 -56.89 -7.59 1.32
N ALA DA 84 -56.30 -8.65 1.86
CA ALA DA 84 -55.89 -9.78 1.03
C ALA DA 84 -55.83 -11.05 1.87
N VAL DA 85 -55.79 -12.18 1.18
CA VAL DA 85 -55.81 -13.52 1.77
C VAL DA 85 -54.74 -14.37 1.09
N ILE DA 86 -53.93 -15.08 1.88
CA ILE DA 86 -52.74 -15.77 1.41
C ILE DA 86 -53.10 -17.14 0.84
N ILE DA 87 -52.52 -17.50 -0.30
CA ILE DA 87 -52.94 -18.66 -1.07
C ILE DA 87 -51.75 -19.53 -1.46
N ARG DA 88 -51.91 -20.86 -1.33
CA ARG DA 88 -50.87 -21.85 -1.58
C ARG DA 88 -50.80 -22.33 -3.02
N ASP DA 89 -51.24 -21.52 -3.99
CA ASP DA 89 -51.35 -21.79 -5.43
C ASP DA 89 -52.41 -22.83 -5.78
N ASP DA 90 -53.07 -23.45 -4.80
CA ASP DA 90 -54.21 -24.32 -5.01
C ASP DA 90 -55.51 -23.56 -4.93
N LYS DA 91 -55.44 -22.23 -4.85
CA LYS DA 91 -56.53 -21.35 -4.45
C LYS DA 91 -57.15 -21.83 -3.14
N SER DA 92 -56.27 -22.08 -2.16
CA SER DA 92 -56.67 -22.58 -0.88
C SER DA 92 -55.94 -21.77 0.18
N PRO DA 93 -56.65 -21.23 1.16
CA PRO DA 93 -56.01 -20.33 2.11
C PRO DA 93 -55.16 -21.07 3.13
N ARG DA 94 -54.09 -20.40 3.56
CA ARG DA 94 -53.27 -20.96 4.62
C ARG DA 94 -54.00 -20.92 5.96
N GLY DA 95 -54.52 -19.75 6.33
CA GLY DA 95 -55.17 -19.59 7.61
C GLY DA 95 -56.53 -20.26 7.66
N THR DA 96 -57.18 -20.12 8.82
CA THR DA 96 -58.48 -20.73 9.05
C THR DA 96 -59.61 -19.72 8.87
N ARG DA 97 -59.62 -18.66 9.66
CA ARG DA 97 -60.71 -17.71 9.60
C ARG DA 97 -60.49 -16.69 8.50
N ILE DA 98 -61.55 -15.94 8.22
CA ILE DA 98 -61.51 -14.71 7.44
C ILE DA 98 -62.38 -13.70 8.16
N PHE DA 99 -61.88 -12.49 8.33
CA PHE DA 99 -62.67 -11.44 8.95
C PHE DA 99 -63.24 -10.52 7.88
N GLY DA 100 -64.32 -9.83 8.23
CA GLY DA 100 -64.86 -8.79 7.39
C GLY DA 100 -65.61 -9.30 6.17
N PRO DA 101 -66.33 -8.41 5.49
CA PRO DA 101 -67.07 -8.81 4.30
C PRO DA 101 -66.15 -9.07 3.13
N VAL DA 102 -66.71 -9.71 2.12
CA VAL DA 102 -65.99 -10.19 0.94
C VAL DA 102 -66.88 -9.98 -0.27
N ALA DA 103 -66.32 -9.47 -1.36
CA ALA DA 103 -67.11 -9.25 -2.58
C ALA DA 103 -67.49 -10.58 -3.24
N ARG DA 104 -68.58 -10.54 -4.03
CA ARG DA 104 -69.10 -11.75 -4.69
C ARG DA 104 -68.15 -12.30 -5.73
N GLU DA 105 -67.32 -11.46 -6.32
CA GLU DA 105 -66.68 -11.80 -7.58
C GLU DA 105 -65.52 -12.77 -7.42
N LEU DA 106 -65.26 -13.23 -6.21
CA LEU DA 106 -64.39 -14.37 -6.03
C LEU DA 106 -65.03 -15.67 -6.51
N ARG DA 107 -66.36 -15.72 -6.56
CA ARG DA 107 -67.02 -16.93 -7.07
C ARG DA 107 -66.82 -17.10 -8.55
N GLU DA 108 -66.55 -16.02 -9.28
CA GLU DA 108 -66.30 -16.16 -10.70
C GLU DA 108 -64.96 -16.79 -10.99
N ASN DA 109 -64.07 -16.88 -10.00
CA ASN DA 109 -62.74 -17.40 -10.23
C ASN DA 109 -62.39 -18.48 -9.23
N ASN DA 110 -63.39 -19.29 -8.84
CA ASN DA 110 -63.20 -20.60 -8.20
C ASN DA 110 -62.56 -20.49 -6.82
N PHE DA 111 -62.84 -19.40 -6.10
CA PHE DA 111 -62.33 -19.25 -4.75
C PHE DA 111 -63.34 -19.75 -3.72
N MET DA 112 -63.76 -21.00 -3.90
CA MET DA 112 -64.89 -21.50 -3.15
C MET DA 112 -64.53 -21.77 -1.69
N LYS DA 113 -63.32 -22.22 -1.43
CA LYS DA 113 -62.91 -22.49 -0.07
C LYS DA 113 -62.69 -21.21 0.73
N ILE DA 114 -62.44 -20.10 0.04
CA ILE DA 114 -62.42 -18.80 0.69
C ILE DA 114 -63.84 -18.31 0.92
N VAL DA 115 -64.69 -18.39 -0.11
CA VAL DA 115 -66.03 -17.83 -0.06
C VAL DA 115 -66.86 -18.53 1.00
N SER DA 116 -66.72 -19.85 1.10
CA SER DA 116 -67.46 -20.58 2.12
C SER DA 116 -66.92 -20.37 3.52
N LEU DA 117 -65.83 -19.63 3.69
CA LEU DA 117 -65.33 -19.28 5.02
C LEU DA 117 -65.55 -17.82 5.39
N ALA DA 118 -66.03 -16.99 4.46
CA ALA DA 118 -66.26 -15.60 4.79
C ALA DA 118 -67.47 -15.47 5.71
N PRO DA 119 -67.51 -14.42 6.53
CA PRO DA 119 -68.73 -14.14 7.29
C PRO DA 119 -69.85 -13.65 6.40
N GLU DA 120 -69.54 -13.10 5.24
CA GLU DA 120 -70.52 -12.44 4.40
C GLU DA 120 -69.96 -12.33 3.00
N VAL DA 121 -70.77 -12.62 1.99
CA VAL DA 121 -70.35 -12.49 0.62
C VAL DA 121 -71.17 -11.37 0.01
N LEU DA 122 -70.55 -10.21 -0.17
CA LEU DA 122 -71.20 -9.08 -0.81
C LEU DA 122 -70.66 -8.89 -2.19
N MET EA 1 19.80 77.57 -78.92
CA MET EA 1 18.94 76.82 -78.02
C MET EA 1 18.22 77.80 -77.10
N LYS EA 2 16.93 77.57 -76.86
CA LYS EA 2 16.14 78.51 -76.09
C LYS EA 2 15.16 77.74 -75.22
N LEU EA 3 14.29 78.49 -74.55
CA LEU EA 3 13.63 77.98 -73.34
C LEU EA 3 12.56 76.95 -73.66
N HIS EA 4 11.81 77.15 -74.73
CA HIS EA 4 10.66 76.30 -75.01
C HIS EA 4 10.98 75.13 -75.93
N GLU EA 5 12.26 74.82 -76.14
CA GLU EA 5 12.64 73.69 -76.99
C GLU EA 5 13.81 72.94 -76.38
N LEU EA 6 13.76 72.69 -75.08
CA LEU EA 6 14.88 72.06 -74.38
C LEU EA 6 15.01 70.60 -74.78
N LYS EA 7 16.25 70.13 -74.85
CA LYS EA 7 16.56 68.76 -75.20
C LYS EA 7 17.65 68.32 -74.22
N PRO EA 8 17.51 67.18 -73.57
CA PRO EA 8 18.59 66.68 -72.73
C PRO EA 8 19.61 65.91 -73.56
N ALA EA 9 20.73 65.60 -72.93
CA ALA EA 9 21.69 64.71 -73.54
C ALA EA 9 21.13 63.30 -73.53
N GLU EA 10 21.26 62.61 -74.67
CA GLU EA 10 20.59 61.34 -74.84
C GLU EA 10 21.19 60.26 -73.95
N GLY EA 11 20.34 59.35 -73.50
CA GLY EA 11 20.74 58.28 -72.62
C GLY EA 11 21.32 58.75 -71.30
N SER EA 12 20.82 59.87 -70.78
CA SER EA 12 21.51 60.45 -69.64
C SER EA 12 20.59 60.95 -68.53
N ARG EA 13 19.32 60.59 -68.52
CA ARG EA 13 18.45 60.97 -67.39
C ARG EA 13 17.32 59.95 -67.32
N GLN EA 14 17.43 58.99 -66.39
CA GLN EA 14 16.58 57.83 -66.30
C GLN EA 14 15.27 58.20 -65.61
N VAL EA 15 14.43 57.22 -65.22
CA VAL EA 15 13.11 57.65 -64.77
C VAL EA 15 12.90 57.50 -63.27
N ARG EA 16 12.61 56.27 -62.78
CA ARG EA 16 12.63 55.71 -61.41
C ARG EA 16 12.00 54.33 -61.37
N ASN EA 17 11.97 53.70 -60.20
CA ASN EA 17 10.98 52.71 -59.84
C ASN EA 17 10.02 53.27 -58.80
N ARG EA 18 8.73 53.09 -59.02
CA ARG EA 18 7.71 53.37 -58.02
C ARG EA 18 7.12 52.02 -57.66
N VAL EA 19 7.41 51.55 -56.46
CA VAL EA 19 7.30 50.15 -56.12
C VAL EA 19 6.09 49.94 -55.23
N GLY EA 20 5.24 48.98 -55.59
CA GLY EA 20 4.04 48.72 -54.83
C GLY EA 20 2.86 49.52 -55.35
N ARG EA 21 2.76 49.68 -56.67
CA ARG EA 21 1.75 50.50 -57.31
C ARG EA 21 1.09 49.73 -58.43
N GLY EA 22 0.57 48.56 -58.13
CA GLY EA 22 -0.24 47.87 -59.11
C GLY EA 22 0.37 46.59 -59.59
N THR EA 23 -0.47 45.58 -59.83
CA THR EA 23 -0.01 44.22 -60.03
C THR EA 23 0.63 44.01 -61.39
N SER EA 24 0.36 44.87 -62.36
CA SER EA 24 0.88 44.64 -63.68
C SER EA 24 2.06 45.53 -64.01
N SER EA 25 2.48 46.38 -63.09
CA SER EA 25 3.76 47.04 -63.25
C SER EA 25 4.90 46.06 -63.11
N GLY EA 26 4.71 45.01 -62.31
CA GLY EA 26 5.73 44.03 -62.03
C GLY EA 26 6.14 43.97 -60.58
N ASN EA 27 5.89 45.02 -59.82
CA ASN EA 27 6.39 45.11 -58.45
C ASN EA 27 5.30 45.58 -57.50
N GLY EA 28 4.13 44.97 -57.58
CA GLY EA 28 3.10 45.23 -56.59
C GLY EA 28 2.83 43.98 -55.79
N LYS EA 29 2.20 44.12 -54.61
CA LYS EA 29 1.98 43.02 -53.67
C LYS EA 29 3.30 42.39 -53.27
N THR EA 30 3.97 43.01 -52.29
CA THR EA 30 5.23 42.64 -51.63
C THR EA 30 6.44 43.11 -52.42
N ALA EA 31 6.24 44.03 -53.35
CA ALA EA 31 7.16 45.12 -53.62
C ALA EA 31 8.55 44.65 -54.03
N GLY EA 32 8.66 43.51 -54.67
CA GLY EA 32 9.96 43.02 -55.01
C GLY EA 32 10.66 42.27 -53.92
N ARG EA 33 9.95 41.87 -52.87
CA ARG EA 33 10.59 41.21 -51.73
C ARG EA 33 10.16 39.77 -51.55
N GLY EA 34 8.95 39.40 -51.96
CA GLY EA 34 8.52 38.02 -51.91
C GLY EA 34 7.71 37.66 -50.69
N GLN EA 35 7.75 36.39 -50.28
CA GLN EA 35 7.00 35.93 -49.13
C GLN EA 35 7.63 36.28 -47.80
N LYS EA 36 7.22 35.59 -46.75
CA LYS EA 36 7.58 35.89 -45.37
C LYS EA 36 9.07 35.74 -45.09
N GLY EA 37 9.48 36.06 -43.87
CA GLY EA 37 10.88 35.93 -43.52
C GLY EA 37 11.45 37.27 -43.10
N GLN EA 38 12.58 37.29 -42.43
CA GLN EA 38 13.01 38.54 -41.83
C GLN EA 38 13.72 39.46 -42.81
N LYS EA 39 13.89 39.07 -44.07
CA LYS EA 39 14.29 40.08 -45.03
C LYS EA 39 13.12 40.93 -45.50
N ALA EA 40 11.89 40.49 -45.26
CA ALA EA 40 10.73 41.18 -45.77
C ALA EA 40 9.96 41.92 -44.70
N ARG EA 41 10.48 42.00 -43.49
CA ARG EA 41 9.81 42.79 -42.47
C ARG EA 41 10.24 44.25 -42.58
N SER EA 42 9.87 45.05 -41.61
CA SER EA 42 10.14 46.49 -41.63
C SER EA 42 11.55 46.74 -41.14
N GLY EA 43 12.47 47.01 -42.06
CA GLY EA 43 13.84 47.25 -41.66
C GLY EA 43 14.60 45.99 -41.32
N GLY EA 44 14.29 44.88 -41.96
CA GLY EA 44 14.94 43.64 -41.67
C GLY EA 44 16.30 43.54 -42.33
N GLY EA 45 16.84 42.33 -42.28
CA GLY EA 45 18.20 42.10 -42.71
C GLY EA 45 19.14 42.12 -41.53
N VAL EA 46 20.08 41.17 -41.48
CA VAL EA 46 21.06 41.12 -40.41
C VAL EA 46 22.15 42.14 -40.69
N ARG EA 47 23.03 42.34 -39.72
CA ARG EA 47 24.19 43.20 -39.93
C ARG EA 47 25.13 42.60 -40.97
N LEU EA 48 26.04 43.44 -41.46
CA LEU EA 48 26.98 43.03 -42.49
C LEU EA 48 27.95 42.00 -41.96
N GLY EA 49 28.23 41.00 -42.76
CA GLY EA 49 29.21 40.00 -42.39
C GLY EA 49 28.73 39.12 -41.27
N PHE EA 50 27.76 38.27 -41.54
CA PHE EA 50 27.11 37.49 -40.50
C PHE EA 50 26.69 36.16 -41.07
N GLU EA 51 27.16 35.08 -40.46
CA GLU EA 51 26.86 33.78 -41.04
C GLU EA 51 26.01 32.95 -40.10
N GLY EA 52 24.95 33.55 -39.56
CA GLY EA 52 24.23 32.82 -38.56
C GLY EA 52 25.07 32.81 -37.29
N GLY EA 53 25.03 31.69 -36.59
CA GLY EA 53 25.92 31.58 -35.47
C GLY EA 53 27.24 30.92 -35.80
N GLN EA 54 27.51 30.67 -37.08
CA GLN EA 54 28.80 30.18 -37.49
C GLN EA 54 29.83 31.26 -37.25
N THR EA 55 31.00 30.87 -36.76
CA THR EA 55 32.04 31.85 -36.47
C THR EA 55 32.53 32.43 -37.78
N PRO EA 56 32.43 33.72 -37.99
CA PRO EA 56 32.65 34.27 -39.32
C PRO EA 56 34.11 34.28 -39.74
N LEU EA 57 34.42 34.90 -40.88
CA LEU EA 57 35.76 34.77 -41.42
C LEU EA 57 36.79 35.53 -40.60
N PHE EA 58 36.38 36.60 -39.94
CA PHE EA 58 37.41 37.35 -39.23
C PHE EA 58 37.71 36.78 -37.86
N ARG EA 59 37.10 35.69 -37.44
CA ARG EA 59 37.51 35.02 -36.23
C ARG EA 59 38.11 33.65 -36.48
N ARG EA 60 38.11 33.20 -37.73
CA ARG EA 60 38.80 31.97 -38.09
C ARG EA 60 40.23 32.20 -38.53
N LEU EA 61 40.75 33.43 -38.45
CA LEU EA 61 42.10 33.71 -38.91
C LEU EA 61 42.73 34.79 -38.04
N PRO EA 62 44.02 34.70 -37.76
CA PRO EA 62 44.58 35.39 -36.61
C PRO EA 62 45.02 36.82 -36.90
N LYS EA 63 45.15 37.58 -35.81
CA LYS EA 63 45.64 38.94 -35.86
C LYS EA 63 47.14 38.93 -36.15
N ARG EA 64 47.61 39.91 -36.93
CA ARG EA 64 49.02 39.88 -37.32
C ARG EA 64 49.57 41.27 -37.59
N GLY EA 65 50.70 41.59 -36.98
CA GLY EA 65 51.52 42.72 -37.38
C GLY EA 65 51.46 43.86 -36.37
N PHE EA 66 52.22 44.92 -36.68
CA PHE EA 66 52.07 46.18 -35.99
C PHE EA 66 52.43 47.30 -36.94
N THR EA 67 52.37 48.53 -36.43
CA THR EA 67 52.59 49.72 -37.22
C THR EA 67 53.73 50.52 -36.59
N ASN EA 68 54.69 50.94 -37.41
CA ASN EA 68 55.78 51.78 -36.95
C ASN EA 68 55.23 53.12 -36.46
N ILE EA 69 55.92 53.68 -35.49
CA ILE EA 69 55.54 54.95 -34.90
C ILE EA 69 56.26 56.10 -35.58
N ASN EA 70 57.31 55.82 -36.35
CA ASN EA 70 58.09 56.83 -37.03
C ASN EA 70 58.32 56.42 -38.48
N ARG EA 71 57.28 55.97 -39.16
CA ARG EA 71 57.48 55.63 -40.56
C ARG EA 71 57.58 56.92 -41.36
N LYS EA 72 58.66 57.02 -42.12
CA LYS EA 72 58.98 58.20 -42.91
C LYS EA 72 59.10 57.73 -44.35
N ASP EA 73 58.12 58.08 -45.17
CA ASP EA 73 58.02 57.59 -46.53
C ASP EA 73 57.87 58.72 -47.52
N TYR EA 74 58.40 58.52 -48.72
CA TYR EA 74 58.71 59.61 -49.61
C TYR EA 74 57.66 59.75 -50.71
N ALA EA 75 57.95 60.59 -51.68
CA ALA EA 75 56.98 61.09 -52.65
C ALA EA 75 57.47 60.81 -54.06
N VAL EA 76 57.77 59.54 -54.32
CA VAL EA 76 58.45 59.01 -55.51
C VAL EA 76 58.04 59.60 -56.85
N VAL EA 77 59.02 60.04 -57.62
CA VAL EA 77 58.89 60.35 -59.04
C VAL EA 77 60.02 59.66 -59.79
N ASN EA 78 59.67 58.90 -60.83
CA ASN EA 78 60.66 57.91 -61.25
C ASN EA 78 61.75 58.47 -62.12
N LEU EA 79 61.55 58.53 -63.43
CA LEU EA 79 62.62 59.09 -64.25
C LEU EA 79 62.08 59.75 -65.50
N ASP EA 80 60.96 59.25 -66.00
CA ASP EA 80 60.44 59.72 -67.28
C ASP EA 80 59.77 61.06 -67.17
N THR EA 81 59.38 61.44 -65.95
CA THR EA 81 58.91 62.78 -65.71
C THR EA 81 60.01 63.80 -65.97
N LEU EA 82 61.26 63.44 -65.63
CA LEU EA 82 62.39 64.34 -65.79
C LEU EA 82 62.72 64.63 -67.24
N ASN EA 83 62.21 63.85 -68.17
CA ASN EA 83 62.60 63.96 -69.57
C ASN EA 83 61.74 65.00 -70.30
N ARG EA 84 61.56 66.18 -69.68
CA ARG EA 84 60.98 67.32 -70.37
C ARG EA 84 61.52 68.65 -69.85
N PHE EA 85 62.78 68.68 -69.42
CA PHE EA 85 63.39 69.82 -68.74
C PHE EA 85 64.69 70.24 -69.42
N GLU EA 86 64.61 70.51 -70.73
CA GLU EA 86 65.59 70.20 -71.77
C GLU EA 86 67.09 70.20 -71.43
N ASP EA 87 67.69 71.26 -70.89
CA ASP EA 87 69.15 71.23 -70.67
C ASP EA 87 69.52 72.12 -69.49
N GLY EA 88 69.53 71.55 -68.30
CA GLY EA 88 70.24 72.16 -67.19
C GLY EA 88 69.34 73.13 -66.48
N THR EA 89 68.79 72.74 -65.33
CA THR EA 89 67.81 73.60 -64.68
C THR EA 89 67.97 73.71 -63.17
N GLU EA 90 68.79 72.87 -62.54
CA GLU EA 90 68.69 72.53 -61.11
C GLU EA 90 67.26 72.06 -60.79
N VAL EA 91 66.95 70.88 -61.30
CA VAL EA 91 65.78 70.13 -60.89
C VAL EA 91 65.80 69.99 -59.37
N THR EA 92 64.81 70.56 -58.70
CA THR EA 92 64.87 70.79 -57.27
C THR EA 92 63.51 70.54 -56.63
N PRO EA 93 63.47 70.05 -55.38
CA PRO EA 93 62.20 69.69 -54.75
C PRO EA 93 61.38 70.85 -54.24
N VAL EA 94 61.71 72.06 -54.65
CA VAL EA 94 61.14 73.30 -54.17
C VAL EA 94 60.59 73.92 -55.44
N VAL EA 95 60.40 75.23 -55.44
CA VAL EA 95 59.56 76.08 -56.29
C VAL EA 95 59.44 75.64 -57.76
N LEU EA 96 60.42 74.89 -58.27
CA LEU EA 96 60.37 74.20 -59.56
C LEU EA 96 59.04 73.59 -59.96
N LYS EA 97 58.39 72.87 -59.03
CA LYS EA 97 57.34 71.88 -59.33
C LYS EA 97 56.14 72.40 -60.16
N GLU EA 98 55.28 73.24 -59.60
CA GLU EA 98 54.41 74.20 -60.29
C GLU EA 98 53.57 73.71 -61.47
N ALA EA 99 53.52 72.42 -61.74
CA ALA EA 99 52.73 71.96 -62.87
C ALA EA 99 52.06 70.63 -62.59
N GLY EA 100 51.89 70.27 -61.32
CA GLY EA 100 51.27 69.02 -60.98
C GLY EA 100 52.19 67.83 -60.97
N ILE EA 101 53.49 68.06 -60.96
CA ILE EA 101 54.43 66.93 -60.88
C ILE EA 101 54.44 66.36 -59.47
N VAL EA 102 54.61 67.23 -58.47
CA VAL EA 102 54.54 66.83 -57.08
C VAL EA 102 53.63 67.81 -56.37
N LYS EA 103 52.50 67.32 -55.90
CA LYS EA 103 51.71 67.99 -54.88
C LYS EA 103 51.76 67.11 -53.65
N ASN EA 104 51.95 67.74 -52.49
CA ASN EA 104 52.10 67.08 -51.20
C ASN EA 104 53.28 66.11 -51.21
N GLU EA 105 54.48 66.69 -51.30
CA GLU EA 105 55.69 65.91 -51.04
C GLU EA 105 55.65 65.36 -49.62
N LYS EA 106 55.77 64.04 -49.52
CA LYS EA 106 55.35 63.38 -48.30
C LYS EA 106 56.42 63.48 -47.24
N ALA EA 107 57.64 63.08 -47.55
CA ALA EA 107 58.76 63.32 -46.66
C ALA EA 107 60.01 63.70 -47.43
N GLY EA 108 59.86 64.39 -48.55
CA GLY EA 108 60.99 64.72 -49.39
C GLY EA 108 61.05 63.82 -50.61
N ILE EA 109 61.44 64.37 -51.73
CA ILE EA 109 61.32 63.67 -53.00
C ILE EA 109 62.42 62.61 -53.12
N LYS EA 110 62.02 61.39 -53.41
CA LYS EA 110 62.92 60.30 -53.77
C LYS EA 110 62.82 60.07 -55.27
N VAL EA 111 63.91 59.64 -55.89
CA VAL EA 111 63.95 59.44 -57.33
C VAL EA 111 64.29 57.99 -57.63
N LEU EA 112 63.45 57.33 -58.40
CA LEU EA 112 63.70 55.96 -58.81
C LEU EA 112 64.24 55.91 -60.23
N ALA EA 113 64.31 54.72 -60.81
CA ALA EA 113 65.12 54.48 -61.99
C ALA EA 113 64.35 53.71 -63.04
N ASP EA 114 63.15 54.17 -63.39
CA ASP EA 114 62.40 53.60 -64.49
C ASP EA 114 62.01 54.72 -65.45
N GLY EA 115 62.47 54.63 -66.70
CA GLY EA 115 63.57 53.77 -67.11
C GLY EA 115 64.59 54.27 -68.12
N GLU EA 116 64.32 55.37 -68.83
CA GLU EA 116 65.17 55.80 -69.94
C GLU EA 116 65.20 57.31 -70.01
N LEU EA 117 66.40 57.88 -70.10
CA LEU EA 117 66.61 59.32 -70.06
C LEU EA 117 67.64 59.71 -71.12
N THR EA 118 67.31 60.74 -71.91
CA THR EA 118 68.30 61.41 -72.76
C THR EA 118 68.21 62.90 -72.52
N LYS EA 119 68.81 63.35 -71.42
CA LYS EA 119 68.92 64.76 -71.07
C LYS EA 119 70.26 64.96 -70.36
N LYS EA 120 70.51 66.17 -69.87
CA LYS EA 120 71.75 66.46 -69.15
C LYS EA 120 71.44 67.34 -67.94
N LEU EA 121 70.53 66.87 -67.09
CA LEU EA 121 69.96 67.68 -66.03
C LEU EA 121 70.94 67.84 -64.87
N THR EA 122 70.47 68.47 -63.80
CA THR EA 122 71.15 68.45 -62.51
C THR EA 122 70.10 68.45 -61.41
N VAL EA 123 70.29 67.59 -60.41
CA VAL EA 123 69.20 67.10 -59.57
C VAL EA 123 69.48 67.43 -58.13
N LYS EA 124 68.49 67.99 -57.44
CA LYS EA 124 68.47 68.04 -55.99
C LYS EA 124 67.29 67.20 -55.51
N ALA EA 125 67.50 66.45 -54.42
CA ALA EA 125 66.48 65.56 -53.90
C ALA EA 125 66.79 65.29 -52.43
N ALA EA 126 66.18 64.25 -51.88
CA ALA EA 126 66.47 63.85 -50.51
C ALA EA 126 66.87 62.38 -50.37
N LYS EA 127 66.68 61.59 -51.41
CA LYS EA 127 67.09 60.19 -51.40
C LYS EA 127 67.14 59.72 -52.84
N PHE EA 128 68.09 58.87 -53.17
CA PHE EA 128 68.18 58.30 -54.50
C PHE EA 128 68.20 56.79 -54.41
N SER EA 129 68.07 56.16 -55.56
CA SER EA 129 68.23 54.72 -55.65
C SER EA 129 69.57 54.43 -56.31
N LYS EA 130 70.03 53.20 -56.10
CA LYS EA 130 71.37 52.81 -56.49
C LYS EA 130 71.52 52.67 -58.00
N SER EA 131 70.41 52.61 -58.73
CA SER EA 131 70.51 52.73 -60.17
C SER EA 131 70.22 54.12 -60.67
N ALA EA 132 69.66 54.99 -59.81
CA ALA EA 132 69.32 56.34 -60.25
C ALA EA 132 70.57 57.17 -60.48
N GLN EA 133 71.55 57.06 -59.58
CA GLN EA 133 72.79 57.81 -59.74
C GLN EA 133 73.54 57.36 -60.97
N GLU EA 134 73.55 56.05 -61.23
CA GLU EA 134 74.24 55.54 -62.40
C GLU EA 134 73.53 55.98 -63.68
N ALA EA 135 72.21 56.00 -63.67
CA ALA EA 135 71.48 56.39 -64.87
C ALA EA 135 71.58 57.89 -65.14
N ILE EA 136 71.62 58.71 -64.08
CA ILE EA 136 71.75 60.15 -64.29
C ILE EA 136 73.16 60.50 -64.74
N GLU EA 137 74.16 60.06 -63.99
CA GLU EA 137 75.53 60.42 -64.32
C GLU EA 137 76.06 59.71 -65.54
N ALA EA 138 75.37 58.67 -66.03
CA ALA EA 138 75.69 58.11 -67.33
C ALA EA 138 75.44 59.12 -68.44
N ALA EA 139 74.47 60.00 -68.25
CA ALA EA 139 74.26 61.10 -69.18
C ALA EA 139 75.04 62.35 -68.79
N GLY EA 140 75.75 62.33 -67.68
CA GLY EA 140 76.58 63.46 -67.31
C GLY EA 140 75.85 64.57 -66.58
N GLY EA 141 75.22 64.23 -65.46
CA GLY EA 141 74.57 65.23 -64.64
C GLY EA 141 75.03 65.18 -63.21
N SER EA 142 74.88 66.28 -62.47
CA SER EA 142 75.30 66.33 -61.08
C SER EA 142 74.12 66.07 -60.16
N ILE EA 143 74.34 65.25 -59.15
CA ILE EA 143 73.30 64.93 -58.18
C ILE EA 143 73.79 65.31 -56.80
N GLU EA 144 72.84 65.49 -55.89
CA GLU EA 144 73.15 65.90 -54.52
C GLU EA 144 71.97 65.57 -53.61
N VAL EA 145 72.27 65.13 -52.40
CA VAL EA 145 71.25 64.76 -51.43
C VAL EA 145 71.07 65.98 -50.53
N ILE EA 146 70.22 66.89 -50.94
CA ILE EA 146 70.03 68.14 -50.21
C ILE EA 146 68.55 68.43 -50.06
N MET FA 1 4.21 -23.54 -27.97
CA MET FA 1 5.20 -22.98 -28.89
C MET FA 1 6.11 -24.08 -29.43
N LEU FA 2 5.53 -24.99 -30.20
CA LEU FA 2 6.27 -26.13 -30.73
C LEU FA 2 7.14 -25.68 -31.91
N VAL FA 3 8.44 -25.84 -31.77
CA VAL FA 3 9.40 -25.38 -32.79
C VAL FA 3 10.00 -26.62 -33.44
N PRO FA 4 9.74 -26.87 -34.72
CA PRO FA 4 10.33 -28.06 -35.35
C PRO FA 4 11.78 -27.88 -35.75
N LYS FA 5 12.14 -26.71 -36.24
CA LYS FA 5 13.41 -26.50 -36.91
C LYS FA 5 13.98 -25.16 -36.54
N ARG FA 6 15.30 -25.09 -36.38
CA ARG FA 6 16.00 -23.84 -36.13
C ARG FA 6 17.30 -23.85 -36.91
N VAL FA 7 18.21 -22.94 -36.54
CA VAL FA 7 19.45 -22.66 -37.24
C VAL FA 7 20.55 -22.63 -36.18
N LYS FA 8 21.77 -22.27 -36.58
CA LYS FA 8 22.68 -21.49 -35.76
C LYS FA 8 22.81 -20.11 -36.41
N HIS FA 9 22.77 -19.07 -35.57
CA HIS FA 9 22.07 -17.85 -35.96
C HIS FA 9 22.90 -16.91 -36.82
N ARG FA 10 23.98 -16.35 -36.23
CA ARG FA 10 25.04 -15.44 -36.70
C ARG FA 10 24.58 -14.02 -36.97
N ARG FA 11 23.27 -13.76 -37.02
CA ARG FA 11 22.66 -12.44 -37.21
C ARG FA 11 21.23 -12.50 -36.71
N GLU FA 12 20.85 -11.55 -35.86
CA GLU FA 12 19.47 -11.57 -35.40
C GLU FA 12 18.54 -11.04 -36.48
N PHE FA 13 18.67 -9.77 -36.82
CA PHE FA 13 17.76 -9.12 -37.75
C PHE FA 13 18.23 -9.37 -39.17
N ARG FA 14 17.28 -9.49 -40.09
CA ARG FA 14 17.62 -9.62 -41.49
C ARG FA 14 16.72 -8.74 -42.33
N GLY FA 15 17.03 -8.68 -43.62
CA GLY FA 15 16.20 -7.96 -44.56
C GLY FA 15 14.92 -8.72 -44.86
N LYS FA 16 14.13 -8.15 -45.76
CA LYS FA 16 12.90 -8.78 -46.23
C LYS FA 16 13.04 -8.94 -47.74
N MET FA 17 12.73 -10.13 -48.24
CA MET FA 17 13.15 -10.56 -49.55
C MET FA 17 12.28 -9.97 -50.66
N ARG FA 18 12.53 -10.44 -51.89
CA ARG FA 18 11.67 -10.18 -53.04
C ARG FA 18 11.56 -11.45 -53.86
N GLY FA 19 10.38 -12.06 -53.87
CA GLY FA 19 10.18 -13.23 -54.70
C GLY FA 19 9.96 -12.84 -56.14
N GLU FA 20 10.83 -13.26 -57.05
CA GLU FA 20 10.61 -12.98 -58.46
C GLU FA 20 10.75 -14.21 -59.35
N ALA FA 21 11.57 -15.18 -58.93
CA ALA FA 21 11.76 -16.47 -59.60
C ALA FA 21 12.65 -17.35 -58.71
N LYS FA 22 12.39 -18.67 -58.73
CA LYS FA 22 13.21 -19.62 -57.96
C LYS FA 22 13.37 -20.93 -58.73
N GLY FA 23 14.61 -21.44 -58.78
CA GLY FA 23 14.91 -22.62 -59.56
C GLY FA 23 16.04 -23.47 -59.00
N GLY FA 24 16.18 -24.65 -59.60
CA GLY FA 24 17.07 -25.72 -59.16
C GLY FA 24 16.49 -27.10 -58.84
N LYS FA 25 16.70 -28.04 -59.77
CA LYS FA 25 16.86 -29.49 -59.53
C LYS FA 25 15.72 -30.28 -58.88
N GLU FA 26 14.76 -30.73 -59.72
CA GLU FA 26 13.67 -31.65 -59.39
C GLU FA 26 14.09 -33.02 -58.87
N VAL FA 27 13.09 -33.89 -58.60
CA VAL FA 27 13.14 -35.12 -57.77
C VAL FA 27 14.36 -36.00 -57.99
N ALA FA 28 15.08 -36.29 -56.89
CA ALA FA 28 16.24 -37.16 -56.92
C ALA FA 28 16.13 -38.35 -55.98
N PHE FA 29 15.74 -38.14 -54.73
CA PHE FA 29 15.80 -39.18 -53.71
C PHE FA 29 14.48 -39.91 -53.54
N GLY FA 30 13.57 -39.81 -54.49
CA GLY FA 30 12.26 -40.39 -54.32
C GLY FA 30 11.54 -40.79 -55.58
N GLU FA 31 10.26 -41.14 -55.45
CA GLU FA 31 9.44 -41.59 -56.56
C GLU FA 31 8.36 -40.61 -56.93
N TRP FA 32 7.71 -40.01 -55.93
CA TRP FA 32 6.55 -39.15 -56.11
C TRP FA 32 6.77 -37.88 -55.31
N GLY FA 33 6.36 -36.74 -55.87
CA GLY FA 33 6.56 -35.50 -55.15
C GLY FA 33 5.70 -34.37 -55.63
N LEU FA 34 5.63 -33.34 -54.79
CA LEU FA 34 4.84 -32.14 -55.01
C LEU FA 34 5.54 -31.17 -55.96
N GLN FA 35 4.92 -30.01 -56.16
CA GLN FA 35 5.59 -28.80 -56.63
C GLN FA 35 5.01 -27.64 -55.86
N ALA FA 36 5.23 -26.42 -56.35
CA ALA FA 36 4.67 -25.24 -55.71
C ALA FA 36 4.52 -24.17 -56.78
N THR FA 37 3.33 -24.05 -57.35
CA THR FA 37 3.10 -23.25 -58.54
C THR FA 37 2.81 -21.79 -58.22
N GLU FA 38 3.18 -21.33 -57.04
CA GLU FA 38 2.96 -19.94 -56.62
C GLU FA 38 4.21 -19.48 -55.89
N SER FA 39 4.08 -18.43 -55.11
CA SER FA 39 5.21 -17.81 -54.43
C SER FA 39 4.78 -17.39 -53.04
N HIS FA 40 5.33 -18.02 -52.02
CA HIS FA 40 5.08 -17.60 -50.65
C HIS FA 40 6.23 -17.99 -49.75
N TRP FA 41 6.19 -17.40 -48.57
CA TRP FA 41 6.89 -17.90 -47.42
C TRP FA 41 6.24 -19.20 -46.95
N ILE FA 42 7.00 -20.04 -46.27
CA ILE FA 42 6.47 -21.23 -45.62
C ILE FA 42 7.10 -21.31 -44.25
N THR FA 43 6.29 -21.32 -43.20
CA THR FA 43 6.82 -21.16 -41.86
C THR FA 43 7.31 -22.49 -41.30
N ASN FA 44 7.65 -22.48 -40.01
CA ASN FA 44 8.02 -23.71 -39.31
C ASN FA 44 6.87 -24.67 -39.23
N ARG FA 45 5.74 -24.19 -38.72
CA ARG FA 45 4.70 -25.05 -38.19
C ARG FA 45 3.96 -25.77 -39.30
N GLN FA 46 3.96 -25.20 -40.49
CA GLN FA 46 3.35 -25.86 -41.62
C GLN FA 46 4.08 -27.15 -41.98
N ILE FA 47 5.37 -27.22 -41.67
CA ILE FA 47 6.09 -28.45 -41.93
C ILE FA 47 5.88 -29.47 -40.82
N GLU FA 48 5.58 -29.03 -39.59
CA GLU FA 48 5.04 -29.96 -38.58
C GLU FA 48 3.77 -30.61 -39.07
N ALA FA 49 2.84 -29.78 -39.53
CA ALA FA 49 1.55 -30.28 -39.98
C ALA FA 49 1.70 -31.20 -41.18
N ALA FA 50 2.63 -30.87 -42.07
CA ALA FA 50 2.90 -31.72 -43.22
C ALA FA 50 3.48 -33.07 -42.81
N ARG FA 51 4.48 -33.08 -41.90
CA ARG FA 51 5.04 -34.34 -41.40
C ARG FA 51 3.98 -35.23 -40.79
N ILE FA 52 3.11 -34.65 -39.96
CA ILE FA 52 2.13 -35.46 -39.27
C ILE FA 52 1.10 -36.02 -40.24
N ALA FA 53 0.55 -35.15 -41.11
CA ALA FA 53 -0.46 -35.61 -42.05
C ALA FA 53 0.12 -36.45 -43.18
N MET FA 54 1.42 -36.46 -43.38
CA MET FA 54 2.03 -37.47 -44.24
C MET FA 54 2.14 -38.79 -43.50
N THR FA 55 2.84 -38.81 -42.38
CA THR FA 55 3.23 -40.07 -41.77
C THR FA 55 2.10 -40.80 -41.08
N ARG FA 56 0.95 -40.17 -40.83
CA ARG FA 56 -0.14 -40.95 -40.27
C ARG FA 56 -0.72 -41.91 -41.30
N TYR FA 57 -0.90 -41.44 -42.53
CA TYR FA 57 -1.45 -42.28 -43.59
C TYR FA 57 -0.40 -43.18 -44.21
N MET FA 58 0.85 -43.04 -43.77
CA MET FA 58 1.93 -43.93 -44.13
C MET FA 58 2.03 -44.95 -42.99
N LYS FA 59 1.34 -46.07 -43.13
CA LYS FA 59 1.42 -47.12 -42.13
C LYS FA 59 2.80 -47.76 -42.18
N ARG FA 60 3.50 -47.74 -41.05
CA ARG FA 60 4.94 -48.02 -40.89
C ARG FA 60 5.81 -47.08 -41.73
N GLY FA 61 5.30 -45.93 -42.13
CA GLY FA 61 6.10 -44.98 -42.86
C GLY FA 61 6.45 -45.46 -44.26
N GLY FA 62 7.74 -45.47 -44.55
CA GLY FA 62 8.27 -45.63 -45.89
C GLY FA 62 9.52 -44.77 -45.98
N LYS FA 63 9.58 -43.87 -46.94
CA LYS FA 63 10.65 -42.89 -47.02
C LYS FA 63 10.04 -41.54 -47.37
N VAL FA 64 10.09 -40.60 -46.43
CA VAL FA 64 9.59 -39.25 -46.64
C VAL FA 64 10.80 -38.31 -46.61
N TRP FA 65 10.90 -37.42 -47.59
CA TRP FA 65 12.07 -36.60 -47.78
C TRP FA 65 11.67 -35.13 -47.65
N ILE FA 66 12.04 -34.52 -46.56
CA ILE FA 66 11.82 -33.09 -46.40
C ILE FA 66 12.94 -32.37 -47.14
N LYS FA 67 12.61 -31.36 -47.94
CA LYS FA 67 13.61 -30.81 -48.83
C LYS FA 67 13.88 -29.32 -48.69
N ILE FA 68 12.99 -28.53 -48.13
CA ILE FA 68 13.19 -27.09 -48.06
C ILE FA 68 12.91 -26.62 -46.63
N PHE FA 69 13.86 -25.86 -46.06
CA PHE FA 69 14.07 -25.69 -44.63
C PHE FA 69 14.08 -24.23 -44.28
N PRO FA 70 13.53 -23.84 -43.13
CA PRO FA 70 13.61 -22.45 -42.71
C PRO FA 70 15.04 -22.03 -42.39
N HIS FA 71 15.38 -20.82 -42.82
CA HIS FA 71 16.66 -20.16 -42.54
C HIS FA 71 16.49 -18.76 -42.00
N LYS FA 72 15.51 -18.01 -42.50
CA LYS FA 72 15.38 -16.58 -42.23
C LYS FA 72 14.55 -16.32 -41.00
N SER FA 73 14.81 -15.20 -40.36
CA SER FA 73 14.14 -14.85 -39.12
C SER FA 73 13.07 -13.81 -39.35
N TYR FA 74 11.90 -14.05 -38.76
CA TYR FA 74 10.91 -13.01 -38.49
C TYR FA 74 11.47 -11.91 -37.62
N THR FA 75 10.77 -10.77 -37.64
CA THR FA 75 10.73 -9.79 -36.56
C THR FA 75 9.29 -9.29 -36.50
N SER FA 76 8.93 -8.70 -35.36
CA SER FA 76 7.61 -8.10 -35.19
C SER FA 76 7.62 -7.17 -34.00
N LYS FA 77 6.81 -6.13 -34.07
CA LYS FA 77 6.59 -5.25 -32.93
C LYS FA 77 5.40 -5.74 -32.12
N ALA FA 78 5.11 -5.05 -31.03
CA ALA FA 78 3.99 -5.37 -30.17
C ALA FA 78 2.71 -4.75 -30.75
N ILE FA 79 1.65 -4.73 -29.95
CA ILE FA 79 0.39 -4.13 -30.35
C ILE FA 79 0.18 -2.86 -29.54
N GLY FA 80 0.10 -1.74 -30.23
CA GLY FA 80 -0.02 -0.45 -29.59
C GLY FA 80 1.24 0.37 -29.60
N VAL FA 81 2.39 -0.25 -29.86
CA VAL FA 81 3.63 0.50 -29.97
C VAL FA 81 3.60 1.29 -31.28
N ARG FA 82 3.96 2.58 -31.19
CA ARG FA 82 4.01 3.45 -32.35
C ARG FA 82 5.04 3.00 -33.38
N MET FA 83 5.05 3.67 -34.52
CA MET FA 83 6.22 3.59 -35.36
C MET FA 83 7.34 4.41 -34.74
N GLY FA 84 8.53 4.32 -35.31
CA GLY FA 84 9.63 4.89 -34.59
C GLY FA 84 10.87 4.02 -34.51
N LYS FA 85 11.14 3.50 -33.31
CA LYS FA 85 12.45 3.01 -32.90
C LYS FA 85 12.79 1.69 -33.60
N GLY FA 86 13.87 1.04 -33.18
CA GLY FA 86 14.48 -0.05 -33.93
C GLY FA 86 13.60 -1.28 -34.07
N LYS FA 87 14.11 -2.22 -34.88
CA LYS FA 87 13.34 -3.42 -35.24
C LYS FA 87 12.97 -4.25 -34.03
N GLY FA 88 11.75 -4.79 -34.05
CA GLY FA 88 11.27 -5.62 -32.97
C GLY FA 88 11.97 -6.95 -32.91
N ALA FA 89 11.74 -7.66 -31.80
CA ALA FA 89 12.47 -8.88 -31.50
C ALA FA 89 12.17 -9.98 -32.52
N PRO FA 90 13.11 -10.87 -32.79
CA PRO FA 90 12.87 -11.93 -33.78
C PRO FA 90 12.09 -13.08 -33.19
N GLU FA 91 10.95 -13.40 -33.81
CA GLU FA 91 10.02 -14.42 -33.31
C GLU FA 91 9.51 -15.22 -34.50
N GLY FA 92 10.22 -16.27 -34.88
CA GLY FA 92 9.81 -17.14 -35.97
C GLY FA 92 10.98 -17.47 -36.88
N TRP FA 93 10.79 -18.51 -37.70
CA TRP FA 93 11.81 -18.94 -38.66
C TRP FA 93 11.14 -19.40 -39.95
N VAL FA 94 11.32 -18.64 -41.02
CA VAL FA 94 10.57 -18.82 -42.25
C VAL FA 94 11.55 -18.96 -43.41
N SER FA 95 11.11 -19.59 -44.49
CA SER FA 95 11.87 -19.64 -45.74
C SER FA 95 10.94 -19.50 -46.93
N PRO FA 96 11.42 -18.92 -48.03
CA PRO FA 96 10.56 -18.72 -49.20
C PRO FA 96 10.65 -19.86 -50.19
N VAL FA 97 9.54 -20.07 -50.91
CA VAL FA 97 9.43 -21.08 -51.96
C VAL FA 97 8.67 -20.45 -53.13
N LYS FA 98 9.18 -20.62 -54.34
CA LYS FA 98 8.49 -20.11 -55.52
C LYS FA 98 8.63 -21.10 -56.67
N ARG FA 99 7.57 -21.21 -57.49
CA ARG FA 99 7.65 -21.67 -58.87
C ARG FA 99 8.11 -23.11 -58.96
N GLY FA 100 7.26 -24.02 -58.48
CA GLY FA 100 7.21 -25.38 -58.96
C GLY FA 100 8.45 -26.23 -58.74
N LYS FA 101 9.24 -25.94 -57.73
CA LYS FA 101 10.26 -26.89 -57.34
C LYS FA 101 10.08 -27.27 -55.88
N ILE FA 102 10.56 -28.46 -55.59
CA ILE FA 102 9.77 -29.49 -54.93
C ILE FA 102 9.96 -29.48 -53.43
N MET FA 103 8.84 -29.61 -52.71
CA MET FA 103 8.85 -29.57 -51.26
C MET FA 103 9.04 -30.94 -50.61
N PHE FA 104 8.50 -32.00 -51.20
CA PHE FA 104 8.54 -33.30 -50.53
C PHE FA 104 8.75 -34.40 -51.55
N GLU FA 105 9.16 -35.57 -51.05
CA GLU FA 105 9.32 -36.75 -51.88
C GLU FA 105 8.87 -37.97 -51.12
N ILE FA 106 8.27 -38.94 -51.82
CA ILE FA 106 7.83 -40.19 -51.24
C ILE FA 106 8.51 -41.33 -52.00
N ALA FA 107 8.85 -42.39 -51.28
CA ALA FA 107 9.21 -43.66 -51.89
C ALA FA 107 8.83 -44.79 -50.95
N GLY FA 108 8.67 -45.98 -51.53
CA GLY FA 108 8.41 -47.17 -50.76
C GLY FA 108 6.95 -47.54 -50.60
N VAL FA 109 6.06 -46.97 -51.40
CA VAL FA 109 4.62 -47.04 -51.22
C VAL FA 109 3.97 -47.01 -52.60
N PRO FA 110 2.92 -47.82 -52.87
CA PRO FA 110 2.26 -47.78 -54.18
C PRO FA 110 1.55 -46.47 -54.49
N GLU FA 111 0.96 -46.39 -55.69
CA GLU FA 111 0.61 -45.10 -56.28
C GLU FA 111 -0.53 -44.41 -55.56
N GLU FA 112 -1.53 -45.18 -55.11
CA GLU FA 112 -2.73 -44.54 -54.59
C GLU FA 112 -2.54 -44.02 -53.18
N VAL FA 113 -1.76 -44.74 -52.37
CA VAL FA 113 -1.50 -44.27 -51.01
C VAL FA 113 -0.61 -43.05 -51.05
N ALA FA 114 0.27 -42.97 -52.05
CA ALA FA 114 1.11 -41.79 -52.22
C ALA FA 114 0.28 -40.56 -52.55
N ARG FA 115 -0.71 -40.72 -53.43
CA ARG FA 115 -1.53 -39.57 -53.76
C ARG FA 115 -2.49 -39.23 -52.63
N GLU FA 116 -2.87 -40.22 -51.80
CA GLU FA 116 -3.53 -39.90 -50.53
C GLU FA 116 -2.67 -38.99 -49.68
N ALA FA 117 -1.42 -39.38 -49.48
CA ALA FA 117 -0.55 -38.63 -48.56
C ALA FA 117 -0.28 -37.24 -49.07
N LEU FA 118 -0.14 -37.08 -50.39
CA LEU FA 118 0.12 -35.76 -50.93
C LEU FA 118 -1.14 -34.90 -50.97
N ARG FA 119 -2.30 -35.50 -51.17
CA ARG FA 119 -3.52 -34.71 -51.16
C ARG FA 119 -3.84 -34.28 -49.74
N LEU FA 120 -3.56 -35.14 -48.77
CA LEU FA 120 -3.81 -34.82 -47.38
C LEU FA 120 -2.68 -34.02 -46.77
N ALA FA 121 -1.61 -33.78 -47.53
CA ALA FA 121 -0.55 -32.88 -47.09
C ALA FA 121 -0.78 -31.47 -47.58
N SER FA 122 -1.34 -31.29 -48.78
CA SER FA 122 -1.36 -29.98 -49.41
C SER FA 122 -2.56 -29.13 -49.04
N HIS FA 123 -3.33 -29.52 -48.04
CA HIS FA 123 -4.34 -28.63 -47.48
C HIS FA 123 -3.82 -27.87 -46.28
N LYS FA 124 -2.53 -27.94 -46.02
CA LYS FA 124 -1.95 -27.22 -44.89
C LYS FA 124 -0.81 -26.32 -45.34
N LEU FA 125 -0.70 -26.07 -46.64
CA LEU FA 125 0.27 -25.19 -47.23
C LEU FA 125 -0.46 -24.20 -48.13
N PRO FA 126 -0.08 -22.94 -48.12
CA PRO FA 126 -0.90 -21.93 -48.80
C PRO FA 126 -0.69 -21.85 -50.30
N VAL FA 127 -0.10 -22.87 -50.90
CA VAL FA 127 0.38 -22.82 -52.27
C VAL FA 127 -0.40 -23.84 -53.09
N LYS FA 128 -0.67 -23.50 -54.37
CA LYS FA 128 -1.25 -24.47 -55.29
C LYS FA 128 -0.18 -25.44 -55.77
N THR FA 129 -0.43 -26.74 -55.60
CA THR FA 129 0.56 -27.77 -55.80
C THR FA 129 0.19 -28.70 -56.94
N LYS FA 130 1.11 -29.61 -57.27
CA LYS FA 130 0.88 -30.68 -58.24
C LYS FA 130 1.52 -31.96 -57.70
N ILE FA 131 1.63 -32.97 -58.57
CA ILE FA 131 2.19 -34.27 -58.20
C ILE FA 131 3.08 -34.75 -59.33
N VAL FA 132 4.34 -35.08 -59.01
CA VAL FA 132 5.40 -35.28 -60.00
C VAL FA 132 6.10 -36.61 -59.74
N LYS FA 133 6.37 -37.36 -60.83
CA LYS FA 133 7.15 -38.60 -60.83
C LYS FA 133 8.65 -38.35 -60.89
N ARG FA 134 9.42 -39.41 -61.12
CA ARG FA 134 10.59 -39.34 -61.97
C ARG FA 134 10.13 -39.69 -63.39
N GLU FA 135 10.48 -38.86 -64.37
CA GLU FA 135 9.87 -39.02 -65.70
C GLU FA 135 10.71 -39.88 -66.64
N GLU FA 136 11.86 -39.37 -67.05
CA GLU FA 136 12.74 -39.99 -68.05
C GLU FA 136 14.12 -39.36 -67.91
N MET FA 137 15.14 -40.20 -67.97
CA MET FA 137 16.53 -39.74 -67.89
C MET FA 137 17.36 -40.59 -68.84
N GLY FA 138 18.68 -40.50 -68.66
CA GLY FA 138 19.56 -41.53 -69.17
C GLY FA 138 19.40 -42.83 -68.42
N GLY FA 139 18.94 -42.75 -67.17
CA GLY FA 139 18.44 -43.89 -66.44
C GLY FA 139 17.69 -43.48 -65.20
N GLU FA 140 16.46 -43.97 -65.04
CA GLU FA 140 15.69 -43.82 -63.81
C GLU FA 140 15.46 -45.18 -63.16
N SER FA 141 16.47 -46.05 -63.21
CA SER FA 141 16.45 -47.44 -62.74
C SER FA 141 15.30 -48.23 -63.33
N ARG GA 1 -70.52 34.27 -21.53
CA ARG GA 1 -69.87 35.39 -20.86
C ARG GA 1 -68.93 36.11 -21.78
N LYS GA 2 -68.42 37.24 -21.30
CA LYS GA 2 -67.31 37.92 -21.96
C LYS GA 2 -66.35 38.37 -20.87
N LEU GA 3 -65.18 37.75 -20.82
CA LEU GA 3 -64.16 38.17 -19.89
C LEU GA 3 -63.64 39.54 -20.33
N GLY GA 4 -63.55 40.49 -19.42
CA GLY GA 4 -62.94 41.75 -19.80
C GLY GA 4 -61.70 42.13 -18.99
N ARG GA 5 -61.71 41.73 -17.72
CA ARG GA 5 -60.75 42.10 -16.69
C ARG GA 5 -60.68 40.91 -15.74
N THR GA 6 -60.27 41.11 -14.50
CA THR GA 6 -60.28 40.03 -13.54
C THR GA 6 -61.70 39.77 -13.03
N SER GA 7 -61.82 39.02 -11.95
CA SER GA 7 -63.13 38.53 -11.53
C SER GA 7 -63.96 39.63 -10.88
N SER GA 8 -63.47 40.21 -9.79
CA SER GA 8 -64.26 41.20 -9.08
C SER GA 8 -64.29 42.53 -9.81
N GLN GA 9 -63.35 42.77 -10.71
CA GLN GA 9 -63.37 44.01 -11.46
C GLN GA 9 -64.53 44.09 -12.43
N ARG GA 10 -65.03 42.96 -12.95
CA ARG GA 10 -66.22 43.03 -13.79
C ARG GA 10 -67.43 43.42 -12.98
N LYS GA 11 -67.54 42.94 -11.74
CA LYS GA 11 -68.63 43.39 -10.88
C LYS GA 11 -68.54 44.87 -10.62
N ALA GA 12 -67.32 45.40 -10.42
CA ALA GA 12 -67.18 46.83 -10.26
C ALA GA 12 -67.56 47.58 -11.52
N MET GA 13 -67.16 47.08 -12.69
CA MET GA 13 -67.45 47.71 -13.98
C MET GA 13 -68.95 47.77 -14.24
N LEU GA 14 -69.65 46.68 -13.99
CA LEU GA 14 -71.04 46.65 -14.37
C LEU GA 14 -71.92 47.31 -13.31
N ARG GA 15 -71.50 47.35 -12.05
CA ARG GA 15 -72.19 48.21 -11.12
C ARG GA 15 -71.96 49.68 -11.46
N ASP GA 16 -70.81 50.00 -12.05
CA ASP GA 16 -70.60 51.39 -12.46
C ASP GA 16 -71.49 51.77 -13.62
N ILE GA 17 -71.48 50.97 -14.68
CA ILE GA 17 -72.17 51.40 -15.89
C ILE GA 17 -73.67 51.19 -15.77
N THR GA 18 -74.14 50.20 -15.01
CA THR GA 18 -75.58 50.00 -14.95
C THR GA 18 -76.24 50.74 -13.80
N THR GA 19 -75.49 51.35 -12.90
CA THR GA 19 -76.09 52.39 -12.10
C THR GA 19 -76.08 53.70 -12.81
N ASP GA 20 -75.34 53.79 -13.89
CA ASP GA 20 -75.65 54.78 -14.91
C ASP GA 20 -76.70 54.15 -15.83
N LEU GA 21 -77.32 54.99 -16.68
CA LEU GA 21 -78.55 54.77 -17.46
C LEU GA 21 -79.80 54.76 -16.61
N ILE GA 22 -79.66 54.59 -15.31
CA ILE GA 22 -80.80 54.81 -14.45
C ILE GA 22 -80.93 56.30 -14.26
N ILE GA 23 -79.81 57.00 -14.35
CA ILE GA 23 -79.77 58.42 -14.09
C ILE GA 23 -79.87 59.24 -15.36
N ASN GA 24 -79.21 58.78 -16.43
CA ASN GA 24 -79.00 59.61 -17.60
C ASN GA 24 -79.74 59.15 -18.84
N GLU GA 25 -79.93 57.85 -19.00
CA GLU GA 25 -80.61 57.15 -20.08
C GLU GA 25 -79.86 57.20 -21.41
N ARG GA 26 -78.75 57.92 -21.49
CA ARG GA 26 -77.79 57.76 -22.57
C ARG GA 26 -76.42 57.49 -22.00
N ILE GA 27 -75.66 56.66 -22.70
CA ILE GA 27 -74.31 56.28 -22.35
C ILE GA 27 -73.52 56.10 -23.62
N VAL GA 28 -72.30 56.62 -23.64
CA VAL GA 28 -71.40 56.43 -24.78
C VAL GA 28 -70.22 55.60 -24.31
N THR GA 29 -70.17 54.33 -24.70
CA THR GA 29 -69.05 53.44 -24.37
C THR GA 29 -68.71 52.61 -25.60
N THR GA 30 -67.97 51.53 -25.39
CA THR GA 30 -67.46 50.67 -26.43
C THR GA 30 -68.55 49.69 -26.90
N GLU GA 31 -68.16 48.66 -27.65
CA GLU GA 31 -69.18 47.68 -28.03
C GLU GA 31 -69.48 46.66 -26.94
N ALA GA 32 -68.46 45.95 -26.45
CA ALA GA 32 -68.72 44.76 -25.65
C ALA GA 32 -69.29 45.11 -24.28
N ARG GA 33 -68.86 46.24 -23.74
CA ARG GA 33 -69.42 46.73 -22.48
C ARG GA 33 -70.90 47.00 -22.61
N ALA GA 34 -71.34 47.44 -23.80
CA ALA GA 34 -72.74 47.67 -24.03
C ALA GA 34 -73.54 46.38 -24.01
N LYS GA 35 -72.95 45.28 -24.45
CA LYS GA 35 -73.70 44.03 -24.49
C LYS GA 35 -73.87 43.46 -23.08
N GLU GA 36 -72.82 43.57 -22.27
CA GLU GA 36 -73.01 43.17 -20.89
C GLU GA 36 -73.98 44.08 -20.15
N VAL GA 37 -74.03 45.35 -20.52
CA VAL GA 37 -74.95 46.26 -19.85
C VAL GA 37 -76.39 46.04 -20.32
N ARG GA 38 -76.60 45.61 -21.58
CA ARG GA 38 -77.89 45.08 -22.03
C ARG GA 38 -78.44 44.09 -21.05
N SER GA 39 -77.67 43.01 -20.86
CA SER GA 39 -78.16 41.88 -20.09
C SER GA 39 -78.43 42.27 -18.65
N THR GA 40 -77.51 43.01 -18.02
CA THR GA 40 -77.67 43.28 -16.61
C THR GA 40 -78.75 44.34 -16.32
N VAL GA 41 -78.89 45.35 -17.19
CA VAL GA 41 -79.96 46.33 -16.99
C VAL GA 41 -81.32 45.70 -17.19
N GLU GA 42 -81.50 44.92 -18.25
CA GLU GA 42 -82.79 44.28 -18.44
C GLU GA 42 -83.07 43.21 -17.41
N LYS GA 43 -82.05 42.64 -16.77
CA LYS GA 43 -82.36 41.82 -15.62
C LYS GA 43 -82.73 42.65 -14.41
N MET GA 44 -82.32 43.91 -14.34
CA MET GA 44 -82.63 44.72 -13.17
C MET GA 44 -83.73 45.75 -13.41
N ILE GA 45 -84.51 45.60 -14.47
CA ILE GA 45 -85.77 46.34 -14.58
C ILE GA 45 -86.95 45.43 -14.28
N THR GA 46 -86.79 44.13 -14.51
CA THR GA 46 -87.84 43.19 -14.14
C THR GA 46 -88.04 43.11 -12.64
N LEU GA 47 -87.05 43.51 -11.86
CA LEU GA 47 -87.32 43.74 -10.45
C LEU GA 47 -88.09 45.02 -10.21
N GLY GA 48 -88.03 45.98 -11.14
CA GLY GA 48 -88.82 47.19 -10.99
C GLY GA 48 -90.28 47.02 -11.28
N LYS GA 49 -90.67 45.87 -11.84
CA LYS GA 49 -92.08 45.62 -12.07
C LYS GA 49 -92.74 45.03 -10.84
N ARG GA 50 -91.98 44.33 -10.00
CA ARG GA 50 -92.59 43.61 -8.89
C ARG GA 50 -92.97 44.56 -7.75
N GLY GA 51 -91.99 45.19 -7.13
CA GLY GA 51 -92.26 46.10 -6.05
C GLY GA 51 -92.42 45.47 -4.68
N ASP GA 52 -91.79 44.33 -4.44
CA ASP GA 52 -91.89 43.62 -3.18
C ASP GA 52 -90.77 44.07 -2.25
N LEU GA 53 -90.55 43.32 -1.17
CA LEU GA 53 -89.29 43.47 -0.48
C LEU GA 53 -88.17 42.76 -1.20
N HIS GA 54 -88.45 41.62 -1.84
CA HIS GA 54 -87.42 41.00 -2.68
C HIS GA 54 -87.07 41.81 -3.90
N ALA GA 55 -87.94 42.71 -4.35
CA ALA GA 55 -87.52 43.65 -5.37
C ALA GA 55 -86.47 44.62 -4.84
N ARG GA 56 -86.71 45.18 -3.66
CA ARG GA 56 -85.68 45.99 -3.00
C ARG GA 56 -84.48 45.14 -2.60
N ARG GA 57 -84.72 44.06 -1.88
CA ARG GA 57 -83.64 43.31 -1.28
C ARG GA 57 -83.02 42.30 -2.23
N GLN GA 58 -83.28 42.41 -3.52
CA GLN GA 58 -82.31 41.98 -4.50
C GLN GA 58 -81.74 43.14 -5.29
N ALA GA 59 -82.25 44.35 -5.12
CA ALA GA 59 -81.59 45.50 -5.72
C ALA GA 59 -80.45 46.02 -4.86
N ALA GA 60 -80.17 45.38 -3.75
CA ALA GA 60 -79.00 45.72 -2.98
C ALA GA 60 -77.74 45.26 -3.62
N THR GA 61 -77.68 44.64 -4.80
CA THR GA 61 -76.42 44.32 -5.43
C THR GA 61 -76.00 45.38 -6.44
N PHE GA 62 -76.77 45.56 -7.50
CA PHE GA 62 -76.37 46.44 -8.59
C PHE GA 62 -76.89 47.85 -8.44
N VAL GA 63 -76.99 48.36 -7.22
CA VAL GA 63 -77.32 49.76 -7.04
C VAL GA 63 -76.30 50.37 -6.11
N ARG GA 64 -75.60 51.39 -6.60
CA ARG GA 64 -74.76 52.21 -5.73
C ARG GA 64 -75.63 52.99 -4.75
N ASN GA 65 -75.25 52.95 -3.47
CA ASN GA 65 -76.09 53.49 -2.41
C ASN GA 65 -76.30 55.00 -2.50
N GLU GA 66 -75.24 55.76 -2.24
CA GLU GA 66 -75.38 57.22 -2.16
C GLU GA 66 -75.15 57.82 -3.54
N VAL GA 67 -76.17 57.71 -4.38
CA VAL GA 67 -76.14 58.30 -5.71
C VAL GA 67 -77.46 59.03 -5.92
N ALA GA 68 -77.40 60.32 -6.21
CA ALA GA 68 -78.58 61.14 -6.29
C ALA GA 68 -78.99 61.39 -7.74
N SER GA 69 -80.24 61.83 -7.91
CA SER GA 69 -80.75 62.37 -9.18
C SER GA 69 -81.99 63.19 -8.85
N VAL GA 70 -81.92 64.50 -9.01
CA VAL GA 70 -82.98 65.40 -8.57
C VAL GA 70 -83.52 66.17 -9.76
N ARG GA 71 -84.82 66.03 -10.03
CA ARG GA 71 -85.62 67.06 -10.69
C ARG GA 71 -86.86 67.22 -9.83
N GLU GA 72 -86.73 67.93 -8.72
CA GLU GA 72 -87.71 67.73 -7.67
C GLU GA 72 -87.63 68.75 -6.54
N GLU GA 73 -88.76 69.41 -6.25
CA GLU GA 73 -89.07 70.03 -4.96
C GLU GA 73 -90.54 70.39 -4.97
N ASP GA 74 -91.11 70.53 -3.77
CA ASP GA 74 -92.41 71.15 -3.58
C ASP GA 74 -92.27 72.46 -2.80
N GLU GA 75 -91.77 72.38 -1.57
CA GLU GA 75 -91.05 73.49 -0.95
C GLU GA 75 -90.05 72.82 -0.01
N SER GA 76 -88.89 72.47 -0.55
CA SER GA 76 -87.93 71.56 0.07
C SER GA 76 -86.73 71.38 -0.82
N ILE GA 77 -85.81 70.53 -0.40
CA ILE GA 77 -84.80 69.95 -1.27
C ILE GA 77 -84.94 68.44 -1.08
N VAL GA 78 -85.67 67.79 -1.98
CA VAL GA 78 -86.05 66.39 -1.85
C VAL GA 78 -85.45 65.59 -3.00
N VAL GA 79 -84.85 64.44 -2.67
CA VAL GA 79 -83.83 63.80 -3.50
C VAL GA 79 -84.24 62.37 -3.81
N GLU GA 80 -84.34 62.04 -5.11
CA GLU GA 80 -84.40 60.64 -5.52
C GLU GA 80 -83.01 60.06 -5.49
N SER GA 81 -82.92 58.80 -5.08
CA SER GA 81 -81.63 58.15 -4.86
C SER GA 81 -81.42 56.94 -5.77
N ALA GA 82 -81.82 57.07 -7.03
CA ALA GA 82 -81.41 56.19 -8.14
C ALA GA 82 -81.80 54.72 -8.03
N LEU GA 83 -82.50 54.35 -6.97
CA LEU GA 83 -83.20 53.09 -6.80
C LEU GA 83 -84.68 53.33 -6.61
N GLN GA 84 -85.00 54.39 -5.86
CA GLN GA 84 -86.31 54.98 -5.84
C GLN GA 84 -86.79 55.31 -7.24
N LYS GA 85 -85.87 55.68 -8.14
CA LYS GA 85 -86.25 55.93 -9.52
C LYS GA 85 -86.68 54.65 -10.21
N LEU GA 86 -86.06 53.51 -9.90
CA LEU GA 86 -86.55 52.24 -10.44
C LEU GA 86 -87.94 51.91 -9.91
N PHE GA 87 -88.11 52.02 -8.61
CA PHE GA 87 -89.37 51.59 -8.04
C PHE GA 87 -90.44 52.67 -8.07
N ASN GA 88 -90.19 53.79 -8.72
CA ASN GA 88 -91.23 54.77 -8.91
C ASN GA 88 -91.42 55.24 -10.34
N ASP GA 89 -90.44 55.12 -11.23
CA ASP GA 89 -90.60 55.64 -12.57
C ASP GA 89 -90.44 54.58 -13.65
N LEU GA 90 -89.33 53.84 -13.66
CA LEU GA 90 -89.06 52.95 -14.78
C LEU GA 90 -89.91 51.71 -14.75
N GLY GA 91 -90.40 51.30 -13.59
CA GLY GA 91 -91.40 50.27 -13.47
C GLY GA 91 -92.68 50.61 -14.21
N PRO GA 92 -93.35 51.68 -13.80
CA PRO GA 92 -94.56 52.10 -14.52
C PRO GA 92 -94.32 52.59 -15.95
N ARG GA 93 -93.10 52.92 -16.36
CA ARG GA 93 -92.89 53.20 -17.78
C ARG GA 93 -93.06 51.95 -18.61
N PHE GA 94 -92.35 50.89 -18.26
CA PHE GA 94 -92.44 49.63 -18.98
C PHE GA 94 -93.34 48.65 -18.27
N ALA GA 95 -94.41 49.14 -17.65
CA ALA GA 95 -95.41 48.26 -17.07
C ALA GA 95 -96.07 47.37 -18.11
N GLU GA 96 -96.21 47.85 -19.34
CA GLU GA 96 -96.85 47.08 -20.40
C GLU GA 96 -95.88 46.54 -21.42
N ARG GA 97 -94.60 46.89 -21.33
CA ARG GA 97 -93.62 46.39 -22.27
C ARG GA 97 -93.19 45.00 -21.86
N GLN GA 98 -92.95 44.14 -22.85
CA GLN GA 98 -92.30 42.85 -22.66
C GLN GA 98 -90.79 43.04 -22.56
N GLY GA 99 -90.01 42.00 -22.84
CA GLY GA 99 -88.56 42.18 -22.88
C GLY GA 99 -88.05 43.16 -23.93
N GLY GA 100 -86.75 43.41 -23.97
CA GLY GA 100 -86.22 44.31 -24.98
C GLY GA 100 -86.47 45.77 -24.70
N TYR GA 101 -85.80 46.32 -23.69
CA TYR GA 101 -85.98 47.70 -23.26
C TYR GA 101 -84.88 48.62 -23.74
N THR GA 102 -84.06 48.23 -24.71
CA THR GA 102 -82.84 48.98 -25.00
C THR GA 102 -82.60 49.12 -26.49
N ARG GA 103 -81.71 50.06 -26.83
CA ARG GA 103 -81.20 50.24 -28.17
C ARG GA 103 -79.70 50.42 -28.12
N ILE GA 104 -79.01 49.89 -29.13
CA ILE GA 104 -77.55 50.01 -29.24
C ILE GA 104 -77.23 50.46 -30.65
N LEU GA 105 -76.56 51.59 -30.77
CA LEU GA 105 -76.30 52.22 -32.06
C LEU GA 105 -74.81 52.36 -32.28
N LYS GA 106 -74.39 52.27 -33.52
CA LYS GA 106 -72.99 52.16 -33.88
C LYS GA 106 -72.51 53.45 -34.53
N THR GA 107 -71.69 54.22 -33.81
CA THR GA 107 -71.34 55.55 -34.29
C THR GA 107 -70.00 55.65 -35.02
N GLU GA 108 -68.89 55.45 -34.31
CA GLU GA 108 -67.58 55.84 -34.79
C GLU GA 108 -66.53 55.05 -34.03
N PRO GA 109 -65.33 54.92 -34.59
CA PRO GA 109 -64.19 54.51 -33.77
C PRO GA 109 -63.62 55.68 -32.99
N ARG GA 110 -63.14 55.37 -31.80
CA ARG GA 110 -62.53 56.37 -30.94
C ARG GA 110 -61.21 56.83 -31.55
N ARG GA 111 -60.85 58.08 -31.31
CA ARG GA 111 -59.65 58.63 -31.92
C ARG GA 111 -58.40 58.08 -31.27
N GLY GA 112 -58.44 57.79 -29.99
CA GLY GA 112 -57.22 57.39 -29.30
C GLY GA 112 -56.78 55.99 -29.61
N ASP GA 113 -57.72 55.05 -29.72
CA ASP GA 113 -57.38 53.64 -29.80
C ASP GA 113 -58.04 52.86 -30.91
N ALA GA 114 -58.82 53.53 -31.78
CA ALA GA 114 -59.64 52.89 -32.82
C ALA GA 114 -60.58 51.85 -32.22
N ALA GA 115 -61.13 52.16 -31.06
CA ALA GA 115 -62.14 51.32 -30.45
C ALA GA 115 -63.50 51.83 -30.90
N PRO GA 116 -64.32 51.01 -31.56
CA PRO GA 116 -65.62 51.48 -32.02
C PRO GA 116 -66.56 51.74 -30.86
N MET GA 117 -67.33 52.81 -30.96
CA MET GA 117 -68.10 53.36 -29.86
C MET GA 117 -69.59 53.24 -30.15
N VAL GA 118 -70.39 53.44 -29.11
CA VAL GA 118 -71.76 52.92 -29.07
C VAL GA 118 -72.60 53.76 -28.11
N VAL GA 119 -73.84 54.06 -28.52
CA VAL GA 119 -74.83 54.75 -27.70
C VAL GA 119 -75.84 53.73 -27.18
N ILE GA 120 -76.18 53.79 -25.90
CA ILE GA 120 -77.29 53.02 -25.34
C ILE GA 120 -78.41 53.98 -24.97
N GLU GA 121 -79.64 53.65 -25.37
CA GLU GA 121 -80.83 54.34 -24.90
C GLU GA 121 -81.85 53.30 -24.48
N PHE GA 122 -83.00 53.77 -23.97
CA PHE GA 122 -84.06 52.83 -23.58
C PHE GA 122 -85.12 52.60 -24.65
N VAL GA 123 -85.89 53.61 -24.96
CA VAL GA 123 -87.20 53.37 -25.57
C VAL GA 123 -87.09 53.02 -27.05
N ILE HA 1 65.65 -38.03 -46.27
CA ILE HA 1 66.00 -36.62 -46.42
C ILE HA 1 66.03 -36.24 -47.88
N THR HA 2 65.29 -35.19 -48.21
CA THR HA 2 65.36 -34.57 -49.53
C THR HA 2 66.43 -33.48 -49.47
N LYS HA 3 67.59 -33.75 -50.04
CA LYS HA 3 68.63 -32.74 -50.11
C LYS HA 3 68.24 -31.71 -51.15
N PRO HA 4 68.00 -30.45 -50.78
CA PRO HA 4 67.39 -29.51 -51.73
C PRO HA 4 68.41 -29.01 -52.74
N ASP HA 5 67.97 -28.93 -53.98
CA ASP HA 5 68.89 -28.59 -55.05
C ASP HA 5 69.17 -27.10 -55.04
N LYS HA 6 70.21 -26.71 -55.78
CA LYS HA 6 70.90 -25.48 -55.45
C LYS HA 6 70.78 -24.38 -56.50
N ASN HA 7 70.39 -24.70 -57.73
CA ASN HA 7 70.05 -23.61 -58.65
C ASN HA 7 68.75 -22.93 -58.31
N LYS HA 8 67.86 -23.62 -57.59
CA LYS HA 8 66.52 -23.09 -57.32
C LYS HA 8 66.59 -21.88 -56.40
N THR HA 9 67.32 -22.02 -55.30
CA THR HA 9 67.48 -20.91 -54.37
C THR HA 9 68.31 -19.79 -54.98
N ARG HA 10 69.29 -20.14 -55.81
CA ARG HA 10 70.05 -19.13 -56.53
C ARG HA 10 69.17 -18.33 -57.47
N GLN HA 11 68.20 -18.99 -58.08
CA GLN HA 11 67.29 -18.24 -58.94
C GLN HA 11 66.26 -17.47 -58.14
N LYS HA 12 65.90 -17.94 -56.95
CA LYS HA 12 65.06 -17.13 -56.04
C LYS HA 12 65.75 -15.83 -55.71
N ARG HA 13 67.03 -15.91 -55.39
CA ARG HA 13 67.78 -14.70 -55.06
C ARG HA 13 68.00 -13.82 -56.28
N HIS HA 14 68.21 -14.44 -57.45
CA HIS HA 14 68.21 -13.72 -58.73
C HIS HA 14 66.97 -12.90 -58.93
N ARG HA 15 65.80 -13.50 -58.72
CA ARG HA 15 64.57 -12.80 -59.04
C ARG HA 15 64.22 -11.75 -58.01
N ARG HA 16 64.55 -11.97 -56.74
CA ARG HA 16 64.36 -10.90 -55.78
C ARG HA 16 65.39 -9.79 -55.91
N VAL HA 17 66.52 -10.04 -56.57
CA VAL HA 17 67.38 -8.92 -56.94
C VAL HA 17 66.80 -8.20 -58.15
N ARG HA 18 66.51 -8.95 -59.21
CA ARG HA 18 66.11 -8.37 -60.49
C ARG HA 18 64.78 -7.67 -60.44
N ASN HA 19 63.95 -7.92 -59.42
CA ASN HA 19 62.82 -7.02 -59.22
C ASN HA 19 63.25 -5.63 -58.79
N LYS HA 20 64.44 -5.48 -58.20
CA LYS HA 20 64.84 -4.13 -57.81
C LYS HA 20 65.35 -3.36 -59.02
N GLU HA 26 71.21 1.55 -71.90
CA GLU HA 26 72.58 1.65 -72.37
C GLU HA 26 73.54 1.51 -71.20
N CYS HA 27 73.07 0.91 -70.12
CA CYS HA 27 73.86 0.67 -68.91
C CYS HA 27 73.72 -0.80 -68.54
N PRO HA 28 74.30 -1.70 -69.34
CA PRO HA 28 73.87 -3.11 -69.33
C PRO HA 28 74.33 -3.85 -68.10
N ARG HA 29 73.86 -5.09 -67.97
CA ARG HA 29 74.17 -5.92 -66.82
C ARG HA 29 75.58 -6.48 -66.91
N LEU HA 30 75.98 -7.13 -65.83
CA LEU HA 30 76.94 -8.22 -65.85
C LEU HA 30 76.25 -9.50 -65.44
N ASN HA 31 77.02 -10.57 -65.39
CA ASN HA 31 76.59 -11.81 -64.78
C ASN HA 31 77.78 -12.52 -64.15
N ILE HA 32 77.49 -13.22 -63.06
CA ILE HA 32 78.47 -13.89 -62.22
C ILE HA 32 77.94 -15.29 -61.93
N PHE HA 33 78.76 -16.31 -62.16
CA PHE HA 33 78.28 -17.67 -62.00
C PHE HA 33 79.24 -18.53 -61.21
N ARG HA 34 78.71 -19.63 -60.71
CA ARG HA 34 79.49 -20.68 -60.10
C ARG HA 34 79.18 -22.00 -60.77
N SER HA 35 80.07 -22.95 -60.51
CA SER HA 35 79.82 -24.36 -60.71
C SER HA 35 80.63 -25.04 -59.63
N ASN HA 36 80.93 -26.31 -59.81
CA ASN HA 36 82.01 -26.84 -58.98
C ASN HA 36 83.35 -26.33 -59.46
N LYS HA 37 83.47 -25.97 -60.75
CA LYS HA 37 84.77 -25.78 -61.36
C LYS HA 37 84.88 -24.54 -62.26
N ASN HA 38 83.83 -23.77 -62.45
CA ASN HA 38 83.85 -22.78 -63.53
C ASN HA 38 83.04 -21.56 -63.15
N ILE HA 39 83.35 -20.43 -63.82
CA ILE HA 39 82.79 -19.12 -63.55
C ILE HA 39 82.62 -18.40 -64.88
N TYR HA 40 81.38 -18.10 -65.25
CA TYR HA 40 81.13 -17.46 -66.55
C TYR HA 40 80.70 -16.02 -66.34
N ALA HA 41 80.57 -15.28 -67.44
CA ALA HA 41 80.15 -13.88 -67.39
C ALA HA 41 79.55 -13.45 -68.72
N GLN HA 42 78.55 -12.57 -68.67
CA GLN HA 42 77.91 -12.01 -69.87
C GLN HA 42 77.55 -10.56 -69.64
N VAL HA 43 77.27 -9.84 -70.73
CA VAL HA 43 76.89 -8.42 -70.69
C VAL HA 43 75.65 -8.24 -71.55
N ILE HA 44 74.50 -8.04 -70.90
CA ILE HA 44 73.19 -8.18 -71.54
C ILE HA 44 72.41 -6.88 -71.45
N ASP HA 45 71.67 -6.54 -72.52
CA ASP HA 45 70.63 -5.52 -72.48
C ASP HA 45 69.23 -6.11 -72.44
N ASP HA 46 68.29 -5.28 -71.99
CA ASP HA 46 66.86 -5.54 -72.04
C ASP HA 46 66.19 -4.29 -72.63
N VAL HA 47 65.23 -4.47 -73.54
CA VAL HA 47 64.56 -5.72 -73.84
C VAL HA 47 65.07 -6.15 -75.21
N ALA HA 48 66.34 -5.85 -75.47
CA ALA HA 48 66.97 -6.41 -76.66
C ALA HA 48 67.25 -7.89 -76.49
N GLY HA 49 67.55 -8.33 -75.26
CA GLY HA 49 67.88 -9.73 -75.03
C GLY HA 49 69.18 -10.17 -75.63
N VAL HA 50 70.17 -9.30 -75.69
CA VAL HA 50 71.38 -9.51 -76.46
C VAL HA 50 72.57 -9.49 -75.50
N THR HA 51 73.38 -10.54 -75.53
CA THR HA 51 74.70 -10.42 -74.94
C THR HA 51 75.61 -9.68 -75.91
N LEU HA 52 76.31 -8.67 -75.42
CA LEU HA 52 77.23 -7.94 -76.28
C LEU HA 52 78.65 -8.48 -76.22
N ALA HA 53 79.05 -9.06 -75.09
CA ALA HA 53 80.34 -9.71 -74.96
C ALA HA 53 80.28 -10.68 -73.79
N SER HA 54 81.22 -11.60 -73.75
CA SER HA 54 81.27 -12.59 -72.69
C SER HA 54 82.70 -13.03 -72.52
N ALA HA 55 82.91 -13.96 -71.59
CA ALA HA 55 84.23 -14.54 -71.38
C ALA HA 55 84.05 -15.92 -70.77
N SER HA 56 84.93 -16.83 -71.15
CA SER HA 56 84.86 -18.19 -70.65
C SER HA 56 85.42 -18.28 -69.24
N ALA HA 57 85.22 -19.44 -68.63
CA ALA HA 57 85.85 -19.67 -67.35
C ALA HA 57 87.31 -20.04 -67.54
N LEU HA 58 87.55 -21.18 -68.17
CA LEU HA 58 88.88 -21.76 -68.25
C LEU HA 58 89.21 -22.19 -69.67
N ASP HA 59 88.41 -21.78 -70.64
CA ASP HA 59 88.52 -22.39 -71.95
C ASP HA 59 89.66 -21.80 -72.76
N LYS HA 60 89.69 -20.48 -72.94
CA LYS HA 60 90.61 -19.92 -73.93
C LYS HA 60 92.02 -19.75 -73.37
N GLU HA 61 92.22 -18.77 -72.49
CA GLU HA 61 93.53 -18.60 -71.85
C GLU HA 61 93.33 -17.96 -70.47
N ILE HA 62 93.11 -18.81 -69.47
CA ILE HA 62 92.86 -18.30 -68.13
C ILE HA 62 93.73 -19.02 -67.12
N SER HA 63 93.68 -20.35 -67.11
CA SER HA 63 94.03 -21.14 -65.95
C SER HA 63 95.54 -21.24 -65.79
N GLY HA 64 95.97 -22.12 -64.90
CA GLY HA 64 97.30 -22.02 -64.35
C GLY HA 64 97.23 -21.87 -62.85
N GLY HA 65 96.24 -22.52 -62.24
CA GLY HA 65 96.09 -22.52 -60.80
C GLY HA 65 94.64 -22.41 -60.42
N THR HA 66 94.15 -23.37 -59.63
CA THR HA 66 92.73 -23.56 -59.42
C THR HA 66 92.13 -22.63 -58.37
N LYS HA 67 92.80 -21.54 -58.03
CA LYS HA 67 92.27 -20.62 -57.04
C LYS HA 67 91.23 -19.70 -57.68
N THR HA 68 90.89 -18.64 -56.94
CA THR HA 68 90.16 -17.49 -57.44
C THR HA 68 90.98 -16.63 -58.40
N GLU HA 69 92.27 -16.95 -58.57
CA GLU HA 69 93.14 -16.30 -59.55
C GLU HA 69 92.59 -16.43 -60.95
N THR HA 70 91.89 -17.54 -61.23
CA THR HA 70 91.12 -17.69 -62.45
C THR HA 70 90.14 -16.54 -62.61
N ALA HA 71 89.43 -16.21 -61.53
CA ALA HA 71 88.34 -15.25 -61.61
C ALA HA 71 88.86 -13.84 -61.88
N ALA HA 72 90.04 -13.51 -61.36
CA ALA HA 72 90.61 -12.21 -61.65
C ALA HA 72 91.00 -12.11 -63.12
N ALA HA 73 91.49 -13.20 -63.70
CA ALA HA 73 91.79 -13.21 -65.12
C ALA HA 73 90.52 -13.08 -65.95
N VAL HA 74 89.45 -13.73 -65.50
CA VAL HA 74 88.16 -13.63 -66.19
C VAL HA 74 87.64 -12.21 -66.16
N GLY HA 75 87.72 -11.57 -64.98
CA GLY HA 75 87.26 -10.19 -64.85
C GLY HA 75 88.13 -9.21 -65.61
N LYS HA 76 89.39 -9.57 -65.85
CA LYS HA 76 90.19 -8.78 -66.79
C LYS HA 76 89.68 -8.94 -68.20
N LEU HA 77 89.44 -10.18 -68.62
CA LEU HA 77 89.09 -10.46 -70.01
C LEU HA 77 87.74 -9.87 -70.40
N VAL HA 78 86.82 -9.80 -69.45
CA VAL HA 78 85.50 -9.22 -69.71
C VAL HA 78 85.63 -7.76 -70.08
N ALA HA 79 86.31 -6.99 -69.23
CA ALA HA 79 86.45 -5.57 -69.47
C ALA HA 79 87.34 -5.28 -70.67
N GLU HA 80 88.32 -6.16 -70.94
CA GLU HA 80 89.15 -5.97 -72.12
C GLU HA 80 88.34 -6.16 -73.40
N ARG HA 81 87.45 -7.16 -73.43
CA ARG HA 81 86.62 -7.31 -74.61
C ARG HA 81 85.53 -6.26 -74.67
N ALA HA 82 85.10 -5.74 -73.51
CA ALA HA 82 83.99 -4.81 -73.48
C ALA HA 82 84.44 -3.40 -73.84
N ALA HA 83 85.65 -3.02 -73.45
CA ALA HA 83 86.13 -1.66 -73.69
C ALA HA 83 86.39 -1.42 -75.17
N GLU HA 84 86.65 -2.49 -75.92
CA GLU HA 84 86.71 -2.37 -77.37
C GLU HA 84 85.34 -2.11 -77.98
N LYS HA 85 84.26 -2.34 -77.23
CA LYS HA 85 82.91 -2.09 -77.70
C LYS HA 85 82.31 -0.82 -77.13
N GLY HA 86 83.06 -0.06 -76.34
CA GLY HA 86 82.62 1.23 -75.88
C GLY HA 86 81.53 1.17 -74.84
N ILE HA 87 81.83 0.58 -73.68
CA ILE HA 87 80.88 0.41 -72.59
C ILE HA 87 81.60 0.72 -71.29
N LYS HA 88 81.13 1.73 -70.55
CA LYS HA 88 81.70 2.04 -69.24
C LYS HA 88 80.60 2.37 -68.24
N LYS HA 89 79.46 1.72 -68.37
CA LYS HA 89 78.27 2.13 -67.62
C LYS HA 89 77.59 0.94 -66.96
N VAL HA 90 78.33 -0.07 -66.56
CA VAL HA 90 77.75 -1.38 -66.30
C VAL HA 90 77.14 -1.40 -64.89
N VAL HA 91 76.32 -2.41 -64.61
CA VAL HA 91 75.68 -2.63 -63.32
C VAL HA 91 75.92 -4.06 -62.91
N PHE HA 92 76.46 -4.27 -61.70
CA PHE HA 92 76.73 -5.63 -61.24
C PHE HA 92 75.46 -6.35 -60.86
N ASP HA 93 75.25 -7.53 -61.44
CA ASP HA 93 74.41 -8.51 -60.78
C ASP HA 93 75.19 -9.11 -59.63
N ARG HA 94 74.51 -9.32 -58.52
CA ARG HA 94 75.11 -10.10 -57.46
C ARG HA 94 74.97 -11.58 -57.74
N GLY HA 95 74.18 -11.93 -58.76
CA GLY HA 95 73.86 -13.31 -59.00
C GLY HA 95 72.81 -13.80 -58.04
N GLY HA 96 73.19 -14.74 -57.19
CA GLY HA 96 72.37 -15.17 -56.09
C GLY HA 96 73.28 -15.45 -54.92
N TYR HA 97 74.34 -14.66 -54.82
CA TYR HA 97 75.46 -15.06 -53.99
C TYR HA 97 75.79 -13.99 -52.97
N LEU HA 98 76.94 -14.12 -52.33
CA LEU HA 98 77.49 -13.07 -51.49
C LEU HA 98 78.71 -12.47 -52.18
N TYR HA 99 79.44 -11.61 -51.47
CA TYR HA 99 80.76 -11.16 -51.92
C TYR HA 99 81.79 -11.65 -50.92
N HIS HA 100 82.21 -12.88 -51.06
CA HIS HA 100 83.43 -13.24 -50.34
C HIS HA 100 84.43 -13.98 -51.20
N GLY HA 101 83.97 -14.90 -52.03
CA GLY HA 101 84.91 -15.79 -52.68
C GLY HA 101 85.29 -15.27 -54.04
N ARG HA 102 85.08 -16.11 -55.06
CA ARG HA 102 85.47 -15.73 -56.40
C ARG HA 102 84.44 -14.84 -57.10
N VAL HA 103 84.04 -13.77 -56.43
CA VAL HA 103 83.07 -12.84 -56.98
C VAL HA 103 83.61 -11.42 -56.86
N GLN HA 104 84.20 -11.07 -55.71
CA GLN HA 104 84.99 -9.86 -55.63
C GLN HA 104 86.22 -9.93 -56.52
N ALA HA 105 86.71 -11.14 -56.77
CA ALA HA 105 87.80 -11.32 -57.72
C ALA HA 105 87.36 -10.90 -59.12
N LEU HA 106 86.11 -11.18 -59.49
CA LEU HA 106 85.60 -10.64 -60.73
C LEU HA 106 85.38 -9.14 -60.64
N ALA HA 107 84.83 -8.67 -59.53
CA ALA HA 107 84.35 -7.30 -59.43
C ALA HA 107 85.49 -6.30 -59.46
N GLU HA 108 86.52 -6.54 -58.67
CA GLU HA 108 87.62 -5.58 -58.62
C GLU HA 108 88.47 -5.66 -59.88
N ALA HA 109 88.46 -6.80 -60.56
CA ALA HA 109 89.10 -6.85 -61.87
C ALA HA 109 88.27 -6.12 -62.90
N ALA HA 110 86.95 -6.07 -62.71
CA ALA HA 110 86.13 -5.33 -63.66
C ALA HA 110 86.25 -3.83 -63.44
N ARG HA 111 86.46 -3.40 -62.21
CA ARG HA 111 86.51 -1.97 -61.95
C ARG HA 111 87.79 -1.33 -62.49
N GLU HA 112 88.91 -2.03 -62.37
CA GLU HA 112 90.20 -1.44 -62.70
C GLU HA 112 90.68 -1.78 -64.11
N ASN HA 113 89.74 -2.00 -65.03
CA ASN HA 113 90.12 -2.18 -66.42
C ASN HA 113 89.16 -1.49 -67.39
N GLY HA 114 88.49 -0.43 -66.95
CA GLY HA 114 87.69 0.35 -67.87
C GLY HA 114 86.26 0.57 -67.41
N LEU HA 115 85.66 -0.46 -66.82
CA LEU HA 115 84.24 -0.41 -66.49
C LEU HA 115 84.04 0.49 -65.27
N GLU HA 116 83.27 1.55 -65.43
CA GLU HA 116 83.24 2.63 -64.46
C GLU HA 116 82.14 2.42 -63.44
N PHE HA 117 82.47 2.62 -62.16
CA PHE HA 117 81.53 2.43 -61.08
C PHE HA 117 81.71 3.51 -60.01
N ASN IA 1 -83.81 16.06 -24.86
CA ASN IA 1 -84.94 16.22 -23.95
C ASN IA 1 -86.38 16.13 -24.51
N PRO IA 2 -86.71 16.63 -25.73
CA PRO IA 2 -88.07 16.38 -26.23
C PRO IA 2 -88.31 14.93 -26.61
N LEU IA 3 -87.46 14.34 -27.45
CA LEU IA 3 -87.70 12.96 -27.84
C LEU IA 3 -87.36 11.97 -26.75
N ILE IA 4 -86.29 12.25 -26.00
CA ILE IA 4 -85.82 11.33 -24.98
C ILE IA 4 -86.86 11.14 -23.89
N GLN IA 5 -87.43 12.22 -23.42
CA GLN IA 5 -88.51 12.10 -22.45
C GLN IA 5 -89.85 11.78 -23.08
N GLU IA 6 -89.88 11.44 -24.36
CA GLU IA 6 -91.00 10.71 -24.91
C GLU IA 6 -90.65 9.25 -25.11
N LEU IA 7 -89.38 8.93 -25.36
CA LEU IA 7 -89.01 7.55 -25.57
C LEU IA 7 -88.87 6.78 -24.27
N THR IA 8 -88.74 7.48 -23.14
CA THR IA 8 -88.56 6.75 -21.89
C THR IA 8 -89.60 7.13 -20.84
N GLN IA 9 -90.86 7.18 -21.25
CA GLN IA 9 -91.98 7.23 -20.32
C GLN IA 9 -92.50 5.84 -20.01
N GLU IA 10 -91.79 4.82 -20.45
CA GLU IA 10 -92.33 3.48 -20.55
C GLU IA 10 -91.64 2.50 -19.64
N GLN IA 11 -90.33 2.62 -19.47
CA GLN IA 11 -89.58 1.74 -18.59
C GLN IA 11 -89.40 2.32 -17.21
N LEU IA 12 -90.07 3.43 -16.92
CA LEU IA 12 -90.02 4.01 -15.59
C LEU IA 12 -90.78 3.15 -14.59
N ARG IA 13 -90.54 3.43 -13.31
CA ARG IA 13 -91.21 2.77 -12.20
C ARG IA 13 -92.00 3.80 -11.40
N THR IA 14 -93.25 3.48 -11.09
CA THR IA 14 -94.10 4.36 -10.30
C THR IA 14 -94.28 3.87 -8.87
N ASP IA 15 -93.53 2.85 -8.46
CA ASP IA 15 -93.70 2.18 -7.17
C ASP IA 15 -92.80 2.74 -6.09
N ILE IA 16 -92.24 3.92 -6.30
CA ILE IA 16 -91.09 4.40 -5.54
C ILE IA 16 -91.58 5.45 -4.54
N PRO IA 17 -91.37 5.25 -3.25
CA PRO IA 17 -91.83 6.23 -2.26
C PRO IA 17 -90.92 7.45 -2.24
N ALA IA 18 -91.27 8.39 -1.37
CA ALA IA 18 -90.55 9.65 -1.25
C ALA IA 18 -89.51 9.54 -0.15
N PHE IA 19 -88.26 9.90 -0.47
CA PHE IA 19 -87.19 9.82 0.51
C PHE IA 19 -86.09 10.81 0.17
N ARG IA 20 -85.66 11.52 1.17
CA ARG IA 20 -84.61 12.51 1.20
C ARG IA 20 -83.29 11.81 1.51
N PRO IA 21 -82.15 12.41 1.15
CA PRO IA 21 -80.87 11.81 1.55
C PRO IA 21 -80.67 11.90 3.06
N GLY IA 22 -80.51 10.74 3.69
CA GLY IA 22 -80.47 10.71 5.13
C GLY IA 22 -81.68 10.00 5.71
N ASP IA 23 -82.13 8.96 5.04
CA ASP IA 23 -83.29 8.18 5.47
C ASP IA 23 -82.97 6.71 5.34
N THR IA 24 -83.12 5.96 6.44
CA THR IA 24 -82.74 4.55 6.43
C THR IA 24 -83.71 3.72 5.60
N VAL IA 25 -83.15 2.85 4.77
CA VAL IA 25 -83.87 2.22 3.67
C VAL IA 25 -83.50 0.74 3.64
N ARG IA 26 -84.50 -0.14 3.51
CA ARG IA 26 -84.24 -1.52 3.14
C ARG IA 26 -84.35 -1.67 1.64
N VAL IA 27 -83.45 -2.43 1.06
CA VAL IA 27 -83.40 -2.66 -0.38
C VAL IA 27 -83.41 -4.16 -0.61
N HIS IA 28 -84.44 -4.65 -1.29
CA HIS IA 28 -84.49 -6.04 -1.73
C HIS IA 28 -83.77 -6.15 -3.07
N ALA IA 29 -82.72 -6.92 -3.13
CA ALA IA 29 -82.06 -7.13 -4.42
C ALA IA 29 -82.64 -8.37 -5.07
N LYS IA 30 -82.01 -8.82 -6.16
CA LYS IA 30 -82.31 -10.09 -6.81
C LYS IA 30 -80.99 -10.69 -7.28
N VAL IA 31 -80.59 -11.81 -6.69
CA VAL IA 31 -79.26 -12.37 -6.85
C VAL IA 31 -79.35 -13.68 -7.60
N VAL IA 32 -78.59 -13.81 -8.68
CA VAL IA 32 -78.57 -15.04 -9.47
C VAL IA 32 -77.32 -15.83 -9.10
N GLU IA 33 -77.51 -17.01 -8.51
CA GLU IA 33 -76.43 -17.89 -8.07
C GLU IA 33 -76.59 -19.20 -8.80
N GLY IA 34 -76.14 -19.23 -10.06
CA GLY IA 34 -76.49 -20.35 -10.90
C GLY IA 34 -77.91 -20.20 -11.42
N THR IA 35 -78.83 -20.96 -10.82
CA THR IA 35 -80.24 -20.89 -11.17
C THR IA 35 -81.12 -20.37 -10.04
N ARG IA 36 -80.58 -20.18 -8.84
CA ARG IA 36 -81.37 -19.69 -7.72
C ARG IA 36 -81.73 -18.23 -7.92
N GLU IA 37 -82.64 -17.74 -7.08
CA GLU IA 37 -83.01 -16.33 -7.02
C GLU IA 37 -83.18 -15.97 -5.56
N ARG IA 38 -82.10 -15.57 -4.91
CA ARG IA 38 -82.26 -15.09 -3.55
C ARG IA 38 -82.81 -13.67 -3.57
N ILE IA 39 -83.26 -13.22 -2.41
CA ILE IA 39 -83.63 -11.84 -2.19
C ILE IA 39 -82.87 -11.37 -0.96
N GLN IA 40 -81.81 -10.60 -1.17
CA GLN IA 40 -80.99 -10.14 -0.06
C GLN IA 40 -81.66 -8.98 0.65
N LEU IA 41 -80.98 -8.41 1.64
CA LEU IA 41 -81.50 -7.27 2.39
C LEU IA 41 -80.34 -6.37 2.74
N PHE IA 42 -80.43 -5.11 2.36
CA PHE IA 42 -79.39 -4.12 2.66
C PHE IA 42 -80.03 -3.05 3.51
N GLU IA 43 -79.33 -2.55 4.51
CA GLU IA 43 -79.84 -1.42 5.29
C GLU IA 43 -78.73 -0.41 5.50
N GLY IA 44 -78.99 0.83 5.15
CA GLY IA 44 -78.00 1.88 5.29
C GLY IA 44 -78.61 3.22 5.43
N VAL IA 45 -77.88 4.24 4.98
CA VAL IA 45 -78.33 5.62 4.99
C VAL IA 45 -78.21 6.14 3.57
N VAL IA 46 -79.27 6.75 3.06
CA VAL IA 46 -79.21 7.35 1.73
C VAL IA 46 -78.34 8.59 1.79
N ILE IA 47 -77.41 8.70 0.83
CA ILE IA 47 -76.49 9.82 0.76
C ILE IA 47 -76.69 10.63 -0.52
N LYS IA 48 -76.90 9.97 -1.65
CA LYS IA 48 -76.97 10.65 -2.92
C LYS IA 48 -78.37 10.64 -3.52
N ARG IA 49 -78.54 11.55 -4.47
CA ARG IA 49 -79.36 11.33 -5.65
C ARG IA 49 -78.65 11.94 -6.85
N ARG IA 50 -78.81 11.31 -8.00
CA ARG IA 50 -78.30 11.84 -9.26
C ARG IA 50 -79.50 12.15 -10.16
N GLY IA 51 -80.06 13.33 -9.99
CA GLY IA 51 -81.34 13.63 -10.63
C GLY IA 51 -81.22 13.77 -12.14
N ALA IA 52 -81.75 12.79 -12.88
CA ALA IA 52 -81.69 12.83 -14.33
C ALA IA 52 -82.89 12.22 -15.03
N GLY IA 53 -83.88 11.70 -14.31
CA GLY IA 53 -85.00 11.08 -15.00
C GLY IA 53 -84.87 9.58 -15.15
N ILE IA 54 -84.37 9.14 -16.31
CA ILE IA 54 -84.27 7.72 -16.61
C ILE IA 54 -83.30 7.03 -15.67
N SER IA 55 -82.23 7.72 -15.34
CA SER IA 55 -81.05 7.11 -14.75
C SER IA 55 -80.70 7.79 -13.44
N GLU IA 56 -81.67 7.97 -12.57
CA GLU IA 56 -81.35 8.45 -11.25
C GLU IA 56 -80.79 7.32 -10.41
N THR IA 57 -79.84 7.67 -9.54
CA THR IA 57 -79.17 6.70 -8.70
C THR IA 57 -79.15 7.19 -7.26
N TYR IA 58 -78.91 6.27 -6.33
CA TYR IA 58 -78.86 6.56 -4.91
C TYR IA 58 -77.93 5.56 -4.24
N THR IA 59 -77.51 5.86 -3.01
CA THR IA 59 -76.46 5.10 -2.33
C THR IA 59 -76.94 4.62 -0.97
N VAL IA 60 -76.21 3.65 -0.41
CA VAL IA 60 -76.55 2.97 0.85
C VAL IA 60 -75.25 2.65 1.58
N ARG IA 61 -75.19 2.83 2.91
CA ARG IA 61 -74.01 2.45 3.71
C ARG IA 61 -74.30 1.46 4.83
N LYS IA 62 -73.86 0.23 4.67
CA LYS IA 62 -73.71 -0.64 5.82
C LYS IA 62 -72.44 -0.31 6.58
N VAL IA 63 -72.40 -0.70 7.84
CA VAL IA 63 -71.16 -0.88 8.58
C VAL IA 63 -71.28 -2.28 9.18
N SER IA 64 -70.64 -3.25 8.55
CA SER IA 64 -70.81 -4.65 8.93
C SER IA 64 -69.45 -5.25 9.22
N ASN IA 65 -69.26 -5.69 10.46
CA ASN IA 65 -68.03 -6.30 10.96
C ASN IA 65 -66.84 -5.37 10.75
N GLY IA 66 -66.98 -4.17 11.28
CA GLY IA 66 -65.91 -3.17 11.18
C GLY IA 66 -65.81 -2.43 9.88
N VAL IA 67 -65.75 -3.15 8.78
CA VAL IA 67 -65.62 -2.52 7.48
C VAL IA 67 -66.99 -1.97 7.08
N GLY IA 68 -67.01 -0.76 6.54
CA GLY IA 68 -68.22 -0.21 5.96
C GLY IA 68 -68.26 -0.51 4.47
N VAL IA 69 -69.46 -0.85 3.99
CA VAL IA 69 -69.65 -1.23 2.60
C VAL IA 69 -70.69 -0.31 2.00
N GLU IA 70 -70.41 0.21 0.81
CA GLU IA 70 -71.30 1.13 0.12
C GLU IA 70 -71.75 0.51 -1.18
N ARG IA 71 -73.03 0.62 -1.49
CA ARG IA 71 -73.56 0.15 -2.77
C ARG IA 71 -74.49 1.20 -3.36
N THR IA 72 -74.27 1.54 -4.62
CA THR IA 72 -75.12 2.50 -5.33
C THR IA 72 -76.02 1.74 -6.26
N PHE IA 73 -77.29 2.01 -6.18
CA PHE IA 73 -78.25 1.45 -7.10
C PHE IA 73 -78.80 2.52 -8.01
N PRO IA 74 -79.19 2.18 -9.23
CA PRO IA 74 -80.08 3.05 -9.98
C PRO IA 74 -81.51 2.89 -9.46
N LEU IA 75 -82.38 3.80 -9.86
CA LEU IA 75 -83.77 3.66 -9.44
C LEU IA 75 -84.47 2.56 -10.21
N HIS IA 76 -84.55 2.72 -11.51
CA HIS IA 76 -85.62 2.11 -12.30
C HIS IA 76 -85.30 0.68 -12.74
N THR IA 77 -84.46 -0.04 -12.01
CA THR IA 77 -84.22 -1.43 -12.32
C THR IA 77 -85.44 -2.29 -12.04
N PRO IA 78 -85.63 -3.35 -12.81
CA PRO IA 78 -86.57 -4.39 -12.40
C PRO IA 78 -85.97 -5.39 -11.42
N ARG IA 79 -84.68 -5.33 -11.16
CA ARG IA 79 -84.04 -6.25 -10.24
C ARG IA 79 -83.98 -5.73 -8.82
N VAL IA 80 -84.95 -4.91 -8.43
CA VAL IA 80 -85.16 -4.49 -7.06
C VAL IA 80 -86.65 -4.65 -6.76
N ALA IA 81 -86.96 -5.47 -5.76
CA ALA IA 81 -88.36 -5.76 -5.47
C ALA IA 81 -89.05 -4.55 -4.86
N GLN IA 82 -88.58 -4.08 -3.71
CA GLN IA 82 -89.16 -2.93 -3.05
C GLN IA 82 -88.08 -2.02 -2.51
N ILE IA 83 -88.51 -0.91 -1.93
CA ILE IA 83 -87.67 0.04 -1.22
C ILE IA 83 -88.46 0.47 0.01
N GLU IA 84 -87.98 0.11 1.19
CA GLU IA 84 -88.75 0.27 2.41
C GLU IA 84 -88.16 1.42 3.22
N VAL IA 85 -88.83 2.56 3.19
CA VAL IA 85 -88.41 3.68 4.03
C VAL IA 85 -88.68 3.34 5.48
N VAL IA 86 -87.68 3.51 6.32
CA VAL IA 86 -87.75 3.06 7.71
C VAL IA 86 -87.75 4.23 8.69
N ARG IA 87 -86.81 5.15 8.55
CA ARG IA 87 -86.74 6.29 9.46
C ARG IA 87 -86.75 7.60 8.69
N TYR IA 88 -86.63 8.69 9.43
CA TYR IA 88 -86.54 10.03 8.88
C TYR IA 88 -85.64 10.83 9.80
N GLY IA 89 -84.74 11.61 9.22
CA GLY IA 89 -83.67 12.23 10.00
C GLY IA 89 -83.45 13.68 9.67
N LYS IA 90 -83.05 14.44 10.69
CA LYS IA 90 -82.54 15.79 10.53
C LYS IA 90 -81.27 15.79 9.70
N VAL IA 91 -81.35 16.32 8.50
CA VAL IA 91 -80.21 16.47 7.62
C VAL IA 91 -80.24 17.92 7.14
N ARG IA 92 -79.08 18.51 6.89
CA ARG IA 92 -79.06 19.79 6.20
C ARG IA 92 -78.17 19.80 4.97
N ARG IA 93 -77.71 18.66 4.49
CA ARG IA 93 -76.86 18.64 3.31
C ARG IA 93 -77.46 17.74 2.26
N ALA IA 94 -77.20 18.07 1.01
CA ALA IA 94 -77.73 17.22 -0.04
C ALA IA 94 -76.90 15.99 -0.23
N LYS IA 95 -75.59 16.07 0.01
CA LYS IA 95 -74.71 14.93 -0.16
C LYS IA 95 -73.82 14.80 1.06
N LEU IA 96 -73.97 13.67 1.75
CA LEU IA 96 -73.46 13.43 3.10
C LEU IA 96 -72.13 12.70 3.05
N TYR IA 97 -71.13 13.29 2.39
CA TYR IA 97 -69.87 12.57 2.29
C TYR IA 97 -69.07 12.58 3.57
N TYR IA 98 -69.43 13.41 4.54
CA TYR IA 98 -68.65 13.52 5.75
C TYR IA 98 -68.90 12.39 6.74
N LEU IA 99 -69.53 11.30 6.33
CA LEU IA 99 -69.76 10.19 7.22
C LEU IA 99 -68.71 9.10 7.10
N ARG IA 100 -67.68 9.31 6.28
CA ARG IA 100 -66.66 8.29 6.14
N ALA IA 101 -65.31 9.44 7.81
CA ALA IA 101 -64.32 9.51 8.88
C ALA IA 101 -64.95 9.55 10.25
N LEU IA 102 -66.14 8.98 10.41
CA LEU IA 102 -66.80 8.92 11.70
C LEU IA 102 -67.01 7.46 12.08
N HIS IA 103 -67.01 7.19 13.38
CA HIS IA 103 -67.08 5.81 13.86
C HIS IA 103 -68.12 5.69 14.96
N GLY IA 104 -69.21 4.98 14.66
CA GLY IA 104 -70.18 4.63 15.66
C GLY IA 104 -70.96 5.79 16.22
N LYS IA 105 -70.77 6.06 17.51
CA LYS IA 105 -71.66 6.94 18.25
C LYS IA 105 -71.42 8.41 17.99
N ALA IA 106 -70.55 8.76 17.05
CA ALA IA 106 -70.43 10.11 16.55
C ALA IA 106 -70.85 10.22 15.10
N ALA IA 107 -71.65 9.26 14.62
CA ALA IA 107 -72.20 9.30 13.27
C ALA IA 107 -73.70 9.07 13.28
N ARG IA 108 -74.36 9.37 14.39
CA ARG IA 108 -75.78 9.10 14.53
C ARG IA 108 -76.58 10.26 13.95
N ILE IA 109 -77.76 9.93 13.43
CA ILE IA 109 -78.69 10.92 12.91
C ILE IA 109 -79.89 10.92 13.83
N LYS IA 110 -80.62 12.02 13.86
CA LYS IA 110 -81.77 12.13 14.74
C LYS IA 110 -83.01 11.53 14.09
N GLU IA 111 -84.16 11.70 14.73
CA GLU IA 111 -85.43 11.15 14.24
C GLU IA 111 -86.48 12.25 14.27
N ILE IA 112 -87.11 12.50 13.14
CA ILE IA 112 -88.32 13.31 13.07
C ILE IA 112 -89.44 12.39 12.64
N ARG IA 113 -90.52 12.33 13.43
CA ARG IA 113 -91.64 11.46 13.10
C ARG IA 113 -92.47 12.10 11.99
N ARG IA 114 -91.96 11.94 10.77
CA ARG IA 114 -92.67 12.33 9.56
C ARG IA 114 -92.49 11.27 8.47
N ALA JA 1 2.49 70.49 -53.03
CA ALA JA 1 2.39 69.48 -54.07
C ALA JA 1 1.47 68.37 -53.61
N ARG JA 2 0.52 68.72 -52.77
CA ARG JA 2 -0.53 67.79 -52.39
C ARG JA 2 -1.44 67.53 -53.58
N VAL JA 3 -1.50 66.28 -54.02
CA VAL JA 3 -2.34 65.88 -55.14
C VAL JA 3 -3.55 65.15 -54.58
N LYS JA 4 -4.74 65.69 -54.81
CA LYS JA 4 -5.96 64.97 -54.47
C LYS JA 4 -6.28 63.96 -55.55
N GLY JA 5 -7.33 63.18 -55.35
CA GLY JA 5 -7.69 62.10 -56.25
C GLY JA 5 -8.99 62.41 -56.94
N GLY JA 6 -9.11 63.63 -57.45
CA GLY JA 6 -10.36 64.25 -57.84
C GLY JA 6 -11.32 63.50 -58.74
N THR JA 7 -11.00 63.30 -60.00
CA THR JA 7 -11.96 62.74 -60.92
C THR JA 7 -11.51 61.50 -61.64
N VAL JA 8 -10.53 60.76 -61.11
CA VAL JA 8 -10.06 59.58 -61.82
C VAL JA 8 -10.96 58.38 -61.50
N THR JA 9 -11.32 58.23 -60.21
CA THR JA 9 -12.00 57.03 -59.75
C THR JA 9 -13.40 56.91 -60.33
N ARG JA 10 -14.09 58.04 -60.49
CA ARG JA 10 -15.41 58.01 -61.10
C ARG JA 10 -15.33 57.57 -62.55
N LYS JA 11 -14.28 57.98 -63.24
CA LYS JA 11 -14.14 57.61 -64.64
C LYS JA 11 -13.91 56.12 -64.78
N ARG JA 12 -13.05 55.55 -63.92
CA ARG JA 12 -12.86 54.10 -63.92
C ARG JA 12 -14.15 53.36 -63.63
N ARG JA 13 -14.79 53.70 -62.53
CA ARG JA 13 -15.90 52.91 -62.05
C ARG JA 13 -17.11 53.04 -62.95
N LYS JA 14 -17.28 54.18 -63.61
CA LYS JA 14 -18.41 54.26 -64.51
C LYS JA 14 -18.12 53.65 -65.87
N LYS JA 15 -16.84 53.60 -66.29
CA LYS JA 15 -16.51 52.76 -67.43
C LYS JA 15 -16.74 51.30 -67.13
N VAL JA 16 -16.63 50.90 -65.88
CA VAL JA 16 -16.99 49.52 -65.52
C VAL JA 16 -18.49 49.34 -65.58
N LEU JA 17 -19.26 50.28 -65.02
CA LEU JA 17 -20.71 50.08 -64.92
C LEU JA 17 -21.40 50.11 -66.26
N LYS JA 18 -20.91 50.89 -67.23
CA LYS JA 18 -21.51 50.81 -68.57
C LYS JA 18 -21.28 49.47 -69.25
N LEU JA 19 -20.34 48.66 -68.77
CA LEU JA 19 -20.23 47.30 -69.25
C LEU JA 19 -21.20 46.38 -68.56
N ALA JA 20 -22.02 46.89 -67.66
CA ALA JA 20 -22.89 46.08 -66.84
C ALA JA 20 -24.31 46.62 -66.85
N LYS JA 21 -24.84 46.94 -68.02
CA LYS JA 21 -26.24 47.29 -68.09
C LYS JA 21 -27.04 46.04 -68.38
N GLY JA 22 -27.91 45.68 -67.45
CA GLY JA 22 -28.75 44.52 -67.62
C GLY JA 22 -28.25 43.30 -66.91
N TYR JA 23 -27.88 43.44 -65.65
CA TYR JA 23 -27.45 42.32 -64.83
C TYR JA 23 -28.48 42.05 -63.75
N TYR JA 24 -28.90 40.81 -63.61
CA TYR JA 24 -30.21 40.50 -63.02
C TYR JA 24 -30.18 40.52 -61.49
N GLY JA 25 -29.80 41.68 -60.95
CA GLY JA 25 -29.88 41.91 -59.53
C GLY JA 25 -29.32 43.24 -59.13
N SER JA 26 -28.57 43.27 -58.04
CA SER JA 26 -27.82 44.46 -57.64
C SER JA 26 -26.42 44.47 -58.23
N LYS JA 27 -26.26 43.88 -59.40
CA LYS JA 27 -25.04 43.96 -60.17
C LYS JA 27 -25.12 45.03 -61.24
N HIS JA 28 -25.99 46.01 -61.04
CA HIS JA 28 -25.97 47.25 -61.80
C HIS JA 28 -25.17 48.29 -61.05
N THR JA 29 -25.44 48.40 -59.76
CA THR JA 29 -25.18 49.60 -59.00
C THR JA 29 -24.28 49.35 -57.80
N LEU JA 30 -23.48 48.30 -57.84
CA LEU JA 30 -22.53 48.03 -56.77
C LEU JA 30 -21.17 47.82 -57.40
N PHE JA 31 -20.20 48.64 -56.99
CA PHE JA 31 -18.94 48.68 -57.70
C PHE JA 31 -18.12 47.44 -57.44
N LYS JA 32 -18.13 46.92 -56.22
CA LYS JA 32 -17.31 45.78 -55.91
C LYS JA 32 -17.80 44.49 -56.54
N SER JA 33 -19.09 44.39 -56.84
CA SER JA 33 -19.62 43.19 -57.45
C SER JA 33 -19.92 43.35 -58.93
N ALA JA 34 -19.88 44.56 -59.47
CA ALA JA 34 -19.92 44.71 -60.90
C ALA JA 34 -18.58 44.36 -61.52
N LYS JA 35 -17.49 44.60 -60.82
CA LYS JA 35 -16.16 44.34 -61.33
C LYS JA 35 -15.79 42.87 -61.26
N GLU JA 36 -16.73 41.96 -61.08
CA GLU JA 36 -16.45 40.54 -61.00
C GLU JA 36 -17.13 39.75 -62.10
N GLN JA 37 -18.42 40.01 -62.34
CA GLN JA 37 -19.06 39.33 -63.45
C GLN JA 37 -18.62 39.87 -64.78
N VAL JA 38 -18.05 41.06 -64.83
CA VAL JA 38 -17.41 41.47 -66.06
C VAL JA 38 -16.19 40.58 -66.34
N MET JA 39 -15.45 40.23 -65.29
CA MET JA 39 -14.31 39.34 -65.44
C MET JA 39 -14.77 37.96 -65.90
N ASN JA 40 -15.82 37.43 -65.27
CA ASN JA 40 -16.30 36.12 -65.67
C ASN JA 40 -16.96 36.14 -67.04
N SER JA 41 -17.56 37.26 -67.43
CA SER JA 41 -18.06 37.39 -68.79
C SER JA 41 -16.92 37.36 -69.79
N TYR JA 42 -15.75 37.85 -69.41
CA TYR JA 42 -14.63 37.76 -70.35
C TYR JA 42 -14.09 36.33 -70.44
N TYR JA 43 -14.09 35.58 -69.34
CA TYR JA 43 -13.74 34.16 -69.44
C TYR JA 43 -14.72 33.41 -70.33
N TYR JA 44 -16.01 33.69 -70.18
CA TYR JA 44 -16.98 32.95 -70.98
C TYR JA 44 -16.96 33.39 -72.43
N ALA JA 45 -16.57 34.63 -72.70
CA ALA JA 45 -16.45 35.06 -74.08
C ALA JA 45 -15.26 34.38 -74.75
N PHE JA 46 -14.14 34.24 -74.02
CA PHE JA 46 -13.00 33.46 -74.54
C PHE JA 46 -13.35 32.03 -74.82
N ARG JA 47 -14.11 31.38 -73.94
CA ARG JA 47 -14.57 30.05 -74.28
C ARG JA 47 -15.45 30.07 -75.52
N ASP JA 48 -16.45 30.93 -75.54
CA ASP JA 48 -17.50 30.76 -76.50
C ASP JA 48 -17.18 31.31 -77.87
N ARG JA 49 -16.07 32.05 -78.04
CA ARG JA 49 -15.64 32.29 -79.41
C ARG JA 49 -14.99 31.07 -80.03
N ARG JA 50 -14.72 30.04 -79.23
CA ARG JA 50 -14.16 28.81 -79.72
C ARG JA 50 -15.11 27.63 -79.61
N GLN JA 51 -16.34 27.84 -79.13
CA GLN JA 51 -17.36 26.82 -79.25
C GLN JA 51 -18.44 27.19 -80.23
N LYS JA 52 -18.32 28.29 -80.95
CA LYS JA 52 -19.10 28.43 -82.16
C LYS JA 52 -18.77 27.30 -83.12
N LYS JA 53 -17.49 27.08 -83.34
CA LYS JA 53 -17.05 26.16 -84.39
C LYS JA 53 -17.25 24.72 -83.97
N ARG JA 54 -17.24 24.45 -82.67
CA ARG JA 54 -17.63 23.13 -82.21
C ARG JA 54 -19.12 22.89 -82.41
N ASP JA 55 -19.94 23.94 -82.39
CA ASP JA 55 -21.39 23.75 -82.47
C ASP JA 55 -21.85 23.52 -83.90
N PHE JA 56 -21.47 24.43 -84.81
CA PHE JA 56 -22.09 24.42 -86.12
C PHE JA 56 -21.66 23.25 -86.98
N ARG JA 57 -20.47 22.69 -86.74
CA ARG JA 57 -20.15 21.44 -87.42
C ARG JA 57 -21.07 20.31 -86.97
N LYS JA 58 -21.45 20.28 -85.69
CA LYS JA 58 -22.39 19.26 -85.24
C LYS JA 58 -23.78 19.48 -85.81
N LEU JA 59 -24.19 20.74 -85.96
CA LEU JA 59 -25.50 21.01 -86.57
C LEU JA 59 -25.53 20.65 -88.05
N TRP JA 60 -24.49 21.02 -88.81
CA TRP JA 60 -24.51 20.68 -90.21
C TRP JA 60 -24.34 19.18 -90.42
N ILE JA 61 -23.62 18.52 -89.51
CA ILE JA 61 -23.51 17.07 -89.60
C ILE JA 61 -24.86 16.42 -89.37
N ALA JA 62 -25.63 16.90 -88.40
CA ALA JA 62 -26.95 16.31 -88.15
C ALA JA 62 -27.90 16.52 -89.32
N ARG JA 63 -27.83 17.68 -89.97
CA ARG JA 63 -28.70 17.89 -91.12
C ARG JA 63 -28.26 17.05 -92.31
N ILE JA 64 -26.94 16.88 -92.48
CA ILE JA 64 -26.45 15.96 -93.50
C ILE JA 64 -26.85 14.53 -93.16
N ASN JA 65 -26.97 14.21 -91.86
CA ASN JA 65 -27.39 12.87 -91.46
C ASN JA 65 -28.79 12.58 -91.96
N ALA JA 66 -29.73 13.47 -91.64
CA ALA JA 66 -31.12 13.25 -92.00
C ALA JA 66 -31.29 13.22 -93.51
N ALA JA 67 -30.73 14.21 -94.21
CA ALA JA 67 -30.96 14.28 -95.64
C ALA JA 67 -30.22 13.19 -96.41
N ALA JA 68 -29.13 12.68 -95.86
CA ALA JA 68 -28.45 11.59 -96.52
C ALA JA 68 -29.19 10.29 -96.30
N ARG JA 69 -29.73 10.10 -95.11
CA ARG JA 69 -30.51 8.92 -94.82
C ARG JA 69 -31.81 8.89 -95.62
N MET JA 70 -32.31 10.06 -96.06
CA MET JA 70 -33.46 10.08 -96.96
C MET JA 70 -33.18 9.42 -98.30
N ASN JA 71 -31.95 9.50 -98.81
CA ASN JA 71 -31.60 8.90 -100.10
C ASN JA 71 -30.94 7.55 -99.97
N GLY JA 72 -31.11 6.86 -98.86
CA GLY JA 72 -30.59 5.52 -98.74
C GLY JA 72 -29.09 5.43 -98.53
N LEU JA 73 -28.47 6.49 -98.03
CA LEU JA 73 -27.05 6.48 -97.72
C LEU JA 73 -26.86 6.83 -96.25
N SER JA 74 -26.05 6.05 -95.56
CA SER JA 74 -25.70 6.40 -94.21
C SER JA 74 -24.73 7.57 -94.22
N TYR JA 75 -24.47 8.10 -93.03
CA TYR JA 75 -24.08 9.50 -92.97
C TYR JA 75 -22.59 9.68 -93.15
N SER JA 76 -21.87 8.59 -93.34
CA SER JA 76 -20.44 8.58 -93.54
C SER JA 76 -20.03 8.07 -94.90
N LYS JA 77 -20.83 7.19 -95.49
CA LYS JA 77 -20.53 6.73 -96.83
C LYS JA 77 -20.63 7.84 -97.85
N LEU JA 78 -21.42 8.88 -97.58
CA LEU JA 78 -21.29 10.11 -98.36
C LEU JA 78 -19.90 10.68 -98.28
N MET JA 79 -19.33 10.74 -97.07
CA MET JA 79 -18.03 11.36 -96.91
C MET JA 79 -16.98 10.58 -97.69
N HIS JA 80 -16.99 9.27 -97.54
CA HIS JA 80 -15.99 8.45 -98.22
C HIS JA 80 -16.22 8.40 -99.73
N GLY JA 81 -17.48 8.42 -100.16
CA GLY JA 81 -17.73 8.40 -101.59
C GLY JA 81 -17.40 9.73 -102.25
N LEU JA 82 -17.71 10.84 -101.57
CA LEU JA 82 -17.42 12.14 -102.15
C LEU JA 82 -15.93 12.41 -102.16
N LYS JA 83 -15.17 11.80 -101.26
CA LYS JA 83 -13.74 11.92 -101.40
C LYS JA 83 -13.17 10.95 -102.42
N LEU JA 84 -13.86 9.83 -102.71
CA LEU JA 84 -13.44 9.07 -103.88
C LEU JA 84 -13.87 9.75 -105.17
N ALA JA 85 -14.96 10.50 -105.15
CA ALA JA 85 -15.30 11.30 -106.31
C ALA JA 85 -14.58 12.63 -106.32
N GLU JA 86 -13.74 12.87 -105.31
CA GLU JA 86 -12.77 13.97 -105.27
C GLU JA 86 -13.49 15.32 -105.25
N ILE JA 87 -14.45 15.44 -104.35
CA ILE JA 87 -15.33 16.60 -104.24
C ILE JA 87 -15.11 17.22 -102.87
N ASP JA 88 -15.02 18.56 -102.83
CA ASP JA 88 -14.50 19.26 -101.66
C ASP JA 88 -15.47 20.31 -101.15
N ILE JA 89 -16.70 19.91 -100.92
CA ILE JA 89 -17.70 20.85 -100.44
C ILE JA 89 -17.59 20.98 -98.93
N ASN JA 90 -17.67 22.20 -98.41
CA ASN JA 90 -17.75 22.37 -96.97
C ASN JA 90 -19.09 21.90 -96.43
N ARG JA 91 -19.06 21.53 -95.16
CA ARG JA 91 -20.21 20.91 -94.51
C ARG JA 91 -21.35 21.89 -94.33
N LYS JA 92 -21.05 23.20 -94.31
CA LYS JA 92 -22.12 24.19 -94.36
C LYS JA 92 -22.87 24.12 -95.68
N MET JA 93 -22.13 24.00 -96.78
CA MET JA 93 -22.77 24.10 -98.08
C MET JA 93 -23.58 22.85 -98.40
N LEU JA 94 -23.09 21.68 -98.01
CA LEU JA 94 -23.93 20.50 -98.13
C LEU JA 94 -25.12 20.54 -97.19
N ALA JA 95 -25.01 21.23 -96.06
CA ALA JA 95 -26.15 21.34 -95.16
C ALA JA 95 -27.27 22.14 -95.78
N ASP JA 96 -26.96 23.34 -96.27
CA ASP JA 96 -28.06 24.13 -96.81
C ASP JA 96 -28.49 23.68 -98.19
N LEU JA 97 -27.61 23.08 -98.99
CA LEU JA 97 -28.12 22.45 -100.20
C LEU JA 97 -28.97 21.24 -99.88
N ALA JA 98 -28.66 20.52 -98.81
CA ALA JA 98 -29.45 19.38 -98.41
C ALA JA 98 -30.80 19.79 -97.90
N VAL JA 99 -30.89 20.96 -97.27
CA VAL JA 99 -32.21 21.48 -96.90
C VAL JA 99 -32.96 21.91 -98.14
N ASN JA 100 -32.39 22.83 -98.93
CA ASN JA 100 -33.17 23.44 -100.00
C ASN JA 100 -33.19 22.60 -101.28
N ASP JA 101 -32.05 22.45 -101.93
CA ASP JA 101 -32.06 21.94 -103.30
C ASP JA 101 -32.07 20.42 -103.27
N ALA JA 102 -33.26 19.84 -103.35
CA ALA JA 102 -33.39 18.40 -103.38
C ALA JA 102 -32.78 17.82 -104.63
N ALA JA 103 -32.89 18.53 -105.75
CA ALA JA 103 -32.33 18.03 -107.00
C ALA JA 103 -30.81 17.99 -106.94
N ALA JA 104 -30.19 19.04 -106.40
CA ALA JA 104 -28.74 19.08 -106.32
C ALA JA 104 -28.22 18.06 -105.30
N PHE JA 105 -28.92 17.91 -104.18
CA PHE JA 105 -28.46 16.93 -103.21
C PHE JA 105 -28.62 15.51 -103.71
N THR JA 106 -29.68 15.22 -104.49
CA THR JA 106 -29.78 13.90 -105.08
C THR JA 106 -28.78 13.68 -106.19
N ALA JA 107 -28.37 14.75 -106.89
CA ALA JA 107 -27.33 14.61 -107.91
C ALA JA 107 -26.00 14.24 -107.29
N LEU JA 108 -25.62 14.94 -106.21
CA LEU JA 108 -24.42 14.59 -105.48
C LEU JA 108 -24.53 13.22 -104.82
N ALA JA 109 -25.74 12.86 -104.38
CA ALA JA 109 -25.96 11.55 -103.80
C ALA JA 109 -25.78 10.44 -104.83
N GLU JA 110 -26.21 10.68 -106.07
CA GLU JA 110 -26.03 9.65 -107.08
C GLU JA 110 -24.59 9.54 -107.54
N GLN JA 111 -23.85 10.66 -107.59
CA GLN JA 111 -22.44 10.51 -107.92
C GLN JA 111 -21.65 9.87 -106.79
N ALA JA 112 -22.10 10.04 -105.54
CA ALA JA 112 -21.45 9.31 -104.46
C ALA JA 112 -21.88 7.85 -104.43
N LYS JA 113 -23.07 7.54 -104.93
CA LYS JA 113 -23.42 6.14 -105.14
C LYS JA 113 -22.56 5.53 -106.22
N ASP JA 114 -22.29 6.29 -107.28
CA ASP JA 114 -21.50 5.79 -108.39
C ASP JA 114 -20.03 5.67 -108.03
N ALA JA 115 -19.55 6.50 -107.10
CA ALA JA 115 -18.12 6.57 -106.82
C ALA JA 115 -17.61 5.31 -106.16
N LEU JA 116 -18.16 4.96 -105.00
CA LEU JA 116 -17.74 3.77 -104.29
C LEU JA 116 -18.38 2.50 -104.82
N SER JA 117 -19.10 2.58 -105.94
CA SER JA 117 -19.65 1.39 -106.58
C SER JA 117 -18.61 0.55 -107.29
N LYS JA 118 -17.40 1.07 -107.46
CA LYS JA 118 -16.32 0.37 -108.16
C LYS JA 118 -15.86 -0.87 -107.41
N MET KA 1 -29.64 31.19 -109.71
CA MET KA 1 -28.26 31.04 -110.13
C MET KA 1 -27.33 30.88 -108.94
N TYR KA 2 -26.98 29.64 -108.64
CA TYR KA 2 -26.03 29.39 -107.58
C TYR KA 2 -24.60 29.45 -108.10
N ALA KA 3 -23.70 29.82 -107.21
CA ALA KA 3 -22.29 29.63 -107.41
C ALA KA 3 -21.66 29.46 -106.04
N ILE KA 4 -20.86 28.42 -105.88
CA ILE KA 4 -20.18 28.15 -104.62
C ILE KA 4 -18.69 28.30 -104.88
N ILE KA 5 -18.09 29.31 -104.25
CA ILE KA 5 -16.79 29.83 -104.64
C ILE KA 5 -15.87 29.76 -103.44
N LYS KA 6 -14.69 29.19 -103.62
CA LYS KA 6 -13.66 29.26 -102.59
C LYS KA 6 -13.05 30.66 -102.60
N THR KA 7 -13.14 31.34 -101.47
CA THR KA 7 -12.50 32.64 -101.26
C THR KA 7 -11.79 32.58 -99.92
N GLY KA 8 -10.47 32.56 -99.94
CA GLY KA 8 -9.74 32.39 -98.71
C GLY KA 8 -9.93 30.97 -98.19
N GLY KA 9 -10.13 30.84 -96.89
CA GLY KA 9 -10.42 29.52 -96.37
C GLY KA 9 -11.85 29.10 -96.53
N LYS KA 10 -12.75 30.04 -96.81
CA LYS KA 10 -14.17 29.83 -96.66
C LYS KA 10 -14.82 29.58 -98.01
N GLN KA 11 -16.05 29.07 -97.97
CA GLN KA 11 -16.86 28.92 -99.16
C GLN KA 11 -18.13 29.74 -98.99
N VAL KA 12 -18.58 30.34 -100.10
CA VAL KA 12 -19.60 31.39 -100.09
C VAL KA 12 -20.68 31.00 -101.08
N LYS KA 13 -21.95 31.23 -100.73
CA LYS KA 13 -23.02 31.16 -101.71
C LYS KA 13 -23.20 32.51 -102.40
N VAL KA 14 -23.39 32.47 -103.72
CA VAL KA 14 -23.31 33.65 -104.57
C VAL KA 14 -24.55 33.71 -105.44
N GLU KA 15 -25.14 34.89 -105.57
CA GLU KA 15 -26.21 35.15 -106.53
C GLU KA 15 -25.84 36.34 -107.39
N VAL KA 16 -26.77 36.87 -108.17
CA VAL KA 16 -26.53 38.05 -108.99
C VAL KA 16 -27.16 39.25 -108.33
N GLY KA 17 -26.37 40.29 -108.09
CA GLY KA 17 -26.92 41.51 -107.54
C GLY KA 17 -27.03 41.52 -106.03
N GLN KA 18 -25.99 41.08 -105.34
CA GLN KA 18 -25.95 41.16 -103.89
C GLN KA 18 -24.57 41.62 -103.46
N ALA KA 19 -24.32 41.56 -102.16
CA ALA KA 19 -23.04 41.92 -101.58
C ALA KA 19 -22.54 40.79 -100.71
N ILE KA 20 -21.22 40.60 -100.68
CA ILE KA 20 -20.58 39.64 -99.80
C ILE KA 20 -19.54 40.38 -98.98
N TYR KA 21 -19.39 40.03 -97.73
CA TYR KA 21 -18.44 40.69 -96.84
C TYR KA 21 -17.26 39.74 -96.68
N VAL KA 22 -16.17 40.00 -97.42
CA VAL KA 22 -15.05 39.07 -97.48
C VAL KA 22 -13.85 39.79 -96.86
N GLU KA 23 -12.72 39.09 -96.74
CA GLU KA 23 -11.49 39.61 -96.16
C GLU KA 23 -10.79 40.51 -97.17
N LYS KA 24 -9.53 40.87 -96.92
CA LYS KA 24 -8.84 41.80 -97.79
C LYS KA 24 -8.50 41.17 -99.14
N LEU KA 25 -8.41 42.03 -100.16
CA LEU KA 25 -8.19 41.57 -101.52
C LEU KA 25 -7.14 42.36 -102.28
N ASN KA 26 -6.48 43.34 -101.64
CA ASN KA 26 -5.36 44.10 -102.20
C ASN KA 26 -5.75 44.89 -103.46
N VAL KA 27 -7.03 45.21 -103.60
CA VAL KA 27 -7.55 45.93 -104.76
C VAL KA 27 -8.21 47.20 -104.30
N GLU KA 28 -7.93 48.31 -104.99
CA GLU KA 28 -8.55 49.59 -104.70
C GLU KA 28 -10.06 49.54 -104.98
N ALA KA 29 -10.76 50.52 -104.42
CA ALA KA 29 -12.21 50.57 -104.50
C ALA KA 29 -12.65 50.89 -105.92
N GLY KA 30 -13.84 50.40 -106.28
CA GLY KA 30 -14.41 50.69 -107.57
N GLU KA 31 -13.07 48.87 -108.49
CA GLU KA 31 -12.35 48.15 -109.54
C GLU KA 31 -12.98 46.77 -109.69
N LYS KA 32 -12.33 45.92 -110.50
CA LYS KA 32 -12.88 44.62 -110.82
C LYS KA 32 -12.14 43.50 -110.10
N VAL KA 33 -12.91 42.53 -109.62
CA VAL KA 33 -12.42 41.34 -108.94
C VAL KA 33 -12.99 40.14 -109.68
N VAL KA 34 -12.13 39.20 -110.05
CA VAL KA 34 -12.54 38.02 -110.77
C VAL KA 34 -12.17 36.80 -109.95
N PHE KA 35 -13.15 36.18 -109.32
CA PHE KA 35 -12.92 34.94 -108.60
C PHE KA 35 -12.84 33.78 -109.60
N ASP KA 36 -12.07 32.76 -109.27
CA ASP KA 36 -11.77 31.72 -110.24
C ASP KA 36 -12.25 30.33 -109.83
N GLU KA 37 -11.96 29.90 -108.62
CA GLU KA 37 -12.37 28.57 -108.19
C GLU KA 37 -13.85 28.55 -107.92
N VAL KA 38 -14.60 27.85 -108.77
CA VAL KA 38 -16.06 27.73 -108.67
C VAL KA 38 -16.39 26.27 -108.58
N ILE KA 39 -17.09 25.87 -107.52
CA ILE KA 39 -17.48 24.47 -107.45
C ILE KA 39 -18.78 24.28 -108.22
N LEU KA 40 -19.88 24.85 -107.75
CA LEU KA 40 -21.18 24.55 -108.34
C LEU KA 40 -21.69 25.70 -109.19
N VAL KA 41 -22.47 25.35 -110.20
CA VAL KA 41 -23.36 26.27 -110.87
C VAL KA 41 -24.75 25.67 -110.74
N GLY KA 42 -25.64 26.40 -110.09
CA GLY KA 42 -26.96 25.86 -109.83
C GLY KA 42 -27.99 26.37 -110.80
N GLY KA 43 -29.19 26.62 -110.30
CA GLY KA 43 -30.27 27.05 -111.14
C GLY KA 43 -31.17 25.90 -111.51
N GLU KA 44 -31.08 25.46 -112.76
CA GLU KA 44 -31.93 24.39 -113.28
C GLU KA 44 -31.13 23.12 -113.55
N SER KA 45 -30.12 23.21 -114.40
CA SER KA 45 -29.25 22.09 -114.73
C SER KA 45 -27.97 22.24 -113.93
N THR KA 46 -27.82 21.44 -112.89
CA THR KA 46 -26.72 21.59 -111.95
C THR KA 46 -25.42 21.13 -112.58
N LYS KA 47 -24.49 22.06 -112.79
CA LYS KA 47 -23.12 21.72 -113.13
C LYS KA 47 -22.45 21.23 -111.85
N VAL KA 48 -22.35 19.91 -111.71
CA VAL KA 48 -21.80 19.30 -110.50
C VAL KA 48 -20.31 19.59 -110.41
N GLY KA 49 -19.85 19.91 -109.22
CA GLY KA 49 -18.50 20.41 -109.09
C GLY KA 49 -17.41 19.38 -108.95
N ALA KA 50 -16.84 19.00 -110.08
CA ALA KA 50 -15.46 18.58 -110.08
C ALA KA 50 -14.64 19.79 -109.66
N PRO KA 51 -13.58 19.61 -108.86
CA PRO KA 51 -12.84 20.77 -108.33
C PRO KA 51 -12.21 21.57 -109.46
N THR KA 52 -12.54 22.87 -109.48
CA THR KA 52 -12.33 23.79 -110.60
C THR KA 52 -13.05 23.29 -111.85
N VAL KA 53 -14.38 23.36 -111.79
CA VAL KA 53 -15.23 23.34 -112.98
C VAL KA 53 -14.72 24.38 -113.97
N ALA KA 54 -14.36 23.93 -115.17
CA ALA KA 54 -13.64 24.77 -116.12
C ALA KA 54 -14.56 25.79 -116.76
N GLY KA 55 -13.99 26.96 -117.07
CA GLY KA 55 -14.73 28.03 -117.69
C GLY KA 55 -15.78 28.62 -116.79
N ALA KA 56 -15.39 28.97 -115.57
CA ALA KA 56 -16.33 29.48 -114.57
C ALA KA 56 -15.67 30.68 -113.90
N THR KA 57 -15.90 31.86 -114.46
CA THR KA 57 -15.35 33.09 -113.94
C THR KA 57 -16.48 33.94 -113.37
N VAL KA 58 -16.39 34.21 -112.07
CA VAL KA 58 -17.37 35.02 -111.38
C VAL KA 58 -16.74 36.38 -111.11
N GLU KA 59 -17.37 37.43 -111.62
CA GLU KA 59 -16.82 38.77 -111.59
C GLU KA 59 -17.51 39.62 -110.54
N GLY KA 60 -16.91 40.75 -110.20
CA GLY KA 60 -17.51 41.57 -109.18
C GLY KA 60 -16.73 42.86 -108.96
N THR KA 61 -17.37 43.77 -108.22
CA THR KA 61 -16.80 45.07 -107.91
C THR KA 61 -16.87 45.31 -106.41
N VAL KA 62 -16.15 46.34 -105.96
CA VAL KA 62 -15.84 46.59 -104.56
C VAL KA 62 -16.49 47.89 -104.14
N GLU KA 63 -17.01 47.94 -102.92
CA GLU KA 63 -17.66 49.13 -102.39
C GLU KA 63 -16.88 49.81 -101.28
N LYS KA 64 -16.35 49.09 -100.29
CA LYS KA 64 -15.67 49.72 -99.18
C LYS KA 64 -14.40 48.98 -98.80
N HIS KA 65 -13.75 49.53 -97.77
CA HIS KA 65 -12.74 48.87 -96.96
C HIS KA 65 -13.04 49.26 -95.52
N GLY KA 66 -13.68 48.36 -94.77
CA GLY KA 66 -14.13 48.71 -93.44
C GLY KA 66 -13.81 47.68 -92.37
N LYS KA 67 -14.29 47.91 -91.15
CA LYS KA 67 -13.87 47.12 -90.01
C LYS KA 67 -15.07 46.71 -89.17
N GLN KA 68 -14.95 45.56 -88.50
CA GLN KA 68 -15.95 45.11 -87.55
C GLN KA 68 -15.80 45.84 -86.21
N LYS KA 69 -16.58 45.44 -85.23
CA LYS KA 69 -16.44 46.01 -83.91
C LYS KA 69 -15.27 45.36 -83.21
N LYS KA 70 -14.84 45.96 -82.10
CA LYS KA 70 -13.73 45.39 -81.35
C LYS KA 70 -14.13 44.12 -80.65
N VAL KA 71 -13.13 43.33 -80.27
CA VAL KA 71 -13.32 42.05 -79.62
C VAL KA 71 -12.41 42.09 -78.39
N VAL KA 72 -12.97 42.45 -77.25
CA VAL KA 72 -12.20 42.66 -76.04
C VAL KA 72 -11.85 41.30 -75.45
N THR KA 73 -10.58 40.89 -75.58
CA THR KA 73 -10.16 39.56 -75.19
C THR KA 73 -9.24 39.67 -73.99
N PHE KA 74 -9.82 39.72 -72.80
CA PHE KA 74 -9.00 39.83 -71.60
C PHE KA 74 -8.89 38.45 -70.97
N GLN KA 75 -7.68 38.11 -70.52
CA GLN KA 75 -7.44 36.88 -69.80
C GLN KA 75 -7.00 37.17 -68.37
N TYR KA 76 -7.38 36.29 -67.46
CA TYR KA 76 -7.01 36.39 -66.07
C TYR KA 76 -6.87 34.97 -65.58
N LYS KA 77 -6.20 34.78 -64.45
CA LYS KA 77 -6.17 33.47 -63.81
C LYS KA 77 -6.36 33.67 -62.32
N PRO KA 78 -7.35 33.03 -61.73
CA PRO KA 78 -7.81 33.41 -60.39
C PRO KA 78 -6.83 33.00 -59.31
N LYS KA 79 -6.81 33.82 -58.23
CA LYS KA 79 -5.95 33.66 -57.05
C LYS KA 79 -4.47 33.73 -57.38
N LYS KA 80 -4.13 34.24 -58.55
CA LYS KA 80 -2.79 34.54 -58.99
C LYS KA 80 -2.88 35.92 -59.65
N HIS KA 81 -1.83 36.37 -60.32
CA HIS KA 81 -1.76 37.78 -60.68
C HIS KA 81 -1.52 37.89 -62.18
N SER KA 82 -2.56 38.18 -62.95
CA SER KA 82 -2.37 38.24 -64.39
C SER KA 82 -3.39 39.17 -65.03
N HIS KA 83 -2.95 39.87 -66.07
CA HIS KA 83 -3.79 40.72 -66.89
C HIS KA 83 -3.16 40.73 -68.28
N ARG KA 84 -3.78 40.10 -69.26
CA ARG KA 84 -3.44 40.41 -70.63
C ARG KA 84 -4.66 41.10 -71.22
N LYS KA 85 -4.42 42.18 -71.95
CA LYS KA 85 -5.50 42.98 -72.48
C LYS KA 85 -5.26 43.28 -73.95
N GLN KA 86 -6.25 43.01 -74.79
CA GLN KA 86 -6.07 43.28 -76.20
C GLN KA 86 -7.30 43.96 -76.77
N GLY KA 87 -7.34 44.02 -78.08
CA GLY KA 87 -8.44 44.55 -78.85
C GLY KA 87 -8.12 44.20 -80.28
N HIS KA 88 -9.08 43.70 -81.03
CA HIS KA 88 -8.80 43.24 -82.37
C HIS KA 88 -9.93 43.68 -83.27
N ARG KA 89 -9.60 44.16 -84.46
CA ARG KA 89 -10.61 44.79 -85.31
C ARG KA 89 -10.18 44.58 -86.77
N GLN KA 90 -10.67 43.51 -87.38
CA GLN KA 90 -10.24 43.10 -88.70
C GLN KA 90 -10.72 44.03 -89.80
N PRO KA 91 -10.03 44.05 -90.93
CA PRO KA 91 -10.53 44.77 -92.11
C PRO KA 91 -11.42 43.92 -92.98
N TYR KA 92 -12.33 44.59 -93.68
CA TYR KA 92 -13.35 43.91 -94.46
C TYR KA 92 -13.62 44.63 -95.76
N THR KA 93 -13.86 43.86 -96.80
CA THR KA 93 -14.09 44.36 -98.15
C THR KA 93 -15.44 43.86 -98.63
N LYS KA 94 -16.36 44.77 -98.91
CA LYS KA 94 -17.58 44.36 -99.57
C LYS KA 94 -17.29 43.96 -101.00
N VAL KA 95 -18.13 43.08 -101.54
CA VAL KA 95 -17.94 42.55 -102.88
C VAL KA 95 -19.31 42.52 -103.55
N MET KA 96 -19.54 43.42 -104.52
CA MET KA 96 -20.71 43.28 -105.37
C MET KA 96 -20.50 42.13 -106.32
N ILE KA 97 -21.59 41.60 -106.86
CA ILE KA 97 -21.49 40.45 -107.74
C ILE KA 97 -22.10 40.82 -109.09
N GLU KA 98 -21.43 40.39 -110.16
CA GLU KA 98 -21.94 40.50 -111.52
C GLU KA 98 -21.56 39.24 -112.27
N ALA KA 99 -22.45 38.81 -113.18
CA ALA KA 99 -22.11 38.04 -114.37
C ALA KA 99 -21.47 36.68 -114.07
N ILE KA 100 -22.29 35.79 -113.50
CA ILE KA 100 -21.98 34.36 -113.55
C ILE KA 100 -22.12 33.90 -115.01
N ASN KA 101 -21.52 32.73 -115.31
CA ASN KA 101 -21.28 32.15 -116.65
C ASN KA 101 -22.42 32.36 -117.65
N ALA KA 102 -22.06 32.86 -118.83
CA ALA KA 102 -23.03 33.13 -119.88
C ALA KA 102 -22.37 33.09 -121.26
N GLN LA 1 -53.23 77.90 -71.31
CA GLN LA 1 -54.29 77.24 -70.56
C GLN LA 1 -53.76 76.01 -69.85
N ILE LA 2 -53.89 75.96 -68.52
CA ILE LA 2 -53.35 74.87 -67.74
C ILE LA 2 -54.42 74.36 -66.78
N THR LA 3 -54.43 73.05 -66.59
CA THR LA 3 -55.14 72.38 -65.51
C THR LA 3 -54.14 71.93 -64.45
N SER LA 4 -54.61 71.07 -63.54
CA SER LA 4 -53.78 70.27 -62.63
C SER LA 4 -52.97 71.12 -61.65
N ALA LA 5 -53.68 71.79 -60.75
CA ALA LA 5 -53.04 72.48 -59.64
C ALA LA 5 -52.32 71.51 -58.71
N LYS LA 6 -51.34 72.01 -58.00
CA LYS LA 6 -50.54 71.24 -57.06
C LYS LA 6 -50.86 71.64 -55.62
N ALA LA 7 -50.34 70.83 -54.69
CA ALA LA 7 -50.36 71.10 -53.26
C ALA LA 7 -49.40 70.16 -52.56
N THR LA 8 -48.55 70.67 -51.67
CA THR LA 8 -47.64 69.81 -50.94
C THR LA 8 -47.82 70.02 -49.44
N ALA LA 9 -47.05 69.26 -48.68
CA ALA LA 9 -46.92 69.45 -47.24
C ALA LA 9 -45.61 68.81 -46.85
N LYS LA 10 -44.63 69.61 -46.46
CA LYS LA 10 -43.26 69.16 -46.31
C LYS LA 10 -42.90 68.89 -44.85
N THR LA 11 -42.06 67.88 -44.66
CA THR LA 11 -41.58 67.40 -43.35
C THR LA 11 -42.72 67.11 -42.39
N VAL LA 12 -43.72 66.38 -42.89
CA VAL LA 12 -44.80 65.92 -42.04
C VAL LA 12 -44.25 64.83 -41.12
N ARG LA 13 -44.52 64.95 -39.83
CA ARG LA 13 -43.94 64.08 -38.81
C ARG LA 13 -44.72 62.75 -38.73
N THR LA 14 -44.65 62.00 -39.83
CA THR LA 14 -45.20 60.65 -39.92
C THR LA 14 -44.24 59.79 -40.72
N SER LA 15 -44.27 58.52 -40.45
CA SER LA 15 -43.31 57.61 -41.05
C SER LA 15 -43.67 57.36 -42.51
N PRO LA 16 -42.68 57.28 -43.40
CA PRO LA 16 -42.98 57.21 -44.83
C PRO LA 16 -43.47 55.87 -45.31
N ARG LA 17 -43.29 54.78 -44.55
CA ARG LA 17 -43.91 53.53 -44.99
C ARG LA 17 -45.40 53.56 -44.76
N LYS LA 18 -45.83 54.04 -43.61
CA LYS LA 18 -47.23 53.93 -43.23
C LYS LA 18 -48.09 54.84 -44.08
N ALA LA 19 -47.56 55.97 -44.51
CA ALA LA 19 -48.37 56.87 -45.30
C ALA LA 19 -48.48 56.41 -46.74
N ARG LA 20 -47.66 55.46 -47.17
CA ARG LA 20 -47.88 54.92 -48.50
C ARG LA 20 -49.03 53.94 -48.53
N LEU LA 21 -49.52 53.53 -47.36
CA LEU LA 21 -50.66 52.63 -47.33
C LEU LA 21 -51.92 53.33 -47.78
N VAL LA 22 -52.14 54.55 -47.30
CA VAL LA 22 -53.37 55.26 -47.59
C VAL LA 22 -53.42 55.70 -49.03
N ILE LA 23 -52.28 56.15 -49.57
CA ILE LA 23 -52.21 56.62 -50.94
C ILE LA 23 -52.28 55.48 -51.95
N ASP LA 24 -52.30 54.23 -51.49
CA ASP LA 24 -52.76 53.15 -52.35
C ASP LA 24 -54.22 53.32 -52.73
N LEU LA 25 -55.01 53.94 -51.86
CA LEU LA 25 -56.45 53.93 -51.97
C LEU LA 25 -57.00 55.16 -52.66
N ILE LA 26 -56.16 56.02 -53.23
CA ILE LA 26 -56.63 57.29 -53.75
C ILE LA 26 -56.31 57.44 -55.24
N ARG LA 27 -55.23 56.81 -55.70
CA ARG LA 27 -54.73 57.04 -57.05
C ARG LA 27 -55.72 56.58 -58.10
N GLY LA 28 -56.17 57.52 -58.92
CA GLY LA 28 -57.00 57.23 -60.06
C GLY LA 28 -58.49 57.46 -59.89
N LYS LA 29 -58.91 58.01 -58.77
CA LYS LA 29 -60.32 58.15 -58.49
C LYS LA 29 -60.76 59.59 -58.66
N SER LA 30 -62.06 59.82 -58.57
CA SER LA 30 -62.61 61.16 -58.57
C SER LA 30 -62.34 61.82 -57.23
N VAL LA 31 -62.33 63.14 -57.23
CA VAL LA 31 -62.01 63.89 -56.02
C VAL LA 31 -63.13 63.77 -55.00
N ALA LA 32 -64.38 63.89 -55.45
CA ALA LA 32 -65.51 63.98 -54.55
C ALA LA 32 -65.81 62.68 -53.83
N ASP LA 33 -65.23 61.57 -54.28
CA ASP LA 33 -65.43 60.31 -53.59
C ASP LA 33 -64.26 59.96 -52.69
N ALA LA 34 -63.06 60.40 -53.08
CA ALA LA 34 -61.86 60.05 -52.34
C ALA LA 34 -61.80 60.75 -51.00
N ILE LA 35 -62.46 61.89 -50.86
CA ILE LA 35 -62.51 62.56 -49.56
C ILE LA 35 -63.35 61.75 -48.59
N SER LA 36 -64.48 61.24 -49.06
CA SER LA 36 -65.31 60.34 -48.26
C SER LA 36 -64.56 59.06 -47.93
N ILE LA 37 -63.73 58.59 -48.86
CA ILE LA 37 -62.87 57.45 -48.60
C ILE LA 37 -61.89 57.76 -47.48
N LEU LA 38 -61.30 58.96 -47.49
CA LEU LA 38 -60.35 59.32 -46.46
C LEU LA 38 -60.99 59.53 -45.10
N LYS LA 39 -62.26 59.87 -45.04
CA LYS LA 39 -62.79 60.23 -43.73
C LYS LA 39 -63.09 59.04 -42.84
N PHE LA 40 -62.93 57.80 -43.29
CA PHE LA 40 -63.27 56.68 -42.44
C PHE LA 40 -62.09 55.80 -42.03
N THR LA 41 -60.93 55.94 -42.66
CA THR LA 41 -59.77 55.19 -42.23
C THR LA 41 -59.25 55.77 -40.92
N PRO LA 42 -59.05 54.95 -39.91
CA PRO LA 42 -58.61 55.47 -38.60
C PRO LA 42 -57.09 55.47 -38.42
N ASN LA 43 -56.40 56.37 -39.10
CA ASN LA 43 -54.95 56.39 -39.05
C ASN LA 43 -54.48 57.83 -38.86
N LYS LA 44 -53.22 57.99 -38.43
CA LYS LA 44 -52.64 59.33 -38.40
C LYS LA 44 -52.43 59.87 -39.80
N SER LA 45 -52.13 59.00 -40.75
CA SER LA 45 -51.98 59.45 -42.12
C SER LA 45 -53.31 59.65 -42.82
N ALA LA 46 -54.43 59.47 -42.14
CA ALA LA 46 -55.71 59.86 -42.72
C ALA LA 46 -55.91 61.35 -42.65
N GLY LA 47 -55.81 61.93 -41.45
CA GLY LA 47 -56.14 63.32 -41.24
C GLY LA 47 -55.12 64.34 -41.71
N ILE LA 48 -54.32 63.98 -42.71
CA ILE LA 48 -53.34 64.87 -43.30
C ILE LA 48 -53.55 65.00 -44.80
N ILE LA 49 -53.77 63.87 -45.48
CA ILE LA 49 -54.02 63.90 -46.90
C ILE LA 49 -55.38 64.54 -47.20
N GLU LA 50 -56.28 64.54 -46.21
CA GLU LA 50 -57.47 65.39 -46.26
C GLU LA 50 -57.10 66.84 -46.49
N LYS LA 51 -56.22 67.38 -45.66
CA LYS LA 51 -55.83 68.78 -45.78
C LYS LA 51 -55.08 69.05 -47.07
N VAL LA 52 -54.34 68.06 -47.57
CA VAL LA 52 -53.66 68.23 -48.84
C VAL LA 52 -54.66 68.31 -49.99
N LEU LA 53 -55.66 67.42 -50.03
CA LEU LA 53 -56.65 67.50 -51.10
C LEU LA 53 -57.52 68.74 -51.01
N MET LA 54 -57.85 69.19 -49.80
CA MET LA 54 -58.68 70.37 -49.71
C MET LA 54 -57.91 71.62 -50.13
N SER LA 55 -56.61 71.69 -49.82
CA SER LA 55 -55.84 72.81 -50.33
C SER LA 55 -55.65 72.73 -51.83
N ALA LA 56 -55.58 71.52 -52.39
CA ALA LA 56 -55.47 71.42 -53.84
C ALA LA 56 -56.75 71.85 -54.54
N VAL LA 57 -57.90 71.52 -53.94
CA VAL LA 57 -59.18 71.97 -54.48
C VAL LA 57 -59.30 73.49 -54.38
N ALA LA 58 -58.85 74.07 -53.27
CA ALA LA 58 -58.89 75.52 -53.14
C ALA LA 58 -57.96 76.21 -54.11
N ASN LA 59 -56.80 75.59 -54.42
CA ASN LA 59 -55.92 76.14 -55.45
C ASN LA 59 -56.58 76.11 -56.81
N ALA LA 60 -57.21 74.99 -57.15
CA ALA LA 60 -57.84 74.90 -58.47
C ALA LA 60 -59.03 75.83 -58.59
N GLU LA 61 -59.71 76.13 -57.50
CA GLU LA 61 -60.79 77.12 -57.58
C GLU LA 61 -60.23 78.53 -57.69
N ASN LA 62 -59.48 78.98 -56.69
CA ASN LA 62 -59.10 80.38 -56.62
C ASN LA 62 -57.97 80.77 -57.54
N ASN LA 63 -57.38 79.84 -58.29
CA ASN LA 63 -56.37 80.25 -59.25
C ASN LA 63 -56.79 79.98 -60.68
N PHE LA 64 -57.07 78.74 -61.04
CA PHE LA 64 -57.22 78.43 -62.45
C PHE LA 64 -58.60 77.88 -62.82
N ASP LA 65 -59.00 76.77 -62.22
CA ASP LA 65 -59.97 75.88 -62.84
C ASP LA 65 -61.40 76.36 -62.63
N LEU LA 66 -62.31 75.51 -63.09
CA LEU LA 66 -63.70 75.51 -62.71
C LEU LA 66 -64.01 74.06 -62.35
N ASP LA 67 -65.29 73.72 -62.19
CA ASP LA 67 -65.81 72.36 -62.28
C ASP LA 67 -65.18 71.42 -61.24
N VAL LA 68 -65.50 71.71 -59.98
CA VAL LA 68 -65.05 70.90 -58.86
C VAL LA 68 -65.54 69.47 -58.98
N GLU LA 69 -66.73 69.27 -59.54
CA GLU LA 69 -67.24 67.91 -59.73
C GLU LA 69 -66.54 67.12 -60.82
N SER LA 70 -65.59 67.70 -61.54
CA SER LA 70 -64.92 66.99 -62.63
C SER LA 70 -63.43 67.01 -62.42
N LEU LA 71 -62.98 66.62 -61.24
CA LEU LA 71 -61.57 66.59 -60.91
C LEU LA 71 -61.16 65.18 -60.51
N VAL LA 72 -59.99 64.75 -60.98
CA VAL LA 72 -59.51 63.39 -60.80
C VAL LA 72 -58.15 63.45 -60.12
N VAL LA 73 -57.97 62.68 -59.04
CA VAL LA 73 -56.65 62.59 -58.43
C VAL LA 73 -55.77 61.74 -59.33
N SER LA 74 -54.85 62.39 -60.04
CA SER LA 74 -54.03 61.73 -61.02
C SER LA 74 -52.69 61.27 -60.47
N GLU LA 75 -52.05 62.07 -59.63
CA GLU LA 75 -50.74 61.72 -59.11
C GLU LA 75 -50.68 61.98 -57.62
N ALA LA 76 -49.98 61.10 -56.91
CA ALA LA 76 -49.74 61.31 -55.49
C ALA LA 76 -48.45 60.61 -55.11
N PHE LA 77 -47.61 61.30 -54.34
CA PHE LA 77 -46.27 60.86 -53.98
C PHE LA 77 -46.16 60.67 -52.49
N VAL LA 78 -45.19 59.86 -52.10
CA VAL LA 78 -44.61 59.91 -50.75
C VAL LA 78 -43.09 59.88 -50.91
N ASN LA 79 -42.41 60.88 -50.37
CA ASN LA 79 -40.96 60.91 -50.34
C ASN LA 79 -40.52 61.06 -48.90
N GLU LA 80 -39.24 60.79 -48.65
CA GLU LA 80 -38.69 60.83 -47.29
C GLU LA 80 -38.09 62.18 -46.98
N GLY LA 81 -38.46 62.74 -45.84
CA GLY LA 81 -37.85 63.96 -45.37
C GLY LA 81 -36.61 63.66 -44.58
N PRO LA 82 -36.02 64.68 -43.96
CA PRO LA 82 -34.86 64.44 -43.10
C PRO LA 82 -35.29 63.74 -41.83
N THR LA 83 -34.35 63.06 -41.20
CA THR LA 83 -34.64 62.22 -40.05
C THR LA 83 -34.00 62.81 -38.81
N MET LA 84 -34.74 62.85 -37.72
CA MET LA 84 -34.09 63.11 -36.45
C MET LA 84 -33.41 61.83 -35.97
N LYS LA 85 -32.51 61.99 -35.00
CA LYS LA 85 -31.71 60.86 -34.48
C LYS LA 85 -31.52 61.04 -32.99
N ARG LA 86 -31.96 60.05 -32.20
CA ARG LA 86 -31.81 60.08 -30.75
C ARG LA 86 -31.42 58.69 -30.27
N PHE LA 87 -31.20 58.56 -28.96
CA PHE LA 87 -30.70 57.32 -28.39
C PHE LA 87 -31.64 56.83 -27.31
N ARG LA 88 -31.38 55.62 -26.82
CA ARG LA 88 -32.14 55.07 -25.73
C ARG LA 88 -31.24 54.22 -24.85
N PRO LA 89 -31.25 54.45 -23.56
CA PRO LA 89 -30.43 53.62 -22.66
C PRO LA 89 -30.96 52.21 -22.55
N ARG LA 90 -30.27 51.32 -23.22
CA ARG LA 90 -30.55 49.89 -23.19
C ARG LA 90 -29.67 49.25 -22.12
N ALA LA 91 -30.14 48.12 -21.59
CA ALA LA 91 -29.56 47.49 -20.41
C ALA LA 91 -28.14 47.00 -20.66
N LYS LA 92 -27.45 46.71 -19.55
CA LYS LA 92 -26.01 46.43 -19.50
C LYS LA 92 -25.20 47.54 -20.16
N GLY LA 93 -25.37 48.75 -19.64
CA GLY LA 93 -24.44 49.82 -19.94
C GLY LA 93 -24.55 50.51 -21.29
N SER LA 94 -24.78 49.77 -22.37
CA SER LA 94 -24.64 50.33 -23.70
C SER LA 94 -25.89 51.12 -24.10
N ALA LA 95 -25.98 51.47 -25.37
CA ALA LA 95 -27.10 52.24 -25.90
C ALA LA 95 -27.28 51.92 -27.37
N SER LA 96 -28.52 52.00 -27.85
CA SER LA 96 -28.84 51.74 -29.23
C SER LA 96 -29.65 52.90 -29.79
N PRO LA 97 -29.41 53.31 -31.03
CA PRO LA 97 -30.04 54.52 -31.54
C PRO LA 97 -31.52 54.30 -31.85
N ILE LA 98 -32.22 55.42 -32.05
CA ILE LA 98 -33.61 55.44 -32.47
C ILE LA 98 -33.76 56.47 -33.57
N ASN LA 99 -34.23 56.05 -34.72
CA ASN LA 99 -34.51 56.98 -35.79
C ASN LA 99 -35.89 57.59 -35.57
N LYS LA 100 -36.07 58.81 -36.05
CA LYS LA 100 -37.39 59.43 -36.10
C LYS LA 100 -37.54 60.07 -37.46
N ARG LA 101 -38.55 59.65 -38.21
CA ARG LA 101 -38.56 59.97 -39.63
C ARG LA 101 -39.70 60.92 -39.99
N THR LA 102 -39.55 61.54 -41.16
CA THR LA 102 -40.46 62.56 -41.67
C THR LA 102 -40.66 62.35 -43.16
N SER LA 103 -41.78 62.83 -43.68
CA SER LA 103 -42.12 62.58 -45.07
C SER LA 103 -42.60 63.85 -45.75
N HIS LA 104 -42.47 63.87 -47.07
CA HIS LA 104 -43.02 64.90 -47.93
C HIS LA 104 -44.14 64.30 -48.75
N ILE LA 105 -45.27 64.99 -48.86
CA ILE LA 105 -46.47 64.46 -49.50
C ILE LA 105 -46.98 65.48 -50.50
N THR LA 106 -47.15 65.05 -51.75
CA THR LA 106 -47.75 65.88 -52.80
C THR LA 106 -48.90 65.13 -53.46
N VAL LA 107 -49.90 65.88 -53.93
CA VAL LA 107 -51.07 65.34 -54.62
C VAL LA 107 -51.43 66.29 -55.76
N VAL LA 108 -51.60 65.76 -56.96
CA VAL LA 108 -51.90 66.55 -58.15
C VAL LA 108 -53.32 66.24 -58.59
N VAL LA 109 -54.10 67.28 -58.89
CA VAL LA 109 -55.54 67.15 -59.16
C VAL LA 109 -55.79 67.64 -60.57
N THR LA 110 -55.80 66.75 -61.55
CA THR LA 110 -56.14 67.14 -62.91
C THR LA 110 -57.65 67.28 -63.03
N GLU LA 111 -58.13 67.75 -64.17
CA GLU LA 111 -59.57 67.75 -64.36
C GLU LA 111 -60.03 66.37 -64.84
N LYS LA 112 -59.70 66.01 -66.07
CA LYS LA 112 -60.10 64.73 -66.66
C LYS LA 112 -59.10 64.30 -67.72
N GLU MA 1 -18.76 106.97 2.03
CA GLU MA 1 -19.10 107.76 0.86
C GLU MA 1 -20.55 108.24 0.91
N LEU MA 2 -21.40 107.47 1.59
CA LEU MA 2 -22.68 107.91 2.15
C LEU MA 2 -23.75 108.27 1.13
N LEU MA 3 -23.41 108.35 -0.16
CA LEU MA 3 -24.39 108.68 -1.16
C LEU MA 3 -24.41 107.70 -2.32
N ASP MA 4 -23.55 106.69 -2.30
CA ASP MA 4 -23.61 105.62 -3.27
C ASP MA 4 -24.11 104.34 -2.65
N VAL MA 5 -24.79 104.44 -1.51
CA VAL MA 5 -25.43 103.26 -0.92
C VAL MA 5 -26.59 102.82 -1.78
N ILE MA 6 -27.57 103.68 -1.92
CA ILE MA 6 -28.84 103.34 -2.53
C ILE MA 6 -28.71 103.51 -4.04
N LYS MA 7 -29.25 102.56 -4.81
CA LYS MA 7 -29.29 102.72 -6.25
C LYS MA 7 -30.66 103.12 -6.77
N ARG MA 8 -31.67 102.29 -6.57
CA ARG MA 8 -32.97 102.47 -7.19
C ARG MA 8 -34.05 102.16 -6.17
N PRO MA 9 -35.30 102.48 -6.43
CA PRO MA 9 -36.38 101.85 -5.67
C PRO MA 9 -36.91 100.62 -6.40
N VAL MA 10 -37.33 99.62 -5.65
CA VAL MA 10 -37.87 98.39 -6.22
C VAL MA 10 -39.37 98.59 -6.36
N ILE MA 11 -39.86 98.64 -7.59
CA ILE MA 11 -41.27 98.89 -7.85
C ILE MA 11 -41.87 97.56 -8.27
N THR MA 12 -42.39 96.81 -7.30
CA THR MA 12 -43.01 95.52 -7.57
C THR MA 12 -44.34 95.43 -6.84
N GLU MA 13 -45.02 94.30 -7.04
CA GLU MA 13 -46.38 94.15 -6.58
C GLU MA 13 -46.46 94.00 -5.07
N LYS MA 14 -45.44 93.44 -4.43
CA LYS MA 14 -45.40 93.48 -2.98
C LYS MA 14 -45.03 94.85 -2.47
N SER MA 15 -44.16 95.55 -3.19
CA SER MA 15 -43.67 96.85 -2.74
C SER MA 15 -44.79 97.89 -2.73
N MET MA 16 -45.73 97.79 -3.66
CA MET MA 16 -46.84 98.73 -3.66
C MET MA 16 -47.76 98.50 -2.48
N LEU MA 17 -47.80 97.28 -1.96
CA LEU MA 17 -48.51 97.06 -0.70
C LEU MA 17 -47.72 97.64 0.46
N ALA MA 18 -46.40 97.62 0.37
CA ALA MA 18 -45.57 98.14 1.45
C ALA MA 18 -45.61 99.65 1.53
N MET MA 19 -46.03 100.33 0.47
CA MET MA 19 -46.16 101.78 0.48
C MET MA 19 -47.22 102.27 1.44
N ASP MA 20 -48.14 101.38 1.85
CA ASP MA 20 -49.22 101.78 2.75
C ASP MA 20 -48.73 101.94 4.18
N GLU MA 21 -47.84 101.05 4.64
CA GLU MA 21 -47.37 101.08 6.02
C GLU MA 21 -46.03 101.76 6.16
N LYS MA 22 -45.73 102.71 5.27
CA LYS MA 22 -44.45 103.45 5.23
C LYS MA 22 -43.26 102.50 5.10
N LYS MA 23 -43.34 101.54 4.17
CA LYS MA 23 -42.23 100.62 3.95
C LYS MA 23 -41.79 100.71 2.50
N TYR MA 24 -40.49 100.94 2.29
CA TYR MA 24 -39.96 101.24 0.98
C TYR MA 24 -38.85 100.27 0.59
N THR MA 25 -38.81 99.88 -0.68
CA THR MA 25 -37.94 98.82 -1.16
C THR MA 25 -36.88 99.38 -2.09
N PHE MA 26 -35.63 99.46 -1.61
CA PHE MA 26 -34.51 99.99 -2.38
C PHE MA 26 -33.50 98.89 -2.69
N GLU MA 27 -32.66 99.14 -3.70
CA GLU MA 27 -31.54 98.25 -3.99
C GLU MA 27 -30.25 98.86 -3.45
N VAL MA 28 -29.76 98.31 -2.38
CA VAL MA 28 -28.51 98.74 -1.76
C VAL MA 28 -27.39 97.93 -2.35
N ASP MA 29 -26.24 98.57 -2.58
CA ASP MA 29 -25.05 97.89 -3.05
C ASP MA 29 -24.52 96.89 -2.01
N THR MA 30 -23.67 96.00 -2.48
CA THR MA 30 -23.02 95.05 -1.60
C THR MA 30 -22.01 95.76 -0.72
N ARG MA 31 -21.50 95.02 0.27
CA ARG MA 31 -20.57 95.51 1.29
C ARG MA 31 -21.13 96.72 2.03
N ALA MA 32 -22.43 96.68 2.33
CA ALA MA 32 -23.07 97.72 3.11
C ALA MA 32 -23.77 97.08 4.29
N ASN MA 33 -23.91 97.85 5.35
CA ASN MA 33 -24.48 97.39 6.60
C ASN MA 33 -25.87 97.95 6.76
N LYS MA 34 -26.56 97.53 7.82
CA LYS MA 34 -27.84 98.15 8.14
C LYS MA 34 -27.66 99.61 8.53
N THR MA 35 -26.59 99.91 9.25
CA THR MA 35 -26.46 101.21 9.87
C THR MA 35 -26.16 102.29 8.85
N LEU MA 36 -25.41 101.94 7.79
CA LEU MA 36 -25.20 102.88 6.70
C LEU MA 36 -26.48 103.25 6.00
N VAL MA 37 -27.41 102.31 5.90
CA VAL MA 37 -28.64 102.60 5.18
C VAL MA 37 -29.51 103.55 6.00
N LYS MA 38 -29.52 103.38 7.32
CA LYS MA 38 -30.10 104.39 8.22
C LYS MA 38 -29.48 105.76 7.99
N GLN MA 39 -28.16 105.83 7.97
CA GLN MA 39 -27.49 107.12 7.87
C GLN MA 39 -27.74 107.76 6.51
N ALA MA 40 -27.76 106.96 5.45
CA ALA MA 40 -27.91 107.50 4.11
C ALA MA 40 -29.33 107.99 3.87
N VAL MA 41 -30.33 107.24 4.32
CA VAL MA 41 -31.70 107.67 4.17
C VAL MA 41 -31.98 108.91 5.00
N GLU MA 42 -31.50 108.92 6.25
CA GLU MA 42 -31.75 110.07 7.12
C GLU MA 42 -31.03 111.32 6.65
N SER MA 43 -29.89 111.16 5.98
CA SER MA 43 -29.24 112.30 5.37
C SER MA 43 -29.57 112.46 3.90
N ALA MA 44 -30.63 111.81 3.42
CA ALA MA 44 -31.07 112.01 2.05
C ALA MA 44 -32.53 112.41 1.91
N PHE MA 45 -33.37 112.21 2.92
CA PHE MA 45 -34.79 112.52 2.78
C PHE MA 45 -35.49 113.10 4.00
N ASP MA 46 -34.77 113.37 5.10
CA ASP MA 46 -35.34 113.86 6.38
C ASP MA 46 -36.39 112.92 6.97
N VAL MA 47 -36.02 111.65 7.16
CA VAL MA 47 -36.94 110.67 7.74
C VAL MA 47 -36.18 110.00 8.89
N LYS MA 48 -36.71 108.91 9.45
CA LYS MA 48 -36.33 108.47 10.79
C LYS MA 48 -36.18 106.94 10.87
N VAL MA 49 -36.31 106.47 12.11
CA VAL MA 49 -35.99 105.22 12.80
C VAL MA 49 -36.91 104.09 12.30
N ALA MA 50 -36.93 102.95 13.03
CA ALA MA 50 -37.69 101.72 12.80
C ALA MA 50 -37.10 100.86 11.69
N ASN MA 51 -36.15 100.03 12.10
CA ASN MA 51 -35.06 99.37 11.39
C ASN MA 51 -35.30 98.85 9.97
N VAL MA 52 -34.23 98.93 9.19
CA VAL MA 52 -34.16 98.41 7.83
C VAL MA 52 -34.10 96.89 7.86
N ASN MA 53 -34.51 96.26 6.76
CA ASN MA 53 -34.23 94.85 6.53
C ASN MA 53 -33.57 94.67 5.17
N ILE MA 54 -32.77 93.62 5.06
CA ILE MA 54 -31.78 93.47 4.00
C ILE MA 54 -31.79 92.04 3.49
N LEU MA 55 -31.89 91.86 2.19
CA LEU MA 55 -31.94 90.55 1.58
C LEU MA 55 -30.69 90.25 0.79
N ASN MA 56 -30.70 89.13 0.08
CA ASN MA 56 -29.76 88.83 -0.99
C ASN MA 56 -30.51 88.08 -2.08
N VAL MA 57 -29.81 87.82 -3.18
CA VAL MA 57 -30.39 87.27 -4.39
C VAL MA 57 -29.36 86.35 -5.05
N ARG MA 58 -29.73 85.17 -5.32
CA ARG MA 58 -28.83 84.42 -6.17
C ARG MA 58 -29.14 84.70 -7.63
N PRO MA 59 -28.17 84.71 -8.52
CA PRO MA 59 -28.45 84.99 -9.93
C PRO MA 59 -29.16 83.85 -10.67
N LYS MA 60 -29.43 84.05 -11.96
CA LYS MA 60 -30.17 83.08 -12.76
C LYS MA 60 -29.47 82.76 -14.08
N PHE MA 61 -30.16 82.05 -14.96
CA PHE MA 61 -29.76 81.98 -16.36
C PHE MA 61 -30.64 82.84 -17.24
N LYS MA 62 -30.06 83.27 -18.35
CA LYS MA 62 -30.77 83.59 -19.56
C LYS MA 62 -29.97 83.00 -20.70
N ARG MA 63 -30.64 82.70 -21.82
CA ARG MA 63 -29.96 82.21 -23.02
C ARG MA 63 -30.56 82.92 -24.23
N MET MA 64 -29.92 84.02 -24.64
CA MET MA 64 -30.43 84.82 -25.75
C MET MA 64 -30.17 84.13 -27.09
N GLY MA 65 -28.90 83.91 -27.41
CA GLY MA 65 -28.55 83.48 -28.74
C GLY MA 65 -27.63 82.28 -28.77
N LYS MA 66 -27.92 81.29 -27.91
CA LYS MA 66 -27.09 80.09 -27.64
C LYS MA 66 -25.79 80.48 -26.95
N TYR MA 67 -25.91 81.33 -25.92
CA TYR MA 67 -24.78 81.72 -25.08
C TYR MA 67 -25.28 81.80 -23.65
N ALA MA 68 -24.83 80.89 -22.80
CA ALA MA 68 -25.33 80.80 -21.45
C ALA MA 68 -24.56 81.72 -20.52
N GLY MA 69 -25.27 82.42 -19.65
CA GLY MA 69 -24.61 83.33 -18.74
C GLY MA 69 -25.48 83.87 -17.64
N TYR MA 70 -24.85 84.23 -16.52
CA TYR MA 70 -25.55 84.66 -15.33
C TYR MA 70 -26.06 86.08 -15.43
N THR MA 71 -26.73 86.51 -14.38
CA THR MA 71 -27.08 87.90 -14.12
C THR MA 71 -26.39 88.30 -12.83
N LYS MA 72 -26.74 89.47 -12.32
CA LYS MA 72 -25.99 90.07 -11.23
C LYS MA 72 -26.33 89.42 -9.89
N LYS MA 73 -25.67 89.91 -8.86
CA LYS MA 73 -26.16 89.81 -7.50
C LYS MA 73 -27.03 91.03 -7.23
N ARG MA 74 -27.82 90.94 -6.17
CA ARG MA 74 -28.62 92.08 -5.73
C ARG MA 74 -28.58 92.15 -4.23
N ARG MA 75 -29.19 93.21 -3.70
CA ARG MA 75 -29.46 93.31 -2.27
C ARG MA 75 -30.61 94.30 -2.08
N LYS MA 76 -31.77 93.82 -1.71
CA LYS MA 76 -32.88 94.70 -1.45
C LYS MA 76 -32.70 95.42 -0.13
N ALA MA 77 -33.56 96.40 0.12
CA ALA MA 77 -33.61 97.05 1.42
C ALA MA 77 -35.02 97.56 1.67
N ILE MA 78 -35.65 97.06 2.71
CA ILE MA 78 -37.04 97.33 3.01
C ILE MA 78 -37.09 98.19 4.26
N VAL MA 79 -37.29 99.49 4.08
CA VAL MA 79 -37.06 100.49 5.13
C VAL MA 79 -38.41 100.97 5.65
N THR MA 80 -38.58 100.96 6.97
CA THR MA 80 -39.82 101.39 7.60
C THR MA 80 -39.58 102.69 8.34
N LEU MA 81 -40.64 103.45 8.58
CA LEU MA 81 -40.47 104.81 9.07
C LEU MA 81 -41.20 104.99 10.39
N THR MA 82 -41.15 106.21 10.92
CA THR MA 82 -41.96 106.58 12.09
C THR MA 82 -42.97 107.68 11.77
N GLU MA 83 -42.51 108.87 11.33
CA GLU MA 83 -43.39 110.00 11.02
C GLU MA 83 -42.75 110.82 9.90
N ASP MA 84 -43.04 110.44 8.65
CA ASP MA 84 -42.98 111.22 7.40
C ASP MA 84 -43.41 110.33 6.25
N SER MA 85 -43.37 110.85 5.03
CA SER MA 85 -43.65 110.05 3.85
C SER MA 85 -42.61 110.35 2.79
N LYS MA 86 -42.62 109.55 1.72
CA LYS MA 86 -41.87 109.86 0.51
C LYS MA 86 -42.86 109.76 -0.64
N GLU MA 87 -43.65 110.81 -0.84
CA GLU MA 87 -44.64 110.85 -1.92
C GLU MA 87 -44.04 111.49 -3.16
N ILE MA 88 -43.04 110.80 -3.69
CA ILE MA 88 -42.36 111.20 -4.91
C ILE MA 88 -42.62 110.19 -6.04
N GLN MA 89 -42.92 108.95 -5.68
CA GLN MA 89 -42.62 107.82 -6.51
C GLN MA 89 -43.87 107.25 -7.18
N MET NA 1 -11.55 110.22 -49.90
CA MET NA 1 -12.90 109.87 -50.30
C MET NA 1 -13.34 110.68 -51.49
N PHE NA 2 -12.73 111.86 -51.65
CA PHE NA 2 -13.01 112.88 -52.65
C PHE NA 2 -14.48 113.15 -52.92
N VAL NA 3 -15.34 113.02 -51.90
CA VAL NA 3 -16.76 113.34 -52.04
C VAL NA 3 -17.30 113.64 -50.65
N LYS NA 4 -18.20 114.61 -50.57
CA LYS NA 4 -18.71 115.11 -49.30
C LYS NA 4 -20.20 114.82 -49.20
N LYS NA 5 -20.84 115.44 -48.19
CA LYS NA 5 -22.28 115.31 -48.01
C LYS NA 5 -23.05 115.75 -49.24
N GLY NA 6 -22.69 116.90 -49.80
CA GLY NA 6 -23.37 117.37 -50.99
C GLY NA 6 -22.44 117.81 -52.09
N ASP NA 7 -22.43 117.07 -53.20
CA ASP NA 7 -21.58 117.34 -54.34
C ASP NA 7 -22.22 116.76 -55.59
N LYS NA 8 -22.16 117.49 -56.69
CA LYS NA 8 -22.58 116.91 -57.96
C LYS NA 8 -21.63 115.82 -58.39
N VAL NA 9 -22.15 114.90 -59.19
CA VAL NA 9 -21.53 113.60 -59.45
C VAL NA 9 -21.97 113.13 -60.82
N LYS NA 10 -21.04 112.68 -61.66
CA LYS NA 10 -21.42 111.80 -62.75
C LYS NA 10 -21.31 110.36 -62.30
N VAL NA 11 -22.25 109.53 -62.72
CA VAL NA 11 -22.21 108.11 -62.46
C VAL NA 11 -21.70 107.42 -63.72
N ILE NA 12 -20.63 106.66 -63.57
CA ILE NA 12 -19.88 106.15 -64.70
C ILE NA 12 -20.42 104.81 -65.19
N THR NA 13 -20.61 103.86 -64.28
CA THR NA 13 -20.97 102.48 -64.61
C THR NA 13 -22.31 102.10 -63.99
N GLY NA 14 -22.81 100.94 -64.37
CA GLY NA 14 -23.94 100.36 -63.67
C GLY NA 14 -25.30 100.96 -63.95
N LYS NA 15 -25.83 100.71 -65.16
CA LYS NA 15 -27.19 101.03 -65.62
C LYS NA 15 -27.45 102.52 -65.76
N ASP NA 16 -26.50 103.35 -65.34
CA ASP NA 16 -26.75 104.74 -65.04
C ASP NA 16 -25.60 105.59 -65.53
N LYS NA 17 -25.15 105.31 -66.75
CA LYS NA 17 -24.18 106.17 -67.41
C LYS NA 17 -24.79 107.55 -67.60
N ASN NA 18 -23.95 108.56 -67.39
CA ASN NA 18 -24.16 109.96 -67.74
C ASN NA 18 -25.23 110.66 -66.89
N LYS NA 19 -25.87 109.97 -65.96
CA LYS NA 19 -26.78 110.65 -65.06
C LYS NA 19 -26.01 111.51 -64.07
N GLU NA 20 -26.72 112.43 -63.45
CA GLU NA 20 -26.13 113.27 -62.44
C GLU NA 20 -26.99 113.24 -61.19
N GLY NA 21 -26.57 114.00 -60.18
CA GLY NA 21 -27.35 114.09 -58.97
C GLY NA 21 -26.54 114.74 -57.87
N VAL NA 22 -27.17 114.81 -56.71
CA VAL NA 22 -26.55 115.34 -55.51
C VAL NA 22 -26.39 114.18 -54.53
N VAL NA 23 -25.22 114.10 -53.90
CA VAL NA 23 -24.99 113.13 -52.84
C VAL NA 23 -25.96 113.42 -51.69
N LEU NA 24 -26.58 112.37 -51.17
CA LEU NA 24 -27.42 112.53 -49.99
C LEU NA 24 -26.65 112.19 -48.73
N ALA NA 25 -26.18 110.95 -48.62
CA ALA NA 25 -25.52 110.46 -47.43
C ALA NA 25 -24.24 109.76 -47.83
N ALA NA 26 -23.19 109.99 -47.06
CA ALA NA 26 -21.92 109.32 -47.27
C ALA NA 26 -21.77 108.23 -46.23
N PHE NA 27 -21.42 107.03 -46.68
CA PHE NA 27 -21.00 105.98 -45.77
C PHE NA 27 -19.54 105.70 -46.03
N PRO NA 28 -18.64 106.22 -45.24
CA PRO NA 28 -17.27 105.72 -45.23
C PRO NA 28 -17.22 104.41 -44.47
N LYS NA 29 -16.01 103.84 -44.41
CA LYS NA 29 -15.60 102.57 -43.78
C LYS NA 29 -16.06 101.37 -44.61
N GLN NA 30 -16.92 101.58 -45.60
CA GLN NA 30 -17.14 100.57 -46.62
C GLN NA 30 -17.33 101.18 -48.00
N ASP NA 31 -17.08 102.48 -48.14
CA ASP NA 31 -16.99 103.19 -49.42
C ASP NA 31 -18.32 103.15 -50.19
N LYS NA 32 -19.38 103.60 -49.55
CA LYS NA 32 -20.68 103.61 -50.20
C LYS NA 32 -21.32 104.98 -50.08
N VAL NA 33 -21.98 105.42 -51.15
CA VAL NA 33 -22.49 106.78 -51.29
C VAL NA 33 -23.81 106.72 -52.04
N ILE NA 34 -24.84 107.39 -51.52
CA ILE NA 34 -26.17 107.40 -52.11
C ILE NA 34 -26.37 108.67 -52.91
N VAL NA 35 -26.75 108.53 -54.17
CA VAL NA 35 -27.02 109.65 -55.06
C VAL NA 35 -28.51 109.63 -55.39
N GLU NA 36 -29.09 110.81 -55.58
CA GLU NA 36 -30.52 110.90 -55.89
C GLU NA 36 -30.83 110.31 -57.26
N GLY NA 37 -31.89 109.51 -57.31
CA GLY NA 37 -32.44 109.01 -58.56
C GLY NA 37 -31.54 108.09 -59.35
N VAL NA 38 -30.77 107.23 -58.67
CA VAL NA 38 -29.82 106.34 -59.33
C VAL NA 38 -30.12 104.88 -58.99
N ASN NA 39 -30.33 104.57 -57.72
CA ASN NA 39 -30.67 103.22 -57.32
C ASN NA 39 -31.99 103.13 -56.57
N VAL NA 40 -33.05 103.67 -57.15
CA VAL NA 40 -34.39 103.51 -56.58
C VAL NA 40 -34.75 102.03 -56.61
N VAL NA 41 -35.11 101.50 -55.46
CA VAL NA 41 -35.25 100.06 -55.23
C VAL NA 41 -36.56 99.82 -54.48
N LYS NA 42 -37.33 98.83 -54.95
CA LYS NA 42 -38.70 98.59 -54.52
C LYS NA 42 -38.72 97.67 -53.31
N LYS NA 43 -39.32 98.12 -52.21
CA LYS NA 43 -39.32 97.41 -50.94
C LYS NA 43 -40.71 96.89 -50.59
N HIS NA 44 -40.86 95.58 -50.47
CA HIS NA 44 -42.05 95.01 -49.87
C HIS NA 44 -42.00 95.25 -48.37
N GLN NA 45 -42.98 95.95 -47.82
CA GLN NA 45 -43.01 96.21 -46.40
C GLN NA 45 -44.31 95.72 -45.78
N LYS NA 46 -44.21 95.19 -44.65
CA LYS NA 46 -45.41 94.95 -43.86
C LYS NA 46 -45.68 96.16 -42.98
N PRO NA 47 -46.93 96.42 -42.62
CA PRO NA 47 -47.21 97.61 -41.80
C PRO NA 47 -46.78 97.45 -40.35
N ASN NA 48 -45.64 98.05 -40.03
CA ASN NA 48 -45.18 98.29 -38.67
C ASN NA 48 -45.59 99.72 -38.27
N GLN NA 49 -44.99 100.22 -37.19
CA GLN NA 49 -45.21 101.59 -36.73
C GLN NA 49 -44.88 102.62 -37.81
N ALA NA 50 -43.81 102.39 -38.56
CA ALA NA 50 -43.40 103.30 -39.62
C ALA NA 50 -44.27 103.06 -40.85
N ALA NA 51 -45.05 104.08 -41.26
CA ALA NA 51 -46.02 104.05 -42.36
C ALA NA 51 -46.98 102.89 -42.17
N PRO NA 52 -47.95 103.02 -41.27
CA PRO NA 52 -48.70 101.85 -40.77
C PRO NA 52 -49.67 101.19 -41.75
N GLN NA 53 -49.58 101.51 -43.04
CA GLN NA 53 -50.05 100.60 -44.08
C GLN NA 53 -48.85 100.21 -44.93
N GLY NA 54 -48.66 98.91 -45.09
CA GLY NA 54 -47.44 98.40 -45.69
C GLY NA 54 -47.39 98.52 -47.20
N GLY NA 55 -47.18 99.72 -47.69
CA GLY NA 55 -47.04 99.90 -49.11
C GLY NA 55 -45.69 99.43 -49.63
N ILE NA 56 -45.64 99.19 -50.93
CA ILE NA 56 -44.38 98.89 -51.59
C ILE NA 56 -43.62 100.20 -51.79
N LEU NA 57 -42.58 100.41 -51.00
CA LEU NA 57 -41.88 101.68 -50.99
C LEU NA 57 -40.63 101.64 -51.84
N GLU NA 58 -40.12 102.83 -52.15
CA GLU NA 58 -39.00 102.98 -53.07
C GLU NA 58 -37.97 103.92 -52.46
N VAL NA 59 -36.90 103.33 -51.94
CA VAL NA 59 -35.81 104.07 -51.35
C VAL NA 59 -34.62 103.87 -52.26
N GLU NA 60 -33.65 104.79 -52.19
CA GLU NA 60 -32.43 104.67 -52.97
C GLU NA 60 -31.38 103.85 -52.23
N ALA NA 61 -30.53 103.15 -53.01
CA ALA NA 61 -29.54 102.21 -52.51
C ALA NA 61 -28.12 102.71 -52.78
N PRO NA 62 -27.17 102.43 -51.89
C PRO NA 62 -24.99 102.41 -53.14
N ILE NA 63 -24.07 103.24 -53.66
CA ILE NA 63 -23.18 102.90 -54.76
C ILE NA 63 -21.75 103.07 -54.26
N HIS NA 64 -20.82 102.31 -54.85
CA HIS NA 64 -19.43 102.45 -54.46
C HIS NA 64 -18.83 103.72 -55.00
N VAL NA 65 -17.74 104.14 -54.36
CA VAL NA 65 -17.12 105.43 -54.66
C VAL NA 65 -16.46 105.39 -56.02
N SER NA 66 -16.01 104.22 -56.46
CA SER NA 66 -15.24 104.08 -57.69
C SER NA 66 -16.12 104.02 -58.93
N ASN NA 67 -17.32 104.60 -58.88
CA ASN NA 67 -18.18 104.75 -60.04
C ASN NA 67 -18.54 106.20 -60.28
N VAL NA 68 -17.84 107.12 -59.62
CA VAL NA 68 -18.33 108.45 -59.30
C VAL NA 68 -17.24 109.47 -59.60
N MET NA 69 -17.56 110.47 -60.43
CA MET NA 69 -16.70 111.62 -60.67
C MET NA 69 -17.19 112.79 -59.81
N VAL NA 70 -16.45 113.89 -59.86
CA VAL NA 70 -16.83 115.11 -59.16
C VAL NA 70 -16.99 116.20 -60.21
N ILE NA 71 -18.00 117.05 -60.03
CA ILE NA 71 -18.34 118.07 -61.01
C ILE NA 71 -17.92 119.44 -60.48
N ASP NA 72 -17.53 120.32 -61.42
CA ASP NA 72 -16.91 121.64 -61.49
C ASP NA 72 -17.53 122.82 -60.77
N PRO NA 73 -18.69 122.74 -60.16
CA PRO NA 73 -19.89 123.47 -60.62
C PRO NA 73 -19.78 124.76 -61.43
N SER NA 74 -18.71 125.55 -61.33
CA SER NA 74 -18.53 126.71 -62.20
C SER NA 74 -18.49 126.37 -63.69
N ASN NA 75 -18.22 125.11 -64.08
CA ASN NA 75 -18.40 124.69 -65.46
C ASN NA 75 -19.49 123.63 -65.62
N GLY NA 76 -19.37 122.50 -64.93
CA GLY NA 76 -20.30 121.41 -65.12
C GLY NA 76 -19.74 120.25 -65.92
N GLU NA 77 -18.48 119.87 -65.64
CA GLU NA 77 -17.84 118.78 -66.38
C GLU NA 77 -17.26 117.75 -65.40
N ALA NA 78 -16.50 116.78 -65.89
CA ALA NA 78 -16.02 115.65 -65.09
C ALA NA 78 -14.50 115.73 -64.93
N THR NA 79 -14.03 115.93 -63.69
CA THR NA 79 -12.62 116.18 -63.40
C THR NA 79 -12.11 115.31 -62.26
N LYS NA 80 -10.88 114.83 -62.43
CA LYS NA 80 -10.18 114.10 -61.36
C LYS NA 80 -9.70 115.11 -60.33
N VAL NA 81 -10.17 114.99 -59.10
CA VAL NA 81 -9.86 115.96 -58.06
C VAL NA 81 -8.44 115.76 -57.57
N ALA NA 82 -7.63 116.83 -57.62
CA ALA NA 82 -6.30 116.86 -57.05
C ALA NA 82 -6.25 117.92 -55.94
N PHE NA 83 -5.11 117.99 -55.26
CA PHE NA 83 -4.91 118.90 -54.15
C PHE NA 83 -3.72 119.81 -54.43
N LYS NA 84 -3.85 121.08 -54.05
CA LYS NA 84 -2.74 122.03 -54.11
C LYS NA 84 -2.75 122.91 -52.87
N GLU NA 85 -1.76 123.78 -52.79
CA GLU NA 85 -1.52 124.61 -51.61
C GLU NA 85 -1.98 126.04 -51.87
N VAL NA 86 -3.21 126.32 -51.46
CA VAL NA 86 -3.64 127.65 -51.03
C VAL NA 86 -3.22 127.67 -49.56
N ASP NA 87 -3.27 128.84 -48.90
CA ASP NA 87 -3.01 128.98 -47.46
C ASP NA 87 -3.84 128.02 -46.62
N GLY NA 88 -3.44 127.78 -45.38
CA GLY NA 88 -3.35 126.41 -44.88
C GLY NA 88 -4.58 125.53 -44.82
N LYS NA 89 -5.17 125.31 -45.99
CA LYS NA 89 -6.10 124.23 -46.25
C LYS NA 89 -5.76 123.62 -47.59
N LYS NA 90 -6.00 122.32 -47.73
CA LYS NA 90 -5.88 121.66 -49.02
C LYS NA 90 -7.27 121.58 -49.66
N VAL NA 91 -7.76 122.75 -50.07
CA VAL NA 91 -9.02 122.81 -50.78
C VAL NA 91 -8.83 122.21 -52.16
N ARG NA 92 -9.81 121.45 -52.60
CA ARG NA 92 -9.76 120.65 -53.82
C ARG NA 92 -9.52 121.48 -55.06
N VAL NA 93 -8.34 121.36 -55.64
CA VAL NA 93 -7.99 122.05 -56.87
C VAL NA 93 -8.25 121.08 -58.01
N SER NA 94 -9.25 121.37 -58.83
CA SER NA 94 -9.62 120.45 -59.88
C SER NA 94 -8.58 120.43 -60.99
N LYS NA 95 -8.35 119.24 -61.54
CA LYS NA 95 -7.63 119.14 -62.79
C LYS NA 95 -8.52 119.61 -63.93
N LYS NA 96 -7.94 119.71 -65.13
CA LYS NA 96 -8.58 120.32 -66.30
C LYS NA 96 -9.05 121.75 -65.97
N THR NA 97 -8.04 122.63 -65.89
CA THR NA 97 -8.11 124.07 -65.65
C THR NA 97 -8.60 124.45 -64.26
N GLY NA 98 -7.87 123.98 -63.23
CA GLY NA 98 -7.66 124.68 -61.97
C GLY NA 98 -8.76 125.45 -61.28
N GLU NA 99 -9.81 124.76 -60.83
CA GLU NA 99 -10.93 125.42 -60.19
C GLU NA 99 -11.05 124.94 -58.74
N VAL NA 100 -11.35 125.89 -57.86
CA VAL NA 100 -11.58 125.58 -56.45
C VAL NA 100 -12.92 124.88 -56.30
N LEU NA 101 -12.90 123.66 -55.76
CA LEU NA 101 -14.13 122.90 -55.56
C LEU NA 101 -14.51 122.86 -54.09
N VAL OA 1 14.08 -42.90 -86.18
CA VAL OA 1 15.25 -43.05 -87.03
C VAL OA 1 15.49 -41.78 -87.83
N GLN OA 2 14.58 -41.46 -88.73
CA GLN OA 2 14.74 -40.35 -89.68
C GLN OA 2 13.81 -39.23 -89.27
N LEU OA 3 14.30 -38.36 -88.39
CA LEU OA 3 13.51 -37.20 -87.99
C LEU OA 3 13.53 -36.13 -89.07
N GLU OA 4 12.64 -35.15 -88.92
CA GLU OA 4 12.39 -34.14 -89.94
C GLU OA 4 13.25 -32.92 -89.67
N VAL OA 5 14.19 -32.64 -90.57
CA VAL OA 5 15.21 -31.63 -90.36
C VAL OA 5 14.74 -30.29 -90.90
N LYS OA 6 14.76 -29.26 -90.03
CA LYS OA 6 14.42 -27.89 -90.42
C LYS OA 6 15.55 -26.98 -89.92
N GLU OA 7 16.48 -26.65 -90.80
CA GLU OA 7 17.68 -25.91 -90.44
C GLU OA 7 17.35 -24.42 -90.26
N ARG OA 8 17.61 -23.88 -89.08
CA ARG OA 8 17.16 -22.55 -88.68
C ARG OA 8 18.13 -21.46 -89.13
N ALA OA 9 17.94 -20.26 -88.57
CA ALA OA 9 18.69 -19.04 -88.85
C ALA OA 9 19.54 -18.65 -87.63
N ILE OA 10 20.16 -17.47 -87.72
CA ILE OA 10 21.26 -17.12 -86.82
C ILE OA 10 20.78 -16.38 -85.58
N ARG OA 11 19.88 -15.39 -85.72
CA ARG OA 11 19.45 -14.55 -84.59
C ARG OA 11 17.98 -14.79 -84.26
N PRO OA 12 17.66 -15.71 -83.37
CA PRO OA 12 16.34 -15.67 -82.72
C PRO OA 12 16.24 -14.79 -81.49
N ARG OA 13 15.94 -13.50 -81.68
CA ARG OA 13 15.40 -12.69 -80.60
C ARG OA 13 13.92 -12.99 -80.40
N SER OA 14 13.16 -12.11 -79.74
CA SER OA 14 11.88 -12.42 -79.07
C SER OA 14 10.76 -13.05 -79.91
N LEU OA 15 11.04 -13.37 -81.18
CA LEU OA 15 10.30 -14.34 -81.98
C LEU OA 15 10.11 -15.70 -81.30
N ARG OA 16 10.97 -16.07 -80.34
CA ARG OA 16 11.07 -17.42 -79.82
C ARG OA 16 9.81 -17.87 -79.07
N ASN OA 17 9.09 -16.94 -78.44
CA ASN OA 17 7.89 -17.32 -77.68
C ASN OA 17 6.76 -17.81 -78.57
N GLN OA 18 6.82 -17.52 -79.88
CA GLN OA 18 5.86 -18.09 -80.81
C GLN OA 18 6.02 -19.60 -80.89
N LEU OA 19 7.26 -20.08 -80.78
CA LEU OA 19 7.51 -21.52 -80.91
C LEU OA 19 7.20 -22.27 -79.63
N ARG OA 20 7.23 -21.57 -78.49
CA ARG OA 20 6.89 -22.23 -77.23
C ARG OA 20 5.39 -22.47 -77.12
N HIS OA 21 4.57 -21.55 -77.65
CA HIS OA 21 3.13 -21.77 -77.69
C HIS OA 21 2.73 -22.74 -78.81
N GLU OA 22 3.54 -22.86 -79.86
CA GLU OA 22 3.22 -23.84 -80.89
C GLU OA 22 3.74 -25.24 -80.58
N GLY OA 23 4.33 -25.44 -79.41
CA GLY OA 23 4.89 -26.73 -79.06
C GLY OA 23 6.09 -27.14 -79.88
N LYS OA 24 6.99 -26.21 -80.15
CA LYS OA 24 8.11 -26.46 -81.05
C LYS OA 24 9.39 -26.70 -80.26
N VAL OA 25 10.27 -27.51 -80.84
CA VAL OA 25 11.55 -27.85 -80.21
C VAL OA 25 12.66 -27.28 -81.08
N PRO OA 26 13.32 -26.20 -80.67
CA PRO OA 26 14.55 -25.74 -81.33
C PRO OA 26 15.76 -26.54 -80.82
N ALA OA 27 16.42 -27.25 -81.73
CA ALA OA 27 17.33 -28.33 -81.35
C ALA OA 27 18.77 -28.00 -81.67
N ILE OA 28 19.56 -27.78 -80.61
CA ILE OA 28 21.02 -27.72 -80.68
C ILE OA 28 21.56 -29.03 -81.21
N VAL OA 29 22.59 -28.97 -82.05
CA VAL OA 29 23.43 -30.13 -82.31
C VAL OA 29 24.88 -29.66 -82.41
N TYR OA 30 25.68 -29.95 -81.39
CA TYR OA 30 27.12 -29.77 -81.44
C TYR OA 30 27.78 -31.11 -81.18
N GLY OA 31 28.70 -31.49 -82.06
CA GLY OA 31 29.27 -32.82 -82.03
C GLY OA 31 30.41 -32.99 -83.02
N TYR OA 32 30.40 -34.10 -83.76
CA TYR OA 32 31.49 -34.39 -84.68
C TYR OA 32 31.46 -33.48 -85.90
N GLN OA 33 30.39 -33.56 -86.70
CA GLN OA 33 30.32 -32.75 -87.91
C GLN OA 33 29.87 -31.33 -87.63
N ILE OA 34 28.72 -31.16 -86.98
CA ILE OA 34 28.05 -29.87 -86.89
C ILE OA 34 28.47 -29.16 -85.62
N GLU OA 35 28.93 -27.92 -85.77
CA GLU OA 35 29.28 -27.11 -84.61
C GLU OA 35 28.05 -26.46 -83.98
N SER OA 36 27.16 -25.91 -84.81
CA SER OA 36 25.84 -25.44 -84.36
C SER OA 36 24.93 -25.29 -85.57
N THR OA 37 23.86 -26.10 -85.62
CA THR OA 37 22.70 -25.81 -86.47
C THR OA 37 21.48 -26.06 -85.61
N PRO OA 38 20.88 -25.02 -85.03
CA PRO OA 38 19.58 -25.18 -84.36
C PRO OA 38 18.52 -25.62 -85.35
N ILE OA 39 17.65 -26.53 -84.92
CA ILE OA 39 16.73 -27.25 -85.81
C ILE OA 39 15.35 -27.32 -85.18
N TYR OA 40 14.32 -26.97 -85.96
CA TYR OA 40 12.94 -27.11 -85.50
C TYR OA 40 12.54 -28.57 -85.32
N PHE OA 41 11.66 -28.81 -84.36
CA PHE OA 41 10.90 -30.05 -84.27
C PHE OA 41 9.52 -29.76 -83.68
N GLU OA 42 8.62 -30.71 -83.87
CA GLU OA 42 7.38 -30.77 -83.12
C GLU OA 42 7.63 -31.56 -81.85
N GLU OA 43 6.93 -31.21 -80.78
CA GLU OA 43 7.21 -31.82 -79.49
C GLU OA 43 6.75 -33.28 -79.42
N LYS OA 44 5.84 -33.68 -80.29
CA LYS OA 44 5.43 -35.08 -80.39
C LYS OA 44 6.20 -35.83 -81.47
N ASP OA 45 7.47 -35.48 -81.68
CA ASP OA 45 8.35 -36.23 -82.57
C ASP OA 45 9.29 -37.18 -81.83
N LEU OA 46 9.69 -36.83 -80.61
CA LEU OA 46 10.76 -37.52 -79.89
C LEU OA 46 10.25 -38.61 -78.95
N SER OA 47 9.09 -38.40 -78.30
CA SER OA 47 8.62 -39.31 -77.28
C SER OA 47 8.26 -40.68 -77.86
N LYS OA 48 7.80 -40.71 -79.10
CA LYS OA 48 7.51 -41.95 -79.80
C LYS OA 48 8.75 -42.53 -80.49
N ILE OA 49 9.93 -42.04 -80.16
CA ILE OA 49 11.19 -42.75 -80.40
C ILE OA 49 11.84 -43.15 -79.09
N LEU OA 50 11.69 -42.34 -78.05
CA LEU OA 50 12.19 -42.70 -76.72
C LEU OA 50 11.45 -43.91 -76.15
N ARG OA 51 10.12 -43.89 -76.18
CA ARG OA 51 9.34 -44.99 -75.62
C ARG OA 51 9.04 -46.09 -76.63
N GLU OA 52 9.52 -45.98 -77.87
CA GLU OA 52 9.37 -47.05 -78.84
C GLU OA 52 10.65 -47.86 -79.02
N HIS OA 53 11.74 -47.21 -79.43
CA HIS OA 53 12.97 -47.92 -79.76
C HIS OA 53 14.05 -47.82 -78.69
N GLY OA 54 13.80 -47.06 -77.63
CA GLY OA 54 14.77 -46.94 -76.54
C GLY OA 54 15.04 -45.51 -76.15
N ALA OA 55 15.28 -45.30 -74.85
CA ALA OA 55 15.41 -43.96 -74.31
C ALA OA 55 16.72 -43.27 -74.64
N ASN OA 56 17.72 -44.03 -75.12
CA ASN OA 56 19.02 -43.44 -75.43
C ASN OA 56 19.63 -44.02 -76.71
N THR OA 57 18.83 -44.56 -77.60
CA THR OA 57 19.36 -45.34 -78.71
C THR OA 57 19.71 -44.44 -79.89
N VAL OA 58 19.92 -45.06 -81.05
CA VAL OA 58 20.41 -44.36 -82.24
C VAL OA 58 19.29 -43.55 -82.86
N ILE OA 59 19.52 -42.24 -82.99
CA ILE OA 59 18.63 -41.32 -83.69
C ILE OA 59 19.45 -40.63 -84.78
N LYS OA 60 18.97 -40.68 -86.01
CA LYS OA 60 19.74 -40.22 -87.17
C LYS OA 60 19.22 -38.86 -87.63
N MET OA 61 20.08 -37.85 -87.55
CA MET OA 61 19.76 -36.48 -87.97
C MET OA 61 20.28 -36.19 -89.38
N THR OA 62 19.78 -36.94 -90.36
CA THR OA 62 20.35 -36.88 -91.70
C THR OA 62 19.41 -36.17 -92.66
N VAL OA 63 20.01 -35.52 -93.66
CA VAL OA 63 19.27 -34.89 -94.73
C VAL OA 63 19.70 -35.64 -95.99
N ASP OA 64 19.89 -36.97 -95.83
CA ASP OA 64 20.25 -37.91 -96.89
C ASP OA 64 21.63 -37.62 -97.50
N GLY OA 65 22.49 -36.94 -96.75
CA GLY OA 65 23.87 -36.83 -97.15
C GLY OA 65 24.68 -37.90 -96.45
N LYS OA 66 25.48 -37.51 -95.47
CA LYS OA 66 26.14 -38.51 -94.65
C LYS OA 66 25.23 -38.90 -93.48
N ASN OA 67 25.50 -40.06 -92.92
CA ASN OA 67 24.63 -40.66 -91.91
C ASN OA 67 25.17 -40.35 -90.51
N ILE OA 68 24.33 -39.70 -89.72
CA ILE OA 68 24.69 -39.14 -88.43
C ILE OA 68 24.00 -39.97 -87.34
N ASN OA 69 24.61 -40.04 -86.17
CA ASN OA 69 24.09 -40.85 -85.06
C ASN OA 69 24.19 -40.03 -83.78
N THR OA 70 23.07 -39.87 -83.07
CA THR OA 70 23.05 -38.90 -81.98
C THR OA 70 22.79 -39.55 -80.62
N LEU OA 71 23.13 -38.78 -79.58
CA LEU OA 71 23.16 -39.21 -78.18
C LEU OA 71 22.58 -38.12 -77.28
N MET OA 72 21.27 -37.85 -77.45
CA MET OA 72 20.46 -36.83 -76.78
C MET OA 72 20.83 -36.66 -75.31
N SER OA 73 21.30 -35.47 -74.93
CA SER OA 73 22.04 -35.35 -73.68
C SER OA 73 21.23 -34.76 -72.54
N LYS OA 74 20.77 -33.53 -72.66
CA LYS OA 74 20.20 -32.81 -71.52
C LYS OA 74 19.01 -31.98 -71.98
N ALA OA 75 18.28 -31.48 -70.98
CA ALA OA 75 17.15 -30.57 -71.19
C ALA OA 75 16.82 -29.92 -69.86
N GLN OA 76 16.65 -28.59 -69.86
CA GLN OA 76 15.88 -27.98 -68.80
C GLN OA 76 14.41 -28.14 -69.14
N LEU OA 77 13.59 -28.40 -68.13
CA LEU OA 77 12.16 -28.53 -68.31
C LEU OA 77 11.54 -27.66 -67.23
N ASP OA 78 10.85 -26.61 -67.61
CA ASP OA 78 10.53 -25.62 -66.61
C ASP OA 78 9.33 -26.09 -65.79
N THR OA 79 9.22 -25.53 -64.60
CA THR OA 79 8.19 -25.85 -63.65
C THR OA 79 6.82 -25.48 -64.20
N PHE OA 80 5.79 -26.18 -63.68
CA PHE OA 80 4.37 -25.88 -63.90
C PHE OA 80 3.94 -26.18 -65.35
N THR OA 81 4.87 -26.60 -66.21
CA THR OA 81 4.61 -26.87 -67.61
C THR OA 81 4.81 -28.33 -67.98
N GLY OA 82 5.97 -28.89 -67.63
CA GLY OA 82 6.29 -30.24 -68.04
C GLY OA 82 6.52 -30.39 -69.53
N GLN OA 83 6.96 -29.34 -70.21
CA GLN OA 83 7.19 -29.38 -71.64
C GLN OA 83 8.65 -29.05 -71.96
N MET OA 84 8.99 -29.22 -73.24
CA MET OA 84 10.36 -29.47 -73.67
C MET OA 84 11.10 -28.19 -74.07
N LEU OA 85 12.29 -28.01 -73.50
CA LEU OA 85 13.21 -26.93 -73.86
C LEU OA 85 14.63 -27.49 -73.78
N HIS OA 86 15.58 -26.75 -74.39
CA HIS OA 86 17.03 -26.92 -74.17
C HIS OA 86 17.52 -28.30 -74.59
N VAL OA 87 17.12 -28.71 -75.80
CA VAL OA 87 17.41 -30.06 -76.27
C VAL OA 87 18.75 -30.02 -77.00
N GLU OA 88 19.78 -30.57 -76.36
CA GLU OA 88 21.11 -30.66 -76.94
C GLU OA 88 21.26 -32.02 -77.62
N PHE OA 89 22.06 -32.08 -78.67
CA PHE OA 89 22.35 -33.37 -79.28
C PHE OA 89 23.81 -33.71 -78.99
N LEU OA 90 24.27 -34.84 -79.52
CA LEU OA 90 25.68 -35.20 -79.51
C LEU OA 90 25.93 -36.24 -80.59
N SER OA 91 26.63 -35.86 -81.65
CA SER OA 91 26.81 -36.70 -82.83
C SER OA 91 28.07 -37.56 -82.67
N VAL OA 92 27.87 -38.81 -82.26
CA VAL OA 92 28.95 -39.77 -82.05
C VAL OA 92 28.78 -40.90 -83.06
N ASN OA 93 29.89 -41.38 -83.61
CA ASN OA 93 29.89 -42.32 -84.73
C ASN OA 93 29.47 -43.73 -84.29
N MET OA 94 29.62 -44.68 -85.20
CA MET OA 94 29.34 -46.10 -84.98
C MET OA 94 30.15 -46.68 -83.82
N SER PA 1 15.81 4.14 -29.09
CA SER PA 1 16.74 3.60 -28.12
C SER PA 1 17.57 2.50 -28.77
N THR PA 2 18.29 2.89 -29.81
CA THR PA 2 19.15 1.97 -30.56
C THR PA 2 20.62 2.33 -30.31
N SER PA 3 21.51 1.53 -30.90
CA SER PA 3 22.93 1.71 -30.76
C SER PA 3 23.60 1.73 -32.12
N ASN PA 4 22.98 2.42 -33.08
CA ASN PA 4 23.50 2.50 -34.43
C ASN PA 4 23.38 3.94 -34.88
N GLY PA 5 23.53 4.15 -36.18
CA GLY PA 5 23.38 5.46 -36.75
C GLY PA 5 24.65 6.27 -36.84
N ARG PA 6 25.81 5.63 -36.70
CA ARG PA 6 27.09 6.32 -36.79
C ARG PA 6 27.84 5.76 -38.00
N ASP PA 7 28.57 6.64 -38.70
CA ASP PA 7 29.26 6.23 -39.91
C ASP PA 7 30.48 7.10 -40.17
N SER PA 8 31.27 6.64 -41.13
CA SER PA 8 32.41 7.37 -41.66
C SER PA 8 31.94 8.33 -42.73
N GLU PA 9 32.88 8.92 -43.47
CA GLU PA 9 32.56 9.83 -44.54
C GLU PA 9 33.13 9.32 -45.85
N SER PA 10 32.45 9.65 -46.93
CA SER PA 10 32.82 9.14 -48.24
C SER PA 10 34.11 9.79 -48.70
N LYS PA 11 35.18 8.99 -48.81
CA LYS PA 11 36.50 9.53 -49.09
C LYS PA 11 36.88 9.42 -50.55
N ARG PA 12 35.93 9.08 -51.40
CA ARG PA 12 35.90 9.47 -52.80
C ARG PA 12 37.06 8.89 -53.60
N LEU PA 13 37.10 7.58 -53.64
CA LEU PA 13 38.12 6.84 -54.35
C LEU PA 13 37.78 6.77 -55.84
N GLY PA 14 38.42 5.87 -56.57
CA GLY PA 14 38.06 5.60 -57.94
C GLY PA 14 39.00 6.26 -58.94
N ALA PA 15 38.87 5.82 -60.18
CA ALA PA 15 39.70 6.30 -61.27
C ALA PA 15 39.38 7.75 -61.57
N LYS PA 16 40.39 8.61 -61.52
CA LYS PA 16 40.17 10.03 -61.72
C LYS PA 16 40.80 10.54 -63.00
N SER PA 17 41.01 9.65 -63.97
CA SER PA 17 41.51 9.99 -65.29
C SER PA 17 41.35 8.79 -66.22
N ALA PA 18 40.78 8.98 -67.39
CA ALA PA 18 40.48 7.85 -68.25
C ALA PA 18 41.71 7.44 -69.03
N ASP PA 19 41.58 6.36 -69.80
CA ASP PA 19 42.64 6.03 -70.75
C ASP PA 19 42.65 7.04 -71.88
N GLY PA 20 43.80 7.13 -72.53
CA GLY PA 20 43.91 8.00 -73.68
C GLY PA 20 43.95 9.47 -73.38
N GLN PA 21 43.98 9.89 -72.12
CA GLN PA 21 44.13 11.31 -71.86
C GLN PA 21 45.55 11.76 -72.18
N THR PA 22 45.71 13.07 -72.27
CA THR PA 22 47.02 13.70 -72.20
C THR PA 22 47.17 14.26 -70.79
N VAL PA 23 48.13 13.73 -70.05
CA VAL PA 23 48.17 13.86 -68.61
C VAL PA 23 49.42 14.62 -68.21
N THR PA 24 49.26 15.69 -67.43
CA THR PA 24 50.40 16.48 -67.01
C THR PA 24 51.19 15.76 -65.95
N GLY PA 25 52.32 16.36 -65.58
CA GLY PA 25 53.23 15.72 -64.66
C GLY PA 25 52.68 15.72 -63.24
N GLY PA 26 52.71 14.55 -62.62
CA GLY PA 26 52.44 14.45 -61.19
C GLY PA 26 50.98 14.51 -60.78
N SER PA 27 50.06 14.10 -61.64
CA SER PA 27 48.65 14.12 -61.29
C SER PA 27 48.16 12.71 -61.01
N ILE PA 28 47.13 12.63 -60.17
CA ILE PA 28 46.68 11.37 -59.60
C ILE PA 28 45.94 10.57 -60.66
N LEU PA 29 46.12 9.25 -60.65
CA LEU PA 29 45.44 8.41 -61.63
C LEU PA 29 44.34 7.55 -61.04
N TYR PA 30 44.58 6.90 -59.90
CA TYR PA 30 43.63 5.94 -59.38
C TYR PA 30 43.87 5.83 -57.88
N ARG PA 31 43.04 6.48 -57.10
CA ARG PA 31 43.26 6.50 -55.66
C ARG PA 31 42.72 5.24 -55.01
N GLN PA 32 43.62 4.45 -54.44
CA GLN PA 32 43.36 3.17 -53.81
C GLN PA 32 43.40 3.31 -52.30
N ARG PA 33 42.94 2.26 -51.63
CA ARG PA 33 43.44 1.87 -50.31
C ARG PA 33 43.61 0.37 -50.33
N GLY PA 34 44.87 -0.07 -50.27
CA GLY PA 34 45.22 -1.42 -50.59
C GLY PA 34 45.58 -1.50 -52.06
N THR PA 35 46.64 -2.22 -52.38
CA THR PA 35 47.12 -2.29 -53.76
C THR PA 35 46.18 -3.17 -54.58
N LYS PA 36 45.38 -2.55 -55.43
CA LYS PA 36 44.65 -3.28 -56.46
C LYS PA 36 45.31 -3.22 -57.81
N ILE PA 37 45.97 -2.11 -58.12
CA ILE PA 37 46.62 -1.92 -59.41
C ILE PA 37 48.08 -1.61 -59.14
N TYR PA 38 48.95 -2.33 -59.80
CA TYR PA 38 50.34 -1.98 -59.60
C TYR PA 38 50.78 -0.93 -60.63
N PRO PA 39 51.81 -0.14 -60.33
CA PRO PA 39 52.34 0.77 -61.34
C PRO PA 39 53.21 0.06 -62.35
N GLY PA 40 53.27 0.63 -63.54
CA GLY PA 40 54.05 0.07 -64.62
C GLY PA 40 55.22 0.95 -64.99
N VAL PA 41 55.04 1.75 -66.04
CA VAL PA 41 56.06 2.66 -66.52
C VAL PA 41 55.73 4.06 -66.03
N ASN PA 42 56.72 4.74 -65.45
CA ASN PA 42 56.70 6.16 -65.10
C ASN PA 42 55.65 6.52 -64.05
N VAL PA 43 55.21 5.58 -63.24
CA VAL PA 43 54.15 5.83 -62.28
C VAL PA 43 54.69 5.57 -60.89
N GLY PA 44 54.54 6.54 -59.99
CA GLY PA 44 54.97 6.38 -58.63
C GLY PA 44 53.82 6.05 -57.70
N ILE PA 45 54.17 5.50 -56.53
CA ILE PA 45 53.21 5.19 -55.48
C ILE PA 45 53.42 6.17 -54.34
N GLY PA 46 52.36 6.83 -53.92
CA GLY PA 46 52.44 7.75 -52.80
C GLY PA 46 52.38 7.04 -51.47
N GLY PA 47 52.09 7.82 -50.44
CA GLY PA 47 51.98 7.25 -49.11
C GLY PA 47 50.77 6.36 -48.96
N ASP PA 48 49.62 6.82 -49.41
CA ASP PA 48 48.35 6.11 -49.26
C ASP PA 48 47.99 5.34 -50.51
N ASP PA 49 49.00 4.76 -51.18
CA ASP PA 49 48.86 3.84 -52.31
C ASP PA 49 48.19 4.48 -53.52
N THR PA 50 48.35 5.78 -53.70
CA THR PA 50 47.83 6.42 -54.89
C THR PA 50 48.82 6.24 -56.03
N LEU PA 51 48.56 6.86 -57.17
CA LEU PA 51 49.40 6.69 -58.35
C LEU PA 51 49.63 8.04 -59.02
N PHE PA 52 50.70 8.16 -59.80
CA PHE PA 52 50.99 9.43 -60.46
C PHE PA 52 51.26 9.23 -61.93
N ALA PA 53 51.68 10.31 -62.57
CA ALA PA 53 52.26 10.25 -63.90
C ALA PA 53 53.48 11.16 -63.87
N LYS PA 54 54.67 10.56 -63.89
CA LYS PA 54 55.90 11.33 -63.80
C LYS PA 54 56.24 12.05 -65.10
N VAL PA 55 55.68 11.61 -66.23
CA VAL PA 55 56.02 12.12 -67.55
C VAL PA 55 54.72 12.56 -68.22
N ASP PA 56 54.77 13.69 -68.90
CA ASP PA 56 53.60 14.21 -69.61
C ASP PA 56 53.27 13.30 -70.77
N GLY PA 57 52.26 12.45 -70.63
CA GLY PA 57 51.95 11.47 -71.64
C GLY PA 57 50.53 10.93 -71.65
N VAL PA 58 50.40 9.66 -72.01
CA VAL PA 58 49.13 9.02 -72.33
C VAL PA 58 48.94 7.80 -71.44
N VAL PA 59 47.88 7.80 -70.65
CA VAL PA 59 47.60 6.72 -69.71
C VAL PA 59 46.94 5.58 -70.46
N ARG PA 60 47.49 4.37 -70.35
CA ARG PA 60 46.86 3.17 -70.87
C ARG PA 60 47.01 2.04 -69.87
N PHE PA 61 45.90 1.33 -69.60
CA PHE PA 61 45.94 0.29 -68.58
C PHE PA 61 46.30 -1.05 -69.20
N GLU PA 62 46.84 -1.94 -68.38
CA GLU PA 62 47.32 -3.25 -68.83
C GLU PA 62 46.98 -4.28 -67.77
N ARG PA 63 47.61 -5.44 -67.86
CA ARG PA 63 47.48 -6.49 -66.85
C ARG PA 63 48.84 -7.11 -66.57
N LYS PA 64 48.96 -7.75 -65.41
CA LYS PA 64 50.16 -8.49 -65.03
C LYS PA 64 49.86 -9.98 -65.16
N GLY PA 65 49.92 -10.48 -66.38
CA GLY PA 65 49.62 -11.88 -66.60
C GLY PA 65 48.15 -12.19 -66.40
N ARG PA 66 47.83 -12.83 -65.28
CA ARG PA 66 46.45 -13.18 -64.97
C ARG PA 66 45.84 -12.34 -63.86
N ASP PA 67 46.56 -12.10 -62.76
CA ASP PA 67 45.91 -11.63 -61.55
C ASP PA 67 45.58 -10.14 -61.59
N LYS PA 68 46.61 -9.31 -61.62
CA LYS PA 68 46.38 -7.90 -61.33
C LYS PA 68 46.84 -7.03 -62.48
N LYS PA 69 46.55 -5.74 -62.38
CA LYS PA 69 46.52 -4.84 -63.52
C LYS PA 69 47.59 -3.76 -63.36
N GLN PA 70 47.94 -3.13 -64.47
CA GLN PA 70 48.94 -2.07 -64.48
C GLN PA 70 48.43 -0.82 -65.16
N VAL PA 71 49.12 0.28 -64.84
CA VAL PA 71 48.96 1.55 -65.54
C VAL PA 71 50.34 1.95 -66.03
N SER PA 72 50.42 2.52 -67.22
CA SER PA 72 51.68 3.07 -67.67
C SER PA 72 51.41 4.33 -68.47
N VAL PA 73 52.43 5.17 -68.57
CA VAL PA 73 52.33 6.45 -69.26
C VAL PA 73 53.34 6.45 -70.38
N TYR PA 74 52.89 6.76 -71.60
CA TYR PA 74 53.84 6.83 -72.68
C TYR PA 74 53.89 8.24 -73.24
N PRO PA 75 55.07 8.81 -73.39
CA PRO PA 75 55.18 10.18 -73.89
C PRO PA 75 55.02 10.21 -75.41
N VAL PA 76 55.19 11.40 -75.97
CA VAL PA 76 55.05 11.59 -77.40
C VAL PA 76 56.42 11.68 -78.06
N ALA QA 1 25.61 66.60 10.10
CA ALA QA 1 26.89 66.46 9.42
C ALA QA 1 26.74 66.80 7.96
N LYS QA 2 26.42 68.06 7.65
CA LYS QA 2 26.08 68.41 6.27
C LYS QA 2 27.25 68.99 5.49
N VAL QA 3 27.85 70.09 5.96
CA VAL QA 3 28.93 70.77 5.25
C VAL QA 3 30.02 71.14 6.24
N CYS QA 4 31.05 71.81 5.73
CA CYS QA 4 32.15 72.31 6.54
C CYS QA 4 32.03 73.81 6.72
N TYR QA 5 32.36 74.26 7.92
CA TYR QA 5 32.37 75.70 8.14
C TYR QA 5 33.57 76.36 7.51
N PHE QA 6 34.63 75.61 7.20
CA PHE QA 6 35.87 76.17 6.70
C PHE QA 6 36.16 75.78 5.26
N THR QA 7 36.30 74.49 4.99
CA THR QA 7 36.59 74.05 3.64
C THR QA 7 35.28 73.78 2.92
N GLY QA 8 35.35 73.17 1.75
CA GLY QA 8 34.14 72.93 1.00
C GLY QA 8 33.73 71.47 0.96
N ARG QA 9 34.10 70.70 1.97
CA ARG QA 9 33.85 69.27 1.95
C ARG QA 9 32.39 69.00 2.26
N LYS QA 10 31.80 68.07 1.51
CA LYS QA 10 30.39 67.75 1.58
C LYS QA 10 30.21 66.40 0.90
N THR QA 11 29.06 65.79 1.14
CA THR QA 11 28.83 64.45 0.64
C THR QA 11 28.56 64.45 -0.86
N SER QA 12 28.75 63.28 -1.48
CA SER QA 12 28.56 63.08 -2.91
C SER QA 12 28.33 61.60 -3.15
N SER QA 13 28.49 61.16 -4.40
CA SER QA 13 28.29 59.75 -4.71
C SER QA 13 29.26 59.31 -5.78
N GLY QA 14 29.26 57.99 -6.02
CA GLY QA 14 30.11 57.35 -7.00
C GLY QA 14 29.81 55.87 -7.04
N ASN QA 15 30.51 55.17 -7.94
CA ASN QA 15 30.22 53.78 -8.24
C ASN QA 15 30.67 52.84 -7.12
N ASN QA 16 30.59 51.54 -7.41
CA ASN QA 16 31.03 50.49 -6.50
C ASN QA 16 31.20 49.23 -7.33
N ARG QA 17 32.43 48.77 -7.53
CA ARG QA 17 32.70 47.60 -8.35
C ARG QA 17 33.08 46.41 -7.47
N SER QA 18 32.86 45.20 -7.99
CA SER QA 18 33.21 44.03 -7.18
C SER QA 18 33.59 42.87 -8.09
N HIS QA 19 34.89 42.79 -8.42
CA HIS QA 19 35.62 41.60 -8.89
C HIS QA 19 35.16 41.05 -10.25
N ALA QA 20 34.05 41.56 -10.74
CA ALA QA 20 33.55 41.39 -12.09
C ALA QA 20 32.60 42.56 -12.17
N MET QA 21 32.86 43.47 -13.11
CA MET QA 21 32.72 44.90 -12.82
C MET QA 21 31.25 45.37 -12.78
N ASN QA 22 30.48 44.78 -11.87
CA ASN QA 22 29.12 45.22 -11.65
C ASN QA 22 29.12 46.51 -10.85
N SER QA 23 28.19 47.40 -11.15
CA SER QA 23 28.21 48.76 -10.62
C SER QA 23 26.95 49.06 -9.84
N THR QA 24 27.11 49.48 -8.59
CA THR QA 24 26.05 50.04 -7.78
C THR QA 24 26.45 51.45 -7.35
N LYS QA 25 25.57 52.11 -6.60
CA LYS QA 25 25.76 53.52 -6.31
C LYS QA 25 25.94 53.71 -4.81
N ARG QA 26 27.03 54.38 -4.43
CA ARG QA 26 27.38 54.58 -3.05
C ARG QA 26 27.00 55.98 -2.58
N THR QA 27 27.38 56.28 -1.34
CA THR QA 27 27.49 57.64 -0.84
C THR QA 27 28.83 57.77 -0.15
N VAL QA 28 29.71 58.59 -0.70
CA VAL QA 28 31.02 58.81 -0.11
C VAL QA 28 30.98 60.10 0.67
N LYS QA 29 30.99 60.01 1.99
CA LYS QA 29 30.82 61.17 2.83
C LYS QA 29 32.15 61.56 3.46
N PRO QA 30 32.36 62.84 3.75
CA PRO QA 30 33.59 63.23 4.44
C PRO QA 30 33.55 62.82 5.90
N ASN QA 31 34.73 62.74 6.49
CA ASN QA 31 34.84 62.70 7.94
C ASN QA 31 34.43 64.06 8.47
N LEU QA 32 33.54 64.08 9.46
CA LEU QA 32 33.12 65.35 10.05
C LEU QA 32 32.98 65.19 11.55
N GLN QA 33 33.29 66.25 12.28
CA GLN QA 33 33.25 66.25 13.74
C GLN QA 33 32.61 67.52 14.23
N LYS QA 34 31.83 67.42 15.31
CA LYS QA 34 31.29 68.60 15.99
C LYS QA 34 32.30 69.11 17.00
N VAL QA 35 32.84 70.29 16.74
CA VAL QA 35 33.85 70.92 17.59
C VAL QA 35 33.28 72.24 18.08
N ARG QA 36 33.60 72.62 19.31
CA ARG QA 36 33.26 73.95 19.81
C ARG QA 36 34.38 74.90 19.42
N VAL QA 37 34.10 75.86 18.53
CA VAL QA 37 35.10 76.82 18.08
C VAL QA 37 34.62 78.24 18.38
N LEU QA 38 35.42 79.22 18.01
CA LEU QA 38 35.13 80.63 18.25
C LEU QA 38 34.76 81.31 16.93
N ILE QA 39 33.47 81.57 16.75
CA ILE QA 39 33.01 82.41 15.66
C ILE QA 39 32.89 83.83 16.20
N ASP QA 40 33.81 84.70 15.74
CA ASP QA 40 33.75 86.15 15.94
C ASP QA 40 33.86 86.54 17.42
N GLY QA 41 34.49 85.69 18.22
CA GLY QA 41 34.58 85.93 19.65
C GLY QA 41 33.55 85.11 20.43
N LYS QA 42 32.37 84.95 19.86
CA LYS QA 42 31.37 84.14 20.52
C LYS QA 42 31.69 82.66 20.29
N PRO QA 43 31.66 81.83 21.33
CA PRO QA 43 31.84 80.39 21.11
C PRO QA 43 30.62 79.78 20.43
N LYS QA 44 30.90 78.94 19.44
CA LYS QA 44 29.87 78.24 18.69
C LYS QA 44 30.25 76.78 18.52
N LYS QA 45 29.24 75.95 18.29
CA LYS QA 45 29.43 74.56 17.93
C LYS QA 45 29.09 74.38 16.47
N VAL QA 46 29.97 73.72 15.72
CA VAL QA 46 29.82 73.65 14.27
C VAL QA 46 30.57 72.41 13.80
N TRP QA 47 30.22 71.93 12.61
CA TRP QA 47 30.86 70.75 12.04
C TRP QA 47 32.15 71.16 11.35
N VAL QA 48 33.26 70.52 11.73
CA VAL QA 48 34.59 70.84 11.20
C VAL QA 48 35.25 69.54 10.77
N SER QA 49 35.79 69.51 9.56
CA SER QA 49 36.44 68.31 9.05
C SER QA 49 37.73 68.00 9.79
N ALA QA 50 38.04 66.71 9.89
CA ALA QA 50 39.25 66.26 10.56
C ALA QA 50 40.51 66.61 9.81
N ARG QA 51 40.40 67.02 8.55
CA ARG QA 51 41.57 67.45 7.81
C ARG QA 51 42.05 68.79 8.33
N ALA QA 52 41.12 69.71 8.59
CA ALA QA 52 41.46 71.06 9.02
C ALA QA 52 41.56 71.19 10.53
N LEU QA 53 41.89 70.11 11.22
CA LEU QA 53 42.23 70.16 12.64
C LEU QA 53 43.71 69.88 12.85
N LYS QA 54 44.54 70.28 11.91
CA LYS QA 54 45.98 70.06 12.02
C LYS QA 54 46.73 71.34 12.38
N LYS RA 1 -15.07 122.00 -22.22
CA LYS RA 1 -15.59 123.04 -21.34
C LYS RA 1 -14.75 123.12 -20.08
N VAL RA 2 -13.54 122.56 -20.16
CA VAL RA 2 -12.63 122.46 -19.02
C VAL RA 2 -12.11 123.83 -18.59
N LYS RA 3 -12.13 124.80 -19.50
CA LYS RA 3 -11.65 126.15 -19.23
C LYS RA 3 -12.41 126.82 -18.10
N GLU RA 4 -13.68 126.48 -17.94
CA GLU RA 4 -14.46 126.95 -16.81
C GLU RA 4 -13.95 126.36 -15.51
N ILE RA 5 -13.47 125.13 -15.57
CA ILE RA 5 -13.17 124.39 -14.36
C ILE RA 5 -11.83 124.83 -13.77
N ARG RA 6 -10.89 125.22 -14.62
CA ARG RA 6 -9.57 125.64 -14.14
C ARG RA 6 -9.59 127.03 -13.52
N GLU RA 7 -10.70 127.75 -13.62
CA GLU RA 7 -10.81 129.09 -13.07
C GLU RA 7 -11.11 129.09 -11.58
N LEU RA 8 -11.52 127.97 -11.02
CA LEU RA 8 -12.26 127.99 -9.77
C LEU RA 8 -11.37 127.62 -8.59
N THR RA 9 -11.64 128.25 -7.45
CA THR RA 9 -10.97 127.92 -6.21
C THR RA 9 -11.39 126.53 -5.74
N THR RA 10 -10.56 125.93 -4.89
CA THR RA 10 -10.71 124.52 -4.52
C THR RA 10 -11.97 124.24 -3.71
N ALA RA 11 -12.58 125.25 -3.10
CA ALA RA 11 -13.85 125.02 -2.42
C ALA RA 11 -14.98 124.86 -3.43
N GLU RA 12 -15.01 125.72 -4.45
CA GLU RA 12 -16.09 125.69 -5.43
C GLU RA 12 -16.03 124.45 -6.30
N MET RA 13 -14.83 123.89 -6.48
CA MET RA 13 -14.66 122.57 -7.07
C MET RA 13 -15.45 121.53 -6.29
N LEU RA 14 -15.26 121.50 -4.97
CA LEU RA 14 -15.93 120.50 -4.15
C LEU RA 14 -17.43 120.74 -4.10
N ASP RA 15 -17.85 122.00 -4.16
CA ASP RA 15 -19.27 122.29 -4.21
C ASP RA 15 -19.90 121.80 -5.50
N LYS RA 16 -19.20 121.97 -6.63
CA LYS RA 16 -19.76 121.45 -7.87
C LYS RA 16 -19.75 119.93 -7.91
N GLU RA 17 -18.80 119.29 -7.23
CA GLU RA 17 -18.84 117.82 -7.16
C GLU RA 17 -20.03 117.34 -6.34
N LYS RA 18 -20.34 118.02 -5.24
CA LYS RA 18 -21.48 117.61 -4.44
C LYS RA 18 -22.80 117.83 -5.18
N GLN RA 19 -22.88 118.94 -5.92
CA GLN RA 19 -24.07 119.19 -6.73
C GLN RA 19 -24.24 118.14 -7.83
N LEU RA 20 -23.12 117.73 -8.43
CA LEU RA 20 -23.20 116.70 -9.47
C LEU RA 20 -23.58 115.35 -8.88
N LYS RA 21 -23.14 115.04 -7.66
CA LYS RA 21 -23.57 113.79 -7.03
C LYS RA 21 -25.07 113.78 -6.77
N GLU RA 22 -25.61 114.91 -6.29
CA GLU RA 22 -27.05 114.99 -6.06
C GLU RA 22 -27.84 114.84 -7.35
N GLU RA 23 -27.37 115.48 -8.43
CA GLU RA 23 -28.09 115.39 -9.69
C GLU RA 23 -28.02 113.98 -10.26
N LEU RA 24 -26.91 113.29 -10.03
CA LEU RA 24 -26.81 111.92 -10.52
C LEU RA 24 -27.72 110.98 -9.75
N PHE RA 25 -27.89 111.22 -8.45
CA PHE RA 25 -28.82 110.41 -7.65
C PHE RA 25 -30.27 110.63 -8.08
N ASN RA 26 -30.63 111.88 -8.36
CA ASN RA 26 -31.99 112.14 -8.84
C ASN RA 26 -32.22 111.57 -10.24
N LEU RA 27 -31.20 111.55 -11.09
CA LEU RA 27 -31.38 110.93 -12.40
C LEU RA 27 -31.53 109.42 -12.29
N ARG RA 28 -30.89 108.79 -11.30
CA ARG RA 28 -31.15 107.36 -11.05
C ARG RA 28 -32.61 107.11 -10.66
N PHE RA 29 -33.12 107.88 -9.71
CA PHE RA 29 -34.51 107.65 -9.29
C PHE RA 29 -35.50 108.00 -10.39
N GLN RA 30 -35.18 108.97 -11.25
CA GLN RA 30 -36.09 109.24 -12.35
C GLN RA 30 -35.97 108.27 -13.50
N LEU RA 31 -34.85 107.55 -13.62
CA LEU RA 31 -34.84 106.39 -14.50
C LEU RA 31 -35.77 105.30 -13.97
N ALA RA 32 -35.70 105.04 -12.67
CA ALA RA 32 -36.38 103.84 -12.17
C ALA RA 32 -37.90 103.96 -12.20
N THR RA 33 -38.44 105.18 -12.21
CA THR RA 33 -39.88 105.33 -12.25
C THR RA 33 -40.41 105.56 -13.65
N GLY RA 34 -39.61 105.31 -14.68
CA GLY RA 34 -40.11 105.39 -16.04
C GLY RA 34 -40.44 106.79 -16.53
N GLN RA 35 -39.39 107.58 -16.75
CA GLN RA 35 -39.49 109.00 -17.10
C GLN RA 35 -38.34 109.27 -18.07
N LEU RA 36 -37.92 110.54 -18.16
CA LEU RA 36 -36.64 110.90 -18.73
C LEU RA 36 -36.43 110.57 -20.19
N GLU RA 37 -37.01 111.34 -21.11
CA GLU RA 37 -36.53 111.33 -22.49
C GLU RA 37 -35.02 111.58 -22.54
N ASN RA 38 -34.53 112.54 -21.76
CA ASN RA 38 -33.09 112.75 -21.66
C ASN RA 38 -32.47 111.65 -20.83
N THR RA 39 -31.94 110.64 -21.50
CA THR RA 39 -31.14 109.62 -20.85
C THR RA 39 -29.65 109.88 -21.00
N ALA RA 40 -29.26 110.65 -22.03
CA ALA RA 40 -27.85 110.93 -22.30
C ALA RA 40 -27.36 112.15 -21.57
N ARG RA 41 -28.08 112.61 -20.55
CA ARG RA 41 -27.51 113.58 -19.64
C ARG RA 41 -26.70 112.93 -18.53
N ILE RA 42 -26.69 111.60 -18.45
CA ILE RA 42 -26.01 110.94 -17.36
C ILE RA 42 -24.51 110.93 -17.58
N LYS RA 43 -24.07 110.69 -18.82
CA LYS RA 43 -22.63 110.69 -19.14
C LYS RA 43 -22.00 112.04 -18.88
N GLU RA 44 -22.76 113.12 -19.07
CA GLU RA 44 -22.22 114.45 -18.81
C GLU RA 44 -21.91 114.63 -17.35
N VAL RA 45 -22.73 114.08 -16.46
CA VAL RA 45 -22.52 114.28 -15.04
C VAL RA 45 -21.32 113.48 -14.57
N ARG RA 46 -21.20 112.23 -15.03
CA ARG RA 46 -20.06 111.40 -14.68
C ARG RA 46 -18.76 111.99 -15.20
N GLN RA 47 -18.76 112.42 -16.46
CA GLN RA 47 -17.52 112.94 -17.03
C GLN RA 47 -17.18 114.32 -16.49
N SER RA 48 -18.17 115.08 -16.04
CA SER RA 48 -17.85 116.31 -15.35
C SER RA 48 -17.20 116.03 -14.00
N ILE RA 49 -17.68 115.00 -13.28
CA ILE RA 49 -17.03 114.59 -12.04
C ILE RA 49 -15.60 114.12 -12.30
N ALA RA 50 -15.41 113.40 -13.40
CA ALA RA 50 -14.09 112.92 -13.78
C ALA RA 50 -13.13 114.08 -14.08
N ARG RA 51 -13.60 115.07 -14.83
CA ARG RA 51 -12.75 116.20 -15.17
C ARG RA 51 -12.40 117.03 -13.94
N ILE RA 52 -13.35 117.20 -13.03
CA ILE RA 52 -13.05 117.95 -11.81
C ILE RA 52 -12.05 117.20 -10.94
N LYS RA 53 -12.14 115.87 -10.87
CA LYS RA 53 -11.17 115.14 -10.05
C LYS RA 53 -9.79 115.12 -10.67
N THR RA 54 -9.70 115.05 -12.00
CA THR RA 54 -8.38 115.13 -12.64
C THR RA 54 -7.76 116.50 -12.44
N VAL RA 55 -8.56 117.56 -12.48
CA VAL RA 55 -8.03 118.90 -12.27
C VAL RA 55 -7.57 119.06 -10.82
N LEU RA 56 -8.35 118.54 -9.86
CA LEU RA 56 -7.93 118.65 -8.48
C LEU RA 56 -6.77 117.74 -8.13
N ARG RA 57 -6.48 116.74 -8.96
CA ARG RA 57 -5.24 116.01 -8.78
C ARG RA 57 -4.06 116.76 -9.41
N GLU RA 58 -4.32 117.50 -10.50
CA GLU RA 58 -3.24 118.28 -11.13
C GLU RA 58 -2.77 119.41 -10.25
N GLN RA 59 -3.69 120.25 -9.76
CA GLN RA 59 -3.30 121.38 -8.92
C GLN RA 59 -2.83 120.95 -7.55
N ALA RA 60 -3.08 119.70 -7.15
CA ALA RA 60 -2.38 119.09 -6.03
C ALA RA 60 -1.10 118.39 -6.50
N ASN RA 61 -0.27 119.15 -7.21
CA ASN RA 61 1.02 118.75 -7.74
C ASN RA 61 0.97 117.50 -8.62
N ALA SA 1 21.01 6.82 -98.81
CA ALA SA 1 21.29 8.12 -99.40
C ALA SA 1 20.75 9.23 -98.51
N GLU SA 2 19.50 9.62 -98.73
CA GLU SA 2 18.86 10.66 -97.96
C GLU SA 2 17.57 10.14 -97.35
N LEU SA 3 17.13 10.80 -96.29
CA LEU SA 3 15.95 10.40 -95.55
C LEU SA 3 15.03 11.59 -95.39
N LYS SA 4 13.75 11.34 -95.13
CA LYS SA 4 12.82 12.36 -94.69
C LYS SA 4 12.36 12.04 -93.27
N ILE SA 5 12.35 13.06 -92.43
CA ILE SA 5 12.08 12.89 -91.01
N THR SA 6 9.92 13.33 -90.02
CA THR SA 6 8.74 14.08 -89.63
C THR SA 6 8.32 13.71 -88.22
N LEU SA 7 7.98 14.71 -87.41
CA LEU SA 7 7.25 14.42 -86.18
C LEU SA 7 5.82 14.03 -86.48
N LYS SA 8 5.27 13.16 -85.64
CA LYS SA 8 3.83 12.97 -85.59
C LYS SA 8 3.31 12.92 -84.17
N ARG SA 9 4.15 13.16 -83.18
CA ARG SA 9 3.72 13.09 -81.79
C ARG SA 9 4.06 14.40 -81.13
N SER SA 10 3.99 14.45 -79.81
CA SER SA 10 4.47 15.61 -79.08
C SER SA 10 5.68 15.24 -78.27
N VAL SA 11 6.43 16.25 -77.88
CA VAL SA 11 7.65 16.06 -77.12
C VAL SA 11 7.35 15.98 -75.63
N ILE SA 12 6.14 16.39 -75.24
CA ILE SA 12 5.77 16.56 -73.85
C ILE SA 12 5.71 15.21 -73.15
N GLY SA 13 6.07 15.18 -71.88
CA GLY SA 13 5.99 13.95 -71.12
C GLY SA 13 7.04 12.93 -71.47
N ARG SA 14 8.16 13.37 -72.05
CA ARG SA 14 9.20 12.46 -72.50
C ARG SA 14 10.53 12.81 -71.84
N PRO SA 15 11.43 11.85 -71.67
CA PRO SA 15 12.70 12.11 -70.99
C PRO SA 15 13.64 12.94 -71.85
N GLN SA 16 14.72 13.38 -71.22
CA GLN SA 16 15.62 14.35 -71.80
C GLN SA 16 16.64 13.76 -72.75
N ASN SA 17 16.64 12.45 -72.94
CA ASN SA 17 17.32 11.92 -74.12
C ASN SA 17 16.58 12.35 -75.37
N GLN SA 18 15.28 12.17 -75.36
CA GLN SA 18 14.50 12.27 -76.59
C GLN SA 18 14.30 13.71 -77.00
N ARG SA 19 14.14 14.60 -76.03
CA ARG SA 19 14.12 16.04 -76.31
C ARG SA 19 15.42 16.49 -76.95
N ALA SA 20 16.53 16.03 -76.43
CA ALA SA 20 17.83 16.45 -76.94
C ALA SA 20 18.06 15.90 -78.33
N THR SA 21 17.64 14.66 -78.58
CA THR SA 21 17.82 14.11 -79.92
C THR SA 21 16.86 14.75 -80.91
N VAL SA 22 15.72 15.25 -80.46
CA VAL SA 22 14.82 15.95 -81.37
C VAL SA 22 15.38 17.31 -81.74
N LYS SA 23 15.79 18.09 -80.73
CA LYS SA 23 16.36 19.42 -81.01
C LYS SA 23 17.67 19.32 -81.76
N ALA SA 24 18.38 18.22 -81.62
CA ALA SA 24 19.61 18.02 -82.37
C ALA SA 24 19.32 17.85 -83.86
N LEU SA 25 18.13 17.40 -84.22
CA LEU SA 25 17.82 17.27 -85.63
C LEU SA 25 17.25 18.56 -86.21
N GLY SA 26 16.67 19.41 -85.37
CA GLY SA 26 15.99 20.58 -85.87
C GLY SA 26 14.51 20.35 -86.13
N LEU SA 27 13.80 19.84 -85.12
CA LEU SA 27 12.38 19.53 -85.24
C LEU SA 27 11.63 20.31 -84.17
N GLY SA 28 11.06 21.45 -84.54
CA GLY SA 28 10.38 22.28 -83.57
C GLY SA 28 8.89 22.06 -83.45
N LYS SA 29 8.15 22.19 -84.54
CA LYS SA 29 6.70 22.06 -84.51
C LYS SA 29 6.28 20.70 -84.98
N VAL SA 30 5.04 20.35 -84.65
CA VAL SA 30 4.48 19.07 -85.03
C VAL SA 30 4.18 19.09 -86.53
N ASN SA 31 4.42 17.96 -87.19
CA ASN SA 31 4.31 17.76 -88.64
C ASN SA 31 5.26 18.67 -89.41
N SER SA 32 6.39 19.00 -88.82
CA SER SA 32 7.46 19.64 -89.57
C SER SA 32 8.30 18.56 -90.26
N THR SA 33 8.99 18.96 -91.32
CA THR SA 33 9.73 18.02 -92.16
C THR SA 33 11.17 18.48 -92.30
N VAL SA 34 12.11 17.54 -92.12
CA VAL SA 34 13.54 17.81 -92.27
C VAL SA 34 14.15 16.65 -93.04
N THR SA 35 14.92 16.95 -94.08
CA THR SA 35 15.59 15.95 -94.92
C THR SA 35 17.10 15.98 -94.67
N LYS SA 36 17.67 14.82 -94.37
CA LYS SA 36 19.08 14.72 -93.99
C LYS SA 36 19.69 13.46 -94.56
N PRO SA 37 20.99 13.47 -94.88
CA PRO SA 37 21.60 12.33 -95.56
C PRO SA 37 21.92 11.18 -94.62
N ALA SA 38 21.84 9.98 -95.16
CA ALA SA 38 21.94 8.76 -94.36
C ALA SA 38 23.39 8.54 -93.95
N ASN SA 39 23.74 8.96 -92.73
CA ASN SA 39 24.99 8.57 -92.12
C ASN SA 39 24.75 7.31 -91.29
N GLU SA 40 25.71 6.98 -90.43
CA GLU SA 40 25.47 5.98 -89.40
C GLU SA 40 25.47 6.58 -88.01
N ALA SA 41 25.47 7.90 -87.90
CA ALA SA 41 25.04 8.51 -86.66
C ALA SA 41 23.56 8.81 -86.71
N ILE SA 42 23.04 9.18 -87.88
CA ILE SA 42 21.65 9.57 -88.03
C ILE SA 42 20.71 8.38 -87.88
N LYS SA 43 21.12 7.21 -88.33
CA LYS SA 43 20.32 6.02 -88.09
C LYS SA 43 20.26 5.69 -86.60
N GLY SA 44 21.32 6.01 -85.86
CA GLY SA 44 21.23 5.90 -84.42
C GLY SA 44 20.38 6.97 -83.78
N MET SA 45 20.32 8.17 -84.39
CA MET SA 45 19.40 9.19 -83.92
C MET SA 45 17.96 8.71 -84.05
N VAL SA 46 17.67 8.04 -85.16
CA VAL SA 46 16.31 7.59 -85.42
C VAL SA 46 15.97 6.33 -84.62
N ASN SA 47 16.97 5.50 -84.29
CA ASN SA 47 16.65 4.32 -83.48
C ASN SA 47 16.38 4.61 -82.02
N THR SA 48 16.34 5.88 -81.60
CA THR SA 48 15.82 6.24 -80.29
C THR SA 48 14.60 7.13 -80.37
N ILE SA 49 14.19 7.57 -81.56
CA ILE SA 49 13.00 8.40 -81.67
C ILE SA 49 12.09 7.71 -82.68
N SER SA 50 12.27 6.40 -82.86
CA SER SA 50 11.48 5.63 -83.80
C SER SA 50 9.98 5.76 -83.56
N HIS SA 51 9.55 5.80 -82.31
CA HIS SA 51 8.13 5.86 -82.02
C HIS SA 51 7.55 7.26 -82.15
N LEU SA 52 8.38 8.30 -82.15
CA LEU SA 52 7.83 9.64 -82.30
C LEU SA 52 7.86 10.12 -83.74
N VAL SA 53 8.68 9.51 -84.59
CA VAL SA 53 9.06 10.05 -85.88
C VAL SA 53 8.77 9.01 -86.95
N ASP SA 54 8.22 9.44 -88.08
CA ASP SA 54 8.13 8.59 -89.25
C ASP SA 54 9.16 8.99 -90.30
N VAL SA 55 9.61 7.98 -91.05
CA VAL SA 55 10.78 8.07 -91.90
C VAL SA 55 10.39 7.70 -93.33
N GLU SA 56 10.62 8.60 -94.26
CA GLU SA 56 10.60 8.25 -95.67
C GLU SA 56 12.01 8.34 -96.23
N GLU SA 57 12.28 7.51 -97.24
CA GLU SA 57 13.62 7.33 -97.76
C GLU SA 57 13.64 7.85 -99.20
N VAL SA 58 13.81 9.15 -99.34
CA VAL SA 58 13.82 9.78 -100.65
C VAL SA 58 15.17 10.43 -100.89
N MET TA 1 83.51 -25.72 -36.16
CA MET TA 1 83.78 -25.64 -34.74
C MET TA 1 83.96 -24.19 -34.29
N LYS TA 2 82.84 -23.56 -33.95
CA LYS TA 2 82.88 -22.18 -33.45
C LYS TA 2 83.66 -22.15 -32.15
N GLN TA 3 84.42 -21.08 -31.97
CA GLN TA 3 85.53 -21.12 -31.04
C GLN TA 3 85.06 -20.91 -29.61
N ASP TA 4 85.82 -21.48 -28.67
CA ASP TA 4 85.85 -21.16 -27.24
C ASP TA 4 84.59 -21.58 -26.50
N ILE TA 5 83.68 -22.33 -27.13
CA ILE TA 5 82.43 -22.68 -26.48
C ILE TA 5 82.18 -24.18 -26.54
N HIS TA 6 83.24 -24.98 -26.65
CA HIS TA 6 83.01 -26.40 -26.75
C HIS TA 6 83.91 -27.19 -25.81
N PRO TA 7 83.36 -28.22 -25.16
CA PRO TA 7 84.15 -29.02 -24.21
C PRO TA 7 85.18 -29.93 -24.85
N ASN TA 8 85.81 -30.78 -24.03
CA ASN TA 8 86.92 -31.61 -24.46
C ASN TA 8 86.46 -32.91 -25.11
N TYR TA 9 87.27 -33.39 -26.05
CA TYR TA 9 87.15 -34.73 -26.63
C TYR TA 9 88.51 -35.07 -27.25
N GLN TA 10 89.07 -36.21 -26.85
CA GLN TA 10 90.35 -36.72 -27.32
C GLN TA 10 90.24 -38.23 -27.29
N PRO TA 11 91.00 -38.96 -28.14
CA PRO TA 11 90.80 -40.41 -28.23
C PRO TA 11 91.16 -41.20 -26.98
N VAL TA 12 90.26 -41.16 -26.00
CA VAL TA 12 90.41 -41.90 -24.75
C VAL TA 12 90.28 -43.39 -25.07
N VAL TA 13 91.40 -44.11 -24.99
CA VAL TA 13 91.42 -45.55 -25.25
C VAL TA 13 90.65 -46.28 -24.14
N PHE TA 14 89.93 -47.34 -24.48
CA PHE TA 14 89.12 -48.02 -23.51
C PHE TA 14 89.70 -49.40 -23.20
N MET TA 15 89.61 -49.82 -21.95
CA MET TA 15 89.90 -51.19 -21.57
C MET TA 15 88.79 -51.71 -20.70
N ASP TA 16 88.87 -53.01 -20.41
CA ASP TA 16 87.87 -53.70 -19.61
C ASP TA 16 88.56 -54.91 -18.99
N SER TA 17 87.78 -55.85 -18.47
CA SER TA 17 88.35 -57.14 -18.08
C SER TA 17 88.90 -57.88 -19.29
N THR TA 18 88.16 -57.86 -20.39
CA THR TA 18 88.60 -58.45 -21.65
C THR TA 18 88.18 -57.55 -22.82
N THR TA 19 88.58 -57.97 -24.02
CA THR TA 19 88.08 -57.58 -25.35
C THR TA 19 88.39 -56.15 -25.81
N GLY TA 20 88.96 -55.32 -24.93
CA GLY TA 20 89.74 -54.14 -25.28
C GLY TA 20 89.24 -53.17 -26.34
N PHE TA 21 88.17 -52.42 -26.07
CA PHE TA 21 87.55 -51.56 -27.09
C PHE TA 21 88.34 -50.28 -27.31
N LYS TA 22 89.55 -50.45 -27.82
CA LYS TA 22 90.60 -49.43 -27.80
C LYS TA 22 90.50 -48.46 -28.97
N PHE TA 23 89.38 -47.76 -29.03
CA PHE TA 23 89.12 -47.03 -30.27
C PHE TA 23 88.72 -45.58 -30.08
N LEU TA 24 87.92 -45.27 -29.06
CA LEU TA 24 87.04 -44.12 -29.11
C LEU TA 24 87.61 -42.90 -28.40
N SER TA 25 86.79 -41.86 -28.29
CA SER TA 25 87.12 -40.63 -27.59
C SER TA 25 86.57 -40.69 -26.16
N GLY TA 26 86.52 -39.54 -25.49
CA GLY TA 26 85.93 -39.48 -24.17
C GLY TA 26 85.90 -38.07 -23.64
N SER TA 27 85.40 -37.95 -22.41
CA SER TA 27 85.31 -36.67 -21.72
C SER TA 27 86.21 -36.60 -20.49
N THR TA 28 86.09 -37.57 -19.58
CA THR TA 28 86.89 -37.59 -18.36
C THR TA 28 88.30 -38.08 -18.68
N LYS TA 29 89.29 -37.22 -18.51
CA LYS TA 29 90.64 -37.47 -18.99
C LYS TA 29 91.64 -37.26 -17.86
N GLY TA 30 92.86 -37.78 -18.04
CA GLY TA 30 93.82 -37.74 -16.95
C GLY TA 30 95.10 -38.54 -17.12
N SER TA 31 95.40 -39.38 -16.12
CA SER TA 31 96.74 -39.95 -15.94
C SER TA 31 97.09 -40.95 -17.03
N SER TA 32 98.35 -40.89 -17.47
CA SER TA 32 98.81 -41.67 -18.62
C SER TA 32 98.94 -43.13 -18.24
N GLU TA 33 98.15 -43.97 -18.89
CA GLU TA 33 98.15 -45.40 -18.62
C GLU TA 33 98.70 -46.19 -19.81
N THR TA 34 98.10 -46.02 -21.00
CA THR TA 34 98.60 -46.60 -22.24
C THR TA 34 98.47 -45.56 -23.34
N VAL TA 35 99.48 -44.73 -23.50
CA VAL TA 35 99.64 -43.90 -24.69
C VAL TA 35 100.26 -44.80 -25.75
N GLU TA 36 99.42 -45.33 -26.65
CA GLU TA 36 99.81 -46.39 -27.55
C GLU TA 36 99.74 -45.93 -28.99
N TRP TA 37 100.67 -46.44 -29.80
CA TRP TA 37 100.79 -45.96 -31.18
C TRP TA 37 99.67 -46.51 -32.07
N GLU TA 38 99.29 -47.78 -31.88
CA GLU TA 38 98.26 -48.38 -32.71
C GLU TA 38 96.88 -47.83 -32.39
N ASP TA 39 96.74 -47.12 -31.28
CA ASP TA 39 95.53 -46.46 -30.85
C ASP TA 39 95.81 -44.96 -30.87
N GLY TA 40 94.89 -44.17 -30.31
CA GLY TA 40 95.17 -42.77 -30.09
C GLY TA 40 96.22 -42.60 -29.00
N ASN TA 41 97.22 -41.75 -29.27
CA ASN TA 41 98.31 -41.49 -28.32
C ASN TA 41 97.86 -40.54 -27.19
N THR TA 42 96.87 -40.97 -26.44
CA THR TA 42 96.22 -40.13 -25.44
C THR TA 42 95.95 -40.95 -24.19
N TYR TA 43 95.10 -40.41 -23.32
CA TYR TA 43 94.99 -40.87 -21.96
C TYR TA 43 93.76 -41.77 -21.81
N PRO TA 44 93.96 -43.02 -21.47
CA PRO TA 44 92.89 -44.01 -21.61
C PRO TA 44 91.95 -44.23 -20.43
N LEU TA 45 91.75 -43.23 -19.55
CA LEU TA 45 91.19 -43.45 -18.21
C LEU TA 45 89.87 -44.21 -18.16
N LEU TA 46 89.05 -44.15 -19.22
CA LEU TA 46 87.80 -44.90 -19.15
C LEU TA 46 88.07 -46.39 -19.32
N ARG TA 47 88.19 -47.09 -18.20
CA ARG TA 47 88.46 -48.52 -18.16
C ARG TA 47 87.50 -49.23 -17.21
N VAL TA 48 86.33 -48.64 -16.99
CA VAL TA 48 85.35 -49.20 -16.06
C VAL TA 48 84.80 -50.50 -16.66
N GLU TA 49 84.56 -51.48 -15.80
CA GLU TA 49 84.63 -52.89 -16.15
C GLU TA 49 83.29 -53.56 -16.36
N VAL TA 50 82.35 -52.87 -17.03
CA VAL TA 50 81.18 -53.52 -17.59
C VAL TA 50 81.50 -53.87 -19.05
N THR TA 51 81.34 -55.15 -19.39
CA THR TA 51 82.10 -55.73 -20.49
C THR TA 51 81.56 -55.34 -21.87
N SER TA 52 80.24 -55.26 -22.01
CA SER TA 52 79.54 -55.35 -23.31
C SER TA 52 79.99 -56.58 -24.08
N ASP TA 53 80.11 -57.71 -23.37
CA ASP TA 53 80.60 -58.96 -23.94
C ASP TA 53 79.76 -60.16 -23.56
N SER TA 54 79.06 -60.11 -22.43
CA SER TA 54 78.52 -61.33 -21.83
C SER TA 54 77.01 -61.36 -21.72
N HIS TA 55 76.33 -60.24 -21.88
CA HIS TA 55 74.89 -60.23 -21.77
C HIS TA 55 74.28 -60.92 -22.98
N PRO TA 56 73.20 -61.72 -22.79
CA PRO TA 56 72.81 -62.69 -23.84
C PRO TA 56 72.07 -62.08 -25.03
N PHE TA 57 72.51 -60.90 -25.45
CA PHE TA 57 72.42 -60.43 -26.80
C PHE TA 57 73.80 -60.41 -27.44
N TYR TA 58 74.81 -60.90 -26.72
CA TYR TA 58 76.15 -61.10 -27.24
C TYR TA 58 76.50 -62.57 -27.40
N THR TA 59 76.37 -63.36 -26.33
CA THR TA 59 76.69 -64.78 -26.39
C THR TA 59 75.83 -65.57 -25.39
N ALA UA 1 -32.21 33.11 -33.43
CA ALA UA 1 -30.86 33.04 -33.96
C ALA UA 1 -30.47 34.39 -34.52
N VAL UA 2 -29.79 34.35 -35.66
CA VAL UA 2 -29.19 35.53 -36.28
C VAL UA 2 -29.47 35.40 -37.77
N PRO UA 3 -29.90 36.45 -38.46
CA PRO UA 3 -30.14 36.33 -39.90
C PRO UA 3 -28.85 36.10 -40.66
N ALA UA 4 -28.90 35.17 -41.60
CA ALA UA 4 -27.69 34.75 -42.28
C ALA UA 4 -27.25 35.74 -43.34
N ARG UA 5 -28.18 36.39 -44.03
CA ARG UA 5 -27.84 37.25 -45.15
C ARG UA 5 -28.77 38.44 -45.23
N ARG UA 6 -28.31 39.42 -45.99
CA ARG UA 6 -29.18 40.47 -46.51
C ARG UA 6 -30.23 39.85 -47.42
N THR UA 7 -31.49 40.16 -47.15
CA THR UA 7 -32.56 39.84 -48.10
C THR UA 7 -32.60 40.94 -49.14
N SER UA 8 -32.75 40.55 -50.40
CA SER UA 8 -32.58 41.47 -51.51
C SER UA 8 -33.78 42.41 -51.61
N LYS UA 9 -33.77 43.24 -52.67
CA LYS UA 9 -34.90 44.14 -52.89
C LYS UA 9 -36.14 43.40 -53.32
N ALA UA 10 -35.98 42.24 -53.96
CA ALA UA 10 -37.14 41.49 -54.43
C ALA UA 10 -37.93 40.92 -53.27
N LYS UA 11 -37.26 40.28 -52.33
CA LYS UA 11 -38.01 39.74 -51.20
C LYS UA 11 -38.36 40.78 -50.16
N LYS UA 12 -38.06 42.05 -50.36
CA LYS UA 12 -38.82 43.04 -49.61
C LYS UA 12 -40.24 43.07 -50.13
N ALA UA 13 -40.38 43.12 -51.45
CA ALA UA 13 -41.69 43.37 -52.01
C ALA UA 13 -42.53 42.11 -52.09
N LYS UA 14 -41.89 40.94 -52.20
CA LYS UA 14 -42.70 39.74 -52.29
C LYS UA 14 -43.35 39.37 -50.97
N ARG UA 15 -42.89 39.90 -49.84
CA ARG UA 15 -43.66 39.75 -48.62
C ARG UA 15 -44.87 40.66 -48.64
N ARG UA 16 -44.66 41.92 -48.98
CA ARG UA 16 -45.59 42.96 -48.59
C ARG UA 16 -46.82 43.05 -49.48
N THR UA 17 -47.12 42.02 -50.25
CA THR UA 17 -48.34 41.97 -51.02
C THR UA 17 -49.55 41.66 -50.15
N HIS UA 18 -49.37 41.44 -48.87
CA HIS UA 18 -50.48 41.25 -47.94
C HIS UA 18 -50.39 42.22 -46.80
N TYR UA 19 -49.94 43.44 -47.10
CA TYR UA 19 -49.77 44.51 -46.14
C TYR UA 19 -50.53 45.74 -46.63
N LYS UA 20 -51.80 45.54 -46.92
CA LYS UA 20 -52.64 46.58 -47.50
C LYS UA 20 -53.59 47.16 -46.45
N LEU UA 21 -54.14 48.32 -46.77
CA LEU UA 21 -55.34 48.82 -46.13
C LEU UA 21 -56.47 48.77 -47.13
N THR UA 22 -57.60 48.22 -46.71
CA THR UA 22 -58.77 48.11 -47.55
C THR UA 22 -59.96 48.73 -46.83
N ILE UA 23 -60.94 49.18 -47.60
CA ILE UA 23 -62.14 49.81 -47.04
C ILE UA 23 -63.35 48.95 -47.36
N LYS UA 24 -64.11 48.66 -46.32
CA LYS UA 24 -65.32 47.85 -46.36
C LYS UA 24 -66.51 48.67 -46.86
N GLY UA 25 -67.73 48.19 -46.59
CA GLY UA 25 -68.97 48.74 -47.12
C GLY UA 25 -69.24 50.22 -46.93
N LEU UA 26 -69.54 50.91 -48.03
CA LEU UA 26 -69.81 52.34 -48.05
C LEU UA 26 -71.15 52.56 -48.75
N ASN UA 27 -72.23 52.60 -47.97
CA ASN UA 27 -73.51 52.93 -48.55
C ASN UA 27 -73.61 54.43 -48.78
N ALA UA 28 -74.69 54.84 -49.43
CA ALA UA 28 -75.06 56.23 -49.56
C ALA UA 28 -76.33 56.49 -48.77
N CYS UA 29 -76.44 57.69 -48.22
CA CYS UA 29 -77.55 57.98 -47.32
C CYS UA 29 -78.86 58.15 -48.08
N SER UA 30 -79.90 58.43 -47.30
CA SER UA 30 -81.22 58.78 -47.81
C SER UA 30 -81.44 60.29 -47.78
N ASN UA 31 -81.05 60.92 -46.69
CA ASN UA 31 -81.35 62.32 -46.47
C ASN UA 31 -80.31 63.25 -47.05
N CYS UA 32 -79.14 62.73 -47.39
CA CYS UA 32 -78.10 63.53 -48.00
C CYS UA 32 -77.41 62.85 -49.16
N GLY UA 33 -77.59 61.54 -49.35
CA GLY UA 33 -76.89 60.86 -50.42
C GLY UA 33 -75.39 60.78 -50.24
N GLU UA 34 -74.90 60.92 -49.02
CA GLU UA 34 -73.47 60.98 -48.78
C GLU UA 34 -72.92 59.63 -48.37
N MET UA 35 -71.67 59.37 -48.77
CA MET UA 35 -71.10 58.05 -48.65
C MET UA 35 -70.73 57.79 -47.20
N LYS UA 36 -71.48 56.87 -46.55
CA LYS UA 36 -71.29 56.58 -45.13
C LYS UA 36 -71.40 55.09 -44.89
N LYS UA 37 -71.00 54.66 -43.70
CA LYS UA 37 -70.86 53.23 -43.42
C LYS UA 37 -72.19 52.55 -43.23
N SER UA 38 -72.27 51.30 -43.69
CA SER UA 38 -73.47 50.49 -43.51
C SER UA 38 -73.65 50.20 -42.04
N HIS UA 39 -74.91 50.15 -41.61
CA HIS UA 39 -75.35 49.82 -40.26
C HIS UA 39 -74.87 50.82 -39.22
N HIS UA 40 -74.40 51.99 -39.64
CA HIS UA 40 -73.85 52.99 -38.73
C HIS UA 40 -74.65 54.28 -38.78
N VAL UA 41 -74.63 55.00 -37.66
CA VAL UA 41 -75.29 56.29 -37.56
C VAL UA 41 -74.57 57.28 -38.45
N CYS UA 42 -75.27 57.84 -39.41
CA CYS UA 42 -74.74 58.80 -40.34
C CYS UA 42 -74.36 60.09 -39.63
N PRO UA 43 -73.07 60.41 -39.47
CA PRO UA 43 -72.66 61.49 -38.55
C PRO UA 43 -73.07 62.90 -38.95
N ALA UA 44 -72.82 63.30 -40.20
CA ALA UA 44 -73.21 64.64 -40.61
C ALA UA 44 -74.72 64.74 -40.80
N CYS UA 45 -75.36 63.64 -41.21
CA CYS UA 45 -76.80 63.64 -41.37
C CYS UA 45 -77.48 63.67 -40.02
N GLY UA 46 -76.93 62.95 -39.04
CA GLY UA 46 -77.57 62.79 -37.76
C GLY UA 46 -78.74 61.84 -37.78
N HIS UA 47 -78.95 61.11 -38.87
CA HIS UA 47 -80.12 60.27 -39.04
C HIS UA 47 -79.72 58.80 -39.11
N TYR UA 48 -80.68 57.96 -38.76
CA TYR UA 48 -80.59 56.52 -38.97
C TYR UA 48 -82.01 56.01 -38.99
N ASP UA 49 -82.36 55.30 -40.08
CA ASP UA 49 -83.75 54.96 -40.44
C ASP UA 49 -84.65 56.19 -40.53
N GLY UA 50 -84.08 57.32 -40.93
CA GLY UA 50 -84.83 58.55 -41.04
C GLY UA 50 -85.37 59.06 -39.72
N LYS UA 51 -84.49 59.20 -38.72
CA LYS UA 51 -84.89 59.68 -37.40
C LYS UA 51 -83.79 60.59 -36.87
N ASP UA 52 -84.18 61.67 -36.21
CA ASP UA 52 -83.21 62.52 -35.51
C ASP UA 52 -82.74 61.82 -34.26
N VAL UA 53 -81.79 60.90 -34.44
CA VAL UA 53 -81.33 60.08 -33.33
C VAL UA 53 -80.32 60.84 -32.49
N MET UA 54 -79.25 61.33 -33.10
CA MET UA 54 -78.19 62.03 -32.39
C MET UA 54 -78.61 63.48 -32.14
N SER UA 55 -79.59 63.63 -31.26
CA SER UA 55 -80.23 64.92 -31.01
C SER UA 55 -81.03 64.80 -29.73
N LYS UA 56 -81.57 65.92 -29.28
CA LYS UA 56 -82.43 65.94 -28.10
N MET VA 1 51.68 8.35 -19.18
CA MET VA 1 53.12 8.11 -19.19
C MET VA 1 53.85 8.99 -20.18
N ARG VA 2 53.46 8.90 -21.44
CA ARG VA 2 54.26 9.48 -22.51
C ARG VA 2 54.16 11.00 -22.48
N VAL VA 3 55.16 11.63 -23.10
CA VAL VA 3 55.44 13.05 -22.92
C VAL VA 3 55.70 13.67 -24.28
N ASN VA 4 55.07 14.80 -24.56
CA ASN VA 4 55.52 15.66 -25.64
C ASN VA 4 56.78 16.38 -25.21
N ILE VA 5 57.86 16.24 -25.98
CA ILE VA 5 59.18 16.64 -25.52
C ILE VA 5 59.85 17.49 -26.60
N THR VA 6 60.89 18.21 -26.20
CA THR VA 6 61.69 19.03 -27.11
C THR VA 6 63.16 18.68 -26.97
N LEU VA 7 63.90 18.83 -28.07
CA LEU VA 7 65.33 18.58 -28.10
C LEU VA 7 66.10 19.87 -28.30
N GLU VA 8 67.30 19.90 -27.74
CA GLU VA 8 68.11 21.09 -27.56
C GLU VA 8 69.42 20.91 -28.27
N CYS VA 9 69.88 21.93 -28.98
CA CYS VA 9 71.24 21.89 -29.50
C CYS VA 9 72.22 22.02 -28.35
N THR VA 10 73.17 21.11 -28.28
CA THR VA 10 74.07 21.12 -27.14
C THR VA 10 75.24 22.08 -27.32
N SER VA 11 75.38 22.68 -28.50
CA SER VA 11 76.42 23.68 -28.72
C SER VA 11 75.85 25.11 -28.71
N CYS VA 12 74.91 25.41 -29.60
CA CYS VA 12 74.45 26.79 -29.77
C CYS VA 12 73.14 27.08 -29.04
N LYS VA 13 72.52 26.08 -28.43
CA LYS VA 13 71.39 26.20 -27.51
C LYS VA 13 70.15 26.81 -28.19
N GLU VA 14 69.61 26.07 -29.16
CA GLU VA 14 68.28 26.34 -29.67
C GLU VA 14 67.38 25.12 -29.50
N ARG VA 15 66.14 25.36 -29.11
CA ARG VA 15 65.15 24.29 -28.94
C ARG VA 15 64.72 23.85 -30.33
N ASN VA 16 65.49 22.93 -30.92
CA ASN VA 16 65.28 22.62 -32.32
C ASN VA 16 64.08 21.71 -32.56
N TYR VA 17 64.10 20.50 -32.03
CA TYR VA 17 63.16 19.50 -32.51
C TYR VA 17 62.10 19.16 -31.48
N LEU VA 18 61.24 18.22 -31.85
CA LEU VA 18 60.10 17.82 -31.05
C LEU VA 18 59.82 16.35 -31.32
N THR VA 19 59.64 15.56 -30.26
CA THR VA 19 59.35 14.13 -30.39
C THR VA 19 58.68 13.65 -29.11
N ASN VA 20 58.65 12.32 -28.91
CA ASN VA 20 57.97 11.70 -27.80
C ASN VA 20 58.79 10.55 -27.24
N LYS VA 21 58.61 10.29 -25.95
CA LYS VA 21 59.23 9.11 -25.36
C LYS VA 21 58.36 8.61 -24.21
N ASN VA 22 58.48 7.33 -23.92
CA ASN VA 22 57.71 6.70 -22.84
C ASN VA 22 58.58 6.68 -21.61
N LYS VA 23 58.19 7.44 -20.60
CA LYS VA 23 59.11 7.76 -19.51
C LYS VA 23 59.29 6.64 -18.49
N ARG VA 24 58.71 5.47 -18.70
CA ARG VA 24 59.07 4.32 -17.88
C ARG VA 24 59.98 3.36 -18.62
N ASN VA 25 60.07 3.47 -19.94
CA ASN VA 25 61.04 2.70 -20.70
C ASN VA 25 62.37 3.42 -20.81
N ASN VA 26 62.32 4.71 -21.16
CA ASN VA 26 63.51 5.54 -21.32
C ASN VA 26 63.48 6.58 -20.23
N PRO VA 27 64.10 6.34 -19.10
CA PRO VA 27 63.97 7.28 -17.98
C PRO VA 27 65.02 8.38 -18.00
N ASP VA 28 65.69 8.57 -19.14
CA ASP VA 28 66.85 9.44 -19.19
C ASP VA 28 66.72 10.45 -20.32
N ARG VA 29 67.68 11.36 -20.38
CA ARG VA 29 67.68 12.42 -21.37
C ARG VA 29 68.27 11.89 -22.67
N LEU VA 30 67.51 11.97 -23.76
CA LEU VA 30 67.92 11.32 -25.00
C LEU VA 30 69.10 12.02 -25.64
N GLU VA 31 69.77 11.28 -26.53
CA GLU VA 31 70.87 11.81 -27.33
C GLU VA 31 70.75 11.28 -28.74
N LYS VA 32 70.43 12.14 -29.68
CA LYS VA 32 70.38 11.77 -31.09
C LYS VA 32 71.17 12.79 -31.90
N GLN VA 33 72.00 12.30 -32.80
CA GLN VA 33 72.80 13.15 -33.68
C GLN VA 33 71.88 13.75 -34.74
N LYS VA 34 71.24 14.85 -34.41
CA LYS VA 34 70.29 15.46 -35.33
C LYS VA 34 70.92 16.68 -35.99
N TYR VA 35 70.35 17.04 -37.13
CA TYR VA 35 70.79 18.22 -37.87
C TYR VA 35 70.43 19.48 -37.11
N CYS VA 36 71.19 20.55 -37.35
CA CYS VA 36 70.91 21.86 -36.76
C CYS VA 36 70.92 22.91 -37.85
N PRO VA 37 69.99 23.85 -37.84
CA PRO VA 37 69.92 24.82 -38.93
C PRO VA 37 70.92 25.95 -38.79
N ARG VA 38 71.18 26.38 -37.56
CA ARG VA 38 71.97 27.57 -37.33
C ARG VA 38 73.44 27.33 -37.58
N GLU VA 39 73.89 26.09 -37.44
CA GLU VA 39 75.29 25.77 -37.69
C GLU VA 39 75.51 25.05 -39.00
N ARG VA 40 74.45 24.49 -39.60
CA ARG VA 40 74.51 23.63 -40.79
C ARG VA 40 75.49 22.49 -40.58
N LYS VA 41 75.36 21.82 -39.44
CA LYS VA 41 76.36 20.88 -38.98
C LYS VA 41 75.66 19.87 -38.08
N VAL VA 42 75.95 18.59 -38.28
CA VAL VA 42 75.31 17.54 -37.49
C VAL VA 42 75.79 17.61 -36.05
N THR VA 43 74.85 17.72 -35.12
CA THR VA 43 75.15 18.10 -33.75
C THR VA 43 74.43 17.16 -32.80
N LEU VA 44 75.10 16.78 -31.72
CA LEU VA 44 74.46 16.06 -30.63
C LEU VA 44 73.34 16.89 -30.04
N HIS VA 45 72.25 16.22 -29.66
CA HIS VA 45 71.09 16.90 -29.11
C HIS VA 45 70.58 16.20 -27.85
N ARG VA 46 70.24 16.99 -26.84
CA ARG VA 46 69.80 16.44 -25.57
C ARG VA 46 68.43 16.99 -25.20
N GLU VA 47 67.76 16.27 -24.30
CA GLU VA 47 66.49 16.70 -23.74
C GLU VA 47 66.66 17.97 -22.92
N THR VA 48 65.71 18.90 -23.07
CA THR VA 48 65.66 20.06 -22.18
C THR VA 48 65.36 19.60 -20.77
N LYS VA 49 66.14 20.09 -19.82
CA LYS VA 49 66.04 19.61 -18.46
C LYS VA 49 64.84 20.23 -17.76
N MET WA 1 -25.21 48.29 -2.55
CA MET WA 1 -25.46 49.00 -3.79
C MET WA 1 -25.13 50.47 -3.70
N LYS WA 2 -24.26 50.84 -2.76
CA LYS WA 2 -23.76 52.20 -2.75
C LYS WA 2 -22.78 52.37 -3.90
N ARG WA 3 -22.93 53.44 -4.65
CA ARG WA 3 -21.98 53.78 -5.68
C ARG WA 3 -21.26 55.07 -5.33
N THR WA 4 -20.23 55.36 -6.11
CA THR WA 4 -19.06 56.04 -5.57
C THR WA 4 -19.29 57.52 -5.32
N TYR WA 5 -19.68 58.27 -6.35
CA TYR WA 5 -19.39 59.70 -6.39
C TYR WA 5 -20.29 60.53 -5.49
N GLN WA 6 -20.24 60.22 -4.19
CA GLN WA 6 -21.17 60.73 -3.18
C GLN WA 6 -20.69 62.02 -2.58
N PRO WA 7 -21.19 63.16 -3.06
CA PRO WA 7 -20.46 64.40 -2.89
C PRO WA 7 -20.66 65.07 -1.54
N ASN WA 8 -19.62 65.77 -1.10
CA ASN WA 8 -19.67 66.82 -0.10
C ASN WA 8 -19.27 68.15 -0.74
N LYS WA 9 -19.38 69.20 0.03
CA LYS WA 9 -18.79 70.47 -0.34
C LYS WA 9 -17.47 70.71 0.37
N ARG WA 10 -17.32 70.17 1.58
CA ARG WA 10 -16.03 70.26 2.25
C ARG WA 10 -14.97 69.43 1.53
N LYS WA 11 -15.26 68.17 1.26
CA LYS WA 11 -14.22 67.25 0.80
C LYS WA 11 -13.70 67.59 -0.59
N ARG WA 12 -14.55 68.17 -1.44
CA ARG WA 12 -14.09 68.65 -2.74
C ARG WA 12 -13.03 69.73 -2.62
N GLN WA 13 -13.11 70.56 -1.58
CA GLN WA 13 -12.21 71.68 -1.46
C GLN WA 13 -11.14 71.49 -0.40
N LYS WA 14 -11.23 70.45 0.43
CA LYS WA 14 -10.11 70.05 1.26
C LYS WA 14 -9.47 68.79 0.75
N VAL WA 15 -9.71 68.42 -0.50
CA VAL WA 15 -8.77 67.59 -1.21
C VAL WA 15 -8.34 68.29 -2.50
N HIS WA 16 -9.31 68.67 -3.33
CA HIS WA 16 -9.03 69.13 -4.68
C HIS WA 16 -9.11 70.64 -4.83
N GLY WA 17 -8.89 71.37 -3.75
CA GLY WA 17 -9.21 72.78 -3.74
C GLY WA 17 -8.18 73.68 -4.39
N PHE WA 18 -7.88 74.79 -3.75
CA PHE WA 18 -6.82 75.69 -4.19
C PHE WA 18 -5.65 75.70 -3.23
N ARG WA 19 -5.92 75.82 -1.93
CA ARG WA 19 -4.89 75.86 -0.92
C ARG WA 19 -4.10 74.56 -0.88
N LYS WA 20 -4.77 73.41 -1.04
CA LYS WA 20 -4.04 72.18 -1.14
C LYS WA 20 -3.51 71.90 -2.52
N ARG WA 21 -3.46 72.89 -3.39
CA ARG WA 21 -2.52 72.88 -4.47
C ARG WA 21 -1.59 74.08 -4.46
N MET WA 22 -1.63 74.90 -3.41
CA MET WA 22 -0.62 75.90 -3.21
C MET WA 22 0.37 75.54 -2.12
N SER WA 23 0.06 74.55 -1.29
CA SER WA 23 0.91 74.25 -0.15
C SER WA 23 1.99 73.22 -0.47
N THR WA 24 2.26 72.93 -1.74
CA THR WA 24 3.34 72.00 -2.08
C THR WA 24 4.31 72.64 -3.06
N LYS WA 25 5.20 71.83 -3.63
CA LYS WA 25 5.81 72.14 -4.91
C LYS WA 25 5.32 71.23 -6.01
N ASN WA 26 4.30 70.43 -5.77
CA ASN WA 26 3.71 69.64 -6.81
C ASN WA 26 2.34 70.12 -7.22
N GLY WA 27 1.58 70.70 -6.29
CA GLY WA 27 0.39 71.43 -6.68
C GLY WA 27 0.72 72.60 -7.59
N ARG WA 28 1.88 73.21 -7.39
CA ARG WA 28 2.29 74.29 -8.28
C ARG WA 28 2.65 73.77 -9.66
N ARG WA 29 3.21 72.57 -9.74
CA ARG WA 29 3.38 71.91 -11.04
C ARG WA 29 2.04 71.70 -11.70
N VAL WA 30 1.03 71.31 -10.93
CA VAL WA 30 -0.30 71.06 -11.48
C VAL WA 30 -0.91 72.35 -12.02
N LEU WA 31 -0.84 73.43 -11.23
CA LEU WA 31 -1.44 74.68 -11.64
C LEU WA 31 -0.70 75.30 -12.81
N ALA WA 32 0.63 75.32 -12.76
CA ALA WA 32 1.40 75.86 -13.87
C ALA WA 32 1.45 74.93 -15.06
N SER WA 33 0.95 73.70 -14.93
CA SER WA 33 0.73 72.87 -16.08
C SER WA 33 -0.62 73.12 -16.71
N ARG WA 34 -1.63 73.46 -15.91
CA ARG WA 34 -2.92 73.77 -16.50
C ARG WA 34 -2.94 75.16 -17.13
N ARG WA 35 -2.17 76.10 -16.57
CA ARG WA 35 -2.09 77.44 -17.14
C ARG WA 35 -1.42 77.46 -18.50
N ARG WA 36 -0.63 76.44 -18.84
CA ARG WA 36 -0.06 76.38 -20.18
C ARG WA 36 -1.15 76.15 -21.22
N LYS WA 37 -2.01 75.16 -20.99
CA LYS WA 37 -3.20 75.02 -21.82
C LYS WA 37 -4.15 76.19 -21.62
N GLY WA 38 -4.11 76.84 -20.46
CA GLY WA 38 -4.96 77.98 -20.21
C GLY WA 38 -6.42 77.64 -20.02
N ARG WA 39 -6.70 76.56 -19.32
CA ARG WA 39 -8.07 76.14 -19.07
C ARG WA 39 -8.72 77.11 -18.09
N LYS WA 40 -10.06 77.21 -18.15
CA LYS WA 40 -10.77 78.18 -17.32
C LYS WA 40 -10.69 77.81 -15.84
N VAL WA 41 -11.27 76.67 -15.47
CA VAL WA 41 -11.25 76.22 -14.08
C VAL WA 41 -9.84 75.74 -13.78
N ILE WA 42 -9.13 76.47 -12.93
CA ILE WA 42 -7.77 76.06 -12.60
C ILE WA 42 -7.83 74.85 -11.68
N SER WA 43 -8.73 74.87 -10.71
CA SER WA 43 -8.94 73.73 -9.83
C SER WA 43 -10.35 73.83 -9.26
N ALA WA 44 -10.82 72.73 -8.71
CA ALA WA 44 -12.14 72.71 -8.11
C ALA WA 44 -12.13 73.39 -6.75
N PRO XA 1 26.17 60.44 -42.11
CA PRO XA 1 27.51 60.37 -41.53
C PRO XA 1 28.52 59.73 -42.46
N LYS XA 2 29.25 58.74 -41.95
CA LYS XA 2 30.16 57.97 -42.75
C LYS XA 2 30.01 56.51 -42.37
N GLN XA 3 30.36 55.62 -43.29
CA GLN XA 3 30.45 54.20 -42.93
C GLN XA 3 31.63 53.99 -42.00
N LYS XA 4 31.35 53.63 -40.76
CA LYS XA 4 32.40 53.22 -39.85
C LYS XA 4 32.93 51.85 -40.29
N THR XA 5 34.17 51.82 -40.74
CA THR XA 5 34.76 50.58 -41.24
C THR XA 5 35.10 49.66 -40.09
N HIS XA 6 35.05 48.37 -40.37
CA HIS XA 6 35.23 47.37 -39.33
C HIS XA 6 36.69 47.32 -38.92
N ARG XA 7 36.93 47.07 -37.64
CA ARG XA 7 38.29 46.97 -37.14
C ARG XA 7 38.72 45.55 -36.84
N GLY XA 8 37.81 44.59 -36.86
CA GLY XA 8 38.24 43.22 -36.82
C GLY XA 8 38.99 42.82 -38.06
N LEU XA 9 38.61 43.39 -39.20
CA LEU XA 9 39.28 43.05 -40.45
C LEU XA 9 40.47 43.95 -40.72
N ALA XA 10 40.54 45.10 -40.07
CA ALA XA 10 41.69 45.98 -40.31
C ALA XA 10 42.96 45.45 -39.66
N LYS XA 11 42.84 44.54 -38.71
CA LYS XA 11 43.99 44.01 -37.99
C LYS XA 11 44.36 42.63 -38.46
N ARG XA 12 43.77 42.16 -39.55
CA ARG XA 12 43.97 40.79 -40.00
C ARG XA 12 44.23 40.66 -41.49
N VAL XA 13 44.09 41.73 -42.28
CA VAL XA 13 43.97 41.66 -43.72
C VAL XA 13 44.70 42.86 -44.32
N LYS XA 14 45.54 42.63 -45.33
CA LYS XA 14 46.15 43.71 -46.08
C LYS XA 14 45.80 43.62 -47.55
N ARG XA 15 45.79 44.77 -48.22
CA ARG XA 15 45.32 44.90 -49.59
C ARG XA 15 46.49 45.00 -50.56
N THR XA 16 46.49 44.15 -51.58
CA THR XA 16 47.58 44.14 -52.54
C THR XA 16 47.27 45.11 -53.67
N GLY XA 17 48.03 45.02 -54.76
CA GLY XA 17 47.96 46.00 -55.82
C GLY XA 17 47.03 45.61 -56.94
N GLY XA 18 46.65 44.34 -56.99
CA GLY XA 18 45.69 43.92 -57.98
C GLY XA 18 44.25 44.17 -57.57
N GLY XA 19 43.97 44.06 -56.28
CA GLY XA 19 42.62 44.24 -55.79
C GLY XA 19 42.25 43.25 -54.69
N GLY XA 20 42.91 42.10 -54.66
CA GLY XA 20 42.65 41.08 -53.67
C GLY XA 20 43.18 41.45 -52.30
N LEU XA 21 43.24 40.45 -51.43
CA LEU XA 21 43.65 40.69 -50.06
C LEU XA 21 44.51 39.53 -49.56
N LYS XA 22 45.56 39.83 -48.81
CA LYS XA 22 46.32 38.79 -48.15
C LYS XA 22 45.63 38.29 -46.89
N ARG XA 23 45.84 37.01 -46.59
CA ARG XA 23 45.20 36.36 -45.44
C ARG XA 23 46.22 35.44 -44.79
N GLY XA 24 46.47 35.66 -43.50
CA GLY XA 24 47.36 34.77 -42.75
C GLY XA 24 46.57 33.58 -42.24
N ARG XA 25 47.10 32.37 -42.48
CA ARG XA 25 46.29 31.18 -42.35
C ARG XA 25 46.06 30.84 -40.89
N ALA XA 26 45.21 29.84 -40.69
CA ALA XA 26 44.76 29.39 -39.37
C ALA XA 26 45.63 28.24 -38.89
N PHE XA 27 45.27 27.71 -37.72
CA PHE XA 27 45.95 26.58 -37.09
C PHE XA 27 47.43 26.85 -36.85
N THR XA 28 47.76 28.05 -36.35
CA THR XA 28 49.15 28.40 -36.12
C THR XA 28 49.39 28.92 -34.71
N SER XA 29 48.68 28.41 -33.71
CA SER XA 29 48.92 28.94 -32.37
C SER XA 29 48.80 27.91 -31.26
N HIS XA 30 49.02 26.63 -31.54
CA HIS XA 30 48.51 25.60 -30.63
C HIS XA 30 49.28 24.31 -30.57
N ARG XA 31 48.54 23.24 -30.36
CA ARG XA 31 49.07 21.89 -30.24
C ARG XA 31 49.71 21.49 -31.57
N PHE XA 32 50.97 21.87 -31.74
CA PHE XA 32 51.67 21.51 -32.96
C PHE XA 32 52.07 20.06 -32.97
N HIS XA 33 52.08 19.39 -31.82
CA HIS XA 33 52.45 17.99 -31.76
C HIS XA 33 51.43 17.09 -32.43
N GLY XA 34 50.18 17.54 -32.55
CA GLY XA 34 49.21 16.75 -33.29
C GLY XA 34 49.43 16.82 -34.78
N LYS XA 35 49.75 18.00 -35.29
CA LYS XA 35 49.95 18.21 -36.70
C LYS XA 35 51.32 17.69 -37.12
N THR XA 36 51.45 17.34 -38.39
CA THR XA 36 52.71 16.80 -38.89
C THR XA 36 53.64 17.93 -39.31
N LYS XA 37 54.67 17.62 -40.09
CA LYS XA 37 55.65 18.62 -40.45
C LYS XA 37 55.45 19.20 -41.84
N LYS XA 38 54.74 18.51 -42.73
CA LYS XA 38 54.18 19.21 -43.88
C LYS XA 38 53.16 20.24 -43.44
N GLN XA 39 52.38 19.90 -42.42
CA GLN XA 39 51.28 20.76 -42.02
C GLN XA 39 51.78 22.00 -41.31
N ARG XA 40 52.97 21.95 -40.75
CA ARG XA 40 53.48 23.16 -40.11
C ARG XA 40 54.49 23.90 -40.96
N ARG XA 41 54.92 23.35 -42.09
CA ARG XA 41 55.59 24.14 -43.10
C ARG XA 41 54.58 24.89 -43.96
N GLN XA 42 53.65 24.16 -44.54
CA GLN XA 42 52.79 24.74 -45.55
C GLN XA 42 51.76 25.70 -44.98
N LEU XA 43 51.54 25.68 -43.67
CA LEU XA 43 50.68 26.68 -43.04
C LEU XA 43 51.50 27.80 -42.42
N ARG XA 44 52.66 28.11 -42.99
CA ARG XA 44 53.37 29.33 -42.66
C ARG XA 44 53.08 30.45 -43.63
N LYS XA 45 52.67 30.13 -44.83
CA LYS XA 45 52.72 31.07 -45.93
C LYS XA 45 51.32 31.58 -46.21
N ALA XA 46 51.17 32.90 -46.16
CA ALA XA 46 49.87 33.54 -46.28
C ALA XA 46 49.32 33.37 -47.69
N SER XA 47 48.00 33.42 -47.81
CA SER XA 47 47.36 33.18 -49.10
C SER XA 47 46.32 34.24 -49.39
N MET XA 48 45.49 33.99 -50.37
CA MET XA 48 44.61 34.99 -50.93
C MET XA 48 43.16 34.71 -50.61
N VAL XA 49 42.30 35.46 -51.25
CA VAL XA 49 40.86 35.50 -51.01
C VAL XA 49 40.16 34.38 -51.78
N ALA XA 50 39.22 33.72 -51.14
CA ALA XA 50 38.25 32.92 -51.87
C ALA XA 50 37.14 33.82 -52.37
N LYS XA 51 36.81 33.71 -53.66
CA LYS XA 51 35.99 34.72 -54.35
C LYS XA 51 34.59 34.85 -53.80
N GLY XA 52 34.06 33.82 -53.15
CA GLY XA 52 32.73 33.92 -52.59
C GLY XA 52 32.68 34.85 -51.38
N ASP XA 53 33.66 34.74 -50.50
CA ASP XA 53 33.68 35.55 -49.30
C ASP XA 53 34.24 36.94 -49.53
N TYR XA 54 34.45 37.34 -50.78
CA TYR XA 54 34.74 38.73 -51.09
C TYR XA 54 33.46 39.48 -51.44
N LYS XA 55 32.32 38.81 -51.28
CA LYS XA 55 31.05 39.44 -51.57
C LYS XA 55 30.41 40.10 -50.37
N ARG XA 56 30.41 39.46 -49.20
CA ARG XA 56 29.76 40.07 -48.05
C ARG XA 56 30.66 41.02 -47.29
N ILE XA 57 31.96 41.03 -47.57
CA ILE XA 57 32.91 41.76 -46.76
C ILE XA 57 33.29 43.09 -47.39
N ARG XA 58 33.20 43.16 -48.73
CA ARG XA 58 33.78 44.22 -49.54
C ARG XA 58 33.32 45.62 -49.15
N GLN XA 59 32.09 45.75 -48.68
CA GLN XA 59 31.63 47.07 -48.29
C GLN XA 59 32.11 47.47 -46.90
N GLN XA 60 32.48 46.52 -46.05
CA GLN XA 60 32.98 46.88 -44.73
C GLN XA 60 34.36 47.51 -44.81
N LEU XA 61 35.19 47.02 -45.73
CA LEU XA 61 36.53 47.53 -45.90
C LEU XA 61 36.50 48.53 -47.04
N ALA XA 62 35.73 49.59 -46.84
CA ALA XA 62 35.50 50.56 -47.90
C ALA XA 62 36.75 51.37 -48.19
N ARG XA 63 37.53 51.67 -47.16
CA ARG XA 63 38.78 52.37 -47.44
C ARG XA 63 40.03 51.70 -46.89
N MET XA 64 39.97 51.12 -45.70
CA MET XA 64 41.14 50.41 -45.19
C MET XA 64 40.78 49.05 -44.60
N MET YA 1 -30.97 -31.64 -44.63
CA MET YA 1 -30.00 -31.02 -45.52
C MET YA 1 -28.70 -30.74 -44.80
N LYS YA 2 -27.62 -30.68 -45.56
CA LYS YA 2 -26.39 -30.04 -45.13
C LYS YA 2 -26.05 -29.00 -46.16
N VAL YA 3 -25.84 -27.77 -45.71
CA VAL YA 3 -25.59 -26.64 -46.60
C VAL YA 3 -24.12 -26.27 -46.43
N ARG YA 4 -23.28 -26.78 -47.32
CA ARG YA 4 -21.86 -26.59 -47.27
C ARG YA 4 -21.38 -26.05 -48.60
N PRO YA 5 -20.38 -25.17 -48.61
CA PRO YA 5 -19.91 -24.63 -49.89
C PRO YA 5 -19.19 -25.63 -50.76
N SER YA 6 -18.58 -26.66 -50.18
CA SER YA 6 -18.00 -27.75 -50.94
C SER YA 6 -18.80 -29.02 -50.66
N VAL YA 7 -18.97 -29.84 -51.69
CA VAL YA 7 -19.94 -30.93 -51.72
C VAL YA 7 -19.25 -32.18 -52.24
N LYS YA 8 -19.35 -33.29 -51.49
CA LYS YA 8 -18.70 -34.53 -51.84
C LYS YA 8 -19.64 -35.71 -51.64
N PRO YA 9 -19.58 -36.72 -52.52
CA PRO YA 9 -20.33 -37.95 -52.30
C PRO YA 9 -19.81 -38.73 -51.11
N MET YA 10 -20.67 -38.89 -50.11
CA MET YA 10 -20.30 -39.55 -48.85
C MET YA 10 -20.22 -41.06 -49.02
N CYS YA 11 -21.17 -41.65 -49.71
CA CYS YA 11 -21.38 -43.08 -49.81
C CYS YA 11 -21.17 -43.55 -51.24
N GLU YA 12 -21.53 -44.81 -51.49
CA GLU YA 12 -21.42 -45.34 -52.83
C GLU YA 12 -22.53 -44.82 -53.73
N HIS YA 13 -23.74 -44.81 -53.21
CA HIS YA 13 -24.94 -44.62 -54.01
C HIS YA 13 -25.31 -43.16 -54.20
N CYS YA 14 -24.41 -42.24 -53.85
CA CYS YA 14 -24.65 -40.82 -54.07
C CYS YA 14 -24.70 -40.52 -55.55
N LYS YA 15 -25.48 -39.52 -55.92
CA LYS YA 15 -25.56 -39.08 -57.29
C LYS YA 15 -25.52 -37.56 -57.29
N VAL YA 16 -24.90 -36.98 -58.31
CA VAL YA 16 -24.70 -35.54 -58.39
C VAL YA 16 -25.77 -34.96 -59.30
N ILE YA 17 -26.55 -34.03 -58.77
CA ILE YA 17 -27.76 -33.55 -59.42
C ILE YA 17 -27.71 -32.04 -59.53
N ARG YA 18 -27.85 -31.52 -60.73
CA ARG YA 18 -28.06 -30.09 -60.94
C ARG YA 18 -29.55 -29.81 -61.14
N ARG YA 19 -30.11 -28.88 -60.35
CA ARG YA 19 -31.52 -28.54 -60.45
C ARG YA 19 -31.80 -27.09 -60.81
N LYS YA 20 -30.86 -26.19 -60.59
CA LYS YA 20 -30.93 -24.77 -60.94
C LYS YA 20 -29.50 -24.40 -61.22
N GLY YA 21 -29.11 -23.14 -61.03
CA GLY YA 21 -27.70 -22.90 -60.83
C GLY YA 21 -27.27 -23.37 -59.45
N ARG YA 22 -27.19 -24.68 -59.25
CA ARG YA 22 -27.30 -25.27 -57.93
C ARG YA 22 -26.91 -26.73 -58.02
N VAL YA 23 -26.11 -27.20 -57.06
CA VAL YA 23 -25.51 -28.52 -57.12
C VAL YA 23 -26.01 -29.33 -55.92
N MET YA 24 -26.67 -30.45 -56.20
CA MET YA 24 -27.26 -31.28 -55.17
C MET YA 24 -26.62 -32.66 -55.21
N VAL YA 25 -26.60 -33.32 -54.06
CA VAL YA 25 -26.24 -34.74 -53.95
C VAL YA 25 -27.27 -35.44 -53.10
N ILE YA 26 -27.87 -36.50 -53.65
CA ILE YA 26 -29.03 -37.15 -53.06
C ILE YA 26 -28.80 -38.66 -53.02
N CYS YA 27 -28.88 -39.25 -51.82
CA CYS YA 27 -28.95 -40.69 -51.67
C CYS YA 27 -30.37 -41.14 -51.40
N PRO YA 28 -30.73 -42.30 -51.95
CA PRO YA 28 -31.81 -43.08 -51.36
C PRO YA 28 -31.35 -43.92 -50.19
N ALA YA 29 -30.03 -44.05 -49.97
CA ALA YA 29 -29.52 -44.92 -48.92
C ALA YA 29 -29.71 -44.29 -47.55
N ASN YA 30 -29.06 -43.18 -47.29
CA ASN YA 30 -29.34 -42.48 -46.06
C ASN YA 30 -29.95 -41.13 -46.39
N PRO YA 31 -30.86 -40.63 -45.54
CA PRO YA 31 -31.28 -39.24 -45.70
C PRO YA 31 -30.24 -38.27 -45.21
N LYS YA 32 -29.19 -38.74 -44.56
CA LYS YA 32 -28.14 -37.89 -44.02
C LYS YA 32 -27.22 -37.31 -45.07
N HIS YA 33 -27.41 -37.63 -46.35
CA HIS YA 33 -26.47 -37.21 -47.38
C HIS YA 33 -27.07 -36.21 -48.36
N LYS YA 34 -28.20 -35.59 -48.02
CA LYS YA 34 -28.75 -34.55 -48.88
C LYS YA 34 -27.87 -33.32 -48.80
N GLN YA 35 -27.05 -33.09 -49.80
CA GLN YA 35 -26.12 -31.98 -49.75
C GLN YA 35 -26.49 -30.93 -50.80
N ARG YA 36 -25.86 -29.77 -50.67
CA ARG YA 36 -26.12 -28.62 -51.51
C ARG YA 36 -25.00 -27.60 -51.37
N GLN YA 37 -24.43 -27.14 -52.49
CA GLN YA 37 -23.60 -25.94 -52.43
C GLN YA 37 -24.44 -24.74 -52.05
N GLY YA 38 -24.14 -24.16 -50.90
CA GLY YA 38 -24.83 -22.98 -50.41
C GLY YA 38 -24.10 -22.33 -49.27
ZN ZN ZA . 41.53 -71.38 36.91
ZN ZN AB . -77.73 60.27 -44.26
ZN ZN BB . 73.41 24.29 -33.18
ZN ZN CB . -24.55 -41.70 -49.11
#